data_8YVG
#
_entry.id   8YVG
#
_cell.length_a   1.00
_cell.length_b   1.00
_cell.length_c   1.00
_cell.angle_alpha   90.00
_cell.angle_beta   90.00
_cell.angle_gamma   90.00
#
_symmetry.space_group_name_H-M   'P 1'
#
loop_
_entity.id
_entity.type
_entity.pdbx_description
1 polymer 'Proteasome subunit alpha type'
2 polymer 'Proteasome subunit alpha type'
3 polymer 'Proteasome subunit alpha type'
4 polymer 'Proteasome subunit alpha type'
5 polymer 'Proteasome subunit alpha type'
6 polymer 'Proteasome subunit beta'
7 polymer 'Proteasome subunit beta'
8 polymer 'Proteasome subunit beta type-8'
9 polymer 'Proteasome subunit beta'
10 polymer 'Proteasome subunit alpha type'
11 polymer 'Proteasome subunit alpha type'
12 polymer 'Proteasome subunit beta'
13 polymer 'Proteasome subunit beta'
14 polymer 'Proteasome subunit beta'
15 non-polymer '[(1R)-1-[(1-cyclohexyl-1,2,3-triazol-4-yl)carbonylamino]-3-methyl-butyl]boronic acid'
#
loop_
_entity_poly.entity_id
_entity_poly.type
_entity_poly.pdbx_seq_one_letter_code
_entity_poly.pdbx_strand_id
1 'polypeptide(L)'
;MFLTRSEYDRGVNTFSPEGRLFQVEYAIEAIKLGSTAIGIQTSEGVCLAVEKRITSPLMEPSSIEKIVEIDAHIGCAMSG
LIADAKTLIDKARVETQNHWFTYNETMTVESVTQAVSNLALQFGEEDADPGAMSRPFGVALLFGGVDEKGPQLFHMDPSG
TFVQCDARAIGSASEGAQSSLQEVYHKSMTLKEAIKSSLIILKQVMEEKLNATNIELATVQPGQNFHMFTKEELEEVIKD
I
;
M,H
2 'polypeptide(L)'
;MSYDRAITVFSPDGHLFQVEYAQEAVKKGSTAVGVRGKDIVVLGVEKKSVAKLQDERTVRKICALDDNVCMAFAGLTADA
RIVINRARVECQSHRLTVEDPVTVEYITRYIASLKQRYTQSNGRRPFGISALIVGFDFDGTPRLYQTDPSGTYHAWKANA
IGRGAKSVREFLEKNYTDEAIETDDLTIKLVIKALLEVVQSGGKNIELAVMRRDQPLKILNPEEIEKYVAEIEKEKEENE
KKKQKKAS
;
N,I
3 'polypeptide(L)'
;MSRRYDSRTTIFSPEGRLYQVEYAMEAIGHAGTCLGILANDGVLLAAERRNIHKLLDEVFFSEKIYKLNEDMACSVAGIT
SDANVLTNELRLIAQRYLLQYQEPIPCEQLVTALCDIKQAYTQFGGKRPFGVSLLYIGWDKHYGFQLYQSDPSGNYGGWK
ATCIGNNSAAAVSMLKQDYKEGEMTLKSALALAIKVLNKTMDVSKLSAEKVEIATLTRENGKTVIRVLKQKEVEQLIKNH
EEEEAKAEREKKEKEQKEKEK
;
O,Z
4 'polypeptide(L)'
;MAERGYSFSLTTFSPSGKLVQIEYALAAVAGGAPSVGIKAANGVVLATEKKQKSILYDERSVHKVEPITKHIGLVYSGMG
PDYRVLVHRARKLAQQYYLVYQEPIPTAQLVQRVASVMQEYTQSGGVRPFGVSLLICGWNEGRPYLFQSDPSGAYFAWKA
TAMGKNYVNGKTFLEKRYNEDLELEDAIHTAILTLKESFEGQMTEDNIEVGICNEAGFRRLTPTEVKDYLAAIA
;
P,b
5 'polypeptide(L)'
;MSSIGTGYDLSASTFSPDGRVFQVEYAMKAVENSSTAIGIRCKDGVVFGVEKLVLSKLYEEGSNKRLFNVDRHVGMAVAG
LLADARSLADIAREEASNFRSNFGYNIPLKHLADRVAMYVHAYTLYSAVRPFGCSFMLGSYSVNDGAQLYMIDPSGVSYG
YWGCAIGKARQAAKTEIEKLQMKEMTCRDIVKEVAKIIYIVHDEVKDKAFELELSWVGEITKGRHEIVPKDIREEAEKYA
KESLKEEDESDDDNM
;
Q,J
6 'polypeptide(L)'
;MEYLIGIQGPDYVLVASDQVAASSIVQMKDDHDKMFKMSEKILLLCVGEAGDTVQFAEYIQKNVQLYKMRNGYELSPTAA
ANFTRRNLADCLRSRTPYHVNLLLAGYDEHEGPALYYMDYLAALAKAPFAAHGYGAFLTLSILDRYYTPTISRERAVELL
RKCLEELQKRFILNLPTFSVRIIDKNGIHDLDNISFPKQGS
;
T,V
7 'polypeptide(L)'
;MSIMSYNGGAVMAMKGKNCVAIAADRRFGIQAQMVTTDFQKIFPMGDRLYIGLAGLATDVQTVAQRLKFRLNLYELKEGR
QIKPYTLMSMVANLLYEKRFGPYYTEPVIAGLDPKTFKPFICSLDLIGCPMVTDDFVVSGTCSEQMYGMCESLWEPNMDP
EHLFETISQAMLNAVDRDAVSGMGVIVHIIEKDKITTRTLKARMD
;
U,Y
8 'polypeptide(L)'
;TTTLAFKFQHGVIVAVDSRATAGNYISSSRVNKVIEINPSLLGTMSGCAADCQYWERLLAKECRLYYLRNGERISVSAAS
KLLSNMVYQYRGMDLSMGSMICGWDKKGPGLYYVDQNGTRLSGNMFSTGSGSTYAYGVMDSGYQPSLSPEEAYELGRRAI
TYATHRDSYSGGIINMYHMKEDGWVKVESTDVNELLHQYQEANQ
;
C,D
9 'polypeptide(L)'
;MLSTAARGWGPGRDLAMEPDGAAGPQQLRFSPYAFNGGTVLAIAGEDFSIVASDTRLSEGFSIHTRDSPKCYKLTDKTVI
GCSGFHGDCLTLTKIIEARLKMYKHSNNKTMTTGAIAAMLSTILYSRRFFPYYVYNIIGGLDEEGKGAVYSFDPVGSYQR
DSFKAGGSASAMLQPLLDNQVGFKNMQNVEHVPLSLDRAMRLVKDVFISAAERDVYTGDALRICIVTKEGIREETVPLRK
D
;
S,X
10 'polypeptide(L)'
;MFRNQYDNDVTVWSPQGRIHQIEYAMEAVKQGSATVGLKSKTHAVLVALKRAQSELAAHQKKILHVDNHIGISIAGLTAD
ARLLCNFMRQECLDSRFVFDRPLPVSRLVSLIGSKTQIPTQRYGRRPYGVGLLIAGYDDMGPHIFQTCPSANYFDCRAMS
IGARSQSARTYLERHMSGFMECNLNELVKHGLRALRETLPAEQDLTTKNVSIGIVGKDLEFTIYDDDDVSPFLEGLEERP
QRKAQPAQPADEPAEKADEPMEH
;
G,L
11 'polypeptide(L)'
;MSRGSSAGFDRHITIFSPEGRLYQVEYAFKAINQGGLTSVAVRGKDCAVIVTQKKVPDKLLDSSTVTHLFKITENIGCVM
TGMTADSRSQVQRARYEAANWKYKYGYEIPVDMLCKRIADISQVYTQNAEMRPLGCCMILIGIDEEQGPQVYKCDPAGYY
CGFKATAAGVKQTESTSFLEKKVKKKFDWTFEQTVETAITCLSTVLSIDFKPSEIEVGVVTVENPKFRILSEAEIDAHLV
ALAERD
;
K,R
12 'polypeptide(L)'
;TTIMAVEFDGGVVVGSDSRVSAGEAVVNRAFNKLSPLHQHIYCALSGSAADAQAMADMAAYQLELHGLELEEPPLVLAAA
NVVRNISYKYREDLSAHLMIAGWDRRDGGQVYGTMGGMLTRQPFAIGGSGSTYIYGYVDAAYKPGMSPEECRSFTTNAIA
LAMNRDGSSGGVIHLVTITAAGVDYQVILGNELPKFYDE
;
F,A
13 'polypeptide(L)'
;MLKLASEPQRGFSFENCQRNASLERVLPGFRIPRAHKTGTTIAGLVFRDGVILGADTRATNDSVVMDKNCEKIHFIAPKI
YCCGAGVAADAEMTTRMAASNMELHSLSTGREPRVTTVTRLLRQTLFRYRGHVGASLLVGGVDFSGPQLYSVHPHGSYSR
LPFTALGSGQDAALAVLEDRFQPNMTLEAAQELLVEAITAGILGDLGSGGSVDACVITGTGAKLLRTLSSPTKPTERPSQ
YYFAPGTTAVQSQTVKPLTLELLEETVQAMEVE
;
E,B
14 'polypeptide(L)'
;MEAFLESRSRVWAGGPAPGQFYHIPPSSVASVEPAFSPYGGPVTRTQNPMVTGTSVLGVKFEGGVVIAADMLGSYGSLAR
FRNISRIMRVNDSTMLGASGDYADFQYLKQVLGQMVIDEELLGDGHSYSPRAIHSWLTRAMYSRRSKMNPLWNTMVIGGY
ADGESFLGYVDMLGVAYEAPSLATGYGAYLAQPLLREVLEKQPVLSQTEARELVERCMRVLYYRDARSYNRFQIATVTEK
GVEIEGPLSAETNWEIAHMISGFE
;
W,a
#
# COMPACT_ATOMS: atom_id res chain seq x y z
N ASP A 9 -67.21 3.72 27.67
CA ASP A 9 -66.51 3.21 26.50
C ASP A 9 -65.33 2.34 26.91
N ARG A 10 -65.23 1.16 26.29
CA ARG A 10 -64.16 0.23 26.59
C ARG A 10 -63.14 0.20 25.48
N GLY A 11 -62.01 -0.45 25.73
CA GLY A 11 -60.97 -0.58 24.72
C GLY A 11 -61.27 -1.79 23.86
N VAL A 12 -60.51 -1.96 22.78
CA VAL A 12 -60.75 -3.09 21.88
C VAL A 12 -60.39 -4.45 22.46
N ASN A 13 -59.52 -4.48 23.47
CA ASN A 13 -59.12 -5.74 24.07
C ASN A 13 -59.76 -5.97 25.44
N THR A 14 -61.01 -5.56 25.61
CA THR A 14 -61.73 -5.72 26.86
C THR A 14 -62.48 -7.05 26.92
N PHE A 15 -62.34 -7.73 28.05
CA PHE A 15 -63.02 -8.99 28.27
C PHE A 15 -64.38 -8.72 28.87
N SER A 16 -65.37 -9.52 28.48
CA SER A 16 -66.71 -9.39 29.05
C SER A 16 -66.76 -10.22 30.34
N PRO A 17 -67.84 -10.07 31.11
CA PRO A 17 -68.01 -10.84 32.35
C PRO A 17 -68.08 -12.37 32.14
N GLU A 18 -68.54 -12.82 30.98
CA GLU A 18 -68.63 -14.25 30.66
C GLU A 18 -67.35 -14.80 30.01
N GLY A 19 -66.27 -14.03 30.03
CA GLY A 19 -64.99 -14.46 29.48
C GLY A 19 -64.80 -14.36 27.98
N ARG A 20 -65.46 -13.41 27.35
CA ARG A 20 -65.32 -13.24 25.90
C ARG A 20 -64.85 -11.85 25.53
N LEU A 21 -64.12 -11.76 24.41
CA LEU A 21 -63.67 -10.47 23.92
C LEU A 21 -64.81 -9.86 23.11
N PHE A 22 -65.32 -8.74 23.60
CA PHE A 22 -66.44 -8.04 22.97
C PHE A 22 -66.30 -7.87 21.46
N GLN A 23 -65.17 -7.32 21.04
CA GLN A 23 -64.90 -7.09 19.63
C GLN A 23 -64.92 -8.37 18.79
N VAL A 24 -64.43 -9.46 19.35
CA VAL A 24 -64.41 -10.73 18.63
C VAL A 24 -65.84 -11.24 18.50
N GLU A 25 -66.66 -11.01 19.52
CA GLU A 25 -68.05 -11.44 19.49
C GLU A 25 -68.86 -10.59 18.51
N TYR A 26 -68.51 -9.31 18.39
CA TYR A 26 -69.21 -8.42 17.47
C TYR A 26 -68.83 -8.74 16.03
N ALA A 27 -67.59 -9.19 15.84
CA ALA A 27 -67.09 -9.57 14.52
C ALA A 27 -67.78 -10.83 14.03
N ILE A 28 -68.14 -11.71 14.96
CA ILE A 28 -68.85 -12.94 14.64
C ILE A 28 -70.29 -12.62 14.22
N GLU A 29 -70.84 -11.55 14.78
CA GLU A 29 -72.18 -11.07 14.43
C GLU A 29 -72.20 -10.60 12.99
N ALA A 30 -71.10 -9.96 12.56
CA ALA A 30 -70.95 -9.47 11.19
C ALA A 30 -70.94 -10.61 10.17
N ILE A 31 -70.41 -11.76 10.57
CA ILE A 31 -70.37 -12.93 9.69
C ILE A 31 -71.78 -13.40 9.37
N LYS A 32 -72.71 -13.18 10.30
CA LYS A 32 -74.10 -13.58 10.11
C LYS A 32 -74.86 -12.76 9.06
N LEU A 33 -74.38 -11.55 8.78
CA LEU A 33 -75.01 -10.69 7.78
C LEU A 33 -74.45 -10.99 6.39
N GLY A 34 -73.43 -11.82 6.30
CA GLY A 34 -72.82 -12.16 5.02
C GLY A 34 -73.51 -13.26 4.24
N SER A 35 -73.17 -13.37 2.96
CA SER A 35 -73.75 -14.39 2.09
C SER A 35 -73.39 -15.80 2.52
N THR A 36 -74.27 -16.75 2.22
CA THR A 36 -74.04 -18.14 2.60
C THR A 36 -73.03 -18.84 1.70
N ALA A 37 -72.07 -19.50 2.32
CA ALA A 37 -71.03 -20.24 1.60
C ALA A 37 -71.05 -21.67 2.11
N ILE A 38 -70.93 -22.63 1.20
CA ILE A 38 -70.96 -24.04 1.56
C ILE A 38 -69.71 -24.78 1.12
N GLY A 39 -69.18 -25.60 2.00
CA GLY A 39 -67.99 -26.38 1.70
C GLY A 39 -68.24 -27.85 1.98
N ILE A 40 -67.88 -28.71 1.03
CA ILE A 40 -68.05 -30.14 1.19
C ILE A 40 -66.80 -30.87 0.73
N GLN A 41 -66.26 -31.70 1.61
CA GLN A 41 -65.05 -32.46 1.29
C GLN A 41 -65.34 -33.96 1.17
N THR A 42 -65.04 -34.52 0.01
CA THR A 42 -65.27 -35.93 -0.24
C THR A 42 -63.96 -36.63 -0.62
N SER A 43 -64.04 -37.91 -0.96
CA SER A 43 -62.87 -38.69 -1.33
C SER A 43 -62.27 -38.28 -2.67
N GLU A 44 -63.11 -37.74 -3.55
CA GLU A 44 -62.66 -37.32 -4.87
C GLU A 44 -62.27 -35.85 -4.96
N GLY A 45 -62.43 -35.11 -3.87
CA GLY A 45 -62.09 -33.70 -3.88
C GLY A 45 -63.00 -32.83 -3.04
N VAL A 46 -62.81 -31.52 -3.15
CA VAL A 46 -63.60 -30.56 -2.40
C VAL A 46 -64.29 -29.57 -3.33
N CYS A 47 -65.53 -29.22 -3.02
CA CYS A 47 -66.24 -28.24 -3.81
C CYS A 47 -66.66 -27.05 -2.94
N LEU A 48 -66.62 -25.87 -3.51
CA LEU A 48 -66.99 -24.66 -2.78
C LEU A 48 -68.05 -23.89 -3.55
N ALA A 49 -69.18 -23.65 -2.91
CA ALA A 49 -70.28 -22.92 -3.53
C ALA A 49 -70.69 -21.75 -2.65
N VAL A 50 -70.81 -20.57 -3.27
CA VAL A 50 -71.20 -19.38 -2.54
C VAL A 50 -72.27 -18.57 -3.27
N GLU A 51 -73.27 -18.11 -2.52
CA GLU A 51 -74.34 -17.30 -3.08
C GLU A 51 -73.81 -15.90 -3.40
N LYS A 52 -73.91 -15.48 -4.65
CA LYS A 52 -73.40 -14.18 -5.05
C LYS A 52 -74.12 -13.00 -4.39
N ARG A 53 -75.42 -13.18 -4.14
CA ARG A 53 -76.24 -12.15 -3.51
C ARG A 53 -76.10 -10.78 -4.18
N ILE A 54 -76.47 -10.71 -5.46
CA ILE A 54 -76.40 -9.47 -6.21
C ILE A 54 -77.51 -8.52 -5.76
N THR A 55 -77.14 -7.31 -5.36
CA THR A 55 -78.10 -6.34 -4.85
C THR A 55 -79.00 -5.70 -5.91
N SER A 56 -78.45 -5.37 -7.08
CA SER A 56 -79.26 -4.75 -8.12
C SER A 56 -79.03 -5.39 -9.50
N PRO A 57 -79.99 -5.18 -10.42
CA PRO A 57 -79.94 -5.69 -11.79
C PRO A 57 -78.93 -4.97 -12.70
N LEU A 58 -78.46 -3.81 -12.27
CA LEU A 58 -77.48 -3.05 -13.05
C LEU A 58 -76.06 -3.45 -12.65
N MET A 59 -75.95 -4.24 -11.60
CA MET A 59 -74.66 -4.69 -11.12
C MET A 59 -74.13 -5.90 -11.89
N GLU A 60 -72.86 -5.83 -12.30
CA GLU A 60 -72.24 -6.92 -13.03
C GLU A 60 -71.91 -8.08 -12.11
N PRO A 61 -72.53 -9.25 -12.35
CA PRO A 61 -72.31 -10.45 -11.53
C PRO A 61 -70.88 -10.97 -11.56
N SER A 62 -70.16 -10.77 -12.66
CA SER A 62 -68.79 -11.24 -12.79
C SER A 62 -67.79 -10.53 -11.89
N SER A 63 -68.10 -9.30 -11.49
CA SER A 63 -67.21 -8.52 -10.61
C SER A 63 -67.19 -9.02 -9.16
N ILE A 64 -68.23 -9.75 -8.78
CA ILE A 64 -68.33 -10.30 -7.44
C ILE A 64 -67.49 -11.56 -7.32
N GLU A 65 -66.49 -11.54 -6.43
CA GLU A 65 -65.61 -12.69 -6.24
C GLU A 65 -65.62 -13.19 -4.80
N LYS A 66 -66.40 -14.24 -4.55
CA LYS A 66 -66.49 -14.80 -3.21
C LYS A 66 -65.62 -16.05 -3.08
N ILE A 67 -65.22 -16.59 -4.22
CA ILE A 67 -64.36 -17.76 -4.25
C ILE A 67 -63.10 -17.39 -5.00
N VAL A 68 -61.94 -17.65 -4.42
CA VAL A 68 -60.68 -17.30 -5.06
C VAL A 68 -59.65 -18.41 -5.01
N GLU A 69 -58.59 -18.24 -5.79
CA GLU A 69 -57.50 -19.20 -5.83
C GLU A 69 -56.36 -18.72 -4.94
N ILE A 70 -55.91 -19.57 -4.05
CA ILE A 70 -54.80 -19.22 -3.16
C ILE A 70 -53.53 -19.74 -3.80
N ASP A 71 -53.66 -20.93 -4.38
CA ASP A 71 -52.60 -21.63 -5.07
C ASP A 71 -53.27 -22.67 -5.99
N ALA A 72 -52.50 -23.34 -6.83
CA ALA A 72 -53.06 -24.33 -7.73
C ALA A 72 -53.88 -25.46 -7.07
N HIS A 73 -53.47 -25.88 -5.87
CA HIS A 73 -54.17 -26.94 -5.16
C HIS A 73 -55.10 -26.45 -4.05
N ILE A 74 -55.17 -25.14 -3.82
CA ILE A 74 -56.01 -24.61 -2.74
C ILE A 74 -56.99 -23.52 -3.17
N GLY A 75 -58.26 -23.69 -2.83
CA GLY A 75 -59.29 -22.70 -3.12
C GLY A 75 -59.80 -22.07 -1.85
N CYS A 76 -60.46 -20.92 -1.95
CA CYS A 76 -60.97 -20.25 -0.76
C CYS A 76 -62.28 -19.51 -0.96
N ALA A 77 -63.24 -19.80 -0.09
CA ALA A 77 -64.54 -19.14 -0.12
C ALA A 77 -64.66 -18.22 1.09
N MET A 78 -65.13 -17.00 0.87
CA MET A 78 -65.25 -16.03 1.97
C MET A 78 -66.69 -15.63 2.26
N SER A 79 -66.91 -15.15 3.49
CA SER A 79 -68.23 -14.69 3.92
C SER A 79 -68.10 -13.63 5.01
N GLY A 80 -68.89 -12.57 4.89
CA GLY A 80 -68.87 -11.49 5.85
C GLY A 80 -68.44 -10.20 5.18
N LEU A 81 -67.51 -9.48 5.81
CA LEU A 81 -67.02 -8.24 5.24
C LEU A 81 -65.97 -8.57 4.18
N ILE A 82 -66.39 -8.60 2.92
CA ILE A 82 -65.53 -8.95 1.80
C ILE A 82 -64.24 -8.13 1.68
N ALA A 83 -64.29 -6.84 2.01
CA ALA A 83 -63.12 -5.99 1.94
C ALA A 83 -62.00 -6.42 2.91
N ASP A 84 -62.38 -6.96 4.07
CA ASP A 84 -61.40 -7.44 5.04
C ASP A 84 -60.77 -8.73 4.57
N ALA A 85 -61.54 -9.52 3.82
CA ALA A 85 -61.06 -10.81 3.32
C ALA A 85 -59.87 -10.68 2.38
N LYS A 86 -59.83 -9.60 1.59
CA LYS A 86 -58.75 -9.38 0.64
C LYS A 86 -57.36 -9.34 1.28
N THR A 87 -57.27 -8.74 2.45
CA THR A 87 -56.03 -8.67 3.20
C THR A 87 -55.54 -10.06 3.56
N LEU A 88 -56.45 -10.92 3.98
CA LEU A 88 -56.11 -12.27 4.37
C LEU A 88 -55.80 -13.14 3.16
N ILE A 89 -56.53 -12.91 2.08
CA ILE A 89 -56.33 -13.69 0.86
C ILE A 89 -54.93 -13.44 0.31
N ASP A 90 -54.52 -12.18 0.29
CA ASP A 90 -53.19 -11.87 -0.21
C ASP A 90 -52.11 -12.45 0.69
N LYS A 91 -52.36 -12.42 1.99
CA LYS A 91 -51.41 -12.97 2.95
C LYS A 91 -51.22 -14.45 2.67
N ALA A 92 -52.32 -15.17 2.46
CA ALA A 92 -52.28 -16.59 2.17
C ALA A 92 -51.51 -16.90 0.89
N ARG A 93 -51.72 -16.09 -0.14
CA ARG A 93 -51.03 -16.29 -1.41
C ARG A 93 -49.52 -16.11 -1.25
N VAL A 94 -49.15 -15.13 -0.44
CA VAL A 94 -47.74 -14.85 -0.18
C VAL A 94 -47.10 -15.97 0.64
N GLU A 95 -47.85 -16.53 1.57
CA GLU A 95 -47.35 -17.62 2.41
C GLU A 95 -46.99 -18.85 1.59
N THR A 96 -47.89 -19.26 0.71
CA THR A 96 -47.65 -20.44 -0.11
C THR A 96 -46.50 -20.26 -1.10
N GLN A 97 -46.36 -19.05 -1.63
CA GLN A 97 -45.29 -18.79 -2.58
C GLN A 97 -43.95 -18.72 -1.86
N ASN A 98 -43.97 -18.22 -0.63
CA ASN A 98 -42.77 -18.14 0.18
C ASN A 98 -42.36 -19.56 0.53
N HIS A 99 -43.34 -20.40 0.85
CA HIS A 99 -43.09 -21.79 1.17
C HIS A 99 -42.51 -22.51 -0.04
N TRP A 100 -43.03 -22.22 -1.22
CA TRP A 100 -42.52 -22.85 -2.43
C TRP A 100 -41.07 -22.46 -2.65
N PHE A 101 -40.77 -21.18 -2.50
CA PHE A 101 -39.42 -20.67 -2.70
C PHE A 101 -38.40 -21.29 -1.75
N THR A 102 -38.77 -21.42 -0.49
CA THR A 102 -37.89 -21.96 0.54
C THR A 102 -37.73 -23.48 0.54
N TYR A 103 -38.83 -24.21 0.46
CA TYR A 103 -38.76 -25.66 0.52
C TYR A 103 -38.98 -26.44 -0.76
N ASN A 104 -39.14 -25.74 -1.88
CA ASN A 104 -39.37 -26.38 -3.18
C ASN A 104 -40.49 -27.41 -3.13
N GLU A 105 -41.62 -27.02 -2.56
CA GLU A 105 -42.76 -27.91 -2.45
C GLU A 105 -44.03 -27.11 -2.18
N THR A 106 -45.17 -27.80 -2.20
CA THR A 106 -46.44 -27.14 -1.95
C THR A 106 -46.77 -27.16 -0.46
N MET A 107 -47.49 -26.15 -0.02
CA MET A 107 -47.91 -26.03 1.36
C MET A 107 -49.21 -26.80 1.53
N THR A 108 -49.41 -27.43 2.67
CA THR A 108 -50.65 -28.18 2.90
C THR A 108 -51.80 -27.23 3.25
N VAL A 109 -53.03 -27.70 3.09
CA VAL A 109 -54.19 -26.89 3.39
C VAL A 109 -54.18 -26.45 4.85
N GLU A 110 -53.85 -27.36 5.75
CA GLU A 110 -53.80 -27.07 7.18
C GLU A 110 -52.79 -25.96 7.50
N SER A 111 -51.61 -26.04 6.89
CA SER A 111 -50.56 -25.05 7.13
C SER A 111 -50.97 -23.66 6.69
N VAL A 112 -51.57 -23.57 5.50
CA VAL A 112 -52.03 -22.30 4.96
C VAL A 112 -53.08 -21.71 5.89
N THR A 113 -54.01 -22.54 6.36
CA THR A 113 -55.06 -22.10 7.25
C THR A 113 -54.50 -21.62 8.57
N GLN A 114 -53.48 -22.32 9.06
CA GLN A 114 -52.82 -21.96 10.31
C GLN A 114 -52.16 -20.60 10.18
N ALA A 115 -51.46 -20.37 9.07
CA ALA A 115 -50.77 -19.10 8.83
C ALA A 115 -51.74 -17.93 8.74
N VAL A 116 -52.88 -18.13 8.11
CA VAL A 116 -53.88 -17.09 7.95
C VAL A 116 -54.57 -16.80 9.28
N SER A 117 -54.76 -17.85 10.08
CA SER A 117 -55.41 -17.73 11.39
C SER A 117 -54.57 -16.92 12.37
N ASN A 118 -53.26 -17.03 12.26
CA ASN A 118 -52.36 -16.33 13.18
C ASN A 118 -52.44 -14.81 13.07
N LEU A 119 -53.24 -14.32 12.14
CA LEU A 119 -53.40 -12.87 11.98
C LEU A 119 -54.75 -12.38 12.50
N ALA A 120 -55.52 -13.28 13.10
CA ALA A 120 -56.85 -12.94 13.60
C ALA A 120 -56.92 -12.08 14.86
N LEU A 121 -56.14 -12.43 15.88
CA LEU A 121 -56.19 -11.68 17.13
C LEU A 121 -55.12 -10.60 17.26
N GLN A 122 -54.40 -10.36 16.17
CA GLN A 122 -53.35 -9.34 16.18
C GLN A 122 -53.91 -7.94 15.98
N PHE A 123 -54.55 -7.41 17.02
CA PHE A 123 -55.12 -6.07 16.98
C PHE A 123 -55.12 -5.46 18.37
N GLY A 124 -55.02 -4.14 18.44
CA GLY A 124 -54.99 -3.43 19.70
C GLY A 124 -54.70 -1.96 19.44
N GLU A 125 -54.57 -1.17 20.51
CA GLU A 125 -54.28 0.25 20.35
C GLU A 125 -53.24 0.77 21.33
N ALA A 132 -50.58 -1.88 12.33
CA ALA A 132 -51.24 -2.80 13.25
C ALA A 132 -52.75 -2.63 13.21
N MET A 133 -53.46 -3.75 13.04
CA MET A 133 -54.92 -3.74 12.98
C MET A 133 -55.52 -3.13 14.24
N SER A 134 -56.56 -2.33 14.07
CA SER A 134 -57.21 -1.69 15.20
C SER A 134 -58.42 -2.48 15.67
N ARG A 135 -58.79 -3.50 14.90
CA ARG A 135 -59.93 -4.35 15.23
C ARG A 135 -59.77 -5.68 14.51
N PRO A 136 -60.52 -6.69 14.95
CA PRO A 136 -60.46 -8.01 14.30
C PRO A 136 -61.12 -7.99 12.92
N PHE A 137 -60.80 -8.97 12.09
CA PHE A 137 -61.38 -9.06 10.75
C PHE A 137 -62.82 -9.55 10.86
N GLY A 138 -63.72 -8.94 10.10
CA GLY A 138 -65.11 -9.36 10.11
C GLY A 138 -65.41 -10.33 8.99
N VAL A 139 -64.71 -11.46 8.98
CA VAL A 139 -64.92 -12.44 7.92
C VAL A 139 -64.67 -13.88 8.33
N ALA A 140 -65.32 -14.80 7.64
CA ALA A 140 -65.15 -16.23 7.90
C ALA A 140 -64.61 -16.83 6.61
N LEU A 141 -63.70 -17.79 6.73
CA LEU A 141 -63.12 -18.38 5.53
C LEU A 141 -63.26 -19.89 5.47
N LEU A 142 -63.37 -20.40 4.24
CA LEU A 142 -63.44 -21.82 4.00
C LEU A 142 -62.28 -22.15 3.08
N PHE A 143 -61.37 -22.99 3.55
CA PHE A 143 -60.21 -23.38 2.75
C PHE A 143 -60.34 -24.81 2.26
N GLY A 144 -60.35 -25.00 0.94
CA GLY A 144 -60.47 -26.32 0.36
C GLY A 144 -59.34 -26.61 -0.60
N GLY A 145 -58.76 -27.80 -0.49
CA GLY A 145 -57.66 -28.16 -1.36
C GLY A 145 -57.22 -29.60 -1.23
N VAL A 146 -56.17 -29.95 -1.95
CA VAL A 146 -55.65 -31.30 -1.93
C VAL A 146 -54.13 -31.30 -1.69
N ASP A 147 -53.69 -32.15 -0.76
CA ASP A 147 -52.27 -32.29 -0.46
C ASP A 147 -51.92 -33.77 -0.36
N GLU A 148 -51.01 -34.13 0.53
CA GLU A 148 -50.61 -35.52 0.70
C GLU A 148 -51.67 -36.33 1.45
N LYS A 149 -52.50 -35.65 2.22
CA LYS A 149 -53.56 -36.31 2.97
C LYS A 149 -54.88 -36.35 2.21
N GLY A 150 -54.85 -35.96 0.94
CA GLY A 150 -56.04 -35.96 0.12
C GLY A 150 -56.86 -34.69 0.27
N PRO A 151 -58.10 -34.71 -0.24
CA PRO A 151 -59.00 -33.55 -0.16
C PRO A 151 -59.15 -33.07 1.28
N GLN A 152 -59.09 -31.76 1.49
CA GLN A 152 -59.20 -31.23 2.84
C GLN A 152 -59.99 -29.93 2.91
N LEU A 153 -60.90 -29.85 3.87
CA LEU A 153 -61.71 -28.66 4.05
C LEU A 153 -61.50 -28.07 5.45
N PHE A 154 -61.08 -26.82 5.49
CA PHE A 154 -60.86 -26.15 6.77
C PHE A 154 -61.71 -24.90 6.88
N HIS A 155 -62.05 -24.52 8.09
CA HIS A 155 -62.89 -23.35 8.29
C HIS A 155 -62.26 -22.47 9.34
N MET A 156 -62.20 -21.17 9.08
CA MET A 156 -61.61 -20.22 10.01
C MET A 156 -62.55 -19.06 10.27
N ASP A 157 -62.66 -18.66 11.53
CA ASP A 157 -63.53 -17.53 11.86
C ASP A 157 -62.71 -16.40 12.48
N PRO A 158 -63.37 -15.29 12.85
CA PRO A 158 -62.73 -14.09 13.42
C PRO A 158 -61.95 -14.26 14.74
N SER A 159 -62.20 -15.32 15.50
CA SER A 159 -61.50 -15.55 16.75
C SER A 159 -60.12 -16.19 16.58
N GLY A 160 -59.78 -16.58 15.37
CA GLY A 160 -58.50 -17.20 15.11
C GLY A 160 -58.54 -18.70 15.23
N THR A 161 -59.73 -19.24 15.47
CA THR A 161 -59.92 -20.67 15.59
C THR A 161 -60.14 -21.29 14.21
N PHE A 162 -59.39 -22.35 13.90
CA PHE A 162 -59.53 -23.02 12.62
C PHE A 162 -59.66 -24.52 12.84
N VAL A 163 -60.52 -25.16 12.08
CA VAL A 163 -60.69 -26.59 12.25
C VAL A 163 -61.01 -27.31 10.94
N GLN A 164 -60.63 -28.58 10.88
CA GLN A 164 -60.91 -29.41 9.71
C GLN A 164 -62.37 -29.83 9.79
N CYS A 165 -63.07 -29.79 8.67
CA CYS A 165 -64.47 -30.17 8.63
C CYS A 165 -64.80 -31.01 7.41
N ASP A 166 -65.84 -31.84 7.53
CA ASP A 166 -66.27 -32.69 6.43
C ASP A 166 -67.20 -31.87 5.52
N ALA A 167 -68.09 -31.13 6.16
CA ALA A 167 -69.05 -30.28 5.47
C ALA A 167 -69.31 -29.07 6.34
N ARG A 168 -69.32 -27.88 5.74
CA ARG A 168 -69.52 -26.68 6.52
C ARG A 168 -70.20 -25.55 5.77
N ALA A 169 -71.06 -24.83 6.48
CA ALA A 169 -71.76 -23.69 5.91
C ALA A 169 -71.46 -22.47 6.76
N ILE A 170 -71.24 -21.33 6.11
CA ILE A 170 -70.98 -20.09 6.82
C ILE A 170 -71.81 -18.98 6.19
N GLY A 171 -72.13 -17.96 6.96
CA GLY A 171 -72.91 -16.86 6.44
C GLY A 171 -74.29 -16.69 7.06
N SER A 172 -75.10 -15.85 6.43
CA SER A 172 -76.46 -15.54 6.89
C SER A 172 -77.34 -16.75 7.22
N ALA A 173 -77.41 -17.71 6.30
CA ALA A 173 -78.24 -18.89 6.52
C ALA A 173 -77.43 -20.14 6.85
N SER A 174 -76.40 -19.98 7.69
CA SER A 174 -75.55 -21.10 8.04
C SER A 174 -76.22 -22.15 8.93
N GLU A 175 -77.17 -21.73 9.77
CA GLU A 175 -77.86 -22.68 10.64
C GLU A 175 -78.75 -23.63 9.84
N GLY A 176 -79.46 -23.08 8.87
CA GLY A 176 -80.33 -23.88 8.03
C GLY A 176 -79.52 -24.76 7.12
N ALA A 177 -78.49 -24.19 6.51
CA ALA A 177 -77.62 -24.93 5.61
C ALA A 177 -76.93 -26.09 6.31
N GLN A 178 -76.49 -25.89 7.55
CA GLN A 178 -75.81 -26.93 8.31
C GLN A 178 -76.70 -28.14 8.53
N SER A 179 -77.97 -27.90 8.88
CA SER A 179 -78.91 -28.97 9.13
C SER A 179 -79.04 -29.87 7.91
N SER A 180 -79.28 -29.25 6.76
CA SER A 180 -79.41 -29.99 5.52
C SER A 180 -78.13 -30.76 5.25
N LEU A 181 -77.01 -30.06 5.37
CA LEU A 181 -75.69 -30.65 5.13
C LEU A 181 -75.47 -31.93 5.92
N GLN A 182 -75.73 -31.88 7.23
CA GLN A 182 -75.51 -33.05 8.08
C GLN A 182 -76.53 -34.17 7.92
N GLU A 183 -77.65 -33.87 7.25
CA GLU A 183 -78.65 -34.89 7.00
C GLU A 183 -78.44 -35.56 5.66
N VAL A 184 -77.67 -34.93 4.78
CA VAL A 184 -77.42 -35.47 3.45
C VAL A 184 -75.96 -35.79 3.14
N TYR A 185 -75.10 -35.76 4.15
CA TYR A 185 -73.68 -36.02 3.92
C TYR A 185 -73.20 -37.36 4.48
N HIS A 186 -72.46 -38.10 3.65
CA HIS A 186 -71.89 -39.37 4.08
C HIS A 186 -70.44 -39.48 3.60
N LYS A 187 -69.68 -40.38 4.21
CA LYS A 187 -68.28 -40.58 3.89
C LYS A 187 -67.96 -41.14 2.51
N SER A 188 -68.93 -41.76 1.84
CA SER A 188 -68.69 -42.35 0.53
C SER A 188 -69.13 -41.51 -0.66
N MET A 189 -69.99 -40.52 -0.40
CA MET A 189 -70.50 -39.66 -1.46
C MET A 189 -69.42 -39.08 -2.37
N THR A 190 -69.66 -39.14 -3.67
CA THR A 190 -68.71 -38.65 -4.67
C THR A 190 -68.79 -37.13 -4.85
N LEU A 191 -67.90 -36.59 -5.67
CA LEU A 191 -67.88 -35.14 -5.92
C LEU A 191 -69.16 -34.67 -6.60
N LYS A 192 -69.66 -35.47 -7.54
CA LYS A 192 -70.88 -35.12 -8.25
C LYS A 192 -72.06 -34.94 -7.29
N GLU A 193 -72.17 -35.83 -6.32
CA GLU A 193 -73.21 -35.77 -5.32
C GLU A 193 -73.03 -34.53 -4.46
N ALA A 194 -71.79 -34.25 -4.10
CA ALA A 194 -71.49 -33.09 -3.26
C ALA A 194 -71.84 -31.80 -3.99
N ILE A 195 -71.45 -31.71 -5.25
CA ILE A 195 -71.73 -30.53 -6.05
C ILE A 195 -73.22 -30.30 -6.20
N LYS A 196 -73.95 -31.39 -6.41
CA LYS A 196 -75.40 -31.31 -6.56
C LYS A 196 -76.06 -31.02 -5.23
N SER A 197 -75.61 -31.70 -4.19
CA SER A 197 -76.17 -31.52 -2.86
C SER A 197 -75.97 -30.10 -2.34
N SER A 198 -74.77 -29.55 -2.56
CA SER A 198 -74.45 -28.21 -2.11
C SER A 198 -75.28 -27.15 -2.85
N LEU A 199 -75.59 -27.40 -4.11
CA LEU A 199 -76.39 -26.46 -4.89
C LEU A 199 -77.85 -26.56 -4.48
N ILE A 200 -78.27 -27.75 -4.09
CA ILE A 200 -79.65 -27.97 -3.67
C ILE A 200 -79.92 -27.17 -2.41
N ILE A 201 -78.98 -27.22 -1.47
CA ILE A 201 -79.11 -26.49 -0.21
C ILE A 201 -78.98 -24.99 -0.42
N LEU A 202 -78.10 -24.58 -1.32
CA LEU A 202 -77.90 -23.17 -1.59
C LEU A 202 -79.19 -22.56 -2.10
N LYS A 203 -79.86 -23.25 -3.01
CA LYS A 203 -81.12 -22.79 -3.59
C LYS A 203 -82.22 -22.67 -2.54
N GLN A 204 -82.23 -23.60 -1.58
CA GLN A 204 -83.22 -23.60 -0.52
C GLN A 204 -83.10 -22.45 0.48
N VAL A 205 -81.89 -21.94 0.68
CA VAL A 205 -81.70 -20.85 1.65
C VAL A 205 -81.48 -19.49 0.98
N MET A 206 -81.46 -19.47 -0.35
CA MET A 206 -81.27 -18.23 -1.08
C MET A 206 -82.58 -17.49 -1.30
N GLU A 207 -82.60 -16.21 -0.94
CA GLU A 207 -83.80 -15.40 -1.11
C GLU A 207 -84.21 -15.29 -2.57
N GLU A 208 -83.23 -15.05 -3.44
CA GLU A 208 -83.47 -14.93 -4.87
C GLU A 208 -83.50 -16.31 -5.54
N LYS A 209 -83.80 -16.34 -6.83
CA LYS A 209 -83.84 -17.59 -7.56
C LYS A 209 -82.41 -17.98 -7.93
N LEU A 210 -82.11 -19.26 -7.84
CA LEU A 210 -80.76 -19.76 -8.13
C LEU A 210 -80.51 -20.06 -9.60
N ASN A 211 -79.82 -19.15 -10.29
CA ASN A 211 -79.49 -19.37 -11.69
C ASN A 211 -77.98 -19.60 -11.83
N ALA A 212 -77.46 -19.43 -13.03
CA ALA A 212 -76.03 -19.66 -13.28
C ALA A 212 -75.22 -18.37 -13.21
N THR A 213 -75.88 -17.26 -12.91
CA THR A 213 -75.19 -15.99 -12.83
C THR A 213 -75.20 -15.42 -11.42
N ASN A 214 -76.00 -16.02 -10.54
CA ASN A 214 -76.09 -15.53 -9.18
C ASN A 214 -75.43 -16.40 -8.10
N ILE A 215 -74.62 -17.36 -8.53
CA ILE A 215 -73.90 -18.23 -7.61
C ILE A 215 -72.48 -18.48 -8.12
N GLU A 216 -71.64 -18.98 -7.24
CA GLU A 216 -70.26 -19.28 -7.57
C GLU A 216 -69.94 -20.70 -7.13
N LEU A 217 -69.23 -21.43 -7.99
CA LEU A 217 -68.86 -22.80 -7.66
C LEU A 217 -67.45 -23.11 -8.15
N ALA A 218 -66.71 -23.87 -7.35
CA ALA A 218 -65.36 -24.25 -7.70
C ALA A 218 -65.03 -25.57 -7.03
N THR A 219 -64.16 -26.35 -7.65
CA THR A 219 -63.76 -27.62 -7.09
C THR A 219 -62.26 -27.78 -7.18
N VAL A 220 -61.75 -28.75 -6.43
CA VAL A 220 -60.34 -29.06 -6.43
C VAL A 220 -60.27 -30.56 -6.17
N GLN A 221 -59.75 -31.30 -7.13
CA GLN A 221 -59.66 -32.75 -7.01
C GLN A 221 -58.21 -33.20 -7.07
N PRO A 222 -57.95 -34.46 -6.74
CA PRO A 222 -56.57 -34.93 -6.83
C PRO A 222 -56.15 -35.01 -8.29
N GLY A 223 -55.07 -34.32 -8.67
CA GLY A 223 -54.59 -34.33 -10.04
C GLY A 223 -55.07 -33.17 -10.89
N GLN A 224 -56.13 -32.49 -10.46
CA GLN A 224 -56.66 -31.35 -11.18
C GLN A 224 -56.46 -30.08 -10.38
N ASN A 225 -56.28 -28.96 -11.05
CA ASN A 225 -56.07 -27.71 -10.35
C ASN A 225 -57.39 -27.07 -9.90
N PHE A 226 -57.29 -25.99 -9.14
CA PHE A 226 -58.46 -25.25 -8.68
C PHE A 226 -59.25 -24.87 -9.92
N HIS A 227 -60.49 -25.32 -10.00
CA HIS A 227 -61.30 -25.02 -11.17
C HIS A 227 -62.62 -24.34 -10.88
N MET A 228 -62.77 -23.11 -11.37
CA MET A 228 -63.99 -22.35 -11.19
C MET A 228 -64.96 -22.70 -12.32
N PHE A 229 -66.11 -23.27 -11.97
CA PHE A 229 -67.11 -23.66 -12.95
C PHE A 229 -67.54 -22.46 -13.79
N THR A 230 -67.69 -22.66 -15.10
CA THR A 230 -68.13 -21.58 -15.97
C THR A 230 -69.65 -21.55 -16.02
N LYS A 231 -70.20 -20.56 -16.72
CA LYS A 231 -71.64 -20.43 -16.85
C LYS A 231 -72.25 -21.70 -17.42
N GLU A 232 -71.68 -22.19 -18.51
CA GLU A 232 -72.17 -23.39 -19.17
C GLU A 232 -72.16 -24.62 -18.25
N GLU A 233 -71.08 -24.77 -17.50
CA GLU A 233 -70.94 -25.90 -16.59
C GLU A 233 -71.92 -25.84 -15.41
N LEU A 234 -72.31 -24.65 -15.02
CA LEU A 234 -73.26 -24.47 -13.93
C LEU A 234 -74.65 -24.83 -14.41
N GLU A 235 -75.01 -24.31 -15.59
CA GLU A 235 -76.32 -24.57 -16.19
C GLU A 235 -76.55 -26.07 -16.30
N GLU A 236 -75.57 -26.78 -16.83
CA GLU A 236 -75.65 -28.24 -16.96
C GLU A 236 -75.99 -28.88 -15.62
N VAL A 237 -75.25 -28.50 -14.58
CA VAL A 237 -75.46 -29.03 -13.24
C VAL A 237 -76.73 -28.49 -12.58
N ILE A 238 -77.12 -27.28 -12.93
CA ILE A 238 -78.31 -26.66 -12.37
C ILE A 238 -79.61 -27.36 -12.78
N LYS A 239 -79.61 -27.96 -13.97
CA LYS A 239 -80.79 -28.65 -14.47
C LYS A 239 -81.14 -29.84 -13.58
N SER B 2 -47.49 9.69 19.28
CA SER B 2 -48.27 9.25 18.13
C SER B 2 -49.65 8.76 18.55
N TYR B 3 -50.68 9.29 17.88
CA TYR B 3 -52.07 8.92 18.15
C TYR B 3 -52.37 7.52 17.63
N ASP B 4 -52.55 6.57 18.54
CA ASP B 4 -52.81 5.19 18.16
C ASP B 4 -54.15 4.64 18.65
N ARG B 5 -55.12 5.52 18.90
CA ARG B 5 -56.42 5.08 19.38
C ARG B 5 -57.23 4.42 18.27
N ALA B 6 -57.91 3.31 18.59
CA ALA B 6 -58.73 2.61 17.62
C ALA B 6 -59.99 3.42 17.37
N ILE B 7 -60.15 3.95 16.16
CA ILE B 7 -61.31 4.77 15.83
C ILE B 7 -62.44 3.95 15.22
N THR B 8 -62.12 3.00 14.36
CA THR B 8 -63.15 2.17 13.75
C THR B 8 -63.23 0.82 14.43
N VAL B 9 -64.29 0.61 15.20
CA VAL B 9 -64.48 -0.65 15.90
C VAL B 9 -65.85 -1.24 15.63
N PHE B 10 -66.01 -2.51 15.99
CA PHE B 10 -67.27 -3.21 15.78
C PHE B 10 -68.31 -2.81 16.81
N SER B 11 -69.55 -2.71 16.34
CA SER B 11 -70.67 -2.40 17.19
C SER B 11 -71.36 -3.73 17.52
N PRO B 12 -72.18 -3.77 18.58
CA PRO B 12 -72.92 -4.97 19.00
C PRO B 12 -73.68 -5.73 17.89
N ASP B 13 -74.25 -5.05 16.90
CA ASP B 13 -74.96 -5.71 15.81
C ASP B 13 -74.04 -6.21 14.69
N GLY B 14 -72.74 -5.98 14.80
CA GLY B 14 -71.78 -6.42 13.80
C GLY B 14 -71.50 -5.36 12.75
N HIS B 15 -71.80 -4.11 13.09
CA HIS B 15 -71.58 -3.02 12.16
C HIS B 15 -70.37 -2.18 12.58
N LEU B 16 -69.81 -1.46 11.62
CA LEU B 16 -68.69 -0.57 11.89
C LEU B 16 -69.28 0.83 11.86
N PHE B 17 -69.57 1.36 13.05
CA PHE B 17 -70.16 2.68 13.20
C PHE B 17 -69.53 3.78 12.36
N GLN B 18 -68.22 3.94 12.47
CA GLN B 18 -67.52 4.98 11.73
C GLN B 18 -67.67 4.84 10.22
N VAL B 19 -67.77 3.60 9.74
CA VAL B 19 -67.92 3.33 8.32
C VAL B 19 -69.32 3.73 7.87
N GLU B 20 -70.30 3.49 8.72
CA GLU B 20 -71.69 3.88 8.42
C GLU B 20 -71.82 5.39 8.44
N TYR B 21 -71.06 6.04 9.31
CA TYR B 21 -71.09 7.50 9.42
C TYR B 21 -70.42 8.11 8.21
N ALA B 22 -69.41 7.42 7.67
CA ALA B 22 -68.71 7.85 6.48
C ALA B 22 -69.65 7.75 5.28
N GLN B 23 -70.52 6.73 5.27
CA GLN B 23 -71.51 6.55 4.22
C GLN B 23 -72.59 7.64 4.27
N GLU B 24 -72.87 8.16 5.47
CA GLU B 24 -73.83 9.24 5.64
C GLU B 24 -73.30 10.50 4.97
N ALA B 25 -71.99 10.72 5.08
CA ALA B 25 -71.32 11.85 4.47
C ALA B 25 -71.38 11.78 2.94
N VAL B 26 -71.30 10.56 2.41
CA VAL B 26 -71.38 10.33 0.97
C VAL B 26 -72.75 10.69 0.43
N LYS B 27 -73.79 10.46 1.24
CA LYS B 27 -75.18 10.76 0.88
C LYS B 27 -75.43 12.26 0.70
N LYS B 28 -74.70 13.09 1.43
CA LYS B 28 -74.84 14.53 1.35
C LYS B 28 -74.04 15.13 0.21
N GLY B 29 -73.20 14.32 -0.43
CA GLY B 29 -72.37 14.75 -1.54
C GLY B 29 -73.14 14.98 -2.83
N SER B 30 -72.52 15.65 -3.78
CA SER B 30 -73.14 15.93 -5.06
C SER B 30 -73.37 14.67 -5.89
N THR B 31 -74.53 14.59 -6.54
CA THR B 31 -74.89 13.45 -7.36
C THR B 31 -73.97 13.23 -8.55
N ALA B 32 -73.51 12.00 -8.72
CA ALA B 32 -72.65 11.63 -9.84
C ALA B 32 -73.26 10.42 -10.50
N VAL B 33 -73.28 10.40 -11.83
CA VAL B 33 -73.88 9.29 -12.57
C VAL B 33 -72.97 8.81 -13.69
N GLY B 34 -72.74 7.50 -13.74
CA GLY B 34 -71.92 6.90 -14.77
C GLY B 34 -72.73 5.91 -15.56
N VAL B 35 -72.43 5.77 -16.84
CA VAL B 35 -73.15 4.84 -17.72
C VAL B 35 -72.19 4.25 -18.74
N ARG B 36 -72.21 2.93 -18.87
CA ARG B 36 -71.34 2.24 -19.82
C ARG B 36 -71.84 2.36 -21.25
N GLY B 37 -70.90 2.52 -22.18
CA GLY B 37 -71.23 2.64 -23.60
C GLY B 37 -70.44 1.72 -24.48
N LYS B 38 -70.79 1.70 -25.77
CA LYS B 38 -70.13 0.86 -26.76
C LYS B 38 -68.62 1.09 -26.82
N ASP B 39 -68.23 2.33 -27.08
CA ASP B 39 -66.81 2.68 -27.16
C ASP B 39 -66.53 4.07 -26.59
N ILE B 40 -67.24 4.39 -25.51
CA ILE B 40 -67.11 5.65 -24.79
C ILE B 40 -67.88 5.53 -23.48
N VAL B 41 -67.36 6.13 -22.42
CA VAL B 41 -68.01 6.08 -21.12
C VAL B 41 -68.53 7.47 -20.74
N VAL B 42 -69.75 7.52 -20.20
CA VAL B 42 -70.38 8.77 -19.83
C VAL B 42 -70.43 9.04 -18.32
N LEU B 43 -69.88 10.18 -17.91
CA LEU B 43 -69.88 10.59 -16.50
C LEU B 43 -70.59 11.92 -16.31
N GLY B 44 -71.63 11.94 -15.49
CA GLY B 44 -72.39 13.15 -15.24
C GLY B 44 -72.43 13.53 -13.77
N VAL B 45 -71.91 14.73 -13.46
CA VAL B 45 -71.89 15.20 -12.08
C VAL B 45 -72.67 16.49 -11.92
N GLU B 46 -73.43 16.60 -10.84
CA GLU B 46 -74.19 17.81 -10.56
C GLU B 46 -73.22 18.92 -10.18
N LYS B 47 -73.20 19.98 -10.96
CA LYS B 47 -72.30 21.12 -10.71
C LYS B 47 -72.69 21.90 -9.47
N LYS B 48 -73.98 21.91 -9.16
CA LYS B 48 -74.51 22.61 -7.98
C LYS B 48 -74.03 24.05 -7.92
N SER B 49 -72.97 24.28 -7.15
CA SER B 49 -72.42 25.63 -6.99
C SER B 49 -72.15 26.33 -8.31
N VAL B 50 -73.11 27.12 -8.76
CA VAL B 50 -72.98 27.86 -10.01
C VAL B 50 -73.00 29.37 -9.74
N ALA B 51 -72.11 29.81 -8.85
CA ALA B 51 -72.01 31.22 -8.50
C ALA B 51 -71.36 32.01 -9.63
N LYS B 52 -71.73 33.29 -9.74
CA LYS B 52 -71.19 34.15 -10.80
C LYS B 52 -69.84 34.78 -10.46
N LEU B 53 -69.34 34.53 -9.24
CA LEU B 53 -68.06 35.09 -8.83
C LEU B 53 -67.02 34.00 -8.69
N GLN B 54 -67.38 32.80 -9.13
CA GLN B 54 -66.53 31.63 -9.03
C GLN B 54 -65.69 31.32 -10.27
N ASP B 55 -64.46 30.87 -10.05
CA ASP B 55 -63.58 30.44 -11.13
C ASP B 55 -63.84 28.95 -11.31
N GLU B 56 -64.80 28.61 -12.17
CA GLU B 56 -65.21 27.23 -12.42
C GLU B 56 -64.12 26.16 -12.55
N ARG B 57 -63.04 26.48 -13.26
CA ARG B 57 -61.94 25.54 -13.49
C ARG B 57 -61.23 25.04 -12.22
N THR B 58 -61.21 25.86 -11.17
CA THR B 58 -60.54 25.50 -9.92
C THR B 58 -61.23 24.41 -9.09
N VAL B 59 -62.53 24.20 -9.30
CA VAL B 59 -63.25 23.20 -8.52
C VAL B 59 -63.90 22.10 -9.36
N ARG B 60 -63.10 21.34 -10.09
CA ARG B 60 -63.63 20.25 -10.91
C ARG B 60 -63.74 18.96 -10.09
N LYS B 61 -64.86 18.27 -10.23
CA LYS B 61 -65.07 17.02 -9.52
C LYS B 61 -64.50 15.87 -10.35
N ILE B 62 -64.63 15.98 -11.66
CA ILE B 62 -64.11 14.98 -12.57
C ILE B 62 -62.63 15.23 -12.75
N CYS B 63 -61.83 14.19 -12.58
CA CYS B 63 -60.39 14.32 -12.70
C CYS B 63 -59.76 13.21 -13.52
N ALA B 64 -58.50 13.40 -13.85
CA ALA B 64 -57.77 12.39 -14.60
C ALA B 64 -56.80 11.72 -13.64
N LEU B 65 -56.72 10.40 -13.70
CA LEU B 65 -55.82 9.66 -12.83
C LEU B 65 -54.54 9.38 -13.58
N ASP B 66 -54.68 9.24 -14.89
CA ASP B 66 -53.57 8.97 -15.79
C ASP B 66 -54.03 9.42 -17.18
N ASP B 67 -53.40 8.88 -18.22
CA ASP B 67 -53.78 9.25 -19.58
C ASP B 67 -54.93 8.39 -20.07
N ASN B 68 -55.25 7.32 -19.34
CA ASN B 68 -56.32 6.41 -19.75
C ASN B 68 -57.42 6.16 -18.72
N VAL B 69 -57.39 6.84 -17.57
CA VAL B 69 -58.40 6.61 -16.54
C VAL B 69 -58.90 7.87 -15.84
N CYS B 70 -60.22 8.06 -15.86
CA CYS B 70 -60.85 9.21 -15.22
C CYS B 70 -61.74 8.75 -14.06
N MET B 71 -62.13 9.66 -13.17
CA MET B 71 -62.97 9.30 -12.03
C MET B 71 -63.78 10.45 -11.44
N ALA B 72 -64.95 10.11 -10.90
CA ALA B 72 -65.82 11.07 -10.25
C ALA B 72 -66.03 10.64 -8.81
N PHE B 73 -66.25 11.59 -7.91
CA PHE B 73 -66.43 11.25 -6.52
C PHE B 73 -67.59 11.99 -5.86
N ALA B 74 -68.00 11.51 -4.69
CA ALA B 74 -69.09 12.11 -3.93
C ALA B 74 -68.77 12.03 -2.45
N GLY B 75 -69.07 13.11 -1.71
CA GLY B 75 -68.82 13.15 -0.28
C GLY B 75 -67.88 14.29 0.07
N LEU B 76 -66.99 14.05 1.04
CA LEU B 76 -66.04 15.09 1.45
C LEU B 76 -65.06 15.40 0.32
N THR B 77 -65.14 16.61 -0.22
CA THR B 77 -64.27 17.00 -1.32
C THR B 77 -62.79 17.02 -0.96
N ALA B 78 -62.46 17.35 0.29
CA ALA B 78 -61.06 17.37 0.70
C ALA B 78 -60.49 15.96 0.81
N ASP B 79 -61.33 15.00 1.17
CA ASP B 79 -60.89 13.61 1.29
C ASP B 79 -60.64 13.07 -0.11
N ALA B 80 -61.50 13.48 -1.04
CA ALA B 80 -61.42 13.06 -2.44
C ALA B 80 -60.10 13.49 -3.08
N ARG B 81 -59.70 14.72 -2.84
CA ARG B 81 -58.46 15.26 -3.40
C ARG B 81 -57.24 14.46 -2.96
N ILE B 82 -57.28 13.96 -1.74
CA ILE B 82 -56.18 13.18 -1.19
C ILE B 82 -56.09 11.83 -1.89
N VAL B 83 -57.23 11.15 -2.04
CA VAL B 83 -57.29 9.85 -2.68
C VAL B 83 -56.90 9.92 -4.16
N ILE B 84 -57.35 10.97 -4.84
CA ILE B 84 -57.03 11.15 -6.25
C ILE B 84 -55.53 11.25 -6.45
N ASN B 85 -54.86 12.00 -5.58
CA ASN B 85 -53.42 12.17 -5.68
C ASN B 85 -52.65 10.92 -5.30
N ARG B 86 -53.21 10.09 -4.43
CA ARG B 86 -52.55 8.84 -4.05
C ARG B 86 -52.59 7.90 -5.25
N ALA B 87 -53.71 7.89 -5.96
CA ALA B 87 -53.87 7.05 -7.14
C ALA B 87 -52.96 7.50 -8.28
N ARG B 88 -52.74 8.80 -8.41
CA ARG B 88 -51.87 9.34 -9.44
C ARG B 88 -50.45 8.82 -9.27
N VAL B 89 -49.99 8.79 -8.03
CA VAL B 89 -48.65 8.28 -7.73
C VAL B 89 -48.58 6.79 -8.05
N GLU B 90 -49.66 6.07 -7.77
CA GLU B 90 -49.72 4.63 -8.05
C GLU B 90 -49.61 4.36 -9.54
N CYS B 91 -50.27 5.16 -10.36
CA CYS B 91 -50.23 5.00 -11.81
C CYS B 91 -48.83 5.24 -12.36
N GLN B 92 -48.12 6.21 -11.77
CA GLN B 92 -46.77 6.54 -12.19
C GLN B 92 -45.82 5.40 -11.82
N SER B 93 -46.03 4.84 -10.64
CA SER B 93 -45.22 3.74 -10.14
C SER B 93 -45.40 2.49 -11.01
N HIS B 94 -46.63 2.28 -11.45
CA HIS B 94 -46.96 1.11 -12.26
C HIS B 94 -46.38 1.18 -13.67
N ARG B 95 -46.11 2.39 -14.13
CA ARG B 95 -45.55 2.58 -15.47
C ARG B 95 -44.03 2.45 -15.46
N LEU B 96 -43.46 2.48 -14.27
CA LEU B 96 -42.01 2.40 -14.11
C LEU B 96 -41.54 1.05 -13.55
N THR B 97 -42.47 0.11 -13.42
CA THR B 97 -42.13 -1.22 -12.88
C THR B 97 -42.78 -2.34 -13.68
N VAL B 98 -43.69 -1.98 -14.57
CA VAL B 98 -44.41 -2.95 -15.38
C VAL B 98 -44.34 -2.59 -16.85
N GLU B 99 -43.86 -1.37 -17.13
CA GLU B 99 -43.73 -0.82 -18.48
C GLU B 99 -45.02 -0.90 -19.30
N ASP B 100 -46.14 -0.57 -18.65
CA ASP B 100 -47.44 -0.62 -19.29
C ASP B 100 -48.45 0.15 -18.45
N PRO B 101 -49.44 0.75 -19.11
CA PRO B 101 -50.45 1.51 -18.35
C PRO B 101 -51.35 0.57 -17.54
N VAL B 102 -51.88 1.08 -16.44
CA VAL B 102 -52.75 0.30 -15.57
C VAL B 102 -54.14 0.13 -16.19
N THR B 103 -54.79 -0.98 -15.88
CA THR B 103 -56.14 -1.21 -16.38
C THR B 103 -57.13 -0.52 -15.44
N VAL B 104 -58.38 -0.37 -15.84
CA VAL B 104 -59.36 0.30 -15.01
C VAL B 104 -59.53 -0.40 -13.66
N GLU B 105 -59.63 -1.72 -13.67
CA GLU B 105 -59.80 -2.49 -12.44
C GLU B 105 -58.58 -2.40 -11.52
N TYR B 106 -57.40 -2.29 -12.10
CA TYR B 106 -56.18 -2.20 -11.31
C TYR B 106 -56.12 -0.96 -10.42
N ILE B 107 -56.55 0.18 -10.95
CA ILE B 107 -56.54 1.42 -10.17
C ILE B 107 -57.71 1.46 -9.19
N THR B 108 -58.81 0.81 -9.56
CA THR B 108 -59.98 0.74 -8.71
C THR B 108 -59.62 -0.09 -7.48
N ARG B 109 -58.89 -1.18 -7.72
CA ARG B 109 -58.44 -2.07 -6.66
C ARG B 109 -57.53 -1.34 -5.69
N TYR B 110 -56.58 -0.58 -6.22
CA TYR B 110 -55.66 0.17 -5.38
C TYR B 110 -56.39 1.18 -4.50
N ILE B 111 -57.35 1.90 -5.10
CA ILE B 111 -58.13 2.89 -4.38
C ILE B 111 -59.00 2.25 -3.31
N ALA B 112 -59.64 1.14 -3.66
CA ALA B 112 -60.50 0.41 -2.74
C ALA B 112 -59.70 -0.16 -1.58
N SER B 113 -58.49 -0.61 -1.86
CA SER B 113 -57.62 -1.18 -0.86
C SER B 113 -57.15 -0.14 0.13
N LEU B 114 -56.98 1.09 -0.34
CA LEU B 114 -56.55 2.19 0.51
C LEU B 114 -57.70 2.60 1.43
N LYS B 115 -58.92 2.57 0.92
CA LYS B 115 -60.10 2.91 1.70
C LYS B 115 -60.32 1.89 2.80
N GLN B 116 -60.11 0.61 2.48
CA GLN B 116 -60.28 -0.46 3.45
C GLN B 116 -59.25 -0.34 4.56
N ARG B 117 -58.03 0.06 4.20
CA ARG B 117 -56.94 0.23 5.15
C ARG B 117 -57.24 1.30 6.22
N TYR B 118 -57.98 2.33 5.84
CA TYR B 118 -58.39 3.39 6.77
C TYR B 118 -59.59 3.04 7.66
N THR B 119 -60.14 1.84 7.52
CA THR B 119 -61.23 1.37 8.37
C THR B 119 -60.70 0.36 9.39
N GLN B 120 -59.43 0.01 9.29
CA GLN B 120 -58.81 -0.95 10.19
C GLN B 120 -57.46 -0.47 10.71
N SER B 121 -57.26 0.84 10.73
CA SER B 121 -55.99 1.40 11.19
C SER B 121 -56.17 2.30 12.41
N ASN B 122 -55.21 2.25 13.32
CA ASN B 122 -55.26 3.07 14.53
C ASN B 122 -55.01 4.54 14.26
N GLY B 123 -55.74 5.39 14.98
CA GLY B 123 -55.58 6.83 14.86
C GLY B 123 -56.23 7.57 13.71
N ARG B 124 -56.95 6.87 12.84
CA ARG B 124 -57.57 7.55 11.72
C ARG B 124 -59.00 7.13 11.42
N ARG B 125 -59.76 8.06 10.88
CA ARG B 125 -61.14 7.80 10.51
C ARG B 125 -61.15 7.38 9.05
N PRO B 126 -62.24 6.75 8.60
CA PRO B 126 -62.36 6.34 7.21
C PRO B 126 -62.56 7.52 6.27
N PHE B 127 -62.24 7.34 5.00
CA PHE B 127 -62.44 8.38 4.01
C PHE B 127 -63.94 8.55 3.85
N GLY B 128 -64.40 9.80 3.75
CA GLY B 128 -65.83 10.04 3.60
C GLY B 128 -66.29 10.22 2.16
N ILE B 129 -65.83 9.35 1.27
CA ILE B 129 -66.20 9.47 -0.13
C ILE B 129 -66.51 8.16 -0.85
N SER B 130 -67.13 8.29 -2.01
CA SER B 130 -67.48 7.19 -2.87
C SER B 130 -67.03 7.62 -4.26
N ALA B 131 -66.53 6.70 -5.06
CA ALA B 131 -66.05 7.07 -6.39
C ALA B 131 -66.58 6.20 -7.52
N LEU B 132 -66.69 6.80 -8.70
CA LEU B 132 -67.11 6.11 -9.91
C LEU B 132 -65.92 6.17 -10.83
N ILE B 133 -65.38 5.02 -11.19
CA ILE B 133 -64.20 4.97 -12.05
C ILE B 133 -64.53 4.40 -13.43
N VAL B 134 -64.07 5.08 -14.47
CA VAL B 134 -64.33 4.64 -15.84
C VAL B 134 -63.07 4.67 -16.69
N GLY B 135 -63.25 4.34 -17.96
CA GLY B 135 -62.15 4.33 -18.90
C GLY B 135 -62.19 3.12 -19.81
N PHE B 136 -61.06 2.86 -20.44
CA PHE B 136 -60.94 1.73 -21.35
C PHE B 136 -59.63 1.03 -21.08
N ASP B 137 -59.62 -0.29 -21.25
CA ASP B 137 -58.42 -1.09 -21.03
C ASP B 137 -57.48 -1.04 -22.23
N PHE B 138 -56.33 -1.73 -22.13
CA PHE B 138 -55.34 -1.74 -23.20
C PHE B 138 -55.91 -2.08 -24.58
N ASP B 139 -56.77 -3.10 -24.63
CA ASP B 139 -57.42 -3.49 -25.87
C ASP B 139 -58.36 -2.38 -26.30
N GLY B 140 -59.48 -2.24 -25.58
CA GLY B 140 -60.44 -1.20 -25.90
C GLY B 140 -61.86 -1.45 -25.41
N THR B 141 -62.00 -2.08 -24.25
CA THR B 141 -63.31 -2.35 -23.67
C THR B 141 -63.64 -1.31 -22.59
N PRO B 142 -64.92 -0.90 -22.50
CA PRO B 142 -65.44 0.11 -21.56
C PRO B 142 -65.71 -0.44 -20.16
N ARG B 143 -65.28 0.29 -19.14
CA ARG B 143 -65.47 -0.14 -17.75
C ARG B 143 -66.11 0.90 -16.85
N LEU B 144 -66.88 0.43 -15.88
CA LEU B 144 -67.53 1.29 -14.90
C LEU B 144 -67.52 0.64 -13.52
N TYR B 145 -66.65 1.13 -12.65
CA TYR B 145 -66.51 0.60 -11.30
C TYR B 145 -66.97 1.60 -10.26
N GLN B 146 -67.30 1.11 -9.08
CA GLN B 146 -67.73 1.98 -7.99
C GLN B 146 -67.19 1.51 -6.65
N THR B 147 -66.42 2.35 -5.98
CA THR B 147 -65.88 2.03 -4.68
C THR B 147 -66.60 2.86 -3.64
N ASP B 148 -66.66 2.35 -2.41
CA ASP B 148 -67.31 3.09 -1.33
C ASP B 148 -66.36 3.19 -0.13
N PRO B 149 -66.78 3.91 0.93
CA PRO B 149 -65.97 4.12 2.13
C PRO B 149 -65.44 2.86 2.81
N SER B 150 -66.18 1.76 2.78
CA SER B 150 -65.75 0.51 3.40
C SER B 150 -64.58 -0.16 2.69
N GLY B 151 -64.41 0.11 1.41
CA GLY B 151 -63.34 -0.47 0.64
C GLY B 151 -63.79 -1.54 -0.33
N THR B 152 -65.10 -1.70 -0.48
CA THR B 152 -65.64 -2.69 -1.40
C THR B 152 -65.92 -2.02 -2.74
N TYR B 153 -65.61 -2.71 -3.83
CA TYR B 153 -65.83 -2.17 -5.16
C TYR B 153 -66.54 -3.16 -6.06
N HIS B 154 -67.34 -2.66 -6.99
CA HIS B 154 -68.07 -3.51 -7.92
C HIS B 154 -68.13 -2.89 -9.31
N ALA B 155 -68.26 -3.74 -10.32
CA ALA B 155 -68.37 -3.26 -11.69
C ALA B 155 -69.86 -3.07 -11.94
N TRP B 156 -70.23 -2.04 -12.70
CA TRP B 156 -71.63 -1.76 -12.99
C TRP B 156 -71.84 -1.44 -14.45
N LYS B 157 -73.10 -1.47 -14.89
CA LYS B 157 -73.45 -1.13 -16.25
C LYS B 157 -73.70 0.36 -16.20
N ALA B 158 -74.46 0.77 -15.18
CA ALA B 158 -74.81 2.15 -14.92
C ALA B 158 -74.95 2.32 -13.41
N ASN B 159 -74.52 3.45 -12.87
CA ASN B 159 -74.58 3.66 -11.43
C ASN B 159 -74.65 5.14 -11.04
N ALA B 160 -75.13 5.40 -9.83
CA ALA B 160 -75.23 6.75 -9.30
C ALA B 160 -74.73 6.77 -7.86
N ILE B 161 -74.22 7.91 -7.42
CA ILE B 161 -73.73 8.08 -6.05
C ILE B 161 -74.08 9.48 -5.58
N GLY B 162 -73.96 9.73 -4.28
CA GLY B 162 -74.25 11.04 -3.73
C GLY B 162 -75.68 11.20 -3.27
N ARG B 163 -76.13 12.45 -3.17
CA ARG B 163 -77.49 12.75 -2.72
C ARG B 163 -78.54 12.22 -3.68
N GLY B 164 -79.56 11.57 -3.14
CA GLY B 164 -80.62 11.01 -3.94
C GLY B 164 -80.10 9.97 -4.92
N ALA B 165 -79.11 9.20 -4.50
CA ALA B 165 -78.52 8.18 -5.36
C ALA B 165 -79.53 7.07 -5.64
N LYS B 166 -80.34 6.74 -4.65
CA LYS B 166 -81.35 5.69 -4.80
C LYS B 166 -82.29 6.03 -5.95
N SER B 167 -82.83 7.24 -5.93
CA SER B 167 -83.77 7.71 -6.96
C SER B 167 -83.19 7.60 -8.36
N VAL B 168 -81.93 7.97 -8.53
CA VAL B 168 -81.27 7.90 -9.82
C VAL B 168 -80.92 6.46 -10.19
N ARG B 169 -80.76 5.61 -9.16
CA ARG B 169 -80.44 4.20 -9.37
C ARG B 169 -81.71 3.45 -9.75
N GLU B 170 -82.81 3.79 -9.09
CA GLU B 170 -84.10 3.16 -9.35
C GLU B 170 -84.57 3.46 -10.77
N PHE B 171 -84.33 4.70 -11.21
CA PHE B 171 -84.72 5.13 -12.54
C PHE B 171 -83.77 4.60 -13.61
N LEU B 172 -82.55 4.24 -13.21
CA LEU B 172 -81.55 3.75 -14.16
C LEU B 172 -81.79 2.33 -14.64
N GLU B 173 -82.45 1.52 -13.84
CA GLU B 173 -82.72 0.14 -14.23
C GLU B 173 -83.65 0.09 -15.44
N LYS B 174 -84.73 0.86 -15.37
CA LYS B 174 -85.74 0.89 -16.42
C LYS B 174 -85.35 1.66 -17.68
N ASN B 175 -84.26 2.41 -17.62
CA ASN B 175 -83.86 3.19 -18.78
C ASN B 175 -82.52 2.80 -19.40
N TYR B 176 -81.88 1.75 -18.86
CA TYR B 176 -80.59 1.31 -19.41
C TYR B 176 -80.73 0.12 -20.35
N THR B 177 -80.39 0.33 -21.63
CA THR B 177 -80.49 -0.72 -22.63
C THR B 177 -79.33 -0.66 -23.63
N ASP B 178 -79.42 -1.47 -24.68
CA ASP B 178 -78.40 -1.50 -25.71
C ASP B 178 -78.65 -0.42 -26.76
N GLU B 179 -79.91 -0.13 -27.01
CA GLU B 179 -80.28 0.90 -27.98
C GLU B 179 -79.92 2.26 -27.41
N ALA B 180 -80.12 2.39 -26.09
CA ALA B 180 -79.83 3.63 -25.37
C ALA B 180 -78.34 3.97 -25.35
N ILE B 181 -77.50 2.95 -25.37
CA ILE B 181 -76.05 3.16 -25.36
C ILE B 181 -75.43 2.73 -26.69
N GLU B 182 -76.24 2.78 -27.75
CA GLU B 182 -75.79 2.38 -29.08
C GLU B 182 -74.77 3.35 -29.68
N THR B 183 -75.17 4.60 -29.84
CA THR B 183 -74.29 5.62 -30.41
C THR B 183 -73.69 6.51 -29.31
N ASP B 184 -72.60 7.19 -29.65
CA ASP B 184 -71.93 8.06 -28.68
C ASP B 184 -72.84 9.18 -28.18
N ASP B 185 -73.65 9.74 -29.07
CA ASP B 185 -74.55 10.82 -28.70
C ASP B 185 -75.76 10.28 -27.94
N LEU B 186 -75.90 8.96 -27.93
CA LEU B 186 -77.02 8.33 -27.23
C LEU B 186 -76.65 7.99 -25.79
N THR B 187 -75.35 8.00 -25.52
CA THR B 187 -74.85 7.70 -24.17
C THR B 187 -74.97 8.95 -23.31
N ILE B 188 -75.02 10.11 -23.96
CA ILE B 188 -75.15 11.38 -23.27
C ILE B 188 -76.61 11.66 -22.94
N LYS B 189 -77.52 10.95 -23.61
CA LYS B 189 -78.94 11.14 -23.37
C LYS B 189 -79.44 10.45 -22.11
N LEU B 190 -78.94 9.24 -21.86
CA LEU B 190 -79.32 8.47 -20.68
C LEU B 190 -78.91 9.15 -19.40
N VAL B 191 -77.66 9.60 -19.36
CA VAL B 191 -77.11 10.26 -18.18
C VAL B 191 -77.96 11.46 -17.77
N ILE B 192 -78.02 12.47 -18.63
CA ILE B 192 -78.77 13.71 -18.37
C ILE B 192 -80.17 13.50 -17.79
N LYS B 193 -80.95 12.59 -18.38
CA LYS B 193 -82.28 12.32 -17.87
C LYS B 193 -82.19 11.87 -16.42
N ALA B 194 -81.29 10.93 -16.15
CA ALA B 194 -81.10 10.39 -14.80
C ALA B 194 -80.74 11.50 -13.81
N LEU B 195 -79.85 12.39 -14.24
CA LEU B 195 -79.43 13.50 -13.39
C LEU B 195 -80.60 14.45 -13.14
N LEU B 196 -81.41 14.65 -14.17
CA LEU B 196 -82.56 15.53 -14.11
C LEU B 196 -83.59 15.14 -13.05
N GLU B 197 -83.54 13.91 -12.55
CA GLU B 197 -84.52 13.51 -11.54
C GLU B 197 -84.21 14.02 -10.14
N VAL B 198 -83.04 14.64 -9.97
CA VAL B 198 -82.67 15.18 -8.66
C VAL B 198 -82.02 16.55 -8.74
N VAL B 199 -81.37 16.83 -9.85
CA VAL B 199 -80.68 18.10 -10.04
C VAL B 199 -81.65 19.26 -10.26
N GLN B 200 -81.64 20.21 -9.34
CA GLN B 200 -82.50 21.38 -9.42
C GLN B 200 -82.14 22.20 -10.65
N SER B 201 -83.16 22.61 -11.40
CA SER B 201 -82.99 23.39 -12.63
C SER B 201 -81.95 22.78 -13.54
N GLY B 202 -82.17 21.52 -13.92
CA GLY B 202 -81.27 20.80 -14.79
C GLY B 202 -80.95 21.57 -16.06
N GLY B 203 -79.67 21.82 -16.28
CA GLY B 203 -79.21 22.56 -17.45
C GLY B 203 -77.80 23.06 -17.25
N LYS B 204 -77.66 24.17 -16.55
CA LYS B 204 -76.35 24.76 -16.28
C LYS B 204 -75.82 24.31 -14.91
N ASN B 205 -76.55 23.41 -14.28
CA ASN B 205 -76.18 22.88 -12.97
C ASN B 205 -75.61 21.49 -13.11
N ILE B 206 -75.28 21.09 -14.32
CA ILE B 206 -74.72 19.76 -14.56
C ILE B 206 -73.45 19.79 -15.39
N GLU B 207 -72.40 19.18 -14.85
CA GLU B 207 -71.12 19.09 -15.55
C GLU B 207 -71.11 17.78 -16.30
N LEU B 208 -70.33 17.72 -17.38
CA LEU B 208 -70.28 16.51 -18.19
C LEU B 208 -68.87 16.17 -18.65
N ALA B 209 -68.66 14.90 -18.99
CA ALA B 209 -67.36 14.41 -19.45
C ALA B 209 -67.54 13.06 -20.12
N VAL B 210 -66.82 12.85 -21.22
CA VAL B 210 -66.87 11.58 -21.93
C VAL B 210 -65.46 11.08 -22.18
N MET B 211 -65.23 9.80 -21.91
CA MET B 211 -63.93 9.20 -22.13
C MET B 211 -64.03 8.29 -23.34
N ARG B 212 -63.30 8.63 -24.40
CA ARG B 212 -63.32 7.85 -25.63
C ARG B 212 -62.11 6.92 -25.75
N ARG B 213 -61.87 6.45 -26.97
CA ARG B 213 -60.76 5.55 -27.26
C ARG B 213 -59.50 6.33 -27.59
N ASP B 214 -58.46 6.11 -26.79
CA ASP B 214 -57.16 6.78 -26.96
C ASP B 214 -57.34 8.29 -27.08
N GLN B 215 -58.29 8.82 -26.31
CA GLN B 215 -58.57 10.25 -26.32
C GLN B 215 -58.58 10.75 -24.89
N PRO B 216 -58.00 11.95 -24.67
CA PRO B 216 -57.89 12.59 -23.35
C PRO B 216 -59.22 13.06 -22.75
N LEU B 217 -59.17 13.45 -21.48
CA LEU B 217 -60.33 13.94 -20.75
C LEU B 217 -60.96 15.08 -21.55
N LYS B 218 -62.01 14.76 -22.29
CA LYS B 218 -62.68 15.75 -23.11
C LYS B 218 -63.96 16.28 -22.46
N ILE B 219 -63.78 17.21 -21.54
CA ILE B 219 -64.91 17.82 -20.84
C ILE B 219 -65.82 18.52 -21.84
N LEU B 220 -67.13 18.42 -21.64
CA LEU B 220 -68.08 19.09 -22.53
C LEU B 220 -68.21 20.54 -22.10
N ASN B 221 -68.75 21.38 -22.98
CA ASN B 221 -68.90 22.79 -22.65
C ASN B 221 -70.36 23.21 -22.50
N PRO B 222 -70.58 24.37 -21.87
CA PRO B 222 -71.89 24.97 -21.61
C PRO B 222 -72.82 24.87 -22.80
N GLU B 223 -72.37 25.29 -23.98
CA GLU B 223 -73.18 25.23 -25.19
C GLU B 223 -73.27 23.80 -25.72
N GLU B 224 -72.19 23.05 -25.59
CA GLU B 224 -72.17 21.66 -26.03
C GLU B 224 -73.28 20.91 -25.31
N ILE B 225 -73.33 21.06 -23.99
CA ILE B 225 -74.35 20.41 -23.17
C ILE B 225 -75.71 21.03 -23.44
N GLU B 226 -75.73 22.33 -23.73
CA GLU B 226 -76.98 23.04 -24.03
C GLU B 226 -77.73 22.43 -25.21
N LYS B 227 -77.00 21.99 -26.24
CA LYS B 227 -77.60 21.36 -27.41
C LYS B 227 -78.53 20.23 -26.96
N TYR B 228 -77.99 19.27 -26.22
CA TYR B 228 -78.76 18.14 -25.71
C TYR B 228 -79.91 18.60 -24.83
N VAL B 229 -79.65 19.59 -23.98
CA VAL B 229 -80.67 20.15 -23.12
C VAL B 229 -81.75 20.81 -23.96
N ALA B 230 -81.33 21.51 -25.02
CA ALA B 230 -82.27 22.18 -25.91
C ALA B 230 -83.25 21.16 -26.46
N GLU B 231 -82.72 20.18 -27.19
CA GLU B 231 -83.59 19.15 -27.78
C GLU B 231 -84.50 18.50 -26.74
N ILE B 232 -83.92 18.10 -25.61
CA ILE B 232 -84.68 17.46 -24.55
C ILE B 232 -85.71 18.42 -23.96
N SER C 2 -56.56 7.30 29.82
CA SER C 2 -56.21 7.88 28.52
C SER C 2 -57.41 7.96 27.59
N ARG C 3 -58.17 6.87 27.48
CA ARG C 3 -59.36 6.81 26.64
C ARG C 3 -60.48 7.67 27.22
N ARG C 4 -60.51 7.79 28.53
CA ARG C 4 -61.51 8.58 29.25
C ARG C 4 -61.39 10.08 28.98
N TYR C 5 -60.18 10.55 28.68
CA TYR C 5 -59.96 11.98 28.43
C TYR C 5 -59.85 12.37 26.97
N ASP C 6 -59.62 11.41 26.10
CA ASP C 6 -59.49 11.68 24.67
C ASP C 6 -60.75 12.35 24.14
N SER C 7 -60.60 13.55 23.58
CA SER C 7 -61.75 14.28 23.04
C SER C 7 -62.22 13.79 21.66
N ARG C 8 -61.42 12.94 21.03
CA ARG C 8 -61.75 12.38 19.71
C ARG C 8 -62.12 13.45 18.70
N THR C 9 -61.13 14.26 18.33
CA THR C 9 -61.30 15.37 17.40
C THR C 9 -61.46 14.97 15.92
N THR C 10 -60.92 13.84 15.52
CA THR C 10 -61.00 13.42 14.13
C THR C 10 -61.89 12.21 13.84
N ILE C 11 -63.12 12.22 14.35
CA ILE C 11 -64.04 11.13 14.06
C ILE C 11 -65.33 11.64 13.48
N PHE C 12 -66.03 10.79 12.75
CA PHE C 12 -67.29 11.13 12.14
C PHE C 12 -68.38 11.13 13.18
N SER C 13 -69.30 12.08 13.08
CA SER C 13 -70.44 12.11 13.97
C SER C 13 -71.52 11.22 13.34
N PRO C 14 -72.59 10.91 14.08
CA PRO C 14 -73.67 10.06 13.54
C PRO C 14 -74.23 10.46 12.17
N GLU C 15 -74.35 11.75 11.87
CA GLU C 15 -74.85 12.18 10.56
C GLU C 15 -73.74 12.49 9.56
N GLY C 16 -72.60 11.83 9.71
CA GLY C 16 -71.47 12.01 8.83
C GLY C 16 -70.83 13.39 8.86
N ARG C 17 -70.81 14.02 10.01
CA ARG C 17 -70.22 15.36 10.12
C ARG C 17 -68.97 15.37 10.98
N LEU C 18 -68.12 16.37 10.76
CA LEU C 18 -66.90 16.53 11.53
C LEU C 18 -67.10 17.74 12.44
N TYR C 19 -67.52 17.48 13.67
CA TYR C 19 -67.79 18.54 14.63
C TYR C 19 -66.68 19.57 14.83
N GLN C 20 -65.45 19.12 15.06
CA GLN C 20 -64.34 20.05 15.25
C GLN C 20 -64.16 21.02 14.08
N VAL C 21 -64.34 20.52 12.86
CA VAL C 21 -64.22 21.35 11.67
C VAL C 21 -65.34 22.39 11.62
N GLU C 22 -66.55 21.99 11.98
CA GLU C 22 -67.69 22.89 11.99
C GLU C 22 -67.58 23.92 13.09
N TYR C 23 -67.06 23.51 14.24
CA TYR C 23 -66.89 24.42 15.37
C TYR C 23 -65.80 25.45 15.07
N ALA C 24 -64.79 25.05 14.32
CA ALA C 24 -63.71 25.95 13.91
C ALA C 24 -64.23 26.97 12.90
N MET C 25 -65.22 26.57 12.10
CA MET C 25 -65.85 27.44 11.12
C MET C 25 -66.70 28.51 11.81
N GLU C 26 -67.25 28.16 12.98
CA GLU C 26 -68.04 29.07 13.78
C GLU C 26 -67.15 30.20 14.28
N ALA C 27 -65.92 29.85 14.66
CA ALA C 27 -64.95 30.82 15.16
C ALA C 27 -64.53 31.78 14.07
N ILE C 28 -64.39 31.27 12.86
CA ILE C 28 -63.98 32.09 11.72
C ILE C 28 -65.07 33.08 11.32
N GLY C 29 -66.32 32.71 11.53
CA GLY C 29 -67.45 33.56 11.21
C GLY C 29 -67.59 34.83 12.04
N HIS C 30 -67.01 34.82 13.24
CA HIS C 30 -67.08 35.99 14.11
C HIS C 30 -65.83 36.89 14.06
N ALA C 31 -64.79 36.40 13.40
CA ALA C 31 -63.54 37.14 13.26
C ALA C 31 -63.68 38.31 12.32
N GLY C 32 -62.63 39.11 12.22
CA GLY C 32 -62.62 40.28 11.34
C GLY C 32 -62.92 39.96 9.89
N THR C 33 -63.63 40.88 9.24
CA THR C 33 -64.01 40.72 7.84
C THR C 33 -62.83 40.81 6.86
N CYS C 34 -62.72 39.83 5.98
CA CYS C 34 -61.67 39.80 4.97
C CYS C 34 -62.30 39.68 3.60
N LEU C 35 -61.97 40.60 2.70
CA LEU C 35 -62.54 40.53 1.35
C LEU C 35 -61.47 40.62 0.27
N GLY C 36 -61.67 39.84 -0.79
CA GLY C 36 -60.74 39.82 -1.90
C GLY C 36 -61.45 40.07 -3.22
N ILE C 37 -60.89 40.95 -4.03
CA ILE C 37 -61.47 41.27 -5.33
C ILE C 37 -60.44 41.21 -6.43
N LEU C 38 -60.76 40.51 -7.51
CA LEU C 38 -59.86 40.38 -8.65
C LEU C 38 -60.23 41.36 -9.76
N ALA C 39 -59.24 42.11 -10.24
CA ALA C 39 -59.47 43.06 -11.31
C ALA C 39 -58.63 42.69 -12.53
N ASN C 40 -58.77 43.42 -13.61
CA ASN C 40 -58.03 43.14 -14.84
C ASN C 40 -56.53 43.46 -14.73
N ASP C 41 -56.19 44.46 -13.93
CA ASP C 41 -54.80 44.84 -13.77
C ASP C 41 -54.24 44.59 -12.37
N GLY C 42 -54.81 43.63 -11.66
CA GLY C 42 -54.33 43.32 -10.32
C GLY C 42 -55.39 42.76 -9.39
N VAL C 43 -54.96 42.48 -8.15
CA VAL C 43 -55.85 41.94 -7.14
C VAL C 43 -55.70 42.77 -5.87
N LEU C 44 -56.68 42.71 -5.00
CA LEU C 44 -56.61 43.47 -3.77
C LEU C 44 -57.13 42.70 -2.56
N LEU C 45 -56.69 43.11 -1.39
CA LEU C 45 -57.11 42.50 -0.14
C LEU C 45 -57.52 43.60 0.81
N ALA C 46 -58.74 43.52 1.32
CA ALA C 46 -59.23 44.52 2.26
C ALA C 46 -59.69 43.80 3.52
N ALA C 47 -59.06 44.11 4.64
CA ALA C 47 -59.42 43.45 5.89
C ALA C 47 -59.71 44.44 7.01
N GLU C 48 -60.74 44.14 7.78
CA GLU C 48 -61.11 44.99 8.91
C GLU C 48 -60.12 44.71 10.02
N ARG C 49 -59.73 45.76 10.74
CA ARG C 49 -58.79 45.61 11.84
C ARG C 49 -59.54 45.43 13.16
N ARG C 50 -59.08 44.51 13.99
CA ARG C 50 -59.70 44.27 15.28
C ARG C 50 -58.92 45.04 16.35
N ASN C 51 -57.60 45.08 16.19
CA ASN C 51 -56.74 45.80 17.12
C ASN C 51 -56.88 47.30 16.83
N ILE C 52 -57.76 47.97 17.57
CA ILE C 52 -57.98 49.39 17.35
C ILE C 52 -57.75 50.27 18.57
N HIS C 53 -57.35 49.66 19.68
CA HIS C 53 -57.07 50.38 20.92
C HIS C 53 -56.08 51.52 20.70
N LYS C 54 -56.34 52.65 21.34
CA LYS C 54 -55.49 53.84 21.22
C LYS C 54 -54.06 53.69 21.72
N LEU C 55 -53.83 52.79 22.67
CA LEU C 55 -52.50 52.57 23.22
C LEU C 55 -51.68 51.54 22.45
N LEU C 56 -52.25 51.03 21.37
CA LEU C 56 -51.56 50.04 20.53
C LEU C 56 -50.51 50.73 19.68
N ASP C 57 -49.42 50.03 19.41
CA ASP C 57 -48.34 50.58 18.61
C ASP C 57 -48.31 49.92 17.23
N GLU C 58 -47.80 50.66 16.24
CA GLU C 58 -47.70 50.13 14.89
C GLU C 58 -46.23 50.03 14.45
N VAL C 59 -45.76 48.81 14.23
CA VAL C 59 -44.38 48.60 13.80
C VAL C 59 -44.16 47.45 12.82
N PHE C 60 -45.24 46.80 12.40
CA PHE C 60 -45.11 45.67 11.46
C PHE C 60 -45.54 46.06 10.05
N PHE C 61 -45.48 45.10 9.13
CA PHE C 61 -45.88 45.34 7.75
C PHE C 61 -47.36 45.65 7.69
N SER C 62 -48.12 44.88 8.48
CA SER C 62 -49.58 45.02 8.59
C SER C 62 -50.04 44.19 9.78
N GLU C 63 -51.32 43.84 9.78
CA GLU C 63 -51.88 43.05 10.87
C GLU C 63 -52.41 41.71 10.38
N LYS C 64 -53.21 41.74 9.32
CA LYS C 64 -53.81 40.53 8.78
C LYS C 64 -53.29 40.14 7.39
N ILE C 65 -52.43 40.94 6.80
CA ILE C 65 -51.91 40.67 5.47
C ILE C 65 -50.45 40.23 5.50
N TYR C 66 -50.18 39.02 5.04
CA TYR C 66 -48.82 38.50 5.04
C TYR C 66 -48.31 38.18 3.65
N LYS C 67 -47.10 38.65 3.36
CA LYS C 67 -46.47 38.36 2.10
C LYS C 67 -45.99 36.91 2.18
N LEU C 68 -46.24 36.12 1.14
CA LEU C 68 -45.84 34.73 1.17
C LEU C 68 -44.53 34.50 0.40
N ASN C 69 -44.39 35.22 -0.69
CA ASN C 69 -43.20 35.19 -1.55
C ASN C 69 -43.20 36.42 -2.42
N GLU C 70 -42.37 36.44 -3.46
CA GLU C 70 -42.32 37.60 -4.34
C GLU C 70 -43.61 37.96 -5.08
N ASP C 71 -44.44 36.96 -5.39
CA ASP C 71 -45.68 37.25 -6.13
C ASP C 71 -46.98 36.86 -5.43
N MET C 72 -46.94 36.60 -4.13
CA MET C 72 -48.16 36.19 -3.43
C MET C 72 -48.31 36.77 -2.03
N ALA C 73 -49.56 37.06 -1.67
CA ALA C 73 -49.89 37.58 -0.35
C ALA C 73 -51.16 36.87 0.12
N CYS C 74 -51.43 36.94 1.41
CA CYS C 74 -52.62 36.29 1.95
C CYS C 74 -53.20 37.05 3.12
N SER C 75 -54.45 36.80 3.42
CA SER C 75 -55.13 37.42 4.54
C SER C 75 -55.76 36.30 5.35
N VAL C 76 -55.82 36.49 6.66
CA VAL C 76 -56.39 35.45 7.51
C VAL C 76 -57.57 35.90 8.35
N ALA C 77 -58.39 34.93 8.74
CA ALA C 77 -59.56 35.16 9.58
C ALA C 77 -59.67 33.97 10.53
N GLY C 78 -59.82 34.27 11.82
CA GLY C 78 -59.93 33.22 12.82
C GLY C 78 -58.90 33.38 13.92
N ILE C 79 -58.41 32.26 14.43
CA ILE C 79 -57.41 32.26 15.49
C ILE C 79 -56.09 32.85 15.01
N THR C 80 -55.71 33.98 15.60
CA THR C 80 -54.48 34.68 15.23
C THR C 80 -53.20 33.85 15.33
N SER C 81 -53.03 33.15 16.45
CA SER C 81 -51.83 32.34 16.62
C SER C 81 -51.78 31.14 15.69
N ASP C 82 -52.94 30.64 15.30
CA ASP C 82 -53.01 29.50 14.39
C ASP C 82 -52.58 29.98 13.01
N ALA C 83 -52.96 31.21 12.67
CA ALA C 83 -52.63 31.80 11.39
C ALA C 83 -51.12 32.00 11.23
N ASN C 84 -50.43 32.31 12.33
CA ASN C 84 -48.99 32.51 12.29
C ASN C 84 -48.28 31.22 11.91
N VAL C 85 -48.78 30.09 12.42
CA VAL C 85 -48.20 28.79 12.12
C VAL C 85 -48.36 28.45 10.64
N LEU C 86 -49.56 28.66 10.11
CA LEU C 86 -49.85 28.33 8.72
C LEU C 86 -49.13 29.26 7.74
N THR C 87 -49.04 30.53 8.10
CA THR C 87 -48.37 31.51 7.25
C THR C 87 -46.88 31.21 7.14
N ASN C 88 -46.28 30.73 8.23
CA ASN C 88 -44.87 30.37 8.21
C ASN C 88 -44.69 29.12 7.35
N GLU C 89 -45.64 28.21 7.43
CA GLU C 89 -45.59 26.98 6.66
C GLU C 89 -45.72 27.29 5.17
N LEU C 90 -46.58 28.25 4.83
CA LEU C 90 -46.76 28.65 3.44
C LEU C 90 -45.46 29.18 2.86
N ARG C 91 -44.74 29.98 3.63
CA ARG C 91 -43.48 30.55 3.19
C ARG C 91 -42.46 29.46 2.90
N LEU C 92 -42.43 28.44 3.74
CA LEU C 92 -41.50 27.33 3.55
C LEU C 92 -41.83 26.51 2.32
N ILE C 93 -43.12 26.30 2.08
CA ILE C 93 -43.56 25.54 0.91
C ILE C 93 -43.15 26.26 -0.37
N ALA C 94 -43.31 27.58 -0.38
CA ALA C 94 -42.95 28.37 -1.54
C ALA C 94 -41.45 28.35 -1.78
N GLN C 95 -40.67 28.46 -0.71
CA GLN C 95 -39.22 28.45 -0.85
C GLN C 95 -38.70 27.08 -1.27
N ARG C 96 -39.35 26.01 -0.80
CA ARG C 96 -38.95 24.66 -1.16
C ARG C 96 -39.20 24.38 -2.63
N TYR C 97 -40.26 24.96 -3.18
CA TYR C 97 -40.58 24.79 -4.59
C TYR C 97 -39.55 25.54 -5.43
N LEU C 98 -39.17 26.73 -4.98
CA LEU C 98 -38.18 27.54 -5.68
C LEU C 98 -36.80 26.89 -5.63
N LEU C 99 -36.47 26.23 -4.54
CA LEU C 99 -35.19 25.57 -4.44
C LEU C 99 -35.09 24.41 -5.42
N GLN C 100 -36.20 23.70 -5.59
CA GLN C 100 -36.27 22.54 -6.48
C GLN C 100 -36.37 22.84 -7.97
N TYR C 101 -37.22 23.77 -8.37
CA TYR C 101 -37.39 24.04 -9.80
C TYR C 101 -36.77 25.32 -10.30
N GLN C 102 -36.26 26.14 -9.37
CA GLN C 102 -35.66 27.45 -9.65
C GLN C 102 -36.67 28.38 -10.35
N GLU C 103 -37.91 28.33 -9.88
CA GLU C 103 -39.01 29.13 -10.42
C GLU C 103 -40.01 29.37 -9.31
N PRO C 104 -40.71 30.50 -9.35
CA PRO C 104 -41.70 30.79 -8.32
C PRO C 104 -42.87 29.81 -8.40
N ILE C 105 -43.35 29.33 -7.26
CA ILE C 105 -44.45 28.38 -7.22
C ILE C 105 -45.76 29.00 -7.71
N PRO C 106 -46.44 28.31 -8.65
CA PRO C 106 -47.73 28.78 -9.15
C PRO C 106 -48.72 28.92 -8.00
N CYS C 107 -49.47 30.02 -8.00
CA CYS C 107 -50.45 30.32 -6.95
C CYS C 107 -51.31 29.16 -6.47
N GLU C 108 -51.99 28.47 -7.39
CA GLU C 108 -52.85 27.36 -7.01
C GLU C 108 -52.09 26.19 -6.37
N GLN C 109 -50.85 25.96 -6.79
CA GLN C 109 -50.07 24.87 -6.23
C GLN C 109 -49.73 25.14 -4.76
N LEU C 110 -49.52 26.40 -4.41
CA LEU C 110 -49.21 26.77 -3.03
C LEU C 110 -50.41 26.57 -2.12
N VAL C 111 -51.59 26.95 -2.59
CA VAL C 111 -52.82 26.79 -1.83
C VAL C 111 -53.15 25.32 -1.59
N THR C 112 -52.96 24.51 -2.62
CA THR C 112 -53.22 23.08 -2.54
C THR C 112 -52.31 22.38 -1.54
N ALA C 113 -51.06 22.80 -1.46
CA ALA C 113 -50.11 22.20 -0.52
C ALA C 113 -50.50 22.49 0.92
N LEU C 114 -51.02 23.69 1.18
CA LEU C 114 -51.44 24.05 2.52
C LEU C 114 -52.74 23.35 2.88
N CYS C 115 -53.61 23.16 1.90
CA CYS C 115 -54.87 22.49 2.13
C CYS C 115 -54.67 21.02 2.48
N ASP C 116 -53.58 20.44 1.98
CA ASP C 116 -53.27 19.05 2.27
C ASP C 116 -52.91 18.89 3.74
N ILE C 117 -52.22 19.89 4.29
CA ILE C 117 -51.85 19.87 5.69
C ILE C 117 -53.08 20.02 6.56
N LYS C 118 -54.02 20.85 6.13
CA LYS C 118 -55.25 21.09 6.86
C LYS C 118 -56.14 19.85 6.86
N GLN C 119 -56.22 19.18 5.71
CA GLN C 119 -57.03 17.97 5.59
C GLN C 119 -56.51 16.88 6.51
N ALA C 120 -55.19 16.76 6.60
CA ALA C 120 -54.55 15.75 7.44
C ALA C 120 -54.94 15.86 8.91
N TYR C 121 -55.09 17.08 9.41
CA TYR C 121 -55.50 17.31 10.79
C TYR C 121 -56.93 16.82 11.06
N THR C 122 -57.79 16.87 10.05
CA THR C 122 -59.18 16.41 10.22
C THR C 122 -59.36 14.90 10.05
N GLN C 123 -58.31 14.18 9.67
CA GLN C 123 -58.46 12.73 9.48
C GLN C 123 -57.71 11.86 10.50
N PHE C 124 -56.52 12.28 10.91
CA PHE C 124 -55.77 11.50 11.88
C PHE C 124 -54.93 12.38 12.80
N GLY C 125 -54.40 11.80 13.87
CA GLY C 125 -53.56 12.53 14.79
C GLY C 125 -54.15 12.89 16.15
N GLY C 126 -55.48 13.01 16.22
CA GLY C 126 -56.13 13.36 17.47
C GLY C 126 -55.98 14.80 17.94
N LYS C 127 -55.53 15.68 17.07
CA LYS C 127 -55.36 17.08 17.43
C LYS C 127 -56.51 17.91 16.91
N ARG C 128 -56.75 19.04 17.55
CA ARG C 128 -57.78 19.96 17.11
C ARG C 128 -57.30 20.61 15.83
N PRO C 129 -58.22 20.92 14.91
CA PRO C 129 -57.82 21.54 13.65
C PRO C 129 -57.43 23.02 13.81
N PHE C 130 -56.79 23.56 12.78
CA PHE C 130 -56.42 24.97 12.78
C PHE C 130 -57.71 25.74 12.53
N GLY C 131 -57.98 26.76 13.34
CA GLY C 131 -59.19 27.55 13.17
C GLY C 131 -58.94 28.77 12.31
N VAL C 132 -58.46 28.56 11.09
CA VAL C 132 -58.15 29.65 10.17
C VAL C 132 -58.76 29.46 8.78
N SER C 133 -59.14 30.59 8.17
CA SER C 133 -59.64 30.63 6.81
C SER C 133 -58.73 31.63 6.13
N LEU C 134 -58.33 31.37 4.89
CA LEU C 134 -57.42 32.27 4.22
C LEU C 134 -57.85 32.77 2.85
N LEU C 135 -57.34 33.93 2.47
CA LEU C 135 -57.61 34.50 1.17
C LEU C 135 -56.26 34.72 0.53
N TYR C 136 -56.06 34.19 -0.67
CA TYR C 136 -54.79 34.36 -1.36
C TYR C 136 -54.91 35.18 -2.62
N ILE C 137 -53.94 36.05 -2.82
CA ILE C 137 -53.90 36.87 -4.02
C ILE C 137 -52.50 36.69 -4.60
N GLY C 138 -52.41 36.48 -5.89
CA GLY C 138 -51.11 36.30 -6.49
C GLY C 138 -51.11 36.33 -7.98
N TRP C 139 -49.92 36.37 -8.55
CA TRP C 139 -49.76 36.37 -9.98
C TRP C 139 -48.73 35.32 -10.36
N ASP C 140 -49.05 34.54 -11.39
CA ASP C 140 -48.11 33.54 -11.88
C ASP C 140 -48.17 33.53 -13.41
N LYS C 141 -47.19 32.92 -14.05
CA LYS C 141 -47.11 32.87 -15.50
C LYS C 141 -48.12 31.97 -16.21
N HIS C 142 -48.82 31.12 -15.48
CA HIS C 142 -49.81 30.23 -16.06
C HIS C 142 -51.20 30.84 -16.16
N TYR C 143 -51.65 31.51 -15.11
CA TYR C 143 -52.99 32.08 -15.09
C TYR C 143 -53.07 33.56 -14.73
N GLY C 144 -51.94 34.24 -14.62
CA GLY C 144 -51.95 35.65 -14.29
C GLY C 144 -52.43 35.94 -12.88
N PHE C 145 -53.29 36.95 -12.76
CA PHE C 145 -53.84 37.36 -11.46
C PHE C 145 -54.88 36.37 -10.95
N GLN C 146 -54.71 35.90 -9.72
CA GLN C 146 -55.64 34.94 -9.14
C GLN C 146 -56.03 35.26 -7.71
N LEU C 147 -57.15 34.67 -7.27
CA LEU C 147 -57.66 34.86 -5.94
C LEU C 147 -58.19 33.53 -5.43
N TYR C 148 -57.76 33.13 -4.24
CA TYR C 148 -58.19 31.87 -3.66
C TYR C 148 -58.63 32.02 -2.22
N GLN C 149 -59.47 31.08 -1.80
CA GLN C 149 -59.97 31.07 -0.44
C GLN C 149 -59.98 29.62 0.02
N SER C 150 -59.44 29.35 1.19
CA SER C 150 -59.43 28.01 1.73
C SER C 150 -59.89 28.05 3.18
N ASP C 151 -60.38 26.92 3.68
CA ASP C 151 -60.85 26.87 5.07
C ASP C 151 -60.30 25.68 5.85
N PRO C 152 -60.67 25.59 7.14
CA PRO C 152 -60.25 24.57 8.11
C PRO C 152 -60.42 23.10 7.67
N SER C 153 -61.43 22.82 6.85
CA SER C 153 -61.66 21.46 6.38
C SER C 153 -60.61 20.98 5.37
N GLY C 154 -59.97 21.92 4.68
CA GLY C 154 -58.97 21.59 3.69
C GLY C 154 -59.50 21.84 2.29
N ASN C 155 -60.67 22.47 2.20
CA ASN C 155 -61.27 22.81 0.93
C ASN C 155 -60.83 24.19 0.50
N TYR C 156 -60.73 24.40 -0.82
CA TYR C 156 -60.34 25.68 -1.37
C TYR C 156 -61.02 25.91 -2.70
N GLY C 157 -61.04 27.15 -3.16
CA GLY C 157 -61.64 27.48 -4.44
C GLY C 157 -61.15 28.80 -4.98
N GLY C 158 -61.20 28.95 -6.31
CA GLY C 158 -60.79 30.18 -6.97
C GLY C 158 -61.99 31.09 -7.07
N TRP C 159 -61.77 32.40 -6.92
CA TRP C 159 -62.86 33.37 -6.97
C TRP C 159 -62.51 34.65 -7.71
N LYS C 160 -63.54 35.36 -8.16
CA LYS C 160 -63.37 36.65 -8.81
C LYS C 160 -63.47 37.72 -7.71
N ALA C 161 -64.28 37.43 -6.70
CA ALA C 161 -64.49 38.29 -5.56
C ALA C 161 -65.09 37.39 -4.50
N THR C 162 -64.66 37.53 -3.27
CA THR C 162 -65.16 36.71 -2.18
C THR C 162 -64.93 37.36 -0.83
N CYS C 163 -65.54 36.80 0.21
CA CYS C 163 -65.39 37.35 1.54
C CYS C 163 -65.48 36.30 2.64
N ILE C 164 -64.67 36.48 3.68
CA ILE C 164 -64.67 35.58 4.82
C ILE C 164 -64.71 36.39 6.11
N GLY C 165 -65.13 35.78 7.19
CA GLY C 165 -65.19 36.46 8.47
C GLY C 165 -66.56 37.01 8.81
N ASN C 166 -66.59 38.03 9.66
CA ASN C 166 -67.83 38.66 10.09
C ASN C 166 -68.64 39.23 8.94
N ASN C 167 -69.92 38.86 8.89
CA ASN C 167 -70.87 39.28 7.86
C ASN C 167 -70.40 39.01 6.44
N SER C 168 -69.78 37.86 6.22
CA SER C 168 -69.27 37.53 4.91
C SER C 168 -70.40 37.13 3.95
N ALA C 169 -71.50 36.63 4.52
CA ALA C 169 -72.65 36.23 3.72
C ALA C 169 -73.32 37.46 3.12
N ALA C 170 -73.33 38.56 3.86
CA ALA C 170 -73.92 39.80 3.40
C ALA C 170 -72.98 40.52 2.43
N ALA C 171 -71.68 40.34 2.66
CA ALA C 171 -70.67 40.94 1.81
C ALA C 171 -70.67 40.26 0.45
N VAL C 172 -70.93 38.96 0.44
CA VAL C 172 -70.96 38.20 -0.78
C VAL C 172 -72.18 38.57 -1.64
N SER C 173 -73.27 38.94 -0.98
CA SER C 173 -74.48 39.32 -1.68
C SER C 173 -74.23 40.61 -2.45
N MET C 174 -73.63 41.59 -1.77
CA MET C 174 -73.32 42.87 -2.37
C MET C 174 -72.39 42.70 -3.58
N LEU C 175 -71.39 41.84 -3.42
CA LEU C 175 -70.43 41.57 -4.48
C LEU C 175 -71.09 41.01 -5.74
N LYS C 176 -72.08 40.15 -5.57
CA LYS C 176 -72.78 39.55 -6.70
C LYS C 176 -73.47 40.58 -7.59
N GLN C 177 -74.02 41.62 -6.98
CA GLN C 177 -74.72 42.66 -7.74
C GLN C 177 -73.86 43.86 -8.14
N ASP C 178 -72.60 43.85 -7.77
CA ASP C 178 -71.73 44.99 -8.10
C ASP C 178 -70.46 44.65 -8.89
N TYR C 179 -70.08 43.37 -8.88
CA TYR C 179 -68.87 42.95 -9.59
C TYR C 179 -69.14 42.67 -11.07
N LYS C 180 -68.41 43.36 -11.94
CA LYS C 180 -68.55 43.19 -13.38
C LYS C 180 -67.45 42.31 -13.97
N GLU C 181 -67.81 41.07 -14.28
CA GLU C 181 -66.88 40.09 -14.84
C GLU C 181 -66.06 40.57 -16.04
N GLY C 182 -64.76 40.75 -15.83
CA GLY C 182 -63.86 41.17 -16.89
C GLY C 182 -63.90 42.64 -17.26
N GLU C 183 -64.59 43.44 -16.45
CA GLU C 183 -64.70 44.86 -16.70
C GLU C 183 -64.33 45.64 -15.45
N MET C 184 -63.51 45.03 -14.60
CA MET C 184 -63.09 45.68 -13.37
C MET C 184 -61.63 46.12 -13.43
N THR C 185 -61.33 47.21 -12.75
CA THR C 185 -59.98 47.74 -12.69
C THR C 185 -59.62 47.93 -11.22
N LEU C 186 -58.33 48.08 -10.92
CA LEU C 186 -57.90 48.25 -9.55
C LEU C 186 -58.56 49.45 -8.86
N LYS C 187 -58.69 50.56 -9.58
CA LYS C 187 -59.32 51.75 -9.03
C LYS C 187 -60.79 51.48 -8.77
N SER C 188 -61.43 50.80 -9.71
CA SER C 188 -62.85 50.47 -9.61
C SER C 188 -63.09 49.35 -8.60
N ALA C 189 -62.06 48.55 -8.34
CA ALA C 189 -62.16 47.45 -7.39
C ALA C 189 -62.01 48.00 -5.99
N LEU C 190 -61.17 49.02 -5.85
CA LEU C 190 -60.93 49.65 -4.56
C LEU C 190 -62.20 50.32 -4.06
N ALA C 191 -62.95 50.93 -4.97
CA ALA C 191 -64.20 51.61 -4.61
C ALA C 191 -65.23 50.59 -4.15
N LEU C 192 -65.33 49.47 -4.86
CA LEU C 192 -66.27 48.42 -4.51
C LEU C 192 -65.93 47.85 -3.14
N ALA C 193 -64.64 47.65 -2.87
CA ALA C 193 -64.19 47.13 -1.59
C ALA C 193 -64.68 48.03 -0.47
N ILE C 194 -64.47 49.33 -0.63
CA ILE C 194 -64.90 50.30 0.37
C ILE C 194 -66.42 50.23 0.57
N LYS C 195 -67.14 50.19 -0.54
CA LYS C 195 -68.59 50.10 -0.48
C LYS C 195 -69.02 48.88 0.31
N VAL C 196 -68.50 47.72 -0.07
CA VAL C 196 -68.83 46.47 0.61
C VAL C 196 -68.42 46.52 2.08
N LEU C 197 -67.22 47.03 2.34
CA LEU C 197 -66.71 47.12 3.69
C LEU C 197 -67.55 48.03 4.57
N ASN C 198 -68.11 49.08 3.97
CA ASN C 198 -68.94 50.03 4.69
C ASN C 198 -70.21 49.37 5.20
N LYS C 199 -70.82 48.52 4.38
CA LYS C 199 -72.04 47.84 4.72
C LYS C 199 -71.86 46.74 5.77
N THR C 200 -70.92 45.82 5.52
CA THR C 200 -70.68 44.72 6.44
C THR C 200 -70.26 45.20 7.83
N MET C 201 -69.44 46.24 7.88
CA MET C 201 -69.00 46.78 9.16
C MET C 201 -70.11 47.59 9.81
N ASP C 202 -70.21 47.49 11.13
CA ASP C 202 -71.23 48.23 11.86
C ASP C 202 -70.61 49.26 12.80
N VAL C 203 -70.10 50.34 12.25
CA VAL C 203 -69.49 51.40 13.04
C VAL C 203 -69.63 52.76 12.37
N SER C 204 -70.74 52.96 11.67
CA SER C 204 -71.02 54.21 10.96
C SER C 204 -69.84 54.65 10.09
N LYS C 205 -69.07 55.61 10.58
CA LYS C 205 -67.91 56.10 9.85
C LYS C 205 -66.98 54.93 9.59
N LEU C 206 -66.72 54.66 8.32
CA LEU C 206 -65.87 53.54 7.93
C LEU C 206 -64.53 53.56 8.66
N SER C 207 -63.86 54.71 8.57
CA SER C 207 -62.54 55.01 9.18
C SER C 207 -61.32 54.30 8.56
N ALA C 208 -60.28 55.07 8.28
CA ALA C 208 -59.07 54.53 7.70
C ALA C 208 -58.26 53.67 8.68
N GLU C 209 -58.42 53.95 9.97
CA GLU C 209 -57.71 53.21 11.01
C GLU C 209 -58.32 51.85 11.30
N LYS C 210 -59.55 51.64 10.86
CA LYS C 210 -60.25 50.39 11.09
C LYS C 210 -60.05 49.37 9.98
N VAL C 211 -59.34 49.75 8.93
CA VAL C 211 -59.12 48.85 7.80
C VAL C 211 -57.67 48.78 7.34
N GLU C 212 -57.40 47.77 6.53
CA GLU C 212 -56.08 47.56 5.96
C GLU C 212 -56.31 47.07 4.54
N ILE C 213 -55.67 47.72 3.57
CA ILE C 213 -55.83 47.33 2.18
C ILE C 213 -54.51 47.08 1.48
N ALA C 214 -54.42 45.96 0.77
CA ALA C 214 -53.22 45.64 0.03
C ALA C 214 -53.54 45.34 -1.42
N THR C 215 -52.69 45.79 -2.32
CA THR C 215 -52.91 45.55 -3.74
C THR C 215 -51.73 44.80 -4.32
N LEU C 216 -51.98 44.02 -5.37
CA LEU C 216 -50.93 43.26 -6.03
C LEU C 216 -50.99 43.57 -7.52
N THR C 217 -49.92 44.14 -8.06
CA THR C 217 -49.89 44.49 -9.48
C THR C 217 -48.58 44.10 -10.17
N ARG C 218 -48.55 44.23 -11.48
CA ARG C 218 -47.38 43.93 -12.27
C ARG C 218 -46.77 45.23 -12.80
N GLU C 219 -45.53 45.50 -12.41
CA GLU C 219 -44.83 46.72 -12.84
C GLU C 219 -43.48 46.39 -13.44
N ASN C 220 -43.30 46.74 -14.71
CA ASN C 220 -42.05 46.48 -15.45
C ASN C 220 -41.57 45.05 -15.30
N GLY C 221 -42.45 44.10 -15.59
CA GLY C 221 -42.13 42.68 -15.51
C GLY C 221 -41.85 42.15 -14.12
N LYS C 222 -42.45 42.79 -13.10
CA LYS C 222 -42.25 42.36 -11.73
C LYS C 222 -43.51 42.60 -10.90
N THR C 223 -43.75 41.71 -9.94
CA THR C 223 -44.92 41.84 -9.08
C THR C 223 -44.69 42.85 -7.97
N VAL C 224 -45.66 43.72 -7.76
CA VAL C 224 -45.56 44.73 -6.71
C VAL C 224 -46.71 44.58 -5.74
N ILE C 225 -46.39 44.38 -4.47
CA ILE C 225 -47.40 44.22 -3.45
C ILE C 225 -47.18 45.32 -2.43
N ARG C 226 -48.20 46.11 -2.18
CA ARG C 226 -48.09 47.20 -1.22
C ARG C 226 -49.36 47.41 -0.42
N VAL C 227 -49.18 47.82 0.83
CA VAL C 227 -50.29 48.10 1.71
C VAL C 227 -50.58 49.59 1.60
N LEU C 228 -51.80 49.95 1.22
CA LEU C 228 -52.18 51.34 1.09
C LEU C 228 -51.97 52.10 2.40
N LYS C 229 -51.47 53.32 2.29
CA LYS C 229 -51.23 54.15 3.46
C LYS C 229 -52.51 54.85 3.91
N GLN C 230 -52.50 55.38 5.13
CA GLN C 230 -53.66 56.08 5.67
C GLN C 230 -54.20 57.16 4.73
N LYS C 231 -53.30 57.94 4.16
CA LYS C 231 -53.70 59.00 3.24
C LYS C 231 -54.51 58.45 2.07
N GLU C 232 -53.97 57.43 1.39
CA GLU C 232 -54.65 56.82 0.26
C GLU C 232 -55.98 56.22 0.69
N VAL C 233 -55.99 55.56 1.84
CA VAL C 233 -57.20 54.94 2.35
C VAL C 233 -58.21 56.01 2.75
N GLU C 234 -57.72 57.08 3.37
CA GLU C 234 -58.58 58.18 3.78
C GLU C 234 -59.24 58.80 2.57
N GLN C 235 -58.46 59.00 1.51
CA GLN C 235 -58.97 59.55 0.26
C GLN C 235 -60.06 58.66 -0.32
N LEU C 236 -59.82 57.35 -0.28
CA LEU C 236 -60.80 56.37 -0.79
C LEU C 236 -62.12 56.49 -0.04
N ILE C 237 -62.06 56.67 1.27
CA ILE C 237 -63.26 56.80 2.08
C ILE C 237 -64.00 58.09 1.70
N LYS C 238 -63.23 59.15 1.45
CA LYS C 238 -63.79 60.43 1.03
C LYS C 238 -64.58 60.23 -0.26
N ASN C 239 -63.99 59.52 -1.21
CA ASN C 239 -64.64 59.23 -2.49
C ASN C 239 -66.02 58.60 -2.30
N HIS C 240 -66.12 57.62 -1.41
CA HIS C 240 -67.38 56.95 -1.13
C HIS C 240 -68.44 57.93 -0.63
N GLU C 241 -68.02 58.88 0.22
CA GLU C 241 -68.93 59.89 0.74
C GLU C 241 -69.54 60.66 -0.43
N GLU C 242 -68.69 61.09 -1.35
CA GLU C 242 -69.12 61.82 -2.53
C GLU C 242 -69.84 60.89 -3.50
N GLU C 243 -69.44 59.62 -3.51
CA GLU C 243 -70.05 58.62 -4.38
C GLU C 243 -71.54 58.49 -4.08
N GLY D 5 -47.17 9.69 27.46
CA GLY D 5 -47.96 10.89 27.35
C GLY D 5 -49.15 10.73 26.43
N TYR D 6 -50.14 11.60 26.61
CA TYR D 6 -51.33 11.57 25.78
C TYR D 6 -51.04 12.25 24.45
N SER D 7 -51.47 11.64 23.36
CA SER D 7 -51.20 12.22 22.04
C SER D 7 -52.37 13.04 21.48
N PHE D 8 -53.45 13.16 22.23
CA PHE D 8 -54.59 13.94 21.77
C PHE D 8 -54.56 15.34 22.39
N SER D 9 -55.28 16.27 21.78
CA SER D 9 -55.33 17.64 22.27
C SER D 9 -56.22 17.77 23.49
N LEU D 10 -55.87 18.69 24.37
CA LEU D 10 -56.66 18.95 25.57
C LEU D 10 -57.48 20.24 25.37
N THR D 11 -57.07 21.03 24.38
CA THR D 11 -57.75 22.26 24.02
C THR D 11 -58.46 22.01 22.71
N THR D 12 -59.78 22.00 22.73
CA THR D 12 -60.55 21.77 21.51
C THR D 12 -61.56 22.88 21.29
N PHE D 13 -62.22 22.86 20.14
CA PHE D 13 -63.22 23.85 19.81
C PHE D 13 -64.57 23.48 20.39
N SER D 14 -65.23 24.44 21.02
CA SER D 14 -66.56 24.21 21.56
C SER D 14 -67.58 24.54 20.47
N PRO D 15 -68.86 24.19 20.69
CA PRO D 15 -69.92 24.46 19.71
C PRO D 15 -70.03 25.90 19.22
N SER D 16 -69.78 26.88 20.09
CA SER D 16 -69.83 28.29 19.71
C SER D 16 -68.55 28.82 19.05
N GLY D 17 -67.54 27.96 18.87
CA GLY D 17 -66.31 28.35 18.23
C GLY D 17 -65.21 28.82 19.14
N LYS D 18 -65.33 28.58 20.44
CA LYS D 18 -64.29 29.02 21.37
C LYS D 18 -63.38 27.88 21.78
N LEU D 19 -62.25 28.24 22.35
CA LEU D 19 -61.27 27.30 22.87
C LEU D 19 -61.24 27.61 24.37
N VAL D 20 -62.17 27.00 25.11
CA VAL D 20 -62.30 27.25 26.54
C VAL D 20 -61.05 27.14 27.40
N GLN D 21 -60.15 26.21 27.09
CA GLN D 21 -58.91 26.08 27.86
C GLN D 21 -58.07 27.35 27.81
N ILE D 22 -58.03 28.00 26.64
CA ILE D 22 -57.31 29.25 26.46
C ILE D 22 -58.02 30.35 27.24
N GLU D 23 -59.34 30.30 27.28
CA GLU D 23 -60.13 31.30 28.01
C GLU D 23 -59.91 31.12 29.50
N TYR D 24 -59.74 29.87 29.94
CA TYR D 24 -59.52 29.57 31.35
C TYR D 24 -58.10 29.97 31.75
N ALA D 25 -57.19 29.90 30.78
CA ALA D 25 -55.80 30.29 30.99
C ALA D 25 -55.74 31.82 31.15
N LEU D 26 -56.61 32.52 30.43
CA LEU D 26 -56.71 33.98 30.51
C LEU D 26 -57.30 34.42 31.85
N ALA D 27 -58.13 33.57 32.46
CA ALA D 27 -58.71 33.88 33.76
C ALA D 27 -57.64 33.78 34.84
N ALA D 28 -56.69 32.88 34.64
CA ALA D 28 -55.58 32.70 35.58
C ALA D 28 -54.65 33.90 35.48
N VAL D 29 -54.51 34.43 34.27
CA VAL D 29 -53.68 35.60 34.04
C VAL D 29 -54.32 36.83 34.66
N ALA D 30 -55.64 36.92 34.54
CA ALA D 30 -56.41 38.05 35.07
C ALA D 30 -56.45 38.12 36.61
N GLY D 31 -56.25 36.98 37.26
CA GLY D 31 -56.25 36.94 38.70
C GLY D 31 -54.85 37.08 39.29
N GLY D 32 -53.87 37.27 38.42
CA GLY D 32 -52.49 37.40 38.84
C GLY D 32 -52.10 38.80 39.28
N ALA D 33 -50.88 38.94 39.78
CA ALA D 33 -50.39 40.24 40.24
C ALA D 33 -50.28 41.22 39.07
N PRO D 34 -50.65 42.48 39.30
CA PRO D 34 -50.63 43.55 38.29
C PRO D 34 -49.25 43.82 37.69
N SER D 35 -49.22 44.06 36.38
CA SER D 35 -47.97 44.35 35.68
C SER D 35 -48.25 45.48 34.70
N VAL D 36 -47.32 46.44 34.64
CA VAL D 36 -47.47 47.59 33.74
C VAL D 36 -46.25 47.72 32.83
N GLY D 37 -46.48 48.16 31.60
CA GLY D 37 -45.41 48.37 30.65
C GLY D 37 -45.65 49.69 29.97
N ILE D 38 -44.65 50.57 29.96
CA ILE D 38 -44.79 51.88 29.32
C ILE D 38 -43.63 52.21 28.40
N LYS D 39 -43.91 52.46 27.14
CA LYS D 39 -42.88 52.80 26.18
C LYS D 39 -42.68 54.30 26.12
N ALA D 40 -41.49 54.75 26.51
CA ALA D 40 -41.17 56.18 26.48
C ALA D 40 -40.51 56.53 25.16
N ALA D 41 -39.98 57.73 25.08
CA ALA D 41 -39.32 58.17 23.85
C ALA D 41 -37.93 57.57 23.73
N ASN D 42 -37.26 57.40 24.85
CA ASN D 42 -35.91 56.86 24.86
C ASN D 42 -35.73 55.62 25.73
N GLY D 43 -36.79 54.85 25.94
CA GLY D 43 -36.69 53.66 26.76
C GLY D 43 -38.03 53.06 27.13
N VAL D 44 -37.99 51.90 27.78
CA VAL D 44 -39.19 51.20 28.21
C VAL D 44 -39.10 50.88 29.70
N VAL D 45 -40.23 50.91 30.38
CA VAL D 45 -40.24 50.56 31.80
C VAL D 45 -41.20 49.40 32.06
N LEU D 46 -40.75 48.43 32.84
CA LEU D 46 -41.56 47.28 33.21
C LEU D 46 -41.68 47.29 34.74
N ALA D 47 -42.90 47.46 35.23
CA ALA D 47 -43.11 47.49 36.67
C ALA D 47 -44.14 46.44 37.09
N THR D 48 -43.85 45.75 38.18
CA THR D 48 -44.74 44.72 38.66
C THR D 48 -44.86 44.76 40.18
N GLU D 49 -46.02 44.38 40.67
CA GLU D 49 -46.26 44.34 42.10
C GLU D 49 -45.76 42.99 42.59
N LYS D 50 -44.90 42.99 43.60
CA LYS D 50 -44.38 41.74 44.14
C LYS D 50 -44.56 41.71 45.63
N LYS D 51 -45.81 41.55 46.06
CA LYS D 51 -46.13 41.49 47.48
C LYS D 51 -45.98 40.08 48.02
N GLN D 52 -45.06 39.90 48.97
CA GLN D 52 -44.85 38.61 49.59
C GLN D 52 -45.96 38.33 50.59
N LYS D 53 -46.17 37.06 50.92
CA LYS D 53 -47.20 36.69 51.88
C LYS D 53 -46.81 37.07 53.31
N SER D 54 -45.51 37.14 53.58
CA SER D 54 -45.03 37.49 54.92
C SER D 54 -43.65 38.11 54.92
N ILE D 55 -43.15 38.45 56.10
CA ILE D 55 -41.83 39.05 56.22
C ILE D 55 -40.74 37.99 56.29
N LEU D 56 -41.16 36.73 56.25
CA LEU D 56 -40.25 35.58 56.31
C LEU D 56 -39.58 35.36 54.97
N TYR D 57 -40.24 35.81 53.91
CA TYR D 57 -39.72 35.66 52.56
C TYR D 57 -38.52 36.56 52.34
N ASP D 58 -37.52 36.05 51.64
CA ASP D 58 -36.35 36.86 51.35
C ASP D 58 -36.61 37.57 50.02
N GLU D 59 -36.89 38.87 50.10
CA GLU D 59 -37.19 39.69 48.92
C GLU D 59 -36.19 39.57 47.78
N ARG D 60 -34.90 39.55 48.11
CA ARG D 60 -33.84 39.45 47.10
C ARG D 60 -33.42 38.01 46.75
N SER D 61 -34.36 37.07 46.79
CA SER D 61 -34.06 35.69 46.46
C SER D 61 -34.66 35.30 45.11
N VAL D 62 -35.81 35.89 44.79
CA VAL D 62 -36.46 35.61 43.52
C VAL D 62 -36.92 36.92 42.87
N HIS D 63 -36.87 36.95 41.54
CA HIS D 63 -37.28 38.15 40.81
C HIS D 63 -38.41 37.84 39.84
N LYS D 64 -39.15 38.87 39.47
CA LYS D 64 -40.26 38.72 38.54
C LYS D 64 -39.87 39.36 37.20
N VAL D 65 -38.95 40.31 37.25
CA VAL D 65 -38.46 40.98 36.06
C VAL D 65 -37.16 40.28 35.65
N GLU D 66 -37.14 39.67 34.47
CA GLU D 66 -35.97 38.94 34.04
C GLU D 66 -35.39 39.36 32.70
N PRO D 67 -34.06 39.44 32.63
CA PRO D 67 -33.40 39.77 31.37
C PRO D 67 -33.32 38.53 30.48
N ILE D 68 -33.51 38.70 29.19
CA ILE D 68 -33.43 37.59 28.25
C ILE D 68 -32.06 37.70 27.61
N THR D 69 -31.71 38.93 27.24
CA THR D 69 -30.43 39.25 26.64
C THR D 69 -29.96 40.55 27.28
N LYS D 70 -29.00 41.21 26.64
CA LYS D 70 -28.51 42.47 27.18
C LYS D 70 -29.48 43.61 26.86
N HIS D 71 -30.27 43.42 25.81
CA HIS D 71 -31.23 44.45 25.40
C HIS D 71 -32.70 44.05 25.52
N ILE D 72 -32.98 42.89 26.11
CA ILE D 72 -34.37 42.45 26.23
C ILE D 72 -34.76 42.03 27.65
N GLY D 73 -35.87 42.57 28.13
CA GLY D 73 -36.35 42.26 29.47
C GLY D 73 -37.76 41.70 29.45
N LEU D 74 -38.08 40.88 30.45
CA LEU D 74 -39.39 40.25 30.53
C LEU D 74 -40.08 40.42 31.86
N VAL D 75 -41.40 40.41 31.83
CA VAL D 75 -42.23 40.49 33.02
C VAL D 75 -43.52 39.73 32.70
N TYR D 76 -44.18 39.20 33.72
CA TYR D 76 -45.39 38.43 33.50
C TYR D 76 -46.47 38.70 34.52
N SER D 77 -47.66 38.16 34.23
CA SER D 77 -48.81 38.22 35.11
C SER D 77 -49.45 36.85 34.99
N GLY D 78 -49.66 36.17 36.11
CA GLY D 78 -50.27 34.85 36.09
C GLY D 78 -49.53 33.83 36.92
N MET D 79 -49.30 32.65 36.35
CA MET D 79 -48.62 31.57 37.08
C MET D 79 -47.10 31.62 37.02
N GLY D 80 -46.48 31.90 38.17
CA GLY D 80 -45.03 32.00 38.28
C GLY D 80 -44.21 30.86 37.72
N PRO D 81 -44.56 29.61 38.05
CA PRO D 81 -43.79 28.46 37.55
C PRO D 81 -43.88 28.28 36.04
N ASP D 82 -45.00 28.70 35.42
CA ASP D 82 -45.15 28.60 33.98
C ASP D 82 -44.24 29.64 33.34
N TYR D 83 -44.15 30.79 33.99
CA TYR D 83 -43.31 31.89 33.55
C TYR D 83 -41.84 31.50 33.51
N ARG D 84 -41.40 30.70 34.47
CA ARG D 84 -40.01 30.25 34.51
C ARG D 84 -39.67 29.43 33.27
N VAL D 85 -40.60 28.58 32.85
CA VAL D 85 -40.41 27.75 31.65
C VAL D 85 -40.15 28.64 30.43
N LEU D 86 -41.02 29.62 30.22
CA LEU D 86 -40.91 30.52 29.08
C LEU D 86 -39.65 31.38 29.11
N VAL D 87 -39.24 31.80 30.30
CA VAL D 87 -38.03 32.61 30.44
C VAL D 87 -36.83 31.80 29.98
N HIS D 88 -36.77 30.56 30.42
CA HIS D 88 -35.68 29.68 30.05
C HIS D 88 -35.70 29.39 28.54
N ARG D 89 -36.90 29.23 27.99
CA ARG D 89 -37.02 28.97 26.57
C ARG D 89 -36.69 30.20 25.74
N ALA D 90 -37.05 31.37 26.23
CA ALA D 90 -36.76 32.63 25.54
C ALA D 90 -35.25 32.87 25.49
N ARG D 91 -34.56 32.57 26.59
CA ARG D 91 -33.11 32.75 26.65
C ARG D 91 -32.43 31.82 25.66
N LYS D 92 -32.95 30.60 25.55
CA LYS D 92 -32.42 29.63 24.64
C LYS D 92 -32.63 30.07 23.19
N LEU D 93 -33.83 30.57 22.89
CA LEU D 93 -34.15 31.03 21.55
C LEU D 93 -33.26 32.19 21.14
N ALA D 94 -33.00 33.10 22.08
CA ALA D 94 -32.15 34.25 21.82
C ALA D 94 -30.72 33.84 21.51
N GLN D 95 -30.23 32.82 22.22
CA GLN D 95 -28.87 32.34 22.01
C GLN D 95 -28.74 31.59 20.67
N GLN D 96 -29.78 30.87 20.28
CA GLN D 96 -29.77 30.13 19.00
C GLN D 96 -29.67 31.13 17.86
N TYR D 97 -30.43 32.20 17.97
CA TYR D 97 -30.44 33.25 16.97
C TYR D 97 -29.07 33.91 16.90
N TYR D 98 -28.47 34.16 18.06
CA TYR D 98 -27.16 34.79 18.09
C TYR D 98 -26.09 33.90 17.47
N LEU D 99 -26.17 32.60 17.70
CA LEU D 99 -25.20 31.67 17.14
C LEU D 99 -25.20 31.67 15.61
N VAL D 100 -26.39 31.78 15.02
CA VAL D 100 -26.52 31.79 13.57
C VAL D 100 -26.21 33.13 12.91
N TYR D 101 -26.77 34.21 13.43
CA TYR D 101 -26.61 35.53 12.82
C TYR D 101 -25.54 36.45 13.40
N GLN D 102 -24.95 36.04 14.51
CA GLN D 102 -23.91 36.81 15.19
C GLN D 102 -24.34 38.25 15.53
N GLU D 103 -25.62 38.42 15.81
CA GLU D 103 -26.17 39.72 16.19
C GLU D 103 -27.30 39.49 17.18
N PRO D 104 -27.48 40.42 18.13
CA PRO D 104 -28.54 40.26 19.12
C PRO D 104 -29.89 40.17 18.44
N ILE D 105 -30.71 39.20 18.84
CA ILE D 105 -32.02 39.04 18.23
C ILE D 105 -32.91 40.25 18.45
N PRO D 106 -33.54 40.75 17.38
CA PRO D 106 -34.45 41.90 17.49
C PRO D 106 -35.65 41.52 18.34
N THR D 107 -36.12 42.44 19.17
CA THR D 107 -37.26 42.18 20.06
C THR D 107 -38.46 41.54 19.37
N ALA D 108 -38.86 42.06 18.21
CA ALA D 108 -40.00 41.50 17.49
C ALA D 108 -39.77 40.05 17.08
N GLN D 109 -38.55 39.72 16.69
CA GLN D 109 -38.21 38.37 16.31
C GLN D 109 -38.29 37.43 17.50
N LEU D 110 -37.86 37.88 18.67
CA LEU D 110 -37.90 37.05 19.87
C LEU D 110 -39.34 36.81 20.33
N VAL D 111 -40.16 37.85 20.28
CA VAL D 111 -41.55 37.73 20.68
C VAL D 111 -42.27 36.71 19.79
N GLN D 112 -42.01 36.77 18.49
CA GLN D 112 -42.62 35.83 17.55
C GLN D 112 -42.27 34.39 17.90
N ARG D 113 -41.01 34.14 18.25
CA ARG D 113 -40.58 32.79 18.60
C ARG D 113 -41.17 32.31 19.92
N VAL D 114 -41.29 33.22 20.89
CA VAL D 114 -41.85 32.86 22.18
C VAL D 114 -43.35 32.60 22.05
N ALA D 115 -44.02 33.40 21.22
CA ALA D 115 -45.44 33.24 20.97
C ALA D 115 -45.73 31.92 20.24
N SER D 116 -44.82 31.53 19.37
CA SER D 116 -44.94 30.28 18.65
C SER D 116 -44.90 29.10 19.62
N VAL D 117 -44.04 29.18 20.63
CA VAL D 117 -43.95 28.13 21.63
C VAL D 117 -45.26 28.03 22.42
N MET D 118 -45.83 29.19 22.75
CA MET D 118 -47.08 29.24 23.49
C MET D 118 -48.25 28.72 22.66
N GLN D 119 -48.19 28.93 21.35
CA GLN D 119 -49.24 28.46 20.46
C GLN D 119 -49.20 26.94 20.42
N GLU D 120 -47.99 26.37 20.44
CA GLU D 120 -47.78 24.93 20.43
C GLU D 120 -48.48 24.20 21.59
N TYR D 121 -48.51 24.82 22.76
CA TYR D 121 -49.16 24.27 23.94
C TYR D 121 -50.70 24.33 23.96
N THR D 122 -51.29 24.89 22.91
CA THR D 122 -52.73 24.97 22.79
C THR D 122 -53.23 23.96 21.77
N GLN D 123 -52.30 23.24 21.14
CA GLN D 123 -52.66 22.26 20.12
C GLN D 123 -51.97 20.91 20.30
N SER D 124 -50.81 20.91 20.94
CA SER D 124 -50.05 19.67 21.16
C SER D 124 -50.74 18.70 22.12
N GLY D 125 -50.38 17.43 22.04
CA GLY D 125 -50.98 16.39 22.86
C GLY D 125 -50.68 16.36 24.34
N GLY D 126 -51.71 16.05 25.13
CA GLY D 126 -51.62 15.91 26.57
C GLY D 126 -51.15 17.07 27.43
N VAL D 127 -51.25 18.29 26.93
CA VAL D 127 -50.82 19.44 27.72
C VAL D 127 -51.84 20.56 27.76
N ARG D 128 -51.74 21.38 28.78
CA ARG D 128 -52.60 22.53 28.92
C ARG D 128 -51.83 23.76 28.46
N PRO D 129 -52.53 24.85 28.15
CA PRO D 129 -51.82 26.06 27.74
C PRO D 129 -51.12 26.72 28.92
N PHE D 130 -50.17 27.59 28.66
CA PHE D 130 -49.47 28.31 29.71
C PHE D 130 -50.45 29.26 30.35
N GLY D 131 -50.40 29.38 31.68
CA GLY D 131 -51.31 30.28 32.37
C GLY D 131 -50.63 31.60 32.68
N VAL D 132 -49.98 32.19 31.67
CA VAL D 132 -49.28 33.43 31.88
C VAL D 132 -49.32 34.35 30.67
N SER D 133 -49.26 35.66 30.91
CA SER D 133 -49.20 36.63 29.84
C SER D 133 -47.86 37.33 30.03
N LEU D 134 -47.19 37.63 28.93
CA LEU D 134 -45.88 38.26 29.04
C LEU D 134 -45.84 39.68 28.53
N LEU D 135 -44.92 40.46 29.09
CA LEU D 135 -44.67 41.81 28.66
C LEU D 135 -43.20 41.79 28.31
N ILE D 136 -42.89 42.03 27.05
CA ILE D 136 -41.53 42.02 26.58
C ILE D 136 -41.11 43.42 26.14
N CYS D 137 -39.92 43.83 26.54
CA CYS D 137 -39.41 45.12 26.17
C CYS D 137 -38.02 44.97 25.56
N GLY D 138 -37.62 45.92 24.73
CA GLY D 138 -36.32 45.86 24.11
C GLY D 138 -35.94 47.12 23.37
N TRP D 139 -34.69 47.19 22.99
CA TRP D 139 -34.16 48.34 22.25
C TRP D 139 -33.36 47.84 21.06
N ASN D 140 -33.88 48.07 19.86
CA ASN D 140 -33.21 47.65 18.64
C ASN D 140 -33.16 48.81 17.65
N GLU D 141 -32.00 48.98 17.02
CA GLU D 141 -31.79 50.04 16.04
C GLU D 141 -32.27 51.41 16.51
N GLY D 142 -31.71 51.86 17.63
CA GLY D 142 -32.07 53.15 18.20
C GLY D 142 -33.57 53.35 18.36
N ARG D 143 -34.24 52.34 18.91
CA ARG D 143 -35.69 52.42 19.10
C ARG D 143 -36.17 51.43 20.17
N PRO D 144 -37.12 51.85 21.02
CA PRO D 144 -37.67 51.01 22.08
C PRO D 144 -38.91 50.21 21.62
N TYR D 145 -39.08 49.01 22.18
CA TYR D 145 -40.21 48.16 21.83
C TYR D 145 -40.92 47.62 23.05
N LEU D 146 -42.23 47.44 22.94
CA LEU D 146 -43.04 46.89 24.02
C LEU D 146 -44.07 45.94 23.42
N PHE D 147 -43.97 44.66 23.78
CA PHE D 147 -44.89 43.66 23.26
C PHE D 147 -45.59 42.89 24.36
N GLN D 148 -46.75 42.35 24.05
CA GLN D 148 -47.51 41.53 24.98
C GLN D 148 -47.80 40.21 24.30
N SER D 149 -47.50 39.12 24.98
CA SER D 149 -47.76 37.79 24.45
C SER D 149 -48.66 37.02 25.41
N ASP D 150 -49.83 36.63 24.95
CA ASP D 150 -50.78 35.90 25.81
C ASP D 150 -50.76 34.38 25.64
N PRO D 151 -51.55 33.68 26.46
CA PRO D 151 -51.66 32.21 26.47
C PRO D 151 -51.95 31.55 25.11
N SER D 152 -52.73 32.19 24.26
CA SER D 152 -53.05 31.61 22.96
C SER D 152 -51.87 31.62 21.98
N GLY D 153 -50.94 32.54 22.16
CA GLY D 153 -49.82 32.65 21.27
C GLY D 153 -49.90 33.91 20.43
N ALA D 154 -50.94 34.70 20.66
CA ALA D 154 -51.11 35.95 19.96
C ALA D 154 -50.27 37.01 20.67
N TYR D 155 -49.72 37.96 19.90
CA TYR D 155 -48.91 39.01 20.48
C TYR D 155 -49.24 40.35 19.85
N PHE D 156 -49.17 41.41 20.64
CA PHE D 156 -49.47 42.76 20.18
C PHE D 156 -48.38 43.75 20.58
N ALA D 157 -48.23 44.80 19.80
CA ALA D 157 -47.26 45.85 20.10
C ALA D 157 -48.02 46.94 20.83
N TRP D 158 -47.51 47.39 21.96
CA TRP D 158 -48.19 48.41 22.75
C TRP D 158 -47.34 49.65 22.98
N LYS D 159 -48.02 50.75 23.29
CA LYS D 159 -47.35 51.99 23.65
C LYS D 159 -47.26 51.98 25.18
N ALA D 160 -48.30 51.44 25.81
CA ALA D 160 -48.40 51.31 27.25
C ALA D 160 -49.52 50.34 27.53
N THR D 161 -49.34 49.45 28.49
CA THR D 161 -50.38 48.49 28.82
C THR D 161 -50.25 47.94 30.23
N ALA D 162 -51.29 47.25 30.67
CA ALA D 162 -51.32 46.65 32.01
C ALA D 162 -51.99 45.29 31.95
N MET D 163 -51.54 44.37 32.79
CA MET D 163 -52.15 43.04 32.86
C MET D 163 -52.32 42.62 34.32
N GLY D 164 -53.03 41.51 34.53
CA GLY D 164 -53.25 41.01 35.88
C GLY D 164 -54.42 41.67 36.57
N LYS D 165 -54.41 41.63 37.89
CA LYS D 165 -55.46 42.21 38.72
C LYS D 165 -55.76 43.66 38.34
N ASN D 166 -57.04 43.94 38.13
CA ASN D 166 -57.49 45.29 37.78
C ASN D 166 -56.78 45.90 36.59
N TYR D 167 -56.56 45.11 35.55
CA TYR D 167 -55.88 45.61 34.37
C TYR D 167 -56.75 46.54 33.53
N VAL D 168 -58.06 46.36 33.60
CA VAL D 168 -58.99 47.19 32.84
C VAL D 168 -58.97 48.64 33.31
N ASN D 169 -58.83 48.85 34.61
CA ASN D 169 -58.77 50.20 35.15
C ASN D 169 -57.40 50.79 34.88
N GLY D 170 -56.38 49.95 34.94
CA GLY D 170 -55.01 50.36 34.69
C GLY D 170 -54.84 50.87 33.28
N LYS D 171 -55.49 50.21 32.33
CA LYS D 171 -55.42 50.62 30.93
C LYS D 171 -56.12 51.96 30.73
N THR D 172 -57.22 52.17 31.43
CA THR D 172 -57.95 53.42 31.32
C THR D 172 -57.14 54.56 31.95
N PHE D 173 -56.44 54.23 33.03
CA PHE D 173 -55.62 55.22 33.71
C PHE D 173 -54.47 55.61 32.80
N LEU D 174 -53.87 54.63 32.15
CA LEU D 174 -52.76 54.85 31.23
C LEU D 174 -53.18 55.69 30.03
N GLU D 175 -54.39 55.48 29.54
CA GLU D 175 -54.88 56.23 28.38
C GLU D 175 -55.02 57.73 28.68
N LYS D 176 -55.38 58.06 29.92
CA LYS D 176 -55.55 59.44 30.33
C LYS D 176 -54.30 60.02 30.97
N ARG D 177 -53.15 59.37 30.79
CA ARG D 177 -51.90 59.85 31.39
C ARG D 177 -50.67 59.73 30.49
N TYR D 178 -50.74 58.81 29.53
CA TYR D 178 -49.65 58.55 28.60
C TYR D 178 -49.65 59.48 27.39
N ASN D 179 -48.47 59.98 27.03
CA ASN D 179 -48.30 60.83 25.86
C ASN D 179 -47.05 60.34 25.14
N GLU D 180 -46.97 60.59 23.84
CA GLU D 180 -45.84 60.13 23.03
C GLU D 180 -44.49 60.80 23.29
N ASP D 181 -44.49 62.00 23.87
CA ASP D 181 -43.24 62.72 24.13
C ASP D 181 -42.67 62.46 25.52
N LEU D 182 -43.24 61.48 26.20
CA LEU D 182 -42.80 61.11 27.55
C LEU D 182 -41.36 60.61 27.57
N GLU D 183 -40.66 60.87 28.67
CA GLU D 183 -39.27 60.43 28.81
C GLU D 183 -39.20 59.27 29.80
N LEU D 184 -38.10 58.51 29.76
CA LEU D 184 -37.93 57.37 30.64
C LEU D 184 -38.19 57.67 32.11
N GLU D 185 -37.60 58.73 32.63
CA GLU D 185 -37.80 59.10 34.02
C GLU D 185 -39.28 59.40 34.29
N ASP D 186 -39.91 60.12 33.37
CA ASP D 186 -41.33 60.45 33.48
C ASP D 186 -42.17 59.18 33.32
N ALA D 187 -41.70 58.26 32.46
CA ALA D 187 -42.39 57.01 32.23
C ALA D 187 -42.34 56.12 33.47
N ILE D 188 -41.22 56.18 34.18
CA ILE D 188 -41.05 55.40 35.39
C ILE D 188 -42.00 55.88 36.48
N HIS D 189 -42.21 57.19 36.53
CA HIS D 189 -43.10 57.77 37.54
C HIS D 189 -44.55 57.36 37.32
N THR D 190 -45.01 57.47 36.07
CA THR D 190 -46.39 57.11 35.75
C THR D 190 -46.63 55.60 35.80
N ALA D 191 -45.55 54.83 35.73
CA ALA D 191 -45.66 53.37 35.80
C ALA D 191 -45.92 52.94 37.23
N ILE D 192 -45.23 53.59 38.16
CA ILE D 192 -45.40 53.30 39.58
C ILE D 192 -46.77 53.78 40.05
N LEU D 193 -47.23 54.90 39.47
CA LEU D 193 -48.52 55.45 39.82
C LEU D 193 -49.65 54.54 39.37
N THR D 194 -49.47 53.86 38.24
CA THR D 194 -50.45 52.94 37.71
C THR D 194 -50.61 51.75 38.65
N LEU D 195 -49.50 51.30 39.21
CA LEU D 195 -49.50 50.17 40.13
C LEU D 195 -50.14 50.58 41.44
N LYS D 196 -50.00 51.86 41.79
CA LYS D 196 -50.55 52.42 43.03
C LYS D 196 -52.06 52.45 43.06
N GLU D 197 -52.68 52.56 41.88
CA GLU D 197 -54.13 52.61 41.80
C GLU D 197 -54.77 51.29 42.19
N SER D 198 -54.09 50.18 41.94
CA SER D 198 -54.62 48.87 42.28
C SER D 198 -53.90 48.24 43.46
N PHE D 199 -52.92 48.94 44.02
CA PHE D 199 -52.15 48.41 45.14
C PHE D 199 -52.98 48.32 46.41
N GLU D 200 -52.56 47.44 47.31
CA GLU D 200 -53.25 47.24 48.58
C GLU D 200 -52.86 48.30 49.60
N GLY D 201 -51.85 47.98 50.42
CA GLY D 201 -51.41 48.90 51.44
C GLY D 201 -49.91 49.08 51.54
N GLN D 202 -49.48 50.33 51.45
CA GLN D 202 -48.07 50.75 51.53
C GLN D 202 -47.09 50.18 50.51
N MET D 203 -46.89 50.94 49.44
CA MET D 203 -45.95 50.53 48.40
C MET D 203 -44.54 50.93 48.82
N THR D 204 -43.71 49.94 49.10
CA THR D 204 -42.33 50.19 49.49
C THR D 204 -41.42 49.78 48.34
N GLU D 205 -40.12 49.72 48.60
CA GLU D 205 -39.17 49.34 47.57
C GLU D 205 -38.90 47.84 47.58
N ASP D 206 -39.57 47.12 48.47
CA ASP D 206 -39.40 45.68 48.58
C ASP D 206 -40.60 44.92 48.04
N ASN D 207 -41.71 45.61 47.83
CA ASN D 207 -42.90 44.94 47.29
C ASN D 207 -43.22 45.29 45.84
N ILE D 208 -42.24 45.87 45.15
CA ILE D 208 -42.40 46.21 43.73
C ILE D 208 -41.08 46.02 43.01
N GLU D 209 -41.16 45.57 41.77
CA GLU D 209 -39.96 45.36 40.96
C GLU D 209 -40.06 46.22 39.71
N VAL D 210 -38.97 46.89 39.36
CA VAL D 210 -38.94 47.75 38.19
C VAL D 210 -37.76 47.42 37.30
N GLY D 211 -38.02 47.33 36.00
CA GLY D 211 -36.99 47.06 35.02
C GLY D 211 -37.03 48.15 33.97
N ILE D 212 -35.86 48.55 33.49
CA ILE D 212 -35.82 49.60 32.48
C ILE D 212 -35.02 49.17 31.27
N CYS D 213 -35.38 49.71 30.12
CA CYS D 213 -34.71 49.39 28.88
C CYS D 213 -34.38 50.63 28.07
N ASN D 214 -33.09 50.89 27.88
CA ASN D 214 -32.67 52.05 27.10
C ASN D 214 -31.55 51.65 26.13
N GLU D 215 -30.79 52.64 25.67
CA GLU D 215 -29.69 52.38 24.74
C GLU D 215 -28.54 51.61 25.38
N ALA D 216 -28.37 51.78 26.69
CA ALA D 216 -27.31 51.09 27.43
C ALA D 216 -27.63 49.60 27.60
N GLY D 217 -28.90 49.25 27.57
CA GLY D 217 -29.33 47.87 27.71
C GLY D 217 -30.48 47.73 28.67
N PHE D 218 -30.88 46.49 28.96
CA PHE D 218 -31.97 46.26 29.89
C PHE D 218 -31.41 45.92 31.26
N ARG D 219 -31.92 46.55 32.31
CA ARG D 219 -31.46 46.23 33.64
C ARG D 219 -32.57 46.35 34.67
N ARG D 220 -32.50 45.52 35.70
CA ARG D 220 -33.48 45.54 36.77
C ARG D 220 -33.06 46.64 37.72
N LEU D 221 -33.97 47.54 38.06
CA LEU D 221 -33.66 48.63 38.97
C LEU D 221 -33.34 48.10 40.35
N THR D 222 -32.28 48.61 40.96
CA THR D 222 -31.89 48.20 42.29
C THR D 222 -32.85 48.81 43.30
N PRO D 223 -33.05 48.13 44.43
CA PRO D 223 -33.96 48.61 45.49
C PRO D 223 -33.66 50.04 45.91
N THR D 224 -32.37 50.40 45.97
CA THR D 224 -31.99 51.76 46.35
C THR D 224 -32.55 52.75 45.33
N GLU D 225 -32.41 52.41 44.06
CA GLU D 225 -32.92 53.25 42.98
C GLU D 225 -34.43 53.39 43.05
N VAL D 226 -35.12 52.29 43.32
CA VAL D 226 -36.58 52.29 43.40
C VAL D 226 -37.09 53.17 44.55
N LYS D 227 -36.35 53.18 45.65
CA LYS D 227 -36.68 53.99 46.81
C LYS D 227 -36.71 55.47 46.46
N ASP D 228 -35.74 55.90 45.65
CA ASP D 228 -35.66 57.29 45.23
C ASP D 228 -36.88 57.70 44.40
N TYR D 229 -37.34 56.81 43.53
CA TYR D 229 -38.50 57.10 42.69
C TYR D 229 -39.76 57.16 43.52
N LEU D 230 -39.84 56.32 44.55
CA LEU D 230 -41.00 56.29 45.43
C LEU D 230 -41.05 57.53 46.32
N GLY E 7 -65.62 10.12 39.81
CA GLY E 7 -64.70 9.05 40.13
C GLY E 7 -63.27 9.54 40.27
N TYR E 8 -62.78 9.60 41.50
CA TYR E 8 -61.43 10.05 41.79
C TYR E 8 -60.48 8.90 42.05
N ASP E 9 -60.98 7.68 42.00
CA ASP E 9 -60.17 6.52 42.30
C ASP E 9 -59.97 5.56 41.13
N LEU E 10 -59.99 6.07 39.92
CA LEU E 10 -59.82 5.20 38.76
C LEU E 10 -58.39 5.17 38.24
N SER E 11 -57.62 6.20 38.56
CA SER E 11 -56.24 6.27 38.09
C SER E 11 -55.24 6.61 39.18
N ALA E 12 -53.99 6.20 38.97
CA ALA E 12 -52.90 6.47 39.91
C ALA E 12 -52.36 7.88 39.73
N SER E 13 -52.67 8.51 38.61
CA SER E 13 -52.24 9.88 38.34
C SER E 13 -53.31 10.91 38.74
N THR E 14 -54.28 10.49 39.54
CA THR E 14 -55.33 11.40 40.01
C THR E 14 -55.36 11.46 41.53
N PHE E 15 -55.25 12.67 42.04
CA PHE E 15 -55.32 12.91 43.47
C PHE E 15 -56.77 13.14 43.79
N SER E 16 -57.24 12.63 44.92
CA SER E 16 -58.60 12.89 45.32
C SER E 16 -58.63 14.24 46.03
N PRO E 17 -59.82 14.82 46.22
CA PRO E 17 -59.95 16.13 46.89
C PRO E 17 -59.27 16.26 48.26
N ASP E 18 -59.20 15.19 49.06
CA ASP E 18 -58.53 15.24 50.35
C ASP E 18 -57.05 14.81 50.28
N GLY E 19 -56.48 14.83 49.08
CA GLY E 19 -55.07 14.49 48.87
C GLY E 19 -54.66 13.05 48.92
N ARG E 20 -55.49 12.15 48.41
CA ARG E 20 -55.15 10.73 48.44
C ARG E 20 -55.14 10.11 47.05
N VAL E 21 -54.34 9.07 46.89
CA VAL E 21 -54.28 8.33 45.63
C VAL E 21 -54.98 7.02 45.93
N PHE E 22 -56.28 6.96 45.67
CA PHE E 22 -57.08 5.77 45.95
C PHE E 22 -56.63 4.47 45.30
N GLN E 23 -56.04 4.55 44.10
CA GLN E 23 -55.57 3.34 43.42
C GLN E 23 -54.45 2.63 44.20
N VAL E 24 -53.59 3.42 44.85
CA VAL E 24 -52.50 2.86 45.64
C VAL E 24 -53.05 2.19 46.89
N GLU E 25 -54.13 2.76 47.42
CA GLU E 25 -54.77 2.20 48.61
C GLU E 25 -55.55 0.93 48.30
N TYR E 26 -56.05 0.82 47.08
CA TYR E 26 -56.80 -0.35 46.65
C TYR E 26 -55.83 -1.52 46.45
N ALA E 27 -54.61 -1.21 46.06
CA ALA E 27 -53.57 -2.21 45.88
C ALA E 27 -53.12 -2.76 47.23
N MET E 28 -53.20 -1.94 48.27
CA MET E 28 -52.87 -2.35 49.63
C MET E 28 -53.90 -3.30 50.22
N LYS E 29 -55.14 -3.23 49.73
CA LYS E 29 -56.21 -4.11 50.17
C LYS E 29 -55.89 -5.54 49.75
N ALA E 30 -55.33 -5.69 48.55
CA ALA E 30 -54.93 -6.98 48.02
C ALA E 30 -53.88 -7.67 48.91
N VAL E 31 -52.96 -6.89 49.47
CA VAL E 31 -51.95 -7.40 50.38
C VAL E 31 -52.61 -7.87 51.69
N GLU E 32 -53.63 -7.15 52.13
CA GLU E 32 -54.35 -7.47 53.37
C GLU E 32 -55.24 -8.71 53.24
N ASN E 33 -55.42 -9.20 52.02
CA ASN E 33 -56.23 -10.38 51.80
C ASN E 33 -55.37 -11.63 51.80
N SER E 34 -54.07 -11.43 51.63
CA SER E 34 -53.11 -12.53 51.57
C SER E 34 -52.79 -13.11 52.94
N SER E 35 -52.12 -14.26 52.93
CA SER E 35 -51.72 -14.93 54.16
C SER E 35 -50.54 -14.21 54.80
N THR E 36 -50.37 -14.41 56.09
CA THR E 36 -49.31 -13.75 56.85
C THR E 36 -47.89 -14.29 56.62
N ALA E 37 -46.94 -13.36 56.60
CA ALA E 37 -45.53 -13.67 56.46
C ALA E 37 -44.83 -12.77 57.47
N ILE E 38 -43.93 -13.33 58.25
CA ILE E 38 -43.24 -12.54 59.24
C ILE E 38 -41.73 -12.63 59.10
N GLY E 39 -41.05 -11.58 59.52
CA GLY E 39 -39.60 -11.54 59.47
C GLY E 39 -39.09 -11.07 60.81
N ILE E 40 -38.11 -11.77 61.36
CA ILE E 40 -37.55 -11.39 62.63
C ILE E 40 -36.05 -11.22 62.54
N ARG E 41 -35.56 -10.08 62.99
CA ARG E 41 -34.14 -9.81 62.98
C ARG E 41 -33.58 -10.01 64.37
N CYS E 42 -32.60 -10.89 64.50
CA CYS E 42 -31.98 -11.14 65.80
C CYS E 42 -30.55 -10.66 65.77
N LYS E 43 -29.73 -11.18 66.65
CA LYS E 43 -28.33 -10.80 66.72
C LYS E 43 -27.48 -11.46 65.64
N ASP E 44 -27.78 -12.71 65.32
CA ASP E 44 -26.99 -13.46 64.34
C ASP E 44 -27.47 -13.39 62.89
N GLY E 45 -28.74 -13.04 62.67
CA GLY E 45 -29.26 -12.98 61.32
C GLY E 45 -30.75 -12.65 61.21
N VAL E 46 -31.37 -13.14 60.15
CA VAL E 46 -32.79 -12.90 59.90
C VAL E 46 -33.52 -14.20 59.57
N VAL E 47 -34.68 -14.40 60.19
CA VAL E 47 -35.48 -15.59 59.93
C VAL E 47 -36.80 -15.19 59.28
N PHE E 48 -37.19 -15.91 58.24
CA PHE E 48 -38.45 -15.64 57.55
C PHE E 48 -39.42 -16.78 57.74
N GLY E 49 -40.69 -16.46 57.95
CA GLY E 49 -41.72 -17.46 58.14
C GLY E 49 -42.98 -17.09 57.42
N VAL E 50 -43.49 -18.00 56.61
CA VAL E 50 -44.71 -17.75 55.85
C VAL E 50 -45.74 -18.84 56.07
N GLU E 51 -47.00 -18.43 56.23
CA GLU E 51 -48.10 -19.36 56.39
C GLU E 51 -48.67 -19.58 54.99
N LYS E 52 -48.08 -20.51 54.26
CA LYS E 52 -48.51 -20.81 52.90
C LYS E 52 -49.77 -21.68 52.87
N LEU E 53 -50.89 -21.07 52.52
CA LEU E 53 -52.16 -21.77 52.45
C LEU E 53 -52.20 -22.79 51.31
N VAL E 54 -52.58 -24.02 51.63
CA VAL E 54 -52.70 -25.05 50.62
C VAL E 54 -54.16 -25.08 50.18
N LEU E 55 -54.43 -24.47 49.04
CA LEU E 55 -55.78 -24.36 48.50
C LEU E 55 -56.36 -25.62 47.88
N SER E 56 -55.54 -26.65 47.73
CA SER E 56 -56.00 -27.90 47.15
C SER E 56 -55.05 -29.01 47.53
N LYS E 57 -55.58 -30.23 47.60
CA LYS E 57 -54.78 -31.41 47.95
C LYS E 57 -54.00 -31.92 46.74
N LEU E 58 -54.42 -31.49 45.55
CA LEU E 58 -53.79 -31.86 44.30
C LEU E 58 -52.42 -31.19 44.09
N TYR E 59 -52.18 -30.09 44.78
CA TYR E 59 -50.91 -29.38 44.66
C TYR E 59 -49.79 -30.12 45.36
N GLU E 60 -48.59 -30.03 44.81
CA GLU E 60 -47.41 -30.67 45.41
C GLU E 60 -46.90 -29.80 46.54
N GLU E 61 -46.16 -30.39 47.47
CA GLU E 61 -45.60 -29.63 48.57
C GLU E 61 -44.46 -28.77 48.03
N GLY E 62 -44.52 -27.47 48.32
CA GLY E 62 -43.51 -26.55 47.84
C GLY E 62 -44.01 -25.74 46.66
N SER E 63 -45.27 -25.94 46.29
CA SER E 63 -45.87 -25.21 45.18
C SER E 63 -46.21 -23.80 45.62
N ASN E 64 -46.07 -22.85 44.69
CA ASN E 64 -46.36 -21.45 44.97
C ASN E 64 -45.64 -20.95 46.21
N LYS E 65 -44.32 -21.10 46.23
CA LYS E 65 -43.52 -20.65 47.35
C LYS E 65 -43.55 -19.13 47.46
N ARG E 66 -43.48 -18.62 48.68
CA ARG E 66 -43.49 -17.19 48.89
C ARG E 66 -42.17 -16.68 49.44
N LEU E 67 -41.15 -17.55 49.43
CA LEU E 67 -39.82 -17.20 49.89
C LEU E 67 -38.84 -17.31 48.74
N PHE E 68 -38.22 -16.20 48.38
CA PHE E 68 -37.29 -16.19 47.26
C PHE E 68 -35.86 -15.86 47.63
N ASN E 69 -34.96 -16.18 46.71
CA ASN E 69 -33.55 -15.86 46.86
C ASN E 69 -33.30 -14.82 45.79
N VAL E 70 -33.06 -13.57 46.17
CA VAL E 70 -32.82 -12.53 45.17
C VAL E 70 -31.33 -12.32 44.93
N ASP E 71 -30.53 -12.89 45.83
CA ASP E 71 -29.07 -12.84 45.77
C ASP E 71 -28.54 -13.89 46.74
N ARG E 72 -27.23 -14.16 46.68
CA ARG E 72 -26.59 -15.12 47.57
C ARG E 72 -26.85 -14.86 49.05
N HIS E 73 -26.79 -13.60 49.45
CA HIS E 73 -26.99 -13.21 50.83
C HIS E 73 -28.34 -12.54 51.12
N VAL E 74 -29.26 -12.53 50.15
CA VAL E 74 -30.55 -11.88 50.36
C VAL E 74 -31.80 -12.74 50.12
N GLY E 75 -32.69 -12.75 51.11
CA GLY E 75 -33.94 -13.49 51.03
C GLY E 75 -35.12 -12.54 50.94
N MET E 76 -36.20 -12.98 50.31
CA MET E 76 -37.38 -12.14 50.13
C MET E 76 -38.67 -12.88 50.48
N ALA E 77 -39.44 -12.32 51.40
CA ALA E 77 -40.71 -12.90 51.80
C ALA E 77 -41.81 -11.99 51.23
N VAL E 78 -42.79 -12.58 50.57
CA VAL E 78 -43.85 -11.77 49.95
C VAL E 78 -45.28 -12.07 50.41
N ALA E 79 -46.16 -11.10 50.17
CA ALA E 79 -47.58 -11.21 50.49
C ALA E 79 -48.37 -10.43 49.45
N GLY E 80 -49.50 -10.98 49.02
CA GLY E 80 -50.33 -10.32 48.03
C GLY E 80 -50.43 -11.11 46.73
N LEU E 81 -50.51 -10.41 45.62
CA LEU E 81 -50.60 -11.04 44.30
C LEU E 81 -49.30 -11.74 43.96
N LEU E 82 -49.31 -13.06 43.95
CA LEU E 82 -48.10 -13.83 43.66
C LEU E 82 -47.42 -13.49 42.34
N ALA E 83 -48.20 -13.22 41.29
CA ALA E 83 -47.64 -12.86 39.99
C ALA E 83 -46.91 -11.52 40.04
N ASP E 84 -47.48 -10.58 40.79
CA ASP E 84 -46.87 -9.27 40.95
C ASP E 84 -45.58 -9.41 41.76
N ALA E 85 -45.64 -10.26 42.79
CA ALA E 85 -44.49 -10.50 43.65
C ALA E 85 -43.34 -11.18 42.91
N ARG E 86 -43.66 -12.12 42.03
CA ARG E 86 -42.64 -12.82 41.27
C ARG E 86 -41.90 -11.85 40.36
N SER E 87 -42.64 -10.88 39.83
CA SER E 87 -42.06 -9.86 38.95
C SER E 87 -41.11 -8.99 39.75
N LEU E 88 -41.50 -8.64 40.96
CA LEU E 88 -40.68 -7.81 41.82
C LEU E 88 -39.41 -8.53 42.24
N ALA E 89 -39.51 -9.85 42.43
CA ALA E 89 -38.35 -10.66 42.78
C ALA E 89 -37.33 -10.67 41.63
N ASP E 90 -37.83 -10.68 40.39
CA ASP E 90 -36.95 -10.67 39.23
C ASP E 90 -36.28 -9.30 39.10
N ILE E 91 -37.00 -8.24 39.45
CA ILE E 91 -36.47 -6.89 39.40
C ILE E 91 -35.34 -6.75 40.42
N ALA E 92 -35.53 -7.33 41.59
CA ALA E 92 -34.55 -7.29 42.66
C ALA E 92 -33.30 -8.09 42.32
N ARG E 93 -33.49 -9.25 41.69
CA ARG E 93 -32.39 -10.11 41.31
C ARG E 93 -31.49 -9.42 40.30
N GLU E 94 -32.13 -8.75 39.36
CA GLU E 94 -31.42 -8.03 38.31
C GLU E 94 -30.67 -6.85 38.89
N GLU E 95 -31.25 -6.21 39.90
CA GLU E 95 -30.62 -5.07 40.56
C GLU E 95 -29.36 -5.50 41.30
N ALA E 96 -29.43 -6.65 41.98
CA ALA E 96 -28.29 -7.17 42.71
C ALA E 96 -27.18 -7.58 41.75
N SER E 97 -27.56 -8.24 40.66
CA SER E 97 -26.60 -8.68 39.67
C SER E 97 -25.93 -7.48 39.00
N ASN E 98 -26.72 -6.45 38.72
CA ASN E 98 -26.21 -5.24 38.09
C ASN E 98 -25.19 -4.54 38.98
N PHE E 99 -25.45 -4.51 40.28
CA PHE E 99 -24.57 -3.88 41.24
C PHE E 99 -23.22 -4.60 41.32
N ARG E 100 -23.26 -5.92 41.28
CA ARG E 100 -22.03 -6.71 41.34
C ARG E 100 -21.16 -6.45 40.10
N SER E 101 -21.80 -6.28 38.96
CA SER E 101 -21.09 -6.02 37.72
C SER E 101 -20.44 -4.64 37.71
N ASN E 102 -21.15 -3.63 38.18
CA ASN E 102 -20.64 -2.27 38.18
C ASN E 102 -19.62 -1.93 39.27
N PHE E 103 -19.83 -2.45 40.48
CA PHE E 103 -18.95 -2.10 41.59
C PHE E 103 -18.07 -3.22 42.13
N GLY E 104 -18.26 -4.43 41.64
CA GLY E 104 -17.45 -5.57 42.05
C GLY E 104 -17.66 -6.24 43.39
N TYR E 105 -18.80 -6.01 44.05
CA TYR E 105 -19.06 -6.66 45.34
C TYR E 105 -20.54 -6.78 45.68
N ASN E 106 -20.87 -7.56 46.71
CA ASN E 106 -22.25 -7.78 47.14
C ASN E 106 -23.00 -6.50 47.48
N ILE E 107 -24.14 -6.30 46.82
CA ILE E 107 -24.93 -5.10 47.07
C ILE E 107 -25.40 -5.02 48.52
N PRO E 108 -25.21 -3.86 49.16
CA PRO E 108 -25.69 -3.68 50.54
C PRO E 108 -27.22 -3.77 50.54
N LEU E 109 -27.80 -4.40 51.54
CA LEU E 109 -29.26 -4.56 51.61
C LEU E 109 -30.05 -3.26 51.53
N LYS E 110 -29.63 -2.27 52.30
CA LYS E 110 -30.31 -0.97 52.32
C LYS E 110 -30.37 -0.33 50.94
N HIS E 111 -29.28 -0.42 50.18
CA HIS E 111 -29.24 0.13 48.84
C HIS E 111 -30.15 -0.67 47.91
N LEU E 112 -30.21 -1.98 48.10
CA LEU E 112 -31.05 -2.85 47.29
C LEU E 112 -32.52 -2.53 47.56
N ALA E 113 -32.84 -2.29 48.83
CA ALA E 113 -34.19 -1.96 49.24
C ALA E 113 -34.62 -0.61 48.66
N ASP E 114 -33.68 0.32 48.57
CA ASP E 114 -33.95 1.64 48.00
C ASP E 114 -34.27 1.56 46.53
N ARG E 115 -33.47 0.79 45.79
CA ARG E 115 -33.66 0.65 44.34
C ARG E 115 -34.99 0.01 44.01
N VAL E 116 -35.31 -1.09 44.67
CA VAL E 116 -36.56 -1.79 44.43
C VAL E 116 -37.76 -0.93 44.80
N ALA E 117 -37.65 -0.22 45.92
CA ALA E 117 -38.75 0.64 46.37
C ALA E 117 -39.05 1.75 45.37
N MET E 118 -38.02 2.30 44.74
CA MET E 118 -38.21 3.37 43.77
C MET E 118 -38.82 2.81 42.48
N TYR E 119 -38.50 1.56 42.19
CA TYR E 119 -39.07 0.91 41.02
C TYR E 119 -40.56 0.70 41.31
N VAL E 120 -40.87 0.30 42.54
CA VAL E 120 -42.24 0.11 42.98
C VAL E 120 -42.96 1.46 42.96
N HIS E 121 -42.29 2.50 43.42
CA HIS E 121 -42.85 3.87 43.44
C HIS E 121 -43.22 4.41 42.06
N ALA E 122 -42.49 4.01 41.02
CA ALA E 122 -42.73 4.41 39.64
C ALA E 122 -44.09 3.97 39.06
N TYR E 123 -44.69 2.92 39.62
CA TYR E 123 -45.99 2.45 39.18
C TYR E 123 -47.16 3.11 39.92
N THR E 124 -46.90 4.18 40.66
CA THR E 124 -47.94 4.88 41.41
C THR E 124 -48.14 6.33 40.96
N LEU E 125 -47.64 6.69 39.78
CA LEU E 125 -47.74 8.06 39.31
C LEU E 125 -48.54 8.27 38.05
N TYR E 126 -48.78 7.21 37.29
CA TYR E 126 -49.44 7.33 36.00
C TYR E 126 -50.73 6.55 35.81
N SER E 127 -51.44 6.89 34.76
CA SER E 127 -52.66 6.18 34.40
C SER E 127 -52.29 5.01 33.48
N ALA E 128 -51.12 5.10 32.86
CA ALA E 128 -50.60 4.08 31.95
C ALA E 128 -50.30 2.73 32.62
N VAL E 129 -49.99 2.76 33.91
CA VAL E 129 -49.69 1.53 34.64
C VAL E 129 -50.44 1.51 35.96
N ARG E 130 -50.52 0.34 36.58
CA ARG E 130 -51.19 0.23 37.86
C ARG E 130 -50.20 -0.17 38.94
N PRO E 131 -50.46 0.26 40.19
CA PRO E 131 -49.61 -0.06 41.33
C PRO E 131 -49.50 -1.56 41.58
N PHE E 132 -48.33 -2.01 42.03
CA PHE E 132 -48.10 -3.42 42.33
C PHE E 132 -49.01 -3.84 43.48
N GLY E 133 -49.53 -5.06 43.41
CA GLY E 133 -50.42 -5.55 44.44
C GLY E 133 -49.77 -6.45 45.49
N CYS E 134 -48.57 -6.10 45.93
CA CYS E 134 -47.90 -6.93 46.91
C CYS E 134 -46.96 -6.16 47.83
N SER E 135 -46.58 -6.82 48.92
CA SER E 135 -45.67 -6.29 49.91
C SER E 135 -44.60 -7.34 50.11
N PHE E 136 -43.39 -6.93 50.42
CA PHE E 136 -42.34 -7.91 50.63
C PHE E 136 -41.30 -7.45 51.65
N MET E 137 -40.59 -8.43 52.20
CA MET E 137 -39.55 -8.15 53.18
C MET E 137 -38.23 -8.60 52.59
N LEU E 138 -37.16 -7.90 52.96
CA LEU E 138 -35.83 -8.24 52.49
C LEU E 138 -34.94 -8.46 53.70
N GLY E 139 -34.37 -9.65 53.81
CA GLY E 139 -33.50 -9.97 54.92
C GLY E 139 -32.12 -10.31 54.43
N SER E 140 -31.10 -9.94 55.19
CA SER E 140 -29.74 -10.21 54.79
C SER E 140 -28.79 -10.20 55.96
N TYR E 141 -27.59 -10.74 55.75
CA TYR E 141 -26.58 -10.77 56.78
C TYR E 141 -25.17 -10.82 56.20
N SER E 142 -24.28 -9.97 56.72
CA SER E 142 -22.89 -9.93 56.31
C SER E 142 -22.08 -9.50 57.52
N VAL E 143 -20.81 -9.90 57.56
CA VAL E 143 -19.95 -9.54 58.67
C VAL E 143 -19.91 -8.03 58.88
N ASN E 144 -19.71 -7.30 57.79
CA ASN E 144 -19.63 -5.84 57.84
C ASN E 144 -20.91 -5.13 58.28
N ASP E 145 -22.02 -5.43 57.61
CA ASP E 145 -23.30 -4.79 57.90
C ASP E 145 -24.12 -5.41 59.04
N GLY E 146 -23.95 -6.69 59.29
CA GLY E 146 -24.72 -7.37 60.32
C GLY E 146 -26.04 -7.80 59.73
N ALA E 147 -27.04 -7.99 60.58
CA ALA E 147 -28.37 -8.41 60.12
C ALA E 147 -29.22 -7.21 59.70
N GLN E 148 -29.90 -7.34 58.57
CA GLN E 148 -30.75 -6.26 58.06
C GLN E 148 -32.10 -6.82 57.59
N LEU E 149 -33.16 -6.07 57.85
CA LEU E 149 -34.50 -6.47 57.49
C LEU E 149 -35.30 -5.26 57.04
N TYR E 150 -35.72 -5.27 55.79
CA TYR E 150 -36.49 -4.16 55.24
C TYR E 150 -37.83 -4.62 54.70
N MET E 151 -38.80 -3.72 54.72
CA MET E 151 -40.12 -4.04 54.20
C MET E 151 -40.59 -2.94 53.26
N ILE E 152 -41.09 -3.33 52.10
CA ILE E 152 -41.58 -2.39 51.11
C ILE E 152 -43.03 -2.70 50.77
N ASP E 153 -43.88 -1.68 50.77
CA ASP E 153 -45.27 -1.89 50.42
C ASP E 153 -45.58 -1.30 49.04
N PRO E 154 -46.82 -1.46 48.57
CA PRO E 154 -47.27 -0.99 47.24
C PRO E 154 -47.03 0.49 46.91
N SER E 155 -46.98 1.38 47.90
CA SER E 155 -46.75 2.79 47.62
C SER E 155 -45.28 3.09 47.34
N GLY E 156 -44.40 2.20 47.77
CA GLY E 156 -42.98 2.38 47.54
C GLY E 156 -42.17 2.78 48.75
N VAL E 157 -42.83 2.89 49.90
CA VAL E 157 -42.12 3.25 51.13
C VAL E 157 -41.41 2.03 51.70
N SER E 158 -40.16 2.20 52.09
CA SER E 158 -39.37 1.12 52.67
C SER E 158 -38.72 1.55 53.98
N TYR E 159 -38.74 0.65 54.97
CA TYR E 159 -38.15 0.93 56.28
C TYR E 159 -37.40 -0.29 56.79
N GLY E 160 -36.53 -0.06 57.77
CA GLY E 160 -35.79 -1.13 58.40
C GLY E 160 -36.56 -1.55 59.62
N TYR E 161 -36.57 -2.83 59.94
CA TYR E 161 -37.32 -3.34 61.08
C TYR E 161 -36.54 -4.31 61.94
N TRP E 162 -37.02 -4.46 63.17
CA TRP E 162 -36.48 -5.43 64.11
C TRP E 162 -37.33 -6.69 63.99
N GLY E 163 -38.60 -6.50 63.67
CA GLY E 163 -39.56 -7.56 63.48
C GLY E 163 -40.63 -6.97 62.58
N CYS E 164 -41.15 -7.76 61.66
CA CYS E 164 -42.17 -7.26 60.75
C CYS E 164 -43.16 -8.35 60.36
N ALA E 165 -44.36 -7.94 59.99
CA ALA E 165 -45.37 -8.89 59.57
C ALA E 165 -46.21 -8.27 58.46
N ILE E 166 -46.58 -9.07 57.48
CA ILE E 166 -47.39 -8.61 56.37
C ILE E 166 -48.46 -9.64 56.07
N GLY E 167 -49.59 -9.21 55.55
CA GLY E 167 -50.66 -10.13 55.25
C GLY E 167 -51.91 -9.82 56.06
N LYS E 168 -52.86 -10.73 56.08
CA LYS E 168 -54.12 -10.52 56.80
C LYS E 168 -54.00 -10.36 58.31
N ALA E 169 -53.23 -11.23 58.97
CA ALA E 169 -53.08 -11.15 60.41
C ALA E 169 -51.80 -10.42 60.81
N ARG E 170 -51.52 -9.31 60.14
CA ARG E 170 -50.34 -8.52 60.42
C ARG E 170 -50.36 -7.85 61.80
N GLN E 171 -51.55 -7.50 62.27
CA GLN E 171 -51.68 -6.86 63.56
C GLN E 171 -51.51 -7.85 64.71
N ALA E 172 -52.16 -9.01 64.58
CA ALA E 172 -52.07 -10.04 65.60
C ALA E 172 -50.66 -10.61 65.68
N ALA E 173 -50.01 -10.72 64.52
CA ALA E 173 -48.64 -11.23 64.47
C ALA E 173 -47.68 -10.25 65.12
N LYS E 174 -47.92 -8.96 64.91
CA LYS E 174 -47.06 -7.92 65.47
C LYS E 174 -47.05 -7.94 67.00
N THR E 175 -48.20 -8.19 67.60
CA THR E 175 -48.30 -8.25 69.05
C THR E 175 -47.46 -9.41 69.58
N GLU E 176 -47.50 -10.54 68.88
CA GLU E 176 -46.73 -11.71 69.26
C GLU E 176 -45.23 -11.44 69.14
N ILE E 177 -44.85 -10.72 68.10
CA ILE E 177 -43.45 -10.38 67.85
C ILE E 177 -42.87 -9.43 68.88
N GLU E 178 -43.70 -8.55 69.42
CA GLU E 178 -43.24 -7.58 70.42
C GLU E 178 -42.92 -8.20 71.78
N LYS E 179 -43.45 -9.37 72.07
CA LYS E 179 -43.18 -10.07 73.32
C LYS E 179 -41.76 -10.64 73.38
N LEU E 180 -41.19 -10.92 72.21
CA LEU E 180 -39.84 -11.47 72.14
C LEU E 180 -38.76 -10.40 72.24
N GLN E 181 -37.59 -10.82 72.71
CA GLN E 181 -36.44 -9.94 72.83
C GLN E 181 -35.43 -10.43 71.79
N MET E 182 -35.78 -10.23 70.52
CA MET E 182 -34.94 -10.66 69.40
C MET E 182 -33.55 -10.04 69.32
N LYS E 183 -33.38 -8.84 69.84
CA LYS E 183 -32.08 -8.15 69.80
C LYS E 183 -30.92 -9.00 70.34
N GLU E 184 -31.13 -9.67 71.46
CA GLU E 184 -30.09 -10.50 72.06
C GLU E 184 -30.26 -12.00 71.75
N MET E 185 -31.20 -12.34 70.88
CA MET E 185 -31.44 -13.74 70.51
C MET E 185 -30.62 -14.18 69.32
N THR E 186 -30.53 -15.48 69.12
CA THR E 186 -29.79 -16.03 67.98
C THR E 186 -30.75 -16.72 67.02
N CYS E 187 -30.34 -16.86 65.78
CA CYS E 187 -31.17 -17.48 64.75
C CYS E 187 -31.77 -18.84 65.14
N ARG E 188 -30.95 -19.70 65.74
CA ARG E 188 -31.41 -21.03 66.13
C ARG E 188 -32.64 -21.07 67.04
N ASP E 189 -32.65 -20.23 68.06
CA ASP E 189 -33.78 -20.20 68.98
C ASP E 189 -34.94 -19.34 68.45
N ILE E 190 -34.64 -18.48 67.49
CA ILE E 190 -35.66 -17.62 66.91
C ILE E 190 -36.53 -18.36 65.90
N VAL E 191 -35.97 -19.39 65.26
CA VAL E 191 -36.72 -20.17 64.28
C VAL E 191 -37.96 -20.80 64.90
N LYS E 192 -37.81 -21.34 66.11
CA LYS E 192 -38.93 -21.97 66.81
C LYS E 192 -39.99 -20.93 67.15
N GLU E 193 -39.55 -19.75 67.56
CA GLU E 193 -40.47 -18.67 67.92
C GLU E 193 -41.28 -18.19 66.72
N VAL E 194 -40.62 -18.11 65.56
CA VAL E 194 -41.29 -17.67 64.35
C VAL E 194 -42.37 -18.69 63.98
N ALA E 195 -42.04 -19.97 64.10
CA ALA E 195 -42.98 -21.03 63.79
C ALA E 195 -44.18 -20.94 64.74
N LYS E 196 -43.90 -20.70 66.01
CA LYS E 196 -44.93 -20.58 67.02
C LYS E 196 -45.93 -19.46 66.71
N ILE E 197 -45.42 -18.28 66.36
CA ILE E 197 -46.27 -17.14 66.04
C ILE E 197 -47.18 -17.41 64.85
N ILE E 198 -46.66 -18.06 63.82
CA ILE E 198 -47.47 -18.35 62.64
C ILE E 198 -48.60 -19.32 62.96
N TYR E 199 -48.35 -20.26 63.88
CA TYR E 199 -49.38 -21.22 64.27
C TYR E 199 -50.47 -20.55 65.10
N ILE E 200 -50.08 -19.52 65.85
CA ILE E 200 -51.02 -18.78 66.68
C ILE E 200 -51.94 -17.89 65.85
N VAL E 201 -51.38 -17.20 64.86
CA VAL E 201 -52.18 -16.30 64.02
C VAL E 201 -52.94 -17.01 62.92
N HIS E 202 -52.66 -18.30 62.71
CA HIS E 202 -53.35 -19.04 61.69
C HIS E 202 -54.79 -19.29 62.10
N ASP E 203 -55.72 -19.09 61.17
CA ASP E 203 -57.13 -19.29 61.43
C ASP E 203 -57.51 -20.73 61.11
N GLU E 204 -58.38 -21.32 61.92
CA GLU E 204 -58.79 -22.70 61.69
C GLU E 204 -60.14 -22.76 60.98
N VAL E 205 -61.09 -21.96 61.47
CA VAL E 205 -62.43 -21.92 60.87
C VAL E 205 -62.33 -21.64 59.38
N LYS E 206 -61.63 -20.55 59.03
CA LYS E 206 -61.43 -20.19 57.63
C LYS E 206 -60.03 -20.62 57.23
N ASP E 207 -59.76 -20.67 55.93
CA ASP E 207 -58.45 -21.06 55.41
C ASP E 207 -57.88 -22.33 56.02
N LYS E 208 -58.65 -23.40 56.06
CA LYS E 208 -58.17 -24.65 56.62
C LYS E 208 -57.03 -25.22 55.79
N ALA E 209 -56.08 -25.86 56.49
CA ALA E 209 -54.86 -26.49 55.94
C ALA E 209 -53.79 -25.55 55.35
N PHE E 210 -52.65 -25.49 56.02
CA PHE E 210 -51.55 -24.64 55.60
C PHE E 210 -50.21 -25.33 55.79
N GLU E 211 -49.21 -24.85 55.07
CA GLU E 211 -47.86 -25.39 55.14
C GLU E 211 -46.94 -24.28 55.61
N LEU E 212 -46.04 -24.58 56.54
CA LEU E 212 -45.12 -23.58 57.06
C LEU E 212 -43.83 -23.48 56.25
N GLU E 213 -43.51 -22.29 55.77
CA GLU E 213 -42.31 -22.05 55.00
C GLU E 213 -41.30 -21.30 55.87
N LEU E 214 -40.08 -21.79 55.96
CA LEU E 214 -39.06 -21.14 56.76
C LEU E 214 -37.76 -20.98 56.01
N SER E 215 -37.13 -19.82 56.18
CA SER E 215 -35.86 -19.52 55.55
C SER E 215 -35.09 -18.60 56.48
N TRP E 216 -33.77 -18.60 56.35
CA TRP E 216 -32.96 -17.75 57.21
C TRP E 216 -31.63 -17.41 56.59
N VAL E 217 -31.01 -16.38 57.12
CA VAL E 217 -29.70 -15.93 56.67
C VAL E 217 -29.02 -15.31 57.86
N GLY E 218 -27.79 -15.70 58.12
CA GLY E 218 -27.05 -15.17 59.24
C GLY E 218 -25.72 -15.85 59.43
N GLU E 219 -25.20 -15.77 60.65
CA GLU E 219 -23.91 -16.37 60.99
C GLU E 219 -23.93 -17.89 60.87
N ILE E 220 -25.07 -18.51 61.15
CA ILE E 220 -25.24 -19.96 61.08
C ILE E 220 -25.21 -20.53 59.65
N THR E 221 -25.47 -19.69 58.66
CA THR E 221 -25.46 -20.11 57.26
C THR E 221 -24.32 -19.44 56.49
N LYS E 222 -23.38 -18.87 57.24
CA LYS E 222 -22.23 -18.15 56.68
C LYS E 222 -22.62 -17.07 55.67
N GLY E 223 -23.65 -16.31 55.97
CA GLY E 223 -24.12 -15.24 55.11
C GLY E 223 -24.88 -15.66 53.86
N ARG E 224 -25.25 -16.93 53.77
CA ARG E 224 -25.99 -17.41 52.61
C ARG E 224 -27.47 -17.63 52.94
N HIS E 225 -28.37 -16.97 52.22
CA HIS E 225 -29.79 -17.14 52.49
C HIS E 225 -30.28 -18.46 51.94
N GLU E 226 -30.90 -19.26 52.80
CA GLU E 226 -31.39 -20.57 52.38
C GLU E 226 -32.56 -21.02 53.22
N ILE E 227 -33.22 -22.07 52.72
CA ILE E 227 -34.36 -22.68 53.37
C ILE E 227 -33.85 -23.36 54.64
N VAL E 228 -34.55 -23.18 55.74
CA VAL E 228 -34.17 -23.79 56.99
C VAL E 228 -34.17 -25.31 56.82
N PRO E 229 -33.08 -25.98 57.24
CA PRO E 229 -32.95 -27.44 57.14
C PRO E 229 -34.16 -28.16 57.70
N LYS E 230 -34.65 -29.16 56.96
CA LYS E 230 -35.82 -29.95 57.35
C LYS E 230 -35.89 -30.37 58.82
N ASP E 231 -34.81 -30.97 59.33
CA ASP E 231 -34.78 -31.42 60.71
C ASP E 231 -34.90 -30.29 61.73
N ILE E 232 -34.41 -29.11 61.39
CA ILE E 232 -34.49 -27.96 62.29
C ILE E 232 -35.91 -27.40 62.27
N ARG E 233 -36.58 -27.57 61.13
CA ARG E 233 -37.95 -27.11 60.94
C ARG E 233 -38.92 -28.07 61.62
N GLU E 234 -38.48 -29.32 61.81
CA GLU E 234 -39.29 -30.34 62.46
C GLU E 234 -39.45 -29.98 63.93
N GLU E 235 -38.34 -29.62 64.57
CA GLU E 235 -38.39 -29.22 65.97
C GLU E 235 -39.30 -28.01 66.16
N ALA E 236 -39.16 -27.02 65.27
CA ALA E 236 -39.95 -25.81 65.33
C ALA E 236 -41.43 -26.11 65.17
N GLU E 237 -41.78 -26.94 64.19
CA GLU E 237 -43.16 -27.31 63.95
C GLU E 237 -43.73 -28.05 65.17
N LYS E 238 -42.92 -28.95 65.74
CA LYS E 238 -43.31 -29.70 66.91
C LYS E 238 -43.58 -28.74 68.07
N TYR E 239 -42.61 -27.88 68.35
CA TYR E 239 -42.70 -26.91 69.42
C TYR E 239 -43.88 -25.95 69.29
N ALA E 240 -44.18 -25.55 68.06
CA ALA E 240 -45.27 -24.62 67.79
C ALA E 240 -46.63 -25.28 67.99
N LYS E 241 -46.71 -26.57 67.66
CA LYS E 241 -47.95 -27.31 67.80
C LYS E 241 -48.33 -27.46 69.26
N GLU E 242 -47.33 -27.75 70.09
CA GLU E 242 -47.55 -27.93 71.52
C GLU E 242 -47.90 -26.61 72.20
N SER E 243 -47.23 -25.55 71.78
CA SER E 243 -47.47 -24.22 72.34
C SER E 243 -48.94 -23.85 72.28
N LEU E 244 -49.54 -24.03 71.11
CA LEU E 244 -50.95 -23.71 70.93
C LEU E 244 -51.79 -24.98 70.85
N MET F 1 -17.30 4.35 -25.23
CA MET F 1 -17.91 5.60 -24.81
C MET F 1 -19.06 5.99 -25.73
N GLU F 2 -20.11 6.54 -25.14
CA GLU F 2 -21.29 6.95 -25.88
C GLU F 2 -21.17 8.39 -26.37
N TYR F 3 -21.94 8.74 -27.39
CA TYR F 3 -21.88 10.09 -27.93
C TYR F 3 -23.22 10.80 -27.95
N LEU F 4 -23.25 12.03 -27.43
CA LEU F 4 -24.46 12.84 -27.41
C LEU F 4 -24.12 14.19 -28.02
N ILE F 5 -25.09 14.82 -28.65
CA ILE F 5 -24.85 16.13 -29.25
C ILE F 5 -26.16 16.89 -29.39
N GLY F 6 -26.13 18.19 -29.08
CA GLY F 6 -27.30 19.04 -29.20
C GLY F 6 -26.95 20.35 -29.86
N ILE F 7 -27.79 20.79 -30.78
CA ILE F 7 -27.59 22.05 -31.48
C ILE F 7 -28.88 22.86 -31.37
N GLN F 8 -28.79 24.04 -30.76
CA GLN F 8 -29.97 24.87 -30.59
C GLN F 8 -30.07 25.97 -31.65
N GLY F 9 -31.19 25.98 -32.38
CA GLY F 9 -31.43 26.98 -33.39
C GLY F 9 -32.36 28.06 -32.86
N PRO F 10 -32.73 29.02 -33.71
CA PRO F 10 -33.62 30.12 -33.31
C PRO F 10 -34.97 29.64 -32.77
N ASP F 11 -35.56 28.60 -33.38
CA ASP F 11 -36.85 28.12 -32.91
C ASP F 11 -36.99 26.60 -32.87
N TYR F 12 -35.90 25.90 -32.58
CA TYR F 12 -35.89 24.44 -32.51
C TYR F 12 -34.61 23.96 -31.84
N VAL F 13 -34.61 22.69 -31.42
CA VAL F 13 -33.42 22.08 -30.84
C VAL F 13 -33.19 20.75 -31.54
N LEU F 14 -31.98 20.53 -32.02
CA LEU F 14 -31.64 19.29 -32.70
C LEU F 14 -30.72 18.44 -31.84
N VAL F 15 -31.08 17.17 -31.65
CA VAL F 15 -30.27 16.27 -30.84
C VAL F 15 -29.98 14.97 -31.59
N ALA F 16 -28.88 14.33 -31.24
CA ALA F 16 -28.48 13.08 -31.86
C ALA F 16 -27.66 12.27 -30.89
N SER F 17 -27.66 10.96 -31.06
CA SER F 17 -26.88 10.08 -30.20
C SER F 17 -26.62 8.76 -30.88
N ASP F 18 -25.53 8.10 -30.49
CA ASP F 18 -25.18 6.80 -31.03
C ASP F 18 -26.14 5.73 -30.50
N GLN F 19 -26.28 4.65 -31.25
CA GLN F 19 -27.20 3.59 -30.85
C GLN F 19 -26.52 2.29 -30.45
N VAL F 20 -25.28 2.39 -29.97
CA VAL F 20 -24.53 1.21 -29.58
C VAL F 20 -24.61 0.86 -28.10
N ALA F 21 -25.00 -0.37 -27.79
CA ALA F 21 -25.02 -0.85 -26.42
C ALA F 21 -23.89 -1.87 -26.37
N ALA F 22 -22.86 -1.59 -25.57
CA ALA F 22 -21.71 -2.49 -25.51
C ALA F 22 -21.45 -3.22 -24.19
N SER F 23 -20.85 -4.39 -24.31
CA SER F 23 -20.45 -5.21 -23.20
C SER F 23 -19.00 -5.59 -23.49
N SER F 24 -18.08 -4.97 -22.75
CA SER F 24 -16.65 -5.17 -22.95
C SER F 24 -16.25 -4.89 -24.41
N ILE F 25 -15.83 -5.91 -25.15
CA ILE F 25 -15.42 -5.70 -26.55
C ILE F 25 -16.48 -5.96 -27.61
N VAL F 26 -17.65 -6.45 -27.22
CA VAL F 26 -18.68 -6.73 -28.20
C VAL F 26 -19.88 -5.79 -28.16
N GLN F 27 -20.37 -5.43 -29.33
CA GLN F 27 -21.55 -4.58 -29.42
C GLN F 27 -22.73 -5.51 -29.28
N MET F 28 -23.40 -5.46 -28.13
CA MET F 28 -24.54 -6.33 -27.89
C MET F 28 -25.80 -5.84 -28.60
N LYS F 29 -25.91 -4.53 -28.77
CA LYS F 29 -27.07 -3.94 -29.43
C LYS F 29 -26.57 -2.81 -30.32
N ASP F 30 -27.10 -2.74 -31.54
CA ASP F 30 -26.67 -1.70 -32.46
C ASP F 30 -27.76 -0.69 -32.77
N ASP F 31 -28.91 -0.82 -32.12
CA ASP F 31 -30.01 0.11 -32.32
C ASP F 31 -30.65 0.53 -31.01
N HIS F 32 -29.81 0.78 -30.02
CA HIS F 32 -30.26 1.20 -28.70
C HIS F 32 -30.55 2.70 -28.65
N ASP F 33 -31.73 3.05 -28.13
CA ASP F 33 -32.14 4.45 -28.03
C ASP F 33 -31.66 5.06 -26.71
N LYS F 34 -30.95 6.18 -26.79
CA LYS F 34 -30.44 6.83 -25.59
C LYS F 34 -31.25 8.06 -25.23
N MET F 35 -32.39 8.23 -25.88
CA MET F 35 -33.25 9.38 -25.62
C MET F 35 -34.50 9.01 -24.83
N PHE F 36 -34.85 9.82 -23.86
CA PHE F 36 -36.01 9.57 -23.05
C PHE F 36 -36.96 10.75 -23.16
N LYS F 37 -38.21 10.48 -23.51
CA LYS F 37 -39.20 11.52 -23.62
C LYS F 37 -39.81 11.79 -22.25
N MET F 38 -39.53 12.95 -21.68
CA MET F 38 -40.06 13.32 -20.37
C MET F 38 -41.45 13.90 -20.50
N SER F 39 -41.65 14.69 -21.54
CA SER F 39 -42.94 15.31 -21.81
C SER F 39 -43.07 15.54 -23.30
N GLU F 40 -44.12 16.22 -23.71
CA GLU F 40 -44.35 16.49 -25.14
C GLU F 40 -43.24 17.31 -25.80
N LYS F 41 -42.63 18.22 -25.07
CA LYS F 41 -41.59 19.07 -25.63
C LYS F 41 -40.23 18.94 -24.96
N ILE F 42 -40.03 17.89 -24.17
CA ILE F 42 -38.75 17.69 -23.49
C ILE F 42 -38.11 16.33 -23.73
N LEU F 43 -36.85 16.34 -24.11
CA LEU F 43 -36.11 15.12 -24.34
C LEU F 43 -34.93 15.05 -23.40
N LEU F 44 -34.67 13.87 -22.86
CA LEU F 44 -33.54 13.69 -21.96
C LEU F 44 -32.55 12.69 -22.53
N LEU F 45 -31.38 13.16 -22.94
CA LEU F 45 -30.34 12.30 -23.50
C LEU F 45 -29.40 11.91 -22.37
N CYS F 46 -29.24 10.62 -22.14
CA CYS F 46 -28.42 10.14 -21.05
C CYS F 46 -27.44 9.03 -21.38
N VAL F 47 -26.20 9.17 -20.91
CA VAL F 47 -25.16 8.17 -21.12
C VAL F 47 -24.38 7.98 -19.83
N GLY F 48 -23.59 6.92 -19.76
CA GLY F 48 -22.79 6.67 -18.57
C GLY F 48 -22.83 5.26 -18.06
N GLU F 49 -22.47 5.11 -16.79
CA GLU F 49 -22.42 3.81 -16.12
C GLU F 49 -23.66 2.95 -16.36
N ALA F 50 -23.41 1.68 -16.67
CA ALA F 50 -24.48 0.72 -16.91
C ALA F 50 -25.42 0.62 -15.72
N GLY F 51 -26.72 0.61 -15.99
CA GLY F 51 -27.72 0.53 -14.95
C GLY F 51 -28.20 1.89 -14.49
N ASP F 52 -27.25 2.75 -14.13
CA ASP F 52 -27.54 4.10 -13.65
C ASP F 52 -28.37 4.96 -14.60
N THR F 53 -27.96 5.03 -15.87
CA THR F 53 -28.66 5.84 -16.86
C THR F 53 -30.16 5.59 -16.91
N VAL F 54 -30.56 4.34 -17.06
CA VAL F 54 -31.97 3.99 -17.14
C VAL F 54 -32.70 4.22 -15.83
N GLN F 55 -32.08 3.83 -14.72
CA GLN F 55 -32.69 4.02 -13.41
C GLN F 55 -32.95 5.50 -13.14
N PHE F 56 -31.95 6.34 -13.43
CA PHE F 56 -32.06 7.77 -13.22
C PHE F 56 -33.06 8.43 -14.16
N ALA F 57 -32.91 8.19 -15.46
CA ALA F 57 -33.80 8.77 -16.46
C ALA F 57 -35.27 8.41 -16.21
N GLU F 58 -35.52 7.17 -15.87
CA GLU F 58 -36.89 6.73 -15.60
C GLU F 58 -37.45 7.42 -14.37
N TYR F 59 -36.61 7.61 -13.36
CA TYR F 59 -37.02 8.29 -12.15
C TYR F 59 -37.45 9.72 -12.46
N ILE F 60 -36.68 10.41 -13.30
CA ILE F 60 -37.00 11.77 -13.68
C ILE F 60 -38.28 11.78 -14.50
N GLN F 61 -38.36 10.89 -15.48
CA GLN F 61 -39.52 10.77 -16.36
C GLN F 61 -40.82 10.60 -15.58
N LYS F 62 -40.80 9.74 -14.57
CA LYS F 62 -41.98 9.49 -13.76
C LYS F 62 -42.40 10.72 -12.95
N ASN F 63 -41.41 11.50 -12.52
CA ASN F 63 -41.70 12.70 -11.74
C ASN F 63 -42.17 13.85 -12.61
N VAL F 64 -41.64 13.93 -13.83
CA VAL F 64 -42.05 14.97 -14.75
C VAL F 64 -43.49 14.70 -15.18
N GLN F 65 -43.82 13.43 -15.38
CA GLN F 65 -45.16 13.03 -15.78
C GLN F 65 -46.16 13.24 -14.65
N LEU F 66 -45.72 13.00 -13.42
CA LEU F 66 -46.58 13.18 -12.26
C LEU F 66 -46.94 14.65 -12.06
N TYR F 67 -46.01 15.54 -12.36
CA TYR F 67 -46.24 16.97 -12.25
C TYR F 67 -47.36 17.40 -13.18
N LYS F 68 -47.34 16.88 -14.40
CA LYS F 68 -48.36 17.19 -15.38
C LYS F 68 -49.73 16.67 -14.98
N MET F 69 -49.76 15.48 -14.38
CA MET F 69 -51.02 14.87 -13.94
C MET F 69 -51.66 15.67 -12.81
N ARG F 70 -50.84 16.14 -11.87
CA ARG F 70 -51.31 16.90 -10.71
C ARG F 70 -51.69 18.35 -11.00
N ASN F 71 -51.10 18.96 -12.02
CA ASN F 71 -51.38 20.37 -12.27
C ASN F 71 -52.12 20.72 -13.56
N GLY F 72 -52.07 19.83 -14.55
CA GLY F 72 -52.77 20.09 -15.80
C GLY F 72 -51.90 20.72 -16.87
N TYR F 73 -50.65 21.02 -16.55
CA TYR F 73 -49.73 21.61 -17.52
C TYR F 73 -48.35 21.02 -17.29
N GLU F 74 -47.51 21.08 -18.31
CA GLU F 74 -46.18 20.50 -18.22
C GLU F 74 -45.15 21.43 -17.62
N LEU F 75 -44.16 20.83 -16.98
CA LEU F 75 -43.06 21.58 -16.41
C LEU F 75 -42.25 22.11 -17.58
N SER F 76 -41.73 23.32 -17.45
CA SER F 76 -40.92 23.90 -18.50
C SER F 76 -39.54 23.24 -18.55
N PRO F 77 -38.85 23.38 -19.70
CA PRO F 77 -37.50 22.81 -19.83
C PRO F 77 -36.57 23.30 -18.72
N THR F 78 -36.59 24.60 -18.43
CA THR F 78 -35.74 25.17 -17.38
C THR F 78 -36.04 24.55 -16.02
N ALA F 79 -37.32 24.47 -15.65
CA ALA F 79 -37.68 23.87 -14.37
C ALA F 79 -37.30 22.40 -14.32
N ALA F 80 -37.49 21.70 -15.44
CA ALA F 80 -37.14 20.30 -15.54
C ALA F 80 -35.64 20.10 -15.40
N ALA F 81 -34.87 20.96 -16.05
CA ALA F 81 -33.41 20.88 -15.98
C ALA F 81 -32.94 21.06 -14.54
N ASN F 82 -33.50 22.05 -13.84
CA ASN F 82 -33.13 22.30 -12.45
C ASN F 82 -33.58 21.18 -11.52
N PHE F 83 -34.73 20.59 -11.82
CA PHE F 83 -35.23 19.48 -11.03
C PHE F 83 -34.28 18.30 -11.16
N THR F 84 -33.80 18.07 -12.38
CA THR F 84 -32.85 16.99 -12.66
C THR F 84 -31.52 17.22 -11.95
N ARG F 85 -31.02 18.45 -11.99
CA ARG F 85 -29.77 18.78 -11.32
C ARG F 85 -29.88 18.61 -9.81
N ARG F 86 -30.97 19.12 -9.24
CA ARG F 86 -31.22 19.03 -7.81
C ARG F 86 -31.12 17.57 -7.38
N ASN F 87 -31.84 16.70 -8.07
CA ASN F 87 -31.83 15.27 -7.75
C ASN F 87 -30.46 14.64 -7.91
N LEU F 88 -29.78 14.96 -9.01
CA LEU F 88 -28.45 14.42 -9.25
C LEU F 88 -27.46 14.88 -8.18
N ALA F 89 -27.54 16.14 -7.78
CA ALA F 89 -26.64 16.69 -6.78
C ALA F 89 -26.92 16.15 -5.38
N ASP F 90 -28.16 15.78 -5.11
CA ASP F 90 -28.53 15.24 -3.81
C ASP F 90 -27.93 13.86 -3.58
N CYS F 91 -27.76 13.10 -4.65
CA CYS F 91 -27.17 11.77 -4.57
C CYS F 91 -25.65 11.79 -4.73
N LEU F 92 -25.10 12.96 -5.00
CA LEU F 92 -23.65 13.09 -5.19
C LEU F 92 -22.83 12.69 -3.96
N ARG F 93 -23.24 13.14 -2.79
CA ARG F 93 -22.50 12.83 -1.58
C ARG F 93 -23.13 11.69 -0.78
N SER F 94 -24.10 11.01 -1.38
CA SER F 94 -24.79 9.90 -0.73
C SER F 94 -24.06 8.58 -1.01
N ARG F 95 -24.68 7.48 -0.60
CA ARG F 95 -24.09 6.16 -0.78
C ARG F 95 -24.31 5.65 -2.20
N THR F 96 -25.41 6.08 -2.82
CA THR F 96 -25.74 5.65 -4.16
C THR F 96 -25.84 6.81 -5.17
N PRO F 97 -24.68 7.34 -5.60
CA PRO F 97 -24.71 8.43 -6.58
C PRO F 97 -24.98 7.88 -7.98
N TYR F 98 -25.37 8.76 -8.90
CA TYR F 98 -25.67 8.36 -10.27
C TYR F 98 -24.58 8.84 -11.21
N HIS F 99 -23.77 7.93 -11.72
CA HIS F 99 -22.72 8.36 -12.64
C HIS F 99 -23.25 8.48 -14.06
N VAL F 100 -23.93 9.60 -14.33
CA VAL F 100 -24.50 9.84 -15.64
C VAL F 100 -24.18 11.24 -16.19
N ASN F 101 -24.13 11.32 -17.50
CA ASN F 101 -23.90 12.59 -18.18
C ASN F 101 -25.14 12.80 -19.02
N LEU F 102 -25.62 14.04 -19.08
CA LEU F 102 -26.84 14.24 -19.84
C LEU F 102 -26.99 15.57 -20.54
N LEU F 103 -27.97 15.60 -21.42
CA LEU F 103 -28.32 16.78 -22.16
C LEU F 103 -29.83 16.87 -22.06
N LEU F 104 -30.34 18.05 -21.76
CA LEU F 104 -31.78 18.22 -21.70
C LEU F 104 -32.18 19.22 -22.76
N ALA F 105 -32.96 18.76 -23.72
CA ALA F 105 -33.44 19.61 -24.79
C ALA F 105 -34.93 19.76 -24.62
N GLY F 106 -35.43 20.96 -24.90
CA GLY F 106 -36.84 21.19 -24.77
C GLY F 106 -37.28 22.47 -25.43
N TYR F 107 -38.58 22.64 -25.54
CA TYR F 107 -39.13 23.84 -26.15
C TYR F 107 -40.20 24.40 -25.21
N ASP F 108 -39.99 25.63 -24.75
CA ASP F 108 -40.94 26.27 -23.85
C ASP F 108 -41.81 27.25 -24.62
N GLU F 109 -43.10 27.25 -24.33
CA GLU F 109 -44.05 28.13 -24.98
C GLU F 109 -43.61 29.59 -24.95
N HIS F 110 -43.28 30.08 -23.76
CA HIS F 110 -42.85 31.46 -23.60
C HIS F 110 -41.36 31.69 -23.86
N GLU F 111 -40.52 30.78 -23.37
CA GLU F 111 -39.07 30.92 -23.49
C GLU F 111 -38.43 30.42 -24.79
N GLY F 112 -39.07 29.49 -25.48
CA GLY F 112 -38.51 28.96 -26.71
C GLY F 112 -37.64 27.73 -26.52
N PRO F 113 -36.76 27.45 -27.47
CA PRO F 113 -35.86 26.29 -27.43
C PRO F 113 -34.75 26.40 -26.40
N ALA F 114 -34.46 25.31 -25.72
CA ALA F 114 -33.41 25.30 -24.70
C ALA F 114 -32.58 24.03 -24.73
N LEU F 115 -31.29 24.17 -24.49
CA LEU F 115 -30.38 23.05 -24.46
C LEU F 115 -29.58 23.13 -23.17
N TYR F 116 -29.60 22.07 -22.39
CA TYR F 116 -28.89 22.04 -21.13
C TYR F 116 -27.86 20.94 -21.07
N TYR F 117 -26.70 21.29 -20.52
CA TYR F 117 -25.60 20.36 -20.39
C TYR F 117 -25.39 20.08 -18.91
N MET F 118 -25.25 18.81 -18.55
CA MET F 118 -25.04 18.41 -17.17
C MET F 118 -24.00 17.31 -17.07
N ASP F 119 -22.99 17.51 -16.23
CA ASP F 119 -21.98 16.47 -16.05
C ASP F 119 -22.39 15.58 -14.88
N TYR F 120 -21.58 14.60 -14.53
CA TYR F 120 -21.93 13.67 -13.44
C TYR F 120 -21.89 14.28 -12.02
N LEU F 121 -21.23 15.41 -11.86
CA LEU F 121 -21.14 16.08 -10.56
C LEU F 121 -22.30 17.07 -10.31
N ALA F 122 -23.22 17.12 -11.27
CA ALA F 122 -24.44 17.97 -11.29
C ALA F 122 -24.25 19.48 -11.51
N ALA F 123 -23.31 19.84 -12.35
CA ALA F 123 -23.11 21.24 -12.69
C ALA F 123 -24.01 21.45 -13.91
N LEU F 124 -24.87 22.45 -13.85
CA LEU F 124 -25.79 22.71 -14.95
C LEU F 124 -25.41 23.94 -15.76
N ALA F 125 -25.39 23.82 -17.07
CA ALA F 125 -25.04 24.95 -17.94
C ALA F 125 -25.87 25.02 -19.21
N LYS F 126 -26.43 26.20 -19.49
CA LYS F 126 -27.19 26.41 -20.71
C LYS F 126 -26.19 26.67 -21.81
N ALA F 127 -26.42 26.12 -23.00
CA ALA F 127 -25.49 26.30 -24.10
C ALA F 127 -26.13 26.24 -25.48
N PRO F 128 -25.55 26.96 -26.45
CA PRO F 128 -26.03 26.98 -27.84
C PRO F 128 -25.85 25.61 -28.49
N PHE F 129 -24.81 24.90 -28.12
CA PHE F 129 -24.54 23.55 -28.60
C PHE F 129 -23.66 22.86 -27.56
N ALA F 130 -23.72 21.54 -27.51
CA ALA F 130 -22.93 20.77 -26.55
C ALA F 130 -22.82 19.31 -26.99
N ALA F 131 -21.84 18.61 -26.43
CA ALA F 131 -21.63 17.20 -26.73
C ALA F 131 -21.09 16.48 -25.50
N HIS F 132 -21.33 15.18 -25.42
CA HIS F 132 -20.87 14.37 -24.31
C HIS F 132 -20.10 13.16 -24.84
N GLY F 133 -19.13 12.68 -24.06
CA GLY F 133 -18.34 11.52 -24.42
C GLY F 133 -17.00 11.84 -25.05
N TYR F 134 -16.25 10.79 -25.40
CA TYR F 134 -14.93 10.95 -26.02
C TYR F 134 -14.99 11.67 -27.35
N GLY F 135 -16.07 11.44 -28.11
CA GLY F 135 -16.30 12.09 -29.38
C GLY F 135 -16.42 13.60 -29.34
N ALA F 136 -16.81 14.15 -28.20
CA ALA F 136 -16.95 15.58 -28.01
C ALA F 136 -15.62 16.29 -28.22
N PHE F 137 -14.52 15.57 -27.99
CA PHE F 137 -13.18 16.13 -28.17
C PHE F 137 -12.85 16.37 -29.64
N LEU F 138 -13.45 15.59 -30.53
CA LEU F 138 -13.23 15.72 -31.95
C LEU F 138 -14.29 16.54 -32.68
N THR F 139 -15.40 16.83 -32.03
CA THR F 139 -16.49 17.56 -32.70
C THR F 139 -16.84 18.94 -32.18
N LEU F 140 -16.45 19.26 -30.95
CA LEU F 140 -16.76 20.56 -30.36
C LEU F 140 -16.15 21.72 -31.14
N SER F 141 -14.93 21.53 -31.66
CA SER F 141 -14.28 22.57 -32.42
C SER F 141 -14.96 22.78 -33.77
N ILE F 142 -15.53 21.72 -34.33
CA ILE F 142 -16.26 21.80 -35.59
C ILE F 142 -17.50 22.65 -35.40
N LEU F 143 -18.17 22.49 -34.26
CA LEU F 143 -19.37 23.28 -33.97
C LEU F 143 -18.98 24.73 -33.74
N ASP F 144 -17.81 24.94 -33.11
CA ASP F 144 -17.29 26.27 -32.85
C ASP F 144 -16.99 27.00 -34.16
N ARG F 145 -16.49 26.27 -35.14
CA ARG F 145 -16.13 26.83 -36.44
C ARG F 145 -17.32 27.14 -37.36
N TYR F 146 -18.37 26.33 -37.35
CA TYR F 146 -19.49 26.55 -38.27
C TYR F 146 -20.81 27.05 -37.69
N TYR F 147 -21.00 26.90 -36.39
CA TYR F 147 -22.25 27.31 -35.77
C TYR F 147 -22.49 28.82 -35.67
N THR F 148 -23.70 29.24 -36.05
CA THR F 148 -24.13 30.62 -35.91
C THR F 148 -25.45 30.56 -35.16
N PRO F 149 -25.80 31.62 -34.41
CA PRO F 149 -27.06 31.62 -33.66
C PRO F 149 -28.33 31.55 -34.52
N THR F 150 -28.29 32.02 -35.76
CA THR F 150 -29.46 32.00 -36.62
C THR F 150 -29.45 30.84 -37.62
N ILE F 151 -28.67 29.80 -37.33
CA ILE F 151 -28.60 28.65 -38.21
C ILE F 151 -29.97 27.99 -38.38
N SER F 152 -30.33 27.69 -39.62
CA SER F 152 -31.61 27.03 -39.91
C SER F 152 -31.53 25.55 -39.62
N ARG F 153 -32.67 24.88 -39.54
CA ARG F 153 -32.68 23.45 -39.24
C ARG F 153 -32.06 22.58 -40.34
N GLU F 154 -32.12 23.04 -41.59
CA GLU F 154 -31.53 22.30 -42.71
C GLU F 154 -30.01 22.37 -42.61
N ARG F 155 -29.50 23.55 -42.25
CA ARG F 155 -28.07 23.75 -42.09
C ARG F 155 -27.57 23.06 -40.83
N ALA F 156 -28.45 22.98 -39.83
CA ALA F 156 -28.09 22.32 -38.57
C ALA F 156 -27.90 20.83 -38.80
N VAL F 157 -28.75 20.24 -39.64
CA VAL F 157 -28.66 18.82 -39.93
C VAL F 157 -27.37 18.54 -40.70
N GLU F 158 -26.99 19.47 -41.58
CA GLU F 158 -25.75 19.33 -42.33
C GLU F 158 -24.57 19.49 -41.40
N LEU F 159 -24.70 20.37 -40.41
CA LEU F 159 -23.66 20.60 -39.44
C LEU F 159 -23.48 19.36 -38.56
N LEU F 160 -24.58 18.71 -38.22
CA LEU F 160 -24.55 17.50 -37.43
C LEU F 160 -23.87 16.38 -38.23
N ARG F 161 -24.16 16.33 -39.53
CA ARG F 161 -23.59 15.33 -40.41
C ARG F 161 -22.07 15.49 -40.45
N LYS F 162 -21.61 16.73 -40.48
CA LYS F 162 -20.19 17.04 -40.48
C LYS F 162 -19.51 16.46 -39.25
N CYS F 163 -20.15 16.64 -38.08
CA CYS F 163 -19.62 16.13 -36.83
C CYS F 163 -19.56 14.62 -36.83
N LEU F 164 -20.64 13.98 -37.25
CA LEU F 164 -20.72 12.52 -37.30
C LEU F 164 -19.73 11.91 -38.29
N GLU F 165 -19.47 12.62 -39.38
CA GLU F 165 -18.52 12.16 -40.39
C GLU F 165 -17.12 12.17 -39.81
N GLU F 166 -16.82 13.17 -38.98
CA GLU F 166 -15.53 13.30 -38.32
C GLU F 166 -15.31 12.10 -37.39
N LEU F 167 -16.35 11.67 -36.70
CA LEU F 167 -16.26 10.51 -35.83
C LEU F 167 -15.93 9.26 -36.65
N GLN F 168 -16.51 9.12 -37.83
CA GLN F 168 -16.25 7.97 -38.69
C GLN F 168 -14.79 7.88 -39.11
N LYS F 169 -14.18 9.03 -39.37
CA LYS F 169 -12.79 9.08 -39.80
C LYS F 169 -11.73 9.15 -38.70
N ARG F 170 -12.02 9.86 -37.62
CA ARG F 170 -11.02 10.05 -36.55
C ARG F 170 -11.16 9.18 -35.30
N PHE F 171 -12.38 8.97 -34.82
CA PHE F 171 -12.63 8.21 -33.62
C PHE F 171 -12.29 6.71 -33.76
N ILE F 172 -11.75 6.13 -32.71
CA ILE F 172 -11.36 4.71 -32.71
C ILE F 172 -12.54 3.77 -32.51
N LEU F 173 -13.63 4.28 -31.93
CA LEU F 173 -14.79 3.44 -31.68
C LEU F 173 -15.70 3.31 -32.89
N ASN F 174 -16.37 2.18 -32.99
CA ASN F 174 -17.29 1.92 -34.08
C ASN F 174 -18.70 2.39 -33.76
N LEU F 175 -19.09 3.53 -34.32
CA LEU F 175 -20.42 4.10 -34.12
C LEU F 175 -20.99 4.37 -35.50
N PRO F 176 -21.62 3.36 -36.10
CA PRO F 176 -22.17 3.46 -37.46
C PRO F 176 -23.53 4.16 -37.63
N THR F 177 -24.35 4.22 -36.60
CA THR F 177 -25.67 4.84 -36.76
C THR F 177 -26.06 5.77 -35.60
N PHE F 178 -26.79 6.82 -35.92
CA PHE F 178 -27.21 7.78 -34.91
C PHE F 178 -28.70 8.11 -34.95
N SER F 179 -29.28 8.30 -33.77
CA SER F 179 -30.67 8.68 -33.64
C SER F 179 -30.69 10.20 -33.78
N VAL F 180 -31.61 10.72 -34.58
CA VAL F 180 -31.71 12.15 -34.78
C VAL F 180 -33.12 12.64 -34.51
N ARG F 181 -33.26 13.57 -33.58
CA ARG F 181 -34.56 14.12 -33.24
C ARG F 181 -34.54 15.64 -33.17
N ILE F 182 -35.68 16.24 -33.42
CA ILE F 182 -35.79 17.68 -33.36
C ILE F 182 -36.99 18.08 -32.52
N ILE F 183 -36.82 19.10 -31.70
CA ILE F 183 -37.90 19.59 -30.86
C ILE F 183 -38.20 21.03 -31.19
N ASP F 184 -39.46 21.34 -31.46
CA ASP F 184 -39.87 22.70 -31.77
C ASP F 184 -41.25 22.95 -31.18
N LYS F 185 -41.96 23.95 -31.69
CA LYS F 185 -43.29 24.29 -31.19
C LYS F 185 -44.37 23.21 -31.43
N ASN F 186 -44.17 22.35 -32.42
CA ASN F 186 -45.13 21.29 -32.71
C ASN F 186 -44.77 19.99 -31.99
N GLY F 187 -43.77 20.03 -31.10
CA GLY F 187 -43.37 18.86 -30.37
C GLY F 187 -42.08 18.18 -30.79
N ILE F 188 -41.98 16.89 -30.47
CA ILE F 188 -40.81 16.09 -30.80
C ILE F 188 -40.99 15.34 -32.10
N HIS F 189 -40.08 15.55 -33.04
CA HIS F 189 -40.16 14.89 -34.34
C HIS F 189 -38.96 13.98 -34.57
N ASP F 190 -39.22 12.80 -35.12
CA ASP F 190 -38.16 11.85 -35.41
C ASP F 190 -37.65 12.08 -36.82
N LEU F 191 -36.37 12.37 -36.95
CA LEU F 191 -35.78 12.55 -38.27
C LEU F 191 -35.18 11.21 -38.69
N ASP F 192 -34.71 11.12 -39.93
CA ASP F 192 -34.11 9.89 -40.40
C ASP F 192 -32.80 9.64 -39.69
N ASN F 193 -32.48 8.36 -39.48
CA ASN F 193 -31.24 7.99 -38.84
C ASN F 193 -30.09 8.36 -39.74
N ILE F 194 -28.98 8.80 -39.15
CA ILE F 194 -27.80 9.11 -39.93
C ILE F 194 -26.89 7.90 -39.80
N SER F 195 -26.77 7.12 -40.87
CA SER F 195 -25.95 5.92 -40.83
C SER F 195 -24.76 5.96 -41.78
N PHE F 196 -23.74 5.18 -41.46
CA PHE F 196 -22.54 5.12 -42.28
C PHE F 196 -22.18 3.68 -42.62
N SER G 2 -6.67 18.52 -7.43
CA SER G 2 -7.52 19.03 -6.37
C SER G 2 -8.96 19.21 -6.85
N ILE G 3 -9.90 19.18 -5.91
CA ILE G 3 -11.30 19.35 -6.25
C ILE G 3 -11.64 20.81 -6.54
N MET G 4 -10.84 21.71 -5.99
CA MET G 4 -11.06 23.15 -6.17
C MET G 4 -10.55 23.71 -7.50
N SER G 5 -9.86 22.89 -8.28
CA SER G 5 -9.34 23.31 -9.58
C SER G 5 -9.97 22.53 -10.71
N TYR G 6 -10.93 21.69 -10.37
CA TYR G 6 -11.63 20.85 -11.35
C TYR G 6 -12.41 21.69 -12.37
N ASN G 7 -12.98 22.79 -11.92
CA ASN G 7 -13.75 23.65 -12.81
C ASN G 7 -13.10 25.00 -13.04
N GLY G 8 -12.11 25.33 -12.21
CA GLY G 8 -11.42 26.60 -12.31
C GLY G 8 -12.25 27.76 -11.78
N GLY G 9 -11.86 28.98 -12.11
CA GLY G 9 -12.61 30.15 -11.67
C GLY G 9 -11.88 31.06 -10.70
N ALA G 10 -12.20 32.34 -10.73
CA ALA G 10 -11.59 33.34 -9.87
C ALA G 10 -12.57 34.47 -9.56
N VAL G 11 -12.60 34.91 -8.30
CA VAL G 11 -13.50 35.98 -7.86
C VAL G 11 -12.72 36.95 -6.97
N MET G 12 -12.98 38.25 -7.09
CA MET G 12 -12.32 39.22 -6.24
C MET G 12 -13.22 40.40 -5.90
N ALA G 13 -13.08 40.92 -4.69
CA ALA G 13 -13.87 42.05 -4.24
C ALA G 13 -12.92 43.15 -3.82
N MET G 14 -13.26 44.39 -4.15
CA MET G 14 -12.43 45.53 -3.81
C MET G 14 -13.25 46.64 -3.19
N LYS G 15 -12.70 47.28 -2.17
CA LYS G 15 -13.36 48.37 -1.48
C LYS G 15 -12.87 49.70 -2.01
N GLY G 16 -13.79 50.62 -2.25
CA GLY G 16 -13.45 51.95 -2.72
C GLY G 16 -13.98 52.99 -1.76
N LYS G 17 -14.07 54.23 -2.19
CA LYS G 17 -14.61 55.30 -1.36
C LYS G 17 -16.11 55.34 -1.57
N ASN G 18 -16.87 54.89 -0.57
CA ASN G 18 -18.33 54.80 -0.57
C ASN G 18 -18.89 53.91 -1.70
N CYS G 19 -18.14 52.87 -2.06
CA CYS G 19 -18.54 51.95 -3.12
C CYS G 19 -17.75 50.65 -3.04
N VAL G 20 -18.26 49.59 -3.66
CA VAL G 20 -17.60 48.30 -3.68
C VAL G 20 -17.64 47.72 -5.07
N ALA G 21 -16.68 46.87 -5.38
CA ALA G 21 -16.62 46.23 -6.68
C ALA G 21 -16.42 44.74 -6.53
N ILE G 22 -17.09 43.96 -7.36
CA ILE G 22 -16.95 42.50 -7.34
C ILE G 22 -16.84 42.03 -8.78
N ALA G 23 -15.88 41.15 -9.04
CA ALA G 23 -15.66 40.66 -10.38
C ALA G 23 -15.37 39.16 -10.39
N ALA G 24 -15.56 38.54 -11.54
CA ALA G 24 -15.31 37.12 -11.68
C ALA G 24 -15.09 36.74 -13.13
N ASP G 25 -14.49 35.57 -13.35
CA ASP G 25 -14.28 35.06 -14.70
C ASP G 25 -15.59 34.38 -15.12
N ARG G 26 -15.77 34.16 -16.42
CA ARG G 26 -17.01 33.58 -16.91
C ARG G 26 -16.88 32.16 -17.45
N ARG G 27 -15.70 31.58 -17.34
CA ARG G 27 -15.48 30.25 -17.87
C ARG G 27 -16.05 29.07 -17.06
N PHE G 28 -16.76 28.19 -17.74
CA PHE G 28 -17.21 26.97 -17.09
C PHE G 28 -16.55 25.85 -17.89
N GLY G 29 -15.68 25.10 -17.23
CA GLY G 29 -14.99 24.02 -17.90
C GLY G 29 -14.74 22.81 -17.02
N ILE G 30 -14.62 21.65 -17.63
CA ILE G 30 -14.33 20.43 -16.91
C ILE G 30 -12.89 20.08 -17.24
N GLN G 31 -12.03 20.24 -16.23
CA GLN G 31 -10.59 20.04 -16.35
C GLN G 31 -9.97 20.93 -17.43
N ALA G 32 -9.43 20.34 -18.47
CA ALA G 32 -8.80 21.11 -19.55
C ALA G 32 -9.79 21.61 -20.59
N GLN G 33 -10.93 20.95 -20.71
CA GLN G 33 -11.94 21.32 -21.69
C GLN G 33 -12.91 22.40 -21.25
N MET G 34 -13.06 23.44 -22.06
CA MET G 34 -13.99 24.52 -21.77
C MET G 34 -15.36 24.12 -22.31
N VAL G 35 -16.41 24.31 -21.52
CA VAL G 35 -17.77 23.96 -21.93
C VAL G 35 -18.56 25.19 -22.35
N THR G 36 -18.60 26.21 -21.51
CA THR G 36 -19.31 27.45 -21.83
C THR G 36 -18.45 28.64 -21.40
N THR G 37 -18.81 29.82 -21.87
CA THR G 37 -18.06 31.03 -21.51
C THR G 37 -18.93 32.09 -20.87
N ASP G 38 -20.05 31.68 -20.27
CA ASP G 38 -20.95 32.62 -19.61
C ASP G 38 -21.56 32.07 -18.32
N PHE G 39 -20.75 31.31 -17.58
CA PHE G 39 -21.18 30.73 -16.32
C PHE G 39 -21.28 31.80 -15.24
N GLN G 40 -22.38 31.78 -14.49
CA GLN G 40 -22.61 32.76 -13.43
C GLN G 40 -21.95 32.39 -12.11
N LYS G 41 -21.16 33.30 -11.56
CA LYS G 41 -20.47 33.06 -10.30
C LYS G 41 -20.82 34.11 -9.25
N ILE G 42 -21.39 35.23 -9.68
CA ILE G 42 -21.77 36.31 -8.77
C ILE G 42 -23.29 36.43 -8.70
N PHE G 43 -23.85 36.19 -7.53
CA PHE G 43 -25.29 36.24 -7.35
C PHE G 43 -25.74 37.40 -6.47
N PRO G 44 -26.82 38.08 -6.86
CA PRO G 44 -27.34 39.19 -6.04
C PRO G 44 -28.02 38.64 -4.80
N MET G 45 -27.76 39.26 -3.66
CA MET G 45 -28.33 38.85 -2.38
C MET G 45 -28.93 40.07 -1.70
N GLY G 46 -29.43 41.00 -2.50
CA GLY G 46 -30.01 42.22 -2.00
C GLY G 46 -29.76 43.34 -2.99
N ASP G 47 -30.29 44.52 -2.70
CA ASP G 47 -30.12 45.67 -3.58
C ASP G 47 -28.68 46.06 -3.77
N ARG G 48 -27.92 46.11 -2.68
CA ARG G 48 -26.52 46.48 -2.73
C ARG G 48 -25.68 45.43 -2.02
N LEU G 49 -25.94 44.16 -2.31
CA LEU G 49 -25.22 43.07 -1.69
C LEU G 49 -25.07 41.88 -2.63
N TYR G 50 -23.83 41.56 -2.99
CA TYR G 50 -23.57 40.46 -3.90
C TYR G 50 -22.64 39.42 -3.31
N ILE G 51 -22.76 38.19 -3.79
CA ILE G 51 -21.89 37.12 -3.34
C ILE G 51 -21.24 36.47 -4.54
N GLY G 52 -19.94 36.23 -4.46
CA GLY G 52 -19.20 35.61 -5.53
C GLY G 52 -18.74 34.25 -5.05
N LEU G 53 -18.92 33.23 -5.87
CA LEU G 53 -18.52 31.89 -5.49
C LEU G 53 -17.56 31.27 -6.49
N ALA G 54 -16.44 30.77 -5.99
CA ALA G 54 -15.44 30.12 -6.82
C ALA G 54 -15.23 28.71 -6.30
N GLY G 55 -14.84 27.79 -7.17
CA GLY G 55 -14.63 26.42 -6.76
C GLY G 55 -15.44 25.48 -7.59
N LEU G 56 -15.73 24.30 -7.05
CA LEU G 56 -16.51 23.29 -7.77
C LEU G 56 -17.84 23.86 -8.26
N ALA G 57 -18.04 23.81 -9.57
CA ALA G 57 -19.26 24.35 -10.18
C ALA G 57 -20.56 23.84 -9.55
N THR G 58 -20.64 22.54 -9.30
CA THR G 58 -21.86 21.98 -8.71
C THR G 58 -22.15 22.57 -7.33
N ASP G 59 -21.12 22.78 -6.52
CA ASP G 59 -21.30 23.34 -5.19
C ASP G 59 -21.56 24.83 -5.25
N VAL G 60 -21.07 25.48 -6.30
CA VAL G 60 -21.29 26.90 -6.49
C VAL G 60 -22.78 27.15 -6.68
N GLN G 61 -23.42 26.29 -7.47
CA GLN G 61 -24.85 26.41 -7.73
C GLN G 61 -25.68 25.99 -6.53
N THR G 62 -25.26 24.93 -5.85
CA THR G 62 -25.95 24.44 -4.68
C THR G 62 -25.88 25.44 -3.52
N VAL G 63 -24.70 25.98 -3.25
CA VAL G 63 -24.56 26.93 -2.16
C VAL G 63 -25.37 28.19 -2.43
N ALA G 64 -25.32 28.70 -3.66
CA ALA G 64 -26.06 29.89 -4.04
C ALA G 64 -27.57 29.67 -3.88
N GLN G 65 -28.05 28.49 -4.26
CA GLN G 65 -29.46 28.18 -4.16
C GLN G 65 -29.94 27.99 -2.72
N ARG G 66 -29.16 27.31 -1.89
CA ARG G 66 -29.53 27.12 -0.49
C ARG G 66 -29.47 28.43 0.28
N LEU G 67 -28.53 29.30 -0.10
CA LEU G 67 -28.39 30.60 0.53
C LEU G 67 -29.54 31.51 0.17
N LYS G 68 -30.01 31.39 -1.07
CA LYS G 68 -31.14 32.18 -1.54
C LYS G 68 -32.39 31.76 -0.78
N PHE G 69 -32.52 30.46 -0.58
CA PHE G 69 -33.61 29.86 0.17
C PHE G 69 -33.65 30.45 1.59
N ARG G 70 -32.49 30.47 2.24
CA ARG G 70 -32.38 30.98 3.60
C ARG G 70 -32.59 32.49 3.69
N LEU G 71 -32.01 33.23 2.76
CA LEU G 71 -32.13 34.69 2.76
C LEU G 71 -33.57 35.13 2.50
N ASN G 72 -34.26 34.45 1.61
CA ASN G 72 -35.65 34.78 1.29
C ASN G 72 -36.54 34.62 2.53
N LEU G 73 -36.38 33.51 3.23
CA LEU G 73 -37.15 33.25 4.43
C LEU G 73 -36.86 34.28 5.51
N TYR G 74 -35.59 34.68 5.59
CA TYR G 74 -35.15 35.68 6.54
C TYR G 74 -35.82 37.03 6.26
N GLU G 75 -35.82 37.45 5.00
CA GLU G 75 -36.42 38.72 4.62
C GLU G 75 -37.93 38.79 4.87
N LEU G 76 -38.62 37.66 4.73
CA LEU G 76 -40.06 37.62 4.95
C LEU G 76 -40.37 37.71 6.45
N LYS G 77 -39.65 36.92 7.22
CA LYS G 77 -39.82 36.87 8.67
C LYS G 77 -39.40 38.18 9.36
N GLU G 78 -38.22 38.68 9.04
CA GLU G 78 -37.70 39.90 9.65
C GLU G 78 -38.25 41.18 9.03
N GLY G 79 -38.81 41.08 7.83
CA GLY G 79 -39.36 42.23 7.15
C GLY G 79 -38.36 43.32 6.79
N ARG G 80 -37.12 42.93 6.55
CA ARG G 80 -36.08 43.89 6.21
C ARG G 80 -34.98 43.25 5.35
N GLN G 81 -34.11 44.07 4.79
CA GLN G 81 -33.01 43.58 3.98
C GLN G 81 -31.85 43.22 4.90
N ILE G 82 -31.22 42.07 4.63
CA ILE G 82 -30.11 41.63 5.46
C ILE G 82 -28.89 42.54 5.39
N LYS G 83 -28.18 42.66 6.50
CA LYS G 83 -26.98 43.45 6.57
C LYS G 83 -25.84 42.62 6.02
N PRO G 84 -24.85 43.27 5.39
CA PRO G 84 -23.69 42.56 4.81
C PRO G 84 -23.01 41.63 5.81
N TYR G 85 -22.80 42.10 7.03
CA TYR G 85 -22.17 41.32 8.06
C TYR G 85 -23.02 40.13 8.52
N THR G 86 -24.33 40.32 8.55
CA THR G 86 -25.24 39.25 8.94
C THR G 86 -25.24 38.14 7.91
N LEU G 87 -25.12 38.52 6.64
CA LEU G 87 -25.08 37.56 5.55
C LEU G 87 -23.82 36.72 5.65
N MET G 88 -22.71 37.34 6.03
CA MET G 88 -21.45 36.64 6.21
C MET G 88 -21.60 35.54 7.27
N SER G 89 -22.25 35.87 8.37
CA SER G 89 -22.48 34.90 9.43
C SER G 89 -23.41 33.80 8.96
N MET G 90 -24.43 34.16 8.19
CA MET G 90 -25.40 33.20 7.67
C MET G 90 -24.68 32.21 6.76
N VAL G 91 -23.79 32.72 5.92
CA VAL G 91 -23.02 31.89 5.01
C VAL G 91 -22.04 30.99 5.75
N ALA G 92 -21.40 31.53 6.78
CA ALA G 92 -20.45 30.76 7.57
C ALA G 92 -21.14 29.60 8.26
N ASN G 93 -22.34 29.87 8.79
CA ASN G 93 -23.13 28.86 9.46
C ASN G 93 -23.52 27.75 8.49
N LEU G 94 -23.88 28.14 7.28
CA LEU G 94 -24.27 27.19 6.24
C LEU G 94 -23.11 26.29 5.84
N LEU G 95 -21.91 26.86 5.72
CA LEU G 95 -20.73 26.09 5.34
C LEU G 95 -20.18 25.24 6.47
N TYR G 96 -20.35 25.70 7.71
CA TYR G 96 -19.85 24.95 8.86
C TYR G 96 -20.66 23.69 9.20
N GLU G 97 -21.92 23.69 8.77
CA GLU G 97 -22.82 22.58 8.99
C GLU G 97 -22.29 21.34 8.29
N LYS G 98 -21.55 21.57 7.23
CA LYS G 98 -20.95 20.48 6.48
C LYS G 98 -19.47 20.42 6.81
N ARG G 99 -19.14 20.54 8.09
CA ARG G 99 -17.76 20.48 8.55
C ARG G 99 -17.02 19.24 8.04
N PHE G 100 -17.66 18.07 8.13
CA PHE G 100 -17.07 16.83 7.65
C PHE G 100 -17.82 16.33 6.42
N GLY G 101 -17.55 16.96 5.29
CA GLY G 101 -18.17 16.66 4.01
C GLY G 101 -18.59 18.00 3.44
N PRO G 102 -17.62 18.91 3.31
CA PRO G 102 -17.76 20.30 2.86
C PRO G 102 -18.11 20.57 1.42
N TYR G 103 -18.69 21.75 1.22
CA TYR G 103 -19.03 22.24 -0.09
C TYR G 103 -17.71 22.80 -0.56
N TYR G 104 -17.31 22.47 -1.78
CA TYR G 104 -16.04 22.95 -2.30
C TYR G 104 -16.15 24.31 -2.95
N THR G 105 -16.32 25.34 -2.12
CA THR G 105 -16.43 26.69 -2.62
C THR G 105 -15.99 27.72 -1.58
N GLU G 106 -15.35 28.78 -2.05
CA GLU G 106 -14.89 29.85 -1.19
C GLU G 106 -15.58 31.15 -1.57
N PRO G 107 -16.66 31.48 -0.86
CA PRO G 107 -17.46 32.68 -1.14
C PRO G 107 -16.80 34.02 -0.82
N VAL G 108 -17.16 35.04 -1.59
CA VAL G 108 -16.67 36.39 -1.43
C VAL G 108 -17.89 37.30 -1.39
N ILE G 109 -18.03 38.08 -0.34
CA ILE G 109 -19.17 38.97 -0.18
C ILE G 109 -18.76 40.43 -0.37
N ALA G 110 -19.57 41.19 -1.09
CA ALA G 110 -19.30 42.60 -1.34
C ALA G 110 -20.60 43.37 -1.33
N GLY G 111 -20.65 44.47 -0.59
CA GLY G 111 -21.86 45.27 -0.54
C GLY G 111 -21.78 46.50 0.34
N LEU G 112 -22.90 47.21 0.41
CA LEU G 112 -22.99 48.40 1.24
C LEU G 112 -24.11 48.18 2.23
N ASP G 113 -23.91 48.60 3.47
CA ASP G 113 -24.94 48.43 4.48
C ASP G 113 -26.23 49.12 4.06
N PRO G 114 -27.38 48.48 4.28
CA PRO G 114 -28.70 48.99 3.91
C PRO G 114 -29.12 50.36 4.47
N LYS G 115 -28.53 50.83 5.56
CA LYS G 115 -28.91 52.13 6.13
C LYS G 115 -27.81 53.19 6.10
N THR G 116 -26.55 52.79 6.25
CA THR G 116 -25.44 53.75 6.25
C THR G 116 -24.58 53.74 4.97
N PHE G 117 -24.82 52.74 4.12
CA PHE G 117 -24.09 52.56 2.85
C PHE G 117 -22.56 52.47 2.98
N LYS G 118 -22.11 51.85 4.07
CA LYS G 118 -20.69 51.67 4.31
C LYS G 118 -20.24 50.43 3.56
N PRO G 119 -19.14 50.55 2.80
CA PRO G 119 -18.64 49.41 2.03
C PRO G 119 -18.22 48.25 2.92
N PHE G 120 -18.53 47.04 2.49
CA PHE G 120 -18.16 45.86 3.25
C PHE G 120 -17.72 44.75 2.32
N ILE G 121 -16.62 44.10 2.67
CA ILE G 121 -16.14 42.97 1.89
C ILE G 121 -15.56 41.96 2.86
N CYS G 122 -15.62 40.70 2.49
CA CYS G 122 -15.08 39.63 3.30
C CYS G 122 -14.95 38.39 2.43
N SER G 123 -14.20 37.42 2.92
CA SER G 123 -14.03 36.18 2.20
C SER G 123 -14.04 35.05 3.23
N LEU G 124 -14.64 33.93 2.86
CA LEU G 124 -14.71 32.79 3.74
C LEU G 124 -14.02 31.62 3.05
N ASP G 125 -13.62 30.63 3.83
CA ASP G 125 -13.00 29.44 3.25
C ASP G 125 -14.09 28.38 3.08
N LEU G 126 -13.70 27.15 2.76
CA LEU G 126 -14.69 26.10 2.57
C LEU G 126 -15.35 25.62 3.86
N ILE G 127 -14.66 25.81 4.99
CA ILE G 127 -15.17 25.41 6.29
C ILE G 127 -16.08 26.48 6.89
N GLY G 128 -15.82 27.74 6.53
CA GLY G 128 -16.62 28.84 7.02
C GLY G 128 -15.93 29.78 7.98
N CYS G 129 -14.67 30.11 7.70
CA CYS G 129 -13.94 31.05 8.53
C CYS G 129 -13.86 32.37 7.77
N PRO G 130 -14.36 33.45 8.38
CA PRO G 130 -14.40 34.79 7.76
C PRO G 130 -13.10 35.58 7.79
N MET G 131 -12.91 36.42 6.78
CA MET G 131 -11.74 37.28 6.67
C MET G 131 -12.20 38.65 6.21
N VAL G 132 -12.63 39.49 7.14
CA VAL G 132 -13.09 40.82 6.82
C VAL G 132 -11.88 41.73 6.62
N THR G 133 -11.77 42.35 5.45
CA THR G 133 -10.63 43.23 5.21
C THR G 133 -11.07 44.63 4.82
N ASP G 134 -10.09 45.53 4.74
CA ASP G 134 -10.36 46.92 4.38
C ASP G 134 -9.98 47.25 2.96
N ASP G 135 -9.28 46.34 2.29
CA ASP G 135 -8.86 46.59 0.92
C ASP G 135 -9.49 45.71 -0.14
N PHE G 136 -9.12 44.43 -0.16
CA PHE G 136 -9.62 43.50 -1.16
C PHE G 136 -9.62 42.07 -0.65
N VAL G 137 -10.30 41.19 -1.39
CA VAL G 137 -10.37 39.78 -1.07
C VAL G 137 -10.39 39.03 -2.39
N VAL G 138 -9.71 37.90 -2.45
CA VAL G 138 -9.67 37.12 -3.68
C VAL G 138 -9.99 35.67 -3.38
N SER G 139 -10.38 34.92 -4.41
CA SER G 139 -10.70 33.52 -4.25
C SER G 139 -10.63 32.83 -5.60
N GLY G 140 -10.10 31.62 -5.63
CA GLY G 140 -10.03 30.88 -6.87
C GLY G 140 -8.70 30.20 -7.14
N THR G 141 -8.57 29.65 -8.34
CA THR G 141 -7.37 28.93 -8.75
C THR G 141 -6.15 29.83 -8.96
N CYS G 142 -6.37 31.12 -9.21
CA CYS G 142 -5.26 32.04 -9.40
C CYS G 142 -5.22 33.10 -8.30
N SER G 143 -5.38 32.67 -7.06
CA SER G 143 -5.35 33.58 -5.92
C SER G 143 -3.98 34.25 -5.74
N GLU G 144 -2.92 33.50 -5.95
CA GLU G 144 -1.56 34.03 -5.82
C GLU G 144 -1.32 35.19 -6.79
N GLN G 145 -1.81 35.03 -8.02
CA GLN G 145 -1.68 36.05 -9.04
C GLN G 145 -2.54 37.25 -8.69
N MET G 146 -3.71 36.99 -8.12
CA MET G 146 -4.63 38.07 -7.74
C MET G 146 -4.05 38.88 -6.59
N TYR G 147 -3.46 38.20 -5.60
CA TYR G 147 -2.85 38.88 -4.47
C TYR G 147 -1.79 39.84 -4.96
N GLY G 148 -0.96 39.36 -5.88
CA GLY G 148 0.09 40.17 -6.45
C GLY G 148 -0.45 41.43 -7.08
N MET G 149 -1.44 41.29 -7.97
CA MET G 149 -2.05 42.43 -8.64
C MET G 149 -2.72 43.40 -7.66
N CYS G 150 -3.46 42.88 -6.70
CA CYS G 150 -4.16 43.71 -5.72
C CYS G 150 -3.25 44.46 -4.76
N GLU G 151 -2.24 43.76 -4.24
CA GLU G 151 -1.29 44.35 -3.30
C GLU G 151 -0.55 45.56 -3.85
N SER G 152 -0.21 45.54 -5.13
CA SER G 152 0.51 46.64 -5.72
C SER G 152 -0.36 47.70 -6.41
N LEU G 153 -1.59 47.37 -6.74
CA LEU G 153 -2.47 48.32 -7.44
C LEU G 153 -3.51 49.04 -6.56
N TRP G 154 -4.00 48.37 -5.52
CA TRP G 154 -5.02 48.97 -4.66
C TRP G 154 -4.59 50.20 -3.89
N GLU G 155 -5.46 51.21 -3.90
CA GLU G 155 -5.24 52.44 -3.18
C GLU G 155 -6.47 52.77 -2.36
N PRO G 156 -6.29 53.42 -1.21
CA PRO G 156 -7.44 53.80 -0.38
C PRO G 156 -8.24 54.94 -0.99
N ASN G 157 -9.51 55.05 -0.59
CA ASN G 157 -10.41 56.10 -1.05
C ASN G 157 -10.50 56.29 -2.56
N MET G 158 -10.72 55.22 -3.30
CA MET G 158 -10.84 55.32 -4.74
C MET G 158 -12.29 55.62 -5.09
N ASP G 159 -12.51 56.46 -6.09
CA ASP G 159 -13.87 56.74 -6.53
C ASP G 159 -14.29 55.65 -7.51
N PRO G 160 -15.60 55.55 -7.80
CA PRO G 160 -16.14 54.52 -8.69
C PRO G 160 -15.37 54.30 -10.00
N GLU G 161 -14.96 55.36 -10.67
CA GLU G 161 -14.23 55.21 -11.94
C GLU G 161 -12.85 54.59 -11.74
N HIS G 162 -12.10 55.11 -10.77
CA HIS G 162 -10.77 54.59 -10.49
C HIS G 162 -10.82 53.18 -9.92
N LEU G 163 -11.85 52.88 -9.14
CA LEU G 163 -12.01 51.56 -8.56
C LEU G 163 -12.27 50.55 -9.68
N PHE G 164 -13.07 50.94 -10.67
CA PHE G 164 -13.36 50.06 -11.78
C PHE G 164 -12.08 49.69 -12.53
N GLU G 165 -11.28 50.69 -12.85
CA GLU G 165 -10.03 50.47 -13.56
C GLU G 165 -9.09 49.55 -12.80
N THR G 166 -9.01 49.76 -11.49
CA THR G 166 -8.14 48.97 -10.63
C THR G 166 -8.52 47.50 -10.56
N ILE G 167 -9.78 47.21 -10.28
CA ILE G 167 -10.22 45.82 -10.20
C ILE G 167 -10.18 45.15 -11.58
N SER G 168 -10.46 45.89 -12.63
CA SER G 168 -10.43 45.36 -13.98
C SER G 168 -9.02 44.91 -14.35
N GLN G 169 -8.03 45.77 -14.11
CA GLN G 169 -6.65 45.43 -14.41
C GLN G 169 -6.17 44.30 -13.52
N ALA G 170 -6.60 44.30 -12.27
CA ALA G 170 -6.20 43.24 -11.35
C ALA G 170 -6.67 41.88 -11.87
N MET G 171 -7.94 41.78 -12.23
CA MET G 171 -8.49 40.51 -12.71
C MET G 171 -7.93 40.08 -14.07
N LEU G 172 -7.87 41.00 -15.02
CA LEU G 172 -7.38 40.70 -16.37
C LEU G 172 -5.98 40.10 -16.40
N ASN G 173 -5.03 40.76 -15.75
CA ASN G 173 -3.66 40.29 -15.73
C ASN G 173 -3.46 39.02 -14.89
N ALA G 174 -4.30 38.85 -13.88
CA ALA G 174 -4.23 37.68 -13.01
C ALA G 174 -4.75 36.42 -13.71
N VAL G 175 -5.89 36.53 -14.39
CA VAL G 175 -6.47 35.38 -15.08
C VAL G 175 -5.73 34.98 -16.35
N ASP G 176 -4.92 35.90 -16.89
CA ASP G 176 -4.11 35.63 -18.07
C ASP G 176 -2.90 34.74 -17.78
N ARG G 177 -2.51 34.63 -16.51
CA ARG G 177 -1.44 33.76 -16.08
C ARG G 177 -2.02 32.44 -15.53
N ASP G 178 -3.33 32.27 -15.64
CA ASP G 178 -4.01 31.06 -15.16
C ASP G 178 -4.65 30.30 -16.33
N ALA G 179 -4.28 29.03 -16.47
CA ALA G 179 -4.79 28.20 -17.56
C ALA G 179 -6.30 27.89 -17.52
N VAL G 180 -6.81 27.57 -16.34
CA VAL G 180 -8.22 27.20 -16.22
C VAL G 180 -9.17 28.31 -15.78
N SER G 181 -8.72 29.55 -15.88
CA SER G 181 -9.55 30.69 -15.52
C SER G 181 -9.53 31.68 -16.66
N GLY G 182 -10.67 32.34 -16.89
CA GLY G 182 -10.73 33.31 -17.95
C GLY G 182 -12.00 33.27 -18.77
N MET G 183 -11.83 33.36 -20.09
CA MET G 183 -12.91 33.37 -21.07
C MET G 183 -13.90 34.50 -20.81
N GLY G 184 -13.39 35.65 -20.40
CA GLY G 184 -14.22 36.80 -20.11
C GLY G 184 -14.24 37.15 -18.63
N VAL G 185 -14.52 38.42 -18.35
CA VAL G 185 -14.58 38.91 -16.98
C VAL G 185 -15.80 39.81 -16.83
N ILE G 186 -16.57 39.62 -15.77
CA ILE G 186 -17.72 40.45 -15.48
C ILE G 186 -17.43 41.25 -14.21
N VAL G 187 -17.76 42.54 -14.22
CA VAL G 187 -17.51 43.40 -13.07
C VAL G 187 -18.76 44.15 -12.61
N HIS G 188 -18.98 44.19 -11.30
CA HIS G 188 -20.12 44.91 -10.74
C HIS G 188 -19.62 46.03 -9.83
N ILE G 189 -20.00 47.26 -10.14
CA ILE G 189 -19.61 48.39 -9.31
C ILE G 189 -20.85 48.80 -8.51
N ILE G 190 -20.80 48.59 -7.21
CA ILE G 190 -21.94 48.90 -6.36
C ILE G 190 -21.85 50.27 -5.69
N GLU G 191 -22.71 51.18 -6.12
CA GLU G 191 -22.75 52.51 -5.55
C GLU G 191 -24.03 52.64 -4.73
N LYS G 192 -24.13 53.72 -3.98
CA LYS G 192 -25.30 53.94 -3.15
C LYS G 192 -26.57 54.12 -3.97
N ASP G 193 -26.45 54.78 -5.12
CA ASP G 193 -27.60 55.04 -5.96
C ASP G 193 -27.75 54.18 -7.21
N LYS G 194 -26.72 53.45 -7.59
CA LYS G 194 -26.80 52.61 -8.79
C LYS G 194 -25.83 51.44 -8.85
N ILE G 195 -26.19 50.45 -9.66
CA ILE G 195 -25.37 49.28 -9.86
C ILE G 195 -24.93 49.27 -11.31
N THR G 196 -23.63 49.21 -11.54
CA THR G 196 -23.11 49.18 -12.89
C THR G 196 -22.46 47.83 -13.16
N THR G 197 -22.89 47.17 -14.24
CA THR G 197 -22.36 45.88 -14.62
C THR G 197 -21.65 45.98 -15.96
N ARG G 198 -20.38 45.59 -16.00
CA ARG G 198 -19.64 45.65 -17.23
C ARG G 198 -18.94 44.35 -17.56
N THR G 199 -18.87 44.04 -18.84
CA THR G 199 -18.18 42.86 -19.30
C THR G 199 -16.93 43.40 -19.97
N LEU G 200 -15.77 42.83 -19.64
CA LEU G 200 -14.53 43.33 -20.20
C LEU G 200 -14.09 42.60 -21.44
N LYS G 201 -13.27 43.25 -22.24
CA LYS G 201 -12.71 42.64 -23.42
C LYS G 201 -11.53 41.83 -22.91
N ALA G 202 -11.63 40.52 -23.01
CA ALA G 202 -10.57 39.65 -22.50
C ALA G 202 -10.15 38.59 -23.49
N ARG G 203 -9.04 37.93 -23.18
CA ARG G 203 -8.53 36.86 -24.03
C ARG G 203 -9.44 35.66 -23.93
N MET G 204 -9.62 34.94 -25.03
CA MET G 204 -10.49 33.77 -25.02
C MET G 204 -9.72 32.46 -25.23
N ASP G 205 -8.44 32.46 -24.86
CA ASP G 205 -7.61 31.26 -24.99
C ASP G 205 -7.25 30.69 -23.62
N THR H 1 -0.76 22.28 -25.33
CA THR H 1 0.07 22.45 -26.54
C THR H 1 -0.73 21.98 -27.76
N THR H 2 -0.73 22.73 -28.86
CA THR H 2 -1.31 22.19 -30.09
C THR H 2 -0.36 22.42 -31.27
N THR H 3 0.00 21.36 -31.96
CA THR H 3 0.81 21.49 -33.16
C THR H 3 0.10 20.73 -34.28
N LEU H 4 0.25 21.14 -35.53
CA LEU H 4 -0.35 20.43 -36.64
C LEU H 4 0.53 20.53 -37.89
N ALA H 5 0.35 19.61 -38.83
CA ALA H 5 1.04 19.68 -40.10
C ALA H 5 0.22 18.88 -41.13
N PHE H 6 0.23 19.35 -42.37
CA PHE H 6 -0.41 18.61 -43.45
C PHE H 6 0.27 18.88 -44.78
N LYS H 7 0.29 17.87 -45.64
CA LYS H 7 0.80 18.02 -46.99
C LYS H 7 -0.35 18.42 -47.88
N PHE H 8 -0.07 19.27 -48.85
CA PHE H 8 -1.10 19.64 -49.81
C PHE H 8 -0.41 19.81 -51.17
N GLN H 9 -1.08 20.40 -52.16
CA GLN H 9 -0.44 20.46 -53.49
C GLN H 9 0.79 21.37 -53.52
N HIS H 10 0.88 22.37 -52.62
CA HIS H 10 2.03 23.26 -52.63
C HIS H 10 3.07 23.05 -51.53
N GLY H 11 3.14 21.84 -50.95
CA GLY H 11 4.15 21.55 -49.94
C GLY H 11 3.58 21.10 -48.60
N VAL H 12 4.18 21.59 -47.52
CA VAL H 12 3.74 21.24 -46.17
C VAL H 12 3.47 22.50 -45.36
N ILE H 13 2.37 22.50 -44.61
CA ILE H 13 2.09 23.60 -43.69
C ILE H 13 2.44 23.12 -42.29
N VAL H 14 3.11 23.95 -41.48
CA VAL H 14 3.34 23.56 -40.09
C VAL H 14 2.92 24.76 -39.22
N ALA H 15 2.10 24.48 -38.19
CA ALA H 15 1.61 25.53 -37.31
C ALA H 15 1.62 25.05 -35.88
N VAL H 16 1.91 25.94 -34.91
CA VAL H 16 1.86 25.58 -33.49
C VAL H 16 1.33 26.73 -32.64
N ASP H 17 0.98 26.45 -31.40
CA ASP H 17 0.65 27.50 -30.44
C ASP H 17 1.95 27.82 -29.64
N SER H 18 1.88 28.68 -28.61
CA SER H 18 3.12 29.07 -27.94
C SER H 18 3.00 29.06 -26.41
N ARG H 19 2.08 28.29 -25.85
CA ARG H 19 1.89 28.28 -24.41
C ARG H 19 2.70 27.18 -23.73
N ALA H 20 3.26 27.53 -22.56
CA ALA H 20 3.89 26.50 -21.71
C ALA H 20 3.26 26.64 -20.33
N THR H 21 3.04 25.54 -19.66
CA THR H 21 2.42 25.65 -18.35
C THR H 21 3.04 24.72 -17.32
N ALA H 22 2.78 25.05 -16.06
CA ALA H 22 3.19 24.23 -14.93
C ALA H 22 1.98 24.12 -14.03
N GLY H 23 1.27 23.01 -14.15
CA GLY H 23 0.03 22.90 -13.43
C GLY H 23 -1.00 23.81 -14.08
N ASN H 24 -1.53 24.76 -13.30
CA ASN H 24 -2.53 25.68 -13.83
C ASN H 24 -1.91 27.03 -14.12
N TYR H 25 -0.62 27.16 -13.80
CA TYR H 25 0.07 28.42 -13.99
C TYR H 25 0.64 28.47 -15.41
N ILE H 26 0.45 29.60 -16.07
CA ILE H 26 0.97 29.75 -17.42
C ILE H 26 2.35 30.39 -17.26
N SER H 27 3.37 29.60 -17.51
CA SER H 27 4.74 30.03 -17.34
C SER H 27 5.22 30.87 -18.50
N SER H 28 4.65 30.65 -19.69
CA SER H 28 5.04 31.50 -20.83
C SER H 28 3.98 31.52 -21.94
N SER H 29 3.93 32.57 -22.72
CA SER H 29 3.05 32.61 -23.90
C SER H 29 3.89 32.87 -25.14
N ARG H 30 5.20 32.68 -25.08
CA ARG H 30 6.03 33.02 -26.22
C ARG H 30 7.03 31.89 -26.53
N VAL H 31 6.70 30.65 -26.18
CA VAL H 31 7.61 29.55 -26.46
C VAL H 31 7.61 29.30 -27.97
N ASN H 32 8.81 29.00 -28.50
CA ASN H 32 8.97 28.64 -29.90
C ASN H 32 8.89 27.13 -30.00
N LYS H 33 7.84 26.59 -30.59
CA LYS H 33 7.67 25.13 -30.63
C LYS H 33 8.07 24.53 -31.98
N VAL H 34 8.76 25.32 -32.81
CA VAL H 34 9.29 24.83 -34.06
C VAL H 34 10.80 24.99 -34.09
N ILE H 35 11.53 23.90 -34.25
CA ILE H 35 12.97 23.98 -34.41
C ILE H 35 13.35 23.94 -35.88
N GLU H 36 14.24 24.85 -36.31
CA GLU H 36 14.73 24.81 -37.67
C GLU H 36 16.06 24.04 -37.78
N ILE H 37 15.99 22.75 -38.06
CA ILE H 37 17.18 21.92 -38.18
C ILE H 37 18.10 22.46 -39.27
N ASN H 38 17.61 22.53 -40.50
CA ASN H 38 18.32 23.14 -41.60
C ASN H 38 17.29 23.89 -42.45
N PRO H 39 17.68 24.44 -43.61
CA PRO H 39 16.74 25.18 -44.46
C PRO H 39 15.66 24.38 -45.16
N SER H 40 15.72 23.04 -45.12
CA SER H 40 14.67 22.24 -45.74
C SER H 40 14.08 21.25 -44.71
N LEU H 41 14.37 21.45 -43.42
CA LEU H 41 13.93 20.52 -42.39
C LEU H 41 13.42 21.23 -41.14
N LEU H 42 12.24 20.85 -40.66
CA LEU H 42 11.68 21.44 -39.44
C LEU H 42 11.23 20.34 -38.49
N GLY H 43 11.27 20.64 -37.20
CA GLY H 43 10.81 19.77 -36.13
C GLY H 43 9.83 20.51 -35.24
N THR H 44 8.72 19.89 -34.87
CA THR H 44 7.79 20.51 -33.94
C THR H 44 7.91 19.83 -32.61
N MET H 45 7.53 20.56 -31.56
CA MET H 45 7.68 20.00 -30.22
C MET H 45 6.34 19.96 -29.51
N SER H 46 6.17 18.91 -28.71
CA SER H 46 5.00 18.73 -27.88
C SER H 46 5.40 17.78 -26.74
N GLY H 47 4.90 18.04 -25.55
CA GLY H 47 5.19 17.19 -24.41
C GLY H 47 6.08 17.96 -23.45
N CYS H 48 7.13 17.29 -22.93
CA CYS H 48 7.99 17.98 -21.97
C CYS H 48 8.88 18.94 -22.75
N ALA H 49 8.94 20.21 -22.35
CA ALA H 49 9.74 21.19 -23.05
C ALA H 49 11.23 20.83 -23.01
N ALA H 50 11.78 20.35 -21.88
CA ALA H 50 13.23 20.08 -21.84
C ALA H 50 13.55 18.88 -22.69
N ASP H 51 12.70 17.81 -22.68
CA ASP H 51 13.01 16.66 -23.50
C ASP H 51 12.95 17.04 -24.98
N CYS H 52 11.90 17.71 -25.39
CA CYS H 52 11.78 18.11 -26.79
C CYS H 52 12.93 19.02 -27.23
N GLN H 53 13.24 20.04 -26.44
CA GLN H 53 14.28 20.97 -26.79
C GLN H 53 15.63 20.23 -26.90
N TYR H 54 15.91 19.33 -25.96
CA TYR H 54 17.20 18.66 -25.96
C TYR H 54 17.33 17.63 -27.10
N TRP H 55 16.37 16.69 -27.23
CA TRP H 55 16.51 15.64 -28.25
C TRP H 55 16.40 16.21 -29.67
N GLU H 56 15.62 17.25 -29.89
CA GLU H 56 15.53 17.81 -31.24
C GLU H 56 16.77 18.61 -31.60
N ARG H 57 17.45 19.16 -30.59
CA ARG H 57 18.71 19.87 -30.83
C ARG H 57 19.79 18.83 -31.11
N LEU H 58 19.70 17.67 -30.46
CA LEU H 58 20.65 16.59 -30.70
C LEU H 58 20.46 15.99 -32.10
N LEU H 59 19.20 15.95 -32.57
CA LEU H 59 18.97 15.53 -33.94
C LEU H 59 19.60 16.51 -34.90
N ALA H 60 19.46 17.81 -34.60
CA ALA H 60 20.05 18.83 -35.46
C ALA H 60 21.57 18.67 -35.56
N LYS H 61 22.23 18.33 -34.44
CA LYS H 61 23.65 18.08 -34.46
C LYS H 61 23.98 16.89 -35.38
N GLU H 62 23.23 15.78 -35.24
CA GLU H 62 23.45 14.60 -36.05
C GLU H 62 23.18 14.87 -37.54
N CYS H 63 22.17 15.68 -37.83
CA CYS H 63 21.86 16.02 -39.21
C CYS H 63 23.01 16.80 -39.83
N ARG H 64 23.59 17.71 -39.07
CA ARG H 64 24.70 18.52 -39.54
C ARG H 64 25.96 17.68 -39.76
N LEU H 65 26.22 16.74 -38.87
CA LEU H 65 27.38 15.88 -39.00
C LEU H 65 27.23 14.99 -40.23
N TYR H 66 26.03 14.52 -40.46
CA TYR H 66 25.72 13.69 -41.61
C TYR H 66 26.08 14.44 -42.90
N TYR H 67 25.71 15.69 -42.96
CA TYR H 67 26.01 16.52 -44.11
C TYR H 67 27.51 16.74 -44.30
N LEU H 68 28.29 16.92 -43.22
CA LEU H 68 29.73 17.11 -43.37
C LEU H 68 30.41 15.81 -43.81
N ARG H 69 29.92 14.65 -43.36
CA ARG H 69 30.52 13.37 -43.70
C ARG H 69 30.17 12.91 -45.10
N ASN H 70 28.90 13.08 -45.50
CA ASN H 70 28.41 12.58 -46.77
C ASN H 70 28.33 13.64 -47.86
N GLY H 71 28.34 14.92 -47.51
CA GLY H 71 28.23 15.93 -48.54
C GLY H 71 26.95 15.77 -49.35
N GLU H 72 25.79 15.67 -48.70
CA GLU H 72 24.57 15.35 -49.44
C GLU H 72 23.26 15.81 -48.81
N ARG H 73 23.21 16.09 -47.49
CA ARG H 73 21.97 16.54 -46.80
C ARG H 73 20.95 15.41 -46.50
N ILE H 74 20.71 15.16 -45.21
CA ILE H 74 19.97 14.02 -44.76
C ILE H 74 18.52 14.11 -45.26
N SER H 75 17.92 12.94 -45.49
CA SER H 75 16.53 12.90 -45.96
C SER H 75 15.58 12.93 -44.77
N VAL H 76 14.34 13.34 -45.00
CA VAL H 76 13.35 13.44 -43.93
C VAL H 76 13.15 12.08 -43.28
N SER H 77 13.14 11.03 -44.08
CA SER H 77 12.92 9.69 -43.56
C SER H 77 14.09 9.26 -42.64
N ALA H 78 15.35 9.56 -43.03
CA ALA H 78 16.45 9.16 -42.19
C ALA H 78 16.57 10.02 -40.93
N ALA H 79 16.18 11.29 -41.02
CA ALA H 79 16.20 12.15 -39.84
C ALA H 79 15.20 11.63 -38.79
N SER H 80 13.98 11.26 -39.22
CA SER H 80 12.99 10.78 -38.28
C SER H 80 13.38 9.43 -37.66
N LYS H 81 14.05 8.60 -38.45
CA LYS H 81 14.50 7.32 -37.94
C LYS H 81 15.60 7.52 -36.90
N LEU H 82 16.45 8.51 -37.15
CA LEU H 82 17.51 8.83 -36.20
C LEU H 82 16.93 9.30 -34.88
N LEU H 83 15.92 10.17 -34.92
CA LEU H 83 15.27 10.62 -33.70
C LEU H 83 14.56 9.48 -32.99
N SER H 84 13.84 8.63 -33.74
CA SER H 84 13.12 7.54 -33.10
C SER H 84 14.05 6.51 -32.45
N ASN H 85 15.25 6.30 -33.01
CA ASN H 85 16.20 5.37 -32.40
C ASN H 85 16.84 5.98 -31.16
N MET H 86 17.05 7.31 -31.18
CA MET H 86 17.64 8.01 -30.05
C MET H 86 16.78 7.88 -28.81
N VAL H 87 15.49 8.21 -28.92
CA VAL H 87 14.62 8.21 -27.75
C VAL H 87 14.16 6.81 -27.38
N TYR H 88 14.32 5.83 -28.28
CA TYR H 88 13.94 4.45 -27.95
C TYR H 88 14.84 3.80 -26.90
N GLN H 89 16.09 4.28 -26.77
CA GLN H 89 17.02 3.83 -25.73
C GLN H 89 16.61 4.21 -24.31
N TYR H 90 15.79 5.26 -24.15
CA TYR H 90 15.34 5.66 -22.83
C TYR H 90 13.88 5.31 -22.61
N ARG H 91 13.36 4.34 -23.37
CA ARG H 91 11.95 3.99 -23.22
C ARG H 91 11.68 3.48 -21.80
N GLY H 92 10.53 3.87 -21.26
CA GLY H 92 10.16 3.44 -19.92
C GLY H 92 10.71 4.35 -18.82
N MET H 93 11.43 5.41 -19.20
CA MET H 93 12.07 6.28 -18.22
C MET H 93 11.33 7.61 -18.10
N ASP H 94 10.08 7.63 -18.55
CA ASP H 94 9.23 8.82 -18.44
C ASP H 94 9.67 10.04 -19.27
N LEU H 95 10.36 9.83 -20.40
CA LEU H 95 10.51 10.93 -21.35
C LEU H 95 9.15 11.28 -21.96
N SER H 96 9.00 12.55 -22.31
CA SER H 96 7.71 12.99 -22.83
C SER H 96 7.94 13.88 -24.05
N MET H 97 7.79 13.32 -25.25
CA MET H 97 8.06 14.09 -26.47
C MET H 97 7.24 13.54 -27.64
N GLY H 98 6.50 14.44 -28.27
CA GLY H 98 5.69 14.08 -29.42
C GLY H 98 6.07 15.06 -30.52
N SER H 99 6.79 14.58 -31.50
CA SER H 99 7.37 15.46 -32.52
C SER H 99 6.87 15.16 -33.94
N MET H 100 6.85 16.20 -34.76
CA MET H 100 6.62 16.04 -36.19
C MET H 100 7.88 16.47 -36.94
N ILE H 101 8.43 15.60 -37.78
CA ILE H 101 9.57 15.99 -38.59
C ILE H 101 9.07 16.23 -39.98
N CYS H 102 9.36 17.42 -40.50
CA CYS H 102 8.83 17.78 -41.82
C CYS H 102 9.90 18.46 -42.67
N GLY H 103 9.91 18.13 -43.95
CA GLY H 103 10.90 18.67 -44.83
C GLY H 103 10.59 18.35 -46.28
N TRP H 104 11.56 18.60 -47.13
CA TRP H 104 11.44 18.31 -48.56
C TRP H 104 12.77 17.76 -49.01
N ASP H 105 12.78 16.49 -49.42
CA ASP H 105 14.01 15.86 -49.87
C ASP H 105 13.85 15.41 -51.31
N LYS H 106 14.61 14.37 -51.71
CA LYS H 106 14.57 13.88 -53.09
C LYS H 106 13.26 13.19 -53.45
N LYS H 107 12.57 12.65 -52.45
CA LYS H 107 11.30 11.97 -52.70
C LYS H 107 10.11 12.92 -52.54
N GLY H 108 10.36 14.23 -52.44
CA GLY H 108 9.28 15.20 -52.30
C GLY H 108 9.02 15.56 -50.83
N PRO H 109 7.89 16.22 -50.54
CA PRO H 109 7.51 16.62 -49.19
C PRO H 109 7.35 15.42 -48.26
N GLY H 110 7.99 15.48 -47.10
CA GLY H 110 7.90 14.37 -46.16
C GLY H 110 7.38 14.87 -44.80
N LEU H 111 6.56 14.06 -44.16
CA LEU H 111 5.99 14.37 -42.88
C LEU H 111 5.97 13.13 -42.01
N TYR H 112 6.64 13.19 -40.86
CA TYR H 112 6.65 12.05 -39.99
C TYR H 112 6.27 12.44 -38.55
N TYR H 113 5.58 11.54 -37.89
CA TYR H 113 5.27 11.70 -36.50
C TYR H 113 6.17 10.74 -35.72
N VAL H 114 6.86 11.27 -34.72
CA VAL H 114 7.72 10.46 -33.86
C VAL H 114 7.41 10.79 -32.41
N ASP H 115 7.34 9.77 -31.56
CA ASP H 115 7.07 10.03 -30.14
C ASP H 115 8.02 9.29 -29.21
N GLN H 116 7.93 9.56 -27.91
CA GLN H 116 8.83 9.00 -26.91
C GLN H 116 8.77 7.46 -26.84
N ASN H 117 7.65 6.81 -27.19
CA ASN H 117 7.59 5.34 -27.15
C ASN H 117 8.36 4.67 -28.30
N GLY H 118 8.66 5.41 -29.35
CA GLY H 118 9.40 4.92 -30.49
C GLY H 118 8.53 4.86 -31.75
N THR H 119 7.23 5.13 -31.60
CA THR H 119 6.33 5.25 -32.73
C THR H 119 6.91 6.20 -33.81
N ARG H 120 6.94 5.75 -35.06
CA ARG H 120 7.37 6.58 -36.16
C ARG H 120 6.45 6.32 -37.35
N LEU H 121 5.70 7.32 -37.77
CA LEU H 121 4.73 7.16 -38.85
C LEU H 121 4.82 8.25 -39.88
N SER H 122 4.72 7.84 -41.14
CA SER H 122 4.76 8.77 -42.24
C SER H 122 3.29 9.04 -42.54
N GLY H 123 2.94 10.27 -42.87
CA GLY H 123 1.52 10.52 -43.15
C GLY H 123 1.28 11.82 -43.89
N ASN H 124 0.02 12.04 -44.21
CA ASN H 124 -0.40 13.19 -44.99
C ASN H 124 -0.73 14.35 -44.05
N MET H 125 -1.20 14.06 -42.83
CA MET H 125 -1.55 15.09 -41.88
C MET H 125 -1.46 14.56 -40.46
N PHE H 126 -1.02 15.41 -39.52
CA PHE H 126 -0.95 14.96 -38.12
C PHE H 126 -1.25 16.15 -37.22
N SER H 127 -1.62 15.86 -35.98
CA SER H 127 -1.79 16.84 -34.93
C SER H 127 -1.28 16.21 -33.63
N THR H 128 -0.56 16.97 -32.83
CA THR H 128 -0.07 16.47 -31.56
C THR H 128 -0.29 17.47 -30.45
N GLY H 129 -0.34 16.99 -29.20
CA GLY H 129 -0.52 17.87 -28.07
C GLY H 129 -1.89 17.69 -27.41
N SER H 130 -2.12 18.36 -26.28
CA SER H 130 -3.42 18.27 -25.58
C SER H 130 -4.58 18.87 -26.37
N GLY H 131 -4.34 19.81 -27.27
CA GLY H 131 -5.40 20.38 -28.07
C GLY H 131 -5.50 19.76 -29.44
N SER H 132 -4.77 18.67 -29.66
CA SER H 132 -4.77 18.00 -30.96
C SER H 132 -6.11 17.43 -31.43
N THR H 133 -6.95 16.93 -30.49
CA THR H 133 -8.25 16.41 -30.99
C THR H 133 -9.12 17.54 -31.58
N TYR H 134 -9.06 18.73 -31.01
CA TYR H 134 -9.84 19.85 -31.53
C TYR H 134 -9.32 20.28 -32.89
N ALA H 135 -7.99 20.29 -33.03
CA ALA H 135 -7.37 20.66 -34.31
C ALA H 135 -7.76 19.68 -35.41
N TYR H 136 -7.81 18.39 -35.07
CA TYR H 136 -8.14 17.36 -36.06
C TYR H 136 -9.53 17.63 -36.64
N GLY H 137 -10.49 17.99 -35.75
CA GLY H 137 -11.87 18.20 -36.20
C GLY H 137 -11.95 19.30 -37.25
N VAL H 138 -11.30 20.44 -36.99
CA VAL H 138 -11.38 21.56 -37.91
C VAL H 138 -10.53 21.27 -39.14
N MET H 139 -9.32 20.72 -38.91
CA MET H 139 -8.43 20.43 -40.04
C MET H 139 -9.07 19.43 -41.00
N ASP H 140 -9.59 18.30 -40.51
CA ASP H 140 -10.19 17.28 -41.38
C ASP H 140 -11.46 17.78 -42.08
N SER H 141 -12.19 18.72 -41.48
CA SER H 141 -13.43 19.22 -42.10
C SER H 141 -13.15 20.14 -43.28
N GLY H 142 -12.04 20.89 -43.28
CA GLY H 142 -11.78 21.85 -44.33
C GLY H 142 -10.58 21.47 -45.19
N TYR H 143 -10.04 20.27 -44.98
CA TYR H 143 -8.84 19.91 -45.74
C TYR H 143 -9.17 19.32 -47.11
N GLN H 144 -8.48 19.82 -48.10
CA GLN H 144 -8.55 19.31 -49.47
C GLN H 144 -7.12 19.29 -49.94
N PRO H 145 -6.73 18.27 -50.73
CA PRO H 145 -5.33 18.24 -51.20
C PRO H 145 -5.04 19.33 -52.24
N SER H 146 -6.08 19.86 -52.91
CA SER H 146 -5.91 20.86 -53.95
C SER H 146 -6.06 22.28 -53.44
N LEU H 147 -5.87 22.50 -52.13
CA LEU H 147 -6.01 23.83 -51.53
C LEU H 147 -4.98 24.78 -52.15
N SER H 148 -5.35 26.05 -52.31
CA SER H 148 -4.38 27.05 -52.70
C SER H 148 -3.56 27.47 -51.47
N PRO H 149 -2.36 28.05 -51.65
CA PRO H 149 -1.54 28.44 -50.51
C PRO H 149 -2.26 29.31 -49.48
N GLU H 150 -3.04 30.28 -49.91
CA GLU H 150 -3.74 31.15 -48.98
C GLU H 150 -4.80 30.37 -48.22
N GLU H 151 -5.45 29.43 -48.90
CA GLU H 151 -6.49 28.65 -48.28
C GLU H 151 -5.88 27.70 -47.25
N ALA H 152 -4.68 27.18 -47.55
CA ALA H 152 -4.02 26.28 -46.62
C ALA H 152 -3.59 27.05 -45.36
N TYR H 153 -3.14 28.30 -45.53
CA TYR H 153 -2.72 29.11 -44.41
C TYR H 153 -3.92 29.41 -43.50
N GLU H 154 -5.06 29.67 -44.11
CA GLU H 154 -6.26 29.96 -43.38
C GLU H 154 -6.75 28.74 -42.60
N LEU H 155 -6.67 27.54 -43.21
CA LEU H 155 -7.11 26.34 -42.52
C LEU H 155 -6.19 26.10 -41.30
N GLY H 156 -4.88 26.28 -41.48
CA GLY H 156 -3.92 26.05 -40.41
C GLY H 156 -4.20 27.02 -39.25
N ARG H 157 -4.48 28.27 -39.56
CA ARG H 157 -4.75 29.27 -38.55
C ARG H 157 -6.06 29.00 -37.82
N ARG H 158 -7.10 28.57 -38.55
CA ARG H 158 -8.37 28.25 -37.91
C ARG H 158 -8.23 27.00 -37.01
N ALA H 159 -7.51 25.98 -37.41
CA ALA H 159 -7.44 24.77 -36.64
C ALA H 159 -6.70 25.05 -35.34
N ILE H 160 -5.61 25.83 -35.37
CA ILE H 160 -4.90 26.13 -34.14
C ILE H 160 -5.79 27.03 -33.26
N THR H 161 -6.41 28.07 -33.84
CA THR H 161 -7.21 28.99 -33.07
C THR H 161 -8.31 28.29 -32.29
N TYR H 162 -9.10 27.41 -32.93
CA TYR H 162 -10.20 26.75 -32.24
C TYR H 162 -9.70 25.76 -31.18
N ALA H 163 -8.52 25.16 -31.40
CA ALA H 163 -7.98 24.32 -30.36
C ALA H 163 -7.63 25.16 -29.11
N THR H 164 -7.11 26.37 -29.28
CA THR H 164 -6.68 27.17 -28.13
C THR H 164 -7.89 27.70 -27.38
N HIS H 165 -9.02 27.84 -28.08
CA HIS H 165 -10.25 28.27 -27.45
C HIS H 165 -10.81 27.21 -26.51
N ARG H 166 -10.66 25.92 -26.86
CA ARG H 166 -11.24 24.84 -26.07
C ARG H 166 -10.24 24.22 -25.11
N ASP H 167 -8.94 24.13 -25.48
CA ASP H 167 -7.98 23.46 -24.64
C ASP H 167 -7.31 24.49 -23.72
N SER H 168 -7.35 24.21 -22.41
CA SER H 168 -6.79 25.16 -21.42
C SER H 168 -5.27 25.26 -21.58
N TYR H 169 -4.62 24.15 -21.96
CA TYR H 169 -3.17 24.15 -22.12
C TYR H 169 -2.65 24.74 -23.43
N SER H 170 -3.53 25.31 -24.27
CA SER H 170 -3.03 25.89 -25.53
C SER H 170 -3.43 27.34 -25.60
N GLY H 171 -2.57 28.15 -26.26
CA GLY H 171 -2.90 29.55 -26.39
C GLY H 171 -1.72 30.36 -26.88
N GLY H 172 -1.84 31.67 -26.78
CA GLY H 172 -0.74 32.56 -27.06
C GLY H 172 -0.84 32.99 -28.52
N ILE H 173 0.19 32.66 -29.28
CA ILE H 173 0.18 33.05 -30.68
C ILE H 173 0.41 31.83 -31.53
N ILE H 174 0.05 31.94 -32.81
CA ILE H 174 0.26 30.85 -33.72
C ILE H 174 1.45 31.16 -34.63
N ASN H 175 2.40 30.24 -34.66
CA ASN H 175 3.54 30.37 -35.54
C ASN H 175 3.31 29.39 -36.69
N MET H 176 3.29 29.91 -37.91
CA MET H 176 3.05 29.04 -39.04
C MET H 176 4.24 29.03 -40.02
N TYR H 177 4.50 27.86 -40.61
CA TYR H 177 5.58 27.75 -41.57
C TYR H 177 5.08 27.07 -42.84
N HIS H 178 5.77 27.32 -43.96
CA HIS H 178 5.39 26.71 -45.21
C HIS H 178 6.63 26.03 -45.81
N MET H 179 6.60 24.71 -45.86
CA MET H 179 7.70 23.92 -46.40
C MET H 179 7.55 23.78 -47.90
N LYS H 180 8.57 24.19 -48.65
CA LYS H 180 8.53 24.14 -50.12
C LYS H 180 9.79 23.46 -50.66
N GLU H 181 9.84 23.24 -51.98
CA GLU H 181 10.99 22.57 -52.60
C GLU H 181 12.31 23.29 -52.30
N ASP H 182 12.29 24.62 -52.35
CA ASP H 182 13.47 25.44 -52.12
C ASP H 182 13.73 25.68 -50.64
N GLY H 183 12.82 25.22 -49.76
CA GLY H 183 13.04 25.32 -48.31
C GLY H 183 11.79 25.84 -47.60
N TRP H 184 11.88 26.01 -46.29
CA TRP H 184 10.72 26.53 -45.55
C TRP H 184 10.73 28.05 -45.47
N VAL H 185 9.55 28.63 -45.35
CA VAL H 185 9.37 30.05 -45.13
C VAL H 185 8.47 30.25 -43.91
N LYS H 186 8.86 31.14 -43.02
CA LYS H 186 8.02 31.53 -41.90
C LYS H 186 6.91 32.41 -42.42
N VAL H 187 5.70 31.88 -42.40
CA VAL H 187 4.53 32.57 -42.94
C VAL H 187 4.12 33.73 -42.05
N GLU H 188 3.76 33.47 -40.80
CA GLU H 188 3.34 34.52 -39.88
C GLU H 188 3.40 34.11 -38.40
N SER H 189 3.18 35.11 -37.56
CA SER H 189 3.16 34.95 -36.11
C SER H 189 2.00 35.79 -35.57
N THR H 190 0.81 35.22 -35.52
CA THR H 190 -0.37 35.98 -35.11
C THR H 190 -0.85 35.57 -33.72
N ASP H 191 -1.27 36.57 -32.95
CA ASP H 191 -1.80 36.33 -31.62
C ASP H 191 -3.19 35.72 -31.79
N VAL H 192 -3.46 34.62 -31.07
CA VAL H 192 -4.72 33.89 -31.31
C VAL H 192 -5.93 34.69 -30.82
N ASN H 193 -5.75 35.65 -29.93
CA ASN H 193 -6.87 36.42 -29.45
C ASN H 193 -7.40 37.37 -30.51
N GLU H 194 -6.50 37.94 -31.30
CA GLU H 194 -6.91 38.81 -32.41
C GLU H 194 -7.69 37.98 -33.43
N LEU H 195 -7.21 36.76 -33.69
CA LEU H 195 -7.80 35.85 -34.66
C LEU H 195 -9.21 35.45 -34.24
N LEU H 196 -9.36 35.00 -33.00
CA LEU H 196 -10.65 34.49 -32.54
C LEU H 196 -11.70 35.59 -32.44
N HIS H 197 -11.29 36.82 -32.19
CA HIS H 197 -12.25 37.90 -32.10
C HIS H 197 -12.74 38.25 -33.50
N GLN H 198 -11.86 38.10 -34.48
CA GLN H 198 -12.18 38.38 -35.87
C GLN H 198 -13.04 37.25 -36.48
N TYR H 199 -12.99 36.05 -35.89
CA TYR H 199 -13.81 34.95 -36.35
C TYR H 199 -15.15 35.05 -35.63
N GLN H 200 -15.12 35.52 -34.37
CA GLN H 200 -16.32 35.69 -33.56
C GLN H 200 -17.27 36.72 -34.18
N GLU H 201 -16.71 37.77 -34.80
CA GLU H 201 -17.48 38.80 -35.47
C GLU H 201 -17.91 38.31 -36.86
N PHE I 30 -7.53 -9.45 12.04
CA PHE I 30 -7.79 -10.88 12.46
C PHE I 30 -8.70 -11.55 11.43
N SER I 31 -8.40 -12.82 11.15
CA SER I 31 -9.17 -13.60 10.19
C SER I 31 -10.27 -14.36 10.93
N PRO I 32 -11.53 -14.26 10.46
CA PRO I 32 -12.64 -14.96 11.08
C PRO I 32 -12.79 -16.43 10.65
N TYR I 33 -11.89 -16.89 9.77
CA TYR I 33 -11.95 -18.26 9.30
C TYR I 33 -10.70 -19.04 9.68
N ALA I 34 -10.75 -20.36 9.55
CA ALA I 34 -9.62 -21.28 9.68
C ALA I 34 -9.91 -22.51 8.84
N PHE I 35 -8.90 -23.03 8.17
CA PHE I 35 -9.05 -24.25 7.40
C PHE I 35 -8.83 -25.45 8.34
N ASN I 36 -9.87 -26.24 8.56
CA ASN I 36 -9.77 -27.36 9.51
C ASN I 36 -9.68 -28.73 8.84
N GLY I 37 -9.60 -28.77 7.49
CA GLY I 37 -9.45 -29.99 6.73
C GLY I 37 -10.67 -30.92 6.77
N GLY I 38 -10.45 -32.13 6.25
CA GLY I 38 -11.52 -33.12 6.24
C GLY I 38 -12.13 -33.34 4.85
N THR I 39 -12.52 -34.58 4.59
CA THR I 39 -13.13 -34.94 3.33
C THR I 39 -14.46 -35.66 3.56
N VAL I 40 -15.43 -35.37 2.71
CA VAL I 40 -16.74 -35.97 2.81
C VAL I 40 -17.07 -36.58 1.44
N LEU I 41 -17.71 -37.74 1.45
CA LEU I 41 -18.14 -38.36 0.21
C LEU I 41 -19.61 -38.78 0.35
N ALA I 42 -20.37 -38.73 -0.74
CA ALA I 42 -21.71 -39.30 -0.77
C ALA I 42 -21.97 -40.03 -2.07
N ILE I 43 -22.66 -41.17 -1.98
CA ILE I 43 -23.03 -41.96 -3.17
C ILE I 43 -24.48 -42.42 -3.05
N ALA I 44 -25.26 -42.24 -4.10
CA ALA I 44 -26.67 -42.65 -4.10
C ALA I 44 -26.84 -43.93 -4.90
N GLY I 45 -27.55 -44.91 -4.36
CA GLY I 45 -27.78 -46.14 -5.08
C GLY I 45 -29.29 -46.27 -5.36
N GLU I 46 -29.75 -47.46 -5.79
CA GLU I 46 -31.15 -47.59 -6.20
C GLU I 46 -32.04 -47.41 -4.99
N ASP I 47 -31.72 -48.05 -3.86
CA ASP I 47 -32.53 -47.88 -2.67
C ASP I 47 -31.65 -47.62 -1.42
N PHE I 48 -30.58 -46.86 -1.59
CA PHE I 48 -29.72 -46.54 -0.48
C PHE I 48 -28.88 -45.30 -0.85
N SER I 49 -28.32 -44.70 0.20
CA SER I 49 -27.34 -43.64 0.00
C SER I 49 -26.28 -43.80 1.06
N ILE I 50 -25.03 -43.52 0.69
CA ILE I 50 -23.92 -43.62 1.63
C ILE I 50 -23.36 -42.23 1.86
N VAL I 51 -23.16 -41.84 3.12
CA VAL I 51 -22.38 -40.63 3.40
C VAL I 51 -21.20 -41.02 4.25
N ALA I 52 -19.99 -40.72 3.82
CA ALA I 52 -18.81 -41.09 4.58
C ALA I 52 -17.87 -39.89 4.78
N SER I 53 -17.04 -39.97 5.82
CA SER I 53 -16.08 -38.91 6.08
C SER I 53 -14.93 -39.38 6.96
N ASP I 54 -13.80 -38.68 6.88
CA ASP I 54 -12.68 -38.99 7.76
C ASP I 54 -12.93 -38.27 9.09
N THR I 55 -12.16 -38.62 10.14
CA THR I 55 -12.42 -38.05 11.46
C THR I 55 -11.32 -37.15 11.97
N ARG I 56 -10.41 -36.71 11.11
CA ARG I 56 -9.35 -35.85 11.61
C ARG I 56 -9.75 -34.37 11.60
N LEU I 57 -9.53 -33.68 12.70
CA LEU I 57 -9.76 -32.24 12.75
C LEU I 57 -8.39 -31.56 12.86
N SER I 58 -8.11 -30.62 11.99
CA SER I 58 -6.80 -29.99 11.99
C SER I 58 -6.81 -28.48 12.04
N GLU I 59 -5.60 -27.93 12.23
CA GLU I 59 -5.39 -26.49 12.12
C GLU I 59 -3.91 -26.24 11.86
N GLY I 60 -3.56 -25.69 10.71
CA GLY I 60 -2.16 -25.44 10.40
C GLY I 60 -1.43 -26.73 10.07
N PHE I 61 -0.48 -27.11 10.91
CA PHE I 61 0.23 -28.36 10.70
C PHE I 61 0.05 -29.31 11.88
N SER I 62 -0.86 -28.96 12.79
CA SER I 62 -1.10 -29.79 13.95
C SER I 62 -2.47 -30.41 13.88
N ILE I 63 -2.70 -31.42 14.70
CA ILE I 63 -3.97 -32.11 14.74
C ILE I 63 -4.67 -31.77 16.06
N HIS I 64 -5.89 -31.28 15.99
CA HIS I 64 -6.66 -30.95 17.20
C HIS I 64 -7.19 -32.27 17.78
N THR I 65 -7.77 -33.15 16.95
CA THR I 65 -8.27 -34.42 17.46
C THR I 65 -8.42 -35.42 16.33
N ARG I 66 -8.33 -36.70 16.62
CA ARG I 66 -8.44 -37.72 15.58
C ARG I 66 -9.85 -38.31 15.61
N ASP I 67 -10.73 -37.76 16.44
CA ASP I 67 -12.07 -38.33 16.53
C ASP I 67 -13.17 -37.27 16.35
N SER I 68 -13.22 -36.68 15.16
CA SER I 68 -14.19 -35.64 14.85
C SER I 68 -14.90 -36.00 13.53
N PRO I 69 -15.91 -36.86 13.54
CA PRO I 69 -16.63 -37.18 12.29
C PRO I 69 -17.34 -35.93 11.74
N LYS I 70 -17.43 -35.89 10.44
CA LYS I 70 -18.02 -34.76 9.75
C LYS I 70 -19.39 -35.00 9.16
N CYS I 71 -20.09 -36.07 9.59
CA CYS I 71 -21.39 -36.39 9.06
C CYS I 71 -22.40 -36.47 10.20
N TYR I 72 -23.49 -35.75 10.08
CA TYR I 72 -24.50 -35.69 11.15
C TYR I 72 -25.83 -36.22 10.59
N LYS I 73 -26.60 -36.87 11.43
CA LYS I 73 -27.93 -37.33 11.05
C LYS I 73 -28.91 -36.16 11.19
N LEU I 74 -29.75 -35.96 10.16
CA LEU I 74 -30.77 -34.91 10.27
C LEU I 74 -32.09 -35.58 10.64
N THR I 75 -32.51 -36.60 9.90
CA THR I 75 -33.75 -37.32 10.14
C THR I 75 -33.44 -38.79 9.99
N ASP I 76 -34.43 -39.66 9.88
CA ASP I 76 -34.13 -41.09 9.73
C ASP I 76 -33.78 -41.45 8.29
N LYS I 77 -33.97 -40.54 7.32
CA LYS I 77 -33.52 -40.84 6.00
C LYS I 77 -32.67 -39.74 5.38
N THR I 78 -32.08 -38.90 6.23
CA THR I 78 -31.21 -37.85 5.70
C THR I 78 -29.97 -37.69 6.59
N VAL I 79 -28.80 -37.66 5.96
CA VAL I 79 -27.55 -37.36 6.66
C VAL I 79 -26.87 -36.20 5.93
N ILE I 80 -26.24 -35.30 6.69
CA ILE I 80 -25.46 -34.25 6.05
C ILE I 80 -23.99 -34.44 6.39
N GLY I 81 -23.12 -34.22 5.41
CA GLY I 81 -21.67 -34.24 5.59
C GLY I 81 -21.14 -32.82 5.43
N CYS I 82 -20.39 -32.30 6.36
CA CYS I 82 -19.85 -30.95 6.22
C CYS I 82 -18.32 -30.93 6.35
N SER I 83 -17.73 -29.93 5.74
CA SER I 83 -16.27 -29.83 5.72
C SER I 83 -15.96 -28.33 5.58
N GLY I 84 -14.87 -27.92 6.20
CA GLY I 84 -14.45 -26.52 6.00
C GLY I 84 -14.00 -25.92 7.34
N PHE I 85 -14.54 -24.76 7.65
CA PHE I 85 -14.22 -24.10 8.90
C PHE I 85 -15.10 -24.73 9.97
N HIS I 86 -14.51 -25.40 10.96
CA HIS I 86 -15.28 -26.13 11.96
C HIS I 86 -16.21 -25.22 12.80
N GLY I 87 -15.80 -23.95 13.00
CA GLY I 87 -16.63 -22.98 13.72
C GLY I 87 -17.97 -22.85 12.98
N ASP I 88 -17.92 -22.71 11.64
CA ASP I 88 -19.19 -22.58 10.88
C ASP I 88 -19.89 -23.93 10.77
N CYS I 89 -19.14 -25.01 10.72
CA CYS I 89 -19.76 -26.34 10.63
C CYS I 89 -20.62 -26.60 11.89
N LEU I 90 -20.13 -26.27 13.10
CA LEU I 90 -20.90 -26.49 14.33
C LEU I 90 -22.14 -25.60 14.36
N THR I 91 -21.99 -24.34 13.97
CA THR I 91 -23.14 -23.44 14.03
C THR I 91 -24.21 -23.80 12.98
N LEU I 92 -23.81 -24.10 11.75
CA LEU I 92 -24.77 -24.43 10.71
C LEU I 92 -25.56 -25.68 11.05
N THR I 93 -24.90 -26.71 11.58
CA THR I 93 -25.62 -27.91 11.98
C THR I 93 -26.67 -27.64 13.04
N LYS I 94 -26.34 -26.75 14.00
CA LYS I 94 -27.33 -26.40 15.03
C LYS I 94 -28.49 -25.64 14.42
N ILE I 95 -28.21 -24.75 13.48
CA ILE I 95 -29.27 -23.99 12.84
C ILE I 95 -30.19 -24.92 12.03
N ILE I 96 -29.61 -25.86 11.29
CA ILE I 96 -30.42 -26.77 10.50
C ILE I 96 -31.29 -27.60 11.44
N GLU I 97 -30.70 -28.07 12.54
CA GLU I 97 -31.45 -28.91 13.49
C GLU I 97 -32.65 -28.14 14.05
N ALA I 98 -32.48 -26.85 14.39
CA ALA I 98 -33.62 -26.07 14.84
C ALA I 98 -34.69 -25.86 13.74
N ARG I 99 -34.28 -25.58 12.48
CA ARG I 99 -35.22 -25.36 11.39
C ARG I 99 -36.04 -26.63 11.11
N LEU I 100 -35.46 -27.80 11.24
CA LEU I 100 -36.23 -29.04 11.10
C LEU I 100 -37.31 -29.18 12.18
N LYS I 101 -37.03 -28.74 13.41
CA LYS I 101 -38.04 -28.81 14.46
C LYS I 101 -39.11 -27.76 14.20
N MET I 102 -38.70 -26.59 13.76
CA MET I 102 -39.65 -25.52 13.52
C MET I 102 -40.56 -25.93 12.36
N TYR I 103 -39.99 -26.57 11.32
CA TYR I 103 -40.80 -26.97 10.18
C TYR I 103 -41.82 -28.02 10.58
N LYS I 104 -41.41 -28.95 11.44
CA LYS I 104 -42.30 -30.01 11.89
C LYS I 104 -43.46 -29.47 12.71
N HIS I 105 -43.21 -28.42 13.50
CA HIS I 105 -44.24 -27.83 14.32
C HIS I 105 -45.28 -27.08 13.51
N SER I 106 -44.87 -26.46 12.41
CA SER I 106 -45.80 -25.71 11.58
C SER I 106 -46.33 -26.42 10.34
N ASN I 107 -45.87 -27.64 10.06
CA ASN I 107 -46.33 -28.35 8.87
C ASN I 107 -46.82 -29.73 9.26
N ASN I 108 -46.64 -30.10 10.52
CA ASN I 108 -47.06 -31.39 11.04
C ASN I 108 -46.50 -32.60 10.30
N LYS I 109 -45.24 -32.53 9.87
CA LYS I 109 -44.59 -33.69 9.25
C LYS I 109 -43.07 -33.45 9.22
N THR I 110 -42.30 -34.49 8.96
CA THR I 110 -40.86 -34.40 8.87
C THR I 110 -40.46 -33.87 7.50
N MET I 111 -39.45 -32.99 7.51
CA MET I 111 -38.93 -32.43 6.27
C MET I 111 -38.37 -33.54 5.39
N THR I 112 -38.64 -33.54 4.07
CA THR I 112 -38.02 -34.53 3.18
C THR I 112 -36.59 -34.12 2.80
N THR I 113 -35.85 -35.04 2.20
CA THR I 113 -34.49 -34.78 1.75
C THR I 113 -34.44 -33.61 0.77
N GLY I 114 -35.36 -33.55 -0.16
CA GLY I 114 -35.32 -32.44 -1.12
C GLY I 114 -35.74 -31.13 -0.48
N ALA I 115 -36.65 -31.10 0.49
CA ALA I 115 -36.98 -29.81 1.12
C ALA I 115 -35.83 -29.34 2.00
N ILE I 116 -35.06 -30.28 2.60
CA ILE I 116 -33.91 -29.88 3.39
C ILE I 116 -32.85 -29.24 2.49
N ALA I 117 -32.65 -29.78 1.28
CA ALA I 117 -31.71 -29.25 0.32
C ALA I 117 -32.10 -27.85 -0.14
N ALA I 118 -33.40 -27.66 -0.46
CA ALA I 118 -33.90 -26.35 -0.86
C ALA I 118 -33.76 -25.35 0.27
N MET I 119 -34.04 -25.76 1.49
CA MET I 119 -33.95 -24.83 2.62
C MET I 119 -32.48 -24.47 2.93
N LEU I 120 -31.56 -25.44 2.87
CA LEU I 120 -30.16 -25.15 3.15
C LEU I 120 -29.62 -24.11 2.19
N SER I 121 -30.01 -24.21 0.92
CA SER I 121 -29.59 -23.21 -0.09
C SER I 121 -29.92 -21.80 0.34
N THR I 122 -31.15 -21.56 0.82
CA THR I 122 -31.51 -20.20 1.27
C THR I 122 -30.76 -19.78 2.56
N ILE I 123 -30.43 -20.73 3.43
CA ILE I 123 -29.71 -20.36 4.65
C ILE I 123 -28.29 -19.95 4.25
N LEU I 124 -27.66 -20.71 3.34
CA LEU I 124 -26.30 -20.33 2.95
C LEU I 124 -26.33 -19.00 2.17
N TYR I 125 -27.38 -18.76 1.37
CA TYR I 125 -27.37 -17.51 0.61
C TYR I 125 -27.69 -16.28 1.49
N SER I 126 -28.27 -16.45 2.69
CA SER I 126 -28.49 -15.31 3.56
C SER I 126 -27.17 -14.71 4.09
N ARG I 127 -26.08 -15.45 4.12
CA ARG I 127 -24.79 -14.93 4.51
C ARG I 127 -23.92 -14.77 3.27
N ARG I 128 -24.52 -14.33 2.16
CA ARG I 128 -23.85 -14.20 0.87
C ARG I 128 -22.68 -13.19 0.93
N PHE I 129 -22.77 -12.19 1.81
CA PHE I 129 -21.66 -11.24 1.99
C PHE I 129 -20.64 -11.54 3.11
N PHE I 130 -20.91 -12.53 3.97
CA PHE I 130 -20.00 -12.99 5.03
C PHE I 130 -20.30 -14.48 5.18
N PRO I 131 -19.96 -15.25 4.16
CA PRO I 131 -20.34 -16.67 4.00
C PRO I 131 -19.89 -17.66 5.08
N TYR I 132 -20.67 -18.70 5.24
CA TYR I 132 -20.30 -19.87 6.00
C TYR I 132 -19.27 -20.57 5.16
N TYR I 133 -18.09 -20.84 5.68
CA TYR I 133 -17.09 -21.52 4.89
C TYR I 133 -17.24 -23.02 5.10
N VAL I 134 -18.26 -23.58 4.45
CA VAL I 134 -18.60 -24.99 4.63
C VAL I 134 -18.94 -25.59 3.29
N TYR I 135 -18.46 -26.79 3.01
CA TYR I 135 -18.88 -27.48 1.81
C TYR I 135 -19.85 -28.56 2.29
N ASN I 136 -21.09 -28.49 1.88
CA ASN I 136 -22.07 -29.47 2.35
C ASN I 136 -22.38 -30.52 1.27
N ILE I 137 -22.71 -31.69 1.78
CA ILE I 137 -23.20 -32.77 0.92
C ILE I 137 -24.30 -33.47 1.69
N ILE I 138 -25.48 -33.57 1.09
CA ILE I 138 -26.59 -34.27 1.71
C ILE I 138 -26.78 -35.62 1.03
N GLY I 139 -27.00 -36.63 1.85
CA GLY I 139 -27.26 -37.95 1.32
C GLY I 139 -28.51 -38.52 1.99
N GLY I 140 -29.43 -39.04 1.22
CA GLY I 140 -30.61 -39.64 1.82
C GLY I 140 -31.50 -40.33 0.80
N LEU I 141 -32.76 -40.54 1.22
CA LEU I 141 -33.73 -41.13 0.32
C LEU I 141 -34.73 -40.08 -0.12
N ASP I 142 -35.22 -40.17 -1.33
CA ASP I 142 -36.26 -39.24 -1.77
C ASP I 142 -37.64 -39.83 -1.46
N GLU I 143 -38.73 -39.21 -1.95
CA GLU I 143 -40.05 -39.71 -1.59
C GLU I 143 -40.41 -41.07 -2.20
N GLU I 144 -39.75 -41.45 -3.28
CA GLU I 144 -39.99 -42.75 -3.92
C GLU I 144 -39.02 -43.82 -3.41
N GLY I 145 -38.28 -43.50 -2.33
CA GLY I 145 -37.38 -44.42 -1.66
C GLY I 145 -36.10 -44.70 -2.45
N LYS I 146 -35.74 -43.80 -3.37
CA LYS I 146 -34.47 -43.94 -4.08
C LYS I 146 -33.39 -43.04 -3.44
N GLY I 147 -32.13 -43.47 -3.59
CA GLY I 147 -30.99 -42.70 -3.14
C GLY I 147 -30.99 -41.27 -3.72
N ALA I 148 -30.65 -40.29 -2.91
CA ALA I 148 -30.55 -38.92 -3.38
C ALA I 148 -29.30 -38.28 -2.77
N VAL I 149 -28.56 -37.55 -3.58
CA VAL I 149 -27.40 -36.82 -3.15
C VAL I 149 -27.52 -35.42 -3.64
N TYR I 150 -27.24 -34.45 -2.73
CA TYR I 150 -27.22 -33.06 -3.12
C TYR I 150 -25.92 -32.43 -2.63
N SER I 151 -25.25 -31.70 -3.54
CA SER I 151 -23.99 -31.07 -3.19
C SER I 151 -24.14 -29.55 -3.21
N PHE I 152 -23.44 -28.87 -2.31
CA PHE I 152 -23.62 -27.43 -2.20
C PHE I 152 -22.23 -26.76 -2.26
N ASP I 153 -22.20 -25.54 -2.82
CA ASP I 153 -21.05 -24.68 -2.54
C ASP I 153 -21.32 -23.76 -1.37
N PRO I 154 -20.31 -23.08 -0.79
CA PRO I 154 -20.56 -22.27 0.39
C PRO I 154 -21.68 -21.23 0.30
N VAL I 155 -21.99 -20.64 -0.88
CA VAL I 155 -23.03 -19.60 -0.89
C VAL I 155 -24.40 -20.11 -1.28
N GLY I 156 -24.58 -21.44 -1.40
CA GLY I 156 -25.93 -21.92 -1.57
C GLY I 156 -26.25 -22.61 -2.91
N SER I 157 -25.41 -22.44 -3.92
CA SER I 157 -25.73 -23.07 -5.20
C SER I 157 -25.73 -24.59 -5.00
N TYR I 158 -26.71 -25.29 -5.57
CA TYR I 158 -26.70 -26.74 -5.37
C TYR I 158 -27.42 -27.50 -6.51
N GLN I 159 -27.16 -28.81 -6.54
CA GLN I 159 -27.82 -29.68 -7.49
C GLN I 159 -27.77 -31.12 -7.01
N ARG I 160 -28.67 -31.91 -7.59
CA ARG I 160 -28.76 -33.31 -7.30
C ARG I 160 -27.72 -34.04 -8.11
N ASP I 161 -26.98 -34.96 -7.51
CA ASP I 161 -25.99 -35.73 -8.27
C ASP I 161 -26.08 -37.21 -7.92
N SER I 162 -25.38 -38.03 -8.64
CA SER I 162 -25.37 -39.47 -8.41
C SER I 162 -24.35 -39.77 -7.30
N PHE I 163 -23.27 -39.01 -7.25
CA PHE I 163 -22.26 -39.17 -6.23
C PHE I 163 -21.50 -37.87 -6.12
N LYS I 164 -20.85 -37.62 -4.99
CA LYS I 164 -20.10 -36.38 -4.86
C LYS I 164 -19.04 -36.46 -3.76
N ALA I 165 -17.86 -35.89 -4.03
CA ALA I 165 -16.81 -35.75 -3.02
C ALA I 165 -16.72 -34.29 -2.66
N GLY I 166 -16.45 -33.98 -1.40
CA GLY I 166 -16.32 -32.58 -0.96
C GLY I 166 -15.16 -32.48 0.04
N GLY I 167 -14.64 -31.26 0.22
CA GLY I 167 -13.58 -31.05 1.20
C GLY I 167 -12.16 -31.20 0.64
N SER I 168 -11.19 -31.43 1.51
CA SER I 168 -9.76 -31.33 1.27
C SER I 168 -9.27 -32.27 0.17
N ALA I 169 -9.73 -33.53 0.16
CA ALA I 169 -9.24 -34.46 -0.85
C ALA I 169 -10.26 -34.64 -2.00
N SER I 170 -11.16 -33.69 -2.18
CA SER I 170 -12.25 -33.85 -3.12
C SER I 170 -11.78 -33.96 -4.56
N ALA I 171 -10.72 -33.24 -4.93
CA ALA I 171 -10.21 -33.31 -6.29
C ALA I 171 -9.43 -34.61 -6.55
N MET I 172 -9.01 -35.33 -5.50
CA MET I 172 -8.36 -36.62 -5.69
C MET I 172 -9.41 -37.71 -5.90
N LEU I 173 -10.49 -37.62 -5.14
CA LEU I 173 -11.55 -38.63 -5.18
C LEU I 173 -12.50 -38.50 -6.38
N GLN I 174 -12.97 -37.31 -6.69
CA GLN I 174 -13.98 -37.16 -7.74
C GLN I 174 -13.61 -37.81 -9.08
N PRO I 175 -12.39 -37.65 -9.64
CA PRO I 175 -12.04 -38.30 -10.91
C PRO I 175 -12.16 -39.82 -10.82
N LEU I 176 -11.83 -40.41 -9.70
CA LEU I 176 -11.89 -41.87 -9.59
C LEU I 176 -13.36 -42.32 -9.53
N LEU I 177 -14.22 -41.55 -8.85
CA LEU I 177 -15.64 -41.89 -8.82
C LEU I 177 -16.27 -41.70 -10.20
N ASP I 178 -15.85 -40.68 -10.97
CA ASP I 178 -16.35 -40.52 -12.32
C ASP I 178 -16.07 -41.76 -13.19
N ASN I 179 -14.91 -42.39 -13.02
CA ASN I 179 -14.52 -43.53 -13.83
C ASN I 179 -15.14 -44.83 -13.34
N GLN I 180 -15.10 -45.08 -12.04
CA GLN I 180 -15.59 -46.33 -11.48
C GLN I 180 -17.08 -46.37 -11.17
N VAL I 181 -17.75 -45.24 -11.04
CA VAL I 181 -19.20 -45.29 -10.79
C VAL I 181 -19.95 -44.76 -12.01
N GLY I 182 -19.42 -43.68 -12.63
CA GLY I 182 -20.05 -43.09 -13.79
C GLY I 182 -19.66 -43.76 -15.11
N PHE I 183 -18.64 -44.63 -15.03
CA PHE I 183 -18.06 -45.37 -16.16
C PHE I 183 -17.52 -44.47 -17.26
N LYS I 184 -17.04 -43.28 -16.93
CA LYS I 184 -16.51 -42.37 -17.94
C LYS I 184 -15.18 -42.89 -18.46
N ASN I 185 -14.95 -42.65 -19.77
CA ASN I 185 -13.72 -42.96 -20.49
C ASN I 185 -13.51 -44.46 -20.67
N MET I 186 -14.55 -45.27 -20.48
CA MET I 186 -14.48 -46.71 -20.71
C MET I 186 -15.33 -47.11 -21.90
N GLN I 187 -14.80 -47.99 -22.75
CA GLN I 187 -15.56 -48.55 -23.85
C GLN I 187 -15.78 -50.04 -23.60
N ASN I 188 -16.79 -50.61 -24.26
CA ASN I 188 -17.12 -52.03 -24.11
C ASN I 188 -17.28 -52.41 -22.64
N VAL I 189 -18.05 -51.57 -21.92
CA VAL I 189 -18.29 -51.80 -20.50
C VAL I 189 -19.79 -51.77 -20.26
N GLU I 190 -20.26 -52.79 -19.52
CA GLU I 190 -21.67 -52.82 -19.16
C GLU I 190 -21.95 -51.86 -18.02
N HIS I 191 -22.95 -50.99 -18.22
CA HIS I 191 -23.33 -50.03 -17.20
C HIS I 191 -24.34 -50.67 -16.23
N VAL I 192 -23.83 -51.55 -15.37
CA VAL I 192 -24.69 -52.24 -14.41
C VAL I 192 -25.02 -51.31 -13.25
N PRO I 193 -26.14 -51.54 -12.55
CA PRO I 193 -26.49 -50.70 -11.40
C PRO I 193 -25.51 -50.96 -10.27
N LEU I 194 -25.26 -49.93 -9.47
CA LEU I 194 -24.32 -50.02 -8.37
C LEU I 194 -24.95 -50.69 -7.15
N SER I 195 -24.35 -51.78 -6.69
CA SER I 195 -24.86 -52.42 -5.49
C SER I 195 -24.24 -51.84 -4.23
N LEU I 196 -24.90 -52.08 -3.08
CA LEU I 196 -24.40 -51.59 -1.82
C LEU I 196 -23.01 -52.15 -1.56
N ASP I 197 -22.84 -53.45 -1.74
CA ASP I 197 -21.56 -54.11 -1.50
C ASP I 197 -20.41 -53.49 -2.31
N ARG I 198 -20.60 -53.30 -3.61
CA ARG I 198 -19.58 -52.69 -4.42
C ARG I 198 -19.33 -51.25 -3.96
N ALA I 199 -20.41 -50.52 -3.66
CA ALA I 199 -20.31 -49.12 -3.24
C ALA I 199 -19.52 -48.98 -1.93
N MET I 200 -19.69 -49.93 -1.01
CA MET I 200 -18.97 -49.91 0.25
C MET I 200 -17.46 -50.13 0.08
N ARG I 201 -17.08 -51.07 -0.77
CA ARG I 201 -15.67 -51.36 -0.99
C ARG I 201 -15.03 -50.17 -1.71
N LEU I 202 -15.77 -49.58 -2.62
CA LEU I 202 -15.21 -48.46 -3.35
C LEU I 202 -15.01 -47.29 -2.41
N VAL I 203 -15.94 -47.07 -1.48
CA VAL I 203 -15.83 -45.94 -0.58
C VAL I 203 -14.59 -46.11 0.30
N LYS I 204 -14.39 -47.33 0.82
CA LYS I 204 -13.22 -47.62 1.64
C LYS I 204 -11.91 -47.46 0.86
N ASP I 205 -11.89 -47.89 -0.38
CA ASP I 205 -10.70 -47.78 -1.21
C ASP I 205 -10.31 -46.32 -1.54
N VAL I 206 -11.27 -45.46 -1.89
CA VAL I 206 -10.91 -44.11 -2.25
C VAL I 206 -10.39 -43.36 -1.02
N PHE I 207 -10.92 -43.68 0.17
CA PHE I 207 -10.50 -42.95 1.36
C PHE I 207 -9.11 -43.45 1.76
N ILE I 208 -8.79 -44.71 1.50
CA ILE I 208 -7.47 -45.23 1.77
C ILE I 208 -6.43 -44.56 0.87
N SER I 209 -6.81 -44.33 -0.37
CA SER I 209 -5.96 -43.64 -1.31
C SER I 209 -5.81 -42.16 -0.98
N ALA I 210 -6.88 -41.56 -0.44
CA ALA I 210 -6.85 -40.16 -0.11
C ALA I 210 -6.01 -39.93 1.15
N ALA I 211 -5.95 -40.91 2.06
CA ALA I 211 -5.19 -40.72 3.29
C ALA I 211 -3.69 -40.78 2.97
N GLU I 212 -3.29 -41.48 1.91
CA GLU I 212 -1.90 -41.54 1.50
C GLU I 212 -1.39 -40.21 0.93
N ARG I 213 -2.24 -39.48 0.21
CA ARG I 213 -1.79 -38.27 -0.45
C ARG I 213 -2.22 -36.95 0.19
N ASP I 214 -3.43 -36.88 0.71
CA ASP I 214 -3.88 -35.66 1.35
C ASP I 214 -3.43 -35.69 2.82
N VAL I 215 -2.70 -34.65 3.25
CA VAL I 215 -2.23 -34.59 4.65
C VAL I 215 -3.36 -34.34 5.66
N TYR I 216 -4.46 -33.73 5.20
CA TYR I 216 -5.58 -33.42 6.10
C TYR I 216 -6.52 -34.61 6.27
N THR I 217 -6.36 -35.66 5.43
CA THR I 217 -7.28 -36.80 5.54
C THR I 217 -6.59 -37.96 6.22
N GLY I 218 -7.17 -38.46 7.31
CA GLY I 218 -6.55 -39.62 7.97
C GLY I 218 -7.33 -40.03 9.21
N ASP I 219 -6.66 -40.80 10.09
CA ASP I 219 -7.17 -41.33 11.35
C ASP I 219 -8.23 -42.43 11.24
N ALA I 220 -9.42 -42.08 10.78
CA ALA I 220 -10.47 -43.11 10.70
C ALA I 220 -11.54 -42.70 9.68
N LEU I 221 -12.22 -43.70 9.17
CA LEU I 221 -13.29 -43.46 8.23
C LEU I 221 -14.62 -43.84 8.86
N ARG I 222 -15.58 -42.95 8.78
CA ARG I 222 -16.92 -43.21 9.28
C ARG I 222 -17.88 -43.29 8.09
N ILE I 223 -18.57 -44.41 7.96
CA ILE I 223 -19.51 -44.60 6.87
C ILE I 223 -20.93 -44.75 7.37
N CYS I 224 -21.84 -43.93 6.86
CA CYS I 224 -23.24 -44.07 7.27
C CYS I 224 -24.04 -44.60 6.05
N ILE I 225 -24.79 -45.68 6.23
CA ILE I 225 -25.61 -46.20 5.15
C ILE I 225 -27.07 -45.88 5.44
N VAL I 226 -27.71 -45.15 4.56
CA VAL I 226 -29.13 -44.82 4.73
C VAL I 226 -30.00 -45.71 3.81
N THR I 227 -30.90 -46.47 4.43
CA THR I 227 -31.84 -47.30 3.66
C THR I 227 -33.21 -47.15 4.27
N LYS I 228 -34.21 -47.92 3.79
CA LYS I 228 -35.55 -47.77 4.38
C LYS I 228 -35.63 -48.32 5.81
N GLU I 229 -34.71 -49.22 6.18
CA GLU I 229 -34.64 -49.75 7.53
C GLU I 229 -33.96 -48.82 8.55
N GLY I 230 -33.41 -47.71 8.10
CA GLY I 230 -32.81 -46.70 8.97
C GLY I 230 -31.34 -46.39 8.58
N ILE I 231 -30.53 -45.92 9.53
CA ILE I 231 -29.16 -45.54 9.28
C ILE I 231 -28.21 -46.43 10.07
N ARG I 232 -27.35 -47.17 9.37
CA ARG I 232 -26.37 -47.95 10.09
C ARG I 232 -24.98 -47.36 9.91
N GLU I 233 -24.14 -47.48 10.92
CA GLU I 233 -22.82 -46.88 10.90
C GLU I 233 -21.76 -47.96 10.87
N GLU I 234 -20.61 -47.61 10.31
CA GLU I 234 -19.46 -48.50 10.23
C GLU I 234 -18.21 -47.62 10.33
N THR I 235 -17.22 -48.08 11.07
CA THR I 235 -15.99 -47.34 11.22
C THR I 235 -14.80 -48.18 10.75
N VAL I 236 -13.91 -47.55 10.02
CA VAL I 236 -12.70 -48.23 9.50
C VAL I 236 -11.51 -47.31 9.75
N PRO I 237 -10.39 -47.88 10.22
CA PRO I 237 -9.16 -47.12 10.50
C PRO I 237 -8.42 -46.64 9.26
N LEU I 238 -7.79 -45.47 9.35
CA LEU I 238 -6.96 -44.94 8.29
C LEU I 238 -5.56 -44.65 8.89
N ARG I 239 -4.56 -44.43 8.03
CA ARG I 239 -3.23 -44.05 8.48
C ARG I 239 -3.27 -42.87 9.46
N LYS I 240 -2.45 -42.97 10.49
CA LYS I 240 -2.38 -41.94 11.52
C LYS I 240 -1.32 -40.86 11.29
N ASP I 241 -0.42 -41.01 10.32
CA ASP I 241 0.63 -40.00 10.16
C ASP I 241 0.15 -38.77 9.37
N ASN J 4 74.36 1.64 -24.62
CA ASN J 4 74.11 0.76 -25.76
C ASN J 4 72.89 -0.13 -25.49
N GLN J 5 73.06 -1.11 -24.61
CA GLN J 5 71.98 -2.00 -24.25
C GLN J 5 71.18 -1.45 -23.08
N TYR J 6 71.70 -0.39 -22.47
CA TYR J 6 71.06 0.25 -21.33
C TYR J 6 70.36 1.56 -21.63
N ASP J 7 70.20 1.92 -22.89
CA ASP J 7 69.57 3.21 -23.17
C ASP J 7 68.29 3.19 -24.00
N ASN J 8 67.52 2.12 -23.90
CA ASN J 8 66.27 2.05 -24.66
C ASN J 8 65.03 2.11 -23.77
N ASP J 9 65.12 1.50 -22.60
CA ASP J 9 63.99 1.49 -21.69
C ASP J 9 64.24 2.28 -20.42
N VAL J 10 63.16 2.86 -19.87
CA VAL J 10 63.24 3.65 -18.66
C VAL J 10 63.37 2.78 -17.40
N THR J 11 63.02 1.50 -17.51
CA THR J 11 63.12 0.60 -16.37
C THR J 11 64.49 -0.04 -16.23
N VAL J 12 65.38 0.22 -17.17
CA VAL J 12 66.71 -0.37 -17.12
C VAL J 12 67.78 0.52 -16.51
N TRP J 13 68.29 0.11 -15.35
CA TRP J 13 69.35 0.82 -14.66
C TRP J 13 70.64 0.46 -15.37
N SER J 14 71.50 1.43 -15.60
CA SER J 14 72.78 1.14 -16.21
C SER J 14 73.75 0.72 -15.10
N PRO J 15 74.91 0.16 -15.48
CA PRO J 15 75.93 -0.28 -14.51
C PRO J 15 76.56 0.83 -13.65
N GLN J 16 76.50 2.09 -14.09
CA GLN J 16 77.01 3.22 -13.33
C GLN J 16 75.95 3.83 -12.42
N GLY J 17 74.77 3.21 -12.37
CA GLY J 17 73.69 3.69 -11.53
C GLY J 17 72.91 4.85 -12.11
N ARG J 18 72.68 4.83 -13.42
CA ARG J 18 71.95 5.90 -14.08
C ARG J 18 70.87 5.33 -14.98
N ILE J 19 69.96 6.19 -15.40
CA ILE J 19 68.88 5.79 -16.30
C ILE J 19 68.96 6.66 -17.55
N HIS J 20 69.57 6.11 -18.60
CA HIS J 20 69.78 6.83 -19.85
C HIS J 20 68.55 7.49 -20.49
N GLN J 21 67.38 6.86 -20.42
CA GLN J 21 66.18 7.43 -21.02
C GLN J 21 65.79 8.76 -20.38
N ILE J 22 66.01 8.88 -19.07
CA ILE J 22 65.70 10.11 -18.35
C ILE J 22 66.70 11.20 -18.75
N GLU J 23 67.94 10.81 -19.00
CA GLU J 23 68.97 11.76 -19.41
C GLU J 23 68.66 12.25 -20.81
N TYR J 24 68.15 11.37 -21.66
CA TYR J 24 67.79 11.72 -23.04
C TYR J 24 66.60 12.68 -23.06
N ALA J 25 65.70 12.52 -22.09
CA ALA J 25 64.53 13.38 -21.96
C ALA J 25 64.92 14.79 -21.49
N MET J 26 66.04 14.90 -20.77
CA MET J 26 66.57 16.18 -20.31
C MET J 26 67.16 16.97 -21.49
N GLU J 27 67.57 16.24 -22.51
CA GLU J 27 68.13 16.84 -23.72
C GLU J 27 67.07 17.62 -24.46
N ALA J 28 65.83 17.15 -24.37
CA ALA J 28 64.70 17.81 -25.03
C ALA J 28 64.48 19.21 -24.46
N VAL J 29 64.66 19.37 -23.16
CA VAL J 29 64.50 20.65 -22.49
C VAL J 29 65.62 21.62 -22.87
N LYS J 30 66.83 21.09 -22.98
CA LYS J 30 68.00 21.89 -23.32
C LYS J 30 68.02 22.47 -24.73
N GLN J 31 67.28 21.87 -25.65
CA GLN J 31 67.23 22.35 -27.02
C GLN J 31 66.10 23.36 -27.27
N GLY J 32 65.19 23.49 -26.31
CA GLY J 32 64.09 24.43 -26.45
C GLY J 32 64.56 25.85 -26.19
N SER J 33 63.83 26.83 -26.69
CA SER J 33 64.21 28.22 -26.48
C SER J 33 64.21 28.58 -25.00
N ALA J 34 65.16 29.41 -24.60
CA ALA J 34 65.32 29.81 -23.21
C ALA J 34 64.13 30.57 -22.63
N THR J 35 63.99 30.44 -21.32
CA THR J 35 62.96 31.11 -20.56
C THR J 35 63.57 31.42 -19.21
N VAL J 36 63.26 32.59 -18.68
CA VAL J 36 63.82 33.04 -17.41
C VAL J 36 62.72 33.32 -16.40
N GLY J 37 62.96 32.93 -15.15
CA GLY J 37 62.00 33.17 -14.10
C GLY J 37 62.68 33.72 -12.87
N LEU J 38 62.24 34.87 -12.40
CA LEU J 38 62.81 35.49 -11.22
C LEU J 38 61.73 36.12 -10.36
N LYS J 39 62.08 36.44 -9.12
CA LYS J 39 61.11 37.02 -8.21
C LYS J 39 61.70 38.01 -7.22
N SER J 40 60.84 38.86 -6.68
CA SER J 40 61.23 39.84 -5.68
C SER J 40 60.51 39.47 -4.39
N LYS J 41 60.31 40.44 -3.52
CA LYS J 41 59.62 40.20 -2.27
C LYS J 41 58.12 40.31 -2.48
N THR J 42 57.72 40.93 -3.59
CA THR J 42 56.32 41.15 -3.90
C THR J 42 55.83 40.55 -5.22
N HIS J 43 56.75 40.29 -6.15
CA HIS J 43 56.35 39.77 -7.45
C HIS J 43 57.14 38.57 -7.96
N ALA J 44 56.55 37.88 -8.94
CA ALA J 44 57.17 36.73 -9.59
C ALA J 44 57.03 36.99 -11.08
N VAL J 45 58.14 36.95 -11.80
CA VAL J 45 58.12 37.25 -13.23
C VAL J 45 58.61 36.10 -14.11
N LEU J 46 57.92 35.92 -15.24
CA LEU J 46 58.27 34.90 -16.21
C LEU J 46 58.56 35.59 -17.53
N VAL J 47 59.74 35.34 -18.09
CA VAL J 47 60.13 35.93 -19.36
C VAL J 47 60.60 34.85 -20.31
N ALA J 48 59.90 34.72 -21.44
CA ALA J 48 60.26 33.69 -22.41
C ALA J 48 60.59 34.25 -23.79
N LEU J 49 61.60 33.64 -24.40
CA LEU J 49 62.02 34.02 -25.73
C LEU J 49 61.23 33.24 -26.75
N LYS J 50 60.19 33.85 -27.29
CA LYS J 50 59.35 33.18 -28.28
C LYS J 50 60.13 32.88 -29.56
N ARG J 51 60.24 31.61 -29.90
CA ARG J 51 60.94 31.17 -31.09
C ARG J 51 60.02 31.17 -32.29
N ALA J 52 60.58 31.41 -33.47
CA ALA J 52 59.79 31.43 -34.70
C ALA J 52 60.28 30.38 -35.69
N GLN J 53 59.44 29.38 -35.96
CA GLN J 53 59.79 28.32 -36.89
C GLN J 53 60.10 28.89 -38.27
N SER J 54 59.26 29.81 -38.71
CA SER J 54 59.43 30.46 -40.01
C SER J 54 59.38 31.97 -39.86
N GLU J 55 59.53 32.67 -40.98
CA GLU J 55 59.48 34.13 -40.99
C GLU J 55 58.04 34.61 -41.18
N LEU J 56 57.17 33.70 -41.59
CA LEU J 56 55.77 34.02 -41.83
C LEU J 56 54.84 33.46 -40.75
N ALA J 57 55.35 32.57 -39.91
CA ALA J 57 54.54 31.99 -38.85
C ALA J 57 54.61 32.81 -37.56
N ALA J 58 53.62 32.61 -36.70
CA ALA J 58 53.58 33.30 -35.42
C ALA J 58 54.56 32.67 -34.45
N HIS J 59 54.94 33.42 -33.43
CA HIS J 59 55.88 32.92 -32.42
C HIS J 59 55.18 31.96 -31.46
N GLN J 60 55.69 30.73 -31.39
CA GLN J 60 55.14 29.69 -30.53
C GLN J 60 55.00 30.12 -29.08
N LYS J 61 53.77 30.07 -28.55
CA LYS J 61 53.49 30.46 -27.17
C LYS J 61 54.33 29.69 -26.15
N LYS J 62 54.73 30.37 -25.08
CA LYS J 62 55.55 29.76 -24.06
C LYS J 62 54.99 29.95 -22.65
N ILE J 63 54.29 31.05 -22.43
CA ILE J 63 53.73 31.35 -21.12
C ILE J 63 52.24 31.02 -21.06
N LEU J 64 51.83 30.29 -20.02
CA LEU J 64 50.43 29.89 -19.90
C LEU J 64 49.81 30.19 -18.54
N HIS J 65 48.54 30.56 -18.58
CA HIS J 65 47.77 30.85 -17.37
C HIS J 65 47.32 29.50 -16.82
N VAL J 66 47.46 29.30 -15.52
CA VAL J 66 47.03 28.04 -14.92
C VAL J 66 45.90 28.33 -13.95
N ASP J 67 46.03 29.46 -13.28
CA ASP J 67 45.07 29.95 -12.31
C ASP J 67 45.40 31.42 -12.05
N ASN J 68 44.57 32.09 -11.26
CA ASN J 68 44.78 33.50 -10.95
C ASN J 68 46.12 33.81 -10.26
N HIS J 69 46.59 32.88 -9.43
CA HIS J 69 47.83 33.07 -8.71
C HIS J 69 49.01 32.24 -9.25
N ILE J 70 48.80 31.49 -10.34
CA ILE J 70 49.87 30.63 -10.89
C ILE J 70 50.04 30.72 -12.42
N GLY J 71 51.29 30.92 -12.86
CA GLY J 71 51.62 30.97 -14.28
C GLY J 71 52.79 30.05 -14.57
N ILE J 72 52.92 29.56 -15.80
CA ILE J 72 54.01 28.66 -16.16
C ILE J 72 54.67 28.95 -17.52
N SER J 73 55.92 28.54 -17.63
CA SER J 73 56.69 28.69 -18.86
C SER J 73 57.20 27.30 -19.22
N ILE J 74 57.17 26.95 -20.50
CA ILE J 74 57.61 25.61 -20.91
C ILE J 74 58.79 25.56 -21.87
N ALA J 75 59.58 24.49 -21.76
CA ALA J 75 60.74 24.26 -22.61
C ALA J 75 60.86 22.77 -22.89
N GLY J 76 60.75 22.39 -24.16
CA GLY J 76 60.84 21.00 -24.54
C GLY J 76 59.68 20.59 -25.43
N LEU J 77 59.19 19.37 -25.24
CA LEU J 77 58.08 18.88 -26.04
C LEU J 77 56.77 19.60 -25.71
N THR J 78 56.18 20.22 -26.73
CA THR J 78 54.94 20.97 -26.55
C THR J 78 53.76 20.06 -26.14
N ALA J 79 53.71 18.86 -26.69
CA ALA J 79 52.65 17.92 -26.37
C ALA J 79 52.65 17.64 -24.87
N ASP J 80 53.84 17.34 -24.33
CA ASP J 80 53.97 17.05 -22.91
C ASP J 80 53.59 18.26 -22.05
N ALA J 81 53.97 19.45 -22.51
CA ALA J 81 53.66 20.67 -21.78
C ALA J 81 52.16 20.86 -21.64
N ARG J 82 51.42 20.65 -22.72
CA ARG J 82 49.98 20.80 -22.70
C ARG J 82 49.36 19.80 -21.73
N LEU J 83 49.86 18.57 -21.74
CA LEU J 83 49.36 17.53 -20.85
C LEU J 83 49.57 17.91 -19.39
N LEU J 84 50.72 18.49 -19.08
CA LEU J 84 51.04 18.87 -17.71
C LEU J 84 50.25 20.12 -17.30
N CYS J 85 50.07 21.03 -18.24
CA CYS J 85 49.32 22.25 -17.99
C CYS J 85 47.87 21.90 -17.73
N ASN J 86 47.33 20.95 -18.48
CA ASN J 86 45.95 20.54 -18.30
C ASN J 86 45.77 19.91 -16.92
N PHE J 87 46.74 19.11 -16.52
CA PHE J 87 46.71 18.45 -15.22
C PHE J 87 46.76 19.49 -14.09
N MET J 88 47.61 20.48 -14.26
CA MET J 88 47.76 21.53 -13.25
C MET J 88 46.47 22.34 -13.12
N ARG J 89 45.87 22.66 -14.26
CA ARG J 89 44.63 23.43 -14.27
C ARG J 89 43.52 22.68 -13.54
N GLN J 90 43.45 21.37 -13.77
CA GLN J 90 42.43 20.55 -13.13
C GLN J 90 42.65 20.48 -11.61
N GLU J 91 43.91 20.34 -11.18
CA GLU J 91 44.23 20.30 -9.75
C GLU J 91 43.81 21.60 -9.09
N CYS J 92 44.07 22.73 -9.75
CA CYS J 92 43.69 24.03 -9.23
C CYS J 92 42.17 24.15 -9.15
N LEU J 93 41.47 23.71 -10.18
CA LEU J 93 40.01 23.75 -10.16
C LEU J 93 39.45 22.91 -9.02
N ASP J 94 40.02 21.74 -8.79
CA ASP J 94 39.57 20.86 -7.71
C ASP J 94 39.70 21.54 -6.36
N SER J 95 40.82 22.22 -6.16
CA SER J 95 41.10 22.92 -4.92
C SER J 95 40.05 24.00 -4.64
N ARG J 96 39.64 24.72 -5.67
CA ARG J 96 38.65 25.77 -5.50
C ARG J 96 37.25 25.22 -5.29
N PHE J 97 36.98 24.06 -5.88
CA PHE J 97 35.68 23.42 -5.76
C PHE J 97 35.47 22.80 -4.39
N VAL J 98 36.52 22.19 -3.85
CA VAL J 98 36.43 21.52 -2.56
C VAL J 98 36.66 22.41 -1.35
N PHE J 99 37.72 23.22 -1.39
CA PHE J 99 38.05 24.06 -0.24
C PHE J 99 37.73 25.53 -0.36
N ASP J 100 37.23 25.95 -1.52
CA ASP J 100 36.90 27.34 -1.81
C ASP J 100 38.10 28.28 -1.59
N ARG J 101 39.28 27.86 -2.03
CA ARG J 101 40.49 28.65 -1.89
C ARG J 101 41.54 28.24 -2.91
N PRO J 102 42.49 29.13 -3.20
CA PRO J 102 43.53 28.80 -4.18
C PRO J 102 44.49 27.75 -3.63
N LEU J 103 44.92 26.84 -4.50
CA LEU J 103 45.84 25.80 -4.13
C LEU J 103 47.23 26.40 -3.94
N PRO J 104 47.84 26.18 -2.78
CA PRO J 104 49.18 26.71 -2.53
C PRO J 104 50.14 26.19 -3.59
N VAL J 105 50.96 27.09 -4.13
CA VAL J 105 51.91 26.73 -5.20
C VAL J 105 52.80 25.54 -4.91
N SER J 106 53.40 25.49 -3.72
CA SER J 106 54.28 24.38 -3.35
C SER J 106 53.58 23.03 -3.40
N ARG J 107 52.32 22.97 -2.99
CA ARG J 107 51.57 21.71 -3.03
C ARG J 107 51.27 21.28 -4.45
N LEU J 108 51.10 22.25 -5.35
CA LEU J 108 50.83 21.94 -6.75
C LEU J 108 52.08 21.36 -7.40
N VAL J 109 53.25 21.89 -7.04
CA VAL J 109 54.51 21.42 -7.59
C VAL J 109 54.81 19.99 -7.10
N SER J 110 54.40 19.68 -5.88
CA SER J 110 54.54 18.35 -5.33
C SER J 110 53.71 17.36 -6.14
N LEU J 111 52.51 17.78 -6.52
CA LEU J 111 51.63 16.93 -7.32
C LEU J 111 52.20 16.67 -8.70
N ILE J 112 52.92 17.64 -9.26
CA ILE J 112 53.53 17.47 -10.57
C ILE J 112 54.67 16.47 -10.45
N GLY J 113 55.40 16.55 -9.35
CA GLY J 113 56.52 15.66 -9.09
C GLY J 113 56.13 14.19 -9.02
N SER J 114 55.07 13.87 -8.29
CA SER J 114 54.65 12.48 -8.17
C SER J 114 54.07 11.94 -9.47
N LYS J 115 53.35 12.79 -10.20
CA LYS J 115 52.75 12.39 -11.46
C LYS J 115 53.80 12.10 -12.52
N THR J 116 54.84 12.91 -12.57
CA THR J 116 55.89 12.72 -13.56
C THR J 116 56.90 11.65 -13.18
N GLN J 117 56.85 11.16 -11.94
CA GLN J 117 57.76 10.12 -11.48
C GLN J 117 57.25 8.73 -11.89
N ILE J 118 55.93 8.53 -11.85
CA ILE J 118 55.32 7.25 -12.17
C ILE J 118 55.81 6.59 -13.47
N PRO J 119 55.84 7.35 -14.56
CA PRO J 119 56.30 6.82 -15.86
C PRO J 119 57.81 6.54 -15.97
N THR J 120 58.64 6.92 -15.00
CA THR J 120 60.06 6.64 -15.05
C THR J 120 60.37 5.26 -14.46
N GLN J 121 59.38 4.62 -13.86
CA GLN J 121 59.57 3.32 -13.26
C GLN J 121 58.76 2.20 -13.91
N ARG J 122 57.93 2.52 -14.90
CA ARG J 122 57.11 1.51 -15.55
C ARG J 122 57.58 1.16 -16.96
N TYR J 123 57.65 -0.14 -17.24
CA TYR J 123 58.08 -0.63 -18.55
C TYR J 123 57.14 -0.17 -19.66
N GLY J 124 57.72 0.35 -20.73
CA GLY J 124 56.95 0.80 -21.88
C GLY J 124 56.49 2.24 -21.78
N ARG J 125 56.81 2.89 -20.67
CA ARG J 125 56.43 4.27 -20.48
C ARG J 125 57.67 5.12 -20.70
N ARG J 126 57.46 6.40 -20.93
CA ARG J 126 58.58 7.31 -21.13
C ARG J 126 58.42 8.49 -20.22
N PRO J 127 59.52 9.19 -19.94
CA PRO J 127 59.44 10.37 -19.08
C PRO J 127 58.84 11.55 -19.86
N TYR J 128 58.27 12.50 -19.14
CA TYR J 128 57.73 13.68 -19.79
C TYR J 128 58.97 14.43 -20.29
N GLY J 129 58.97 14.81 -21.56
CA GLY J 129 60.10 15.51 -22.12
C GLY J 129 59.94 17.02 -22.07
N VAL J 130 59.61 17.55 -20.90
CA VAL J 130 59.42 18.98 -20.76
C VAL J 130 59.88 19.52 -19.41
N GLY J 131 60.46 20.71 -19.43
CA GLY J 131 60.92 21.38 -18.23
C GLY J 131 59.99 22.55 -18.01
N LEU J 132 59.77 22.95 -16.77
CA LEU J 132 58.87 24.08 -16.54
C LEU J 132 59.37 25.07 -15.50
N LEU J 133 58.89 26.30 -15.64
CA LEU J 133 59.19 27.37 -14.70
C LEU J 133 57.83 27.80 -14.21
N ILE J 134 57.57 27.62 -12.92
CA ILE J 134 56.29 27.96 -12.34
C ILE J 134 56.33 29.20 -11.47
N ALA J 135 55.56 30.21 -11.87
CA ALA J 135 55.47 31.46 -11.13
C ALA J 135 54.14 31.51 -10.41
N GLY J 136 54.14 31.89 -9.15
CA GLY J 136 52.91 31.96 -8.40
C GLY J 136 53.01 32.81 -7.17
N TYR J 137 51.86 33.16 -6.61
CA TYR J 137 51.79 33.96 -5.42
C TYR J 137 50.71 33.46 -4.48
N ASP J 138 51.07 33.21 -3.23
CA ASP J 138 50.12 32.74 -2.24
C ASP J 138 50.41 33.34 -0.86
N ASP J 139 49.96 32.67 0.20
CA ASP J 139 50.15 33.14 1.56
C ASP J 139 51.61 33.27 2.03
N MET J 140 52.50 32.46 1.46
CA MET J 140 53.91 32.53 1.81
C MET J 140 54.69 33.49 0.90
N GLY J 141 53.99 34.19 0.02
CA GLY J 141 54.62 35.14 -0.89
C GLY J 141 54.68 34.66 -2.33
N PRO J 142 55.54 35.29 -3.14
CA PRO J 142 55.72 34.91 -4.55
C PRO J 142 56.69 33.73 -4.66
N HIS J 143 56.48 32.86 -5.65
CA HIS J 143 57.35 31.70 -5.83
C HIS J 143 57.83 31.47 -7.26
N ILE J 144 58.95 30.79 -7.38
CA ILE J 144 59.51 30.41 -8.68
C ILE J 144 59.96 28.96 -8.54
N PHE J 145 59.27 28.06 -9.21
CA PHE J 145 59.63 26.65 -9.14
C PHE J 145 60.13 26.15 -10.48
N GLN J 146 60.95 25.11 -10.46
CA GLN J 146 61.48 24.55 -11.68
C GLN J 146 61.32 23.04 -11.71
N THR J 147 60.63 22.50 -12.70
CA THR J 147 60.45 21.05 -12.79
C THR J 147 61.29 20.48 -13.92
N CYS J 148 61.58 19.19 -13.83
CA CYS J 148 62.37 18.51 -14.84
C CYS J 148 61.70 17.22 -15.27
N PRO J 149 62.25 16.58 -16.32
CA PRO J 149 61.82 15.30 -16.88
C PRO J 149 62.10 14.11 -15.95
N SER J 150 63.00 14.27 -14.98
CA SER J 150 63.34 13.24 -14.02
C SER J 150 62.48 13.28 -12.75
N ALA J 151 61.42 14.09 -12.79
CA ALA J 151 60.44 14.32 -11.71
C ALA J 151 60.95 15.07 -10.47
N ASN J 152 62.12 15.67 -10.58
CA ASN J 152 62.70 16.44 -9.49
C ASN J 152 62.26 17.89 -9.67
N TYR J 153 62.09 18.62 -8.58
CA TYR J 153 61.70 20.02 -8.71
C TYR J 153 62.50 20.88 -7.73
N PHE J 154 62.69 22.15 -8.08
CA PHE J 154 63.47 23.06 -7.25
C PHE J 154 62.77 24.38 -6.97
N ASP J 155 62.99 24.90 -5.77
CA ASP J 155 62.44 26.20 -5.38
C ASP J 155 63.59 27.16 -5.63
N CYS J 156 63.37 28.14 -6.49
CA CYS J 156 64.45 29.06 -6.84
C CYS J 156 64.16 30.54 -6.66
N ARG J 157 65.24 31.30 -6.50
CA ARG J 157 65.15 32.75 -6.39
C ARG J 157 65.02 33.29 -7.81
N ALA J 158 65.71 32.61 -8.73
CA ALA J 158 65.71 32.91 -10.15
C ALA J 158 66.19 31.65 -10.86
N MET J 159 65.79 31.46 -12.11
CA MET J 159 66.18 30.28 -12.86
C MET J 159 66.03 30.51 -14.35
N SER J 160 66.74 29.71 -15.13
CA SER J 160 66.68 29.78 -16.58
C SER J 160 66.83 28.38 -17.13
N ILE J 161 66.06 28.06 -18.16
CA ILE J 161 66.12 26.74 -18.79
C ILE J 161 66.01 26.94 -20.30
N GLY J 162 66.41 25.93 -21.06
CA GLY J 162 66.35 26.02 -22.50
C GLY J 162 67.73 26.18 -23.10
N ALA J 163 67.79 26.38 -24.42
CA ALA J 163 69.06 26.53 -25.12
C ALA J 163 69.86 27.75 -24.68
N ARG J 164 71.14 27.53 -24.37
CA ARG J 164 72.07 28.56 -23.91
C ARG J 164 71.58 29.35 -22.71
N SER J 165 70.95 28.66 -21.77
CA SER J 165 70.42 29.29 -20.58
C SER J 165 71.48 29.38 -19.47
N GLN J 166 72.61 28.73 -19.71
CA GLN J 166 73.71 28.74 -18.76
C GLN J 166 74.24 30.16 -18.60
N SER J 167 74.25 30.92 -19.69
CA SER J 167 74.72 32.30 -19.64
C SER J 167 73.66 33.21 -19.03
N ALA J 168 72.41 32.80 -19.12
CA ALA J 168 71.33 33.56 -18.52
C ALA J 168 71.39 33.33 -17.02
N ARG J 169 71.77 32.11 -16.63
CA ARG J 169 71.90 31.75 -15.23
C ARG J 169 73.11 32.45 -14.65
N THR J 170 74.16 32.60 -15.47
CA THR J 170 75.37 33.28 -15.06
C THR J 170 75.05 34.73 -14.75
N TYR J 171 74.25 35.34 -15.61
CA TYR J 171 73.85 36.72 -15.44
C TYR J 171 73.03 36.89 -14.16
N LEU J 172 72.06 36.00 -13.95
CA LEU J 172 71.20 36.06 -12.77
C LEU J 172 71.96 35.89 -11.47
N GLU J 173 72.99 35.05 -11.49
CA GLU J 173 73.80 34.79 -10.30
C GLU J 173 74.44 36.06 -9.73
N ARG J 174 74.91 36.94 -10.59
CA ARG J 174 75.57 38.16 -10.15
C ARG J 174 74.63 39.32 -9.80
N HIS J 175 73.41 39.29 -10.33
CA HIS J 175 72.46 40.36 -10.06
C HIS J 175 71.34 39.98 -9.12
N MET J 176 71.33 38.74 -8.63
CA MET J 176 70.27 38.26 -7.74
C MET J 176 70.21 38.95 -6.37
N SER J 177 71.33 39.50 -5.90
CA SER J 177 71.38 40.17 -4.61
C SER J 177 70.35 41.29 -4.44
N GLY J 178 70.11 42.06 -5.50
CA GLY J 178 69.15 43.15 -5.44
C GLY J 178 67.82 42.84 -6.11
N PHE J 179 67.29 41.64 -5.88
CA PHE J 179 66.02 41.23 -6.48
C PHE J 179 64.83 41.47 -5.55
N MET J 180 65.01 41.17 -4.27
CA MET J 180 63.94 41.34 -3.29
C MET J 180 63.41 42.76 -3.18
N GLU J 181 64.31 43.73 -3.01
CA GLU J 181 63.94 45.14 -2.87
C GLU J 181 63.45 45.76 -4.18
N CYS J 182 63.88 45.19 -5.30
CA CYS J 182 63.52 45.65 -6.63
C CYS J 182 62.02 45.80 -6.82
N ASN J 183 61.60 46.88 -7.48
CA ASN J 183 60.18 47.07 -7.75
C ASN J 183 59.85 46.38 -9.06
N LEU J 184 58.57 46.16 -9.32
CA LEU J 184 58.11 45.45 -10.51
C LEU J 184 58.77 45.83 -11.84
N ASN J 185 58.82 47.12 -12.14
CA ASN J 185 59.41 47.58 -13.39
C ASN J 185 60.87 47.17 -13.58
N GLU J 186 61.69 47.39 -12.56
CA GLU J 186 63.10 47.04 -12.66
C GLU J 186 63.33 45.54 -12.52
N LEU J 187 62.39 44.84 -11.89
CA LEU J 187 62.52 43.40 -11.72
C LEU J 187 62.36 42.71 -13.06
N VAL J 188 61.50 43.26 -13.91
CA VAL J 188 61.27 42.70 -15.23
C VAL J 188 62.45 42.97 -16.14
N LYS J 189 63.15 44.08 -15.90
CA LYS J 189 64.31 44.44 -16.70
C LYS J 189 65.43 43.42 -16.50
N HIS J 190 65.65 43.06 -15.25
CA HIS J 190 66.67 42.10 -14.89
C HIS J 190 66.36 40.79 -15.59
N GLY J 191 65.07 40.52 -15.74
CA GLY J 191 64.60 39.32 -16.41
C GLY J 191 64.88 39.36 -17.89
N LEU J 192 64.63 40.51 -18.51
CA LEU J 192 64.86 40.67 -19.95
C LEU J 192 66.35 40.65 -20.28
N ARG J 193 67.15 41.24 -19.41
CA ARG J 193 68.60 41.28 -19.61
C ARG J 193 69.22 39.89 -19.57
N ALA J 194 68.75 39.05 -18.65
CA ALA J 194 69.26 37.69 -18.53
C ALA J 194 68.84 36.87 -19.74
N LEU J 195 67.62 37.12 -20.22
CA LEU J 195 67.10 36.40 -21.37
C LEU J 195 67.83 36.82 -22.64
N ARG J 196 68.25 38.08 -22.70
CA ARG J 196 68.97 38.62 -23.84
C ARG J 196 70.35 37.97 -24.01
N GLU J 197 70.97 37.57 -22.92
CA GLU J 197 72.28 36.94 -22.94
C GLU J 197 72.33 35.63 -23.75
N THR J 198 71.23 34.87 -23.76
CA THR J 198 71.15 33.62 -24.49
C THR J 198 71.08 33.81 -26.02
N LEU J 199 70.67 34.99 -26.46
CA LEU J 199 70.58 35.27 -27.88
C LEU J 199 71.95 35.51 -28.48
N PRO J 200 72.13 35.14 -29.75
CA PRO J 200 73.41 35.40 -30.43
C PRO J 200 73.56 36.90 -30.65
N ALA J 201 74.78 37.40 -30.60
CA ALA J 201 75.11 38.83 -30.76
C ALA J 201 74.25 39.67 -31.70
N GLU J 202 74.00 39.18 -32.91
CA GLU J 202 73.20 39.93 -33.88
C GLU J 202 71.76 40.18 -33.42
N GLN J 203 71.04 39.10 -33.12
CA GLN J 203 69.64 39.21 -32.70
C GLN J 203 69.41 40.02 -31.42
N ASP J 204 68.23 40.61 -31.33
CA ASP J 204 67.86 41.42 -30.17
C ASP J 204 66.44 41.12 -29.70
N LEU J 205 66.08 41.66 -28.54
CA LEU J 205 64.76 41.49 -27.97
C LEU J 205 63.80 42.50 -28.57
N THR J 206 62.76 42.01 -29.23
CA THR J 206 61.79 42.90 -29.84
C THR J 206 60.41 42.64 -29.24
N THR J 207 59.37 43.14 -29.89
CA THR J 207 58.00 42.93 -29.41
C THR J 207 57.36 41.73 -30.11
N LYS J 208 58.15 41.03 -30.92
CA LYS J 208 57.66 39.87 -31.64
C LYS J 208 58.16 38.56 -31.05
N ASN J 209 59.25 38.61 -30.28
CA ASN J 209 59.82 37.40 -29.72
C ASN J 209 59.99 37.39 -28.19
N VAL J 210 59.28 38.28 -27.50
CA VAL J 210 59.41 38.33 -26.04
C VAL J 210 58.06 38.38 -25.33
N SER J 211 57.71 37.30 -24.65
CA SER J 211 56.46 37.24 -23.91
C SER J 211 56.73 37.35 -22.42
N ILE J 212 55.86 38.05 -21.69
CA ILE J 212 56.04 38.22 -20.26
C ILE J 212 54.85 37.70 -19.47
N GLY J 213 55.10 37.24 -18.25
CA GLY J 213 54.07 36.75 -17.36
C GLY J 213 54.36 37.29 -15.99
N ILE J 214 53.37 37.93 -15.36
CA ILE J 214 53.59 38.49 -14.04
C ILE J 214 52.47 38.21 -13.04
N VAL J 215 52.84 37.95 -11.81
CA VAL J 215 51.88 37.70 -10.73
C VAL J 215 52.49 38.32 -9.47
N GLY J 216 51.65 38.84 -8.58
CA GLY J 216 52.16 39.45 -7.37
C GLY J 216 51.18 39.67 -6.24
N LYS J 217 51.64 40.40 -5.22
CA LYS J 217 50.86 40.71 -4.02
C LYS J 217 49.42 41.16 -4.29
N ASP J 218 49.26 42.09 -5.23
CA ASP J 218 47.93 42.59 -5.58
C ASP J 218 47.77 42.60 -7.10
N LEU J 219 47.99 41.45 -7.71
CA LEU J 219 47.88 41.32 -9.15
C LEU J 219 47.72 39.87 -9.56
N GLU J 220 46.70 39.61 -10.39
CA GLU J 220 46.45 38.26 -10.87
C GLU J 220 47.47 37.96 -11.97
N PHE J 221 47.80 36.69 -12.17
CA PHE J 221 48.76 36.33 -13.20
C PHE J 221 48.31 36.89 -14.54
N THR J 222 49.14 37.71 -15.16
CA THR J 222 48.80 38.31 -16.44
C THR J 222 49.90 38.11 -17.47
N ILE J 223 49.49 37.79 -18.69
CA ILE J 223 50.44 37.57 -19.77
C ILE J 223 50.50 38.76 -20.73
N TYR J 224 51.70 39.30 -20.92
CA TYR J 224 51.90 40.43 -21.82
C TYR J 224 52.60 40.00 -23.10
N ASP J 225 51.92 40.17 -24.23
CA ASP J 225 52.49 39.80 -25.52
C ASP J 225 52.39 40.95 -26.53
N ASP J 226 53.25 40.89 -27.54
CA ASP J 226 53.30 41.90 -28.61
C ASP J 226 53.43 43.34 -28.15
N ASP J 227 52.42 44.14 -28.45
CA ASP J 227 52.42 45.56 -28.09
C ASP J 227 52.37 45.89 -26.60
N ASP J 228 51.89 44.95 -25.78
CA ASP J 228 51.82 45.16 -24.34
C ASP J 228 53.17 45.02 -23.64
N VAL J 229 54.13 44.41 -24.31
CA VAL J 229 55.47 44.23 -23.75
C VAL J 229 56.35 45.43 -24.09
N SER J 230 55.86 46.29 -24.97
CA SER J 230 56.58 47.48 -25.41
C SER J 230 57.10 48.31 -24.25
N PRO J 231 56.20 48.68 -23.32
CA PRO J 231 56.56 49.47 -22.13
C PRO J 231 57.76 48.89 -21.38
N PHE J 232 57.77 47.59 -21.15
CA PHE J 232 58.85 46.91 -20.45
C PHE J 232 60.18 46.95 -21.22
N LEU J 233 60.09 46.97 -22.54
CA LEU J 233 61.28 46.99 -23.39
C LEU J 233 61.86 48.40 -23.54
N GLU J 234 60.98 49.35 -23.81
CA GLU J 234 61.39 50.74 -23.99
C GLU J 234 62.12 51.30 -22.78
N GLY J 235 63.37 51.71 -22.98
CA GLY J 235 64.17 52.27 -21.92
C GLY J 235 65.24 51.33 -21.43
N LEU J 236 65.43 50.22 -22.14
CA LEU J 236 66.42 49.23 -21.79
C LEU J 236 67.71 49.45 -22.57
N GLU J 237 68.79 49.79 -21.87
CA GLU J 237 70.08 50.03 -22.51
C GLU J 237 70.50 48.87 -23.39
N ASP K 9 65.79 -3.58 -30.92
CA ASP K 9 64.48 -3.03 -31.16
C ASP K 9 63.99 -2.21 -29.96
N ARG K 10 63.52 -1.01 -30.23
CA ARG K 10 63.03 -0.13 -29.18
C ARG K 10 61.52 -0.05 -29.18
N GLY K 11 60.96 0.55 -28.13
CA GLY K 11 59.53 0.72 -28.03
C GLY K 11 59.13 1.99 -28.77
N VAL K 12 57.83 2.22 -28.93
CA VAL K 12 57.36 3.40 -29.64
C VAL K 12 57.58 4.71 -28.89
N ASN K 13 57.74 4.66 -27.57
CA ASN K 13 57.96 5.86 -26.79
C ASN K 13 59.39 6.01 -26.31
N THR K 14 60.34 5.63 -27.15
CA THR K 14 61.76 5.73 -26.82
C THR K 14 62.35 7.06 -27.25
N PHE K 15 63.11 7.67 -26.35
CA PHE K 15 63.77 8.94 -26.61
C PHE K 15 65.13 8.66 -27.23
N SER K 16 65.53 9.51 -28.17
CA SER K 16 66.84 9.38 -28.77
C SER K 16 67.84 10.13 -27.89
N PRO K 17 69.15 9.96 -28.16
CA PRO K 17 70.20 10.65 -27.41
C PRO K 17 70.14 12.19 -27.50
N GLU K 18 69.61 12.73 -28.59
CA GLU K 18 69.47 14.17 -28.78
C GLU K 18 68.15 14.73 -28.25
N GLY K 19 67.41 13.93 -27.48
CA GLY K 19 66.15 14.37 -26.89
C GLY K 19 64.92 14.36 -27.76
N ARG K 20 64.86 13.46 -28.73
CA ARG K 20 63.71 13.39 -29.62
C ARG K 20 63.07 12.02 -29.62
N LEU K 21 61.76 11.97 -29.85
CA LEU K 21 61.05 10.71 -29.92
C LEU K 21 61.21 10.19 -31.35
N PHE K 22 61.89 9.05 -31.47
CA PHE K 22 62.16 8.42 -32.76
C PHE K 22 60.95 8.36 -33.68
N GLN K 23 59.85 7.80 -33.18
CA GLN K 23 58.63 7.65 -33.94
C GLN K 23 58.06 8.98 -34.44
N VAL K 24 58.17 10.02 -33.63
CA VAL K 24 57.68 11.33 -34.03
C VAL K 24 58.55 11.89 -35.13
N GLU K 25 59.85 11.62 -35.06
CA GLU K 25 60.79 12.08 -36.07
C GLU K 25 60.60 11.33 -37.38
N TYR K 26 60.23 10.05 -37.29
CA TYR K 26 60.00 9.24 -38.49
C TYR K 26 58.70 9.64 -39.15
N ALA K 27 57.73 10.07 -38.34
CA ALA K 27 56.44 10.52 -38.84
C ALA K 27 56.57 11.83 -39.60
N ILE K 28 57.53 12.66 -39.18
CA ILE K 28 57.81 13.93 -39.84
C ILE K 28 58.46 13.67 -41.20
N GLU K 29 59.22 12.59 -41.30
CA GLU K 29 59.86 12.17 -42.54
C GLU K 29 58.79 11.79 -43.56
N ALA K 30 57.72 11.15 -43.09
CA ALA K 30 56.59 10.75 -43.93
C ALA K 30 55.87 11.94 -44.54
N ILE K 31 55.83 13.05 -43.80
CA ILE K 31 55.19 14.27 -44.29
C ILE K 31 55.92 14.81 -45.52
N LYS K 32 57.24 14.55 -45.59
CA LYS K 32 58.05 15.01 -46.72
C LYS K 32 57.77 14.28 -48.02
N LEU K 33 57.20 13.08 -47.94
CA LEU K 33 56.86 12.31 -49.13
C LEU K 33 55.47 12.66 -49.66
N GLY K 34 54.74 13.48 -48.90
CA GLY K 34 53.40 13.88 -49.29
C GLY K 34 53.32 15.04 -50.26
N SER K 35 52.15 15.24 -50.87
CA SER K 35 51.93 16.32 -51.82
C SER K 35 52.06 17.70 -51.17
N THR K 36 52.46 18.69 -51.95
CA THR K 36 52.62 20.04 -51.44
C THR K 36 51.29 20.77 -51.26
N ALA K 37 51.12 21.36 -50.08
CA ALA K 37 49.92 22.12 -49.77
C ALA K 37 50.34 23.51 -49.33
N ILE K 38 49.62 24.52 -49.81
CA ILE K 38 49.95 25.91 -49.49
C ILE K 38 48.79 26.64 -48.81
N GLY K 39 49.10 27.39 -47.77
CA GLY K 39 48.10 28.16 -47.06
C GLY K 39 48.52 29.60 -46.96
N ILE K 40 47.61 30.51 -47.29
CA ILE K 40 47.87 31.94 -47.21
C ILE K 40 46.71 32.66 -46.54
N GLN K 41 47.01 33.42 -45.51
CA GLN K 41 45.99 34.16 -44.78
C GLN K 41 46.14 35.66 -44.98
N THR K 42 45.10 36.30 -45.52
CA THR K 42 45.11 37.74 -45.75
C THR K 42 43.97 38.41 -44.99
N SER K 43 43.81 39.72 -45.21
CA SER K 43 42.77 40.48 -44.55
C SER K 43 41.36 40.15 -45.04
N GLU K 44 41.26 39.68 -46.28
CA GLU K 44 39.98 39.35 -46.86
C GLU K 44 39.61 37.87 -46.73
N GLY K 45 40.51 37.07 -46.17
CA GLY K 45 40.22 35.66 -46.01
C GLY K 45 41.42 34.76 -46.17
N VAL K 46 41.18 33.45 -46.19
CA VAL K 46 42.24 32.47 -46.33
C VAL K 46 41.98 31.57 -47.53
N CYS K 47 43.04 31.22 -48.25
CA CYS K 47 42.91 30.32 -49.38
C CYS K 47 43.81 29.10 -49.17
N LEU K 48 43.34 27.94 -49.60
CA LEU K 48 44.08 26.70 -49.46
C LEU K 48 44.21 26.01 -50.81
N ALA K 49 45.43 25.75 -51.22
CA ALA K 49 45.71 25.11 -52.49
C ALA K 49 46.60 23.89 -52.29
N VAL K 50 46.19 22.76 -52.86
CA VAL K 50 46.95 21.53 -52.73
C VAL K 50 47.11 20.81 -54.07
N GLU K 51 48.33 20.32 -54.32
CA GLU K 51 48.62 19.59 -55.55
C GLU K 51 47.99 18.19 -55.45
N LYS K 52 47.13 17.86 -56.41
CA LYS K 52 46.45 16.57 -56.39
C LYS K 52 47.39 15.38 -56.55
N ARG K 53 48.46 15.57 -57.32
CA ARG K 53 49.44 14.52 -57.56
C ARG K 53 48.81 13.20 -58.00
N ILE K 54 48.13 13.23 -59.14
CA ILE K 54 47.48 12.03 -59.68
C ILE K 54 48.54 11.09 -60.25
N THR K 55 48.54 9.85 -59.79
CA THR K 55 49.54 8.86 -60.22
C THR K 55 49.35 8.32 -61.63
N SER K 56 48.12 8.07 -62.03
CA SER K 56 47.87 7.54 -63.38
C SER K 56 46.73 8.25 -64.09
N PRO K 57 46.69 8.12 -65.43
CA PRO K 57 45.67 8.73 -66.30
C PRO K 57 44.30 8.04 -66.20
N LEU K 58 44.26 6.84 -65.64
CA LEU K 58 43.00 6.11 -65.49
C LEU K 58 42.35 6.43 -64.16
N MET K 59 43.06 7.16 -63.32
CA MET K 59 42.56 7.54 -62.01
C MET K 59 41.67 8.77 -62.07
N GLU K 60 40.52 8.70 -61.42
CA GLU K 60 39.58 9.82 -61.39
C GLU K 60 40.06 10.91 -60.44
N PRO K 61 40.33 12.10 -60.98
CA PRO K 61 40.83 13.24 -60.20
C PRO K 61 39.86 13.72 -59.12
N SER K 62 38.56 13.58 -59.36
CA SER K 62 37.55 14.02 -58.41
C SER K 62 37.51 13.22 -57.10
N SER K 63 37.98 11.97 -57.14
CA SER K 63 37.99 11.12 -55.96
C SER K 63 39.07 11.52 -54.93
N ILE K 64 40.07 12.26 -55.38
CA ILE K 64 41.15 12.71 -54.51
C ILE K 64 40.69 13.94 -53.73
N GLU K 65 40.68 13.84 -52.40
CA GLU K 65 40.26 14.94 -51.55
C GLU K 65 41.33 15.35 -50.56
N LYS K 66 42.07 16.40 -50.89
CA LYS K 66 43.13 16.88 -50.02
C LYS K 66 42.68 18.09 -49.21
N ILE K 67 41.58 18.70 -49.65
CA ILE K 67 41.01 19.84 -48.96
C ILE K 67 39.59 19.48 -48.57
N VAL K 68 39.25 19.66 -47.31
CA VAL K 68 37.91 19.32 -46.83
C VAL K 68 37.28 20.40 -45.97
N GLU K 69 35.99 20.26 -45.73
CA GLU K 69 35.25 21.19 -44.90
C GLU K 69 35.12 20.62 -43.50
N ILE K 70 35.50 21.40 -42.49
CA ILE K 70 35.39 20.97 -41.11
C ILE K 70 34.07 21.48 -40.58
N ASP K 71 33.78 22.71 -40.98
CA ASP K 71 32.56 23.43 -40.62
C ASP K 71 32.37 24.53 -41.65
N ALA K 72 31.25 25.24 -41.62
CA ALA K 72 31.00 26.31 -42.58
C ALA K 72 32.08 27.41 -42.66
N HIS K 73 32.70 27.75 -41.53
CA HIS K 73 33.71 28.77 -41.50
C HIS K 73 35.15 28.24 -41.45
N ILE K 74 35.32 26.92 -41.44
CA ILE K 74 36.68 26.34 -41.37
C ILE K 74 36.99 25.30 -42.45
N GLY K 75 38.11 25.49 -43.14
CA GLY K 75 38.56 24.56 -44.16
C GLY K 75 39.82 23.86 -43.72
N CYS K 76 40.16 22.73 -44.34
CA CYS K 76 41.37 22.00 -43.95
C CYS K 76 42.08 21.31 -45.10
N ALA K 77 43.38 21.56 -45.20
CA ALA K 77 44.22 20.95 -46.23
C ALA K 77 45.16 19.96 -45.55
N MET K 78 45.28 18.76 -46.12
CA MET K 78 46.14 17.73 -45.53
C MET K 78 47.32 17.35 -46.42
N SER K 79 48.35 16.80 -45.80
CA SER K 79 49.55 16.34 -46.50
C SER K 79 50.23 15.23 -45.73
N GLY K 80 50.66 14.19 -46.46
CA GLY K 80 51.32 13.04 -45.87
C GLY K 80 50.49 11.80 -46.09
N LEU K 81 50.30 11.01 -45.03
CA LEU K 81 49.51 9.79 -45.14
C LEU K 81 48.04 10.17 -45.06
N ILE K 82 47.40 10.30 -46.22
CA ILE K 82 46.00 10.69 -46.31
C ILE K 82 45.02 9.85 -45.49
N ALA K 83 45.26 8.54 -45.40
CA ALA K 83 44.38 7.66 -44.63
C ALA K 83 44.35 8.00 -43.14
N ASP K 84 45.47 8.47 -42.60
CA ASP K 84 45.55 8.85 -41.19
C ASP K 84 44.81 10.17 -40.95
N ALA K 85 44.80 11.01 -41.98
CA ALA K 85 44.15 12.32 -41.88
C ALA K 85 42.64 12.22 -41.66
N LYS K 86 42.01 11.20 -42.22
CA LYS K 86 40.56 11.00 -42.08
C LYS K 86 40.10 10.89 -40.64
N THR K 87 40.89 10.21 -39.81
CA THR K 87 40.59 10.05 -38.41
C THR K 87 40.56 11.40 -37.70
N LEU K 88 41.52 12.26 -38.04
CA LEU K 88 41.61 13.58 -37.43
C LEU K 88 40.53 14.51 -37.97
N ILE K 89 40.23 14.38 -39.25
CA ILE K 89 39.21 15.22 -39.88
C ILE K 89 37.86 14.98 -39.24
N ASP K 90 37.53 13.71 -39.02
CA ASP K 90 36.25 13.40 -38.42
C ASP K 90 36.20 13.88 -36.98
N LYS K 91 37.32 13.77 -36.27
CA LYS K 91 37.41 14.23 -34.89
C LYS K 91 37.11 15.73 -34.84
N ALA K 92 37.73 16.49 -35.75
CA ALA K 92 37.53 17.92 -35.83
C ALA K 92 36.07 18.30 -36.10
N ARG K 93 35.43 17.56 -37.00
CA ARG K 93 34.03 17.82 -37.34
C ARG K 93 33.13 17.58 -36.13
N VAL K 94 33.43 16.54 -35.38
CA VAL K 94 32.67 16.21 -34.18
C VAL K 94 32.87 17.26 -33.09
N GLU K 95 34.09 17.78 -32.98
CA GLU K 95 34.39 18.80 -31.97
C GLU K 95 33.58 20.06 -32.18
N THR K 96 33.56 20.56 -33.41
CA THR K 96 32.82 21.78 -33.71
C THR K 96 31.32 21.63 -33.54
N GLN K 97 30.78 20.46 -33.88
CA GLN K 97 29.36 20.23 -33.75
C GLN K 97 28.99 20.08 -32.28
N ASN K 98 29.89 19.50 -31.50
CA ASN K 98 29.67 19.33 -30.07
C ASN K 98 29.69 20.72 -29.44
N HIS K 99 30.62 21.56 -29.90
CA HIS K 99 30.72 22.91 -29.40
C HIS K 99 29.46 23.70 -29.75
N TRP K 100 28.94 23.49 -30.95
CA TRP K 100 27.71 24.19 -31.35
C TRP K 100 26.56 23.77 -30.46
N PHE K 101 26.43 22.48 -30.22
CA PHE K 101 25.36 21.95 -29.39
C PHE K 101 25.39 22.48 -27.96
N THR K 102 26.57 22.52 -27.37
CA THR K 102 26.74 22.97 -25.99
C THR K 102 26.68 24.48 -25.78
N TYR K 103 27.38 25.26 -26.60
CA TYR K 103 27.43 26.69 -26.40
C TYR K 103 26.66 27.57 -27.39
N ASN K 104 25.91 26.94 -28.30
CA ASN K 104 25.13 27.67 -29.30
C ASN K 104 25.96 28.73 -30.04
N GLU K 105 27.13 28.33 -30.50
CA GLU K 105 28.02 29.25 -31.22
C GLU K 105 29.04 28.47 -32.01
N THR K 106 29.82 29.18 -32.82
CA THR K 106 30.86 28.55 -33.63
C THR K 106 32.17 28.49 -32.86
N MET K 107 32.95 27.46 -33.15
CA MET K 107 34.24 27.26 -32.54
C MET K 107 35.27 28.06 -33.35
N THR K 108 36.27 28.62 -32.67
CA THR K 108 37.30 29.38 -33.38
C THR K 108 38.30 28.45 -34.05
N VAL K 109 39.02 28.96 -35.03
CA VAL K 109 40.02 28.16 -35.74
C VAL K 109 41.07 27.63 -34.78
N GLU K 110 41.54 28.48 -33.87
CA GLU K 110 42.54 28.08 -32.89
C GLU K 110 42.06 26.93 -32.00
N SER K 111 40.82 27.01 -31.54
CA SER K 111 40.25 25.98 -30.67
C SER K 111 40.16 24.63 -31.37
N VAL K 112 39.70 24.64 -32.61
CA VAL K 112 39.58 23.43 -33.39
C VAL K 112 40.96 22.80 -33.57
N THR K 113 41.95 23.63 -33.89
CA THR K 113 43.31 23.15 -34.09
C THR K 113 43.89 22.58 -32.81
N GLN K 114 43.57 23.21 -31.69
CA GLN K 114 44.03 22.76 -30.39
C GLN K 114 43.45 21.38 -30.07
N ALA K 115 42.16 21.22 -30.32
CA ALA K 115 41.48 19.95 -30.06
C ALA K 115 42.03 18.80 -30.91
N VAL K 116 42.34 19.09 -32.17
CA VAL K 116 42.88 18.08 -33.07
C VAL K 116 44.31 17.73 -32.70
N SER K 117 45.06 18.72 -32.23
CA SER K 117 46.45 18.53 -31.84
C SER K 117 46.59 17.65 -30.61
N ASN K 118 45.62 17.72 -29.71
CA ASN K 118 45.67 16.93 -28.48
C ASN K 118 45.60 15.43 -28.70
N LEU K 119 45.45 15.02 -29.95
CA LEU K 119 45.38 13.60 -30.28
C LEU K 119 46.67 13.12 -30.95
N ALA K 120 47.67 14.00 -31.05
CA ALA K 120 48.91 13.66 -31.72
C ALA K 120 49.86 12.72 -30.96
N LEU K 121 50.10 12.99 -29.69
CA LEU K 121 51.03 12.15 -28.92
C LEU K 121 50.36 11.03 -28.12
N GLN K 122 49.06 10.84 -28.34
CA GLN K 122 48.34 9.80 -27.63
C GLN K 122 48.53 8.43 -28.28
N PHE K 123 49.71 7.86 -28.07
CA PHE K 123 50.03 6.54 -28.61
C PHE K 123 51.03 5.84 -27.70
N GLY K 124 50.98 4.51 -27.68
CA GLY K 124 51.86 3.71 -26.85
C GLY K 124 51.43 2.26 -26.90
N GLU K 125 52.10 1.41 -26.14
CA GLU K 125 51.76 -0.01 -26.13
C GLU K 125 51.75 -0.62 -24.73
N ALA K 132 43.42 2.53 -28.67
CA ALA K 132 44.57 3.41 -28.48
C ALA K 132 45.55 3.29 -29.63
N MET K 133 45.94 4.43 -30.20
CA MET K 133 46.88 4.46 -31.31
C MET K 133 48.19 3.79 -30.94
N SER K 134 48.75 3.03 -31.87
CA SER K 134 50.01 2.34 -31.63
C SER K 134 51.20 3.13 -32.15
N ARG K 135 50.91 4.22 -32.87
CA ARG K 135 51.95 5.06 -33.43
C ARG K 135 51.35 6.44 -33.71
N PRO K 136 52.21 7.44 -33.91
CA PRO K 136 51.73 8.80 -34.22
C PRO K 136 51.16 8.88 -35.64
N PHE K 137 50.37 9.90 -35.89
CA PHE K 137 49.78 10.11 -37.21
C PHE K 137 50.84 10.62 -38.17
N GLY K 138 50.87 10.09 -39.38
CA GLY K 138 51.84 10.54 -40.37
C GLY K 138 51.25 11.60 -41.28
N VAL K 139 50.80 12.70 -40.71
CA VAL K 139 50.19 13.75 -41.52
C VAL K 139 50.37 15.16 -40.96
N ALA K 140 50.32 16.14 -41.84
CA ALA K 140 50.44 17.54 -41.45
C ALA K 140 49.15 18.21 -41.88
N LEU K 141 48.64 19.13 -41.08
CA LEU K 141 47.39 19.79 -41.41
C LEU K 141 47.48 21.30 -41.47
N LEU K 142 46.67 21.89 -42.33
CA LEU K 142 46.58 23.33 -42.47
C LEU K 142 45.13 23.68 -42.20
N PHE K 143 44.88 24.47 -41.17
CA PHE K 143 43.52 24.87 -40.83
C PHE K 143 43.29 26.33 -41.16
N GLY K 144 42.33 26.61 -42.04
CA GLY K 144 42.02 27.97 -42.44
C GLY K 144 40.56 28.29 -42.24
N GLY K 145 40.29 29.45 -41.66
CA GLY K 145 38.91 29.84 -41.42
C GLY K 145 38.75 31.25 -40.91
N VAL K 146 37.51 31.62 -40.62
CA VAL K 146 37.22 32.96 -40.12
C VAL K 146 36.38 32.90 -38.84
N ASP K 147 36.78 33.67 -37.83
CA ASP K 147 36.04 33.75 -36.58
C ASP K 147 35.92 35.21 -36.16
N GLU K 148 35.97 35.48 -34.86
CA GLU K 148 35.87 36.85 -34.37
C GLU K 148 37.16 37.63 -34.59
N LYS K 149 38.27 36.93 -34.72
CA LYS K 149 39.56 37.57 -34.94
C LYS K 149 39.89 37.70 -36.43
N GLY K 150 38.93 37.39 -37.30
CA GLY K 150 39.13 37.48 -38.73
C GLY K 150 39.76 36.22 -39.30
N PRO K 151 40.22 36.31 -40.56
CA PRO K 151 40.86 35.18 -41.25
C PRO K 151 42.01 34.61 -40.41
N GLN K 152 42.07 33.28 -40.31
CA GLN K 152 43.13 32.67 -39.52
C GLN K 152 43.68 31.40 -40.14
N LEU K 153 45.00 31.28 -40.16
CA LEU K 153 45.65 30.09 -40.71
C LEU K 153 46.51 29.41 -39.65
N PHE K 154 46.23 28.15 -39.39
CA PHE K 154 46.99 27.38 -38.41
C PHE K 154 47.62 26.15 -39.05
N HIS K 155 48.73 25.71 -38.51
CA HIS K 155 49.41 24.56 -39.06
C HIS K 155 49.73 23.58 -37.95
N MET K 156 49.45 22.32 -38.16
CA MET K 156 49.71 21.29 -37.16
C MET K 156 50.51 20.13 -37.76
N ASP K 157 51.50 19.65 -37.02
CA ASP K 157 52.30 18.54 -37.49
C ASP K 157 52.16 17.34 -36.56
N PRO K 158 52.86 16.22 -36.87
CA PRO K 158 52.80 14.98 -36.08
C PRO K 158 53.25 15.05 -34.62
N SER K 159 54.01 16.06 -34.22
CA SER K 159 54.46 16.19 -32.84
C SER K 159 53.42 16.79 -31.89
N GLY K 160 52.31 17.26 -32.44
CA GLY K 160 51.27 17.85 -31.63
C GLY K 160 51.43 19.35 -31.49
N THR K 161 52.43 19.90 -32.17
CA THR K 161 52.68 21.33 -32.13
C THR K 161 51.83 22.04 -33.18
N PHE K 162 51.13 23.09 -32.77
CA PHE K 162 50.31 23.85 -33.69
C PHE K 162 50.60 25.34 -33.54
N VAL K 163 50.64 26.06 -34.65
CA VAL K 163 50.93 27.47 -34.56
C VAL K 163 50.20 28.28 -35.63
N GLN K 164 49.94 29.54 -35.33
CA GLN K 164 49.29 30.45 -36.25
C GLN K 164 50.35 30.90 -37.26
N CYS K 165 49.99 30.97 -38.53
CA CYS K 165 50.93 31.38 -39.56
C CYS K 165 50.28 32.31 -40.57
N ASP K 166 51.09 33.15 -41.20
CA ASP K 166 50.60 34.09 -42.20
C ASP K 166 50.54 33.36 -43.54
N ALA K 167 51.58 32.59 -43.82
CA ALA K 167 51.70 31.83 -45.05
C ALA K 167 52.49 30.56 -44.73
N ARG K 168 52.02 29.42 -45.22
CA ARG K 168 52.70 28.18 -44.92
C ARG K 168 52.57 27.11 -45.98
N ALA K 169 53.65 26.38 -46.20
CA ALA K 169 53.66 25.30 -47.17
C ALA K 169 54.06 24.01 -46.45
N ILE K 170 53.40 22.92 -46.80
CA ILE K 170 53.70 21.62 -46.20
C ILE K 170 53.77 20.58 -47.31
N GLY K 171 54.53 19.52 -47.10
CA GLY K 171 54.64 18.48 -48.11
C GLY K 171 56.02 18.31 -48.70
N SER K 172 56.08 17.54 -49.79
CA SER K 172 57.33 17.24 -50.49
C SER K 172 58.21 18.44 -50.84
N ALA K 173 57.61 19.47 -51.44
CA ALA K 173 58.38 20.64 -51.83
C ALA K 173 58.10 21.85 -50.93
N SER K 174 58.00 21.61 -49.63
CA SER K 174 57.73 22.68 -48.68
C SER K 174 58.86 23.69 -48.52
N GLU K 175 60.11 23.25 -48.68
CA GLU K 175 61.26 24.15 -48.53
C GLU K 175 61.29 25.17 -49.65
N GLY K 176 61.05 24.71 -50.88
CA GLY K 176 61.04 25.59 -52.03
C GLY K 176 59.85 26.50 -51.99
N ALA K 177 58.69 25.95 -51.67
CA ALA K 177 57.46 26.72 -51.61
C ALA K 177 57.53 27.82 -50.55
N GLN K 178 58.14 27.51 -49.41
CA GLN K 178 58.28 28.48 -48.32
C GLN K 178 59.08 29.70 -48.75
N SER K 179 60.18 29.47 -49.46
CA SER K 179 61.03 30.56 -49.91
C SER K 179 60.25 31.52 -50.77
N SER K 180 59.55 31.00 -51.76
CA SER K 180 58.75 31.83 -52.65
C SER K 180 57.71 32.57 -51.83
N LEU K 181 57.02 31.84 -50.98
CA LEU K 181 55.97 32.40 -50.14
C LEU K 181 56.44 33.62 -49.36
N GLN K 182 57.56 33.50 -48.67
CA GLN K 182 58.08 34.59 -47.85
C GLN K 182 58.68 35.75 -48.65
N GLU K 183 58.94 35.53 -49.93
CA GLU K 183 59.47 36.59 -50.78
C GLU K 183 58.35 37.35 -51.48
N VAL K 184 57.17 36.75 -51.54
CA VAL K 184 56.05 37.37 -52.23
C VAL K 184 54.84 37.66 -51.35
N TYR K 185 54.98 37.55 -50.04
CA TYR K 185 53.87 37.78 -49.14
C TYR K 185 53.99 39.06 -48.32
N HIS K 186 52.91 39.83 -48.28
CA HIS K 186 52.87 41.07 -47.48
C HIS K 186 51.54 41.16 -46.74
N LYS K 187 51.50 41.99 -45.71
CA LYS K 187 50.32 42.18 -44.88
C LYS K 187 49.11 42.83 -45.54
N SER K 188 49.30 43.51 -46.66
CA SER K 188 48.18 44.18 -47.33
C SER K 188 47.59 43.43 -48.51
N MET K 189 48.31 42.45 -49.03
CA MET K 189 47.86 41.67 -50.19
C MET K 189 46.45 41.12 -50.04
N THR K 190 45.65 41.27 -51.09
CA THR K 190 44.26 40.82 -51.10
C THR K 190 44.15 39.32 -51.37
N LEU K 191 42.92 38.81 -51.31
CA LEU K 191 42.68 37.39 -51.56
C LEU K 191 43.03 37.00 -52.99
N LYS K 192 42.71 37.86 -53.94
CA LYS K 192 43.00 37.60 -55.34
C LYS K 192 44.49 37.39 -55.57
N GLU K 193 45.30 38.23 -54.94
CA GLU K 193 46.75 38.12 -55.04
C GLU K 193 47.23 36.82 -54.41
N ALA K 194 46.65 36.48 -53.26
CA ALA K 194 47.01 35.27 -52.55
C ALA K 194 46.69 34.04 -53.38
N ILE K 195 45.49 34.01 -53.95
CA ILE K 195 45.05 32.90 -54.78
C ILE K 195 45.95 32.73 -55.99
N LYS K 196 46.32 33.84 -56.59
CA LYS K 196 47.18 33.81 -57.77
C LYS K 196 48.61 33.45 -57.37
N SER K 197 49.09 34.06 -56.30
CA SER K 197 50.44 33.80 -55.82
C SER K 197 50.64 32.34 -55.41
N SER K 198 49.66 31.79 -54.72
CA SER K 198 49.73 30.41 -54.27
C SER K 198 49.72 29.42 -55.44
N LEU K 199 49.00 29.76 -56.50
CA LEU K 199 48.95 28.90 -57.68
C LEU K 199 50.24 29.01 -58.47
N ILE K 200 50.84 30.19 -58.45
CA ILE K 200 52.09 30.40 -59.16
C ILE K 200 53.18 29.54 -58.56
N ILE K 201 53.24 29.50 -57.23
CA ILE K 201 54.23 28.70 -56.53
C ILE K 201 53.95 27.21 -56.66
N LEU K 202 52.67 26.84 -56.65
CA LEU K 202 52.30 25.43 -56.78
C LEU K 202 52.79 24.89 -58.11
N LYS K 203 52.58 25.67 -59.18
CA LYS K 203 53.00 25.29 -60.51
C LYS K 203 54.51 25.13 -60.62
N GLN K 204 55.25 25.98 -59.93
CA GLN K 204 56.70 25.95 -59.95
C GLN K 204 57.33 24.74 -59.25
N VAL K 205 56.64 24.17 -58.25
CA VAL K 205 57.18 23.02 -57.54
C VAL K 205 56.51 21.71 -57.91
N MET K 206 55.53 21.77 -58.80
CA MET K 206 54.80 20.58 -59.23
C MET K 206 55.52 19.89 -60.39
N GLU K 207 55.76 18.58 -60.25
CA GLU K 207 56.42 17.82 -61.30
C GLU K 207 55.61 17.82 -62.58
N GLU K 208 54.30 17.61 -62.47
CA GLU K 208 53.42 17.59 -63.62
C GLU K 208 52.99 19.00 -64.00
N LYS K 209 52.25 19.13 -65.09
CA LYS K 209 51.76 20.43 -65.53
C LYS K 209 50.54 20.80 -64.70
N LEU K 210 50.43 22.08 -64.34
CA LEU K 210 49.34 22.54 -63.52
C LEU K 210 48.08 22.93 -64.30
N ASN K 211 47.09 22.06 -64.31
CA ASN K 211 45.84 22.36 -65.00
C ASN K 211 44.72 22.56 -63.98
N ALA K 212 43.48 22.44 -64.41
CA ALA K 212 42.35 22.64 -63.52
C ALA K 212 41.80 21.34 -62.96
N THR K 213 42.43 20.24 -63.31
CA THR K 213 41.98 18.94 -62.83
C THR K 213 43.01 18.28 -61.93
N ASN K 214 44.22 18.85 -61.88
CA ASN K 214 45.28 18.26 -61.06
C ASN K 214 45.64 19.05 -59.79
N ILE K 215 44.81 20.01 -59.42
CA ILE K 215 45.02 20.79 -58.21
C ILE K 215 43.70 21.05 -57.50
N GLU K 216 43.78 21.46 -56.25
CA GLU K 216 42.62 21.73 -55.43
C GLU K 216 42.76 23.11 -54.82
N LEU K 217 41.67 23.88 -54.83
CA LEU K 217 41.69 25.21 -54.25
C LEU K 217 40.40 25.52 -53.53
N ALA K 218 40.51 26.20 -52.39
CA ALA K 218 39.35 26.57 -51.61
C ALA K 218 39.66 27.83 -50.83
N THR K 219 38.63 28.62 -50.55
CA THR K 219 38.80 29.85 -49.81
C THR K 219 37.73 29.96 -48.75
N VAL K 220 37.96 30.86 -47.81
CA VAL K 220 37.03 31.14 -46.75
C VAL K 220 37.22 32.61 -46.42
N GLN K 221 36.17 33.40 -46.64
CA GLN K 221 36.25 34.84 -46.40
C GLN K 221 35.23 35.25 -45.35
N PRO K 222 35.33 36.48 -44.84
CA PRO K 222 34.35 36.91 -43.86
C PRO K 222 32.98 37.08 -44.53
N GLY K 223 31.96 36.38 -44.05
CA GLY K 223 30.63 36.48 -44.62
C GLY K 223 30.29 35.38 -45.62
N GLN K 224 31.32 34.72 -46.14
CA GLN K 224 31.11 33.64 -47.10
C GLN K 224 31.52 32.31 -46.48
N ASN K 225 30.87 31.23 -46.89
CA ASN K 225 31.22 29.92 -46.34
C ASN K 225 32.42 29.31 -47.04
N PHE K 226 32.87 28.17 -46.54
CA PHE K 226 33.98 27.44 -47.13
C PHE K 226 33.60 27.17 -48.57
N HIS K 227 34.40 27.65 -49.51
CA HIS K 227 34.07 27.45 -50.92
C HIS K 227 35.16 26.78 -51.74
N MET K 228 34.86 25.60 -52.24
CA MET K 228 35.80 24.86 -53.08
C MET K 228 35.64 25.32 -54.53
N PHE K 229 36.69 25.89 -55.10
CA PHE K 229 36.66 26.36 -56.47
C PHE K 229 36.29 25.23 -57.43
N THR K 230 35.44 25.53 -58.41
CA THR K 230 35.07 24.52 -59.40
C THR K 230 36.06 24.53 -60.55
N LYS K 231 35.88 23.61 -61.49
CA LYS K 231 36.76 23.53 -62.64
C LYS K 231 36.79 24.85 -63.40
N GLU K 232 35.62 25.40 -63.67
CA GLU K 232 35.50 26.65 -64.40
C GLU K 232 36.20 27.81 -63.70
N GLU K 233 36.03 27.88 -62.39
CA GLU K 233 36.64 28.95 -61.60
C GLU K 233 38.16 28.84 -61.52
N LEU K 234 38.69 27.63 -61.63
CA LEU K 234 40.13 27.41 -61.60
C LEU K 234 40.72 27.83 -62.94
N GLU K 235 40.08 27.40 -64.02
CA GLU K 235 40.53 27.74 -65.36
C GLU K 235 40.66 29.26 -65.52
N GLU K 236 39.62 29.98 -65.11
CA GLU K 236 39.61 31.43 -65.15
C GLU K 236 40.85 32.00 -64.46
N VAL K 237 41.11 31.53 -63.25
CA VAL K 237 42.25 31.98 -62.46
C VAL K 237 43.57 31.44 -62.98
N ILE K 238 43.54 30.25 -63.59
CA ILE K 238 44.76 29.63 -64.13
C ILE K 238 45.35 30.39 -65.32
N LYS K 239 44.50 31.07 -66.08
CA LYS K 239 44.95 31.83 -67.24
C LYS K 239 45.88 32.96 -66.82
N SER L 2 60.05 -7.61 -21.88
CA SER L 2 58.85 -8.11 -22.54
C SER L 2 58.97 -8.09 -24.07
N ARG L 3 59.44 -6.97 -24.62
CA ARG L 3 59.62 -6.83 -26.07
C ARG L 3 60.79 -7.69 -26.55
N ARG L 4 61.77 -7.89 -25.68
CA ARG L 4 62.95 -8.70 -25.99
C ARG L 4 62.62 -10.17 -26.19
N TYR L 5 61.58 -10.67 -25.53
CA TYR L 5 61.20 -12.07 -25.62
C TYR L 5 60.05 -12.38 -26.56
N ASP L 6 59.27 -11.36 -26.92
CA ASP L 6 58.13 -11.55 -27.80
C ASP L 6 58.58 -12.15 -29.14
N SER L 7 58.02 -13.30 -29.48
CA SER L 7 58.39 -13.97 -30.73
C SER L 7 57.71 -13.38 -31.97
N ARG L 8 56.73 -12.51 -31.77
CA ARG L 8 56.00 -11.85 -32.86
C ARG L 8 55.47 -12.85 -33.89
N THR L 9 54.51 -13.66 -33.46
CA THR L 9 53.90 -14.70 -34.29
C THR L 9 52.95 -14.21 -35.37
N THR L 10 52.32 -13.05 -35.17
CA THR L 10 51.36 -12.55 -36.14
C THR L 10 51.79 -11.30 -36.92
N ILE L 11 52.99 -11.31 -37.48
CA ILE L 11 53.44 -10.17 -38.27
C ILE L 11 53.87 -10.61 -39.66
N PHE L 12 53.83 -9.68 -40.60
CA PHE L 12 54.23 -9.96 -41.96
C PHE L 12 55.74 -9.99 -42.05
N SER L 13 56.26 -10.91 -42.86
CA SER L 13 57.68 -10.96 -43.11
C SER L 13 57.97 -10.00 -44.27
N PRO L 14 59.25 -9.71 -44.53
CA PRO L 14 59.61 -8.80 -45.63
C PRO L 14 58.97 -9.08 -47.00
N GLU L 15 58.79 -10.35 -47.38
CA GLU L 15 58.17 -10.68 -48.65
C GLU L 15 56.67 -10.95 -48.53
N GLY L 16 56.03 -10.34 -47.54
CA GLY L 16 54.60 -10.50 -47.32
C GLY L 16 54.15 -11.89 -46.93
N ARG L 17 54.97 -12.60 -46.17
CA ARG L 17 54.62 -13.95 -45.75
C ARG L 17 54.40 -14.05 -44.26
N LEU L 18 53.63 -15.05 -43.85
CA LEU L 18 53.36 -15.31 -42.45
C LEU L 18 54.13 -16.57 -42.06
N TYR L 19 55.32 -16.38 -41.51
CA TYR L 19 56.19 -17.49 -41.13
C TYR L 19 55.56 -18.57 -40.25
N GLN L 20 54.89 -18.17 -39.17
CA GLN L 20 54.26 -19.14 -38.28
C GLN L 20 53.24 -20.03 -39.00
N VAL L 21 52.49 -19.45 -39.92
CA VAL L 21 51.51 -20.20 -40.70
C VAL L 21 52.20 -21.21 -41.62
N GLU L 22 53.29 -20.79 -42.25
CA GLU L 22 54.05 -21.66 -43.14
C GLU L 22 54.76 -22.77 -42.37
N TYR L 23 55.26 -22.45 -41.18
CA TYR L 23 55.95 -23.43 -40.36
C TYR L 23 54.97 -24.48 -39.83
N ALA L 24 53.73 -24.04 -39.57
CA ALA L 24 52.68 -24.95 -39.11
C ALA L 24 52.26 -25.88 -40.25
N MET L 25 52.36 -25.41 -41.48
CA MET L 25 52.03 -26.20 -42.67
C MET L 25 53.09 -27.27 -42.88
N GLU L 26 54.33 -26.99 -42.48
CA GLU L 26 55.42 -27.93 -42.58
C GLU L 26 55.16 -29.12 -41.67
N ALA L 27 54.63 -28.83 -40.48
CA ALA L 27 54.31 -29.86 -39.50
C ALA L 27 53.18 -30.76 -39.98
N ILE L 28 52.21 -30.17 -40.67
CA ILE L 28 51.08 -30.93 -41.18
C ILE L 28 51.49 -31.86 -42.32
N GLY L 29 52.50 -31.47 -43.08
CA GLY L 29 53.00 -32.25 -44.19
C GLY L 29 53.68 -33.56 -43.80
N HIS L 30 54.17 -33.67 -42.57
CA HIS L 30 54.83 -34.89 -42.11
C HIS L 30 53.91 -35.81 -41.28
N ALA L 31 52.73 -35.31 -40.93
CA ALA L 31 51.76 -36.08 -40.16
C ALA L 31 51.13 -37.18 -40.98
N GLY L 32 50.32 -38.00 -40.32
CA GLY L 32 49.64 -39.11 -40.98
C GLY L 32 48.79 -38.69 -42.17
N THR L 33 48.76 -39.54 -43.18
CA THR L 33 47.99 -39.28 -44.40
C THR L 33 46.48 -39.34 -44.20
N CYS L 34 45.79 -38.31 -44.65
CA CYS L 34 44.33 -38.24 -44.55
C CYS L 34 43.76 -38.02 -45.95
N LEU L 35 42.85 -38.88 -46.38
CA LEU L 35 42.24 -38.71 -47.69
C LEU L 35 40.72 -38.75 -47.65
N GLY L 36 40.10 -37.90 -48.46
CA GLY L 36 38.65 -37.84 -48.52
C GLY L 36 38.15 -37.97 -49.94
N ILE L 37 37.16 -38.82 -50.14
CA ILE L 37 36.59 -39.04 -51.47
C ILE L 37 35.08 -38.93 -51.44
N LEU L 38 34.53 -38.15 -52.37
CA LEU L 38 33.09 -37.98 -52.46
C LEU L 38 32.50 -38.87 -53.55
N ALA L 39 31.45 -39.62 -53.20
CA ALA L 39 30.78 -40.49 -54.15
C ALA L 39 29.33 -40.06 -54.33
N ASN L 40 28.61 -40.72 -55.22
CA ASN L 40 27.21 -40.38 -55.48
C ASN L 40 26.27 -40.75 -54.33
N ASP L 41 26.60 -41.80 -53.61
CA ASP L 41 25.76 -42.23 -52.50
C ASP L 41 26.41 -42.09 -51.13
N GLY L 42 27.35 -41.16 -51.00
CA GLY L 42 28.02 -40.96 -49.73
C GLY L 42 29.44 -40.43 -49.84
N VAL L 43 30.06 -40.25 -48.67
CA VAL L 43 31.43 -39.75 -48.61
C VAL L 43 32.23 -40.66 -47.69
N LEU L 44 33.54 -40.63 -47.82
CA LEU L 44 34.37 -41.47 -46.98
C LEU L 44 35.63 -40.77 -46.50
N LEU L 45 36.18 -41.26 -45.41
CA LEU L 45 37.40 -40.73 -44.84
C LEU L 45 38.35 -41.88 -44.57
N ALA L 46 39.55 -41.80 -45.11
CA ALA L 46 40.55 -42.84 -44.90
C ALA L 46 41.80 -42.19 -44.35
N ALA L 47 42.20 -42.59 -43.15
CA ALA L 47 43.37 -42.01 -42.52
C ALA L 47 44.37 -43.06 -42.05
N GLU L 48 45.64 -42.79 -42.26
CA GLU L 48 46.69 -43.69 -41.83
C GLU L 48 46.85 -43.52 -40.33
N ARG L 49 47.07 -44.62 -39.63
CA ARG L 49 47.26 -44.57 -38.19
C ARG L 49 48.74 -44.45 -37.84
N ARG L 50 49.06 -43.60 -36.87
CA ARG L 50 50.44 -43.44 -36.44
C ARG L 50 50.67 -44.30 -35.20
N ASN L 51 49.66 -44.36 -34.34
CA ASN L 51 49.74 -45.17 -33.12
C ASN L 51 49.58 -46.63 -33.53
N ILE L 52 50.69 -47.33 -33.72
CA ILE L 52 50.64 -48.73 -34.12
C ILE L 52 51.36 -49.69 -33.18
N HIS L 53 51.92 -49.16 -32.10
CA HIS L 53 52.63 -49.97 -31.11
C HIS L 53 51.76 -51.12 -30.60
N LYS L 54 52.37 -52.29 -30.43
CA LYS L 54 51.68 -53.49 -29.98
C LYS L 54 51.07 -53.42 -28.57
N LEU L 55 51.64 -52.59 -27.70
CA LEU L 55 51.15 -52.44 -26.34
C LEU L 55 50.06 -51.39 -26.19
N LEU L 56 49.66 -50.79 -27.30
CA LEU L 56 48.61 -49.77 -27.29
C LEU L 56 47.25 -50.43 -27.14
N ASP L 57 46.34 -49.75 -26.48
CA ASP L 57 45.01 -50.27 -26.27
C ASP L 57 43.98 -49.53 -27.12
N GLU L 58 42.90 -50.21 -27.47
CA GLU L 58 41.84 -49.60 -28.28
C GLU L 58 40.53 -49.51 -27.49
N VAL L 59 40.08 -48.30 -27.21
CA VAL L 59 38.84 -48.10 -26.46
C VAL L 59 38.00 -46.89 -26.89
N PHE L 60 38.44 -46.18 -27.93
CA PHE L 60 37.71 -45.00 -28.40
C PHE L 60 36.94 -45.28 -29.70
N PHE L 61 36.26 -44.27 -30.21
CA PHE L 61 35.51 -44.40 -31.45
C PHE L 61 36.46 -44.67 -32.60
N SER L 62 37.57 -43.93 -32.57
CA SER L 62 38.63 -44.04 -33.58
C SER L 62 39.85 -43.28 -33.05
N GLU L 63 40.73 -42.89 -33.97
CA GLU L 63 41.93 -42.16 -33.59
C GLU L 63 41.97 -40.77 -34.23
N LYS L 64 41.73 -40.71 -35.54
CA LYS L 64 41.77 -39.44 -36.26
C LYS L 64 40.41 -38.98 -36.79
N ILE L 65 39.38 -39.77 -36.61
CA ILE L 65 38.05 -39.42 -37.11
C ILE L 65 37.10 -39.03 -35.99
N TYR L 66 36.61 -37.80 -36.02
CA TYR L 66 35.70 -37.32 -34.99
C TYR L 66 34.35 -36.92 -35.53
N LYS L 67 33.30 -37.41 -34.87
CA LYS L 67 31.95 -37.05 -35.24
C LYS L 67 31.73 -35.63 -34.73
N LEU L 68 31.16 -34.77 -35.57
CA LEU L 68 30.95 -33.39 -35.17
C LEU L 68 29.50 -33.15 -34.71
N ASN L 69 28.58 -33.80 -35.39
CA ASN L 69 27.15 -33.74 -35.09
C ASN L 69 26.47 -34.93 -35.77
N GLU L 70 25.16 -34.90 -35.87
CA GLU L 70 24.44 -36.01 -36.49
C GLU L 70 24.76 -36.26 -37.97
N ASP L 71 25.12 -35.24 -38.71
CA ASP L 71 25.41 -35.43 -40.14
C ASP L 71 26.82 -35.05 -40.60
N MET L 72 27.75 -34.87 -39.68
CA MET L 72 29.10 -34.48 -40.07
C MET L 72 30.22 -35.15 -39.28
N ALA L 73 31.32 -35.43 -39.97
CA ALA L 73 32.51 -36.02 -39.36
C ALA L 73 33.73 -35.31 -39.92
N CYS L 74 34.86 -35.45 -39.26
CA CYS L 74 36.07 -34.80 -39.72
C CYS L 74 37.30 -35.62 -39.40
N SER L 75 38.38 -35.36 -40.12
CA SER L 75 39.64 -36.02 -39.89
C SER L 75 40.70 -34.96 -39.73
N VAL L 76 41.70 -35.21 -38.90
CA VAL L 76 42.74 -34.22 -38.67
C VAL L 76 44.14 -34.69 -39.00
N ALA L 77 45.02 -33.73 -39.28
CA ALA L 77 46.41 -33.97 -39.59
C ALA L 77 47.23 -32.85 -38.95
N GLY L 78 48.26 -33.23 -38.20
CA GLY L 78 49.11 -32.25 -37.55
C GLY L 78 49.20 -32.51 -36.05
N ILE L 79 49.28 -31.44 -35.28
CA ILE L 79 49.38 -31.53 -33.83
C ILE L 79 48.12 -32.13 -33.22
N THR L 80 48.26 -33.31 -32.62
CA THR L 80 47.15 -34.02 -32.01
C THR L 80 46.38 -33.23 -30.95
N SER L 81 47.09 -32.61 -30.03
CA SER L 81 46.43 -31.85 -28.97
C SER L 81 45.75 -30.58 -29.48
N ASP L 82 46.25 -30.03 -30.58
CA ASP L 82 45.67 -28.84 -31.16
C ASP L 82 44.35 -29.23 -31.82
N ALA L 83 44.33 -30.43 -32.40
CA ALA L 83 43.14 -30.94 -33.05
C ALA L 83 42.00 -31.18 -32.07
N ASN L 84 42.33 -31.58 -30.84
CA ASN L 84 41.32 -31.81 -29.82
C ASN L 84 40.60 -30.52 -29.47
N VAL L 85 41.34 -29.42 -29.42
CA VAL L 85 40.76 -28.12 -29.12
C VAL L 85 39.79 -27.68 -30.21
N LEU L 86 40.21 -27.81 -31.46
CA LEU L 86 39.40 -27.40 -32.59
C LEU L 86 38.16 -28.26 -32.79
N THR L 87 38.32 -29.57 -32.56
CA THR L 87 37.22 -30.51 -32.70
C THR L 87 36.14 -30.24 -31.66
N ASN L 88 36.55 -29.85 -30.46
CA ASN L 88 35.58 -29.53 -29.41
C ASN L 88 34.87 -28.24 -29.78
N GLU L 89 35.60 -27.30 -30.36
CA GLU L 89 35.04 -26.03 -30.77
C GLU L 89 34.02 -26.24 -31.89
N LEU L 90 34.33 -27.15 -32.81
CA LEU L 90 33.42 -27.45 -33.91
C LEU L 90 32.09 -27.97 -33.38
N ARG L 91 32.15 -28.85 -32.38
CA ARG L 91 30.96 -29.42 -31.79
C ARG L 91 30.08 -28.35 -31.17
N LEU L 92 30.70 -27.38 -30.50
CA LEU L 92 29.97 -26.29 -29.88
C LEU L 92 29.31 -25.38 -30.90
N ILE L 93 30.02 -25.12 -32.00
CA ILE L 93 29.48 -24.27 -33.06
C ILE L 93 28.24 -24.92 -33.67
N ALA L 94 28.30 -26.23 -33.89
CA ALA L 94 27.18 -26.96 -34.45
C ALA L 94 25.99 -26.96 -33.52
N GLN L 95 26.24 -27.17 -32.22
CA GLN L 95 25.15 -27.19 -31.26
C GLN L 95 24.54 -25.81 -31.07
N ARG L 96 25.36 -24.75 -31.15
CA ARG L 96 24.86 -23.39 -31.01
C ARG L 96 23.95 -23.01 -32.17
N TYR L 97 24.25 -23.52 -33.36
CA TYR L 97 23.44 -23.25 -34.54
C TYR L 97 22.10 -23.97 -34.39
N LEU L 98 22.15 -25.20 -33.88
CA LEU L 98 20.94 -25.99 -33.70
C LEU L 98 20.05 -25.39 -32.60
N LEU L 99 20.65 -24.80 -31.58
CA LEU L 99 19.87 -24.19 -30.53
C LEU L 99 19.12 -22.98 -31.05
N GLN L 100 19.77 -22.23 -31.93
CA GLN L 100 19.20 -21.01 -32.50
C GLN L 100 18.16 -21.20 -33.61
N TYR L 101 18.41 -22.08 -34.56
CA TYR L 101 17.47 -22.25 -35.66
C TYR L 101 16.65 -23.53 -35.63
N GLN L 102 16.96 -24.41 -34.68
CA GLN L 102 16.31 -25.72 -34.52
C GLN L 102 16.46 -26.57 -35.79
N GLU L 103 17.64 -26.51 -36.38
CA GLU L 103 17.96 -27.24 -37.60
C GLU L 103 19.45 -27.52 -37.61
N PRO L 104 19.87 -28.63 -38.23
CA PRO L 104 21.29 -28.96 -38.28
C PRO L 104 22.05 -27.94 -39.13
N ILE L 105 23.23 -27.52 -38.68
CA ILE L 105 24.03 -26.55 -39.39
C ILE L 105 24.54 -27.09 -40.73
N PRO L 106 24.33 -26.32 -41.81
CA PRO L 106 24.82 -26.73 -43.13
C PRO L 106 26.33 -26.91 -43.09
N CYS L 107 26.81 -27.98 -43.72
CA CYS L 107 28.24 -28.32 -43.74
C CYS L 107 29.21 -27.17 -43.97
N GLU L 108 29.01 -26.42 -45.05
CA GLU L 108 29.91 -25.30 -45.35
C GLU L 108 29.89 -24.19 -44.30
N GLN L 109 28.76 -23.97 -43.65
CA GLN L 109 28.67 -22.95 -42.62
C GLN L 109 29.51 -23.33 -41.40
N LEU L 110 29.59 -24.61 -41.09
CA LEU L 110 30.38 -25.07 -39.95
C LEU L 110 31.87 -24.90 -40.21
N VAL L 111 32.31 -25.22 -41.42
CA VAL L 111 33.71 -25.08 -41.80
C VAL L 111 34.15 -23.61 -41.78
N THR L 112 33.29 -22.74 -42.28
CA THR L 112 33.56 -21.32 -42.33
C THR L 112 33.70 -20.71 -40.93
N ALA L 113 32.90 -21.17 -39.99
CA ALA L 113 32.96 -20.66 -38.63
C ALA L 113 34.28 -21.04 -37.96
N LEU L 114 34.79 -22.23 -38.24
CA LEU L 114 36.05 -22.66 -37.66
C LEU L 114 37.21 -21.96 -38.33
N CYS L 115 37.09 -21.68 -39.62
CA CYS L 115 38.13 -20.98 -40.35
C CYS L 115 38.29 -19.54 -39.87
N ASP L 116 37.20 -18.97 -39.36
CA ASP L 116 37.24 -17.61 -38.85
C ASP L 116 38.08 -17.56 -37.58
N ILE L 117 38.00 -18.61 -36.77
CA ILE L 117 38.77 -18.69 -35.55
C ILE L 117 40.24 -18.87 -35.87
N LYS L 118 40.53 -19.64 -36.92
CA LYS L 118 41.91 -19.89 -37.33
C LYS L 118 42.54 -18.63 -37.91
N GLN L 119 41.77 -17.88 -38.70
CA GLN L 119 42.27 -16.64 -39.30
C GLN L 119 42.62 -15.63 -38.22
N ALA L 120 41.79 -15.55 -37.19
CA ALA L 120 42.01 -14.62 -36.08
C ALA L 120 43.35 -14.82 -35.37
N TYR L 121 43.79 -16.06 -35.23
CA TYR L 121 45.07 -16.37 -34.61
C TYR L 121 46.25 -15.86 -35.45
N THR L 122 46.10 -15.82 -36.77
CA THR L 122 47.15 -15.33 -37.65
C THR L 122 47.21 -13.81 -37.79
N GLN L 123 46.24 -13.09 -37.23
CA GLN L 123 46.23 -11.63 -37.36
C GLN L 123 46.51 -10.85 -36.09
N PHE L 124 45.99 -11.32 -34.96
CA PHE L 124 46.21 -10.64 -33.69
C PHE L 124 46.30 -11.60 -32.52
N GLY L 125 46.74 -11.11 -31.37
CA GLY L 125 46.83 -11.92 -30.17
C GLY L 125 48.21 -12.36 -29.73
N GLY L 126 49.17 -12.44 -30.65
CA GLY L 126 50.51 -12.85 -30.31
C GLY L 126 50.72 -14.32 -29.98
N LYS L 127 49.74 -15.16 -30.29
CA LYS L 127 49.86 -16.58 -30.01
C LYS L 127 50.23 -17.34 -31.27
N ARG L 128 50.83 -18.51 -31.08
CA ARG L 128 51.19 -19.35 -32.20
C ARG L 128 49.89 -19.94 -32.76
N PRO L 129 49.83 -20.16 -34.07
CA PRO L 129 48.62 -20.71 -34.67
C PRO L 129 48.42 -22.20 -34.38
N PHE L 130 47.23 -22.70 -34.63
CA PHE L 130 46.93 -24.11 -34.46
C PHE L 130 47.61 -24.83 -35.62
N GLY L 131 48.35 -25.89 -35.33
CA GLY L 131 49.02 -26.64 -36.39
C GLY L 131 48.18 -27.80 -36.88
N VAL L 132 46.97 -27.53 -37.33
CA VAL L 132 46.05 -28.55 -37.80
C VAL L 132 45.45 -28.27 -39.17
N SER L 133 45.23 -29.34 -39.94
CA SER L 133 44.57 -29.28 -41.22
C SER L 133 43.42 -30.26 -41.08
N LEU L 134 42.25 -29.93 -41.60
CA LEU L 134 41.11 -30.81 -41.44
C LEU L 134 40.39 -31.20 -42.73
N LEU L 135 39.73 -32.34 -42.68
CA LEU L 135 38.93 -32.83 -43.79
C LEU L 135 37.54 -33.04 -43.24
N TYR L 136 36.55 -32.44 -43.88
CA TYR L 136 35.18 -32.59 -43.42
C TYR L 136 34.31 -33.33 -44.42
N ILE L 137 33.47 -34.21 -43.90
CA ILE L 137 32.54 -34.95 -44.73
C ILE L 137 31.17 -34.78 -44.08
N GLY L 138 30.16 -34.49 -44.87
CA GLY L 138 28.85 -34.30 -44.31
C GLY L 138 27.76 -34.24 -45.33
N TRP L 139 26.53 -34.28 -44.83
CA TRP L 139 25.37 -34.19 -45.69
C TRP L 139 24.43 -33.14 -45.12
N ASP L 140 23.91 -32.28 -45.99
CA ASP L 140 22.94 -31.29 -45.57
C ASP L 140 21.86 -31.17 -46.64
N LYS L 141 20.74 -30.55 -46.31
CA LYS L 141 19.61 -30.41 -47.23
C LYS L 141 19.81 -29.43 -48.40
N HIS L 142 20.85 -28.61 -48.36
CA HIS L 142 21.11 -27.66 -49.43
C HIS L 142 21.97 -28.22 -50.55
N TYR L 143 23.03 -28.94 -50.21
CA TYR L 143 23.93 -29.48 -51.22
C TYR L 143 24.21 -30.97 -51.14
N GLY L 144 23.50 -31.68 -50.28
CA GLY L 144 23.70 -33.11 -50.15
C GLY L 144 25.06 -33.48 -49.58
N PHE L 145 25.71 -34.48 -50.19
CA PHE L 145 27.01 -34.95 -49.74
C PHE L 145 28.13 -33.96 -50.10
N GLN L 146 28.93 -33.58 -49.12
CA GLN L 146 30.02 -32.64 -49.34
C GLN L 146 31.33 -33.04 -48.68
N LEU L 147 32.41 -32.45 -49.16
CA LEU L 147 33.74 -32.71 -48.66
C LEU L 147 34.52 -31.40 -48.62
N TYR L 148 35.11 -31.09 -47.47
CA TYR L 148 35.86 -29.86 -47.31
C TYR L 148 37.21 -30.08 -46.68
N GLN L 149 38.11 -29.17 -46.95
CA GLN L 149 39.46 -29.22 -46.39
C GLN L 149 39.84 -27.81 -45.99
N SER L 150 40.34 -27.65 -44.78
CA SER L 150 40.78 -26.33 -44.33
C SER L 150 42.15 -26.45 -43.69
N ASP L 151 42.88 -25.35 -43.63
CA ASP L 151 44.21 -25.37 -43.05
C ASP L 151 44.45 -24.26 -42.03
N PRO L 152 45.65 -24.24 -41.43
CA PRO L 152 46.10 -23.29 -40.39
C PRO L 152 45.94 -21.80 -40.73
N SER L 153 46.03 -21.43 -42.00
CA SER L 153 45.88 -20.04 -42.39
C SER L 153 44.44 -19.53 -42.29
N GLY L 154 43.48 -20.44 -42.32
CA GLY L 154 42.08 -20.08 -42.24
C GLY L 154 41.40 -20.21 -43.59
N ASN L 155 42.12 -20.80 -44.55
CA ASN L 155 41.58 -21.04 -45.87
C ASN L 155 40.92 -22.40 -45.94
N TYR L 156 39.89 -22.52 -46.77
CA TYR L 156 39.18 -23.78 -46.93
C TYR L 156 38.66 -23.90 -48.35
N GLY L 157 38.28 -25.11 -48.75
CA GLY L 157 37.76 -25.33 -50.08
C GLY L 157 36.98 -26.63 -50.19
N GLY L 158 36.04 -26.69 -51.12
CA GLY L 158 35.25 -27.88 -51.34
C GLY L 158 35.95 -28.76 -52.35
N TRP L 159 35.87 -30.07 -52.18
CA TRP L 159 36.55 -31.01 -53.08
C TRP L 159 35.73 -32.24 -53.40
N LYS L 160 36.08 -32.89 -54.51
CA LYS L 160 35.46 -34.14 -54.90
C LYS L 160 36.29 -35.28 -54.32
N ALA L 161 37.59 -35.03 -54.20
CA ALA L 161 38.55 -35.96 -53.65
C ALA L 161 39.76 -35.11 -53.31
N THR L 162 40.37 -35.35 -52.17
CA THR L 162 41.53 -34.59 -51.75
C THR L 162 42.35 -35.33 -50.71
N CYS L 163 43.54 -34.82 -50.42
CA CYS L 163 44.41 -35.47 -49.45
C CYS L 163 45.31 -34.49 -48.70
N ILE L 164 45.51 -34.76 -47.42
CA ILE L 164 46.38 -33.93 -46.58
C ILE L 164 47.32 -34.83 -45.80
N GLY L 165 48.42 -34.28 -45.33
CA GLY L 165 49.39 -35.03 -44.56
C GLY L 165 50.54 -35.57 -45.37
N ASN L 166 51.16 -36.64 -44.89
CA ASN L 166 52.30 -37.25 -45.55
C ASN L 166 51.99 -37.73 -46.96
N ASN L 167 52.83 -37.32 -47.91
CA ASN L 167 52.71 -37.65 -49.33
C ASN L 167 51.35 -37.30 -49.92
N SER L 168 50.80 -36.16 -49.54
CA SER L 168 49.50 -35.75 -50.04
C SER L 168 49.59 -35.26 -51.49
N ALA L 169 50.76 -34.77 -51.87
CA ALA L 169 50.96 -34.29 -53.23
C ALA L 169 50.93 -35.45 -54.21
N ALA L 170 51.45 -36.60 -53.78
CA ALA L 170 51.48 -37.79 -54.62
C ALA L 170 50.11 -38.45 -54.62
N ALA L 171 49.41 -38.34 -53.51
CA ALA L 171 48.07 -38.91 -53.38
C ALA L 171 47.10 -38.15 -54.25
N VAL L 172 47.31 -36.84 -54.36
CA VAL L 172 46.45 -36.00 -55.16
C VAL L 172 46.64 -36.28 -56.65
N SER L 173 47.85 -36.66 -57.04
CA SER L 173 48.14 -36.96 -58.43
C SER L 173 47.38 -38.20 -58.85
N MET L 174 47.44 -39.24 -58.01
CA MET L 174 46.75 -40.48 -58.28
C MET L 174 45.24 -40.25 -58.39
N LEU L 175 44.70 -39.44 -57.50
CA LEU L 175 43.27 -39.14 -57.49
C LEU L 175 42.81 -38.47 -58.79
N LYS L 176 43.64 -37.60 -59.35
CA LYS L 176 43.30 -36.90 -60.58
C LYS L 176 43.08 -37.86 -61.76
N GLN L 177 43.87 -38.92 -61.83
CA GLN L 177 43.76 -39.88 -62.91
C GLN L 177 42.85 -41.07 -62.63
N ASP L 178 42.26 -41.13 -61.45
CA ASP L 178 41.40 -42.26 -61.12
C ASP L 178 39.97 -41.91 -60.70
N TYR L 179 39.75 -40.65 -60.32
CA TYR L 179 38.42 -40.22 -59.90
C TYR L 179 37.53 -39.84 -61.06
N LYS L 180 36.38 -40.49 -61.16
CA LYS L 180 35.42 -40.22 -62.23
C LYS L 180 34.27 -39.34 -61.77
N GLU L 181 34.32 -38.07 -62.15
CA GLU L 181 33.31 -37.08 -61.78
C GLU L 181 31.86 -37.50 -62.02
N GLY L 182 31.12 -37.73 -60.94
CA GLY L 182 29.71 -38.11 -61.03
C GLY L 182 29.43 -39.55 -61.39
N GLU L 183 30.47 -40.38 -61.41
CA GLU L 183 30.32 -41.78 -61.75
C GLU L 183 30.96 -42.65 -60.69
N MET L 184 31.05 -42.12 -59.47
CA MET L 184 31.65 -42.86 -58.38
C MET L 184 30.61 -43.33 -57.38
N THR L 185 30.87 -44.47 -56.76
CA THR L 185 29.99 -45.04 -55.77
C THR L 185 30.81 -45.35 -54.52
N LEU L 186 30.15 -45.55 -53.39
CA LEU L 186 30.87 -45.83 -52.15
C LEU L 186 31.79 -47.04 -52.25
N LYS L 187 31.31 -48.10 -52.90
CA LYS L 187 32.11 -49.31 -53.07
C LYS L 187 33.30 -49.01 -53.97
N SER L 188 33.06 -48.25 -55.02
CA SER L 188 34.12 -47.90 -55.97
C SER L 188 35.05 -46.83 -55.40
N ALA L 189 34.56 -46.09 -54.41
CA ALA L 189 35.36 -45.04 -53.77
C ALA L 189 36.27 -45.69 -52.75
N LEU L 190 35.77 -46.74 -52.11
CA LEU L 190 36.55 -47.46 -51.10
C LEU L 190 37.76 -48.13 -51.74
N ALA L 191 37.59 -48.66 -52.94
CA ALA L 191 38.66 -49.32 -53.66
C ALA L 191 39.73 -48.30 -54.04
N LEU L 192 39.31 -47.14 -54.52
CA LEU L 192 40.24 -46.08 -54.90
C LEU L 192 41.03 -45.62 -53.69
N ALA L 193 40.36 -45.47 -52.55
CA ALA L 193 41.00 -45.05 -51.32
C ALA L 193 42.14 -46.00 -50.98
N ILE L 194 41.85 -47.30 -51.02
CA ILE L 194 42.84 -48.32 -50.73
C ILE L 194 44.01 -48.22 -51.70
N LYS L 195 43.70 -48.08 -52.98
CA LYS L 195 44.72 -47.95 -54.00
C LYS L 195 45.62 -46.78 -53.71
N VAL L 196 45.03 -45.61 -53.50
CA VAL L 196 45.79 -44.40 -53.20
C VAL L 196 46.59 -44.55 -51.91
N LEU L 197 45.95 -45.12 -50.89
CA LEU L 197 46.60 -45.31 -49.61
C LEU L 197 47.78 -46.26 -49.69
N ASN L 198 47.69 -47.24 -50.58
CA ASN L 198 48.76 -48.22 -50.76
C ASN L 198 50.02 -47.55 -51.30
N LYS L 199 49.84 -46.64 -52.25
CA LYS L 199 50.95 -45.94 -52.87
C LYS L 199 51.62 -44.92 -51.96
N THR L 200 50.83 -44.02 -51.38
CA THR L 200 51.38 -42.98 -50.51
C THR L 200 52.10 -43.56 -49.29
N MET L 201 51.55 -44.62 -48.72
CA MET L 201 52.17 -45.26 -47.57
C MET L 201 53.38 -46.09 -48.00
N ASP L 202 54.42 -46.07 -47.18
CA ASP L 202 55.63 -46.83 -47.48
C ASP L 202 55.88 -47.92 -46.46
N VAL L 203 55.09 -48.99 -46.52
CA VAL L 203 55.22 -50.12 -45.61
C VAL L 203 54.78 -51.42 -46.26
N SER L 204 55.02 -51.55 -47.56
CA SER L 204 54.65 -52.74 -48.33
C SER L 204 53.20 -53.15 -48.08
N LYS L 205 53.02 -54.17 -47.24
CA LYS L 205 51.67 -54.64 -46.92
C LYS L 205 50.89 -53.48 -46.33
N LEU L 206 49.78 -53.13 -46.98
CA LEU L 206 48.96 -52.02 -46.55
C LEU L 206 48.59 -52.13 -45.08
N SER L 207 48.03 -53.28 -44.71
CA SER L 207 47.57 -53.67 -43.36
C SER L 207 46.32 -52.94 -42.84
N ALA L 208 45.38 -53.72 -42.30
CA ALA L 208 44.14 -53.18 -41.77
C ALA L 208 44.34 -52.42 -40.46
N GLU L 209 45.39 -52.76 -39.72
CA GLU L 209 45.69 -52.13 -38.45
C GLU L 209 46.35 -50.77 -38.61
N LYS L 210 46.88 -50.50 -39.81
CA LYS L 210 47.56 -49.25 -40.08
C LYS L 210 46.64 -48.16 -40.61
N VAL L 211 45.37 -48.50 -40.84
CA VAL L 211 44.43 -47.53 -41.37
C VAL L 211 43.11 -47.47 -40.61
N GLU L 212 42.34 -46.42 -40.89
CA GLU L 212 41.04 -46.21 -40.29
C GLU L 212 40.16 -45.62 -41.39
N ILE L 213 39.01 -46.22 -41.62
CA ILE L 213 38.11 -45.74 -42.66
C ILE L 213 36.70 -45.47 -42.14
N ALA L 214 36.15 -44.32 -42.48
CA ALA L 214 34.80 -43.98 -42.07
C ALA L 214 33.97 -43.58 -43.27
N THR L 215 32.71 -43.99 -43.28
CA THR L 215 31.82 -43.65 -44.39
C THR L 215 30.62 -42.90 -43.86
N LEU L 216 30.04 -42.06 -44.70
CA LEU L 216 28.87 -41.28 -44.33
C LEU L 216 27.81 -41.49 -45.40
N THR L 217 26.67 -42.05 -45.01
CA THR L 217 25.58 -42.31 -45.97
C THR L 217 24.22 -41.91 -45.44
N ARG L 218 23.22 -41.96 -46.33
CA ARG L 218 21.85 -41.64 -45.98
C ARG L 218 21.02 -42.92 -45.97
N GLU L 219 20.45 -43.25 -44.82
CA GLU L 219 19.63 -44.45 -44.68
C GLU L 219 18.28 -44.14 -44.06
N ASN L 220 17.22 -44.40 -44.82
CA ASN L 220 15.84 -44.14 -44.38
C ASN L 220 15.66 -42.72 -43.83
N GLY L 221 16.07 -41.73 -44.62
CA GLY L 221 15.95 -40.34 -44.23
C GLY L 221 16.81 -39.92 -43.06
N LYS L 222 17.92 -40.59 -42.84
CA LYS L 222 18.82 -40.26 -41.75
C LYS L 222 20.28 -40.51 -42.11
N THR L 223 21.17 -39.69 -41.60
CA THR L 223 22.59 -39.84 -41.87
C THR L 223 23.22 -40.93 -41.02
N VAL L 224 24.01 -41.79 -41.66
CA VAL L 224 24.68 -42.86 -40.94
C VAL L 224 26.18 -42.73 -41.12
N ILE L 225 26.90 -42.63 -40.01
CA ILE L 225 28.34 -42.52 -40.05
C ILE L 225 28.91 -43.68 -39.28
N ARG L 226 29.78 -44.46 -39.92
CA ARG L 226 30.36 -45.60 -39.25
C ARG L 226 31.81 -45.83 -39.65
N VAL L 227 32.59 -46.33 -38.71
CA VAL L 227 33.98 -46.64 -38.95
C VAL L 227 34.05 -48.10 -39.33
N LEU L 228 34.60 -48.39 -40.51
CA LEU L 228 34.71 -49.77 -40.97
C LEU L 228 35.51 -50.61 -39.98
N LYS L 229 35.07 -51.85 -39.77
CA LYS L 229 35.74 -52.75 -38.85
C LYS L 229 36.90 -53.44 -39.54
N GLN L 230 37.77 -54.06 -38.74
CA GLN L 230 38.95 -54.75 -39.27
C GLN L 230 38.59 -55.75 -40.38
N LYS L 231 37.54 -56.52 -40.15
CA LYS L 231 37.10 -57.50 -41.14
C LYS L 231 36.80 -56.86 -42.49
N GLU L 232 35.97 -55.81 -42.48
CA GLU L 232 35.62 -55.11 -43.70
C GLU L 232 36.85 -54.50 -44.35
N VAL L 233 37.73 -53.92 -43.53
CA VAL L 233 38.94 -53.30 -44.04
C VAL L 233 39.89 -54.36 -44.58
N GLU L 234 39.98 -55.48 -43.87
CA GLU L 234 40.83 -56.59 -44.30
C GLU L 234 40.37 -57.10 -45.65
N GLN L 235 39.06 -57.25 -45.80
CA GLN L 235 38.47 -57.71 -47.06
C GLN L 235 38.80 -56.75 -48.19
N LEU L 236 38.71 -55.45 -47.90
CA LEU L 236 39.03 -54.43 -48.90
C LEU L 236 40.48 -54.54 -49.37
N ILE L 237 41.39 -54.82 -48.45
CA ILE L 237 42.80 -54.97 -48.80
C ILE L 237 42.97 -56.21 -49.68
N LYS L 238 42.24 -57.26 -49.36
CA LYS L 238 42.28 -58.50 -50.13
C LYS L 238 41.87 -58.18 -51.57
N ASN L 239 40.79 -57.44 -51.73
CA ASN L 239 40.30 -57.04 -53.05
C ASN L 239 41.39 -56.39 -53.90
N HIS L 240 42.14 -55.47 -53.31
CA HIS L 240 43.23 -54.78 -54.00
C HIS L 240 44.28 -55.76 -54.50
N GLU L 241 44.60 -56.78 -53.70
CA GLU L 241 45.58 -57.80 -54.07
C GLU L 241 45.10 -58.47 -55.36
N GLU L 242 43.83 -58.86 -55.38
CA GLU L 242 43.24 -59.49 -56.55
C GLU L 242 43.04 -58.48 -57.67
N GLU L 243 42.81 -57.22 -57.30
CA GLU L 243 42.60 -56.15 -58.27
C GLU L 243 43.83 -56.01 -59.15
N GLY M 5 51.87 -10.10 -16.75
CA GLY M 5 52.29 -11.28 -17.49
C GLY M 5 52.43 -11.03 -18.97
N TYR M 6 53.20 -11.88 -19.64
CA TYR M 6 53.41 -11.76 -21.08
C TYR M 6 52.21 -12.36 -21.80
N SER M 7 51.72 -11.67 -22.82
CA SER M 7 50.56 -12.15 -23.55
C SER M 7 50.90 -12.91 -24.83
N PHE M 8 52.18 -13.05 -25.14
CA PHE M 8 52.61 -13.78 -26.33
C PHE M 8 53.00 -15.21 -25.98
N SER M 9 53.01 -16.08 -26.98
CA SER M 9 53.36 -17.46 -26.78
C SER M 9 54.87 -17.65 -26.60
N LEU M 10 55.25 -18.64 -25.82
CA LEU M 10 56.65 -18.96 -25.61
C LEU M 10 57.02 -20.20 -26.43
N THR M 11 56.00 -20.95 -26.84
CA THR M 11 56.16 -22.13 -27.67
C THR M 11 55.68 -21.77 -29.07
N THR M 12 56.60 -21.72 -30.02
CA THR M 12 56.23 -21.39 -31.39
C THR M 12 56.72 -22.47 -32.35
N PHE M 13 56.32 -22.33 -33.61
CA PHE M 13 56.73 -23.28 -34.63
C PHE M 13 58.08 -22.91 -35.21
N SER M 14 58.96 -23.89 -35.34
CA SER M 14 60.27 -23.66 -35.93
C SER M 14 60.16 -23.88 -37.44
N PRO M 15 61.19 -23.52 -38.20
CA PRO M 15 61.19 -23.69 -39.66
C PRO M 15 60.86 -25.11 -40.16
N SER M 16 61.29 -26.15 -39.45
CA SER M 16 61.01 -27.52 -39.84
C SER M 16 59.63 -28.05 -39.38
N GLY M 17 58.86 -27.20 -38.71
CA GLY M 17 57.53 -27.58 -38.27
C GLY M 17 57.43 -28.14 -36.87
N LYS M 18 58.48 -27.98 -36.06
CA LYS M 18 58.46 -28.51 -34.71
C LYS M 18 58.17 -27.42 -33.68
N LEU M 19 57.80 -27.86 -32.49
CA LEU M 19 57.56 -26.98 -31.36
C LEU M 19 58.63 -27.39 -30.35
N VAL M 20 59.82 -26.80 -30.49
CA VAL M 20 60.96 -27.14 -29.63
C VAL M 20 60.74 -27.12 -28.13
N GLN M 21 59.92 -26.20 -27.61
CA GLN M 21 59.66 -26.15 -26.17
C GLN M 21 59.00 -27.44 -25.67
N ILE M 22 58.11 -28.01 -26.47
CA ILE M 22 57.45 -29.26 -26.14
C ILE M 22 58.47 -30.40 -26.21
N GLU M 23 59.39 -30.32 -27.16
CA GLU M 23 60.44 -31.33 -27.30
C GLU M 23 61.40 -31.26 -26.12
N TYR M 24 61.64 -30.05 -25.63
CA TYR M 24 62.52 -29.86 -24.49
C TYR M 24 61.85 -30.31 -23.21
N ALA M 25 60.52 -30.20 -23.18
CA ALA M 25 59.72 -30.65 -22.04
C ALA M 25 59.76 -32.18 -22.00
N LEU M 26 59.79 -32.81 -23.17
CA LEU M 26 59.88 -34.26 -23.28
C LEU M 26 61.24 -34.78 -22.84
N ALA M 27 62.28 -33.96 -22.98
CA ALA M 27 63.63 -34.32 -22.55
C ALA M 27 63.70 -34.32 -21.02
N ALA M 28 62.92 -33.44 -20.39
CA ALA M 28 62.87 -33.35 -18.95
C ALA M 28 62.13 -34.56 -18.41
N VAL M 29 61.14 -35.03 -19.15
CA VAL M 29 60.37 -36.20 -18.77
C VAL M 29 61.23 -37.45 -18.90
N ALA M 30 62.03 -37.50 -19.97
CA ALA M 30 62.91 -38.64 -20.24
C ALA M 30 64.05 -38.80 -19.24
N GLY M 31 64.45 -37.71 -18.58
CA GLY M 31 65.50 -37.77 -17.60
C GLY M 31 64.98 -37.98 -16.19
N GLY M 32 63.66 -38.14 -16.06
CA GLY M 32 63.03 -38.35 -14.77
C GLY M 32 63.06 -39.77 -14.28
N ALA M 33 62.60 -39.99 -13.06
CA ALA M 33 62.55 -41.32 -12.47
C ALA M 33 61.59 -42.23 -13.24
N PRO M 34 61.97 -43.49 -13.45
CA PRO M 34 61.20 -44.49 -14.18
C PRO M 34 59.81 -44.76 -13.59
N SER M 35 58.82 -44.92 -14.46
CA SER M 35 57.45 -45.20 -14.04
C SER M 35 56.89 -46.26 -14.97
N VAL M 36 56.19 -47.23 -14.41
CA VAL M 36 55.59 -48.31 -15.20
C VAL M 36 54.09 -48.42 -14.92
N GLY M 37 53.33 -48.77 -15.94
CA GLY M 37 51.90 -48.95 -15.81
C GLY M 37 51.52 -50.22 -16.55
N ILE M 38 50.82 -51.12 -15.87
CA ILE M 38 50.40 -52.38 -16.49
C ILE M 38 48.92 -52.68 -16.27
N LYS M 39 48.19 -52.83 -17.36
CA LYS M 39 46.77 -53.14 -17.28
C LYS M 39 46.54 -54.64 -17.26
N ALA M 40 46.02 -55.15 -16.15
CA ALA M 40 45.73 -56.58 -16.03
C ALA M 40 44.31 -56.86 -16.46
N ALA M 41 43.85 -58.08 -16.20
CA ALA M 41 42.50 -58.45 -16.58
C ALA M 41 41.47 -57.89 -15.60
N ASN M 42 41.86 -57.81 -14.34
CA ASN M 42 40.95 -57.30 -13.31
C ASN M 42 41.51 -56.13 -12.50
N GLY M 43 42.41 -55.35 -13.09
CA GLY M 43 42.98 -54.22 -12.40
C GLY M 43 44.18 -53.60 -13.08
N VAL M 44 44.66 -52.49 -12.54
CA VAL M 44 45.81 -51.79 -13.08
C VAL M 44 46.85 -51.56 -12.00
N VAL M 45 48.11 -51.61 -12.36
CA VAL M 45 49.17 -51.36 -11.40
C VAL M 45 50.05 -50.19 -11.85
N LEU M 46 50.35 -49.28 -10.92
CA LEU M 46 51.20 -48.14 -11.19
C LEU M 46 52.40 -48.25 -10.26
N ALA M 47 53.59 -48.41 -10.83
CA ALA M 47 54.79 -48.53 -10.01
C ALA M 47 55.82 -47.48 -10.41
N THR M 48 56.44 -46.87 -9.42
CA THR M 48 57.43 -45.85 -9.68
C THR M 48 58.62 -45.99 -8.74
N GLU M 49 59.79 -45.60 -9.24
CA GLU M 49 61.00 -45.66 -8.44
C GLU M 49 61.06 -44.35 -7.66
N LYS M 50 61.22 -44.45 -6.35
CA LYS M 50 61.30 -43.25 -5.53
C LYS M 50 62.52 -43.30 -4.64
N LYS M 51 63.69 -43.14 -5.26
CA LYS M 51 64.95 -43.17 -4.53
C LYS M 51 65.28 -41.80 -3.96
N GLN M 52 65.37 -41.72 -2.64
CA GLN M 52 65.71 -40.46 -1.98
C GLN M 52 67.20 -40.22 -2.10
N LYS M 53 67.62 -38.97 -1.95
CA LYS M 53 69.04 -38.62 -2.03
C LYS M 53 69.82 -39.11 -0.81
N SER M 54 69.14 -39.24 0.33
CA SER M 54 69.78 -39.69 1.56
C SER M 54 68.83 -40.35 2.54
N ILE M 55 69.35 -40.78 3.68
CA ILE M 55 68.51 -41.42 4.69
C ILE M 55 67.87 -40.39 5.60
N LEU M 56 68.15 -39.12 5.35
CA LEU M 56 67.62 -38.02 6.13
C LEU M 56 66.18 -37.72 5.74
N TYR M 57 65.83 -38.08 4.50
CA TYR M 57 64.50 -37.86 3.99
C TYR M 57 63.50 -38.77 4.66
N ASP M 58 62.32 -38.26 4.96
CA ASP M 58 61.29 -39.07 5.57
C ASP M 58 60.47 -39.69 4.43
N GLU M 59 60.68 -40.98 4.20
CA GLU M 59 60.00 -41.71 3.12
C GLU M 59 58.48 -41.54 3.10
N ARG M 60 57.85 -41.58 4.27
CA ARG M 60 56.40 -41.45 4.37
C ARG M 60 55.89 -40.01 4.53
N SER M 61 56.59 -39.04 3.93
CA SER M 61 56.18 -37.64 4.03
C SER M 61 55.62 -37.16 2.70
N VAL M 62 56.13 -37.70 1.60
CA VAL M 62 55.65 -37.32 0.28
C VAL M 62 55.45 -38.56 -0.58
N HIS M 63 54.44 -38.51 -1.45
CA HIS M 63 54.14 -39.65 -2.33
C HIS M 63 54.21 -39.25 -3.78
N LYS M 64 54.41 -40.23 -4.65
CA LYS M 64 54.47 -39.99 -6.08
C LYS M 64 53.22 -40.54 -6.74
N VAL M 65 52.60 -41.51 -6.09
CA VAL M 65 51.37 -42.12 -6.58
C VAL M 65 50.21 -41.43 -5.86
N GLU M 66 49.35 -40.76 -6.60
CA GLU M 66 48.26 -40.03 -5.98
C GLU M 66 46.87 -40.38 -6.49
N PRO M 67 45.91 -40.48 -5.57
CA PRO M 67 44.53 -40.76 -5.96
C PRO M 67 43.87 -39.46 -6.41
N ILE M 68 43.04 -39.54 -7.44
CA ILE M 68 42.33 -38.37 -7.93
C ILE M 68 40.92 -38.48 -7.39
N THR M 69 40.38 -39.69 -7.45
CA THR M 69 39.06 -40.01 -6.93
C THR M 69 39.17 -41.36 -6.24
N LYS M 70 38.04 -42.00 -6.01
CA LYS M 70 38.06 -43.31 -5.37
C LYS M 70 38.45 -44.39 -6.37
N HIS M 71 38.23 -44.12 -7.65
CA HIS M 71 38.54 -45.09 -8.70
C HIS M 71 39.64 -44.66 -9.67
N ILE M 72 40.29 -43.54 -9.41
CA ILE M 72 41.34 -43.06 -10.32
C ILE M 72 42.66 -42.73 -9.61
N GLY M 73 43.75 -43.27 -10.14
CA GLY M 73 45.06 -43.03 -9.57
C GLY M 73 46.02 -42.42 -10.57
N LEU M 74 47.00 -41.67 -10.09
CA LEU M 74 47.96 -41.01 -10.96
C LEU M 74 49.41 -41.25 -10.57
N VAL M 75 50.28 -41.20 -11.56
CA VAL M 75 51.72 -41.33 -11.38
C VAL M 75 52.37 -40.52 -12.49
N TYR M 76 53.58 -40.03 -12.25
CA TYR M 76 54.27 -39.22 -13.23
C TYR M 76 55.75 -39.52 -13.36
N SER M 77 56.36 -38.94 -14.39
CA SER M 77 57.77 -39.02 -14.64
C SER M 77 58.17 -37.62 -15.11
N GLY M 78 59.15 -37.02 -14.46
CA GLY M 78 59.58 -35.69 -14.84
C GLY M 78 59.72 -34.73 -13.67
N MET M 79 59.18 -33.54 -13.80
CA MET M 79 59.29 -32.53 -12.75
C MET M 79 58.21 -32.62 -11.68
N GLY M 80 58.63 -32.98 -10.46
CA GLY M 80 57.72 -33.13 -9.33
C GLY M 80 56.79 -31.98 -9.03
N PRO M 81 57.30 -30.74 -8.98
CA PRO M 81 56.44 -29.59 -8.67
C PRO M 81 55.40 -29.31 -9.76
N ASP M 82 55.70 -29.65 -11.02
CA ASP M 82 54.75 -29.45 -12.10
C ASP M 82 53.63 -30.48 -11.93
N TYR M 83 54.01 -31.66 -11.50
CA TYR M 83 53.09 -32.76 -11.25
C TYR M 83 52.07 -32.41 -10.18
N ARG M 84 52.50 -31.69 -9.14
CA ARG M 84 51.60 -31.27 -8.07
C ARG M 84 50.48 -30.39 -8.60
N VAL M 85 50.82 -29.49 -9.52
CA VAL M 85 49.84 -28.59 -10.13
C VAL M 85 48.74 -29.39 -10.83
N LEU M 86 49.15 -30.33 -11.67
CA LEU M 86 48.22 -31.17 -12.42
C LEU M 86 47.36 -32.06 -11.53
N VAL M 87 47.94 -32.57 -10.45
CA VAL M 87 47.20 -33.42 -9.53
C VAL M 87 46.07 -32.62 -8.90
N HIS M 88 46.38 -31.40 -8.48
CA HIS M 88 45.40 -30.53 -7.87
C HIS M 88 44.32 -30.15 -8.88
N ARG M 89 44.73 -29.92 -10.13
CA ARG M 89 43.78 -29.56 -11.16
C ARG M 89 42.91 -30.75 -11.56
N ALA M 90 43.48 -31.94 -11.56
CA ALA M 90 42.74 -33.15 -11.89
C ALA M 90 41.67 -33.44 -10.84
N ARG M 91 42.02 -33.23 -9.57
CA ARG M 91 41.08 -33.46 -8.48
C ARG M 91 39.92 -32.49 -8.59
N LYS M 92 40.22 -31.25 -8.96
CA LYS M 92 39.22 -30.22 -9.12
C LYS M 92 38.29 -30.56 -10.29
N LEU M 93 38.87 -31.00 -11.41
CA LEU M 93 38.09 -31.38 -12.57
C LEU M 93 37.15 -32.53 -12.26
N ALA M 94 37.63 -33.50 -11.51
CA ALA M 94 36.84 -34.66 -11.13
C ALA M 94 35.66 -34.27 -10.26
N GLN M 95 35.86 -33.31 -9.36
CA GLN M 95 34.80 -32.85 -8.47
C GLN M 95 33.75 -32.03 -9.24
N GLN M 96 34.19 -31.24 -10.21
CA GLN M 96 33.27 -30.44 -11.02
C GLN M 96 32.33 -31.36 -11.78
N TYR M 97 32.90 -32.41 -12.34
CA TYR M 97 32.15 -33.39 -13.09
C TYR M 97 31.14 -34.08 -12.17
N TYR M 98 31.58 -34.43 -10.97
CA TYR M 98 30.70 -35.09 -10.02
C TYR M 98 29.53 -34.20 -9.59
N LEU M 99 29.80 -32.91 -9.42
CA LEU M 99 28.76 -31.97 -9.02
C LEU M 99 27.64 -31.88 -10.06
N VAL M 100 28.00 -31.92 -11.33
CA VAL M 100 27.02 -31.82 -12.41
C VAL M 100 26.30 -33.13 -12.72
N TYR M 101 27.03 -34.22 -12.85
CA TYR M 101 26.43 -35.50 -13.22
C TYR M 101 26.11 -36.48 -12.11
N GLN M 102 26.52 -36.17 -10.90
CA GLN M 102 26.30 -37.01 -9.72
C GLN M 102 26.80 -38.45 -9.89
N GLU M 103 27.87 -38.62 -10.66
CA GLU M 103 28.47 -39.91 -10.90
C GLU M 103 29.99 -39.71 -11.04
N PRO M 104 30.77 -40.70 -10.60
CA PRO M 104 32.23 -40.59 -10.69
C PRO M 104 32.65 -40.41 -12.14
N ILE M 105 33.53 -39.45 -12.41
CA ILE M 105 33.98 -39.20 -13.77
C ILE M 105 34.71 -40.41 -14.35
N PRO M 106 34.34 -40.81 -15.57
CA PRO M 106 34.98 -41.94 -16.24
C PRO M 106 36.44 -41.58 -16.53
N THR M 107 37.34 -42.54 -16.37
CA THR M 107 38.77 -42.31 -16.58
C THR M 107 39.11 -41.59 -17.89
N ALA M 108 38.51 -42.02 -19.00
CA ALA M 108 38.77 -41.40 -20.29
C ALA M 108 38.35 -39.93 -20.30
N GLN M 109 37.24 -39.60 -19.65
CA GLN M 109 36.77 -38.23 -19.56
C GLN M 109 37.73 -37.37 -18.76
N LEU M 110 38.29 -37.92 -17.68
CA LEU M 110 39.22 -37.16 -16.86
C LEU M 110 40.54 -36.91 -17.58
N VAL M 111 41.03 -37.92 -18.29
CA VAL M 111 42.27 -37.79 -19.04
C VAL M 111 42.14 -36.69 -20.09
N GLN M 112 41.01 -36.67 -20.78
CA GLN M 112 40.76 -35.67 -21.80
C GLN M 112 40.81 -34.26 -21.22
N ARG M 113 40.22 -34.06 -20.05
CA ARG M 113 40.23 -32.77 -19.40
C ARG M 113 41.61 -32.35 -18.91
N VAL M 114 42.38 -33.31 -18.41
CA VAL M 114 43.72 -33.03 -17.92
C VAL M 114 44.64 -32.71 -19.10
N ALA M 115 44.46 -33.43 -20.19
CA ALA M 115 45.25 -33.23 -21.40
C ALA M 115 44.96 -31.86 -22.02
N SER M 116 43.71 -31.43 -21.91
CA SER M 116 43.29 -30.13 -22.41
C SER M 116 44.01 -29.02 -21.64
N VAL M 117 44.17 -29.19 -20.34
CA VAL M 117 44.87 -28.20 -19.53
C VAL M 117 46.34 -28.13 -19.95
N MET M 118 46.94 -29.28 -20.22
CA MET M 118 48.33 -29.36 -20.64
C MET M 118 48.53 -28.75 -22.03
N GLN M 119 47.53 -28.88 -22.89
CA GLN M 119 47.59 -28.32 -24.22
C GLN M 119 47.58 -26.80 -24.13
N GLU M 120 46.80 -26.27 -23.19
CA GLU M 120 46.67 -24.83 -22.94
C GLU M 120 48.02 -24.16 -22.62
N TYR M 121 48.90 -24.86 -21.90
CA TYR M 121 50.22 -24.35 -21.55
C TYR M 121 51.28 -24.39 -22.66
N THR M 122 50.89 -24.86 -23.84
CA THR M 122 51.78 -24.89 -24.99
C THR M 122 51.39 -23.80 -25.98
N GLN M 123 50.32 -23.07 -25.68
CA GLN M 123 49.84 -22.01 -26.57
C GLN M 123 49.54 -20.70 -25.85
N SER M 124 49.24 -20.77 -24.56
CA SER M 124 48.91 -19.58 -23.78
C SER M 124 50.12 -18.65 -23.56
N GLY M 125 49.84 -17.38 -23.29
CA GLY M 125 50.88 -16.39 -23.10
C GLY M 125 51.77 -16.46 -21.88
N GLY M 126 53.06 -16.17 -22.08
CA GLY M 126 54.06 -16.14 -21.03
C GLY M 126 54.34 -17.36 -20.18
N VAL M 127 54.01 -18.54 -20.68
CA VAL M 127 54.26 -19.74 -19.90
C VAL M 127 54.95 -20.84 -20.69
N ARG M 128 55.61 -21.73 -19.98
CA ARG M 128 56.25 -22.86 -20.60
C ARG M 128 55.35 -24.07 -20.41
N PRO M 129 55.57 -25.13 -21.21
CA PRO M 129 54.75 -26.32 -21.05
C PRO M 129 55.13 -27.07 -19.78
N PHE M 130 54.26 -27.96 -19.31
CA PHE M 130 54.54 -28.76 -18.13
C PHE M 130 55.66 -29.73 -18.49
N GLY M 131 56.59 -29.94 -17.56
CA GLY M 131 57.69 -30.85 -17.81
C GLY M 131 57.42 -32.21 -17.20
N VAL M 132 56.23 -32.74 -17.43
CA VAL M 132 55.87 -34.02 -16.85
C VAL M 132 54.97 -34.85 -17.77
N SER M 133 55.08 -36.17 -17.64
CA SER M 133 54.22 -37.08 -18.38
C SER M 133 53.43 -37.82 -17.32
N LEU M 134 52.15 -38.07 -17.58
CA LEU M 134 51.33 -38.74 -16.59
C LEU M 134 50.89 -40.14 -17.00
N LEU M 135 50.65 -40.96 -16.00
CA LEU M 135 50.13 -42.29 -16.19
C LEU M 135 48.87 -42.29 -15.35
N ILE M 136 47.73 -42.45 -15.99
CA ILE M 136 46.46 -42.46 -15.30
C ILE M 136 45.82 -43.83 -15.39
N CYS M 137 45.29 -44.30 -14.26
CA CYS M 137 44.63 -45.58 -14.23
C CYS M 137 43.25 -45.43 -13.62
N GLY M 138 42.35 -46.34 -13.94
CA GLY M 138 41.01 -46.27 -13.40
C GLY M 138 40.17 -47.49 -13.71
N TRP M 139 39.03 -47.57 -13.04
CA TRP M 139 38.11 -48.67 -13.22
C TRP M 139 36.70 -48.13 -13.42
N ASN M 140 36.17 -48.26 -14.63
CA ASN M 140 34.83 -47.79 -14.94
C ASN M 140 34.03 -48.88 -15.63
N GLU M 141 32.79 -49.04 -15.22
CA GLU M 141 31.89 -50.04 -15.80
C GLU M 141 32.52 -51.43 -15.91
N GLY M 142 32.95 -51.97 -14.78
CA GLY M 142 33.58 -53.28 -14.75
C GLY M 142 34.70 -53.44 -15.75
N ARG M 143 35.59 -52.46 -15.82
CA ARG M 143 36.72 -52.50 -16.75
C ARG M 143 37.85 -51.57 -16.31
N PRO M 144 39.10 -52.02 -16.47
CA PRO M 144 40.28 -51.24 -16.11
C PRO M 144 40.80 -50.38 -17.25
N TYR M 145 41.36 -49.21 -16.93
CA TYR M 145 41.90 -48.31 -17.95
C TYR M 145 43.30 -47.83 -17.60
N LEU M 146 44.10 -47.60 -18.64
CA LEU M 146 45.46 -47.10 -18.47
C LEU M 146 45.75 -46.09 -19.55
N PHE M 147 45.98 -44.84 -19.16
CA PHE M 147 46.25 -43.79 -20.13
C PHE M 147 47.57 -43.07 -19.84
N GLN M 148 48.14 -42.48 -20.88
CA GLN M 148 49.35 -41.70 -20.75
C GLN M 148 49.10 -40.33 -21.34
N SER M 149 49.42 -39.29 -20.58
CA SER M 149 49.24 -37.93 -21.05
C SER M 149 50.58 -37.19 -21.01
N ASP M 150 51.06 -36.74 -22.16
CA ASP M 150 52.35 -36.05 -22.22
C ASP M 150 52.26 -34.52 -22.23
N PRO M 151 53.42 -33.84 -22.21
CA PRO M 151 53.54 -32.37 -22.18
C PRO M 151 52.75 -31.63 -23.27
N SER M 152 52.64 -32.18 -24.46
CA SER M 152 51.92 -31.51 -25.54
C SER M 152 50.40 -31.49 -25.34
N GLY M 153 49.88 -32.45 -24.58
CA GLY M 153 48.46 -32.53 -24.38
C GLY M 153 47.86 -33.73 -25.08
N ALA M 154 48.71 -34.51 -25.73
CA ALA M 154 48.27 -35.71 -26.42
C ALA M 154 48.19 -36.83 -25.40
N TYR M 155 47.23 -37.74 -25.57
CA TYR M 155 47.07 -38.84 -24.65
C TYR M 155 46.80 -40.13 -25.41
N PHE M 156 47.31 -41.24 -24.89
CA PHE M 156 47.13 -42.56 -25.51
C PHE M 156 46.66 -43.60 -24.50
N ALA M 157 45.95 -44.60 -24.99
CA ALA M 157 45.48 -45.69 -24.15
C ALA M 157 46.50 -46.81 -24.28
N TRP M 158 46.97 -47.34 -23.17
CA TRP M 158 47.98 -48.40 -23.20
C TRP M 158 47.54 -49.67 -22.50
N LYS M 159 48.20 -50.77 -22.86
CA LYS M 159 47.97 -52.05 -22.21
C LYS M 159 49.02 -52.13 -21.11
N ALA M 160 50.21 -51.62 -21.41
CA ALA M 160 51.33 -51.58 -20.50
C ALA M 160 52.34 -50.59 -21.07
N THR M 161 52.95 -49.78 -20.23
CA THR M 161 53.92 -48.80 -20.71
C THR M 161 54.89 -48.36 -19.62
N ALA M 162 55.94 -47.67 -20.05
CA ALA M 162 56.95 -47.16 -19.13
C ALA M 162 57.41 -45.78 -19.58
N MET M 163 57.74 -44.92 -18.62
CA MET M 163 58.24 -43.59 -18.93
C MET M 163 59.45 -43.25 -18.04
N GLY M 164 60.11 -42.15 -18.35
CA GLY M 164 61.27 -41.73 -17.57
C GLY M 164 62.55 -42.40 -18.01
N LYS M 165 63.51 -42.44 -17.10
CA LYS M 165 64.81 -43.05 -17.35
C LYS M 165 64.71 -44.45 -17.92
N ASN M 166 65.41 -44.70 -19.02
CA ASN M 166 65.42 -46.01 -19.67
C ASN M 166 64.05 -46.55 -19.99
N TYR M 167 63.15 -45.70 -20.49
CA TYR M 167 61.81 -46.14 -20.82
C TYR M 167 61.77 -47.01 -22.08
N VAL M 168 62.70 -46.77 -23.00
CA VAL M 168 62.75 -47.53 -24.24
C VAL M 168 63.04 -49.01 -24.01
N ASN M 169 63.89 -49.31 -23.04
CA ASN M 169 64.21 -50.69 -22.71
C ASN M 169 63.06 -51.30 -21.92
N GLY M 170 62.45 -50.50 -21.08
CA GLY M 170 61.32 -50.93 -20.27
C GLY M 170 60.15 -51.35 -21.13
N LYS M 171 59.92 -50.61 -22.21
CA LYS M 171 58.83 -50.93 -23.12
C LYS M 171 59.11 -52.24 -23.85
N THR M 172 60.38 -52.46 -24.21
CA THR M 172 60.74 -53.69 -24.91
C THR M 172 60.63 -54.87 -23.96
N PHE M 173 60.96 -54.64 -22.69
CA PHE M 173 60.87 -55.70 -21.69
C PHE M 173 59.41 -56.07 -21.49
N LEU M 174 58.55 -55.05 -21.43
CA LEU M 174 57.12 -55.24 -21.24
C LEU M 174 56.49 -55.99 -22.42
N GLU M 175 56.96 -55.72 -23.63
CA GLU M 175 56.43 -56.38 -24.81
C GLU M 175 56.69 -57.88 -24.82
N LYS M 176 57.84 -58.28 -24.27
CA LYS M 176 58.22 -59.69 -24.20
C LYS M 176 57.82 -60.35 -22.89
N ARG M 177 56.94 -59.71 -22.12
CA ARG M 177 56.52 -60.26 -20.84
C ARG M 177 55.02 -60.12 -20.53
N TYR M 178 54.39 -59.14 -21.17
CA TYR M 178 52.97 -58.85 -20.98
C TYR M 178 52.06 -59.70 -21.85
N ASN M 179 50.97 -60.19 -21.27
CA ASN M 179 49.98 -60.98 -21.98
C ASN M 179 48.61 -60.47 -21.52
N GLU M 180 47.60 -60.65 -22.35
CA GLU M 180 46.25 -60.17 -22.05
C GLU M 180 45.51 -60.90 -20.92
N ASP M 181 45.90 -62.13 -20.61
CA ASP M 181 45.22 -62.89 -19.56
C ASP M 181 45.86 -62.74 -18.19
N LEU M 182 46.78 -61.80 -18.07
CA LEU M 182 47.48 -61.53 -16.83
C LEU M 182 46.53 -61.07 -15.73
N GLU M 183 46.85 -61.42 -14.48
CA GLU M 183 46.03 -61.03 -13.33
C GLU M 183 46.75 -59.94 -12.54
N LEU M 184 45.99 -59.21 -11.71
CA LEU M 184 46.56 -58.13 -10.91
C LEU M 184 47.81 -58.51 -10.14
N GLU M 185 47.75 -59.63 -9.42
CA GLU M 185 48.91 -60.09 -8.64
C GLU M 185 50.09 -60.36 -9.57
N ASP M 186 49.82 -61.00 -10.71
CA ASP M 186 50.85 -61.29 -11.70
C ASP M 186 51.34 -60.00 -12.34
N ALA M 187 50.44 -59.04 -12.52
CA ALA M 187 50.76 -57.76 -13.10
C ALA M 187 51.66 -56.96 -12.16
N ILE M 188 51.43 -57.09 -10.87
CA ILE M 188 52.22 -56.40 -9.87
C ILE M 188 53.64 -56.92 -9.86
N HIS M 189 53.80 -58.22 -10.07
CA HIS M 189 55.12 -58.84 -10.08
C HIS M 189 55.95 -58.37 -11.27
N THR M 190 55.35 -58.38 -12.46
CA THR M 190 56.06 -57.97 -13.65
C THR M 190 56.29 -56.46 -13.70
N ALA M 191 55.53 -55.71 -12.91
CA ALA M 191 55.69 -54.26 -12.85
C ALA M 191 56.95 -53.92 -12.05
N ILE M 192 57.15 -54.65 -10.95
CA ILE M 192 58.31 -54.45 -10.10
C ILE M 192 59.56 -54.92 -10.82
N LEU M 193 59.42 -55.98 -11.62
CA LEU M 193 60.54 -56.52 -12.37
C LEU M 193 61.00 -55.55 -13.45
N THR M 194 60.06 -54.82 -14.02
CA THR M 194 60.37 -53.83 -15.05
C THR M 194 61.20 -52.70 -14.45
N LEU M 195 60.88 -52.31 -13.23
CA LEU M 195 61.58 -51.26 -12.53
C LEU M 195 62.97 -51.73 -12.14
N LYS M 196 63.09 -53.03 -11.89
CA LYS M 196 64.35 -53.65 -11.49
C LYS M 196 65.41 -53.65 -12.59
N GLU M 197 64.96 -53.65 -13.84
CA GLU M 197 65.86 -53.66 -14.97
C GLU M 197 66.64 -52.36 -15.09
N SER M 198 66.02 -51.25 -14.69
CA SER M 198 66.68 -49.95 -14.76
C SER M 198 67.07 -49.42 -13.39
N PHE M 199 66.79 -50.19 -12.35
CA PHE M 199 67.11 -49.75 -10.98
C PHE M 199 68.62 -49.72 -10.72
N GLU M 200 69.01 -48.90 -9.75
CA GLU M 200 70.42 -48.77 -9.39
C GLU M 200 70.88 -49.90 -8.48
N GLY M 201 70.80 -49.67 -7.17
CA GLY M 201 71.22 -50.67 -6.21
C GLY M 201 70.28 -50.90 -5.05
N GLN M 202 69.87 -52.15 -4.88
CA GLN M 202 68.98 -52.61 -3.82
C GLN M 202 67.57 -52.01 -3.75
N MET M 203 66.63 -52.70 -4.38
CA MET M 203 65.25 -52.26 -4.37
C MET M 203 64.58 -52.72 -3.08
N THR M 204 64.25 -51.76 -2.20
CA THR M 204 63.59 -52.08 -0.95
C THR M 204 62.15 -51.63 -1.03
N GLU M 205 61.46 -51.62 0.10
CA GLU M 205 60.06 -51.19 0.13
C GLU M 205 59.94 -49.70 0.43
N ASP M 206 61.06 -49.03 0.60
CA ASP M 206 61.08 -47.61 0.89
C ASP M 206 61.50 -46.78 -0.31
N ASN M 207 62.09 -47.42 -1.33
CA ASN M 207 62.52 -46.69 -2.51
C ASN M 207 61.66 -46.93 -3.74
N ILE M 208 60.47 -47.50 -3.54
CA ILE M 208 59.53 -47.72 -4.62
C ILE M 208 58.11 -47.53 -4.13
N GLU M 209 57.27 -47.00 -5.00
CA GLU M 209 55.87 -46.77 -4.66
C GLU M 209 54.99 -47.54 -5.64
N VAL M 210 53.97 -48.22 -5.11
CA VAL M 210 53.07 -49.00 -5.94
C VAL M 210 51.62 -48.64 -5.65
N GLY M 211 50.84 -48.47 -6.71
CA GLY M 211 49.44 -48.16 -6.59
C GLY M 211 48.67 -49.18 -7.40
N ILE M 212 47.51 -49.58 -6.91
CA ILE M 212 46.70 -50.57 -7.61
C ILE M 212 45.28 -50.07 -7.82
N CYS M 213 44.67 -50.54 -8.90
CA CYS M 213 43.32 -50.14 -9.23
C CYS M 213 42.46 -51.35 -9.61
N ASN M 214 41.44 -51.62 -8.81
CA ASN M 214 40.54 -52.74 -9.10
C ASN M 214 39.09 -52.31 -8.91
N GLU M 215 38.21 -53.28 -8.72
CA GLU M 215 36.79 -53.00 -8.53
C GLU M 215 36.49 -52.31 -7.19
N ALA M 216 37.33 -52.57 -6.19
CA ALA M 216 37.19 -51.96 -4.88
C ALA M 216 37.56 -50.47 -4.90
N GLY M 217 38.42 -50.08 -5.84
CA GLY M 217 38.85 -48.70 -5.95
C GLY M 217 40.35 -48.60 -6.15
N PHE M 218 40.86 -47.38 -6.17
CA PHE M 218 42.29 -47.17 -6.33
C PHE M 218 42.92 -46.93 -4.96
N ARG M 219 44.02 -47.61 -4.68
CA ARG M 219 44.70 -47.40 -3.41
C ARG M 219 46.21 -47.55 -3.55
N ARG M 220 46.94 -46.79 -2.75
CA ARG M 220 48.39 -46.86 -2.74
C ARG M 220 48.77 -48.03 -1.85
N LEU M 221 49.61 -48.92 -2.36
CA LEU M 221 50.03 -50.08 -1.59
C LEU M 221 50.85 -49.65 -0.38
N THR M 222 50.55 -50.23 0.77
CA THR M 222 51.28 -49.92 1.99
C THR M 222 52.65 -50.57 1.92
N PRO M 223 53.65 -49.96 2.59
CA PRO M 223 55.02 -50.48 2.60
C PRO M 223 55.08 -51.94 3.02
N THR M 224 54.25 -52.34 3.97
CA THR M 224 54.23 -53.72 4.43
C THR M 224 53.84 -54.63 3.26
N GLU M 225 52.81 -54.22 2.52
CA GLU M 225 52.34 -54.98 1.37
C GLU M 225 53.41 -55.07 0.28
N VAL M 226 54.11 -53.97 0.04
CA VAL M 226 55.16 -53.94 -0.97
C VAL M 226 56.32 -54.87 -0.63
N LYS M 227 56.63 -54.98 0.66
CA LYS M 227 57.69 -55.86 1.14
C LYS M 227 57.40 -57.31 0.78
N ASP M 228 56.14 -57.71 0.93
CA ASP M 228 55.73 -59.07 0.61
C ASP M 228 55.94 -59.39 -0.86
N TYR M 229 55.64 -58.43 -1.73
CA TYR M 229 55.80 -58.64 -3.18
C TYR M 229 57.27 -58.71 -3.55
N LEU M 230 58.10 -57.94 -2.85
CA LEU M 230 59.54 -57.94 -3.11
C LEU M 230 60.18 -59.22 -2.63
N GLY N 7 73.45 -10.85 -21.94
CA GLY N 7 73.09 -9.82 -20.97
C GLY N 7 72.21 -10.36 -19.87
N TYR N 8 72.78 -10.52 -18.68
CA TYR N 8 72.06 -11.02 -17.52
C TYR N 8 71.64 -9.91 -16.57
N ASP N 9 71.99 -8.68 -16.90
CA ASP N 9 71.69 -7.57 -16.02
C ASP N 9 70.72 -6.53 -16.60
N LEU N 10 69.83 -6.96 -17.48
CA LEU N 10 68.88 -6.04 -18.08
C LEU N 10 67.54 -6.01 -17.37
N SER N 11 67.21 -7.08 -16.66
CA SER N 11 65.93 -7.17 -15.97
C SER N 11 66.04 -7.60 -14.51
N ALA N 12 65.06 -7.21 -13.71
CA ALA N 12 65.00 -7.57 -12.30
C ALA N 12 64.46 -8.99 -12.11
N SER N 13 63.83 -9.53 -13.15
CA SER N 13 63.30 -10.89 -13.09
C SER N 13 64.28 -11.91 -13.68
N THR N 14 65.54 -11.52 -13.81
CA THR N 14 66.58 -12.42 -14.33
C THR N 14 67.72 -12.58 -13.33
N PHE N 15 67.99 -13.82 -12.98
CA PHE N 15 69.07 -14.15 -12.08
C PHE N 15 70.29 -14.37 -12.95
N SER N 16 71.44 -13.93 -12.49
CA SER N 16 72.66 -14.16 -13.23
C SER N 16 73.15 -15.56 -12.86
N PRO N 17 74.08 -16.13 -13.65
CA PRO N 17 74.63 -17.46 -13.38
C PRO N 17 75.18 -17.69 -11.96
N ASP N 18 75.74 -16.68 -11.31
CA ASP N 18 76.23 -16.85 -9.94
C ASP N 18 75.19 -16.45 -8.88
N GLY N 19 73.92 -16.41 -9.26
CA GLY N 19 72.82 -16.10 -8.36
C GLY N 19 72.62 -14.67 -7.93
N ARG N 20 72.83 -13.72 -8.82
CA ARG N 20 72.66 -12.31 -8.46
C ARG N 20 71.66 -11.60 -9.35
N VAL N 21 71.01 -10.57 -8.81
CA VAL N 21 70.09 -9.76 -9.56
C VAL N 21 70.81 -8.45 -9.78
N PHE N 22 71.50 -8.34 -10.92
CA PHE N 22 72.29 -7.15 -11.24
C PHE N 22 71.54 -5.82 -11.27
N GLN N 23 70.26 -5.84 -11.65
CA GLN N 23 69.47 -4.61 -11.68
C GLN N 23 69.32 -3.99 -10.29
N VAL N 24 69.18 -4.83 -9.27
CA VAL N 24 69.03 -4.35 -7.89
C VAL N 24 70.35 -3.75 -7.42
N GLU N 25 71.45 -4.32 -7.88
CA GLU N 25 72.78 -3.83 -7.50
C GLU N 25 73.12 -2.52 -8.21
N TYR N 26 72.56 -2.31 -9.40
CA TYR N 26 72.79 -1.09 -10.16
C TYR N 26 72.02 0.05 -9.51
N ALA N 27 70.89 -0.26 -8.90
CA ALA N 27 70.08 0.72 -8.20
C ALA N 27 70.79 1.17 -6.90
N MET N 28 71.59 0.28 -6.32
CA MET N 28 72.36 0.59 -5.13
C MET N 28 73.53 1.53 -5.44
N LYS N 29 74.00 1.53 -6.68
CA LYS N 29 75.08 2.41 -7.11
C LYS N 29 74.60 3.85 -7.06
N ALA N 30 73.34 4.06 -7.45
CA ALA N 30 72.71 5.39 -7.43
C ALA N 30 72.68 5.97 -6.02
N VAL N 31 72.45 5.13 -5.01
CA VAL N 31 72.45 5.56 -3.62
C VAL N 31 73.85 5.96 -3.19
N GLU N 32 74.85 5.24 -3.69
CA GLU N 32 76.25 5.50 -3.36
C GLU N 32 76.81 6.76 -4.02
N ASN N 33 76.05 7.34 -4.94
CA ASN N 33 76.48 8.55 -5.61
C ASN N 33 75.93 9.77 -4.89
N SER N 34 74.90 9.55 -4.07
CA SER N 34 74.25 10.62 -3.33
C SER N 34 75.05 11.11 -2.13
N SER N 35 74.63 12.24 -1.58
CA SER N 35 75.28 12.81 -0.41
C SER N 35 74.92 12.02 0.84
N THR N 36 75.76 12.13 1.85
CA THR N 36 75.58 11.39 3.10
C THR N 36 74.46 11.90 4.02
N ALA N 37 73.78 10.95 4.65
CA ALA N 37 72.73 11.23 5.61
C ALA N 37 72.97 10.25 6.74
N ILE N 38 72.94 10.74 7.96
CA ILE N 38 73.18 9.86 9.10
C ILE N 38 72.06 9.92 10.12
N GLY N 39 71.88 8.82 10.84
CA GLY N 39 70.86 8.74 11.86
C GLY N 39 71.48 8.16 13.10
N ILE N 40 71.23 8.80 14.23
CA ILE N 40 71.79 8.32 15.49
C ILE N 40 70.69 8.12 16.51
N ARG N 41 70.66 6.95 17.11
CA ARG N 41 69.68 6.63 18.12
C ARG N 41 70.33 6.72 19.49
N CYS N 42 69.79 7.57 20.35
CA CYS N 42 70.31 7.72 21.69
C CYS N 42 69.31 7.19 22.69
N LYS N 43 69.42 7.65 23.93
CA LYS N 43 68.51 7.21 24.99
C LYS N 43 67.16 7.91 24.92
N ASP N 44 67.16 9.20 24.57
CA ASP N 44 65.93 9.98 24.52
C ASP N 44 65.19 10.02 23.19
N GLY N 45 65.88 9.73 22.09
CA GLY N 45 65.24 9.76 20.79
C GLY N 45 66.15 9.50 19.61
N VAL N 46 65.81 10.07 18.46
CA VAL N 46 66.59 9.88 17.23
C VAL N 46 66.88 11.22 16.56
N VAL N 47 68.13 11.41 16.13
CA VAL N 47 68.51 12.64 15.45
C VAL N 47 68.92 12.32 14.02
N PHE N 48 68.44 13.12 13.08
CA PHE N 48 68.78 12.92 11.68
C PHE N 48 69.62 14.09 11.16
N GLY N 49 70.62 13.78 10.35
CA GLY N 49 71.49 14.80 9.79
C GLY N 49 71.80 14.51 8.34
N VAL N 50 71.58 15.49 7.48
CA VAL N 50 71.83 15.32 6.06
C VAL N 50 72.74 16.42 5.52
N GLU N 51 73.70 16.04 4.68
CA GLU N 51 74.59 16.98 4.04
C GLU N 51 73.96 17.31 2.70
N LYS N 52 73.04 18.28 2.69
CA LYS N 52 72.34 18.67 1.47
C LYS N 52 73.20 19.57 0.59
N LEU N 53 73.69 19.02 -0.51
CA LEU N 53 74.51 19.77 -1.45
C LEU N 53 73.73 20.84 -2.18
N VAL N 54 74.26 22.06 -2.17
CA VAL N 54 73.64 23.16 -2.86
C VAL N 54 74.30 23.27 -4.23
N LEU N 55 73.63 22.73 -5.24
CA LEU N 55 74.15 22.70 -6.61
C LEU N 55 74.12 24.02 -7.37
N SER N 56 73.47 25.03 -6.81
CA SER N 56 73.41 26.33 -7.45
C SER N 56 73.08 27.38 -6.42
N LYS N 57 73.53 28.62 -6.68
CA LYS N 57 73.27 29.74 -5.79
C LYS N 57 71.86 30.30 -5.99
N LEU N 58 71.26 29.97 -7.13
CA LEU N 58 69.93 30.40 -7.50
C LEU N 58 68.83 29.71 -6.68
N TYR N 59 69.13 28.56 -6.11
CA TYR N 59 68.17 27.82 -5.30
C TYR N 59 67.95 28.48 -3.95
N GLU N 60 66.72 28.40 -3.45
CA GLU N 60 66.39 28.95 -2.15
C GLU N 60 66.84 28.00 -1.06
N GLU N 61 67.03 28.51 0.15
CA GLU N 61 67.44 27.66 1.26
C GLU N 61 66.25 26.81 1.67
N GLY N 62 66.46 25.50 1.74
CA GLY N 62 65.40 24.59 2.09
C GLY N 62 64.85 23.86 0.88
N SER N 63 65.44 24.13 -0.27
CA SER N 63 65.01 23.49 -1.51
C SER N 63 65.52 22.05 -1.56
N ASN N 64 64.72 21.17 -2.15
CA ASN N 64 65.07 19.76 -2.27
C ASN N 64 65.48 19.17 -0.93
N LYS N 65 64.60 19.27 0.06
CA LYS N 65 64.88 18.73 1.38
C LYS N 65 64.94 17.20 1.33
N ARG N 66 65.77 16.62 2.17
CA ARG N 66 65.90 15.18 2.21
C ARG N 66 65.38 14.60 3.52
N LEU N 67 64.71 15.43 4.32
CA LEU N 67 64.14 15.02 5.59
C LEU N 67 62.63 15.18 5.53
N PHE N 68 61.91 14.08 5.68
CA PHE N 68 60.46 14.11 5.59
C PHE N 68 59.75 13.72 6.88
N ASN N 69 58.47 14.07 6.94
CA ASN N 69 57.62 13.70 8.06
C ASN N 69 56.63 12.73 7.44
N VAL N 70 56.71 11.45 7.80
CA VAL N 70 55.78 10.47 7.23
C VAL N 70 54.59 10.23 8.15
N ASP N 71 54.72 10.72 9.37
CA ASP N 71 53.70 10.64 10.41
C ASP N 71 54.07 11.60 11.53
N ARG N 72 53.15 11.84 12.45
CA ARG N 72 53.39 12.73 13.60
C ARG N 72 54.65 12.38 14.39
N HIS N 73 54.87 11.09 14.62
CA HIS N 73 56.01 10.60 15.38
C HIS N 73 57.12 9.97 14.54
N VAL N 74 57.02 10.05 13.21
CA VAL N 74 58.03 9.42 12.36
C VAL N 74 58.74 10.33 11.34
N GLY N 75 60.06 10.30 11.35
CA GLY N 75 60.87 11.07 10.44
C GLY N 75 61.58 10.16 9.45
N MET N 76 61.86 10.68 8.25
CA MET N 76 62.51 9.89 7.21
C MET N 76 63.66 10.64 6.54
N ALA N 77 64.84 10.04 6.56
CA ALA N 77 66.02 10.63 5.94
C ALA N 77 66.32 9.79 4.70
N VAL N 78 66.52 10.45 3.56
CA VAL N 78 66.75 9.71 2.32
C VAL N 78 68.06 10.01 1.60
N ALA N 79 68.47 9.10 0.73
CA ALA N 79 69.66 9.22 -0.09
C ALA N 79 69.42 8.53 -1.43
N GLY N 80 69.89 9.14 -2.51
CA GLY N 80 69.71 8.58 -3.83
C GLY N 80 68.84 9.44 -4.73
N LEU N 81 68.05 8.82 -5.59
CA LEU N 81 67.16 9.54 -6.51
C LEU N 81 66.05 10.22 -5.73
N LEU N 82 66.09 11.55 -5.66
CA LEU N 82 65.08 12.30 -4.93
C LEU N 82 63.64 12.02 -5.34
N ALA N 83 63.39 11.84 -6.64
CA ALA N 83 62.04 11.56 -7.12
C ALA N 83 61.56 10.20 -6.65
N ASP N 84 62.45 9.22 -6.62
CA ASP N 84 62.13 7.89 -6.14
C ASP N 84 61.85 7.94 -4.65
N ALA N 85 62.66 8.72 -3.94
CA ALA N 85 62.53 8.87 -2.50
C ALA N 85 61.23 9.57 -2.10
N ARG N 86 60.83 10.58 -2.87
CA ARG N 86 59.60 11.29 -2.58
C ARG N 86 58.40 10.36 -2.73
N SER N 87 58.47 9.45 -3.69
CA SER N 87 57.43 8.48 -3.93
C SER N 87 57.32 7.52 -2.75
N LEU N 88 58.47 7.11 -2.23
CA LEU N 88 58.52 6.19 -1.10
C LEU N 88 57.99 6.86 0.15
N ALA N 89 58.22 8.16 0.30
CA ALA N 89 57.73 8.91 1.44
C ALA N 89 56.19 8.97 1.40
N ASP N 90 55.62 9.09 0.21
CA ASP N 90 54.17 9.11 0.06
C ASP N 90 53.59 7.75 0.38
N ILE N 91 54.30 6.69 0.02
CA ILE N 91 53.86 5.33 0.28
C ILE N 91 53.83 5.09 1.80
N ALA N 92 54.85 5.60 2.48
CA ALA N 92 54.97 5.45 3.92
C ALA N 92 53.88 6.24 4.67
N ARG N 93 53.59 7.45 4.18
CA ARG N 93 52.58 8.31 4.79
C ARG N 93 51.22 7.65 4.71
N GLU N 94 50.94 7.06 3.57
CA GLU N 94 49.68 6.40 3.33
C GLU N 94 49.55 5.15 4.20
N GLU N 95 50.67 4.47 4.41
CA GLU N 95 50.69 3.27 5.24
C GLU N 95 50.40 3.61 6.70
N ALA N 96 50.97 4.72 7.18
CA ALA N 96 50.76 5.16 8.54
C ALA N 96 49.30 5.60 8.74
N SER N 97 48.79 6.34 7.77
CA SER N 97 47.42 6.81 7.83
C SER N 97 46.43 5.65 7.78
N ASN N 98 46.74 4.66 6.96
CA ASN N 98 45.89 3.48 6.83
C ASN N 98 45.84 2.68 8.13
N PHE N 99 46.97 2.58 8.81
CA PHE N 99 47.05 1.86 10.07
C PHE N 99 46.23 2.53 11.16
N ARG N 100 46.25 3.86 11.20
CA ARG N 100 45.48 4.61 12.19
C ARG N 100 43.99 4.41 11.97
N SER N 101 43.56 4.34 10.71
CA SER N 101 42.17 4.14 10.38
C SER N 101 41.68 2.74 10.77
N ASN N 102 42.48 1.73 10.50
CA ASN N 102 42.09 0.34 10.79
C ASN N 102 42.19 -0.09 12.25
N PHE N 103 43.24 0.35 12.94
CA PHE N 103 43.44 -0.08 14.32
C PHE N 103 43.28 0.97 15.40
N GLY N 104 43.09 2.21 15.00
CA GLY N 104 42.87 3.29 15.95
C GLY N 104 44.01 3.89 16.75
N TYR N 105 45.26 3.65 16.35
CA TYR N 105 46.41 4.21 17.07
C TYR N 105 47.67 4.36 16.20
N ASN N 106 48.67 5.07 16.72
CA ASN N 106 49.93 5.31 16.02
C ASN N 106 50.65 4.03 15.61
N ILE N 107 50.93 3.90 14.32
CA ILE N 107 51.61 2.72 13.83
C ILE N 107 52.99 2.56 14.45
N PRO N 108 53.31 1.35 14.95
CA PRO N 108 54.64 1.10 15.51
C PRO N 108 55.68 1.22 14.40
N LEU N 109 56.83 1.81 14.69
CA LEU N 109 57.87 2.01 13.68
C LEU N 109 58.31 0.74 12.97
N LYS N 110 58.56 -0.33 13.73
CA LYS N 110 58.99 -1.59 13.16
C LYS N 110 58.01 -2.14 12.14
N HIS N 111 56.71 -2.03 12.44
CA HIS N 111 55.69 -2.50 11.52
C HIS N 111 55.65 -1.62 10.27
N LEU N 112 55.86 -0.31 10.45
CA LEU N 112 55.86 0.62 9.33
C LEU N 112 57.05 0.34 8.43
N ALA N 113 58.19 0.02 9.03
CA ALA N 113 59.40 -0.30 8.29
C ALA N 113 59.23 -1.59 7.49
N ASP N 114 58.50 -2.54 8.06
CA ASP N 114 58.23 -3.81 7.41
C ASP N 114 57.36 -3.62 6.17
N ARG N 115 56.29 -2.84 6.31
CA ARG N 115 55.36 -2.59 5.20
C ARG N 115 56.04 -1.90 4.04
N VAL N 116 56.77 -0.84 4.33
CA VAL N 116 57.46 -0.08 3.29
C VAL N 116 58.53 -0.93 2.60
N ALA N 117 59.26 -1.72 3.39
CA ALA N 117 60.30 -2.58 2.83
C ALA N 117 59.75 -3.61 1.87
N MET N 118 58.57 -4.15 2.16
CA MET N 118 57.96 -5.15 1.29
C MET N 118 57.45 -4.49 0.02
N TYR N 119 57.04 -3.23 0.13
CA TYR N 119 56.60 -2.48 -1.03
C TYR N 119 57.83 -2.26 -1.92
N VAL N 120 58.95 -1.93 -1.29
CA VAL N 120 60.21 -1.73 -1.99
C VAL N 120 60.63 -3.05 -2.62
N HIS N 121 60.50 -4.15 -1.88
CA HIS N 121 60.86 -5.48 -2.36
C HIS N 121 60.07 -5.93 -3.60
N ALA N 122 58.82 -5.48 -3.73
CA ALA N 122 57.97 -5.79 -4.88
C ALA N 122 58.46 -5.26 -6.24
N TYR N 123 59.32 -4.24 -6.24
CA TYR N 123 59.90 -3.71 -7.46
C TYR N 123 61.21 -4.38 -7.85
N THR N 124 61.55 -5.51 -7.23
CA THR N 124 62.78 -6.22 -7.54
C THR N 124 62.54 -7.63 -8.08
N LEU N 125 61.33 -7.93 -8.54
CA LEU N 125 61.02 -9.27 -9.02
C LEU N 125 60.63 -9.38 -10.48
N TYR N 126 60.25 -8.25 -11.08
CA TYR N 126 59.75 -8.26 -12.46
C TYR N 126 60.51 -7.45 -13.48
N SER N 127 60.21 -7.70 -14.73
CA SER N 127 60.80 -6.94 -15.82
C SER N 127 59.91 -5.72 -16.09
N ALA N 128 58.65 -5.80 -15.67
CA ALA N 128 57.67 -4.74 -15.84
C ALA N 128 58.00 -3.45 -15.08
N VAL N 129 58.72 -3.56 -13.97
CA VAL N 129 59.09 -2.39 -13.19
C VAL N 129 60.57 -2.43 -12.85
N ARG N 130 61.12 -1.31 -12.41
CA ARG N 130 62.52 -1.26 -12.03
C ARG N 130 62.65 -0.96 -10.54
N PRO N 131 63.72 -1.46 -9.92
CA PRO N 131 64.01 -1.24 -8.50
C PRO N 131 64.15 0.24 -8.15
N PHE N 132 63.70 0.62 -6.97
CA PHE N 132 63.80 2.01 -6.50
C PHE N 132 65.27 2.37 -6.36
N GLY N 133 65.61 3.61 -6.70
CA GLY N 133 66.99 4.05 -6.62
C GLY N 133 67.35 4.86 -5.39
N CYS N 134 66.84 4.45 -4.24
CA CYS N 134 67.14 5.19 -3.03
C CYS N 134 67.15 4.34 -1.76
N SER N 135 67.71 4.92 -0.71
CA SER N 135 67.80 4.29 0.59
C SER N 135 67.26 5.31 1.58
N PHE N 136 66.65 4.84 2.66
CA PHE N 136 66.12 5.77 3.63
C PHE N 136 66.15 5.23 5.06
N MET N 137 66.11 6.14 6.01
CA MET N 137 66.11 5.77 7.42
C MET N 137 64.79 6.22 8.03
N LEU N 138 64.32 5.47 9.00
CA LEU N 138 63.08 5.81 9.69
C LEU N 138 63.36 5.91 11.18
N GLY N 139 63.10 7.07 11.75
CA GLY N 139 63.34 7.29 13.17
C GLY N 139 62.04 7.63 13.86
N SER N 140 61.90 7.19 15.09
CA SER N 140 60.69 7.44 15.84
C SER N 140 60.91 7.33 17.33
N TYR N 141 59.96 7.85 18.10
CA TYR N 141 60.02 7.78 19.54
C TYR N 141 58.64 7.83 20.20
N SER N 142 58.40 6.92 21.14
CA SER N 142 57.15 6.88 21.88
C SER N 142 57.47 6.35 23.26
N VAL N 143 56.66 6.71 24.25
CA VAL N 143 56.88 6.24 25.61
C VAL N 143 56.96 4.73 25.68
N ASN N 144 56.01 4.05 25.05
CA ASN N 144 55.94 2.60 25.05
C ASN N 144 57.11 1.90 24.36
N ASP N 145 57.39 2.28 23.10
CA ASP N 145 58.45 1.66 22.33
C ASP N 145 59.86 2.21 22.53
N GLY N 146 59.96 3.49 22.91
CA GLY N 146 61.26 4.10 23.08
C GLY N 146 61.75 4.61 21.74
N ALA N 147 63.05 4.78 21.59
CA ALA N 147 63.63 5.26 20.34
C ALA N 147 63.85 4.11 19.36
N GLN N 148 63.50 4.33 18.09
CA GLN N 148 63.67 3.32 17.05
C GLN N 148 64.25 3.94 15.79
N LEU N 149 65.14 3.21 15.14
CA LEU N 149 65.80 3.67 13.93
C LEU N 149 65.98 2.51 12.97
N TYR N 150 65.34 2.61 11.81
CA TYR N 150 65.43 1.57 10.80
C TYR N 150 65.95 2.10 9.48
N MET N 151 66.60 1.23 8.72
CA MET N 151 67.12 1.62 7.43
C MET N 151 66.72 0.59 6.37
N ILE N 152 66.22 1.08 5.24
CA ILE N 152 65.80 0.22 4.16
C ILE N 152 66.54 0.58 2.89
N ASP N 153 67.09 -0.41 2.20
CA ASP N 153 67.78 -0.13 0.95
C ASP N 153 66.96 -0.62 -0.25
N PRO N 154 67.45 -0.39 -1.47
CA PRO N 154 66.79 -0.77 -2.72
C PRO N 154 66.33 -2.23 -2.88
N SER N 155 67.00 -3.19 -2.23
CA SER N 155 66.59 -4.58 -2.33
C SER N 155 65.38 -4.90 -1.46
N GLY N 156 65.12 -4.06 -0.47
CA GLY N 156 63.98 -4.27 0.40
C GLY N 156 64.33 -4.77 1.79
N VAL N 157 65.60 -4.94 2.09
CA VAL N 157 66.01 -5.40 3.41
C VAL N 157 65.99 -4.24 4.40
N SER N 158 65.42 -4.47 5.57
CA SER N 158 65.35 -3.45 6.61
C SER N 158 65.85 -3.98 7.95
N TYR N 159 66.62 -3.15 8.65
CA TYR N 159 67.17 -3.52 9.95
C TYR N 159 67.07 -2.37 10.93
N GLY N 160 67.19 -2.69 12.21
CA GLY N 160 67.18 -1.68 13.26
C GLY N 160 68.63 -1.32 13.55
N TYR N 161 68.88 -0.05 13.83
CA TYR N 161 70.25 0.39 14.09
C TYR N 161 70.39 1.29 15.30
N TRP N 162 71.61 1.37 15.79
CA TRP N 162 71.96 2.26 16.89
C TRP N 162 72.49 3.55 16.26
N GLY N 163 73.11 3.41 15.10
CA GLY N 163 73.65 4.51 14.34
C GLY N 163 73.70 4.01 12.91
N CYS N 164 73.40 4.87 11.95
CA CYS N 164 73.41 4.46 10.56
C CYS N 164 73.83 5.60 9.64
N ALA N 165 74.36 5.25 8.48
CA ALA N 165 74.77 6.25 7.51
C ALA N 165 74.50 5.73 6.11
N ILE N 166 74.05 6.61 5.23
CA ILE N 166 73.77 6.24 3.85
C ILE N 166 74.31 7.33 2.94
N GLY N 167 74.69 6.96 1.72
CA GLY N 167 75.23 7.93 0.79
C GLY N 167 76.65 7.59 0.41
N LYS N 168 77.34 8.53 -0.22
CA LYS N 168 78.71 8.31 -0.67
C LYS N 168 79.75 8.05 0.43
N ALA N 169 79.72 8.84 1.49
CA ALA N 169 80.68 8.67 2.58
C ALA N 169 80.09 7.88 3.72
N ARG N 170 79.38 6.81 3.40
CA ARG N 170 78.75 5.97 4.42
C ARG N 170 79.76 5.22 5.30
N GLN N 171 80.90 4.87 4.72
CA GLN N 171 81.92 4.15 5.45
C GLN N 171 82.67 5.06 6.40
N ALA N 172 83.05 6.24 5.92
CA ALA N 172 83.77 7.21 6.74
C ALA N 172 82.89 7.72 7.87
N ALA N 173 81.60 7.90 7.58
CA ALA N 173 80.65 8.36 8.58
C ALA N 173 80.44 7.31 9.66
N LYS N 174 80.42 6.05 9.25
CA LYS N 174 80.21 4.95 10.20
C LYS N 174 81.33 4.87 11.24
N THR N 175 82.56 5.11 10.81
CA THR N 175 83.71 5.08 11.73
C THR N 175 83.54 6.18 12.78
N GLU N 176 83.10 7.36 12.35
CA GLU N 176 82.88 8.48 13.25
C GLU N 176 81.77 8.16 14.25
N ILE N 177 80.73 7.51 13.78
CA ILE N 177 79.58 7.15 14.62
C ILE N 177 79.92 6.12 15.69
N GLU N 178 80.86 5.22 15.38
CA GLU N 178 81.26 4.18 16.32
C GLU N 178 82.05 4.70 17.54
N LYS N 179 82.65 5.87 17.40
CA LYS N 179 83.41 6.47 18.49
C LYS N 179 82.51 7.00 19.61
N LEU N 180 81.26 7.33 19.26
CA LEU N 180 80.32 7.85 20.24
C LEU N 180 79.62 6.75 21.03
N GLN N 181 79.20 7.11 22.23
CA GLN N 181 78.47 6.20 23.11
C GLN N 181 77.04 6.71 23.17
N MET N 182 76.33 6.60 22.05
CA MET N 182 74.96 7.10 21.93
C MET N 182 73.94 6.44 22.86
N LYS N 183 74.17 5.19 23.26
CA LYS N 183 73.24 4.48 24.14
C LYS N 183 72.87 5.26 25.40
N GLU N 184 73.86 5.86 26.05
CA GLU N 184 73.62 6.62 27.27
C GLU N 184 73.54 8.14 27.04
N MET N 185 73.56 8.55 25.79
CA MET N 185 73.50 9.98 25.45
C MET N 185 72.06 10.48 25.27
N THR N 186 71.90 11.79 25.29
CA THR N 186 70.58 12.39 25.10
C THR N 186 70.55 13.16 23.79
N CYS N 187 69.36 13.39 23.26
CA CYS N 187 69.19 14.09 22.00
C CYS N 187 69.91 15.44 21.91
N ARG N 188 69.83 16.23 22.97
CA ARG N 188 70.46 17.55 22.98
C ARG N 188 71.96 17.55 22.69
N ASP N 189 72.70 16.65 23.32
CA ASP N 189 74.14 16.60 23.12
C ASP N 189 74.51 15.82 21.85
N ILE N 190 73.58 15.01 21.37
CA ILE N 190 73.82 14.22 20.17
C ILE N 190 73.69 15.04 18.90
N VAL N 191 72.87 16.09 18.95
CA VAL N 191 72.68 16.96 17.78
C VAL N 191 74.00 17.58 17.33
N LYS N 192 74.80 18.04 18.30
CA LYS N 192 76.08 18.65 17.99
C LYS N 192 77.03 17.62 17.37
N GLU N 193 77.00 16.40 17.89
CA GLU N 193 77.86 15.33 17.39
C GLU N 193 77.50 14.95 15.95
N VAL N 194 76.21 14.93 15.65
CA VAL N 194 75.76 14.59 14.31
C VAL N 194 76.25 15.65 13.33
N ALA N 195 76.15 16.92 13.74
CA ALA N 195 76.60 18.02 12.91
C ALA N 195 78.10 17.90 12.66
N LYS N 196 78.84 17.58 13.71
CA LYS N 196 80.28 17.42 13.63
C LYS N 196 80.69 16.35 12.61
N ILE N 197 80.05 15.19 12.68
CA ILE N 197 80.36 14.09 11.76
C ILE N 197 80.11 14.46 10.30
N ILE N 198 79.03 15.17 10.04
CA ILE N 198 78.72 15.55 8.67
C ILE N 198 79.75 16.53 8.11
N TYR N 199 80.29 17.39 8.97
CA TYR N 199 81.30 18.36 8.55
C TYR N 199 82.62 17.67 8.28
N ILE N 200 82.87 16.58 9.00
CA ILE N 200 84.11 15.82 8.81
C ILE N 200 84.09 15.01 7.53
N VAL N 201 82.96 14.37 7.22
CA VAL N 201 82.87 13.55 6.01
C VAL N 201 82.59 14.35 4.75
N HIS N 202 82.29 15.64 4.90
CA HIS N 202 82.03 16.47 3.74
C HIS N 202 83.32 16.73 2.98
N ASP N 203 83.25 16.62 1.67
CA ASP N 203 84.41 16.84 0.82
C ASP N 203 84.47 18.31 0.41
N GLU N 204 85.67 18.86 0.35
CA GLU N 204 85.83 20.27 -0.01
C GLU N 204 86.22 20.41 -1.47
N VAL N 205 87.20 19.62 -1.90
CA VAL N 205 87.67 19.64 -3.28
C VAL N 205 86.50 19.46 -4.23
N LYS N 206 85.74 18.38 -4.03
CA LYS N 206 84.56 18.11 -4.85
C LYS N 206 83.33 18.52 -4.06
N ASP N 207 82.20 18.65 -4.74
CA ASP N 207 80.93 19.03 -4.11
C ASP N 207 81.04 20.25 -3.19
N LYS N 208 81.62 21.33 -3.67
CA LYS N 208 81.74 22.54 -2.86
C LYS N 208 80.37 23.12 -2.54
N ALA N 209 80.26 23.69 -1.33
CA ALA N 209 79.04 24.32 -0.77
C ALA N 209 77.87 23.39 -0.44
N PHE N 210 77.58 23.25 0.85
CA PHE N 210 76.50 22.41 1.31
C PHE N 210 75.75 23.04 2.48
N GLU N 211 74.52 22.58 2.69
CA GLU N 211 73.68 23.08 3.77
C GLU N 211 73.37 21.91 4.69
N LEU N 212 73.45 22.12 5.99
CA LEU N 212 73.17 21.06 6.95
C LEU N 212 71.70 20.99 7.35
N GLU N 213 71.11 19.81 7.18
CA GLU N 213 69.71 19.59 7.53
C GLU N 213 69.65 18.76 8.80
N LEU N 214 68.89 19.22 9.79
CA LEU N 214 68.78 18.48 11.04
C LEU N 214 67.34 18.32 11.48
N SER N 215 67.01 17.15 11.99
CA SER N 215 65.67 16.86 12.47
C SER N 215 65.80 15.86 13.60
N TRP N 216 64.82 15.82 14.48
CA TRP N 216 64.87 14.90 15.60
C TRP N 216 63.49 14.56 16.14
N VAL N 217 63.44 13.48 16.89
CA VAL N 217 62.21 13.02 17.51
C VAL N 217 62.60 12.31 18.77
N GLY N 218 61.97 12.66 19.88
CA GLY N 218 62.28 12.02 21.15
C GLY N 218 61.53 12.65 22.30
N GLU N 219 62.08 12.49 23.49
CA GLU N 219 61.47 13.03 24.71
C GLU N 219 61.43 14.55 24.72
N ILE N 220 62.44 15.18 24.12
CA ILE N 220 62.54 16.63 24.03
C ILE N 220 61.49 17.29 23.13
N THR N 221 60.90 16.53 22.21
CA THR N 221 59.89 17.05 21.31
C THR N 221 58.54 16.39 21.58
N LYS N 222 58.43 15.74 22.73
CA LYS N 222 57.21 15.04 23.15
C LYS N 222 56.70 14.04 22.11
N GLY N 223 57.61 13.28 21.51
CA GLY N 223 57.25 12.28 20.51
C GLY N 223 56.87 12.80 19.13
N ARG N 224 57.09 14.08 18.89
CA ARG N 224 56.76 14.66 17.58
C ARG N 224 58.01 14.90 16.75
N HIS N 225 58.06 14.30 15.55
CA HIS N 225 59.23 14.51 14.70
C HIS N 225 59.21 15.87 14.05
N GLU N 226 60.27 16.64 14.23
CA GLU N 226 60.33 17.97 13.68
C GLU N 226 61.76 18.41 13.41
N ILE N 227 61.87 19.50 12.66
CA ILE N 227 63.14 20.10 12.30
C ILE N 227 63.74 20.69 13.58
N VAL N 228 65.02 20.44 13.79
CA VAL N 228 65.70 20.97 14.97
C VAL N 228 65.63 22.50 14.94
N PRO N 229 65.20 23.11 16.07
CA PRO N 229 65.09 24.56 16.20
C PRO N 229 66.34 25.29 15.73
N LYS N 230 66.16 26.35 14.94
CA LYS N 230 67.26 27.14 14.39
C LYS N 230 68.40 27.47 15.37
N ASP N 231 68.06 28.00 16.54
CA ASP N 231 69.07 28.36 17.52
C ASP N 231 69.87 27.17 18.04
N ILE N 232 69.25 25.99 18.10
CA ILE N 232 69.93 24.80 18.58
C ILE N 232 70.86 24.28 17.48
N ARG N 233 70.48 24.54 16.24
CA ARG N 233 71.26 24.13 15.08
C ARG N 233 72.44 25.08 14.88
N GLU N 234 72.32 26.30 15.41
CA GLU N 234 73.38 27.29 15.33
C GLU N 234 74.55 26.84 16.17
N GLU N 235 74.27 26.40 17.39
CA GLU N 235 75.31 25.92 18.29
C GLU N 235 76.04 24.73 17.67
N ALA N 236 75.26 23.81 17.11
CA ALA N 236 75.80 22.61 16.49
C ALA N 236 76.71 22.95 15.30
N GLU N 237 76.24 23.86 14.45
CA GLU N 237 77.03 24.28 13.29
C GLU N 237 78.31 24.96 13.75
N LYS N 238 78.20 25.78 14.79
CA LYS N 238 79.36 26.48 15.34
C LYS N 238 80.37 25.45 15.86
N TYR N 239 79.88 24.55 16.71
CA TYR N 239 80.71 23.52 17.31
C TYR N 239 81.38 22.60 16.28
N ALA N 240 80.67 22.29 15.21
CA ALA N 240 81.19 21.41 14.16
C ALA N 240 82.27 22.09 13.34
N LYS N 241 82.12 23.39 13.14
CA LYS N 241 83.09 24.17 12.38
C LYS N 241 84.43 24.23 13.10
N GLU N 242 84.36 24.44 14.41
CA GLU N 242 85.57 24.53 15.23
C GLU N 242 86.26 23.18 15.34
N SER N 243 85.47 22.12 15.48
CA SER N 243 86.01 20.77 15.60
C SER N 243 86.94 20.45 14.46
N LEU N 244 86.51 20.72 13.24
CA LEU N 244 87.31 20.45 12.05
C LEU N 244 87.87 21.75 11.47
N GLY O 4 74.96 -29.33 -21.04
CA GLY O 4 75.09 -27.90 -20.81
C GLY O 4 74.65 -27.07 -21.99
N SER O 5 73.88 -27.67 -22.91
CA SER O 5 73.40 -26.96 -24.09
C SER O 5 72.41 -25.86 -23.74
N SER O 6 72.39 -24.81 -24.56
CA SER O 6 71.49 -23.69 -24.37
C SER O 6 70.91 -23.28 -25.71
N ALA O 7 69.80 -22.55 -25.69
CA ALA O 7 69.14 -22.08 -26.90
C ALA O 7 68.21 -20.90 -26.62
N GLY O 8 68.27 -19.88 -27.46
CA GLY O 8 67.43 -18.71 -27.30
C GLY O 8 67.56 -18.00 -25.96
N PHE O 9 66.43 -17.81 -25.28
CA PHE O 9 66.40 -17.11 -24.01
C PHE O 9 66.29 -18.04 -22.81
N ASP O 10 66.80 -19.26 -22.91
CA ASP O 10 66.69 -20.22 -21.81
C ASP O 10 67.54 -19.93 -20.56
N ARG O 11 68.48 -19.01 -20.64
CA ARG O 11 69.29 -18.67 -19.47
C ARG O 11 68.78 -17.36 -18.85
N HIS O 12 67.78 -16.75 -19.47
CA HIS O 12 67.24 -15.48 -18.97
C HIS O 12 65.86 -15.61 -18.32
N ILE O 13 65.00 -16.43 -18.90
CA ILE O 13 63.67 -16.64 -18.36
C ILE O 13 63.46 -18.10 -18.04
N THR O 14 62.40 -18.42 -17.32
CA THR O 14 62.11 -19.80 -16.94
C THR O 14 61.47 -20.66 -18.02
N ILE O 15 62.20 -20.88 -19.10
CA ILE O 15 61.75 -21.74 -20.19
C ILE O 15 62.71 -22.91 -20.27
N PHE O 16 62.26 -24.00 -20.86
CA PHE O 16 63.10 -25.18 -20.98
C PHE O 16 64.28 -25.02 -21.91
N SER O 17 65.42 -25.56 -21.50
CA SER O 17 66.61 -25.57 -22.33
C SER O 17 66.61 -26.87 -23.13
N PRO O 18 67.54 -27.03 -24.09
CA PRO O 18 67.57 -28.28 -24.88
C PRO O 18 67.62 -29.58 -24.06
N GLU O 19 68.33 -29.60 -22.94
CA GLU O 19 68.43 -30.78 -22.07
C GLU O 19 67.17 -31.01 -21.24
N GLY O 20 66.33 -30.00 -21.13
CA GLY O 20 65.10 -30.10 -20.37
C GLY O 20 65.30 -29.50 -18.99
N ARG O 21 66.22 -28.55 -18.89
CA ARG O 21 66.53 -27.91 -17.63
C ARG O 21 66.00 -26.48 -17.54
N LEU O 22 65.91 -25.98 -16.32
CA LEU O 22 65.49 -24.61 -16.07
C LEU O 22 66.65 -23.90 -15.42
N TYR O 23 67.46 -23.22 -16.22
CA TYR O 23 68.64 -22.50 -15.74
C TYR O 23 68.35 -21.43 -14.70
N GLN O 24 67.27 -20.68 -14.89
CA GLN O 24 66.90 -19.63 -13.94
C GLN O 24 66.59 -20.17 -12.54
N VAL O 25 66.04 -21.38 -12.47
CA VAL O 25 65.75 -22.02 -11.21
C VAL O 25 67.05 -22.47 -10.58
N GLU O 26 67.99 -22.90 -11.40
CA GLU O 26 69.30 -23.33 -10.93
C GLU O 26 70.10 -22.15 -10.40
N TYR O 27 69.90 -20.97 -11.00
CA TYR O 27 70.59 -19.76 -10.58
C TYR O 27 70.03 -19.26 -9.26
N ALA O 28 68.75 -19.55 -9.02
CA ALA O 28 68.07 -19.18 -7.79
C ALA O 28 68.64 -19.96 -6.59
N PHE O 29 69.07 -21.19 -6.83
CA PHE O 29 69.69 -22.01 -5.78
C PHE O 29 71.04 -21.42 -5.37
N LYS O 30 71.75 -20.82 -6.32
CA LYS O 30 73.03 -20.17 -6.08
C LYS O 30 72.85 -18.86 -5.33
N ALA O 31 71.67 -18.25 -5.45
CA ALA O 31 71.33 -17.01 -4.78
C ALA O 31 71.10 -17.21 -3.27
N ILE O 32 70.79 -18.45 -2.88
CA ILE O 32 70.59 -18.80 -1.48
C ILE O 32 71.94 -18.76 -0.75
N ASN O 33 73.01 -19.12 -1.46
CA ASN O 33 74.36 -19.14 -0.91
C ASN O 33 75.04 -17.78 -0.90
N GLN O 34 74.40 -16.76 -1.48
CA GLN O 34 74.99 -15.43 -1.52
C GLN O 34 75.10 -14.79 -0.14
N GLY O 35 74.17 -15.13 0.75
CA GLY O 35 74.16 -14.60 2.11
C GLY O 35 75.32 -15.08 2.98
N GLY O 36 75.87 -16.25 2.66
CA GLY O 36 76.98 -16.81 3.40
C GLY O 36 76.65 -17.43 4.74
N LEU O 37 75.42 -17.91 4.90
CA LEU O 37 75.01 -18.52 6.15
C LEU O 37 74.56 -19.96 5.96
N THR O 38 74.52 -20.72 7.05
CA THR O 38 74.09 -22.11 7.01
C THR O 38 73.11 -22.39 8.13
N SER O 39 72.04 -23.12 7.83
CA SER O 39 71.03 -23.46 8.82
C SER O 39 70.89 -24.98 8.94
N VAL O 40 70.57 -25.45 10.14
CA VAL O 40 70.41 -26.88 10.39
C VAL O 40 69.16 -27.15 11.24
N ALA O 41 68.34 -28.11 10.79
CA ALA O 41 67.15 -28.48 11.52
C ALA O 41 67.22 -29.97 11.87
N VAL O 42 66.93 -30.30 13.12
CA VAL O 42 66.97 -31.69 13.57
C VAL O 42 65.67 -32.07 14.26
N ARG O 43 65.16 -33.26 13.93
CA ARG O 43 63.93 -33.75 14.54
C ARG O 43 64.27 -34.73 15.64
N GLY O 44 63.73 -34.52 16.83
CA GLY O 44 63.98 -35.41 17.95
C GLY O 44 62.84 -36.40 18.09
N LYS O 45 62.80 -37.12 19.20
CA LYS O 45 61.73 -38.08 19.44
C LYS O 45 60.43 -37.36 19.78
N ASP O 46 60.56 -36.23 20.45
CA ASP O 46 59.39 -35.45 20.85
C ASP O 46 59.65 -33.95 20.75
N CYS O 47 60.52 -33.56 19.83
CA CYS O 47 60.86 -32.16 19.64
C CYS O 47 61.50 -31.89 18.28
N ALA O 48 61.52 -30.63 17.87
CA ALA O 48 62.14 -30.22 16.63
C ALA O 48 62.98 -29.00 16.94
N VAL O 49 64.23 -28.98 16.46
CA VAL O 49 65.12 -27.87 16.75
C VAL O 49 65.72 -27.24 15.50
N ILE O 50 65.70 -25.91 15.44
CA ILE O 50 66.32 -25.21 14.32
C ILE O 50 67.43 -24.30 14.84
N VAL O 51 68.62 -24.44 14.25
CA VAL O 51 69.79 -23.64 14.63
C VAL O 51 70.30 -22.91 13.40
N THR O 52 70.66 -21.65 13.56
CA THR O 52 71.16 -20.88 12.43
C THR O 52 72.30 -19.96 12.84
N GLN O 53 73.20 -19.73 11.91
CA GLN O 53 74.34 -18.86 12.11
C GLN O 53 73.85 -17.44 12.30
N LYS O 54 74.43 -16.74 13.28
CA LYS O 54 74.05 -15.35 13.52
C LYS O 54 75.27 -14.45 13.42
N LYS O 55 75.51 -13.92 12.22
CA LYS O 55 76.64 -13.04 11.99
C LYS O 55 76.21 -11.58 11.96
N VAL O 56 76.73 -10.79 12.90
CA VAL O 56 76.43 -9.36 12.99
C VAL O 56 77.72 -8.60 13.27
N PRO O 57 78.58 -8.47 12.26
CA PRO O 57 79.87 -7.79 12.39
C PRO O 57 79.80 -6.30 12.06
N ASP O 58 78.60 -5.76 11.90
CA ASP O 58 78.44 -4.34 11.59
C ASP O 58 78.67 -3.47 12.82
N LYS O 59 78.33 -4.01 13.99
CA LYS O 59 78.47 -3.35 15.33
C LYS O 59 77.49 -2.21 15.69
N LEU O 60 77.07 -1.41 14.71
CA LEU O 60 76.10 -0.34 14.95
C LEU O 60 74.68 -0.87 14.77
N LEU O 61 74.57 -2.10 14.28
CA LEU O 61 73.28 -2.76 14.07
C LEU O 61 72.66 -3.15 15.41
N ASP O 62 71.34 -3.11 15.47
CA ASP O 62 70.64 -3.52 16.67
C ASP O 62 70.55 -5.03 16.56
N SER O 63 71.37 -5.73 17.34
CA SER O 63 71.44 -7.20 17.32
C SER O 63 70.09 -7.93 17.39
N SER O 64 69.18 -7.45 18.22
CA SER O 64 67.87 -8.08 18.37
C SER O 64 67.02 -8.11 17.09
N THR O 65 67.18 -7.13 16.20
CA THR O 65 66.41 -7.09 14.96
C THR O 65 67.06 -7.91 13.83
N VAL O 66 68.23 -8.46 14.10
CA VAL O 66 68.91 -9.28 13.11
C VAL O 66 68.63 -10.73 13.43
N THR O 67 67.72 -11.35 12.69
CA THR O 67 67.37 -12.74 12.94
C THR O 67 66.87 -13.45 11.70
N HIS O 68 66.98 -14.77 11.71
CA HIS O 68 66.52 -15.58 10.60
C HIS O 68 65.49 -16.60 11.05
N LEU O 69 65.05 -16.44 12.30
CA LEU O 69 64.05 -17.31 12.89
C LEU O 69 62.75 -16.55 12.96
N PHE O 70 61.68 -17.17 12.47
CA PHE O 70 60.39 -16.51 12.47
C PHE O 70 59.28 -17.38 13.01
N LYS O 71 58.29 -16.72 13.56
CA LYS O 71 57.12 -17.38 14.09
C LYS O 71 56.05 -17.25 13.03
N ILE O 72 55.54 -18.38 12.53
CA ILE O 72 54.51 -18.34 11.49
C ILE O 72 53.17 -18.27 12.20
N THR O 73 52.97 -19.20 13.13
CA THR O 73 51.79 -19.25 13.98
C THR O 73 52.27 -19.54 15.40
N GLU O 74 51.36 -19.70 16.34
CA GLU O 74 51.75 -20.01 17.71
C GLU O 74 52.56 -21.32 17.79
N ASN O 75 52.17 -22.34 17.03
CA ASN O 75 52.85 -23.62 17.05
C ASN O 75 53.77 -23.94 15.86
N ILE O 76 54.04 -22.95 15.02
CA ILE O 76 54.91 -23.19 13.87
C ILE O 76 56.04 -22.17 13.75
N GLY O 77 57.27 -22.67 13.75
CA GLY O 77 58.43 -21.82 13.63
C GLY O 77 59.15 -22.11 12.33
N CYS O 78 60.02 -21.20 11.91
CA CYS O 78 60.74 -21.39 10.66
C CYS O 78 62.05 -20.61 10.61
N VAL O 79 62.97 -21.11 9.81
CA VAL O 79 64.26 -20.48 9.60
C VAL O 79 64.44 -20.22 8.12
N MET O 80 64.80 -18.99 7.76
CA MET O 80 65.00 -18.65 6.37
C MET O 80 66.48 -18.61 6.02
N THR O 81 66.80 -19.03 4.80
CA THR O 81 68.17 -19.02 4.32
C THR O 81 68.17 -18.48 2.90
N GLY O 82 69.02 -17.50 2.62
CA GLY O 82 69.10 -16.91 1.30
C GLY O 82 68.90 -15.41 1.31
N MET O 83 68.42 -14.87 0.20
CA MET O 83 68.18 -13.44 0.08
C MET O 83 67.21 -12.96 1.17
N THR O 84 67.66 -11.99 1.96
CA THR O 84 66.87 -11.47 3.08
C THR O 84 65.49 -10.92 2.74
N ALA O 85 65.39 -10.02 1.77
CA ALA O 85 64.11 -9.45 1.40
C ALA O 85 63.16 -10.51 0.82
N ASP O 86 63.72 -11.46 0.08
CA ASP O 86 62.93 -12.54 -0.50
C ASP O 86 62.36 -13.39 0.63
N SER O 87 63.19 -13.64 1.65
CA SER O 87 62.78 -14.42 2.81
C SER O 87 61.64 -13.77 3.59
N ARG O 88 61.75 -12.46 3.82
CA ARG O 88 60.72 -11.73 4.55
C ARG O 88 59.36 -11.82 3.89
N SER O 89 59.33 -11.67 2.56
CA SER O 89 58.08 -11.75 1.84
C SER O 89 57.52 -13.17 1.89
N GLN O 90 58.40 -14.17 1.86
CA GLN O 90 57.95 -15.55 1.93
C GLN O 90 57.39 -15.83 3.33
N VAL O 91 57.99 -15.25 4.35
CA VAL O 91 57.52 -15.43 5.72
C VAL O 91 56.18 -14.73 5.90
N GLN O 92 56.02 -13.57 5.28
CA GLN O 92 54.78 -12.81 5.35
C GLN O 92 53.66 -13.59 4.65
N ARG O 93 54.00 -14.22 3.54
CA ARG O 93 53.03 -15.02 2.80
C ARG O 93 52.60 -16.25 3.58
N ALA O 94 53.55 -16.90 4.25
CA ALA O 94 53.25 -18.09 5.04
C ALA O 94 52.35 -17.76 6.22
N ARG O 95 52.56 -16.59 6.84
CA ARG O 95 51.75 -16.17 7.97
C ARG O 95 50.32 -15.98 7.52
N TYR O 96 50.17 -15.39 6.35
CA TYR O 96 48.85 -15.15 5.79
C TYR O 96 48.15 -16.45 5.42
N GLU O 97 48.87 -17.37 4.79
CA GLU O 97 48.32 -18.66 4.40
C GLU O 97 47.82 -19.43 5.62
N ALA O 98 48.60 -19.41 6.70
CA ALA O 98 48.22 -20.08 7.94
C ALA O 98 46.97 -19.46 8.56
N ALA O 99 46.92 -18.14 8.63
CA ALA O 99 45.79 -17.44 9.21
C ALA O 99 44.52 -17.74 8.43
N ASN O 100 44.62 -17.73 7.11
CA ASN O 100 43.49 -18.01 6.24
C ASN O 100 42.97 -19.44 6.40
N TRP O 101 43.88 -20.40 6.50
CA TRP O 101 43.50 -21.79 6.67
C TRP O 101 42.67 -21.97 7.94
N LYS O 102 43.14 -21.38 9.03
CA LYS O 102 42.45 -21.47 10.31
C LYS O 102 41.05 -20.88 10.23
N TYR O 103 40.95 -19.75 9.56
CA TYR O 103 39.70 -19.04 9.38
C TYR O 103 38.65 -19.81 8.59
N LYS O 104 39.07 -20.41 7.47
CA LYS O 104 38.14 -21.13 6.63
C LYS O 104 37.90 -22.60 6.98
N TYR O 105 38.86 -23.25 7.64
CA TYR O 105 38.72 -24.66 7.98
C TYR O 105 38.47 -24.94 9.46
N GLY O 106 38.60 -23.91 10.29
CA GLY O 106 38.34 -24.06 11.71
C GLY O 106 39.38 -24.73 12.58
N TYR O 107 40.56 -25.02 12.03
CA TYR O 107 41.63 -25.64 12.80
C TYR O 107 42.99 -25.21 12.29
N GLU O 108 44.03 -25.40 13.09
CA GLU O 108 45.38 -25.00 12.71
C GLU O 108 45.97 -25.80 11.56
N ILE O 109 46.58 -25.09 10.61
CA ILE O 109 47.16 -25.74 9.45
C ILE O 109 48.31 -26.66 9.83
N PRO O 110 48.28 -27.90 9.30
CA PRO O 110 49.36 -28.85 9.57
C PRO O 110 50.64 -28.35 8.91
N VAL O 111 51.79 -28.59 9.54
CA VAL O 111 53.07 -28.14 9.01
C VAL O 111 53.31 -28.53 7.56
N ASP O 112 53.00 -29.78 7.20
CA ASP O 112 53.19 -30.26 5.85
C ASP O 112 52.25 -29.59 4.84
N MET O 113 51.07 -29.19 5.29
CA MET O 113 50.13 -28.51 4.40
C MET O 113 50.63 -27.09 4.12
N LEU O 114 51.22 -26.46 5.12
CA LEU O 114 51.75 -25.11 4.96
C LEU O 114 52.94 -25.13 4.02
N CYS O 115 53.84 -26.10 4.21
CA CYS O 115 55.01 -26.22 3.35
C CYS O 115 54.60 -26.47 1.90
N LYS O 116 53.61 -27.33 1.71
CA LYS O 116 53.10 -27.64 0.40
C LYS O 116 52.50 -26.39 -0.24
N ARG O 117 51.77 -25.61 0.53
CA ARG O 117 51.16 -24.38 0.03
C ARG O 117 52.22 -23.38 -0.43
N ILE O 118 53.31 -23.28 0.32
CA ILE O 118 54.39 -22.36 -0.03
C ILE O 118 55.11 -22.87 -1.27
N ALA O 119 55.31 -24.18 -1.35
CA ALA O 119 55.97 -24.79 -2.49
C ALA O 119 55.18 -24.58 -3.78
N ASP O 120 53.85 -24.62 -3.67
CA ASP O 120 52.98 -24.44 -4.83
C ASP O 120 53.06 -23.02 -5.37
N ILE O 121 53.23 -22.05 -4.48
CA ILE O 121 53.34 -20.66 -4.89
C ILE O 121 54.68 -20.43 -5.57
N SER O 122 55.70 -21.15 -5.12
CA SER O 122 57.04 -21.04 -5.69
C SER O 122 57.06 -21.66 -7.08
N GLN O 123 56.29 -22.73 -7.28
CA GLN O 123 56.21 -23.42 -8.56
C GLN O 123 55.75 -22.48 -9.67
N VAL O 124 54.78 -21.63 -9.37
CA VAL O 124 54.24 -20.68 -10.34
C VAL O 124 55.33 -19.79 -10.96
N TYR O 125 56.33 -19.40 -10.17
CA TYR O 125 57.43 -18.56 -10.66
C TYR O 125 58.34 -19.28 -11.65
N THR O 126 58.41 -20.61 -11.56
CA THR O 126 59.25 -21.39 -12.46
C THR O 126 58.54 -21.68 -13.78
N GLN O 127 57.24 -21.40 -13.85
CA GLN O 127 56.49 -21.65 -15.07
C GLN O 127 56.12 -20.35 -15.78
N ASN O 128 56.04 -19.25 -15.05
CA ASN O 128 55.73 -17.95 -15.64
C ASN O 128 57.02 -17.20 -15.91
N ALA O 129 57.12 -16.62 -17.11
CA ALA O 129 58.33 -15.92 -17.52
C ALA O 129 58.55 -14.50 -16.99
N GLU O 130 57.47 -13.78 -16.71
CA GLU O 130 57.57 -12.39 -16.26
C GLU O 130 58.18 -12.15 -14.87
N MET O 131 58.27 -13.17 -14.04
CA MET O 131 58.83 -13.00 -12.71
C MET O 131 59.84 -14.08 -12.36
N ARG O 132 60.88 -13.69 -11.64
CA ARG O 132 61.91 -14.62 -11.23
C ARG O 132 61.50 -15.34 -9.95
N PRO O 133 62.17 -16.47 -9.66
CA PRO O 133 61.93 -17.21 -8.42
C PRO O 133 62.61 -16.49 -7.26
N LEU O 134 62.15 -16.74 -6.05
CA LEU O 134 62.74 -16.13 -4.88
C LEU O 134 64.06 -16.83 -4.60
N GLY O 135 65.05 -16.07 -4.14
CA GLY O 135 66.35 -16.64 -3.85
C GLY O 135 66.49 -17.04 -2.39
N CYS O 136 65.55 -17.84 -1.89
CA CYS O 136 65.60 -18.25 -0.51
C CYS O 136 65.07 -19.65 -0.29
N CYS O 137 65.25 -20.14 0.92
CA CYS O 137 64.84 -21.48 1.30
C CYS O 137 64.18 -21.41 2.67
N MET O 138 63.05 -22.10 2.83
CA MET O 138 62.33 -22.09 4.10
C MET O 138 62.26 -23.47 4.76
N ILE O 139 62.64 -23.53 6.03
CA ILE O 139 62.57 -24.76 6.80
C ILE O 139 61.51 -24.58 7.88
N LEU O 140 60.55 -25.49 7.95
CA LEU O 140 59.48 -25.38 8.94
C LEU O 140 59.50 -26.49 9.98
N ILE O 141 59.16 -26.13 11.22
CA ILE O 141 59.09 -27.10 12.30
C ILE O 141 57.80 -26.90 13.09
N GLY O 142 57.34 -27.96 13.73
CA GLY O 142 56.12 -27.88 14.51
C GLY O 142 55.68 -29.26 14.97
N ILE O 143 54.75 -29.29 15.90
CA ILE O 143 54.24 -30.55 16.40
C ILE O 143 52.88 -30.89 15.82
N ASP O 144 52.78 -32.06 15.19
CA ASP O 144 51.52 -32.51 14.64
C ASP O 144 50.90 -33.48 15.64
N GLU O 145 49.60 -33.32 15.90
CA GLU O 145 48.87 -34.16 16.86
C GLU O 145 49.14 -35.66 16.81
N GLU O 146 49.17 -36.24 15.61
CA GLU O 146 49.40 -37.68 15.49
C GLU O 146 50.81 -38.09 15.07
N GLN O 147 51.38 -37.39 14.09
CA GLN O 147 52.71 -37.74 13.61
C GLN O 147 53.87 -37.27 14.50
N GLY O 148 53.58 -36.39 15.47
CA GLY O 148 54.60 -35.89 16.35
C GLY O 148 55.32 -34.68 15.76
N PRO O 149 56.63 -34.56 16.04
CA PRO O 149 57.45 -33.45 15.53
C PRO O 149 57.68 -33.52 14.02
N GLN O 150 57.48 -32.41 13.33
CA GLN O 150 57.65 -32.35 11.89
C GLN O 150 58.74 -31.39 11.48
N VAL O 151 59.46 -31.74 10.42
CA VAL O 151 60.50 -30.88 9.86
C VAL O 151 60.34 -30.86 8.35
N TYR O 152 59.95 -29.71 7.81
CA TYR O 152 59.76 -29.58 6.37
C TYR O 152 60.60 -28.49 5.74
N LYS O 153 60.92 -28.67 4.47
CA LYS O 153 61.71 -27.69 3.75
C LYS O 153 61.28 -27.59 2.30
N CYS O 154 61.14 -26.36 1.80
CA CYS O 154 60.80 -26.14 0.41
C CYS O 154 61.79 -25.15 -0.19
N ASP O 155 62.12 -25.34 -1.47
CA ASP O 155 63.08 -24.49 -2.15
C ASP O 155 62.49 -23.69 -3.30
N PRO O 156 63.35 -22.96 -4.04
CA PRO O 156 62.97 -22.12 -5.19
C PRO O 156 62.32 -22.86 -6.36
N ALA O 157 62.62 -24.14 -6.52
CA ALA O 157 62.04 -24.95 -7.58
C ALA O 157 60.58 -25.33 -7.33
N GLY O 158 60.14 -25.24 -6.07
CA GLY O 158 58.79 -25.59 -5.70
C GLY O 158 58.74 -27.01 -5.19
N TYR O 159 59.90 -27.56 -4.87
CA TYR O 159 60.00 -28.90 -4.35
C TYR O 159 60.00 -28.81 -2.83
N TYR O 160 59.26 -29.69 -2.18
CA TYR O 160 59.21 -29.71 -0.73
C TYR O 160 59.27 -31.14 -0.23
N CYS O 161 59.73 -31.32 1.01
CA CYS O 161 59.86 -32.63 1.59
C CYS O 161 59.93 -32.61 3.11
N GLY O 162 59.63 -33.76 3.72
CA GLY O 162 59.70 -33.90 5.16
C GLY O 162 61.03 -34.56 5.46
N PHE O 163 61.68 -34.16 6.55
CA PHE O 163 62.98 -34.71 6.89
C PHE O 163 63.10 -35.15 8.33
N LYS O 164 64.10 -35.99 8.58
CA LYS O 164 64.45 -36.41 9.93
C LYS O 164 65.39 -35.34 10.44
N ALA O 165 66.28 -34.88 9.56
CA ALA O 165 67.24 -33.83 9.81
C ALA O 165 67.54 -33.22 8.44
N THR O 166 67.79 -31.92 8.40
CA THR O 166 68.06 -31.27 7.13
C THR O 166 68.90 -30.01 7.33
N ALA O 167 69.36 -29.43 6.23
CA ALA O 167 70.18 -28.22 6.29
C ALA O 167 70.06 -27.39 5.02
N ALA O 168 70.50 -26.13 5.10
CA ALA O 168 70.45 -25.25 3.94
C ALA O 168 71.50 -24.17 4.05
N GLY O 169 71.96 -23.68 2.90
CA GLY O 169 72.97 -22.64 2.88
C GLY O 169 74.31 -23.06 2.31
N VAL O 170 75.33 -22.27 2.62
CA VAL O 170 76.69 -22.49 2.14
C VAL O 170 77.23 -23.89 2.45
N LYS O 171 77.19 -24.28 3.72
CA LYS O 171 77.70 -25.57 4.16
C LYS O 171 76.62 -26.64 4.25
N GLN O 172 75.65 -26.59 3.34
CA GLN O 172 74.55 -27.53 3.32
C GLN O 172 74.99 -28.97 3.06
N THR O 173 75.83 -29.16 2.05
CA THR O 173 76.31 -30.49 1.69
C THR O 173 77.06 -31.22 2.81
N GLU O 174 77.93 -30.51 3.51
CA GLU O 174 78.69 -31.12 4.60
C GLU O 174 77.83 -31.37 5.83
N SER O 175 76.78 -30.57 5.99
CA SER O 175 75.88 -30.76 7.11
C SER O 175 75.08 -32.02 6.87
N THR O 176 74.71 -32.24 5.61
CA THR O 176 73.94 -33.40 5.21
C THR O 176 74.75 -34.66 5.49
N SER O 177 76.03 -34.62 5.18
CA SER O 177 76.91 -35.77 5.41
C SER O 177 77.10 -36.02 6.88
N PHE O 178 77.38 -34.95 7.64
CA PHE O 178 77.58 -35.08 9.07
C PHE O 178 76.37 -35.70 9.75
N LEU O 179 75.18 -35.21 9.41
CA LEU O 179 73.95 -35.70 10.01
C LEU O 179 73.56 -37.08 9.50
N GLU O 180 74.03 -37.42 8.31
CA GLU O 180 73.75 -38.72 7.70
C GLU O 180 74.18 -39.86 8.60
N LYS O 181 75.40 -39.76 9.14
CA LYS O 181 75.94 -40.79 10.02
C LYS O 181 75.23 -40.81 11.35
N LYS O 182 75.03 -39.64 11.94
CA LYS O 182 74.37 -39.55 13.23
C LYS O 182 72.96 -40.15 13.21
N VAL O 183 72.18 -39.79 12.19
CA VAL O 183 70.82 -40.28 12.06
C VAL O 183 70.74 -41.80 11.90
N LYS O 184 71.71 -42.36 11.19
CA LYS O 184 71.75 -43.80 10.97
C LYS O 184 72.56 -44.51 12.05
N TRP O 189 66.28 -39.80 20.44
CA TRP O 189 66.97 -38.58 20.82
C TRP O 189 66.12 -37.73 21.75
N THR O 190 66.70 -37.31 22.86
CA THR O 190 65.99 -36.47 23.81
C THR O 190 66.15 -35.01 23.38
N PHE O 191 65.42 -34.11 24.05
CA PHE O 191 65.49 -32.71 23.71
C PHE O 191 66.92 -32.17 23.75
N GLU O 192 67.65 -32.51 24.81
CA GLU O 192 69.02 -32.07 24.96
C GLU O 192 69.95 -32.68 23.92
N GLN O 193 69.65 -33.91 23.51
CA GLN O 193 70.45 -34.60 22.50
C GLN O 193 70.19 -34.03 21.10
N THR O 194 68.94 -33.68 20.82
CA THR O 194 68.59 -33.12 19.53
C THR O 194 69.21 -31.74 19.36
N VAL O 195 69.13 -30.94 20.42
CA VAL O 195 69.69 -29.59 20.40
C VAL O 195 71.21 -29.65 20.26
N GLU O 196 71.84 -30.56 20.99
CA GLU O 196 73.29 -30.71 20.95
C GLU O 196 73.76 -31.20 19.59
N THR O 197 72.97 -32.06 18.96
CA THR O 197 73.30 -32.59 17.64
C THR O 197 73.30 -31.49 16.60
N ALA O 198 72.31 -30.61 16.69
CA ALA O 198 72.18 -29.50 15.76
C ALA O 198 73.33 -28.51 15.89
N ILE O 199 73.66 -28.14 17.13
CA ILE O 199 74.75 -27.21 17.37
C ILE O 199 76.08 -27.80 16.93
N THR O 200 76.26 -29.09 17.20
CA THR O 200 77.50 -29.77 16.84
C THR O 200 77.70 -29.84 15.33
N CYS O 201 76.63 -30.15 14.60
CA CYS O 201 76.71 -30.22 13.15
C CYS O 201 77.17 -28.88 12.60
N LEU O 202 76.51 -27.81 13.04
CA LEU O 202 76.85 -26.47 12.59
C LEU O 202 78.29 -26.11 12.93
N SER O 203 78.71 -26.42 14.15
CA SER O 203 80.06 -26.12 14.60
C SER O 203 81.13 -26.90 13.82
N THR O 204 80.89 -28.18 13.62
CA THR O 204 81.84 -29.04 12.91
C THR O 204 82.05 -28.66 11.44
N VAL O 205 80.97 -28.36 10.73
CA VAL O 205 81.06 -27.99 9.32
C VAL O 205 81.59 -26.58 9.10
N LEU O 206 81.50 -25.74 10.12
CA LEU O 206 81.96 -24.35 10.03
C LEU O 206 83.30 -24.15 10.73
N SER O 207 83.77 -25.18 11.43
CA SER O 207 85.02 -25.13 12.19
C SER O 207 85.05 -23.89 13.08
N ILE O 208 84.07 -23.78 13.97
CA ILE O 208 83.96 -22.63 14.86
C ILE O 208 83.43 -23.01 16.25
N ASP O 209 84.12 -22.59 17.29
CA ASP O 209 83.67 -22.86 18.66
C ASP O 209 82.68 -21.75 19.04
N PHE O 210 81.42 -21.98 18.71
CA PHE O 210 80.34 -21.03 18.95
C PHE O 210 80.22 -20.40 20.33
N LYS O 211 79.80 -19.14 20.34
CA LYS O 211 79.54 -18.40 21.56
C LYS O 211 78.03 -18.18 21.60
N PRO O 212 77.47 -17.99 22.79
CA PRO O 212 76.02 -17.78 22.97
C PRO O 212 75.33 -16.81 22.00
N SER O 213 75.97 -15.69 21.66
CA SER O 213 75.37 -14.70 20.76
C SER O 213 75.75 -14.90 19.29
N GLU O 214 76.34 -16.03 18.95
CA GLU O 214 76.74 -16.27 17.56
C GLU O 214 75.82 -17.26 16.86
N ILE O 215 74.81 -17.76 17.56
CA ILE O 215 73.85 -18.69 16.99
C ILE O 215 72.45 -18.40 17.50
N GLU O 216 71.45 -18.88 16.75
CA GLU O 216 70.05 -18.71 17.09
C GLU O 216 69.44 -20.10 17.22
N VAL O 217 68.59 -20.29 18.22
CA VAL O 217 67.95 -21.58 18.42
C VAL O 217 66.44 -21.46 18.57
N GLY O 218 65.71 -22.28 17.81
CA GLY O 218 64.26 -22.32 17.87
C GLY O 218 63.84 -23.74 18.16
N VAL O 219 62.83 -23.91 19.01
CA VAL O 219 62.37 -25.25 19.37
C VAL O 219 60.86 -25.41 19.53
N VAL O 220 60.41 -26.64 19.40
CA VAL O 220 59.01 -27.02 19.61
C VAL O 220 59.09 -28.43 20.18
N THR O 221 58.34 -28.71 21.23
CA THR O 221 58.36 -30.03 21.84
C THR O 221 56.94 -30.56 22.00
N VAL O 222 56.80 -31.84 22.34
CA VAL O 222 55.49 -32.41 22.54
C VAL O 222 54.85 -31.84 23.81
N GLU O 223 55.67 -31.56 24.81
CA GLU O 223 55.18 -31.01 26.07
C GLU O 223 54.79 -29.53 25.90
N ASN O 224 55.62 -28.77 25.21
CA ASN O 224 55.37 -27.37 24.97
C ASN O 224 55.44 -27.11 23.46
N PRO O 225 54.31 -27.35 22.77
CA PRO O 225 54.21 -27.20 21.31
C PRO O 225 54.48 -25.78 20.77
N LYS O 226 54.26 -24.75 21.57
CA LYS O 226 54.50 -23.39 21.12
C LYS O 226 55.95 -23.19 20.65
N PHE O 227 56.10 -22.57 19.49
CA PHE O 227 57.42 -22.29 18.93
C PHE O 227 58.15 -21.33 19.86
N ARG O 228 59.35 -21.69 20.26
CA ARG O 228 60.11 -20.87 21.19
C ARG O 228 61.54 -20.59 20.75
N ILE O 229 62.00 -19.38 21.03
CA ILE O 229 63.36 -18.99 20.71
C ILE O 229 64.14 -19.01 22.02
N LEU O 230 65.27 -19.70 22.02
CA LEU O 230 66.10 -19.77 23.20
C LEU O 230 66.83 -18.46 23.43
N SER O 231 67.00 -18.09 24.69
CA SER O 231 67.70 -16.86 25.02
C SER O 231 69.19 -17.10 25.06
N GLU O 232 69.97 -16.03 25.16
CA GLU O 232 71.42 -16.15 25.20
C GLU O 232 71.88 -17.01 26.37
N ALA O 233 71.13 -16.97 27.46
CA ALA O 233 71.45 -17.74 28.65
C ALA O 233 71.09 -19.22 28.48
N GLU O 234 70.01 -19.48 27.76
CA GLU O 234 69.57 -20.85 27.52
C GLU O 234 70.51 -21.57 26.57
N ILE O 235 70.99 -20.85 25.55
CA ILE O 235 71.90 -21.40 24.57
C ILE O 235 73.27 -21.67 25.21
N ASP O 236 73.64 -20.78 26.13
CA ASP O 236 74.92 -20.90 26.83
C ASP O 236 74.99 -22.20 27.64
N ALA O 237 73.87 -22.58 28.27
CA ALA O 237 73.81 -23.81 29.05
C ALA O 237 74.12 -25.03 28.20
N HIS O 238 73.60 -25.06 26.98
CA HIS O 238 73.84 -26.15 26.05
C HIS O 238 75.28 -26.14 25.54
N LEU O 239 75.78 -24.94 25.29
CA LEU O 239 77.14 -24.75 24.78
C LEU O 239 78.21 -25.19 25.78
N VAL O 240 77.91 -25.01 27.07
CA VAL O 240 78.83 -25.40 28.12
C VAL O 240 78.79 -26.91 28.33
N ALA O 241 77.64 -27.51 28.08
CA ALA O 241 77.47 -28.95 28.23
C ALA O 241 78.12 -29.70 27.08
N LEU O 242 78.26 -29.04 25.95
CA LEU O 242 78.89 -29.63 24.77
C LEU O 242 80.40 -29.51 24.90
N ALA O 243 80.84 -28.56 25.71
CA ALA O 243 82.27 -28.33 25.92
C ALA O 243 82.76 -29.07 27.17
N MET P 1 -6.90 -2.17 -30.02
CA MET P 1 -6.22 -3.43 -30.26
C MET P 1 -6.12 -3.72 -31.76
N GLU P 2 -5.00 -4.28 -32.17
CA GLU P 2 -4.75 -4.61 -33.56
C GLU P 2 -5.24 -6.01 -33.90
N TYR P 3 -5.47 -6.27 -35.17
CA TYR P 3 -5.95 -7.58 -35.59
C TYR P 3 -5.08 -8.26 -36.63
N LEU P 4 -4.71 -9.51 -36.38
CA LEU P 4 -3.91 -10.29 -37.31
C LEU P 4 -4.62 -11.60 -37.57
N ILE P 5 -4.44 -12.17 -38.75
CA ILE P 5 -5.08 -13.43 -39.06
C ILE P 5 -4.32 -14.15 -40.17
N GLY P 6 -4.15 -15.46 -40.02
CA GLY P 6 -3.47 -16.26 -41.02
C GLY P 6 -4.23 -17.55 -41.29
N ILE P 7 -4.35 -17.89 -42.57
CA ILE P 7 -5.04 -19.11 -42.97
C ILE P 7 -4.12 -19.90 -43.89
N GLN P 8 -3.77 -21.11 -43.49
CA GLN P 8 -2.86 -21.92 -44.31
C GLN P 8 -3.60 -22.94 -45.18
N GLY P 9 -3.38 -22.88 -46.47
CA GLY P 9 -3.99 -23.80 -47.41
C GLY P 9 -3.00 -24.89 -47.81
N PRO P 10 -3.42 -25.78 -48.71
CA PRO P 10 -2.54 -26.86 -49.16
C PRO P 10 -1.22 -26.38 -49.77
N ASP P 11 -1.24 -25.30 -50.54
CA ASP P 11 0.00 -24.81 -51.14
C ASP P 11 0.17 -23.30 -51.12
N TYR P 12 -0.33 -22.65 -50.07
CA TYR P 12 -0.24 -21.20 -49.92
C TYR P 12 -0.61 -20.79 -48.49
N VAL P 13 -0.26 -19.56 -48.13
CA VAL P 13 -0.63 -19.02 -46.82
C VAL P 13 -1.25 -17.65 -47.05
N LEU P 14 -2.42 -17.44 -46.45
CA LEU P 14 -3.11 -16.16 -46.59
C LEU P 14 -3.08 -15.40 -45.28
N VAL P 15 -2.65 -14.15 -45.33
CA VAL P 15 -2.59 -13.31 -44.13
C VAL P 15 -3.29 -11.98 -44.34
N ALA P 16 -3.77 -11.40 -43.24
CA ALA P 16 -4.45 -10.13 -43.29
C ALA P 16 -4.28 -9.39 -41.97
N SER P 17 -4.36 -8.08 -42.01
CA SER P 17 -4.23 -7.28 -40.80
C SER P 17 -4.87 -5.92 -40.98
N ASP P 18 -5.30 -5.32 -39.88
CA ASP P 18 -5.90 -4.00 -39.90
C ASP P 18 -4.83 -2.96 -40.17
N GLN P 19 -5.24 -1.81 -40.70
CA GLN P 19 -4.30 -0.75 -41.04
C GLN P 19 -4.42 0.49 -40.18
N VAL P 20 -4.91 0.33 -38.96
CA VAL P 20 -5.11 1.46 -38.06
C VAL P 20 -3.94 1.70 -37.10
N ALA P 21 -3.43 2.93 -37.09
CA ALA P 21 -2.38 3.32 -36.16
C ALA P 21 -3.08 4.29 -35.22
N ALA P 22 -3.21 3.93 -33.95
CA ALA P 22 -3.92 4.80 -33.00
C ALA P 22 -3.10 5.42 -31.88
N SER P 23 -3.57 6.58 -31.44
CA SER P 23 -2.99 7.33 -30.34
C SER P 23 -4.17 7.68 -29.45
N SER P 24 -4.28 6.99 -28.31
CA SER P 24 -5.39 7.15 -27.38
C SER P 24 -6.74 6.97 -28.10
N ILE P 25 -7.54 8.02 -28.22
CA ILE P 25 -8.85 7.89 -28.87
C ILE P 25 -8.90 8.25 -30.35
N VAL P 26 -7.80 8.74 -30.91
CA VAL P 26 -7.82 9.13 -32.31
C VAL P 26 -7.00 8.22 -33.22
N GLN P 27 -7.54 7.94 -34.40
CA GLN P 27 -6.84 7.13 -35.39
C GLN P 27 -5.90 8.09 -36.10
N MET P 28 -4.61 7.99 -35.82
CA MET P 28 -3.63 8.87 -36.43
C MET P 28 -3.31 8.45 -37.87
N LYS P 29 -3.40 7.17 -38.15
CA LYS P 29 -3.12 6.66 -39.49
C LYS P 29 -4.14 5.58 -39.80
N ASP P 30 -4.68 5.61 -41.01
CA ASP P 30 -5.69 4.61 -41.39
C ASP P 30 -5.21 3.65 -42.47
N ASP P 31 -3.94 3.78 -42.86
CA ASP P 31 -3.38 2.89 -43.88
C ASP P 31 -1.99 2.40 -43.48
N HIS P 32 -1.83 2.06 -42.21
CA HIS P 32 -0.56 1.57 -41.68
C HIS P 32 -0.38 0.08 -41.97
N ASP P 33 0.79 -0.28 -42.50
CA ASP P 33 1.10 -1.67 -42.82
C ASP P 33 1.72 -2.37 -41.61
N LYS P 34 1.15 -3.50 -41.23
CA LYS P 34 1.66 -4.25 -40.09
C LYS P 34 2.45 -5.47 -40.52
N MET P 35 2.73 -5.57 -41.81
CA MET P 35 3.48 -6.71 -42.32
C MET P 35 4.91 -6.35 -42.70
N PHE P 36 5.83 -7.22 -42.35
CA PHE P 36 7.23 -6.98 -42.65
C PHE P 36 7.76 -8.13 -43.49
N LYS P 37 8.35 -7.80 -44.62
CA LYS P 37 8.91 -8.82 -45.50
C LYS P 37 10.33 -9.15 -45.04
N MET P 38 10.52 -10.36 -44.53
CA MET P 38 11.83 -10.80 -44.05
C MET P 38 12.67 -11.32 -45.20
N SER P 39 12.01 -12.03 -46.10
CA SER P 39 12.67 -12.60 -47.27
C SER P 39 11.65 -12.73 -48.39
N GLU P 40 12.05 -13.34 -49.50
CA GLU P 40 11.15 -13.52 -50.63
C GLU P 40 9.88 -14.32 -50.33
N LYS P 41 9.97 -15.30 -49.44
CA LYS P 41 8.83 -16.13 -49.10
C LYS P 41 8.41 -16.08 -47.64
N ILE P 42 8.88 -15.09 -46.90
CA ILE P 42 8.53 -14.99 -45.48
C ILE P 42 7.95 -13.62 -45.09
N LEU P 43 6.82 -13.65 -44.42
CA LEU P 43 6.17 -12.43 -43.95
C LEU P 43 6.08 -12.46 -42.44
N LEU P 44 6.33 -11.33 -41.81
CA LEU P 44 6.23 -11.24 -40.37
C LEU P 44 5.17 -10.23 -39.96
N LEU P 45 4.06 -10.72 -39.40
CA LEU P 45 2.98 -9.84 -38.96
C LEU P 45 3.17 -9.56 -37.48
N CYS P 46 3.27 -8.29 -37.13
CA CYS P 46 3.54 -7.91 -35.74
C CYS P 46 2.66 -6.80 -35.17
N VAL P 47 2.16 -7.01 -33.97
CA VAL P 47 1.33 -6.03 -33.27
C VAL P 47 1.75 -5.95 -31.82
N GLY P 48 1.30 -4.92 -31.11
CA GLY P 48 1.64 -4.77 -29.72
C GLY P 48 2.08 -3.39 -29.30
N GLU P 49 2.78 -3.34 -28.17
CA GLU P 49 3.28 -2.09 -27.60
C GLU P 49 3.97 -1.18 -28.61
N ALA P 50 3.61 0.10 -28.56
CA ALA P 50 4.18 1.10 -29.45
C ALA P 50 5.70 1.14 -29.32
N GLY P 51 6.38 1.21 -30.46
CA GLY P 51 7.83 1.26 -30.48
C GLY P 51 8.44 -0.11 -30.60
N ASP P 52 8.04 -1.03 -29.73
CA ASP P 52 8.56 -2.40 -29.72
C ASP P 52 8.39 -3.17 -31.02
N THR P 53 7.18 -3.16 -31.58
CA THR P 53 6.91 -3.90 -32.81
C THR P 53 7.89 -3.60 -33.93
N VAL P 54 8.08 -2.32 -34.25
CA VAL P 54 8.99 -1.94 -35.32
C VAL P 54 10.44 -2.23 -34.97
N GLN P 55 10.85 -1.92 -33.75
CA GLN P 55 12.22 -2.19 -33.33
C GLN P 55 12.54 -3.68 -33.43
N PHE P 56 11.64 -4.52 -32.95
CA PHE P 56 11.83 -5.97 -32.99
C PHE P 56 11.80 -6.52 -34.40
N ALA P 57 10.75 -6.21 -35.14
CA ALA P 57 10.60 -6.69 -36.52
C ALA P 57 11.78 -6.32 -37.39
N GLU P 58 12.25 -5.08 -37.28
CA GLU P 58 13.38 -4.63 -38.07
C GLU P 58 14.65 -5.39 -37.69
N TYR P 59 14.80 -5.66 -36.41
CA TYR P 59 15.96 -6.40 -35.94
C TYR P 59 15.97 -7.80 -36.56
N ILE P 60 14.81 -8.45 -36.60
CA ILE P 60 14.72 -9.78 -37.19
C ILE P 60 14.99 -9.71 -38.68
N GLN P 61 14.34 -8.74 -39.34
CA GLN P 61 14.49 -8.52 -40.77
C GLN P 61 15.94 -8.38 -41.20
N LYS P 62 16.70 -7.59 -40.44
CA LYS P 62 18.09 -7.37 -40.75
C LYS P 62 18.94 -8.63 -40.59
N ASN P 63 18.57 -9.46 -39.63
CA ASN P 63 19.30 -10.70 -39.39
C ASN P 63 18.94 -11.78 -40.40
N VAL P 64 17.69 -11.79 -40.84
CA VAL P 64 17.25 -12.76 -41.83
C VAL P 64 17.93 -12.42 -43.16
N GLN P 65 18.04 -11.13 -43.45
CA GLN P 65 18.67 -10.66 -44.68
C GLN P 65 20.17 -10.92 -44.67
N LEU P 66 20.78 -10.77 -43.50
CA LEU P 66 22.22 -11.00 -43.35
C LEU P 66 22.56 -12.47 -43.58
N TYR P 67 21.68 -13.37 -43.17
CA TYR P 67 21.87 -14.80 -43.35
C TYR P 67 21.94 -15.12 -44.83
N LYS P 68 21.04 -14.52 -45.60
CA LYS P 68 21.00 -14.75 -47.03
C LYS P 68 22.25 -14.21 -47.73
N MET P 69 22.75 -13.06 -47.28
CA MET P 69 23.94 -12.46 -47.87
C MET P 69 25.18 -13.31 -47.63
N ARG P 70 25.30 -13.86 -46.42
CA ARG P 70 26.44 -14.69 -46.04
C ARG P 70 26.45 -16.10 -46.60
N ASN P 71 25.28 -16.66 -46.90
CA ASN P 71 25.24 -18.05 -47.36
C ASN P 71 24.79 -18.28 -48.80
N GLY P 72 24.06 -17.34 -49.37
CA GLY P 72 23.60 -17.49 -50.74
C GLY P 72 22.21 -18.07 -50.88
N TYR P 73 21.59 -18.43 -49.77
CA TYR P 73 20.24 -18.97 -49.78
C TYR P 73 19.48 -18.44 -48.56
N GLU P 74 18.17 -18.45 -48.64
CA GLU P 74 17.34 -17.92 -47.57
C GLU P 74 17.06 -18.92 -46.47
N LEU P 75 16.88 -18.39 -45.27
CA LEU P 75 16.54 -19.21 -44.12
C LEU P 75 15.11 -19.69 -44.36
N SER P 76 14.82 -20.92 -43.96
CA SER P 76 13.47 -21.44 -44.12
C SER P 76 12.51 -20.83 -43.10
N PRO P 77 11.20 -20.91 -43.37
CA PRO P 77 10.21 -20.37 -42.43
C PRO P 77 10.37 -20.95 -41.03
N THR P 78 10.56 -22.27 -40.94
CA THR P 78 10.75 -22.93 -39.65
C THR P 78 11.97 -22.39 -38.89
N ALA P 79 13.11 -22.30 -39.58
CA ALA P 79 14.32 -21.78 -38.95
C ALA P 79 14.13 -20.33 -38.55
N ALA P 80 13.46 -19.55 -39.39
CA ALA P 80 13.20 -18.16 -39.11
C ALA P 80 12.27 -18.01 -37.90
N ALA P 81 11.25 -18.84 -37.82
CA ALA P 81 10.32 -18.81 -36.70
C ALA P 81 11.06 -19.10 -35.39
N ASN P 82 11.92 -20.11 -35.40
CA ASN P 82 12.68 -20.47 -34.21
C ASN P 82 13.70 -19.41 -33.84
N PHE P 83 14.28 -18.76 -34.84
CA PHE P 83 15.24 -17.69 -34.60
C PHE P 83 14.52 -16.53 -33.91
N THR P 84 13.31 -16.23 -34.37
CA THR P 84 12.49 -15.17 -33.80
C THR P 84 12.12 -15.49 -32.35
N ARG P 85 11.71 -16.72 -32.09
CA ARG P 85 11.34 -17.13 -30.74
C ARG P 85 12.53 -17.06 -29.79
N ARG P 86 13.67 -17.58 -30.24
CA ARG P 86 14.90 -17.57 -29.45
C ARG P 86 15.19 -16.15 -28.99
N ASN P 87 15.19 -15.21 -29.93
CA ASN P 87 15.46 -13.82 -29.61
C ASN P 87 14.43 -13.21 -28.67
N LEU P 88 13.16 -13.47 -28.94
CA LEU P 88 12.09 -12.96 -28.09
C LEU P 88 12.19 -13.51 -26.67
N ALA P 89 12.51 -14.80 -26.54
CA ALA P 89 12.62 -15.44 -25.24
C ALA P 89 13.85 -14.98 -24.46
N ASP P 90 14.90 -14.60 -25.17
CA ASP P 90 16.13 -14.14 -24.53
C ASP P 90 15.92 -12.80 -23.84
N CYS P 91 15.04 -11.97 -24.38
CA CYS P 91 14.75 -10.66 -23.82
C CYS P 91 13.61 -10.71 -22.81
N LEU P 92 12.99 -11.88 -22.66
CA LEU P 92 11.87 -12.04 -21.74
C LEU P 92 12.21 -11.75 -20.27
N ARG P 93 13.35 -12.26 -19.81
CA ARG P 93 13.76 -12.05 -18.42
C ARG P 93 14.80 -10.95 -18.28
N SER P 94 15.02 -10.20 -19.35
CA SER P 94 16.00 -9.12 -19.34
C SER P 94 15.35 -7.81 -18.90
N ARG P 95 16.10 -6.72 -19.01
CA ARG P 95 15.60 -5.41 -18.62
C ARG P 95 14.73 -4.80 -19.71
N THR P 96 15.00 -5.16 -20.96
CA THR P 96 14.25 -4.63 -22.09
C THR P 96 13.55 -5.71 -22.90
N PRO P 97 12.43 -6.24 -22.39
CA PRO P 97 11.69 -7.27 -23.14
C PRO P 97 10.86 -6.62 -24.25
N TYR P 98 10.43 -7.42 -25.22
CA TYR P 98 9.65 -6.92 -26.33
C TYR P 98 8.21 -7.37 -26.20
N HIS P 99 7.30 -6.46 -25.89
CA HIS P 99 5.90 -6.85 -25.77
C HIS P 99 5.22 -6.87 -27.13
N VAL P 100 5.44 -7.95 -27.87
CA VAL P 100 4.87 -8.09 -29.20
C VAL P 100 4.21 -9.44 -29.42
N ASN P 101 3.20 -9.44 -30.28
CA ASN P 101 2.51 -10.67 -30.65
C ASN P 101 2.72 -10.80 -32.14
N LEU P 102 2.97 -12.00 -32.63
CA LEU P 102 3.23 -12.12 -34.04
C LEU P 102 2.77 -13.39 -34.72
N LEU P 103 2.80 -13.34 -36.04
CA LEU P 103 2.46 -14.46 -36.87
C LEU P 103 3.55 -14.51 -37.91
N LEU P 104 4.07 -15.70 -38.17
CA LEU P 104 5.10 -15.84 -39.20
C LEU P 104 4.56 -16.75 -40.27
N ALA P 105 4.40 -16.19 -41.46
CA ALA P 105 3.90 -16.95 -42.58
C ALA P 105 5.03 -17.08 -43.58
N GLY P 106 5.14 -18.24 -44.21
CA GLY P 106 6.19 -18.45 -45.18
C GLY P 106 5.95 -19.67 -46.02
N TYR P 107 6.75 -19.79 -47.08
CA TYR P 107 6.65 -20.92 -47.96
C TYR P 107 8.04 -21.52 -48.16
N ASP P 108 8.20 -22.77 -47.78
CA ASP P 108 9.49 -23.45 -47.91
C ASP P 108 9.47 -24.36 -49.13
N GLU P 109 10.58 -24.33 -49.87
CA GLU P 109 10.71 -25.14 -51.08
C GLU P 109 10.39 -26.62 -50.82
N HIS P 110 11.03 -27.20 -49.81
CA HIS P 110 10.81 -28.60 -49.48
C HIS P 110 9.61 -28.85 -48.58
N GLU P 111 9.42 -28.00 -47.57
CA GLU P 111 8.34 -28.17 -46.60
C GLU P 111 6.96 -27.61 -46.97
N GLY P 112 6.93 -26.60 -47.84
CA GLY P 112 5.66 -26.02 -48.23
C GLY P 112 5.25 -24.82 -47.37
N PRO P 113 3.95 -24.51 -47.36
CA PRO P 113 3.41 -23.38 -46.60
C PRO P 113 3.41 -23.59 -45.09
N ALA P 114 3.75 -22.56 -44.33
CA ALA P 114 3.79 -22.64 -42.89
C ALA P 114 3.24 -21.39 -42.21
N LEU P 115 2.54 -21.59 -41.11
CA LEU P 115 1.98 -20.50 -40.34
C LEU P 115 2.37 -20.69 -38.89
N TYR P 116 3.00 -19.68 -38.31
CA TYR P 116 3.45 -19.75 -36.93
C TYR P 116 2.82 -18.70 -36.06
N TYR P 117 2.43 -19.11 -34.86
CA TYR P 117 1.81 -18.23 -33.91
C TYR P 117 2.75 -18.05 -32.73
N MET P 118 2.96 -16.81 -32.31
CA MET P 118 3.85 -16.51 -31.19
C MET P 118 3.25 -15.44 -30.29
N ASP P 119 3.16 -15.73 -29.00
CA ASP P 119 2.65 -14.74 -28.06
C ASP P 119 3.82 -13.91 -27.51
N TYR P 120 3.55 -12.98 -26.62
CA TYR P 120 4.62 -12.13 -26.08
C TYR P 120 5.61 -12.82 -25.13
N LEU P 121 5.25 -13.99 -24.61
CA LEU P 121 6.13 -14.74 -23.72
C LEU P 121 7.07 -15.70 -24.46
N ALA P 122 6.99 -15.67 -25.79
CA ALA P 122 7.77 -16.47 -26.74
C ALA P 122 7.45 -17.97 -26.86
N ALA P 123 6.17 -18.31 -26.76
CA ALA P 123 5.75 -19.68 -26.94
C ALA P 123 5.46 -19.80 -28.43
N LEU P 124 6.05 -20.77 -29.10
CA LEU P 124 5.86 -20.93 -30.53
C LEU P 124 4.98 -22.12 -30.88
N ALA P 125 4.00 -21.90 -31.74
CA ALA P 125 3.09 -22.98 -32.14
C ALA P 125 2.72 -22.94 -33.61
N LYS P 126 2.86 -24.08 -34.29
CA LYS P 126 2.47 -24.20 -35.69
C LYS P 126 0.96 -24.40 -35.72
N ALA P 127 0.27 -23.77 -36.65
CA ALA P 127 -1.18 -23.90 -36.73
C ALA P 127 -1.75 -23.74 -38.12
N PRO P 128 -2.88 -24.41 -38.40
CA PRO P 128 -3.57 -24.32 -39.68
C PRO P 128 -4.13 -22.91 -39.91
N PHE P 129 -4.54 -22.26 -38.84
CA PHE P 129 -5.04 -20.89 -38.88
C PHE P 129 -4.86 -20.30 -37.50
N ALA P 130 -4.73 -18.98 -37.41
CA ALA P 130 -4.54 -18.30 -36.14
C ALA P 130 -4.90 -16.83 -36.25
N ALA P 131 -5.12 -16.18 -35.11
CA ALA P 131 -5.45 -14.77 -35.06
C ALA P 131 -4.89 -14.14 -33.79
N HIS P 132 -4.63 -12.84 -33.83
CA HIS P 132 -4.11 -12.12 -32.67
C HIS P 132 -4.99 -10.90 -32.40
N GLY P 133 -5.05 -10.50 -31.13
CA GLY P 133 -5.81 -9.34 -30.72
C GLY P 133 -7.19 -9.66 -30.17
N TYR P 134 -7.93 -8.62 -29.79
CA TYR P 134 -9.28 -8.77 -29.25
C TYR P 134 -10.25 -9.39 -30.25
N GLY P 135 -10.06 -9.09 -31.53
CA GLY P 135 -10.86 -9.64 -32.61
C GLY P 135 -10.80 -11.16 -32.76
N ALA P 136 -9.70 -11.76 -32.31
CA ALA P 136 -9.51 -13.20 -32.39
C ALA P 136 -10.59 -13.93 -31.59
N PHE P 137 -11.14 -13.26 -30.59
CA PHE P 137 -12.20 -13.83 -29.76
C PHE P 137 -13.51 -14.00 -30.53
N LEU P 138 -13.73 -13.14 -31.51
CA LEU P 138 -14.94 -13.18 -32.33
C LEU P 138 -14.78 -13.92 -33.65
N THR P 139 -13.55 -14.23 -34.05
CA THR P 139 -13.33 -14.87 -35.34
C THR P 139 -12.76 -16.28 -35.34
N LEU P 140 -12.11 -16.68 -34.24
CA LEU P 140 -11.52 -18.01 -34.16
C LEU P 140 -12.54 -19.13 -34.31
N SER P 141 -13.74 -18.94 -33.76
CA SER P 141 -14.77 -19.95 -33.86
C SER P 141 -15.31 -20.06 -35.29
N ILE P 142 -15.30 -18.94 -36.01
CA ILE P 142 -15.73 -18.92 -37.40
C ILE P 142 -14.78 -19.74 -38.25
N LEU P 143 -13.48 -19.64 -37.96
CA LEU P 143 -12.48 -20.41 -38.69
C LEU P 143 -12.63 -21.89 -38.35
N ASP P 144 -12.96 -22.17 -37.09
CA ASP P 144 -13.15 -23.53 -36.61
C ASP P 144 -14.34 -24.18 -37.32
N ARG P 145 -15.38 -23.40 -37.56
CA ARG P 145 -16.59 -23.87 -38.22
C ARG P 145 -16.48 -24.09 -39.73
N TYR P 146 -15.73 -23.25 -40.44
CA TYR P 146 -15.66 -23.39 -41.90
C TYR P 146 -14.36 -23.88 -42.51
N TYR P 147 -13.26 -23.81 -41.77
CA TYR P 147 -11.97 -24.23 -42.29
C TYR P 147 -11.77 -25.73 -42.50
N THR P 148 -11.26 -26.09 -43.67
CA THR P 148 -10.90 -27.46 -43.98
C THR P 148 -9.44 -27.42 -44.45
N PRO P 149 -8.70 -28.51 -44.26
CA PRO P 149 -7.29 -28.53 -44.68
C PRO P 149 -7.05 -28.37 -46.19
N THR P 150 -8.01 -28.76 -47.03
CA THR P 150 -7.85 -28.64 -48.48
C THR P 150 -8.56 -27.42 -49.06
N ILE P 151 -8.84 -26.43 -48.23
CA ILE P 151 -9.50 -25.22 -48.70
C ILE P 151 -8.68 -24.51 -49.77
N SER P 152 -9.34 -24.12 -50.86
CA SER P 152 -8.66 -23.41 -51.95
C SER P 152 -8.46 -21.95 -51.59
N ARG P 153 -7.60 -21.25 -52.34
CA ARG P 153 -7.34 -19.85 -52.04
C ARG P 153 -8.54 -18.93 -52.27
N GLU P 154 -9.43 -19.31 -53.20
CA GLU P 154 -10.63 -18.51 -53.46
C GLU P 154 -11.59 -18.63 -52.28
N ARG P 155 -11.70 -19.84 -51.74
CA ARG P 155 -12.57 -20.10 -50.60
C ARG P 155 -11.95 -19.50 -49.34
N ALA P 156 -10.63 -19.46 -49.29
CA ALA P 156 -9.92 -18.90 -48.15
C ALA P 156 -10.17 -17.40 -48.06
N VAL P 157 -10.19 -16.73 -49.21
CA VAL P 157 -10.43 -15.31 -49.25
C VAL P 157 -11.86 -15.01 -48.81
N GLU P 158 -12.79 -15.89 -49.18
CA GLU P 158 -14.18 -15.73 -48.77
C GLU P 158 -14.31 -15.99 -47.28
N LEU P 159 -13.51 -16.93 -46.77
CA LEU P 159 -13.52 -17.26 -45.36
C LEU P 159 -12.96 -16.08 -44.56
N LEU P 160 -11.94 -15.42 -45.10
CA LEU P 160 -11.34 -14.27 -44.45
C LEU P 160 -12.36 -13.12 -44.43
N ARG P 161 -13.10 -12.97 -45.52
CA ARG P 161 -14.12 -11.93 -45.61
C ARG P 161 -15.18 -12.14 -44.53
N LYS P 162 -15.55 -13.39 -44.30
CA LYS P 162 -16.53 -13.73 -43.28
C LYS P 162 -16.05 -13.25 -41.91
N CYS P 163 -14.78 -13.50 -41.61
CA CYS P 163 -14.19 -13.09 -40.35
C CYS P 163 -14.19 -11.58 -40.19
N LEU P 164 -13.76 -10.87 -41.23
CA LEU P 164 -13.69 -9.42 -41.22
C LEU P 164 -15.07 -8.78 -41.13
N GLU P 165 -16.08 -9.41 -41.72
CA GLU P 165 -17.44 -8.92 -41.67
C GLU P 165 -17.97 -9.00 -40.24
N GLU P 166 -17.58 -10.07 -39.54
CA GLU P 166 -17.97 -10.27 -38.15
C GLU P 166 -17.43 -9.15 -37.29
N LEU P 167 -16.18 -8.73 -37.55
CA LEU P 167 -15.57 -7.63 -36.83
C LEU P 167 -16.37 -6.34 -37.05
N GLN P 168 -16.83 -6.11 -38.27
CA GLN P 168 -17.61 -4.92 -38.58
C GLN P 168 -18.90 -4.84 -37.78
N LYS P 169 -19.55 -5.99 -37.59
CA LYS P 169 -20.80 -6.04 -36.87
C LYS P 169 -20.71 -6.22 -35.35
N ARG P 170 -19.75 -7.00 -34.87
CA ARG P 170 -19.64 -7.27 -33.44
C ARG P 170 -18.61 -6.50 -32.63
N PHE P 171 -17.43 -6.28 -33.19
CA PHE P 171 -16.34 -5.59 -32.51
C PHE P 171 -16.63 -4.11 -32.26
N ILE P 172 -16.21 -3.60 -31.11
CA ILE P 172 -16.43 -2.21 -30.74
C ILE P 172 -15.45 -1.25 -31.41
N LEU P 173 -14.31 -1.76 -31.85
CA LEU P 173 -13.32 -0.89 -32.47
C LEU P 173 -13.59 -0.67 -33.95
N ASN P 174 -13.16 0.48 -34.44
CA ASN P 174 -13.35 0.84 -35.83
C ASN P 174 -12.16 0.39 -36.68
N LEU P 175 -12.35 -0.69 -37.42
CA LEU P 175 -11.31 -1.23 -38.30
C LEU P 175 -11.94 -1.39 -39.67
N PRO P 176 -11.92 -0.34 -40.48
CA PRO P 176 -12.56 -0.34 -41.80
C PRO P 176 -11.79 -0.98 -42.96
N THR P 177 -10.47 -1.09 -42.87
CA THR P 177 -9.72 -1.65 -43.99
C THR P 177 -8.62 -2.64 -43.56
N PHE P 178 -8.40 -3.66 -44.38
CA PHE P 178 -7.39 -4.67 -44.07
C PHE P 178 -6.42 -4.94 -45.20
N SER P 179 -5.17 -5.20 -44.84
CA SER P 179 -4.15 -5.56 -45.82
C SER P 179 -4.28 -7.06 -46.03
N VAL P 180 -4.26 -7.49 -47.28
CA VAL P 180 -4.38 -8.91 -47.57
C VAL P 180 -3.23 -9.36 -48.47
N ARG P 181 -2.50 -10.36 -48.00
CA ARG P 181 -1.37 -10.88 -48.76
C ARG P 181 -1.39 -12.40 -48.79
N ILE P 182 -0.81 -12.96 -49.85
CA ILE P 182 -0.74 -14.41 -49.98
C ILE P 182 0.69 -14.82 -50.32
N ILE P 183 1.14 -15.90 -49.70
CA ILE P 183 2.48 -16.41 -49.96
C ILE P 183 2.39 -17.82 -50.51
N ASP P 184 3.04 -18.07 -51.62
CA ASP P 184 3.05 -19.40 -52.23
C ASP P 184 4.41 -19.64 -52.86
N LYS P 185 4.48 -20.59 -53.79
CA LYS P 185 5.75 -20.92 -54.45
C LYS P 185 6.33 -19.80 -55.34
N ASN P 186 5.50 -18.88 -55.81
CA ASN P 186 5.96 -17.78 -56.63
C ASN P 186 6.29 -16.54 -55.79
N GLY P 187 6.26 -16.67 -54.48
CA GLY P 187 6.57 -15.56 -53.60
C GLY P 187 5.39 -14.89 -52.90
N ILE P 188 5.61 -13.63 -52.52
CA ILE P 188 4.60 -12.84 -51.83
C ILE P 188 3.78 -12.00 -52.80
N HIS P 189 2.47 -12.18 -52.78
CA HIS P 189 1.58 -11.43 -53.66
C HIS P 189 0.63 -10.54 -52.88
N ASP P 190 0.44 -9.32 -53.36
CA ASP P 190 -0.47 -8.39 -52.72
C ASP P 190 -1.85 -8.53 -53.31
N LEU P 191 -2.83 -8.86 -52.48
CA LEU P 191 -4.20 -8.95 -52.94
C LEU P 191 -4.87 -7.60 -52.71
N ASP P 192 -6.09 -7.45 -53.18
CA ASP P 192 -6.81 -6.21 -52.99
C ASP P 192 -7.17 -6.04 -51.51
N ASN P 193 -7.20 -4.79 -51.07
CA ASN P 193 -7.55 -4.50 -49.69
C ASN P 193 -9.02 -4.84 -49.48
N ILE P 194 -9.34 -5.35 -48.30
CA ILE P 194 -10.72 -5.64 -47.98
C ILE P 194 -11.21 -4.47 -47.14
N SER P 195 -12.05 -3.63 -47.72
CA SER P 195 -12.54 -2.46 -47.01
C SER P 195 -14.05 -2.46 -46.79
N PHE P 196 -14.48 -1.73 -45.77
CA PHE P 196 -15.89 -1.65 -45.43
C PHE P 196 -16.35 -0.21 -45.31
N SER Q 2 -1.46 -17.78 -11.14
CA SER Q 2 -0.12 -18.34 -11.07
C SER Q 2 0.49 -18.46 -12.47
N ILE Q 3 1.82 -18.46 -12.52
CA ILE Q 3 2.53 -18.56 -13.80
C ILE Q 3 2.49 -19.98 -14.33
N MET Q 4 2.33 -20.95 -13.44
CA MET Q 4 2.30 -22.36 -13.81
C MET Q 4 0.97 -22.85 -14.37
N SER Q 5 -0.05 -21.99 -14.35
CA SER Q 5 -1.36 -22.36 -14.86
C SER Q 5 -1.76 -21.47 -16.04
N TYR Q 6 -0.82 -20.63 -16.47
CA TYR Q 6 -1.04 -19.72 -17.58
C TYR Q 6 -1.28 -20.45 -18.89
N ASN Q 7 -0.60 -21.57 -19.08
CA ASN Q 7 -0.77 -22.35 -20.31
C ASN Q 7 -1.41 -23.71 -20.07
N GLY Q 8 -1.47 -24.12 -18.81
CA GLY Q 8 -2.06 -25.40 -18.44
C GLY Q 8 -1.13 -26.55 -18.78
N GLY Q 9 -1.68 -27.77 -18.79
CA GLY Q 9 -0.89 -28.94 -19.11
C GLY Q 9 -0.69 -29.94 -17.98
N ALA Q 10 -0.54 -31.21 -18.34
CA ALA Q 10 -0.34 -32.27 -17.36
C ALA Q 10 0.52 -33.39 -17.96
N VAL Q 11 1.45 -33.90 -17.16
CA VAL Q 11 2.35 -34.98 -17.58
C VAL Q 11 2.44 -36.03 -16.47
N MET Q 12 2.49 -37.30 -16.84
CA MET Q 12 2.64 -38.35 -15.83
C MET Q 12 3.47 -39.53 -16.35
N ALA Q 13 4.25 -40.12 -15.46
CA ALA Q 13 5.08 -41.27 -15.81
C ALA Q 13 4.71 -42.42 -14.90
N MET Q 14 4.67 -43.62 -15.45
CA MET Q 14 4.32 -44.80 -14.69
C MET Q 14 5.30 -45.93 -14.94
N LYS Q 15 5.66 -46.64 -13.88
CA LYS Q 15 6.59 -47.76 -13.99
C LYS Q 15 5.82 -49.07 -14.07
N GLY Q 16 6.24 -49.95 -14.97
CA GLY Q 16 5.63 -51.25 -15.12
C GLY Q 16 6.67 -52.33 -14.92
N LYS Q 17 6.38 -53.54 -15.38
CA LYS Q 17 7.33 -54.64 -15.27
C LYS Q 17 8.18 -54.63 -16.53
N ASN Q 18 9.45 -54.22 -16.36
CA ASN Q 18 10.43 -54.09 -17.45
C ASN Q 18 10.01 -53.10 -18.55
N CYS Q 19 9.27 -52.07 -18.18
CA CYS Q 19 8.79 -51.07 -19.12
C CYS Q 19 8.36 -49.80 -18.40
N VAL Q 20 8.27 -48.70 -19.14
CA VAL Q 20 7.84 -47.42 -18.58
C VAL Q 20 6.86 -46.76 -19.51
N ALA Q 21 6.01 -45.92 -18.96
CA ALA Q 21 5.03 -45.20 -19.75
C ALA Q 21 5.06 -43.71 -19.40
N ILE Q 22 4.93 -42.87 -20.41
CA ILE Q 22 4.89 -41.43 -20.19
C ILE Q 22 3.76 -40.86 -21.05
N ALA Q 23 2.95 -40.00 -20.47
CA ALA Q 23 1.83 -39.42 -21.17
C ALA Q 23 1.66 -37.94 -20.88
N ALA Q 24 0.97 -37.23 -21.75
CA ALA Q 24 0.74 -35.81 -21.57
C ALA Q 24 -0.47 -35.34 -22.36
N ASP Q 25 -1.00 -34.19 -21.99
CA ASP Q 25 -2.12 -33.59 -22.71
C ASP Q 25 -1.51 -32.85 -23.92
N ARG Q 26 -2.34 -32.54 -24.91
CA ARG Q 26 -1.85 -31.89 -26.12
C ARG Q 26 -2.28 -30.44 -26.30
N ARG Q 27 -2.98 -29.91 -25.31
CA ARG Q 27 -3.49 -28.54 -25.42
C ARG Q 27 -2.48 -27.42 -25.22
N PHE Q 28 -2.47 -26.47 -26.13
CA PHE Q 28 -1.66 -25.28 -25.96
C PHE Q 28 -2.66 -24.13 -25.93
N GLY Q 29 -2.75 -23.45 -24.80
CA GLY Q 29 -3.67 -22.35 -24.68
C GLY Q 29 -3.15 -21.21 -23.82
N ILE Q 30 -3.66 -20.02 -24.07
CA ILE Q 30 -3.29 -18.84 -23.29
C ILE Q 30 -4.49 -18.52 -22.42
N GLN Q 31 -4.35 -18.77 -21.13
CA GLN Q 31 -5.40 -18.60 -20.13
C GLN Q 31 -6.63 -19.44 -20.46
N ALA Q 32 -7.76 -18.79 -20.73
CA ALA Q 32 -8.99 -19.52 -21.05
C ALA Q 32 -9.10 -19.92 -22.52
N GLN Q 33 -8.39 -19.22 -23.39
CA GLN Q 33 -8.45 -19.49 -24.82
C GLN Q 33 -7.49 -20.58 -25.31
N MET Q 34 -8.02 -21.55 -26.03
CA MET Q 34 -7.21 -22.62 -26.59
C MET Q 34 -6.66 -22.15 -27.94
N VAL Q 35 -5.38 -22.36 -28.17
CA VAL Q 35 -4.75 -21.95 -29.43
C VAL Q 35 -4.56 -23.12 -30.39
N THR Q 36 -3.93 -24.19 -29.91
CA THR Q 36 -3.73 -25.39 -30.72
C THR Q 36 -4.02 -26.63 -29.88
N THR Q 37 -4.16 -27.77 -30.54
CA THR Q 37 -4.44 -29.01 -29.83
C THR Q 37 -3.40 -30.10 -30.11
N ASP Q 38 -2.20 -29.69 -30.50
CA ASP Q 38 -1.14 -30.64 -30.78
C ASP Q 38 0.24 -30.16 -30.31
N PHE Q 39 0.27 -29.48 -29.18
CA PHE Q 39 1.49 -28.96 -28.59
C PHE Q 39 2.33 -30.11 -28.01
N GLN Q 40 3.63 -30.10 -28.30
CA GLN Q 40 4.53 -31.15 -27.82
C GLN Q 40 5.06 -30.87 -26.42
N LYS Q 41 4.90 -31.85 -25.54
CA LYS Q 41 5.37 -31.72 -24.16
C LYS Q 41 6.35 -32.82 -23.77
N ILE Q 42 6.38 -33.89 -24.56
CA ILE Q 42 7.27 -35.01 -24.31
C ILE Q 42 8.35 -35.09 -25.37
N PHE Q 43 9.60 -34.91 -24.97
CA PHE Q 43 10.71 -34.94 -25.92
C PHE Q 43 11.63 -36.14 -25.72
N PRO Q 44 12.05 -36.76 -26.83
CA PRO Q 44 12.98 -37.89 -26.73
C PRO Q 44 14.37 -37.41 -26.35
N MET Q 45 15.01 -38.12 -25.44
CA MET Q 45 16.34 -37.78 -24.97
C MET Q 45 17.22 -39.02 -25.02
N GLY Q 46 16.95 -39.88 -26.00
CA GLY Q 46 17.68 -41.12 -26.17
C GLY Q 46 16.75 -42.18 -26.73
N ASP Q 47 17.28 -43.36 -26.99
CA ASP Q 47 16.50 -44.46 -27.54
C ASP Q 47 15.35 -44.87 -26.63
N ARG Q 48 15.64 -45.00 -25.34
CA ARG Q 48 14.64 -45.41 -24.37
C ARG Q 48 14.62 -44.44 -23.20
N LEU Q 49 14.62 -43.15 -23.51
CA LEU Q 49 14.63 -42.12 -22.49
C LEU Q 49 13.87 -40.88 -22.94
N TYR Q 50 12.77 -40.57 -22.25
CA TYR Q 50 11.95 -39.42 -22.60
C TYR Q 50 11.78 -38.45 -21.45
N ILE Q 51 11.55 -37.19 -21.78
CA ILE Q 51 11.33 -36.18 -20.77
C ILE Q 51 10.02 -35.45 -21.06
N GLY Q 52 9.21 -35.28 -20.03
CA GLY Q 52 7.94 -34.60 -20.17
C GLY Q 52 8.01 -33.29 -19.42
N LEU Q 53 7.56 -32.22 -20.05
CA LEU Q 53 7.61 -30.91 -19.41
C LEU Q 53 6.24 -30.26 -19.33
N ALA Q 54 5.86 -29.82 -18.14
CA ALA Q 54 4.60 -29.14 -17.93
C ALA Q 54 4.88 -27.78 -17.32
N GLY Q 55 4.00 -26.82 -17.57
CA GLY Q 55 4.20 -25.49 -17.03
C GLY Q 55 4.16 -24.46 -18.15
N LEU Q 56 4.80 -23.32 -17.91
CA LEU Q 56 4.83 -22.25 -18.90
C LEU Q 56 5.35 -22.73 -20.25
N ALA Q 57 4.53 -22.60 -21.28
CA ALA Q 57 4.88 -23.06 -22.61
C ALA Q 57 6.24 -22.56 -23.12
N THR Q 58 6.53 -21.27 -22.93
CA THR Q 58 7.79 -20.72 -23.37
C THR Q 58 9.00 -21.40 -22.70
N ASP Q 59 8.87 -21.69 -21.41
CA ASP Q 59 9.96 -22.32 -20.68
C ASP Q 59 10.05 -23.81 -21.01
N VAL Q 60 8.92 -24.40 -21.40
CA VAL Q 60 8.89 -25.80 -21.78
C VAL Q 60 9.76 -25.97 -23.02
N GLN Q 61 9.64 -25.06 -23.97
CA GLN Q 61 10.42 -25.12 -25.21
C GLN Q 61 11.89 -24.75 -24.97
N THR Q 62 12.12 -23.75 -24.13
CA THR Q 62 13.47 -23.33 -23.83
C THR Q 62 14.23 -24.39 -23.05
N VAL Q 63 13.62 -24.98 -22.04
CA VAL Q 63 14.29 -26.02 -21.26
C VAL Q 63 14.61 -27.23 -22.12
N ALA Q 64 13.65 -27.65 -22.95
CA ALA Q 64 13.86 -28.79 -23.83
C ALA Q 64 14.99 -28.55 -24.81
N GLN Q 65 15.07 -27.33 -25.34
CA GLN Q 65 16.11 -26.98 -26.30
C GLN Q 65 17.51 -26.88 -25.66
N ARG Q 66 17.60 -26.28 -24.48
CA ARG Q 66 18.88 -26.16 -23.80
C ARG Q 66 19.36 -27.53 -23.33
N LEU Q 67 18.43 -28.40 -22.95
CA LEU Q 67 18.76 -29.74 -22.49
C LEU Q 67 19.25 -30.58 -23.66
N LYS Q 68 18.66 -30.38 -24.82
CA LYS Q 68 19.05 -31.10 -26.03
C LYS Q 68 20.48 -30.70 -26.40
N PHE Q 69 20.76 -29.40 -26.27
CA PHE Q 69 22.05 -28.83 -26.53
C PHE Q 69 23.10 -29.51 -25.64
N ARG Q 70 22.81 -29.60 -24.35
CA ARG Q 70 23.71 -30.21 -23.38
C ARG Q 70 23.88 -31.71 -23.57
N LEU Q 71 22.77 -32.41 -23.82
CA LEU Q 71 22.82 -33.85 -24.02
C LEU Q 71 23.60 -34.24 -25.27
N ASN Q 72 23.43 -33.48 -26.35
CA ASN Q 72 24.12 -33.75 -27.59
C ASN Q 72 25.64 -33.64 -27.40
N LEU Q 73 26.09 -32.59 -26.73
CA LEU Q 73 27.49 -32.39 -26.48
C LEU Q 73 28.05 -33.49 -25.60
N TYR Q 74 27.25 -33.94 -24.64
CA TYR Q 74 27.61 -35.01 -23.75
C TYR Q 74 27.83 -36.31 -24.51
N GLU Q 75 26.89 -36.65 -25.39
CA GLU Q 75 26.98 -37.88 -26.18
C GLU Q 75 28.18 -37.91 -27.11
N LEU Q 76 28.58 -36.77 -27.64
CA LEU Q 76 29.72 -36.70 -28.54
C LEU Q 76 31.02 -36.87 -27.77
N LYS Q 77 31.13 -36.16 -26.66
CA LYS Q 77 32.31 -36.21 -25.80
C LYS Q 77 32.50 -37.56 -25.13
N GLU Q 78 31.44 -38.07 -24.50
CA GLU Q 78 31.50 -39.35 -23.79
C GLU Q 78 31.39 -40.57 -24.70
N GLY Q 79 30.88 -40.37 -25.91
CA GLY Q 79 30.73 -41.46 -26.86
C GLY Q 79 29.76 -42.54 -26.43
N ARG Q 80 28.74 -42.18 -25.66
CA ARG Q 80 27.76 -43.14 -25.18
C ARG Q 80 26.41 -42.47 -24.91
N GLN Q 81 25.39 -43.29 -24.71
CA GLN Q 81 24.05 -42.78 -24.42
C GLN Q 81 23.95 -42.50 -22.92
N ILE Q 82 23.37 -41.37 -22.56
CA ILE Q 82 23.23 -41.01 -21.16
C ILE Q 82 22.32 -41.96 -20.37
N LYS Q 83 22.66 -42.17 -19.11
CA LYS Q 83 21.87 -43.00 -18.22
C LYS Q 83 20.72 -42.15 -17.71
N PRO Q 84 19.56 -42.79 -17.45
CA PRO Q 84 18.38 -42.09 -16.94
C PRO Q 84 18.69 -41.24 -15.71
N TYR Q 85 19.41 -41.80 -14.76
CA TYR Q 85 19.76 -41.10 -13.54
C TYR Q 85 20.71 -39.92 -13.78
N THR Q 86 21.62 -40.08 -14.74
CA THR Q 86 22.55 -39.01 -15.07
C THR Q 86 21.83 -37.84 -15.70
N LEU Q 87 20.81 -38.13 -16.50
CA LEU Q 87 20.00 -37.10 -17.13
C LEU Q 87 19.25 -36.30 -16.08
N MET Q 88 18.76 -36.99 -15.05
CA MET Q 88 18.06 -36.33 -13.96
C MET Q 88 18.96 -35.31 -13.29
N SER Q 89 20.22 -35.69 -13.04
CA SER Q 89 21.17 -34.78 -12.43
C SER Q 89 21.49 -33.62 -13.36
N MET Q 90 21.61 -33.91 -14.65
CA MET Q 90 21.91 -32.89 -15.66
C MET Q 90 20.78 -31.86 -15.68
N VAL Q 91 19.54 -32.33 -15.62
CA VAL Q 91 18.37 -31.47 -15.61
C VAL Q 91 18.28 -30.65 -14.34
N ALA Q 92 18.59 -31.28 -13.20
CA ALA Q 92 18.54 -30.58 -11.93
C ALA Q 92 19.56 -29.45 -11.90
N ASN Q 93 20.74 -29.73 -12.43
CA ASN Q 93 21.81 -28.75 -12.49
C ASN Q 93 21.39 -27.56 -13.35
N LEU Q 94 20.74 -27.85 -14.48
CA LEU Q 94 20.27 -26.83 -15.39
C LEU Q 94 19.20 -25.93 -14.75
N LEU Q 95 18.30 -26.53 -13.99
CA LEU Q 95 17.22 -25.78 -13.34
C LEU Q 95 17.72 -25.02 -12.11
N TYR Q 96 18.73 -25.55 -11.42
CA TYR Q 96 19.26 -24.90 -10.23
C TYR Q 96 20.09 -23.64 -10.52
N GLU Q 97 20.62 -23.56 -11.73
CA GLU Q 97 21.44 -22.45 -12.17
C GLU Q 97 20.61 -21.18 -12.17
N LYS Q 98 19.30 -21.36 -12.36
CA LYS Q 98 18.38 -20.26 -12.36
C LYS Q 98 17.63 -20.25 -11.04
N ARG Q 99 18.34 -20.47 -9.95
CA ARG Q 99 17.73 -20.48 -8.61
C ARG Q 99 16.90 -19.23 -8.34
N PHE Q 100 17.44 -18.06 -8.66
CA PHE Q 100 16.72 -16.79 -8.47
C PHE Q 100 16.34 -16.19 -9.83
N GLY Q 101 15.29 -16.76 -10.43
CA GLY Q 101 14.79 -16.35 -11.73
C GLY Q 101 14.61 -17.63 -12.52
N PRO Q 102 13.84 -18.56 -11.95
CA PRO Q 102 13.57 -19.92 -12.45
C PRO Q 102 12.73 -20.10 -13.70
N TYR Q 103 12.96 -21.24 -14.34
CA TYR Q 103 12.21 -21.64 -15.50
C TYR Q 103 10.93 -22.20 -14.89
N TYR Q 104 9.79 -21.79 -15.40
CA TYR Q 104 8.53 -22.28 -14.84
C TYR Q 104 8.08 -23.58 -15.45
N THR Q 105 8.77 -24.65 -15.08
CA THR Q 105 8.44 -25.97 -15.59
C THR Q 105 8.88 -27.08 -14.64
N GLU Q 106 8.08 -28.13 -14.56
CA GLU Q 106 8.38 -29.26 -13.69
C GLU Q 106 8.52 -30.51 -14.55
N PRO Q 107 9.77 -30.87 -14.88
CA PRO Q 107 10.07 -32.02 -15.74
C PRO Q 107 9.81 -33.40 -15.12
N VAL Q 108 9.47 -34.34 -15.98
CA VAL Q 108 9.21 -35.72 -15.59
C VAL Q 108 10.03 -36.60 -16.53
N ILE Q 109 10.88 -37.44 -15.96
CA ILE Q 109 11.75 -38.31 -16.75
C ILE Q 109 11.28 -39.77 -16.69
N ALA Q 110 11.29 -40.45 -17.82
CA ALA Q 110 10.88 -41.84 -17.86
C ALA Q 110 11.75 -42.58 -18.87
N GLY Q 111 12.29 -43.72 -18.48
CA GLY Q 111 13.13 -44.48 -19.39
C GLY Q 111 13.68 -45.76 -18.82
N LEU Q 112 14.47 -46.46 -19.64
CA LEU Q 112 15.11 -47.70 -19.22
C LEU Q 112 16.61 -47.51 -19.36
N ASP Q 113 17.37 -48.01 -18.40
CA ASP Q 113 18.82 -47.88 -18.47
C ASP Q 113 19.36 -48.51 -19.74
N PRO Q 114 20.32 -47.84 -20.39
CA PRO Q 114 20.92 -48.30 -21.66
C PRO Q 114 21.58 -49.68 -21.67
N LYS Q 115 21.97 -50.25 -20.53
CA LYS Q 115 22.60 -51.56 -20.51
C LYS Q 115 21.81 -52.66 -19.80
N THR Q 116 21.07 -52.30 -18.74
CA THR Q 116 20.30 -53.28 -17.99
C THR Q 116 18.78 -53.21 -18.22
N PHE Q 117 18.33 -52.16 -18.90
CA PHE Q 117 16.92 -51.93 -19.21
C PHE Q 117 15.97 -51.87 -18.00
N LYS Q 118 16.49 -51.35 -16.89
CA LYS Q 118 15.72 -51.23 -15.67
C LYS Q 118 14.89 -49.96 -15.76
N PRO Q 119 13.59 -50.05 -15.48
CA PRO Q 119 12.71 -48.88 -15.56
C PRO Q 119 13.12 -47.79 -14.57
N PHE Q 120 13.04 -46.55 -15.01
CA PHE Q 120 13.39 -45.43 -14.14
C PHE Q 120 12.43 -44.28 -14.38
N ILE Q 121 11.96 -43.67 -13.30
CA ILE Q 121 11.09 -42.52 -13.39
C ILE Q 121 11.45 -41.60 -12.25
N CYS Q 122 11.25 -40.31 -12.46
CA CYS Q 122 11.51 -39.30 -11.45
C CYS Q 122 10.82 -38.03 -11.85
N SER Q 123 10.70 -37.10 -10.91
CA SER Q 123 10.09 -35.82 -11.19
C SER Q 123 10.89 -34.76 -10.43
N LEU Q 124 11.05 -33.61 -11.05
CA LEU Q 124 11.78 -32.52 -10.43
C LEU Q 124 10.85 -31.33 -10.31
N ASP Q 125 11.17 -30.41 -9.42
CA ASP Q 125 10.37 -29.20 -9.29
C ASP Q 125 11.01 -28.10 -10.14
N LEU Q 126 10.54 -26.86 -9.98
CA LEU Q 126 11.10 -25.77 -10.77
C LEU Q 126 12.51 -25.36 -10.34
N ILE Q 127 12.86 -25.66 -9.08
CA ILE Q 127 14.18 -25.32 -8.56
C ILE Q 127 15.20 -26.40 -8.89
N GLY Q 128 14.73 -27.63 -9.03
CA GLY Q 128 15.61 -28.74 -9.36
C GLY Q 128 15.81 -29.78 -8.26
N CYS Q 129 14.74 -30.11 -7.55
CA CYS Q 129 14.82 -31.13 -6.51
C CYS Q 129 14.18 -32.39 -7.06
N PRO Q 130 14.93 -33.50 -7.07
CA PRO Q 130 14.46 -34.79 -7.62
C PRO Q 130 13.60 -35.62 -6.69
N MET Q 131 12.70 -36.40 -7.29
CA MET Q 131 11.79 -37.28 -6.57
C MET Q 131 11.72 -38.60 -7.31
N VAL Q 132 12.67 -39.48 -7.04
CA VAL Q 132 12.71 -40.79 -7.69
C VAL Q 132 11.73 -41.72 -6.99
N THR Q 133 10.77 -42.26 -7.74
CA THR Q 133 9.79 -43.15 -7.12
C THR Q 133 9.77 -44.52 -7.79
N ASP Q 134 9.02 -45.43 -7.19
CA ASP Q 134 8.90 -46.78 -7.73
C ASP Q 134 7.58 -47.03 -8.43
N ASP Q 135 6.65 -46.09 -8.31
CA ASP Q 135 5.34 -46.28 -8.93
C ASP Q 135 5.02 -45.30 -10.06
N PHE Q 136 4.79 -44.04 -9.72
CA PHE Q 136 4.43 -43.03 -10.70
C PHE Q 136 4.84 -41.64 -10.27
N VAL Q 137 4.79 -40.71 -11.20
CA VAL Q 137 5.11 -39.31 -10.95
C VAL Q 137 4.17 -38.48 -11.81
N VAL Q 138 3.69 -37.37 -11.27
CA VAL Q 138 2.80 -36.49 -12.02
C VAL Q 138 3.27 -35.06 -11.95
N SER Q 139 2.81 -34.25 -12.89
CA SER Q 139 3.17 -32.84 -12.93
C SER Q 139 2.16 -32.07 -13.74
N GLY Q 140 1.81 -30.87 -13.29
CA GLY Q 140 0.87 -30.06 -14.03
C GLY Q 140 -0.22 -29.40 -13.20
N THR Q 141 -1.16 -28.77 -13.87
CA THR Q 141 -2.26 -28.07 -13.22
C THR Q 141 -3.27 -28.99 -12.52
N CYS Q 142 -3.34 -30.24 -12.93
CA CYS Q 142 -4.25 -31.18 -12.32
C CYS Q 142 -3.51 -32.32 -11.61
N SER Q 143 -2.46 -31.96 -10.86
CA SER Q 143 -1.68 -32.96 -10.13
C SER Q 143 -2.49 -33.67 -9.05
N GLU Q 144 -3.36 -32.93 -8.36
CA GLU Q 144 -4.18 -33.52 -7.31
C GLU Q 144 -5.09 -34.61 -7.87
N GLN Q 145 -5.66 -34.35 -9.04
CA GLN Q 145 -6.53 -35.32 -9.70
C GLN Q 145 -5.73 -36.51 -10.17
N MET Q 146 -4.51 -36.26 -10.64
CA MET Q 146 -3.64 -37.32 -11.12
C MET Q 146 -3.20 -38.23 -9.98
N TYR Q 147 -2.86 -37.64 -8.83
CA TYR Q 147 -2.45 -38.41 -7.67
C TYR Q 147 -3.57 -39.36 -7.28
N GLY Q 148 -4.80 -38.84 -7.26
CA GLY Q 148 -5.95 -39.65 -6.92
C GLY Q 148 -6.08 -40.85 -7.83
N MET Q 149 -6.06 -40.61 -9.13
CA MET Q 149 -6.17 -41.69 -10.12
C MET Q 149 -5.03 -42.70 -10.01
N CYS Q 150 -3.80 -42.22 -9.88
CA CYS Q 150 -2.64 -43.10 -9.79
C CYS Q 150 -2.57 -43.93 -8.52
N GLU Q 151 -2.85 -43.30 -7.38
CA GLU Q 151 -2.81 -43.97 -6.08
C GLU Q 151 -3.76 -45.17 -5.98
N SER Q 152 -4.93 -45.07 -6.60
CA SER Q 152 -5.89 -46.16 -6.55
C SER Q 152 -5.83 -47.14 -7.72
N LEU Q 153 -5.23 -46.75 -8.83
CA LEU Q 153 -5.17 -47.64 -10.00
C LEU Q 153 -3.85 -48.38 -10.22
N TRP Q 154 -2.73 -47.77 -9.83
CA TRP Q 154 -1.43 -48.38 -10.05
C TRP Q 154 -1.19 -49.69 -9.30
N GLU Q 155 -0.63 -50.66 -10.00
CA GLU Q 155 -0.29 -51.95 -9.43
C GLU Q 155 1.14 -52.28 -9.81
N PRO Q 156 1.84 -53.02 -8.94
CA PRO Q 156 3.22 -53.42 -9.25
C PRO Q 156 3.28 -54.49 -10.32
N ASN Q 157 4.43 -54.59 -10.99
CA ASN Q 157 4.68 -55.58 -12.02
C ASN Q 157 3.62 -55.68 -13.13
N MET Q 158 3.26 -54.54 -13.72
CA MET Q 158 2.28 -54.56 -14.79
C MET Q 158 3.00 -54.78 -16.11
N ASP Q 159 2.38 -55.55 -17.00
CA ASP Q 159 2.98 -55.77 -18.31
C ASP Q 159 2.57 -54.60 -19.22
N PRO Q 160 3.25 -54.45 -20.37
CA PRO Q 160 3.00 -53.34 -21.29
C PRO Q 160 1.52 -53.05 -21.61
N GLU Q 161 0.71 -54.08 -21.83
CA GLU Q 161 -0.71 -53.88 -22.13
C GLU Q 161 -1.47 -53.30 -20.94
N HIS Q 162 -1.28 -53.90 -19.78
CA HIS Q 162 -1.97 -53.46 -18.57
C HIS Q 162 -1.48 -52.08 -18.14
N LEU Q 163 -0.20 -51.80 -18.35
CA LEU Q 163 0.37 -50.51 -17.99
C LEU Q 163 -0.25 -49.43 -18.87
N PHE Q 164 -0.44 -49.73 -20.14
CA PHE Q 164 -1.03 -48.76 -21.05
C PHE Q 164 -2.44 -48.39 -20.60
N GLU Q 165 -3.25 -49.39 -20.28
CA GLU Q 165 -4.61 -49.15 -19.84
C GLU Q 165 -4.66 -48.31 -18.57
N THR Q 166 -3.76 -48.61 -17.63
CA THR Q 166 -3.70 -47.91 -16.37
C THR Q 166 -3.35 -46.43 -16.51
N ILE Q 167 -2.26 -46.14 -17.22
CA ILE Q 167 -1.87 -44.74 -17.40
C ILE Q 167 -2.89 -43.97 -18.25
N SER Q 168 -3.50 -44.64 -19.22
CA SER Q 168 -4.50 -44.02 -20.08
C SER Q 168 -5.71 -43.58 -19.26
N GLN Q 169 -6.23 -44.49 -18.43
CA GLN Q 169 -7.38 -44.18 -17.60
C GLN Q 169 -7.02 -43.11 -16.57
N ALA Q 170 -5.81 -43.19 -16.03
CA ALA Q 170 -5.38 -42.20 -15.06
C ALA Q 170 -5.40 -40.80 -15.66
N MET Q 171 -4.79 -40.64 -16.82
CA MET Q 171 -4.74 -39.32 -17.47
C MET Q 171 -6.11 -38.82 -17.96
N LEU Q 172 -6.88 -39.68 -18.61
CA LEU Q 172 -8.18 -39.30 -19.14
C LEU Q 172 -9.14 -38.75 -18.10
N ASN Q 173 -9.33 -39.48 -17.01
CA ASN Q 173 -10.23 -39.05 -15.95
C ASN Q 173 -9.71 -37.84 -15.16
N ALA Q 174 -8.38 -37.71 -15.08
CA ALA Q 174 -7.77 -36.61 -14.37
C ALA Q 174 -7.89 -35.28 -15.14
N VAL Q 175 -7.62 -35.31 -16.43
CA VAL Q 175 -7.71 -34.10 -17.26
C VAL Q 175 -9.13 -33.65 -17.54
N ASP Q 176 -10.09 -34.55 -17.38
CA ASP Q 176 -11.50 -34.23 -17.56
C ASP Q 176 -12.08 -33.39 -16.42
N ARG Q 177 -11.40 -33.38 -15.27
CA ARG Q 177 -11.80 -32.57 -14.13
C ARG Q 177 -10.97 -31.28 -14.10
N ASP Q 178 -10.16 -31.06 -15.13
CA ASP Q 178 -9.31 -29.86 -15.23
C ASP Q 178 -9.70 -29.01 -16.43
N ALA Q 179 -10.03 -27.75 -16.18
CA ALA Q 179 -10.45 -26.84 -17.23
C ALA Q 179 -9.40 -26.48 -18.28
N VAL Q 180 -8.17 -26.22 -17.85
CA VAL Q 180 -7.12 -25.82 -18.78
C VAL Q 180 -6.18 -26.93 -19.25
N SER Q 181 -6.59 -28.18 -19.06
CA SER Q 181 -5.81 -29.32 -19.51
C SER Q 181 -6.68 -30.23 -20.33
N GLY Q 182 -6.10 -30.83 -21.36
CA GLY Q 182 -6.87 -31.73 -22.20
C GLY Q 182 -6.60 -31.61 -23.67
N MET Q 183 -7.69 -31.61 -24.44
CA MET Q 183 -7.67 -31.53 -25.91
C MET Q 183 -6.84 -32.64 -26.54
N GLY Q 184 -6.92 -33.83 -25.95
CA GLY Q 184 -6.18 -34.97 -26.44
C GLY Q 184 -5.09 -35.42 -25.49
N VAL Q 185 -4.73 -36.70 -25.58
CA VAL Q 185 -3.70 -37.28 -24.73
C VAL Q 185 -2.79 -38.15 -25.58
N ILE Q 186 -1.48 -38.00 -25.41
CA ILE Q 186 -0.51 -38.81 -26.12
C ILE Q 186 0.19 -39.71 -25.10
N VAL Q 187 0.38 -40.99 -25.44
CA VAL Q 187 1.02 -41.93 -24.54
C VAL Q 187 2.19 -42.67 -25.19
N HIS Q 188 3.31 -42.78 -24.47
CA HIS Q 188 4.47 -43.50 -24.96
C HIS Q 188 4.76 -44.69 -24.07
N ILE Q 189 4.76 -45.90 -24.64
CA ILE Q 189 5.08 -47.09 -23.86
C ILE Q 189 6.48 -47.50 -24.26
N ILE Q 190 7.41 -47.38 -23.33
CA ILE Q 190 8.81 -47.73 -23.62
C ILE Q 190 9.19 -49.13 -23.18
N GLU Q 191 9.43 -49.98 -24.17
CA GLU Q 191 9.85 -51.35 -23.90
C GLU Q 191 11.31 -51.50 -24.29
N LYS Q 192 11.90 -52.62 -23.93
CA LYS Q 192 13.30 -52.87 -24.24
C LYS Q 192 13.55 -52.96 -25.74
N ASP Q 193 12.60 -53.54 -26.47
CA ASP Q 193 12.76 -53.72 -27.90
C ASP Q 193 11.97 -52.77 -28.81
N LYS Q 194 11.00 -52.05 -28.26
CA LYS Q 194 10.20 -51.13 -29.07
C LYS Q 194 9.54 -49.98 -28.32
N ILE Q 195 9.23 -48.93 -29.06
CA ILE Q 195 8.54 -47.78 -28.52
C ILE Q 195 7.19 -47.69 -29.18
N THR Q 196 6.14 -47.64 -28.38
CA THR Q 196 4.79 -47.54 -28.91
C THR Q 196 4.19 -46.20 -28.53
N THR Q 197 3.71 -45.46 -29.52
CA THR Q 197 3.10 -44.16 -29.31
C THR Q 197 1.64 -44.19 -29.70
N ARG Q 198 0.76 -43.84 -28.77
CA ARG Q 198 -0.65 -43.84 -29.06
C ARG Q 198 -1.33 -42.54 -28.68
N THR Q 199 -2.30 -42.15 -29.47
CA THR Q 199 -3.08 -40.96 -29.20
C THR Q 199 -4.43 -41.49 -28.76
N LEU Q 200 -4.96 -40.98 -27.66
CA LEU Q 200 -6.22 -41.47 -27.15
C LEU Q 200 -7.41 -40.66 -27.63
N LYS Q 201 -8.58 -41.30 -27.60
CA LYS Q 201 -9.81 -40.63 -27.95
C LYS Q 201 -10.22 -39.89 -26.69
N ALA Q 202 -10.18 -38.57 -26.74
CA ALA Q 202 -10.49 -37.77 -25.56
C ALA Q 202 -11.47 -36.64 -25.85
N ARG Q 203 -11.99 -36.05 -24.79
CA ARG Q 203 -12.93 -34.94 -24.91
C ARG Q 203 -12.19 -33.73 -25.44
N MET Q 204 -12.87 -32.93 -26.27
CA MET Q 204 -12.24 -31.74 -26.82
C MET Q 204 -12.88 -30.44 -26.31
N ASP Q 205 -13.47 -30.50 -25.12
CA ASP Q 205 -14.09 -29.32 -24.53
C ASP Q 205 -13.32 -28.86 -23.30
N THR R 1 6.45 9.29 30.89
CA THR R 1 5.62 9.29 32.14
C THR R 1 6.02 8.09 33.01
N THR R 2 6.20 8.31 34.31
CA THR R 2 6.51 7.22 35.22
C THR R 2 5.65 7.34 36.47
N ILE R 3 4.87 6.31 36.76
CA ILE R 3 4.02 6.31 37.94
C ILE R 3 4.28 5.07 38.79
N MET R 4 4.09 5.20 40.10
CA MET R 4 4.35 4.10 41.01
C MET R 4 3.51 4.22 42.28
N ALA R 5 3.03 3.09 42.79
CA ALA R 5 2.25 3.06 44.01
C ALA R 5 2.66 1.86 44.87
N VAL R 6 2.83 2.09 46.16
CA VAL R 6 3.24 1.03 47.07
C VAL R 6 2.28 0.88 48.26
N GLU R 7 1.98 -0.35 48.63
CA GLU R 7 1.12 -0.61 49.77
C GLU R 7 1.99 -0.75 51.01
N PHE R 8 1.53 -0.19 52.13
CA PHE R 8 2.26 -0.34 53.41
C PHE R 8 1.22 -0.62 54.49
N ASP R 9 1.66 -1.10 55.65
CA ASP R 9 0.71 -1.40 56.71
C ASP R 9 -0.01 -0.14 57.21
N GLY R 10 -1.22 0.08 56.73
CA GLY R 10 -2.00 1.23 57.13
C GLY R 10 -2.24 2.29 56.07
N GLY R 11 -1.78 2.06 54.84
CA GLY R 11 -1.99 3.03 53.78
C GLY R 11 -1.18 2.83 52.51
N VAL R 12 -1.17 3.83 51.66
CA VAL R 12 -0.42 3.74 50.40
C VAL R 12 0.41 4.97 50.10
N VAL R 13 1.42 4.78 49.28
CA VAL R 13 2.26 5.85 48.83
C VAL R 13 2.19 5.82 47.31
N VAL R 14 1.80 6.94 46.70
CA VAL R 14 1.71 6.99 45.25
C VAL R 14 2.49 8.20 44.75
N GLY R 15 3.23 8.03 43.66
CA GLY R 15 4.02 9.13 43.12
C GLY R 15 4.19 9.07 41.62
N SER R 16 4.60 10.20 41.04
CA SER R 16 4.83 10.25 39.59
C SER R 16 5.71 11.43 39.17
N ASP R 17 6.09 11.43 37.90
CA ASP R 17 6.89 12.49 37.32
C ASP R 17 5.95 13.61 36.85
N SER R 18 6.50 14.73 36.38
CA SER R 18 5.65 15.84 35.98
C SER R 18 5.75 16.26 34.51
N ARG R 19 6.24 15.37 33.66
CA ARG R 19 6.41 15.71 32.25
C ARG R 19 5.29 15.35 31.27
N VAL R 20 4.84 16.34 30.51
CA VAL R 20 3.84 16.13 29.46
C VAL R 20 4.62 16.36 28.18
N SER R 21 4.61 15.41 27.27
CA SER R 21 5.38 15.56 26.05
C SER R 21 4.61 15.41 24.75
N ALA R 22 5.09 16.13 23.74
CA ALA R 22 4.53 16.09 22.41
C ALA R 22 5.72 15.91 21.50
N GLY R 23 6.08 14.66 21.24
CA GLY R 23 7.24 14.36 20.41
C GLY R 23 8.50 14.64 21.20
N GLU R 24 9.25 15.65 20.79
CA GLU R 24 10.49 16.02 21.47
C GLU R 24 10.32 17.29 22.30
N ALA R 25 9.15 17.91 22.21
CA ALA R 25 8.89 19.13 22.94
C ALA R 25 8.18 18.89 24.26
N VAL R 26 8.59 19.60 25.30
CA VAL R 26 7.97 19.48 26.61
C VAL R 26 6.88 20.53 26.70
N VAL R 27 5.64 20.09 26.58
CA VAL R 27 4.48 20.98 26.62
C VAL R 27 4.10 21.46 28.02
N ASN R 28 4.42 20.66 29.03
CA ASN R 28 4.14 21.00 30.42
C ASN R 28 5.18 20.27 31.26
N ARG R 29 6.07 21.02 31.89
CA ARG R 29 7.12 20.42 32.70
C ARG R 29 6.80 20.24 34.18
N ALA R 30 5.63 20.69 34.60
CA ALA R 30 5.25 20.58 36.01
C ALA R 30 3.83 20.06 36.22
N PHE R 31 3.38 19.17 35.33
CA PHE R 31 2.05 18.59 35.42
C PHE R 31 1.85 17.65 36.59
N ASN R 32 0.67 17.70 37.21
CA ASN R 32 0.35 16.84 38.32
C ASN R 32 -0.41 15.62 37.81
N LYS R 33 0.24 14.47 37.82
CA LYS R 33 -0.38 13.23 37.34
C LYS R 33 -1.13 12.46 38.43
N LEU R 34 -1.12 12.97 39.64
CA LEU R 34 -1.83 12.32 40.75
C LEU R 34 -3.17 13.00 40.93
N SER R 35 -4.25 12.27 40.66
CA SER R 35 -5.58 12.83 40.76
C SER R 35 -6.48 12.11 41.76
N PRO R 36 -7.11 12.87 42.67
CA PRO R 36 -8.02 12.30 43.68
C PRO R 36 -9.39 11.97 43.11
N LEU R 37 -9.85 10.76 43.36
CA LEU R 37 -11.16 10.32 42.90
C LEU R 37 -12.17 10.47 44.04
N HIS R 38 -11.66 10.46 45.26
CA HIS R 38 -12.44 10.62 46.48
C HIS R 38 -11.48 10.99 47.61
N GLN R 39 -12.04 11.28 48.79
CA GLN R 39 -11.26 11.67 49.97
C GLN R 39 -10.00 10.83 50.25
N HIS R 40 -10.12 9.50 50.17
CA HIS R 40 -8.99 8.64 50.44
C HIS R 40 -8.61 7.74 49.26
N ILE R 41 -9.06 8.09 48.07
CA ILE R 41 -8.76 7.30 46.89
C ILE R 41 -8.13 8.14 45.78
N TYR R 42 -6.97 7.72 45.31
CA TYR R 42 -6.26 8.43 44.25
C TYR R 42 -6.01 7.57 43.04
N CYS R 43 -5.65 8.21 41.95
CA CYS R 43 -5.32 7.48 40.74
C CYS R 43 -4.16 8.16 40.04
N ALA R 44 -3.24 7.36 39.52
CA ALA R 44 -2.09 7.87 38.80
C ALA R 44 -2.38 7.74 37.31
N LEU R 45 -2.09 8.78 36.55
CA LEU R 45 -2.36 8.76 35.12
C LEU R 45 -1.12 8.55 34.26
N SER R 46 -1.27 7.74 33.22
CA SER R 46 -0.20 7.46 32.26
C SER R 46 -0.86 7.23 30.90
N GLY R 47 -0.13 7.51 29.83
CA GLY R 47 -0.68 7.35 28.50
C GLY R 47 -1.21 8.68 27.97
N SER R 48 -2.34 8.64 27.28
CA SER R 48 -2.93 9.86 26.72
C SER R 48 -3.50 10.77 27.82
N ALA R 49 -3.11 12.04 27.78
CA ALA R 49 -3.57 13.01 28.77
C ALA R 49 -5.09 13.26 28.66
N ALA R 50 -5.60 13.34 27.45
CA ALA R 50 -7.04 13.57 27.26
C ALA R 50 -7.88 12.39 27.74
N ASP R 51 -7.50 11.18 27.36
CA ASP R 51 -8.23 9.99 27.76
C ASP R 51 -8.22 9.80 29.28
N ALA R 52 -7.04 9.92 29.89
CA ALA R 52 -6.91 9.76 31.34
C ALA R 52 -7.71 10.81 32.10
N GLN R 53 -7.67 12.05 31.64
CA GLN R 53 -8.40 13.12 32.30
C GLN R 53 -9.90 12.89 32.23
N ALA R 54 -10.37 12.47 31.05
CA ALA R 54 -11.79 12.19 30.84
C ALA R 54 -12.25 11.02 31.69
N MET R 55 -11.45 9.96 31.74
CA MET R 55 -11.78 8.78 32.52
C MET R 55 -11.83 9.11 34.00
N ALA R 56 -10.82 9.81 34.49
CA ALA R 56 -10.75 10.20 35.89
C ALA R 56 -11.97 11.02 36.32
N ASP R 57 -12.40 11.96 35.47
CA ASP R 57 -13.56 12.78 35.76
C ASP R 57 -14.85 11.97 35.77
N MET R 58 -14.98 11.05 34.81
CA MET R 58 -16.16 10.19 34.72
C MET R 58 -16.28 9.35 35.98
N ALA R 59 -15.15 8.79 36.41
CA ALA R 59 -15.11 7.94 37.59
C ALA R 59 -15.38 8.71 38.88
N ALA R 60 -14.76 9.88 39.02
CA ALA R 60 -14.96 10.71 40.20
C ALA R 60 -16.44 11.05 40.38
N TYR R 61 -17.10 11.32 39.26
CA TYR R 61 -18.52 11.63 39.24
C TYR R 61 -19.35 10.42 39.69
N GLN R 62 -19.05 9.26 39.12
CA GLN R 62 -19.75 8.02 39.46
C GLN R 62 -19.55 7.59 40.90
N LEU R 63 -18.35 7.80 41.42
CA LEU R 63 -18.03 7.43 42.78
C LEU R 63 -18.66 8.38 43.80
N GLU R 64 -18.72 9.65 43.44
CA GLU R 64 -19.30 10.67 44.31
C GLU R 64 -20.78 10.35 44.55
N LEU R 65 -21.48 10.06 43.46
CA LEU R 65 -22.90 9.73 43.52
C LEU R 65 -23.12 8.44 44.31
N HIS R 66 -22.28 7.46 44.05
CA HIS R 66 -22.33 6.16 44.69
C HIS R 66 -22.14 6.31 46.20
N GLY R 67 -21.21 7.16 46.61
CA GLY R 67 -20.93 7.41 48.00
C GLY R 67 -22.07 8.06 48.74
N LEU R 68 -22.79 8.96 48.08
CA LEU R 68 -23.92 9.66 48.71
C LEU R 68 -25.15 8.77 48.80
N GLU R 69 -25.25 7.79 47.91
CA GLU R 69 -26.37 6.87 47.89
C GLU R 69 -26.20 5.81 48.97
N LEU R 70 -24.97 5.33 49.13
CA LEU R 70 -24.67 4.29 50.11
C LEU R 70 -24.39 4.84 51.50
N GLU R 71 -24.37 6.17 51.62
CA GLU R 71 -24.11 6.87 52.88
C GLU R 71 -22.82 6.45 53.60
N GLU R 72 -21.76 6.21 52.84
CA GLU R 72 -20.48 5.81 53.41
C GLU R 72 -19.33 6.03 52.42
N PRO R 73 -18.09 6.02 52.93
CA PRO R 73 -16.93 6.20 52.04
C PRO R 73 -16.76 4.98 51.14
N PRO R 74 -16.56 5.22 49.83
CA PRO R 74 -16.41 4.13 48.86
C PRO R 74 -15.17 3.29 49.09
N LEU R 75 -15.28 1.99 48.83
CA LEU R 75 -14.15 1.10 48.97
C LEU R 75 -13.18 1.31 47.82
N VAL R 76 -11.91 1.00 48.06
CA VAL R 76 -10.90 1.14 47.02
C VAL R 76 -11.18 0.18 45.86
N LEU R 77 -11.67 -1.02 46.16
CA LEU R 77 -12.01 -2.00 45.14
C LEU R 77 -13.14 -1.50 44.24
N ALA R 78 -14.10 -0.78 44.81
CA ALA R 78 -15.20 -0.25 44.03
C ALA R 78 -14.70 0.80 43.04
N ALA R 79 -13.76 1.62 43.48
CA ALA R 79 -13.18 2.65 42.62
C ALA R 79 -12.40 2.00 41.49
N ALA R 80 -11.71 0.91 41.79
CA ALA R 80 -10.93 0.19 40.79
C ALA R 80 -11.84 -0.49 39.78
N ASN R 81 -12.96 -1.02 40.26
CA ASN R 81 -13.93 -1.69 39.41
C ASN R 81 -14.58 -0.71 38.45
N VAL R 82 -14.89 0.48 38.94
CA VAL R 82 -15.50 1.52 38.12
C VAL R 82 -14.54 1.96 37.03
N VAL R 83 -13.26 2.04 37.38
CA VAL R 83 -12.24 2.43 36.43
C VAL R 83 -12.00 1.29 35.44
N ARG R 84 -11.98 0.06 35.94
CA ARG R 84 -11.80 -1.11 35.11
C ARG R 84 -12.91 -1.21 34.07
N ASN R 85 -14.14 -1.00 34.51
CA ASN R 85 -15.31 -1.06 33.63
C ASN R 85 -15.21 -0.10 32.46
N ILE R 86 -14.86 1.14 32.75
CA ILE R 86 -14.72 2.16 31.72
C ILE R 86 -13.55 1.83 30.79
N SER R 87 -12.45 1.38 31.38
CA SER R 87 -11.24 1.04 30.63
C SER R 87 -11.42 -0.18 29.72
N TYR R 88 -12.22 -1.15 30.15
CA TYR R 88 -12.43 -2.33 29.35
C TYR R 88 -13.44 -2.07 28.24
N LYS R 89 -14.52 -1.38 28.58
CA LYS R 89 -15.57 -1.07 27.62
C LYS R 89 -15.04 -0.27 26.43
N TYR R 90 -14.16 0.69 26.70
CA TYR R 90 -13.60 1.52 25.65
C TYR R 90 -12.15 1.22 25.37
N ARG R 91 -11.74 -0.03 25.49
CA ARG R 91 -10.35 -0.40 25.22
C ARG R 91 -9.85 -0.03 23.82
N GLU R 92 -10.72 -0.13 22.82
CA GLU R 92 -10.37 0.20 21.44
C GLU R 92 -10.10 1.69 21.24
N ASP R 93 -10.81 2.54 21.99
CA ASP R 93 -10.66 3.98 21.86
C ASP R 93 -9.72 4.66 22.85
N LEU R 94 -9.63 4.13 24.07
CA LEU R 94 -8.79 4.75 25.08
C LEU R 94 -7.36 4.24 25.13
N SER R 95 -6.43 5.16 25.32
CA SER R 95 -5.01 4.81 25.42
C SER R 95 -4.47 5.39 26.71
N ALA R 96 -5.04 4.96 27.84
CA ALA R 96 -4.58 5.48 29.12
C ALA R 96 -4.73 4.47 30.25
N HIS R 97 -3.67 4.31 31.04
CA HIS R 97 -3.68 3.39 32.16
C HIS R 97 -3.82 4.11 33.50
N LEU R 98 -5.01 4.02 34.09
CA LEU R 98 -5.31 4.66 35.36
C LEU R 98 -5.06 3.75 36.57
N MET R 99 -3.88 3.86 37.18
CA MET R 99 -3.49 3.09 38.36
C MET R 99 -4.20 3.60 39.62
N ILE R 100 -4.87 2.71 40.34
CA ILE R 100 -5.64 3.10 41.53
C ILE R 100 -5.03 2.73 42.88
N ALA R 101 -5.01 3.69 43.79
CA ALA R 101 -4.45 3.48 45.13
C ALA R 101 -5.23 4.28 46.17
N GLY R 102 -5.48 3.67 47.33
CA GLY R 102 -6.22 4.35 48.37
C GLY R 102 -6.36 3.59 49.66
N TRP R 103 -7.16 4.14 50.56
CA TRP R 103 -7.40 3.52 51.85
C TRP R 103 -8.88 3.48 52.19
N ASP R 104 -9.32 2.36 52.75
CA ASP R 104 -10.71 2.23 53.22
C ASP R 104 -10.69 1.44 54.53
N ARG R 105 -11.77 1.51 55.30
CA ARG R 105 -11.82 0.83 56.59
C ARG R 105 -11.90 -0.71 56.54
N ARG R 106 -12.25 -1.26 55.39
CA ARG R 106 -12.37 -2.71 55.28
C ARG R 106 -11.08 -3.44 54.92
N ASP R 107 -10.37 -2.96 53.91
CA ASP R 107 -9.13 -3.61 53.47
C ASP R 107 -7.83 -2.83 53.66
N GLY R 108 -7.91 -1.62 54.21
CA GLY R 108 -6.73 -0.81 54.42
C GLY R 108 -6.16 -0.23 53.14
N GLY R 109 -4.83 -0.16 53.07
CA GLY R 109 -4.15 0.38 51.89
C GLY R 109 -4.11 -0.61 50.73
N GLN R 110 -4.67 -0.20 49.60
CA GLN R 110 -4.69 -1.08 48.44
C GLN R 110 -4.22 -0.40 47.15
N VAL R 111 -3.50 -1.15 46.34
CA VAL R 111 -2.99 -0.67 45.06
C VAL R 111 -3.54 -1.54 43.95
N TYR R 112 -4.18 -0.93 42.96
CA TYR R 112 -4.75 -1.68 41.85
C TYR R 112 -4.26 -1.19 40.50
N GLY R 113 -3.83 -2.11 39.66
CA GLY R 113 -3.42 -1.79 38.32
C GLY R 113 -4.61 -2.14 37.47
N THR R 114 -5.09 -1.21 36.64
CA THR R 114 -6.26 -1.49 35.82
C THR R 114 -6.05 -1.27 34.32
N MET R 115 -4.81 -1.43 33.86
CA MET R 115 -4.47 -1.24 32.45
C MET R 115 -5.22 -2.15 31.47
N GLY R 116 -5.86 -1.54 30.46
CA GLY R 116 -6.58 -2.27 29.43
C GLY R 116 -7.86 -2.99 29.79
N GLY R 117 -8.37 -2.76 30.99
CA GLY R 117 -9.59 -3.41 31.43
C GLY R 117 -9.33 -4.59 32.35
N MET R 118 -8.07 -4.89 32.60
CA MET R 118 -7.71 -5.99 33.49
C MET R 118 -7.38 -5.45 34.88
N LEU R 119 -8.06 -5.96 35.90
CA LEU R 119 -7.85 -5.53 37.27
C LEU R 119 -6.97 -6.48 38.09
N THR R 120 -5.88 -5.96 38.63
CA THR R 120 -4.97 -6.76 39.43
C THR R 120 -4.51 -6.04 40.69
N ARG R 121 -4.64 -6.68 41.85
CA ARG R 121 -4.20 -6.09 43.10
C ARG R 121 -2.75 -6.47 43.34
N GLN R 122 -1.91 -5.49 43.61
CA GLN R 122 -0.49 -5.75 43.85
C GLN R 122 0.04 -5.00 45.06
N PRO R 123 1.14 -5.49 45.64
CA PRO R 123 1.80 -4.86 46.79
C PRO R 123 2.48 -3.57 46.33
N PHE R 124 2.82 -3.50 45.05
CA PHE R 124 3.42 -2.32 44.44
C PHE R 124 3.25 -2.37 42.93
N ALA R 125 2.98 -1.23 42.31
CA ALA R 125 2.78 -1.16 40.88
C ALA R 125 3.57 -0.02 40.23
N ILE R 126 4.01 -0.25 39.00
CA ILE R 126 4.73 0.77 38.24
C ILE R 126 4.15 0.85 36.84
N GLY R 127 4.08 2.06 36.29
CA GLY R 127 3.53 2.24 34.97
C GLY R 127 4.16 3.37 34.19
N GLY R 128 3.68 3.56 32.96
CA GLY R 128 4.19 4.60 32.09
C GLY R 128 5.40 4.15 31.28
N SER R 129 5.81 4.97 30.34
CA SER R 129 6.95 4.67 29.49
C SER R 129 8.26 4.47 30.25
N GLY R 130 8.46 5.22 31.32
CA GLY R 130 9.66 5.12 32.12
C GLY R 130 9.76 3.94 33.07
N SER R 131 8.65 3.24 33.31
CA SER R 131 8.65 2.09 34.22
C SER R 131 9.48 0.88 33.78
N THR R 132 9.70 0.75 32.48
CA THR R 132 10.49 -0.35 31.93
C THR R 132 11.94 -0.36 32.44
N TYR R 133 12.50 0.83 32.69
CA TYR R 133 13.87 0.95 33.17
C TYR R 133 14.08 0.69 34.65
N ILE R 134 13.00 0.62 35.42
CA ILE R 134 13.13 0.38 36.85
C ILE R 134 12.59 -0.96 37.34
N TYR R 135 12.23 -1.85 36.41
CA TYR R 135 11.71 -3.16 36.80
C TYR R 135 12.75 -3.92 37.63
N GLY R 136 13.98 -3.94 37.14
CA GLY R 136 15.05 -4.61 37.84
C GLY R 136 15.28 -3.98 39.20
N TYR R 137 15.29 -2.65 39.24
CA TYR R 137 15.49 -1.94 40.49
C TYR R 137 14.44 -2.22 41.57
N VAL R 138 13.16 -2.20 41.22
CA VAL R 138 12.11 -2.46 42.21
C VAL R 138 12.05 -3.90 42.67
N ASP R 139 12.41 -4.83 41.79
CA ASP R 139 12.40 -6.26 42.14
C ASP R 139 13.50 -6.61 43.13
N ALA R 140 14.60 -5.87 43.09
CA ALA R 140 15.71 -6.12 43.99
C ALA R 140 15.66 -5.26 45.26
N ALA R 141 14.96 -4.14 45.21
CA ALA R 141 14.90 -3.25 46.35
C ALA R 141 13.67 -3.37 47.26
N TYR R 142 12.57 -3.86 46.70
CA TYR R 142 11.34 -4.01 47.47
C TYR R 142 11.40 -5.04 48.59
N LYS R 143 10.98 -4.65 49.79
CA LYS R 143 10.95 -5.57 50.91
C LYS R 143 9.62 -5.46 51.63
N PRO R 144 9.02 -6.59 52.00
CA PRO R 144 7.75 -6.57 52.72
C PRO R 144 7.94 -6.00 54.11
N GLY R 145 6.94 -5.32 54.63
CA GLY R 145 7.01 -4.74 55.96
C GLY R 145 7.62 -3.35 56.02
N MET R 146 7.71 -2.69 54.87
CA MET R 146 8.27 -1.34 54.82
C MET R 146 7.34 -0.35 55.48
N SER R 147 7.89 0.67 56.11
CA SER R 147 7.09 1.70 56.77
C SER R 147 6.74 2.77 55.75
N PRO R 148 5.88 3.73 56.13
CA PRO R 148 5.52 4.79 55.19
C PRO R 148 6.74 5.62 54.77
N GLU R 149 7.64 5.90 55.71
CA GLU R 149 8.84 6.67 55.40
C GLU R 149 9.68 5.93 54.37
N GLU R 150 9.86 4.62 54.61
CA GLU R 150 10.63 3.78 53.70
C GLU R 150 9.94 3.70 52.35
N CYS R 151 8.62 3.61 52.35
CA CYS R 151 7.84 3.55 51.12
C CYS R 151 8.00 4.84 50.31
N ARG R 152 8.04 5.97 51.01
CA ARG R 152 8.21 7.26 50.36
C ARG R 152 9.60 7.36 49.76
N SER R 153 10.58 6.81 50.47
CA SER R 153 11.96 6.83 50.01
C SER R 153 12.15 5.87 48.83
N PHE R 154 11.53 4.71 48.92
CA PHE R 154 11.58 3.70 47.87
C PHE R 154 10.98 4.24 46.58
N THR R 155 9.83 4.91 46.70
CA THR R 155 9.15 5.47 45.54
C THR R 155 9.94 6.60 44.89
N THR R 156 10.51 7.48 45.71
CA THR R 156 11.30 8.60 45.22
C THR R 156 12.52 8.13 44.42
N ASN R 157 13.21 7.12 44.94
CA ASN R 157 14.40 6.58 44.30
C ASN R 157 14.09 5.99 42.94
N ALA R 158 13.06 5.14 42.89
CA ALA R 158 12.67 4.50 41.64
C ALA R 158 12.27 5.51 40.57
N ILE R 159 11.48 6.50 40.94
CA ILE R 159 11.06 7.53 40.00
C ILE R 159 12.25 8.32 39.50
N ALA R 160 13.17 8.66 40.39
CA ALA R 160 14.36 9.41 40.01
C ALA R 160 15.23 8.64 39.02
N LEU R 161 15.34 7.33 39.20
CA LEU R 161 16.13 6.51 38.30
C LEU R 161 15.49 6.46 36.91
N ALA R 162 14.16 6.45 36.86
CA ALA R 162 13.44 6.40 35.60
C ALA R 162 13.49 7.74 34.88
N MET R 163 13.39 8.84 35.62
CA MET R 163 13.43 10.17 35.03
C MET R 163 14.75 10.47 34.33
N ASN R 164 15.84 9.99 34.89
CA ASN R 164 17.15 10.19 34.32
C ASN R 164 17.34 9.44 32.99
N ARG R 165 16.78 8.23 32.90
CA ARG R 165 16.92 7.42 31.71
C ARG R 165 15.86 7.61 30.64
N ASP R 166 14.61 7.82 31.05
CA ASP R 166 13.49 7.98 30.11
C ASP R 166 13.30 9.41 29.63
N GLY R 167 13.34 9.60 28.32
CA GLY R 167 13.16 10.90 27.71
C GLY R 167 11.78 11.50 27.96
N SER R 168 10.76 10.63 28.04
CA SER R 168 9.38 11.05 28.29
C SER R 168 9.07 11.38 29.76
N SER R 169 10.04 11.16 30.65
CA SER R 169 9.86 11.47 32.06
C SER R 169 10.83 12.54 32.50
N GLY R 170 10.47 13.27 33.55
CA GLY R 170 11.33 14.32 34.05
C GLY R 170 10.58 15.34 34.86
N GLY R 171 11.27 16.43 35.21
CA GLY R 171 10.67 17.49 35.98
C GLY R 171 10.77 17.25 37.47
N VAL R 172 9.64 17.33 38.16
CA VAL R 172 9.61 17.12 39.59
C VAL R 172 8.90 15.81 39.95
N ILE R 173 8.98 15.44 41.21
CA ILE R 173 8.32 14.22 41.67
C ILE R 173 7.18 14.54 42.62
N HIS R 174 5.97 14.20 42.22
CA HIS R 174 4.78 14.41 43.04
C HIS R 174 4.62 13.18 43.93
N LEU R 175 4.29 13.38 45.20
CA LEU R 175 4.12 12.27 46.14
C LEU R 175 2.94 12.47 47.06
N VAL R 176 2.11 11.44 47.20
CA VAL R 176 0.98 11.51 48.10
C VAL R 176 0.93 10.28 49.00
N THR R 177 0.72 10.49 50.29
CA THR R 177 0.62 9.39 51.23
C THR R 177 -0.80 9.36 51.75
N ILE R 178 -1.47 8.24 51.56
CA ILE R 178 -2.84 8.12 52.03
C ILE R 178 -2.96 7.13 53.17
N THR R 179 -3.65 7.54 54.23
CA THR R 179 -3.89 6.68 55.38
C THR R 179 -5.28 6.97 55.91
N ALA R 180 -5.59 6.48 57.10
CA ALA R 180 -6.88 6.72 57.72
C ALA R 180 -6.97 8.18 58.13
N ALA R 181 -5.83 8.73 58.58
CA ALA R 181 -5.73 10.11 59.01
C ALA R 181 -5.95 11.13 57.89
N GLY R 182 -5.66 10.76 56.65
CA GLY R 182 -5.85 11.66 55.54
C GLY R 182 -4.81 11.58 54.45
N VAL R 183 -4.82 12.59 53.57
CA VAL R 183 -3.90 12.66 52.45
C VAL R 183 -2.78 13.68 52.68
N ASP R 184 -1.54 13.25 52.49
CA ASP R 184 -0.40 14.13 52.64
C ASP R 184 0.32 14.31 51.30
N TYR R 185 0.33 15.53 50.79
CA TYR R 185 0.97 15.84 49.51
C TYR R 185 2.42 16.26 49.71
N GLN R 186 3.24 16.06 48.69
CA GLN R 186 4.65 16.39 48.78
C GLN R 186 5.26 16.53 47.40
N VAL R 187 6.10 17.54 47.22
CA VAL R 187 6.74 17.76 45.94
C VAL R 187 8.25 17.80 46.07
N ILE R 188 8.93 16.88 45.40
CA ILE R 188 10.37 16.86 45.41
C ILE R 188 10.83 17.56 44.14
N LEU R 189 11.42 18.73 44.30
CA LEU R 189 11.87 19.53 43.17
C LEU R 189 13.12 18.97 42.52
N GLY R 190 13.41 19.44 41.31
CA GLY R 190 14.56 19.01 40.54
C GLY R 190 15.91 18.97 41.25
N ASN R 191 16.18 19.96 42.08
CA ASN R 191 17.43 20.05 42.83
C ASN R 191 17.43 19.27 44.15
N GLU R 192 16.34 18.58 44.45
CA GLU R 192 16.24 17.80 45.67
C GLU R 192 16.00 16.32 45.42
N LEU R 193 16.09 15.92 44.15
CA LEU R 193 15.88 14.52 43.78
C LEU R 193 17.10 13.68 44.11
N PRO R 194 16.88 12.39 44.42
CA PRO R 194 17.97 11.46 44.72
C PRO R 194 18.97 11.38 43.57
N LYS R 195 20.25 11.31 43.89
CA LYS R 195 21.29 11.25 42.87
C LYS R 195 21.99 9.89 42.84
N PHE R 196 22.15 9.33 41.65
CA PHE R 196 22.80 8.03 41.47
C PHE R 196 23.87 8.16 40.41
N TYR R 197 24.35 7.03 39.89
CA TYR R 197 25.37 7.06 38.85
C TYR R 197 24.82 7.84 37.66
N ASP R 198 25.50 8.94 37.32
CA ASP R 198 25.05 9.81 36.24
C ASP R 198 26.02 9.99 35.08
N GLU R 199 27.32 9.84 35.35
CA GLU R 199 28.31 10.02 34.29
C GLU R 199 28.92 8.70 33.85
N THR S 40 0.88 31.28 13.79
CA THR S 40 0.18 31.95 14.87
C THR S 40 1.05 31.83 16.12
N THR S 41 1.15 32.92 16.86
CA THR S 41 1.77 32.86 18.17
C THR S 41 0.77 33.44 19.18
N ILE S 42 0.35 32.63 20.13
CA ILE S 42 -0.49 33.13 21.20
C ILE S 42 0.16 32.82 22.52
N ALA S 43 -0.01 33.71 23.52
CA ALA S 43 0.69 33.46 24.79
C ALA S 43 -0.10 34.10 25.92
N GLY S 44 0.11 33.59 27.15
CA GLY S 44 -0.55 34.19 28.32
C GLY S 44 0.30 33.99 29.54
N LEU S 45 0.12 34.91 30.50
CA LEU S 45 0.80 34.76 31.78
C LEU S 45 -0.08 35.26 32.90
N VAL S 46 0.10 34.70 34.10
CA VAL S 46 -0.60 35.15 35.27
C VAL S 46 0.31 36.15 35.97
N PHE S 47 -0.17 37.35 36.25
CA PHE S 47 0.70 38.29 36.98
C PHE S 47 0.12 38.56 38.37
N ARG S 48 0.74 39.44 39.15
CA ARG S 48 0.29 39.70 40.51
C ARG S 48 -1.22 39.96 40.66
N ASP S 49 -1.80 40.80 39.80
CA ASP S 49 -3.22 41.13 39.95
C ASP S 49 -4.14 40.49 38.91
N GLY S 50 -3.60 39.78 37.91
CA GLY S 50 -4.53 39.24 36.93
C GLY S 50 -3.87 38.38 35.84
N VAL S 51 -4.43 38.48 34.64
CA VAL S 51 -3.98 37.70 33.50
C VAL S 51 -3.68 38.67 32.33
N ILE S 52 -2.61 38.36 31.58
CA ILE S 52 -2.37 39.05 30.30
C ILE S 52 -2.38 38.03 29.17
N LEU S 53 -3.21 38.25 28.14
CA LEU S 53 -3.20 37.37 26.99
C LEU S 53 -2.56 38.10 25.80
N GLY S 54 -1.91 37.35 24.89
CA GLY S 54 -1.27 37.98 23.75
C GLY S 54 -1.45 37.15 22.48
N ALA S 55 -1.41 37.86 21.33
CA ALA S 55 -1.45 37.14 20.04
C ALA S 55 -0.83 37.94 18.92
N ASP S 56 -0.44 37.25 17.84
CA ASP S 56 -0.05 38.00 16.61
C ASP S 56 -1.31 38.16 15.74
N THR S 57 -1.21 38.88 14.63
CA THR S 57 -2.41 39.11 13.83
C THR S 57 -2.39 38.57 12.41
N ARG S 58 -1.46 37.68 12.12
CA ARG S 58 -1.37 37.12 10.77
C ARG S 58 -2.19 35.85 10.57
N ALA S 59 -2.93 35.81 9.47
CA ALA S 59 -3.71 34.64 9.10
C ALA S 59 -3.20 34.22 7.73
N THR S 60 -2.72 33.00 7.60
CA THR S 60 -2.20 32.53 6.34
C THR S 60 -2.94 31.34 5.73
N ASN S 61 -2.97 31.32 4.39
CA ASN S 61 -3.50 30.21 3.64
C ASN S 61 -2.28 29.52 3.06
N ASP S 62 -1.92 28.38 3.68
CA ASP S 62 -0.72 27.63 3.35
C ASP S 62 0.53 28.48 3.56
N SER S 63 1.06 29.08 2.49
CA SER S 63 2.27 29.89 2.59
C SER S 63 2.03 31.34 2.16
N VAL S 64 0.78 31.69 1.98
CA VAL S 64 0.40 33.04 1.56
C VAL S 64 -0.40 33.72 2.65
N VAL S 65 -0.09 34.99 2.91
CA VAL S 65 -0.80 35.76 3.93
C VAL S 65 -2.18 36.17 3.40
N MET S 66 -3.23 35.70 4.06
CA MET S 66 -4.60 36.03 3.67
C MET S 66 -5.10 37.26 4.41
N ASP S 67 -4.90 37.30 5.72
CA ASP S 67 -5.33 38.41 6.53
C ASP S 67 -4.17 38.96 7.33
N LYS S 68 -3.96 40.27 7.26
CA LYS S 68 -2.88 40.89 7.99
C LYS S 68 -3.34 41.41 9.35
N ASN S 69 -4.63 41.30 9.63
CA ASN S 69 -5.16 41.79 10.89
C ASN S 69 -6.28 40.92 11.45
N CYS S 70 -6.00 39.63 11.65
CA CYS S 70 -6.97 38.69 12.19
C CYS S 70 -6.97 38.87 13.72
N GLU S 71 -8.13 39.02 14.33
CA GLU S 71 -8.26 39.14 15.77
C GLU S 71 -8.31 37.72 16.37
N LYS S 72 -7.33 37.36 17.17
CA LYS S 72 -7.25 35.99 17.68
C LYS S 72 -7.63 35.89 19.16
N ILE S 73 -7.83 37.03 19.84
CA ILE S 73 -8.22 37.00 21.23
C ILE S 73 -9.74 37.22 21.26
N HIS S 74 -10.48 36.22 21.69
CA HIS S 74 -11.95 36.32 21.68
C HIS S 74 -12.60 36.39 23.06
N PHE S 75 -13.69 37.14 23.15
CA PHE S 75 -14.50 37.29 24.33
C PHE S 75 -15.30 36.00 24.60
N ILE S 76 -15.24 35.52 25.83
CA ILE S 76 -16.03 34.36 26.24
C ILE S 76 -17.09 34.94 27.18
N ALA S 77 -16.64 35.74 28.13
CA ALA S 77 -17.47 36.39 29.12
C ALA S 77 -16.80 37.69 29.51
N PRO S 78 -17.46 38.59 30.30
CA PRO S 78 -16.84 39.86 30.66
C PRO S 78 -15.46 39.74 31.27
N LYS S 79 -15.22 38.74 32.11
CA LYS S 79 -13.89 38.60 32.71
C LYS S 79 -13.14 37.33 32.26
N ILE S 80 -13.51 36.76 31.13
CA ILE S 80 -12.87 35.55 30.63
C ILE S 80 -12.64 35.69 29.13
N TYR S 81 -11.39 35.58 28.70
CA TYR S 81 -11.10 35.68 27.26
C TYR S 81 -10.38 34.43 26.79
N CYS S 82 -10.28 34.32 25.49
CA CYS S 82 -9.66 33.13 24.91
C CYS S 82 -8.80 33.50 23.68
N CYS S 83 -7.61 32.90 23.60
CA CYS S 83 -6.77 33.07 22.42
C CYS S 83 -6.89 31.76 21.66
N GLY S 84 -7.03 31.83 20.35
CA GLY S 84 -7.19 30.60 19.58
C GLY S 84 -6.06 30.35 18.59
N ALA S 85 -5.61 29.10 18.54
CA ALA S 85 -4.67 28.66 17.51
C ALA S 85 -5.26 27.41 16.82
N GLY S 86 -4.56 26.88 15.84
CA GLY S 86 -5.08 25.72 15.12
C GLY S 86 -6.09 26.12 14.04
N VAL S 87 -6.96 25.17 13.67
CA VAL S 87 -7.91 25.35 12.59
C VAL S 87 -8.80 26.57 12.88
N ALA S 88 -8.71 27.58 12.02
CA ALA S 88 -9.39 28.86 12.25
C ALA S 88 -10.92 28.75 12.32
N ALA S 89 -11.60 27.98 11.45
CA ALA S 89 -13.05 27.89 11.57
C ALA S 89 -13.48 27.13 12.83
N ASP S 90 -12.67 26.19 13.32
CA ASP S 90 -12.99 25.44 14.52
C ASP S 90 -12.87 26.34 15.75
N ALA S 91 -11.81 27.13 15.82
CA ALA S 91 -11.61 28.05 16.93
C ALA S 91 -12.82 28.98 17.00
N GLU S 92 -13.16 29.59 15.88
CA GLU S 92 -14.24 30.57 15.82
C GLU S 92 -15.55 29.96 16.31
N MET S 93 -15.93 28.80 15.79
CA MET S 93 -17.18 28.18 16.18
C MET S 93 -17.15 27.72 17.63
N THR S 94 -16.04 27.10 18.05
CA THR S 94 -15.93 26.59 19.40
C THR S 94 -16.07 27.72 20.42
N THR S 95 -15.37 28.84 20.23
CA THR S 95 -15.45 29.93 21.19
C THR S 95 -16.83 30.59 21.20
N ARG S 96 -17.47 30.64 20.05
CA ARG S 96 -18.80 31.24 19.98
C ARG S 96 -19.82 30.37 20.73
N MET S 97 -19.73 29.06 20.54
CA MET S 97 -20.61 28.12 21.22
C MET S 97 -20.40 28.20 22.73
N ALA S 98 -19.16 28.29 23.16
CA ALA S 98 -18.83 28.40 24.56
C ALA S 98 -19.31 29.71 25.16
N ALA S 99 -19.09 30.81 24.47
CA ALA S 99 -19.52 32.11 24.99
C ALA S 99 -21.06 32.10 25.16
N SER S 100 -21.77 31.56 24.19
CA SER S 100 -23.21 31.44 24.22
C SER S 100 -23.67 30.62 25.43
N ASN S 101 -23.09 29.43 25.62
CA ASN S 101 -23.45 28.57 26.75
C ASN S 101 -23.09 29.23 28.07
N MET S 102 -21.98 29.96 28.10
CA MET S 102 -21.56 30.60 29.33
C MET S 102 -22.47 31.76 29.65
N GLU S 103 -23.02 32.44 28.65
CA GLU S 103 -23.96 33.52 28.88
C GLU S 103 -25.29 32.98 29.43
N LEU S 104 -25.76 31.86 28.89
CA LEU S 104 -26.97 31.23 29.41
C LEU S 104 -26.75 30.90 30.88
N HIS S 105 -25.65 30.23 31.18
CA HIS S 105 -25.30 29.84 32.53
C HIS S 105 -25.35 31.02 33.50
N SER S 106 -24.79 32.15 33.11
CA SER S 106 -24.74 33.30 33.98
C SER S 106 -26.09 34.03 34.10
N LEU S 107 -26.96 33.85 33.12
CA LEU S 107 -28.31 34.43 33.21
C LEU S 107 -29.15 33.64 34.21
N SER S 108 -29.02 32.29 34.19
CA SER S 108 -29.72 31.46 35.15
C SER S 108 -29.21 31.55 36.59
N THR S 109 -27.89 31.52 36.79
CA THR S 109 -27.33 31.54 38.12
C THR S 109 -27.40 32.94 38.69
N GLY S 110 -27.32 33.96 37.84
CA GLY S 110 -27.27 35.35 38.27
C GLY S 110 -25.89 35.74 38.83
N ARG S 111 -24.84 34.96 38.59
CA ARG S 111 -23.51 35.23 39.13
C ARG S 111 -22.46 35.33 38.02
N GLU S 112 -21.25 35.70 38.38
CA GLU S 112 -20.16 35.80 37.41
C GLU S 112 -19.63 34.39 37.12
N PRO S 113 -19.39 34.10 35.84
CA PRO S 113 -18.93 32.77 35.43
C PRO S 113 -17.50 32.55 35.91
N ARG S 114 -17.23 31.31 36.21
CA ARG S 114 -15.94 30.85 36.67
C ARG S 114 -15.12 30.38 35.49
N VAL S 115 -13.82 30.56 35.59
CA VAL S 115 -12.91 30.13 34.55
C VAL S 115 -12.93 28.61 34.44
N THR S 116 -13.10 27.90 35.56
CA THR S 116 -13.12 26.43 35.58
C THR S 116 -14.30 25.91 34.75
N THR S 117 -15.45 26.60 34.75
CA THR S 117 -16.61 26.18 33.98
C THR S 117 -16.32 26.25 32.49
N VAL S 118 -15.64 27.32 32.08
CA VAL S 118 -15.30 27.48 30.68
C VAL S 118 -14.36 26.35 30.26
N THR S 119 -13.41 26.01 31.12
CA THR S 119 -12.48 24.93 30.81
C THR S 119 -13.18 23.57 30.75
N ARG S 120 -14.20 23.36 31.58
CA ARG S 120 -14.90 22.09 31.59
C ARG S 120 -15.82 21.95 30.38
N LEU S 121 -16.46 23.05 29.98
CA LEU S 121 -17.35 23.03 28.83
C LEU S 121 -16.52 22.79 27.57
N LEU S 122 -15.44 23.52 27.43
CA LEU S 122 -14.56 23.41 26.27
C LEU S 122 -13.93 22.03 26.15
N ARG S 123 -13.35 21.54 27.23
CA ARG S 123 -12.69 20.24 27.19
C ARG S 123 -13.63 19.05 27.03
N GLN S 124 -14.86 19.18 27.51
CA GLN S 124 -15.81 18.09 27.38
C GLN S 124 -16.35 18.01 25.95
N THR S 125 -16.40 19.16 25.29
CA THR S 125 -16.85 19.23 23.91
C THR S 125 -15.76 18.67 23.00
N LEU S 126 -14.49 19.10 23.23
CA LEU S 126 -13.37 18.66 22.41
C LEU S 126 -13.10 17.17 22.54
N PHE S 127 -13.26 16.58 23.73
CA PHE S 127 -13.03 15.17 23.91
C PHE S 127 -14.07 14.33 23.15
N ARG S 128 -15.30 14.85 23.12
CA ARG S 128 -16.41 14.22 22.41
C ARG S 128 -16.11 14.04 20.93
N TYR S 129 -15.47 15.04 20.32
CA TYR S 129 -15.15 14.99 18.90
C TYR S 129 -13.82 14.31 18.60
N ARG S 130 -13.15 13.80 19.65
CA ARG S 130 -11.92 13.02 19.49
C ARG S 130 -10.84 13.71 18.65
N GLY S 131 -10.60 15.01 18.88
CA GLY S 131 -9.50 15.69 18.20
C GLY S 131 -9.85 16.23 16.80
N HIS S 132 -11.01 15.83 16.24
CA HIS S 132 -11.39 16.29 14.91
C HIS S 132 -11.68 17.79 14.87
N VAL S 133 -12.17 18.34 15.96
CA VAL S 133 -12.35 19.78 16.03
C VAL S 133 -10.98 20.32 16.45
N GLY S 134 -10.23 20.85 15.51
CA GLY S 134 -8.85 21.23 15.80
C GLY S 134 -8.70 22.60 16.46
N ALA S 135 -9.19 22.71 17.70
CA ALA S 135 -9.11 23.97 18.44
C ALA S 135 -8.05 23.87 19.55
N SER S 136 -7.03 24.71 19.45
CA SER S 136 -5.98 24.77 20.45
C SER S 136 -6.20 26.14 21.11
N LEU S 137 -6.44 26.15 22.41
CA LEU S 137 -6.80 27.43 23.04
C LEU S 137 -6.02 27.75 24.30
N LEU S 138 -5.92 29.05 24.56
CA LEU S 138 -5.43 29.53 25.82
C LEU S 138 -6.56 30.30 26.49
N VAL S 139 -7.02 29.82 27.64
CA VAL S 139 -8.14 30.42 28.31
C VAL S 139 -7.66 31.16 29.57
N GLY S 140 -8.05 32.43 29.66
CA GLY S 140 -7.58 33.20 30.81
C GLY S 140 -8.75 34.02 31.34
N GLY S 141 -8.74 34.19 32.66
CA GLY S 141 -9.81 34.99 33.22
C GLY S 141 -9.62 35.20 34.73
N VAL S 142 -10.46 36.07 35.26
CA VAL S 142 -10.45 36.32 36.69
C VAL S 142 -11.86 36.11 37.21
N ASP S 143 -11.99 35.27 38.23
CA ASP S 143 -13.29 35.11 38.84
C ASP S 143 -13.14 35.33 40.34
N PHE S 144 -14.08 34.83 41.13
CA PHE S 144 -14.05 34.94 42.58
C PHE S 144 -12.79 34.37 43.21
N SER S 145 -12.28 33.25 42.68
CA SER S 145 -11.10 32.57 43.19
C SER S 145 -9.78 33.18 42.69
N GLY S 146 -9.82 34.27 41.90
CA GLY S 146 -8.58 34.87 41.44
C GLY S 146 -8.32 34.61 39.96
N PRO S 147 -7.12 34.97 39.47
CA PRO S 147 -6.75 34.81 38.04
C PRO S 147 -6.47 33.34 37.72
N GLN S 148 -6.90 32.91 36.53
CA GLN S 148 -6.66 31.52 36.14
C GLN S 148 -6.24 31.47 34.66
N LEU S 149 -5.22 30.68 34.37
CA LEU S 149 -4.79 30.46 32.99
C LEU S 149 -4.79 28.96 32.67
N TYR S 150 -5.37 28.61 31.54
CA TYR S 150 -5.40 27.23 31.10
C TYR S 150 -5.01 27.13 29.63
N SER S 151 -4.37 26.02 29.29
CA SER S 151 -4.19 25.67 27.90
C SER S 151 -5.10 24.48 27.60
N VAL S 152 -5.81 24.51 26.48
CA VAL S 152 -6.69 23.39 26.16
C VAL S 152 -6.32 22.92 24.76
N HIS S 153 -6.09 21.60 24.61
CA HIS S 153 -5.65 21.05 23.34
C HIS S 153 -6.77 20.33 22.60
N PRO S 154 -6.61 20.13 21.28
CA PRO S 154 -7.67 19.59 20.40
C PRO S 154 -8.33 18.29 20.85
N HIS S 155 -7.57 17.37 21.45
CA HIS S 155 -8.17 16.10 21.90
C HIS S 155 -8.93 16.26 23.23
N GLY S 156 -8.76 17.38 23.93
CA GLY S 156 -9.57 17.60 25.12
C GLY S 156 -8.75 17.62 26.40
N SER S 157 -7.41 17.56 26.27
CA SER S 157 -6.63 17.57 27.51
C SER S 157 -6.45 19.02 27.90
N TYR S 158 -6.19 19.25 29.18
CA TYR S 158 -5.94 20.62 29.61
C TYR S 158 -4.89 20.70 30.72
N SER S 159 -4.31 21.88 30.88
CA SER S 159 -3.38 22.13 31.97
C SER S 159 -3.49 23.52 32.53
N ARG S 160 -3.51 23.63 33.85
CA ARG S 160 -3.56 24.94 34.48
C ARG S 160 -2.12 25.36 34.78
N LEU S 161 -1.72 26.50 34.25
CA LEU S 161 -0.31 26.93 34.42
C LEU S 161 -0.18 28.44 34.62
N PRO S 162 0.97 28.91 35.15
CA PRO S 162 1.20 30.35 35.34
C PRO S 162 1.63 31.07 34.05
N PHE S 163 2.05 30.35 32.99
CA PHE S 163 2.31 30.94 31.68
C PHE S 163 2.26 29.86 30.60
N THR S 164 1.71 30.20 29.42
CA THR S 164 1.65 29.21 28.34
C THR S 164 1.79 29.89 26.98
N ALA S 165 2.04 29.07 25.95
CA ALA S 165 2.16 29.55 24.59
C ALA S 165 1.59 28.49 23.68
N LEU S 166 1.02 28.87 22.56
CA LEU S 166 0.51 27.88 21.59
C LEU S 166 0.67 28.42 20.17
N GLY S 167 0.47 27.54 19.18
CA GLY S 167 0.58 27.96 17.81
C GLY S 167 1.93 27.57 17.24
N SER S 168 2.17 27.89 15.96
CA SER S 168 3.43 27.48 15.32
C SER S 168 4.62 28.26 15.83
N GLY S 169 4.41 29.47 16.40
CA GLY S 169 5.47 30.25 17.00
C GLY S 169 5.57 29.99 18.51
N GLN S 170 4.95 28.93 19.02
CA GLN S 170 4.93 28.69 20.46
C GLN S 170 6.29 28.46 21.11
N ASP S 171 7.23 27.73 20.47
CA ASP S 171 8.53 27.49 21.07
C ASP S 171 9.30 28.80 21.29
N ALA S 172 9.28 29.70 20.30
CA ALA S 172 9.95 30.99 20.45
C ALA S 172 9.38 31.83 21.61
N ALA S 173 8.04 31.90 21.73
CA ALA S 173 7.45 32.64 22.82
C ALA S 173 7.80 31.98 24.16
N LEU S 174 7.79 30.65 24.17
CA LEU S 174 8.03 29.93 25.40
C LEU S 174 9.48 30.14 25.89
N ALA S 175 10.42 30.27 24.95
CA ALA S 175 11.81 30.52 25.31
C ALA S 175 11.96 31.87 26.04
N VAL S 176 11.19 32.87 25.65
CA VAL S 176 11.22 34.18 26.29
C VAL S 176 10.65 34.06 27.69
N LEU S 177 9.51 33.36 27.85
CA LEU S 177 8.93 33.16 29.16
C LEU S 177 9.85 32.35 30.09
N GLU S 178 10.45 31.28 29.63
CA GLU S 178 11.30 30.46 30.47
C GLU S 178 12.51 31.24 30.95
N ASP S 179 13.05 32.07 30.08
CA ASP S 179 14.18 32.92 30.39
C ASP S 179 13.86 34.10 31.32
N ARG S 180 12.65 34.70 31.26
CA ARG S 180 12.44 35.93 32.02
C ARG S 180 11.18 35.99 32.89
N PHE S 181 10.34 34.94 32.93
CA PHE S 181 9.16 34.99 33.80
C PHE S 181 9.52 34.96 35.30
N GLN S 182 8.82 35.75 36.09
CA GLN S 182 8.93 35.66 37.55
C GLN S 182 7.51 35.68 38.05
N PRO S 183 7.23 35.02 39.19
CA PRO S 183 5.86 35.09 39.75
C PRO S 183 5.56 36.45 40.35
N ASN S 184 4.27 36.80 40.37
CA ASN S 184 3.79 38.06 40.93
C ASN S 184 4.43 39.30 40.30
N MET S 185 4.47 39.39 38.97
CA MET S 185 5.03 40.56 38.32
C MET S 185 3.98 41.67 38.42
N THR S 186 4.42 42.92 38.20
CA THR S 186 3.48 44.02 38.12
C THR S 186 2.87 44.08 36.72
N LEU S 187 1.75 44.77 36.60
CA LEU S 187 1.00 44.87 35.33
C LEU S 187 1.88 45.32 34.16
N GLU S 188 2.77 46.28 34.36
CA GLU S 188 3.56 46.79 33.27
C GLU S 188 4.70 45.82 32.89
N ALA S 189 5.28 45.15 33.88
CA ALA S 189 6.33 44.18 33.62
C ALA S 189 5.76 42.97 32.87
N ALA S 190 4.52 42.58 33.16
CA ALA S 190 3.90 41.43 32.55
C ALA S 190 3.51 41.77 31.12
N GLN S 191 3.14 43.03 30.91
CA GLN S 191 2.72 43.48 29.59
C GLN S 191 3.94 43.48 28.67
N GLU S 192 5.09 43.91 29.19
CA GLU S 192 6.31 43.95 28.40
C GLU S 192 6.83 42.55 28.08
N LEU S 193 6.70 41.64 29.06
CA LEU S 193 7.18 40.27 28.88
C LEU S 193 6.30 39.54 27.84
N LEU S 194 4.99 39.71 27.90
CA LEU S 194 4.12 39.05 26.96
C LEU S 194 4.33 39.62 25.55
N VAL S 195 4.57 40.92 25.45
CA VAL S 195 4.86 41.52 24.15
C VAL S 195 6.15 41.00 23.55
N GLU S 196 7.17 40.81 24.38
CA GLU S 196 8.44 40.28 23.88
C GLU S 196 8.32 38.80 23.44
N ALA S 197 7.47 38.04 24.12
CA ALA S 197 7.25 36.66 23.79
C ALA S 197 6.50 36.55 22.45
N ILE S 198 5.45 37.35 22.25
CA ILE S 198 4.71 37.33 20.99
C ILE S 198 5.66 37.82 19.88
N THR S 199 6.45 38.85 20.17
CA THR S 199 7.36 39.42 19.18
C THR S 199 8.40 38.39 18.68
N ALA S 200 8.89 37.53 19.58
CA ALA S 200 9.82 36.47 19.22
C ALA S 200 9.20 35.53 18.20
N GLY S 201 7.90 35.20 18.39
CA GLY S 201 7.21 34.33 17.46
C GLY S 201 7.00 35.07 16.13
N ILE S 202 6.76 36.37 16.20
CA ILE S 202 6.50 37.16 15.01
C ILE S 202 7.74 37.25 14.11
N LEU S 203 8.91 37.37 14.70
CA LEU S 203 10.15 37.47 13.95
C LEU S 203 10.84 36.14 13.63
N GLY S 204 10.47 35.05 14.28
CA GLY S 204 11.20 33.77 14.19
C GLY S 204 10.34 32.73 13.45
N ASP S 205 9.01 32.91 13.43
CA ASP S 205 8.17 31.88 12.85
C ASP S 205 7.53 32.44 11.58
N LEU S 206 7.61 31.71 10.46
CA LEU S 206 7.05 32.25 9.21
C LEU S 206 5.50 32.23 9.22
N GLY S 207 4.88 31.39 10.06
CA GLY S 207 3.41 31.42 10.25
C GLY S 207 2.89 32.58 11.11
N SER S 208 3.76 33.43 11.69
CA SER S 208 3.31 34.55 12.51
C SER S 208 3.82 35.87 11.94
N GLY S 209 3.08 36.94 12.22
CA GLY S 209 3.52 38.24 11.74
C GLY S 209 2.54 39.31 12.13
N GLY S 210 2.75 40.52 11.60
CA GLY S 210 1.74 41.58 11.78
C GLY S 210 1.97 42.24 13.15
N SER S 211 0.88 42.59 13.84
CA SER S 211 0.99 43.31 15.09
C SER S 211 0.81 42.38 16.27
N VAL S 212 1.07 42.94 17.45
CA VAL S 212 0.82 42.20 18.67
C VAL S 212 -0.47 42.78 19.24
N ASP S 213 -1.42 41.93 19.59
CA ASP S 213 -2.61 42.37 20.32
C ASP S 213 -2.50 41.86 21.76
N ALA S 214 -3.04 42.58 22.75
CA ALA S 214 -3.01 42.09 24.15
C ALA S 214 -4.36 42.25 24.83
N CYS S 215 -4.61 41.38 25.80
CA CYS S 215 -5.80 41.52 26.65
C CYS S 215 -5.41 41.45 28.12
N VAL S 216 -5.60 42.55 28.84
CA VAL S 216 -5.29 42.62 30.27
C VAL S 216 -6.56 42.43 31.08
N ILE S 217 -6.57 41.36 31.88
CA ILE S 217 -7.75 41.08 32.71
C ILE S 217 -7.40 41.14 34.18
N THR S 218 -8.16 41.93 34.93
CA THR S 218 -7.96 42.01 36.36
C THR S 218 -9.31 41.93 37.05
N GLY S 219 -9.32 42.03 38.39
CA GLY S 219 -10.57 42.00 39.17
C GLY S 219 -11.47 43.19 38.81
N THR S 220 -10.80 44.34 38.56
CA THR S 220 -11.46 45.61 38.31
C THR S 220 -11.99 45.73 36.89
N GLY S 221 -11.14 45.51 35.89
CA GLY S 221 -11.46 45.76 34.49
C GLY S 221 -10.90 44.74 33.50
N ALA S 222 -11.30 44.90 32.23
CA ALA S 222 -10.68 44.24 31.10
C ALA S 222 -10.16 45.29 30.13
N LYS S 223 -8.87 45.21 29.79
CA LYS S 223 -8.31 46.11 28.80
C LYS S 223 -7.95 45.33 27.53
N LEU S 224 -8.77 45.48 26.49
CA LEU S 224 -8.47 44.87 25.20
C LEU S 224 -7.64 45.83 24.37
N LEU S 225 -6.36 45.53 24.19
CA LEU S 225 -5.47 46.42 23.46
C LEU S 225 -5.18 45.91 22.05
N ARG S 226 -6.19 45.92 21.20
CA ARG S 226 -6.02 45.48 19.83
C ARG S 226 -5.05 46.48 19.26
N THR S 227 -3.92 45.97 18.80
CA THR S 227 -2.78 46.74 18.28
C THR S 227 -2.15 47.48 19.47
N LEU S 228 -1.34 46.73 20.20
CA LEU S 228 -0.61 47.22 21.36
C LEU S 228 0.79 47.61 20.90
N SER S 229 1.27 46.89 19.89
CA SER S 229 2.57 47.12 19.32
C SER S 229 2.48 46.84 17.82
N SER S 230 3.14 47.66 17.01
CA SER S 230 3.14 47.50 15.57
C SER S 230 4.57 47.40 15.04
N PRO S 231 5.25 46.25 15.26
CA PRO S 231 6.67 46.09 14.93
C PRO S 231 7.03 46.02 13.44
N THR S 232 6.04 45.94 12.56
CA THR S 232 6.28 45.80 11.13
C THR S 232 5.27 46.64 10.36
N LYS S 233 5.59 46.91 9.08
CA LYS S 233 4.86 47.84 8.25
C LYS S 233 5.32 47.74 6.80
N PRO S 234 4.43 47.93 5.80
CA PRO S 234 4.84 47.94 4.39
C PRO S 234 5.80 49.09 4.12
N THR S 235 6.79 48.88 3.24
CA THR S 235 7.70 49.95 2.87
C THR S 235 6.98 51.06 2.10
N GLU S 236 7.58 52.27 2.14
CA GLU S 236 7.01 53.52 1.65
C GLU S 236 6.64 53.52 0.15
N ARG S 237 7.38 52.76 -0.66
CA ARG S 237 7.20 52.67 -2.12
C ARG S 237 7.70 53.87 -2.93
N PRO S 238 8.78 53.64 -3.73
CA PRO S 238 9.41 54.64 -4.60
C PRO S 238 8.51 55.23 -5.68
N SER S 239 8.31 54.50 -6.77
CA SER S 239 7.45 54.94 -7.86
C SER S 239 6.04 54.43 -7.64
N GLN S 240 5.19 54.55 -8.67
CA GLN S 240 3.83 54.03 -8.59
C GLN S 240 3.24 53.75 -9.99
N TYR S 241 2.00 53.29 -9.98
CA TYR S 241 1.30 52.98 -11.22
C TYR S 241 0.01 53.77 -11.28
N TYR S 242 -0.42 54.07 -12.50
CA TYR S 242 -1.64 54.85 -12.68
C TYR S 242 -2.41 54.38 -13.90
N PHE S 243 -3.72 54.19 -13.71
CA PHE S 243 -4.58 53.85 -14.83
C PHE S 243 -5.50 55.04 -15.09
N ALA S 244 -5.60 55.46 -16.35
CA ALA S 244 -6.42 56.61 -16.70
C ALA S 244 -7.91 56.30 -16.78
N PRO S 245 -8.63 57.05 -17.64
CA PRO S 245 -10.06 56.84 -17.86
C PRO S 245 -10.42 55.49 -18.47
N GLY S 246 -10.22 55.35 -19.79
CA GLY S 246 -10.64 54.17 -20.49
C GLY S 246 -9.43 53.31 -20.88
N THR S 247 -8.58 53.05 -19.90
CA THR S 247 -7.49 52.11 -20.03
C THR S 247 -8.07 50.70 -20.24
N THR S 248 -9.19 50.39 -19.55
CA THR S 248 -9.80 49.08 -19.66
C THR S 248 -10.85 49.08 -20.77
N ALA S 249 -10.68 48.20 -21.75
CA ALA S 249 -11.63 48.08 -22.84
C ALA S 249 -12.88 47.37 -22.33
N VAL S 250 -14.05 47.92 -22.65
CA VAL S 250 -15.31 47.38 -22.18
C VAL S 250 -16.14 46.85 -23.34
N GLN S 251 -16.73 45.67 -23.15
CA GLN S 251 -17.58 45.07 -24.15
C GLN S 251 -19.05 45.47 -24.02
N SER S 252 -19.63 45.29 -22.85
CA SER S 252 -21.03 45.58 -22.59
C SER S 252 -21.10 46.42 -21.31
N GLN S 253 -22.22 47.10 -21.11
CA GLN S 253 -22.50 47.84 -19.89
C GLN S 253 -24.01 47.98 -19.68
N THR S 254 -24.46 47.65 -18.47
CA THR S 254 -25.79 47.94 -18.00
C THR S 254 -25.71 48.77 -16.71
N VAL S 255 -26.49 49.85 -16.64
CA VAL S 255 -26.65 50.60 -15.40
C VAL S 255 -28.03 50.36 -14.83
N LYS S 256 -28.11 50.03 -13.54
CA LYS S 256 -29.40 49.91 -12.89
C LYS S 256 -29.46 50.86 -11.69
N PRO S 257 -30.41 51.82 -11.74
CA PRO S 257 -30.57 52.81 -10.67
C PRO S 257 -31.38 52.22 -9.53
N LEU S 258 -31.03 52.66 -8.32
CA LEU S 258 -31.71 52.16 -7.14
C LEU S 258 -32.59 53.26 -6.55
N THR T 46 23.26 6.52 5.19
CA THR T 46 22.70 6.37 6.53
C THR T 46 21.27 6.89 6.57
N GLN T 47 20.32 5.97 6.44
CA GLN T 47 18.91 6.32 6.44
C GLN T 47 18.28 6.17 7.82
N ASN T 48 18.86 5.30 8.63
CA ASN T 48 18.34 5.07 9.98
C ASN T 48 19.38 5.36 11.06
N PRO T 49 19.33 6.58 11.64
CA PRO T 49 20.25 6.96 12.70
C PRO T 49 19.90 6.29 14.03
N MET T 50 20.88 5.70 14.69
CA MET T 50 20.65 5.03 15.96
C MET T 50 20.86 5.95 17.16
N VAL T 51 22.11 6.15 17.54
CA VAL T 51 22.44 7.02 18.66
C VAL T 51 22.60 8.44 18.15
N THR T 52 21.79 9.35 18.68
CA THR T 52 21.83 10.73 18.22
C THR T 52 22.03 11.74 19.34
N GLY T 53 22.60 12.88 18.96
CA GLY T 53 22.82 13.98 19.87
C GLY T 53 21.84 15.07 19.51
N THR T 54 21.48 15.90 20.47
CA THR T 54 20.51 16.97 20.21
C THR T 54 21.16 18.30 19.74
N SER T 55 20.55 19.42 20.07
CA SER T 55 21.04 20.75 19.66
C SER T 55 22.51 21.09 19.88
N VAL T 56 23.01 21.97 19.03
CA VAL T 56 24.36 22.50 19.12
C VAL T 56 24.21 24.00 18.99
N LEU T 57 24.76 24.76 19.92
CA LEU T 57 24.64 26.22 19.86
C LEU T 57 25.95 26.86 19.43
N GLY T 58 25.86 28.06 18.85
CA GLY T 58 27.04 28.78 18.42
C GLY T 58 26.78 30.26 18.26
N VAL T 59 27.69 31.08 18.77
CA VAL T 59 27.54 32.53 18.67
C VAL T 59 28.89 33.23 18.58
N LYS T 60 28.97 34.21 17.69
CA LYS T 60 30.19 34.99 17.52
C LYS T 60 30.28 36.07 18.58
N PHE T 61 31.50 36.44 18.92
CA PHE T 61 31.75 37.51 19.87
C PHE T 61 33.02 38.25 19.46
N GLU T 62 33.27 39.39 20.08
CA GLU T 62 34.45 40.17 19.75
C GLU T 62 35.74 39.39 19.99
N GLY T 63 36.33 38.90 18.91
CA GLY T 63 37.57 38.15 19.00
C GLY T 63 37.45 36.65 19.21
N GLY T 64 36.34 36.04 18.78
CA GLY T 64 36.19 34.61 18.95
C GLY T 64 34.80 34.06 18.70
N VAL T 65 34.69 32.73 18.81
CA VAL T 65 33.41 32.04 18.63
C VAL T 65 33.26 31.05 19.78
N VAL T 66 32.03 30.90 20.25
CA VAL T 66 31.74 29.96 21.32
C VAL T 66 30.63 29.00 20.87
N ILE T 67 30.81 27.72 21.17
CA ILE T 67 29.81 26.71 20.82
C ILE T 67 29.53 25.81 22.02
N ALA T 68 28.28 25.37 22.14
CA ALA T 68 27.88 24.51 23.24
C ALA T 68 27.09 23.32 22.75
N ALA T 69 27.23 22.20 23.46
CA ALA T 69 26.52 20.98 23.14
C ALA T 69 26.49 20.11 24.38
N ASP T 70 25.40 19.39 24.60
CA ASP T 70 25.33 18.51 25.76
C ASP T 70 26.05 17.20 25.49
N MET T 71 26.27 16.43 26.54
CA MET T 71 26.99 15.19 26.43
C MET T 71 26.12 13.94 26.33
N LEU T 72 24.92 14.08 25.80
CA LEU T 72 24.01 12.96 25.70
C LEU T 72 23.99 12.26 24.34
N GLY T 73 23.98 10.93 24.40
CA GLY T 73 23.88 10.09 23.24
C GLY T 73 22.55 9.38 23.41
N SER T 74 21.56 9.74 22.61
CA SER T 74 20.23 9.17 22.73
C SER T 74 19.93 8.01 21.79
N TYR T 75 19.27 7.00 22.33
CA TYR T 75 18.85 5.82 21.60
C TYR T 75 17.34 5.88 21.60
N GLY T 76 16.76 6.53 20.61
CA GLY T 76 15.32 6.70 20.57
C GLY T 76 15.03 7.73 21.65
N SER T 77 14.18 7.38 22.61
CA SER T 77 13.86 8.29 23.69
C SER T 77 14.69 7.97 24.93
N LEU T 78 15.41 6.85 24.89
CA LEU T 78 16.23 6.45 26.02
C LEU T 78 17.56 7.21 26.05
N ALA T 79 17.92 7.75 27.21
CA ALA T 79 19.18 8.46 27.39
C ALA T 79 20.26 7.42 27.67
N ARG T 80 20.76 6.82 26.60
CA ARG T 80 21.74 5.74 26.68
C ARG T 80 23.18 6.12 27.07
N PHE T 81 23.77 7.09 26.39
CA PHE T 81 25.14 7.48 26.69
C PHE T 81 25.19 8.91 27.22
N ARG T 82 25.37 9.04 28.52
CA ARG T 82 25.37 10.33 29.18
C ARG T 82 26.72 11.02 29.33
N ASN T 83 27.76 10.50 28.70
CA ASN T 83 29.07 11.13 28.83
C ASN T 83 29.91 11.13 27.55
N ILE T 84 29.30 11.48 26.43
CA ILE T 84 30.02 11.51 25.16
C ILE T 84 30.17 12.94 24.65
N SER T 85 31.36 13.30 24.23
CA SER T 85 31.61 14.64 23.72
C SER T 85 31.17 14.77 22.27
N ARG T 86 30.41 15.81 21.97
CA ARG T 86 29.94 16.03 20.61
C ARG T 86 30.63 17.23 19.97
N ILE T 87 31.67 17.72 20.63
CA ILE T 87 32.45 18.84 20.14
C ILE T 87 33.88 18.37 19.88
N MET T 88 34.43 18.72 18.74
CA MET T 88 35.78 18.29 18.40
C MET T 88 36.66 19.44 17.95
N ARG T 89 37.90 19.45 18.41
CA ARG T 89 38.85 20.46 17.97
C ARG T 89 39.40 19.95 16.64
N VAL T 90 39.34 20.77 15.59
CA VAL T 90 39.84 20.38 14.29
C VAL T 90 41.33 20.71 14.19
N ASN T 91 41.65 21.98 14.44
CA ASN T 91 43.02 22.46 14.47
C ASN T 91 43.08 23.64 15.43
N ASP T 92 44.12 24.46 15.37
CA ASP T 92 44.25 25.58 16.29
C ASP T 92 43.23 26.71 16.13
N SER T 93 42.61 26.81 14.96
CA SER T 93 41.66 27.88 14.71
C SER T 93 40.24 27.40 14.43
N THR T 94 40.03 26.09 14.39
CA THR T 94 38.70 25.56 14.06
C THR T 94 38.15 24.51 15.02
N MET T 95 36.87 24.62 15.35
CA MET T 95 36.21 23.65 16.21
C MET T 95 34.95 23.17 15.53
N LEU T 96 34.46 22.00 15.91
CA LEU T 96 33.28 21.43 15.28
C LEU T 96 32.31 20.80 16.27
N GLY T 97 31.05 21.17 16.16
CA GLY T 97 29.99 20.64 17.00
C GLY T 97 29.05 19.89 16.09
N ALA T 98 28.53 18.75 16.56
CA ALA T 98 27.64 17.98 15.71
C ALA T 98 26.43 17.38 16.41
N SER T 99 25.30 17.45 15.73
CA SER T 99 24.05 16.87 16.21
C SER T 99 23.69 15.74 15.25
N GLY T 100 22.83 14.83 15.69
CA GLY T 100 22.43 13.72 14.85
C GLY T 100 23.19 12.45 15.15
N ASP T 101 23.26 11.56 14.16
CA ASP T 101 23.92 10.26 14.30
C ASP T 101 25.35 10.35 14.83
N TYR T 102 25.58 9.78 16.00
CA TYR T 102 26.90 9.81 16.62
C TYR T 102 27.97 9.02 15.88
N ALA T 103 27.59 7.88 15.29
CA ALA T 103 28.55 7.07 14.55
C ALA T 103 29.04 7.81 13.31
N ASP T 104 28.15 8.57 12.67
CA ASP T 104 28.53 9.35 11.49
C ASP T 104 29.46 10.48 11.91
N PHE T 105 29.22 11.05 13.08
CA PHE T 105 30.06 12.12 13.59
C PHE T 105 31.45 11.58 13.92
N GLN T 106 31.52 10.36 14.47
CA GLN T 106 32.80 9.77 14.81
C GLN T 106 33.60 9.49 13.55
N TYR T 107 32.92 9.08 12.49
CA TYR T 107 33.56 8.81 11.22
C TYR T 107 34.06 10.10 10.58
N LEU T 108 33.28 11.17 10.69
CA LEU T 108 33.67 12.47 10.15
C LEU T 108 34.86 13.01 10.94
N LYS T 109 34.85 12.78 12.24
CA LYS T 109 35.93 13.23 13.12
C LYS T 109 37.24 12.52 12.77
N GLN T 110 37.13 11.23 12.43
CA GLN T 110 38.27 10.44 12.04
C GLN T 110 38.87 10.95 10.72
N VAL T 111 38.02 11.17 9.72
CA VAL T 111 38.46 11.64 8.41
C VAL T 111 39.04 13.05 8.46
N LEU T 112 38.35 13.94 9.17
CA LEU T 112 38.80 15.32 9.32
C LEU T 112 40.13 15.37 10.05
N GLY T 113 40.23 14.57 11.12
CA GLY T 113 41.43 14.51 11.92
C GLY T 113 42.66 14.08 11.12
N GLN T 114 42.47 13.12 10.23
CA GLN T 114 43.57 12.63 9.40
C GLN T 114 44.00 13.71 8.41
N MET T 115 43.04 14.38 7.80
CA MET T 115 43.31 15.44 6.85
C MET T 115 44.21 16.50 7.46
N VAL T 116 43.90 16.90 8.67
CA VAL T 116 44.69 17.91 9.38
C VAL T 116 46.09 17.39 9.66
N ILE T 117 46.20 16.13 10.03
CA ILE T 117 47.50 15.53 10.29
C ILE T 117 48.31 15.50 9.01
N ASP T 118 47.67 15.12 7.91
CA ASP T 118 48.32 15.05 6.60
C ASP T 118 48.91 16.40 6.21
N GLU T 119 48.12 17.44 6.40
CA GLU T 119 48.52 18.80 6.07
C GLU T 119 49.68 19.28 6.94
N GLU T 120 49.66 18.90 8.21
CA GLU T 120 50.70 19.30 9.13
C GLU T 120 52.05 18.63 8.86
N LEU T 121 52.02 17.45 8.24
CA LEU T 121 53.24 16.72 7.91
C LEU T 121 54.10 17.49 6.91
N LEU T 122 53.44 18.16 5.97
CA LEU T 122 54.13 18.92 4.94
C LEU T 122 55.00 20.05 5.52
N GLY T 123 54.51 20.69 6.57
CA GLY T 123 55.22 21.78 7.21
C GLY T 123 55.62 22.84 6.20
N ASP T 124 54.66 23.28 5.39
CA ASP T 124 54.92 24.26 4.35
C ASP T 124 54.37 25.66 4.66
N GLY T 125 53.76 25.83 5.82
CA GLY T 125 53.23 27.13 6.20
C GLY T 125 51.78 27.37 5.82
N HIS T 126 51.13 26.38 5.26
CA HIS T 126 49.73 26.51 4.88
C HIS T 126 48.90 25.59 5.76
N SER T 127 47.77 26.09 6.24
CA SER T 127 46.88 25.28 7.07
C SER T 127 45.45 25.59 6.69
N TYR T 128 44.55 24.66 6.99
CA TYR T 128 43.14 24.82 6.68
C TYR T 128 42.47 25.87 7.56
N SER T 129 41.84 26.84 6.92
CA SER T 129 41.12 27.86 7.66
C SER T 129 39.73 27.32 7.97
N PRO T 130 39.01 27.97 8.89
CA PRO T 130 37.64 27.55 9.23
C PRO T 130 36.74 27.50 7.98
N ARG T 131 36.85 28.52 7.14
CA ARG T 131 36.10 28.62 5.89
C ARG T 131 36.35 27.42 4.98
N ALA T 132 37.62 27.05 4.83
CA ALA T 132 37.98 25.92 3.99
C ALA T 132 37.43 24.59 4.51
N ILE T 133 37.38 24.43 5.82
CA ILE T 133 36.85 23.22 6.43
C ILE T 133 35.34 23.17 6.24
N HIS T 134 34.71 24.33 6.36
CA HIS T 134 33.27 24.46 6.18
C HIS T 134 32.90 24.09 4.76
N SER T 135 33.71 24.54 3.80
CA SER T 135 33.53 24.25 2.39
C SER T 135 33.71 22.76 2.12
N TRP T 136 34.75 22.16 2.71
CA TRP T 136 35.01 20.75 2.54
C TRP T 136 33.87 19.89 3.08
N LEU T 137 33.36 20.26 4.24
CA LEU T 137 32.26 19.55 4.86
C LEU T 137 31.02 19.63 3.99
N THR T 138 30.76 20.81 3.43
CA THR T 138 29.61 21.01 2.56
C THR T 138 29.66 20.07 1.37
N ARG T 139 30.81 19.97 0.73
CA ARG T 139 30.97 19.09 -0.42
C ARG T 139 30.79 17.64 -0.01
N ALA T 140 31.35 17.28 1.14
CA ALA T 140 31.25 15.92 1.66
C ALA T 140 29.79 15.51 1.89
N MET T 141 29.03 16.37 2.57
CA MET T 141 27.63 16.10 2.84
C MET T 141 26.81 16.02 1.57
N TYR T 142 27.00 16.98 0.67
CA TYR T 142 26.26 17.00 -0.58
C TYR T 142 26.52 15.74 -1.41
N SER T 143 27.78 15.32 -1.46
CA SER T 143 28.17 14.13 -2.21
C SER T 143 27.44 12.90 -1.69
N ARG T 144 27.46 12.73 -0.37
CA ARG T 144 26.81 11.60 0.26
C ARG T 144 25.30 11.61 0.02
N ARG T 145 24.70 12.80 0.06
CA ARG T 145 23.27 12.96 -0.17
C ARG T 145 22.89 12.62 -1.61
N SER T 146 23.79 12.92 -2.55
CA SER T 146 23.56 12.66 -3.96
C SER T 146 23.58 11.17 -4.34
N LYS T 147 24.22 10.35 -3.50
CA LYS T 147 24.26 8.91 -3.72
C LYS T 147 23.21 8.22 -2.87
N MET T 148 22.30 9.00 -2.29
CA MET T 148 21.21 8.53 -1.41
C MET T 148 21.71 7.76 -0.18
N ASN T 149 22.85 8.19 0.34
CA ASN T 149 23.49 7.57 1.50
C ASN T 149 24.09 8.70 2.31
N PRO T 150 23.22 9.53 2.90
CA PRO T 150 23.63 10.70 3.67
C PRO T 150 24.29 10.42 5.01
N LEU T 151 25.09 11.38 5.45
CA LEU T 151 25.71 11.32 6.75
C LEU T 151 24.68 12.08 7.56
N TRP T 152 23.96 11.38 8.43
CA TRP T 152 22.89 11.97 9.22
C TRP T 152 23.34 12.94 10.30
N ASN T 153 23.92 14.07 9.92
CA ASN T 153 24.39 15.04 10.90
C ASN T 153 24.12 16.48 10.49
N THR T 154 23.96 17.34 11.49
CA THR T 154 23.80 18.76 11.27
C THR T 154 25.00 19.32 12.01
N MET T 155 25.82 20.11 11.33
CA MET T 155 27.03 20.62 11.97
C MET T 155 27.19 22.12 12.10
N VAL T 156 27.91 22.50 13.14
CA VAL T 156 28.21 23.89 13.42
C VAL T 156 29.72 24.03 13.44
N ILE T 157 30.25 24.89 12.57
CA ILE T 157 31.69 25.09 12.51
C ILE T 157 32.05 26.48 13.05
N GLY T 158 32.94 26.50 14.02
CA GLY T 158 33.39 27.73 14.63
C GLY T 158 34.87 27.91 14.39
N GLY T 159 35.30 29.14 14.18
CA GLY T 159 36.70 29.38 13.94
C GLY T 159 37.13 30.82 14.04
N TYR T 160 38.42 31.01 14.23
CA TYR T 160 38.99 32.35 14.32
C TYR T 160 40.29 32.37 13.55
N ALA T 161 40.35 33.21 12.54
CA ALA T 161 41.55 33.32 11.70
C ALA T 161 41.71 34.75 11.19
N ASP T 162 42.94 35.24 11.24
CA ASP T 162 43.28 36.59 10.78
C ASP T 162 42.37 37.67 11.34
N GLY T 163 42.12 37.62 12.65
CA GLY T 163 41.26 38.57 13.34
C GLY T 163 39.79 38.57 12.96
N GLU T 164 39.31 37.45 12.40
CA GLU T 164 37.95 37.32 11.96
C GLU T 164 37.32 36.05 12.52
N SER T 165 36.15 36.17 13.12
CA SER T 165 35.49 34.99 13.67
C SER T 165 34.60 34.37 12.60
N PHE T 166 34.57 33.04 12.55
CA PHE T 166 33.77 32.33 11.56
C PHE T 166 32.75 31.40 12.21
N LEU T 167 31.54 31.37 11.66
CA LEU T 167 30.49 30.51 12.16
C LEU T 167 29.68 29.93 11.01
N GLY T 168 29.86 28.65 10.75
CA GLY T 168 29.16 28.01 9.65
C GLY T 168 28.28 26.85 10.02
N TYR T 169 27.24 26.65 9.22
CA TYR T 169 26.26 25.60 9.42
C TYR T 169 26.25 24.69 8.21
N VAL T 170 26.23 23.38 8.43
CA VAL T 170 26.16 22.42 7.32
C VAL T 170 25.21 21.31 7.70
N ASP T 171 24.13 21.13 6.96
CA ASP T 171 23.20 20.04 7.28
C ASP T 171 23.47 18.81 6.40
N MET T 172 22.69 17.76 6.60
CA MET T 172 22.87 16.51 5.87
C MET T 172 22.51 16.53 4.38
N LEU T 173 21.75 17.53 3.96
CA LEU T 173 21.37 17.65 2.56
C LEU T 173 22.38 18.44 1.75
N GLY T 174 23.32 19.08 2.42
CA GLY T 174 24.32 19.88 1.75
C GLY T 174 24.02 21.37 1.86
N VAL T 175 22.97 21.70 2.59
CA VAL T 175 22.58 23.09 2.81
C VAL T 175 23.60 23.76 3.73
N ALA T 176 24.27 24.80 3.25
CA ALA T 176 25.26 25.49 4.06
C ALA T 176 25.17 27.01 4.00
N TYR T 177 25.53 27.68 5.09
CA TYR T 177 25.50 29.13 5.18
C TYR T 177 26.22 29.63 6.43
N GLU T 178 26.38 30.93 6.55
CA GLU T 178 27.02 31.53 7.71
C GLU T 178 26.08 32.52 8.39
N ALA T 179 26.24 32.68 9.70
CA ALA T 179 25.43 33.60 10.46
C ALA T 179 26.10 33.98 11.78
N PRO T 180 25.65 35.08 12.40
CA PRO T 180 26.19 35.57 13.68
C PRO T 180 25.90 34.60 14.83
N SER T 181 24.80 33.86 14.74
CA SER T 181 24.42 32.88 15.76
C SER T 181 23.74 31.70 15.08
N LEU T 182 23.91 30.51 15.66
CA LEU T 182 23.36 29.29 15.10
C LEU T 182 22.84 28.34 16.15
N ALA T 183 21.88 27.51 15.77
CA ALA T 183 21.30 26.52 16.66
C ALA T 183 20.69 25.39 15.84
N THR T 184 21.18 24.17 16.03
CA THR T 184 20.65 23.04 15.27
C THR T 184 19.51 22.34 15.99
N GLY T 185 18.77 21.52 15.24
CA GLY T 185 17.66 20.76 15.78
C GLY T 185 16.58 21.55 16.48
N TYR T 186 16.35 21.22 17.74
CA TYR T 186 15.34 21.89 18.55
C TYR T 186 15.76 23.28 19.02
N GLY T 187 17.06 23.57 18.97
CA GLY T 187 17.59 24.87 19.33
C GLY T 187 17.14 25.96 18.37
N ALA T 188 16.94 25.59 17.10
CA ALA T 188 16.47 26.54 16.11
C ALA T 188 15.16 27.20 16.57
N TYR T 189 14.30 26.43 17.21
CA TYR T 189 13.03 26.95 17.70
C TYR T 189 13.12 27.50 19.11
N LEU T 190 14.03 26.97 19.93
CA LEU T 190 14.13 27.39 21.31
C LEU T 190 15.28 28.35 21.65
N ALA T 191 16.47 28.06 21.16
CA ALA T 191 17.63 28.91 21.46
C ALA T 191 17.82 30.09 20.51
N GLN T 192 17.74 29.84 19.21
CA GLN T 192 17.92 30.86 18.19
C GLN T 192 17.12 32.15 18.45
N PRO T 193 15.83 32.03 18.78
CA PRO T 193 15.02 33.21 19.07
C PRO T 193 15.65 34.10 20.15
N LEU T 194 16.14 33.51 21.24
CA LEU T 194 16.79 34.26 22.30
C LEU T 194 18.11 34.87 21.84
N LEU T 195 18.90 34.08 21.11
CA LEU T 195 20.17 34.54 20.60
C LEU T 195 20.00 35.74 19.69
N ARG T 196 19.07 35.62 18.74
CA ARG T 196 18.80 36.67 17.78
C ARG T 196 18.28 37.94 18.45
N GLU T 197 17.47 37.76 19.49
CA GLU T 197 16.92 38.89 20.21
C GLU T 197 18.01 39.74 20.86
N VAL T 198 19.03 39.10 21.39
CA VAL T 198 20.13 39.80 22.03
C VAL T 198 21.02 40.48 21.00
N LEU T 199 21.14 39.86 19.82
CA LEU T 199 21.96 40.40 18.75
C LEU T 199 21.27 41.53 17.97
N GLU T 200 19.97 41.71 18.20
CA GLU T 200 19.20 42.76 17.55
C GLU T 200 19.39 44.06 18.32
N LYS T 201 19.83 43.95 19.57
CA LYS T 201 20.07 45.12 20.40
C LYS T 201 21.55 45.42 20.54
N GLN T 202 22.37 44.37 20.52
CA GLN T 202 23.81 44.51 20.65
C GLN T 202 24.54 43.52 19.75
N PRO T 203 24.76 43.90 18.48
CA PRO T 203 25.41 43.09 17.45
C PRO T 203 26.79 42.56 17.83
N VAL T 204 27.58 43.36 18.54
CA VAL T 204 28.92 42.92 18.95
C VAL T 204 28.95 42.57 20.42
N LEU T 205 29.15 41.29 20.71
CA LEU T 205 29.20 40.83 22.09
C LEU T 205 30.62 40.59 22.55
N SER T 206 30.84 40.71 23.85
CA SER T 206 32.15 40.42 24.42
C SER T 206 32.17 38.93 24.76
N GLN T 207 33.34 38.39 25.08
CA GLN T 207 33.44 36.97 25.40
C GLN T 207 32.56 36.60 26.60
N THR T 208 32.54 37.44 27.63
CA THR T 208 31.74 37.18 28.81
C THR T 208 30.25 37.23 28.52
N GLU T 209 29.83 38.17 27.68
CA GLU T 209 28.42 38.30 27.33
C GLU T 209 27.96 37.08 26.53
N ALA T 210 28.79 36.67 25.57
CA ALA T 210 28.46 35.52 24.73
C ALA T 210 28.36 34.25 25.57
N ARG T 211 29.25 34.13 26.54
CA ARG T 211 29.26 32.97 27.42
C ARG T 211 27.99 32.89 28.28
N GLU T 212 27.61 34.01 28.86
CA GLU T 212 26.41 34.07 29.69
C GLU T 212 25.15 33.81 28.87
N LEU T 213 25.11 34.35 27.66
CA LEU T 213 23.98 34.18 26.78
C LEU T 213 23.80 32.71 26.40
N VAL T 214 24.91 32.02 26.17
CA VAL T 214 24.90 30.61 25.83
C VAL T 214 24.38 29.76 26.98
N GLU T 215 24.76 30.12 28.20
CA GLU T 215 24.32 29.37 29.38
C GLU T 215 22.82 29.54 29.59
N ARG T 216 22.29 30.71 29.27
CA ARG T 216 20.86 30.95 29.41
C ARG T 216 20.09 30.07 28.43
N CYS T 217 20.64 29.92 27.22
CA CYS T 217 20.03 29.09 26.20
C CYS T 217 20.05 27.61 26.58
N MET T 218 21.14 27.17 27.20
CA MET T 218 21.26 25.77 27.62
C MET T 218 20.21 25.39 28.66
N ARG T 219 19.88 26.32 29.55
CA ARG T 219 18.88 26.11 30.57
C ARG T 219 17.49 25.95 29.95
N VAL T 220 17.15 26.81 29.00
CA VAL T 220 15.87 26.74 28.31
C VAL T 220 15.74 25.40 27.58
N LEU T 221 16.82 24.97 26.93
CA LEU T 221 16.82 23.70 26.22
C LEU T 221 16.57 22.54 27.16
N TYR T 222 17.13 22.62 28.36
CA TYR T 222 16.94 21.58 29.35
C TYR T 222 15.50 21.55 29.86
N TYR T 223 14.86 22.71 29.94
CA TYR T 223 13.48 22.80 30.38
C TYR T 223 12.48 22.31 29.35
N ARG T 224 12.75 22.56 28.08
CA ARG T 224 11.81 22.25 27.02
C ARG T 224 12.14 21.18 25.98
N ASP T 225 13.37 20.69 25.94
CA ASP T 225 13.72 19.65 24.97
C ASP T 225 13.81 18.31 25.68
N ALA T 226 12.95 17.38 25.30
CA ALA T 226 12.90 16.05 25.91
C ALA T 226 14.13 15.16 25.67
N ARG T 227 14.89 15.43 24.63
CA ARG T 227 16.08 14.66 24.33
C ARG T 227 17.34 15.34 24.84
N SER T 228 17.16 16.32 25.72
CA SER T 228 18.31 17.04 26.26
C SER T 228 18.77 16.51 27.62
N TYR T 229 19.96 16.89 28.03
CA TYR T 229 20.51 16.44 29.29
C TYR T 229 21.24 17.58 29.97
N ASN T 230 21.14 17.68 31.29
CA ASN T 230 21.79 18.77 32.03
C ASN T 230 23.27 18.55 32.36
N ARG T 231 24.04 18.33 31.30
CA ARG T 231 25.49 18.12 31.36
C ARG T 231 26.00 18.50 29.98
N PHE T 232 26.68 19.64 29.88
CA PHE T 232 27.15 20.09 28.59
C PHE T 232 28.59 20.60 28.56
N GLN T 233 29.06 20.87 27.36
CA GLN T 233 30.40 21.37 27.15
C GLN T 233 30.35 22.71 26.44
N ILE T 234 31.32 23.56 26.71
CA ILE T 234 31.40 24.86 26.06
C ILE T 234 32.78 25.00 25.44
N ALA T 235 32.83 25.13 24.12
CA ALA T 235 34.11 25.28 23.43
C ALA T 235 34.28 26.71 22.94
N THR T 236 35.47 27.25 23.13
CA THR T 236 35.77 28.60 22.71
C THR T 236 37.01 28.67 21.84
N VAL T 237 36.93 29.43 20.77
CA VAL T 237 38.07 29.62 19.90
C VAL T 237 38.39 31.10 19.82
N THR T 238 39.64 31.44 20.10
CA THR T 238 40.10 32.82 20.04
C THR T 238 41.44 32.82 19.34
N GLU T 239 42.26 33.84 19.62
CA GLU T 239 43.58 33.92 19.04
C GLU T 239 44.54 32.94 19.70
N LYS T 240 44.24 32.57 20.95
CA LYS T 240 45.06 31.62 21.71
C LYS T 240 44.79 30.15 21.36
N GLY T 241 43.80 29.88 20.52
CA GLY T 241 43.49 28.53 20.14
C GLY T 241 42.10 28.08 20.55
N VAL T 242 41.89 26.77 20.57
CA VAL T 242 40.61 26.18 20.92
C VAL T 242 40.64 25.59 22.32
N GLU T 243 39.67 25.97 23.16
CA GLU T 243 39.57 25.47 24.53
C GLU T 243 38.21 24.82 24.75
N ILE T 244 38.20 23.69 25.45
CA ILE T 244 36.94 23.00 25.70
C ILE T 244 36.66 22.79 27.18
N GLU T 245 35.72 23.57 27.72
CA GLU T 245 35.35 23.45 29.13
C GLU T 245 34.22 22.46 29.28
N GLY T 246 34.22 21.73 30.37
CA GLY T 246 33.18 20.75 30.63
C GLY T 246 33.63 19.74 31.66
N PRO T 247 32.69 18.95 32.19
CA PRO T 247 31.24 19.10 32.04
C PRO T 247 30.68 20.24 32.85
N LEU T 248 29.63 20.85 32.35
CA LEU T 248 28.98 21.96 33.03
C LEU T 248 27.50 21.65 33.21
N SER T 249 26.86 22.38 34.09
CA SER T 249 25.45 22.21 34.37
C SER T 249 24.81 23.57 34.53
N ALA T 250 23.55 23.67 34.15
CA ALA T 250 22.82 24.92 34.27
C ALA T 250 22.02 24.89 35.56
N GLU T 251 21.84 26.06 36.18
CA GLU T 251 21.07 26.16 37.41
C GLU T 251 19.59 26.15 37.04
N THR T 252 18.84 25.23 37.62
CA THR T 252 17.42 25.12 37.28
C THR T 252 16.46 25.53 38.40
N ASN T 253 15.38 26.18 37.99
CA ASN T 253 14.36 26.65 38.92
C ASN T 253 13.06 25.89 38.71
N TRP T 254 12.48 25.40 39.80
CA TRP T 254 11.23 24.66 39.71
C TRP T 254 10.16 25.27 40.60
N GLU T 255 10.20 26.59 40.75
CA GLU T 255 9.24 27.34 41.56
C GLU T 255 7.80 27.18 41.09
N ILE T 256 7.60 27.08 39.77
CA ILE T 256 6.27 26.93 39.18
C ILE T 256 5.50 25.66 39.60
N ALA T 257 6.20 24.60 39.98
CA ALA T 257 5.57 23.37 40.44
C ALA T 257 4.68 23.60 41.67
N HIS T 258 5.13 24.46 42.58
CA HIS T 258 4.35 24.78 43.76
C HIS T 258 3.10 25.58 43.40
N MET T 259 3.20 26.41 42.36
CA MET T 259 2.07 27.22 41.91
C MET T 259 0.92 26.36 41.39
N THR U 1 18.06 -11.47 24.98
CA THR U 1 19.53 -11.53 25.21
C THR U 1 19.94 -10.41 26.18
N THR U 2 20.77 -10.72 27.16
CA THR U 2 21.25 -9.70 28.09
C THR U 2 22.75 -9.88 28.28
N ILE U 3 23.52 -8.85 27.98
CA ILE U 3 24.97 -8.90 28.15
C ILE U 3 25.45 -7.73 29.01
N MET U 4 26.53 -7.94 29.74
CA MET U 4 27.06 -6.91 30.62
C MET U 4 28.56 -7.09 30.86
N ALA U 5 29.29 -5.98 30.92
CA ALA U 5 30.72 -6.00 31.17
C ALA U 5 31.10 -4.89 32.13
N VAL U 6 31.93 -5.20 33.12
CA VAL U 6 32.35 -4.21 34.10
C VAL U 6 33.88 -4.12 34.21
N GLU U 7 34.39 -2.90 34.31
CA GLU U 7 35.82 -2.70 34.48
C GLU U 7 36.15 -2.66 35.97
N PHE U 8 37.25 -3.27 36.35
CA PHE U 8 37.71 -3.23 37.74
C PHE U 8 39.22 -2.99 37.75
N ASP U 9 39.79 -2.60 38.88
CA ASP U 9 41.22 -2.36 38.91
C ASP U 9 42.03 -3.62 38.65
N GLY U 10 42.48 -3.78 37.42
CA GLY U 10 43.28 -4.94 37.05
C GLY U 10 42.63 -5.90 36.08
N GLY U 11 41.42 -5.60 35.60
CA GLY U 11 40.76 -6.50 34.67
C GLY U 11 39.29 -6.23 34.42
N VAL U 12 38.62 -7.19 33.79
CA VAL U 12 37.21 -7.03 33.49
C VAL U 12 36.38 -8.27 33.80
N VAL U 13 35.09 -8.04 34.01
CA VAL U 13 34.16 -9.12 34.26
C VAL U 13 33.10 -8.99 33.18
N VAL U 14 32.89 -10.04 32.40
CA VAL U 14 31.88 -10.00 31.35
C VAL U 14 30.94 -11.19 31.50
N GLY U 15 29.65 -10.97 31.33
CA GLY U 15 28.69 -12.06 31.46
C GLY U 15 27.47 -11.91 30.58
N SER U 16 26.72 -13.00 30.42
CA SER U 16 25.52 -12.97 29.60
C SER U 16 24.57 -14.13 29.88
N ASP U 17 23.38 -14.06 29.31
CA ASP U 17 22.38 -15.11 29.43
C ASP U 17 22.65 -16.17 28.35
N SER U 18 21.90 -17.27 28.37
CA SER U 18 22.14 -18.33 27.40
C SER U 18 20.98 -18.65 26.45
N ARG U 19 20.06 -17.71 26.29
CA ARG U 19 18.89 -17.97 25.45
C ARG U 19 18.95 -17.51 23.98
N VAL U 20 18.66 -18.44 23.07
CA VAL U 20 18.58 -18.13 21.65
C VAL U 20 17.11 -18.30 21.34
N SER U 21 16.47 -17.29 20.78
CA SER U 21 15.04 -17.38 20.51
C SER U 21 14.61 -17.12 19.08
N ALA U 22 13.52 -17.79 18.70
CA ALA U 22 12.93 -17.64 17.38
C ALA U 22 11.46 -17.45 17.66
N GLY U 23 11.06 -16.19 17.83
CA GLY U 23 9.68 -15.87 18.14
C GLY U 23 9.40 -16.24 19.59
N GLU U 24 8.56 -17.23 19.78
CA GLU U 24 8.21 -17.68 21.13
C GLU U 24 8.89 -19.00 21.48
N ALA U 25 9.59 -19.58 20.53
CA ALA U 25 10.27 -20.85 20.75
C ALA U 25 11.73 -20.66 21.14
N VAL U 26 12.19 -21.45 22.10
CA VAL U 26 13.58 -21.39 22.53
C VAL U 26 14.36 -22.42 21.72
N VAL U 27 15.13 -21.95 20.76
CA VAL U 27 15.92 -22.80 19.88
C VAL U 27 17.18 -23.36 20.51
N ASN U 28 17.73 -22.64 21.48
CA ASN U 28 18.93 -23.06 22.20
C ASN U 28 18.87 -22.42 23.57
N ARG U 29 18.71 -23.24 24.60
CA ARG U 29 18.60 -22.70 25.96
C ARG U 29 19.91 -22.63 26.73
N ALA U 30 21.01 -23.07 26.14
CA ALA U 30 22.30 -23.05 26.82
C ALA U 30 23.43 -22.49 25.95
N PHE U 31 23.12 -21.54 25.09
CA PHE U 31 24.09 -20.93 24.19
C PHE U 31 25.12 -20.05 24.90
N ASN U 32 26.36 -20.13 24.45
CA ASN U 32 27.43 -19.32 25.02
C ASN U 32 27.60 -18.05 24.20
N LYS U 33 27.20 -16.92 24.76
CA LYS U 33 27.30 -15.64 24.06
C LYS U 33 28.64 -14.92 24.29
N LEU U 34 29.52 -15.50 25.10
CA LEU U 34 30.82 -14.91 25.37
C LEU U 34 31.84 -15.56 24.45
N SER U 35 32.40 -14.78 23.53
CA SER U 35 33.37 -15.33 22.59
C SER U 35 34.72 -14.64 22.65
N PRO U 36 35.79 -15.43 22.75
CA PRO U 36 37.17 -14.91 22.80
C PRO U 36 37.69 -14.51 21.43
N LEU U 37 38.23 -13.29 21.34
CA LEU U 37 38.79 -12.80 20.10
C LEU U 37 40.30 -13.00 20.12
N HIS U 38 40.85 -13.08 21.33
CA HIS U 38 42.28 -13.28 21.57
C HIS U 38 42.45 -13.76 23.01
N GLN U 39 43.68 -14.12 23.38
CA GLN U 39 44.00 -14.60 24.72
C GLN U 39 43.39 -13.81 25.88
N HIS U 40 43.45 -12.49 25.83
CA HIS U 40 42.89 -11.67 26.90
C HIS U 40 41.80 -10.72 26.44
N ILE U 41 41.22 -10.98 25.28
CA ILE U 41 40.17 -10.11 24.76
C ILE U 41 38.91 -10.90 24.41
N TYR U 42 37.79 -10.47 24.98
CA TYR U 42 36.51 -11.14 24.73
C TYR U 42 35.48 -10.20 24.15
N CYS U 43 34.42 -10.78 23.65
CA CYS U 43 33.33 -9.98 23.12
C CYS U 43 32.00 -10.65 23.45
N ALA U 44 31.02 -9.84 23.82
CA ALA U 44 29.69 -10.35 24.15
C ALA U 44 28.81 -10.10 22.93
N LEU U 45 28.02 -11.10 22.56
CA LEU U 45 27.15 -10.97 21.39
C LEU U 45 25.68 -10.74 21.74
N SER U 46 25.05 -9.86 20.98
CA SER U 46 23.64 -9.56 21.14
C SER U 46 23.09 -9.22 19.76
N GLY U 47 21.80 -9.44 19.54
CA GLY U 47 21.20 -9.18 18.25
C GLY U 47 21.13 -10.46 17.42
N SER U 48 21.39 -10.34 16.12
CA SER U 48 21.35 -11.50 15.24
C SER U 48 22.50 -12.47 15.50
N ALA U 49 22.18 -13.74 15.68
CA ALA U 49 23.19 -14.76 15.93
C ALA U 49 24.13 -14.96 14.75
N ALA U 50 23.59 -14.95 13.53
CA ALA U 50 24.42 -15.13 12.35
C ALA U 50 25.38 -13.96 12.12
N ASP U 51 24.86 -12.74 12.22
CA ASP U 51 25.70 -11.55 12.04
C ASP U 51 26.81 -11.47 13.09
N ALA U 52 26.45 -11.65 14.36
CA ALA U 52 27.43 -11.60 15.44
C ALA U 52 28.51 -12.67 15.30
N GLN U 53 28.11 -13.88 14.94
CA GLN U 53 29.06 -14.97 14.78
C GLN U 53 30.02 -14.69 13.63
N ALA U 54 29.49 -14.18 12.53
CA ALA U 54 30.30 -13.86 11.37
C ALA U 54 31.28 -12.72 11.67
N MET U 55 30.80 -11.69 12.37
CA MET U 55 31.64 -10.55 12.72
C MET U 55 32.75 -10.98 13.67
N ALA U 56 32.40 -11.75 14.70
CA ALA U 56 33.37 -12.23 15.67
C ALA U 56 34.49 -13.04 15.00
N ASP U 57 34.12 -13.90 14.06
CA ASP U 57 35.10 -14.71 13.35
C ASP U 57 36.00 -13.86 12.46
N MET U 58 35.42 -12.89 11.77
CA MET U 58 36.18 -11.99 10.91
C MET U 58 37.20 -11.22 11.73
N ALA U 59 36.78 -10.72 12.89
CA ALA U 59 37.64 -9.95 13.78
C ALA U 59 38.75 -10.81 14.38
N ALA U 60 38.40 -12.00 14.86
CA ALA U 60 39.37 -12.90 15.46
C ALA U 60 40.50 -13.21 14.47
N TYR U 61 40.12 -13.38 13.21
CA TYR U 61 41.06 -13.64 12.13
C TYR U 61 41.98 -12.45 11.92
N GLN U 62 41.40 -11.25 11.83
CA GLN U 62 42.16 -10.02 11.61
C GLN U 62 43.10 -9.70 12.77
N LEU U 63 42.65 -9.98 13.98
CA LEU U 63 43.44 -9.70 15.17
C LEU U 63 44.59 -10.71 15.34
N GLU U 64 44.34 -11.95 14.96
CA GLU U 64 45.35 -13.00 15.05
C GLU U 64 46.52 -12.66 14.16
N LEU U 65 46.22 -12.28 12.92
CA LEU U 65 47.23 -11.91 11.94
C LEU U 65 48.00 -10.68 12.40
N HIS U 66 47.26 -9.70 12.90
CA HIS U 66 47.81 -8.45 13.39
C HIS U 66 48.78 -8.69 14.54
N GLY U 67 48.42 -9.60 15.44
CA GLY U 67 49.25 -9.95 16.56
C GLY U 67 50.56 -10.62 16.20
N LEU U 68 50.52 -11.44 15.15
CA LEU U 68 51.72 -12.15 14.71
C LEU U 68 52.65 -11.23 13.92
N GLU U 69 52.09 -10.20 13.31
CA GLU U 69 52.87 -9.25 12.54
C GLU U 69 53.58 -8.27 13.45
N LEU U 70 52.89 -7.83 14.50
CA LEU U 70 53.42 -6.86 15.46
C LEU U 70 54.24 -7.52 16.57
N GLU U 71 54.27 -8.85 16.57
CA GLU U 71 55.01 -9.64 17.56
C GLU U 71 54.67 -9.30 19.02
N GLU U 72 53.39 -9.05 19.31
CA GLU U 72 52.96 -8.72 20.66
C GLU U 72 51.45 -8.91 20.82
N PRO U 73 50.98 -8.97 22.07
CA PRO U 73 49.54 -9.13 22.32
C PRO U 73 48.79 -7.86 21.91
N PRO U 74 47.69 -8.01 21.16
CA PRO U 74 46.92 -6.86 20.68
C PRO U 74 46.26 -6.07 21.81
N LEU U 75 46.17 -4.77 21.62
CA LEU U 75 45.55 -3.92 22.62
C LEU U 75 44.04 -4.08 22.54
N VAL U 76 43.35 -3.82 23.64
CA VAL U 76 41.90 -3.92 23.67
C VAL U 76 41.27 -2.88 22.74
N LEU U 77 41.86 -1.68 22.69
CA LEU U 77 41.37 -0.63 21.81
C LEU U 77 41.46 -1.04 20.33
N ALA U 78 42.51 -1.76 19.96
CA ALA U 78 42.67 -2.21 18.58
C ALA U 78 41.57 -3.20 18.22
N ALA U 79 41.23 -4.09 19.15
CA ALA U 79 40.19 -5.06 18.94
C ALA U 79 38.83 -4.37 18.78
N ALA U 80 38.61 -3.32 19.57
CA ALA U 80 37.37 -2.56 19.51
C ALA U 80 37.27 -1.78 18.20
N ASN U 81 38.41 -1.26 17.74
CA ASN U 81 38.46 -0.50 16.50
C ASN U 81 38.16 -1.41 15.31
N VAL U 82 38.70 -2.62 15.33
CA VAL U 82 38.49 -3.57 14.26
C VAL U 82 37.02 -3.96 14.21
N VAL U 83 36.41 -4.11 15.38
CA VAL U 83 34.99 -4.47 15.46
C VAL U 83 34.15 -3.27 15.04
N ARG U 84 34.54 -2.08 15.47
CA ARG U 84 33.84 -0.85 15.11
C ARG U 84 33.83 -0.66 13.60
N ASN U 85 34.99 -0.86 12.98
CA ASN U 85 35.13 -0.71 11.54
C ASN U 85 34.17 -1.59 10.75
N ILE U 86 34.11 -2.87 11.12
CA ILE U 86 33.24 -3.81 10.46
C ILE U 86 31.78 -3.46 10.71
N SER U 87 31.47 -3.08 11.95
CA SER U 87 30.12 -2.73 12.35
C SER U 87 29.61 -1.46 11.69
N TYR U 88 30.49 -0.50 11.46
CA TYR U 88 30.08 0.75 10.84
C TYR U 88 29.94 0.60 9.33
N LYS U 89 30.89 -0.08 8.72
CA LYS U 89 30.89 -0.30 7.28
C LYS U 89 29.63 -1.04 6.82
N TYR U 90 29.22 -2.03 7.57
CA TYR U 90 28.04 -2.82 7.22
C TYR U 90 26.85 -2.54 8.11
N ARG U 91 26.69 -1.30 8.58
CA ARG U 91 25.57 -0.96 9.46
C ARG U 91 24.20 -1.25 8.84
N GLU U 92 24.06 -1.06 7.54
CA GLU U 92 22.80 -1.31 6.84
C GLU U 92 22.43 -2.79 6.81
N ASP U 93 23.42 -3.66 6.74
CA ASP U 93 23.18 -5.09 6.66
C ASP U 93 23.26 -5.86 7.98
N LEU U 94 24.10 -5.42 8.90
CA LEU U 94 24.26 -6.14 10.16
C LEU U 94 23.35 -5.66 11.28
N SER U 95 22.82 -6.62 12.03
CA SER U 95 21.95 -6.32 13.15
C SER U 95 22.51 -7.00 14.40
N ALA U 96 23.73 -6.64 14.77
CA ALA U 96 24.35 -7.25 15.94
C ALA U 96 25.31 -6.31 16.66
N HIS U 97 25.18 -6.23 17.97
CA HIS U 97 26.03 -5.38 18.79
C HIS U 97 27.09 -6.19 19.54
N LEU U 98 28.34 -6.11 19.08
CA LEU U 98 29.45 -6.82 19.67
C LEU U 98 30.19 -6.00 20.73
N MET U 99 29.83 -6.18 22.00
CA MET U 99 30.46 -5.50 23.14
C MET U 99 31.85 -6.07 23.44
N ILE U 100 32.87 -5.22 23.49
CA ILE U 100 34.25 -5.66 23.70
C ILE U 100 34.83 -5.40 25.09
N ALA U 101 35.46 -6.41 25.65
CA ALA U 101 36.07 -6.31 26.98
C ALA U 101 37.34 -7.15 27.06
N GLY U 102 38.38 -6.62 27.70
CA GLY U 102 39.62 -7.35 27.82
C GLY U 102 40.69 -6.66 28.63
N TRP U 103 41.88 -7.24 28.61
CA TRP U 103 43.00 -6.70 29.35
C TRP U 103 44.26 -6.64 28.50
N ASP U 104 45.01 -5.56 28.63
CA ASP U 104 46.29 -5.42 27.94
C ASP U 104 47.26 -4.72 28.89
N ARG U 105 48.56 -4.80 28.61
CA ARG U 105 49.55 -4.21 29.50
C ARG U 105 49.62 -2.68 29.49
N ARG U 106 49.03 -2.04 28.50
CA ARG U 106 49.08 -0.57 28.44
C ARG U 106 47.95 0.13 29.19
N ASP U 107 46.72 -0.30 29.00
CA ASP U 107 45.58 0.35 29.66
C ASP U 107 44.81 -0.48 30.68
N GLY U 108 45.23 -1.72 30.91
CA GLY U 108 44.56 -2.57 31.88
C GLY U 108 43.21 -3.09 31.39
N GLY U 109 42.26 -3.19 32.31
CA GLY U 109 40.92 -3.66 31.98
C GLY U 109 40.07 -2.62 31.29
N GLN U 110 39.60 -2.92 30.08
CA GLN U 110 38.79 -1.98 29.34
C GLN U 110 37.51 -2.58 28.77
N VAL U 111 36.44 -1.80 28.80
CA VAL U 111 35.15 -2.22 28.28
C VAL U 111 34.74 -1.25 27.18
N TYR U 112 34.42 -1.78 26.00
CA TYR U 112 34.02 -0.94 24.88
C TYR U 112 32.68 -1.35 24.30
N GLY U 113 31.81 -0.39 24.11
CA GLY U 113 30.52 -0.64 23.48
C GLY U 113 30.72 -0.19 22.05
N THR U 114 30.42 -1.06 21.08
CA THR U 114 30.60 -0.68 19.68
C THR U 114 29.36 -0.81 18.81
N MET U 115 28.19 -0.66 19.42
CA MET U 115 26.91 -0.76 18.70
C MET U 115 26.74 0.22 17.55
N GLY U 116 26.41 -0.29 16.37
CA GLY U 116 26.16 0.52 15.19
C GLY U 116 27.31 1.25 14.54
N GLY U 117 28.53 0.96 14.95
CA GLY U 117 29.71 1.62 14.40
C GLY U 117 30.24 2.71 15.29
N MET U 118 29.57 2.96 16.40
CA MET U 118 30.01 3.99 17.34
C MET U 118 30.79 3.36 18.48
N LEU U 119 32.02 3.82 18.71
CA LEU U 119 32.87 3.29 19.76
C LEU U 119 32.91 4.16 21.03
N THR U 120 32.55 3.58 22.16
CA THR U 120 32.55 4.30 23.42
C THR U 120 33.13 3.47 24.56
N ARG U 121 34.08 4.04 25.29
CA ARG U 121 34.69 3.36 26.42
C ARG U 121 33.89 3.68 27.67
N GLN U 122 33.50 2.66 28.41
CA GLN U 122 32.72 2.87 29.62
C GLN U 122 33.22 2.02 30.78
N PRO U 123 32.92 2.45 32.01
CA PRO U 123 33.29 1.71 33.23
C PRO U 123 32.45 0.44 33.34
N PHE U 124 31.28 0.45 32.72
CA PHE U 124 30.39 -0.71 32.67
C PHE U 124 29.39 -0.55 31.53
N ALA U 125 29.10 -1.64 30.85
CA ALA U 125 28.18 -1.61 29.72
C ALA U 125 27.14 -2.72 29.77
N ILE U 126 25.94 -2.43 29.29
CA ILE U 126 24.86 -3.41 29.24
C ILE U 126 24.23 -3.38 27.86
N GLY U 127 23.84 -4.55 27.36
CA GLY U 127 23.23 -4.63 26.05
C GLY U 127 22.20 -5.73 25.91
N GLY U 128 21.62 -5.82 24.72
CA GLY U 128 20.61 -6.82 24.44
C GLY U 128 19.21 -6.35 24.80
N SER U 129 18.21 -7.12 24.42
CA SER U 129 16.81 -6.79 24.69
C SER U 129 16.50 -6.68 26.19
N GLY U 130 17.13 -7.51 27.00
CA GLY U 130 16.90 -7.49 28.44
C GLY U 130 17.57 -6.37 29.23
N SER U 131 18.51 -5.66 28.62
CA SER U 131 19.23 -4.58 29.31
C SER U 131 18.37 -3.37 29.70
N THR U 132 17.26 -3.16 29.00
CA THR U 132 16.35 -2.05 29.29
C THR U 132 15.75 -2.11 30.70
N TYR U 133 15.52 -3.32 31.20
CA TYR U 133 14.93 -3.52 32.52
C TYR U 133 15.88 -3.36 33.68
N ILE U 134 17.18 -3.32 33.42
CA ILE U 134 18.15 -3.18 34.50
C ILE U 134 18.91 -1.85 34.51
N TYR U 135 18.51 -0.89 33.68
CA TYR U 135 19.18 0.40 33.66
C TYR U 135 19.11 1.07 35.02
N GLY U 136 17.92 1.09 35.60
CA GLY U 136 17.72 1.69 36.90
C GLY U 136 18.54 0.96 37.94
N TYR U 137 18.54 -0.37 37.88
CA TYR U 137 19.29 -1.17 38.83
C TYR U 137 20.80 -0.93 38.82
N VAL U 138 21.42 -0.88 37.63
CA VAL U 138 22.86 -0.67 37.55
C VAL U 138 23.28 0.75 37.92
N ASP U 139 22.42 1.73 37.64
CA ASP U 139 22.73 3.12 37.97
C ASP U 139 22.72 3.37 39.47
N ALA U 140 21.92 2.60 40.21
CA ALA U 140 21.84 2.76 41.65
C ALA U 140 22.78 1.84 42.41
N ALA U 141 23.19 0.73 41.78
CA ALA U 141 24.04 -0.23 42.45
C ALA U 141 25.53 -0.13 42.17
N TYR U 142 25.89 0.42 41.02
CA TYR U 142 27.29 0.55 40.64
C TYR U 142 28.11 1.50 41.51
N LYS U 143 29.25 1.05 41.99
CA LYS U 143 30.13 1.90 42.78
C LYS U 143 31.55 1.76 42.29
N PRO U 144 32.26 2.90 42.17
CA PRO U 144 33.65 2.87 41.73
C PRO U 144 34.53 2.21 42.78
N GLY U 145 35.57 1.52 42.34
CA GLY U 145 36.48 0.85 43.25
C GLY U 145 36.06 -0.56 43.65
N MET U 146 35.15 -1.15 42.89
CA MET U 146 34.68 -2.50 43.18
C MET U 146 35.79 -3.51 42.88
N SER U 147 35.84 -4.58 43.65
CA SER U 147 36.84 -5.63 43.44
C SER U 147 36.29 -6.62 42.41
N PRO U 148 37.13 -7.57 41.99
CA PRO U 148 36.65 -8.56 41.01
C PRO U 148 35.49 -9.40 41.57
N GLU U 149 35.56 -9.76 42.84
CA GLU U 149 34.50 -10.55 43.46
C GLU U 149 33.20 -9.76 43.45
N GLU U 150 33.29 -8.48 43.81
CA GLU U 150 32.12 -7.62 43.83
C GLU U 150 31.60 -7.41 42.41
N CYS U 151 32.50 -7.30 41.45
CA CYS U 151 32.13 -7.13 40.06
C CYS U 151 31.39 -8.36 39.55
N ARG U 152 31.85 -9.53 39.96
CA ARG U 152 31.22 -10.79 39.57
C ARG U 152 29.83 -10.89 40.17
N SER U 153 29.69 -10.41 41.40
CA SER U 153 28.42 -10.44 42.11
C SER U 153 27.46 -9.42 41.50
N PHE U 154 27.98 -8.24 41.19
CA PHE U 154 27.20 -7.17 40.59
C PHE U 154 26.65 -7.61 39.24
N THR U 155 27.49 -8.25 38.43
CA THR U 155 27.10 -8.71 37.11
C THR U 155 26.03 -9.81 37.18
N THR U 156 26.24 -10.76 38.09
CA THR U 156 25.30 -11.87 38.27
C THR U 156 23.91 -11.39 38.65
N ASN U 157 23.85 -10.44 39.58
CA ASN U 157 22.59 -9.89 40.05
C ASN U 157 21.82 -9.20 38.94
N ALA U 158 22.49 -8.32 38.21
CA ALA U 158 21.87 -7.59 37.12
C ALA U 158 21.32 -8.51 36.04
N ILE U 159 22.10 -9.50 35.65
CA ILE U 159 21.67 -10.44 34.63
C ILE U 159 20.46 -11.24 35.11
N ALA U 160 20.49 -11.67 36.37
CA ALA U 160 19.38 -12.42 36.95
C ALA U 160 18.08 -11.61 36.96
N LEU U 161 18.18 -10.31 37.25
CA LEU U 161 16.99 -9.46 37.27
C LEU U 161 16.42 -9.31 35.86
N ALA U 162 17.29 -9.25 34.86
CA ALA U 162 16.86 -9.11 33.49
C ALA U 162 16.25 -10.40 32.94
N MET U 163 16.83 -11.53 33.30
CA MET U 163 16.33 -12.83 32.84
C MET U 163 14.91 -13.12 33.31
N ASN U 164 14.60 -12.70 34.53
CA ASN U 164 13.28 -12.91 35.09
C ASN U 164 12.21 -12.08 34.39
N ARG U 165 12.55 -10.85 33.99
CA ARG U 165 11.60 -9.96 33.34
C ARG U 165 11.53 -10.06 31.82
N ASP U 166 12.67 -10.25 31.17
CA ASP U 166 12.75 -10.31 29.71
C ASP U 166 12.48 -11.71 29.15
N GLY U 167 11.48 -11.81 28.28
CA GLY U 167 11.12 -13.07 27.65
C GLY U 167 12.22 -13.63 26.75
N SER U 168 13.00 -12.75 26.13
CA SER U 168 14.10 -13.14 25.26
C SER U 168 15.38 -13.56 26.00
N SER U 169 15.39 -13.43 27.32
CA SER U 169 16.53 -13.82 28.12
C SER U 169 16.17 -14.95 29.07
N GLY U 170 17.16 -15.74 29.47
CA GLY U 170 16.92 -16.84 30.37
C GLY U 170 17.99 -17.90 30.30
N GLY U 171 17.75 -19.02 30.96
CA GLY U 171 18.69 -20.12 30.98
C GLY U 171 19.72 -19.97 32.08
N VAL U 172 20.99 -20.06 31.70
CA VAL U 172 22.08 -19.95 32.66
C VAL U 172 22.85 -18.65 32.47
N ILE U 173 23.74 -18.36 33.40
CA ILE U 173 24.55 -17.16 33.32
C ILE U 173 26.02 -17.51 33.11
N HIS U 174 26.56 -17.11 31.96
CA HIS U 174 27.96 -17.34 31.63
C HIS U 174 28.75 -16.16 32.19
N LEU U 175 29.90 -16.43 32.79
CA LEU U 175 30.73 -15.38 33.37
C LEU U 175 32.21 -15.62 33.11
N VAL U 176 32.90 -14.57 32.68
CA VAL U 176 34.34 -14.67 32.44
C VAL U 176 35.06 -13.50 33.09
N THR U 177 36.14 -13.79 33.81
CA THR U 177 36.93 -12.74 34.43
C THR U 177 38.28 -12.72 33.75
N ILE U 178 38.64 -11.57 33.20
CA ILE U 178 39.91 -11.43 32.52
C ILE U 178 40.86 -10.52 33.27
N THR U 179 42.09 -10.98 33.45
CA THR U 179 43.13 -10.20 34.11
C THR U 179 44.45 -10.48 33.42
N ALA U 180 45.54 -10.05 34.04
CA ALA U 180 46.87 -10.30 33.49
C ALA U 180 47.19 -11.79 33.62
N ALA U 181 46.73 -12.39 34.72
CA ALA U 181 46.94 -13.81 34.99
C ALA U 181 46.24 -14.74 34.01
N GLY U 182 45.13 -14.29 33.41
CA GLY U 182 44.42 -15.11 32.45
C GLY U 182 42.91 -15.00 32.49
N VAL U 183 42.26 -15.94 31.82
CA VAL U 183 40.81 -15.97 31.73
C VAL U 183 40.19 -17.02 32.64
N ASP U 184 39.22 -16.62 33.45
CA ASP U 184 38.52 -17.54 34.33
C ASP U 184 37.05 -17.65 33.95
N TYR U 185 36.63 -18.84 33.53
CA TYR U 185 35.25 -19.08 33.12
C TYR U 185 34.40 -19.56 34.28
N GLN U 186 33.10 -19.31 34.20
CA GLN U 186 32.21 -19.68 35.28
C GLN U 186 30.78 -19.75 34.78
N VAL U 187 30.04 -20.77 35.21
CA VAL U 187 28.66 -20.92 34.81
C VAL U 187 27.73 -21.01 36.01
N ILE U 188 26.80 -20.08 36.10
CA ILE U 188 25.84 -20.09 37.18
C ILE U 188 24.57 -20.72 36.61
N LEU U 189 24.25 -21.92 37.07
CA LEU U 189 23.09 -22.65 36.59
C LEU U 189 21.78 -22.09 37.10
N GLY U 190 20.69 -22.49 36.46
CA GLY U 190 19.35 -22.04 36.81
C GLY U 190 18.96 -22.08 38.28
N ASN U 191 19.37 -23.14 38.98
CA ASN U 191 19.05 -23.31 40.40
C ASN U 191 20.04 -22.62 41.34
N GLU U 192 21.03 -21.92 40.79
CA GLU U 192 22.02 -21.22 41.60
C GLU U 192 22.03 -19.72 41.33
N LEU U 193 21.05 -19.23 40.58
CA LEU U 193 20.97 -17.81 40.27
C LEU U 193 20.40 -17.03 41.44
N PRO U 194 20.81 -15.76 41.56
CA PRO U 194 20.33 -14.88 42.64
C PRO U 194 18.81 -14.74 42.60
N LYS U 195 18.18 -14.75 43.76
CA LYS U 195 16.72 -14.64 43.84
C LYS U 195 16.26 -13.31 44.43
N PHE U 196 15.30 -12.68 43.76
CA PHE U 196 14.76 -11.39 44.21
C PHE U 196 13.25 -11.48 44.27
N TYR U 197 12.58 -10.32 44.35
CA TYR U 197 11.13 -10.32 44.38
C TYR U 197 10.60 -11.01 43.14
N ASP U 198 9.87 -12.10 43.33
CA ASP U 198 9.35 -12.88 42.21
C ASP U 198 7.83 -13.01 42.13
N GLU U 199 7.15 -12.92 43.26
CA GLU U 199 5.70 -13.05 43.28
C GLU U 199 4.99 -11.72 43.51
N THR V 46 -12.12 -7.51 20.16
CA THR V 46 -10.76 -7.43 20.67
C THR V 46 -9.79 -7.91 19.60
N GLN V 47 -9.21 -6.96 18.87
CA GLN V 47 -8.25 -7.28 17.82
C GLN V 47 -6.82 -7.19 18.31
N ASN V 48 -6.58 -6.40 19.34
CA ASN V 48 -5.24 -6.23 19.88
C ASN V 48 -5.14 -6.63 21.35
N PRO V 49 -4.74 -7.88 21.62
CA PRO V 49 -4.59 -8.37 23.00
C PRO V 49 -3.35 -7.78 23.68
N MET V 50 -3.51 -7.26 24.89
CA MET V 50 -2.41 -6.66 25.62
C MET V 50 -1.69 -7.66 26.52
N VAL V 51 -2.27 -7.92 27.69
CA VAL V 51 -1.69 -8.87 28.62
C VAL V 51 -2.21 -10.26 28.30
N THR V 52 -1.31 -11.19 28.01
CA THR V 52 -1.72 -12.53 27.64
C THR V 52 -1.06 -13.63 28.48
N GLY V 53 -1.75 -14.75 28.56
CA GLY V 53 -1.28 -15.92 29.27
C GLY V 53 -0.90 -16.95 28.23
N THR V 54 0.02 -17.83 28.56
CA THR V 54 0.46 -18.85 27.61
C THR V 54 -0.36 -20.15 27.68
N SER V 55 0.26 -21.29 27.38
CA SER V 55 -0.41 -22.59 27.37
C SER V 55 -1.27 -22.99 28.58
N VAL V 56 -2.25 -23.83 28.31
CA VAL V 56 -3.12 -24.39 29.34
C VAL V 56 -3.15 -25.89 29.03
N LEU V 57 -2.87 -26.73 30.02
CA LEU V 57 -2.87 -28.17 29.79
C LEU V 57 -4.09 -28.82 30.42
N GLY V 58 -4.49 -29.96 29.89
CA GLY V 58 -5.63 -30.69 30.41
C GLY V 58 -5.61 -32.16 30.02
N VAL V 59 -5.88 -33.03 30.98
CA VAL V 59 -5.90 -34.46 30.70
C VAL V 59 -6.90 -35.20 31.59
N LYS V 60 -7.64 -36.13 30.99
CA LYS V 60 -8.61 -36.92 31.72
C LYS V 60 -7.94 -38.07 32.42
N PHE V 61 -8.52 -38.49 33.53
CA PHE V 61 -8.01 -39.63 34.28
C PHE V 61 -9.20 -40.38 34.88
N GLU V 62 -8.95 -41.57 35.42
CA GLU V 62 -10.01 -42.35 36.02
C GLU V 62 -10.69 -41.63 37.17
N GLY V 63 -11.87 -41.09 36.91
CA GLY V 63 -12.62 -40.37 37.93
C GLY V 63 -12.33 -38.90 38.08
N GLY V 64 -11.89 -38.23 37.02
CA GLY V 64 -11.62 -36.81 37.10
C GLY V 64 -10.84 -36.20 35.96
N VAL V 65 -10.64 -34.88 36.04
CA VAL V 65 -9.89 -34.14 35.03
C VAL V 65 -8.92 -33.23 35.75
N VAL V 66 -7.73 -33.07 35.18
CA VAL V 66 -6.72 -32.19 35.75
C VAL V 66 -6.27 -31.18 34.69
N ILE V 67 -6.13 -29.92 35.11
CA ILE V 67 -5.69 -28.88 34.21
C ILE V 67 -4.59 -28.05 34.87
N ALA V 68 -3.65 -27.58 34.07
CA ALA V 68 -2.54 -26.78 34.58
C ALA V 68 -2.32 -25.53 33.74
N ALA V 69 -1.87 -24.48 34.39
CA ALA V 69 -1.57 -23.21 33.73
C ALA V 69 -0.63 -22.42 34.61
N ASP V 70 0.29 -21.69 34.00
CA ASP V 70 1.22 -20.90 34.79
C ASP V 70 0.56 -19.59 35.22
N MET V 71 1.22 -18.90 36.13
CA MET V 71 0.68 -17.67 36.67
C MET V 71 1.24 -16.39 36.06
N LEU V 72 1.66 -16.47 34.81
CA LEU V 72 2.23 -15.31 34.14
C LEU V 72 1.27 -14.52 33.26
N GLY V 73 1.36 -13.21 33.38
CA GLY V 73 0.60 -12.27 32.57
C GLY V 73 1.64 -11.54 31.77
N SER V 74 1.72 -11.83 30.48
CA SER V 74 2.72 -11.23 29.61
C SER V 74 2.27 -10.00 28.83
N TYR V 75 3.15 -9.01 28.78
CA TYR V 75 2.92 -7.78 28.05
C TYR V 75 3.96 -7.79 26.94
N GLY V 76 3.60 -8.35 25.80
CA GLY V 76 4.55 -8.49 24.71
C GLY V 76 5.51 -9.57 25.15
N SER V 77 6.80 -9.26 25.21
CA SER V 77 7.78 -10.24 25.64
C SER V 77 8.14 -10.02 27.11
N LEU V 78 7.66 -8.92 27.68
CA LEU V 78 7.93 -8.62 29.08
C LEU V 78 7.03 -9.42 30.02
N ALA V 79 7.63 -10.04 31.04
CA ALA V 79 6.89 -10.80 32.03
C ALA V 79 6.39 -9.81 33.08
N ARG V 80 5.28 -9.15 32.77
CA ARG V 80 4.70 -8.12 33.62
C ARG V 80 4.01 -8.55 34.91
N PHE V 81 3.08 -9.50 34.82
CA PHE V 81 2.35 -9.95 36.01
C PHE V 81 2.68 -11.40 36.30
N ARG V 82 3.51 -11.62 37.31
CA ARG V 82 3.94 -12.96 37.67
C ARG V 82 3.12 -13.69 38.72
N ASN V 83 1.96 -13.16 39.09
CA ASN V 83 1.15 -13.84 40.09
C ASN V 83 -0.35 -13.77 39.85
N ILE V 84 -0.78 -14.03 38.62
CA ILE V 84 -2.20 -14.01 38.29
C ILE V 84 -2.71 -15.40 37.96
N SER V 85 -3.86 -15.76 38.52
CA SER V 85 -4.43 -17.07 38.27
C SER V 85 -5.20 -17.09 36.96
N ARG V 86 -4.93 -18.09 36.13
CA ARG V 86 -5.62 -18.20 34.85
C ARG V 86 -6.58 -19.38 34.86
N ILE V 87 -6.83 -19.94 36.04
CA ILE V 87 -7.75 -21.05 36.20
C ILE V 87 -8.89 -20.60 37.11
N MET V 88 -10.12 -20.89 36.72
CA MET V 88 -11.26 -20.47 37.51
C MET V 88 -12.23 -21.62 37.77
N ARG V 89 -12.73 -21.70 38.99
CA ARG V 89 -13.73 -22.71 39.32
C ARG V 89 -15.06 -22.13 38.87
N VAL V 90 -15.81 -22.87 38.07
CA VAL V 90 -17.10 -22.42 37.58
C VAL V 90 -18.18 -22.78 38.58
N ASN V 91 -18.26 -24.06 38.91
CA ASN V 91 -19.18 -24.58 39.90
C ASN V 91 -18.55 -25.83 40.51
N ASP V 92 -19.33 -26.66 41.19
CA ASP V 92 -18.78 -27.85 41.82
C ASP V 92 -18.23 -28.94 40.90
N SER V 93 -18.67 -28.95 39.65
CA SER V 93 -18.24 -29.96 38.71
C SER V 93 -17.47 -29.43 37.51
N THR V 94 -17.31 -28.11 37.39
CA THR V 94 -16.64 -27.53 36.24
C THR V 94 -15.54 -26.53 36.56
N MET V 95 -14.43 -26.63 35.84
CA MET V 95 -13.32 -25.70 36.00
C MET V 95 -12.95 -25.13 34.63
N LEU V 96 -12.31 -23.98 34.62
CA LEU V 96 -11.95 -23.33 33.36
C LEU V 96 -10.55 -22.74 33.36
N GLY V 97 -9.79 -23.07 32.33
CA GLY V 97 -8.44 -22.57 32.16
C GLY V 97 -8.45 -21.73 30.91
N ALA V 98 -7.73 -20.61 30.91
CA ALA V 98 -7.71 -19.76 29.73
C ALA V 98 -6.37 -19.17 29.35
N SER V 99 -6.09 -19.18 28.06
CA SER V 99 -4.89 -18.59 27.51
C SER V 99 -5.30 -17.38 26.67
N GLY V 100 -4.37 -16.49 26.40
CA GLY V 100 -4.68 -15.31 25.61
C GLY V 100 -4.94 -14.07 26.45
N ASP V 101 -5.68 -13.13 25.89
CA ASP V 101 -6.00 -11.86 26.56
C ASP V 101 -6.59 -12.02 27.96
N TYR V 102 -5.86 -11.54 28.96
CA TYR V 102 -6.30 -11.65 30.34
C TYR V 102 -7.55 -10.84 30.68
N ALA V 103 -7.69 -9.66 30.08
CA ALA V 103 -8.86 -8.83 30.32
C ALA V 103 -10.13 -9.50 29.81
N ASP V 104 -10.02 -10.19 28.67
CA ASP V 104 -11.15 -10.90 28.10
C ASP V 104 -11.52 -12.08 28.99
N PHE V 105 -10.51 -12.72 29.57
CA PHE V 105 -10.74 -13.84 30.46
C PHE V 105 -11.42 -13.36 31.74
N GLN V 106 -11.04 -12.19 32.24
CA GLN V 106 -11.63 -11.65 33.45
C GLN V 106 -13.10 -11.32 33.21
N TYR V 107 -13.40 -10.81 32.02
CA TYR V 107 -14.75 -10.48 31.65
C TYR V 107 -15.60 -11.75 31.51
N LEU V 108 -15.02 -12.80 30.94
CA LEU V 108 -15.73 -14.07 30.77
C LEU V 108 -15.97 -14.69 32.14
N LYS V 109 -14.99 -14.55 33.03
CA LYS V 109 -15.10 -15.08 34.38
C LYS V 109 -16.22 -14.38 35.15
N GLN V 110 -16.36 -13.09 34.92
CA GLN V 110 -17.39 -12.30 35.56
C GLN V 110 -18.79 -12.73 35.07
N VAL V 111 -18.94 -12.86 33.76
CA VAL V 111 -20.22 -13.26 33.17
C VAL V 111 -20.62 -14.69 33.54
N LEU V 112 -19.67 -15.60 33.45
CA LEU V 112 -19.90 -17.00 33.79
C LEU V 112 -20.25 -17.13 35.26
N GLY V 113 -19.53 -16.42 36.10
CA GLY V 113 -19.75 -16.44 37.53
C GLY V 113 -21.15 -15.99 37.92
N GLN V 114 -21.66 -14.97 37.23
CA GLN V 114 -22.99 -14.46 37.52
C GLN V 114 -24.04 -15.48 37.10
N MET V 115 -23.86 -16.08 35.93
CA MET V 115 -24.77 -17.08 35.41
C MET V 115 -24.98 -18.21 36.42
N VAL V 116 -23.88 -18.68 36.99
CA VAL V 116 -23.92 -19.75 37.97
C VAL V 116 -24.65 -19.30 39.23
N ILE V 117 -24.41 -18.06 39.65
CA ILE V 117 -25.08 -17.53 40.82
C ILE V 117 -26.58 -17.43 40.55
N ASP V 118 -26.93 -16.96 39.36
CA ASP V 118 -28.34 -16.83 38.96
C ASP V 118 -29.06 -18.15 39.04
N GLU V 119 -28.41 -19.19 38.52
CA GLU V 119 -28.97 -20.53 38.51
C GLU V 119 -29.13 -21.09 39.91
N GLU V 120 -28.17 -20.81 40.78
CA GLU V 120 -28.22 -21.30 42.15
C GLU V 120 -29.32 -20.65 42.99
N LEU V 121 -29.71 -19.43 42.63
CA LEU V 121 -30.76 -18.71 43.35
C LEU V 121 -32.10 -19.44 43.24
N LEU V 122 -32.37 -20.02 42.08
CA LEU V 122 -33.62 -20.74 41.86
C LEU V 122 -33.81 -21.92 42.80
N GLY V 123 -32.72 -22.63 43.12
CA GLY V 123 -32.78 -23.78 44.00
C GLY V 123 -33.82 -24.78 43.55
N ASP V 124 -33.77 -25.12 42.25
CA ASP V 124 -34.74 -26.05 41.69
C ASP V 124 -34.18 -27.45 41.40
N GLY V 125 -32.92 -27.67 41.73
CA GLY V 125 -32.32 -28.99 41.50
C GLY V 125 -31.62 -29.16 40.17
N HIS V 126 -31.56 -28.10 39.38
CA HIS V 126 -30.89 -28.18 38.09
C HIS V 126 -29.66 -27.29 38.13
N SER V 127 -28.56 -27.79 37.58
CA SER V 127 -27.32 -27.02 37.55
C SER V 127 -26.64 -27.27 36.21
N TYR V 128 -25.77 -26.34 35.83
CA TYR V 128 -25.05 -26.44 34.57
C TYR V 128 -23.98 -27.51 34.60
N SER V 129 -24.05 -28.43 33.65
CA SER V 129 -23.06 -29.47 33.54
C SER V 129 -21.88 -28.91 32.76
N PRO V 130 -20.72 -29.60 32.82
CA PRO V 130 -19.54 -29.16 32.08
C PRO V 130 -19.84 -29.01 30.58
N ARG V 131 -20.56 -29.98 30.00
CA ARG V 131 -20.97 -29.95 28.61
C ARG V 131 -21.77 -28.71 28.27
N ALA V 132 -22.73 -28.36 29.12
CA ALA V 132 -23.57 -27.19 28.89
C ALA V 132 -22.77 -25.88 28.92
N ILE V 133 -21.76 -25.82 29.79
CA ILE V 133 -20.93 -24.63 29.89
C ILE V 133 -20.04 -24.52 28.66
N HIS V 134 -19.55 -25.68 28.20
CA HIS V 134 -18.72 -25.76 27.01
C HIS V 134 -19.51 -25.28 25.79
N SER V 135 -20.77 -25.69 25.72
CA SER V 135 -21.66 -25.30 24.65
C SER V 135 -21.94 -23.80 24.70
N TRP V 136 -22.19 -23.28 25.90
CA TRP V 136 -22.47 -21.86 26.08
C TRP V 136 -21.28 -21.00 25.64
N LEU V 137 -20.08 -21.44 26.04
CA LEU V 137 -18.86 -20.74 25.70
C LEU V 137 -18.65 -20.73 24.19
N THR V 138 -18.93 -21.86 23.54
CA THR V 138 -18.79 -21.97 22.10
C THR V 138 -19.67 -20.96 21.39
N ARG V 139 -20.93 -20.85 21.80
CA ARG V 139 -21.85 -19.89 21.21
C ARG V 139 -21.38 -18.46 21.45
N ALA V 140 -20.90 -18.20 22.66
CA ALA V 140 -20.42 -16.89 23.02
C ALA V 140 -19.25 -16.45 22.15
N MET V 141 -18.27 -17.32 21.99
CA MET V 141 -17.10 -17.03 21.16
C MET V 141 -17.47 -16.85 19.69
N TYR V 142 -18.29 -17.75 19.16
CA TYR V 142 -18.72 -17.67 17.78
C TYR V 142 -19.46 -16.37 17.49
N SER V 143 -20.34 -15.98 18.40
CA SER V 143 -21.12 -14.76 18.27
C SER V 143 -20.20 -13.55 18.17
N ARG V 144 -19.25 -13.46 19.08
CA ARG V 144 -18.30 -12.35 19.10
C ARG V 144 -17.46 -12.31 17.83
N ARG V 145 -17.06 -13.48 17.35
CA ARG V 145 -16.27 -13.59 16.12
C ARG V 145 -17.05 -13.14 14.90
N SER V 146 -18.36 -13.40 14.91
CA SER V 146 -19.24 -13.04 13.80
C SER V 146 -19.48 -11.53 13.66
N LYS V 147 -19.27 -10.79 14.74
CA LYS V 147 -19.43 -9.34 14.73
C LYS V 147 -18.07 -8.67 14.57
N MET V 148 -17.05 -9.46 14.25
CA MET V 148 -15.65 -9.02 14.07
C MET V 148 -15.05 -8.36 15.32
N ASN V 149 -15.46 -8.84 16.48
CA ASN V 149 -15.02 -8.33 17.76
C ASN V 149 -14.87 -9.52 18.68
N PRO V 150 -13.88 -10.36 18.39
CA PRO V 150 -13.62 -11.60 19.14
C PRO V 150 -13.08 -11.42 20.54
N LEU V 151 -13.32 -12.43 21.37
CA LEU V 151 -12.79 -12.48 22.71
C LEU V 151 -11.51 -13.25 22.44
N TRP V 152 -10.37 -12.59 22.55
CA TRP V 152 -9.07 -13.20 22.25
C TRP V 152 -8.60 -14.26 23.25
N ASN V 153 -9.33 -15.37 23.35
CA ASN V 153 -8.95 -16.42 24.29
C ASN V 153 -9.11 -17.82 23.72
N THR V 154 -8.29 -18.73 24.22
CA THR V 154 -8.39 -20.14 23.86
C THR V 154 -8.68 -20.78 25.21
N MET V 155 -9.76 -21.54 25.31
CA MET V 155 -10.12 -22.13 26.59
C MET V 155 -10.17 -23.65 26.69
N VAL V 156 -9.92 -24.12 27.90
CA VAL V 156 -9.95 -25.53 28.21
C VAL V 156 -10.96 -25.71 29.33
N ILE V 157 -11.99 -26.52 29.08
CA ILE V 157 -13.02 -26.77 30.08
C ILE V 157 -12.91 -28.18 30.61
N GLY V 158 -12.78 -28.29 31.93
CA GLY V 158 -12.68 -29.58 32.58
C GLY V 158 -13.87 -29.78 33.50
N GLY V 159 -14.36 -31.01 33.59
CA GLY V 159 -15.49 -31.27 34.45
C GLY V 159 -15.75 -32.73 34.73
N TYR V 160 -16.49 -32.97 35.79
CA TYR V 160 -16.85 -34.31 36.18
C TYR V 160 -18.31 -34.32 36.61
N ALA V 161 -19.12 -35.11 35.92
CA ALA V 161 -20.53 -35.20 36.23
C ALA V 161 -21.06 -36.58 35.92
N ASP V 162 -21.87 -37.12 36.82
CA ASP V 162 -22.48 -38.44 36.68
C ASP V 162 -21.48 -39.53 36.31
N GLY V 163 -20.35 -39.55 37.02
CA GLY V 163 -19.30 -40.53 36.79
C GLY V 163 -18.59 -40.45 35.45
N GLU V 164 -18.63 -39.30 34.80
CA GLU V 164 -18.02 -39.10 33.50
C GLU V 164 -17.16 -37.85 33.51
N SER V 165 -15.93 -37.97 33.04
CA SER V 165 -15.04 -36.82 32.99
C SER V 165 -15.20 -36.10 31.66
N PHE V 166 -15.18 -34.77 31.71
CA PHE V 166 -15.33 -33.97 30.49
C PHE V 166 -14.15 -33.06 30.24
N LEU V 167 -13.72 -32.97 28.99
CA LEU V 167 -12.61 -32.10 28.61
C LEU V 167 -12.90 -31.44 27.28
N GLY V 168 -13.16 -30.14 27.31
CA GLY V 168 -13.48 -29.41 26.10
C GLY V 168 -12.58 -28.25 25.77
N TYR V 169 -12.46 -27.98 24.49
CA TYR V 169 -11.62 -26.91 23.98
C TYR V 169 -12.48 -25.92 23.21
N VAL V 170 -12.27 -24.62 23.43
CA VAL V 170 -13.00 -23.60 22.69
C VAL V 170 -12.04 -22.49 22.32
N ASP V 171 -11.85 -22.22 21.04
CA ASP V 171 -10.96 -21.13 20.65
C ASP V 171 -11.74 -19.86 20.33
N MET V 172 -11.03 -18.80 19.96
CA MET V 172 -11.66 -17.51 19.68
C MET V 172 -12.51 -17.42 18.41
N LEU V 173 -12.34 -18.37 17.50
CA LEU V 173 -13.11 -18.39 16.27
C LEU V 173 -14.42 -19.15 16.42
N GLY V 174 -14.57 -19.87 17.52
CA GLY V 174 -15.77 -20.64 17.75
C GLY V 174 -15.53 -22.13 17.50
N VAL V 175 -14.28 -22.48 17.20
CA VAL V 175 -13.92 -23.87 16.97
C VAL V 175 -13.94 -24.62 18.30
N ALA V 176 -14.77 -25.65 18.39
CA ALA V 176 -14.88 -26.42 19.63
C ALA V 176 -14.90 -27.93 19.41
N TYR V 177 -14.37 -28.67 20.38
CA TYR V 177 -14.32 -30.13 20.31
C TYR V 177 -13.91 -30.72 21.66
N GLU V 178 -13.96 -32.05 21.77
CA GLU V 178 -13.56 -32.73 22.99
C GLU V 178 -12.45 -33.73 22.70
N ALA V 179 -11.61 -33.99 23.68
CA ALA V 179 -10.52 -34.94 23.54
C ALA V 179 -10.02 -35.43 24.90
N PRO V 180 -9.29 -36.55 24.92
CA PRO V 180 -8.74 -37.12 26.13
C PRO V 180 -7.66 -36.23 26.77
N SER V 181 -6.96 -35.45 25.96
CA SER V 181 -5.93 -34.53 26.43
C SER V 181 -5.93 -33.29 25.54
N LEU V 182 -5.58 -32.16 26.14
CA LEU V 182 -5.59 -30.87 25.44
C LEU V 182 -4.43 -29.98 25.83
N ALA V 183 -4.04 -29.10 24.93
CA ALA V 183 -2.96 -28.16 25.15
C ALA V 183 -3.12 -26.97 24.23
N THR V 184 -3.29 -25.78 24.79
CA THR V 184 -3.45 -24.58 23.97
C THR V 184 -2.12 -23.90 23.66
N GLY V 185 -2.14 -23.02 22.67
CA GLY V 185 -0.97 -22.26 22.27
C GLY V 185 0.25 -23.06 21.89
N TYR V 186 1.35 -22.81 22.60
CA TYR V 186 2.61 -23.50 22.36
C TYR V 186 2.63 -24.93 22.90
N GLY V 187 1.70 -25.25 23.80
CA GLY V 187 1.56 -26.59 24.35
C GLY V 187 1.12 -27.60 23.30
N ALA V 188 0.34 -27.15 22.32
CA ALA V 188 -0.10 -28.00 21.23
C ALA V 188 1.11 -28.66 20.55
N TYR V 189 2.20 -27.91 20.39
CA TYR V 189 3.39 -28.43 19.76
C TYR V 189 4.37 -29.07 20.74
N LEU V 190 4.35 -28.62 21.99
CA LEU V 190 5.29 -29.14 22.98
C LEU V 190 4.74 -30.15 23.99
N ALA V 191 3.57 -29.86 24.55
CA ALA V 191 2.98 -30.76 25.55
C ALA V 191 2.13 -31.88 24.96
N GLN V 192 1.23 -31.54 24.05
CA GLN V 192 0.33 -32.50 23.43
C GLN V 192 1.02 -33.77 22.93
N PRO V 193 2.15 -33.64 22.21
CA PRO V 193 2.87 -34.82 21.74
C PRO V 193 3.21 -35.79 22.87
N LEU V 194 3.68 -35.29 24.01
CA LEU V 194 4.01 -36.13 25.15
C LEU V 194 2.76 -36.74 25.76
N LEU V 195 1.71 -35.93 25.91
CA LEU V 195 0.45 -36.39 26.47
C LEU V 195 -0.14 -37.52 25.65
N ARG V 196 -0.19 -37.32 24.34
CA ARG V 196 -0.74 -38.29 23.41
C ARG V 196 0.06 -39.59 23.41
N GLU V 197 1.38 -39.46 23.52
CA GLU V 197 2.25 -40.62 23.53
C GLU V 197 1.97 -41.54 24.71
N VAL V 198 1.67 -40.95 25.87
CA VAL V 198 1.38 -41.73 27.06
C VAL V 198 0.00 -42.35 26.97
N LEU V 199 -0.92 -41.67 26.30
CA LEU V 199 -2.28 -42.17 26.14
C LEU V 199 -2.43 -43.21 25.03
N GLU V 200 -1.39 -43.37 24.23
CA GLU V 200 -1.36 -44.36 23.15
C GLU V 200 -0.97 -45.71 23.73
N LYS V 201 -0.34 -45.70 24.90
CA LYS V 201 0.07 -46.93 25.56
C LYS V 201 -0.84 -47.27 26.73
N GLN V 202 -1.38 -46.25 27.38
CA GLN V 202 -2.27 -46.44 28.52
C GLN V 202 -3.39 -45.41 28.51
N PRO V 203 -4.48 -45.72 27.79
CA PRO V 203 -5.66 -44.86 27.63
C PRO V 203 -6.30 -44.40 28.93
N VAL V 204 -6.34 -45.26 29.94
CA VAL V 204 -6.94 -44.90 31.21
C VAL V 204 -5.86 -44.64 32.27
N LEU V 205 -5.74 -43.39 32.69
CA LEU V 205 -4.75 -43.02 33.69
C LEU V 205 -5.37 -42.85 35.05
N SER V 206 -4.57 -43.06 36.09
CA SER V 206 -5.02 -42.84 37.46
C SER V 206 -4.75 -41.38 37.80
N GLN V 207 -5.30 -40.90 38.91
CA GLN V 207 -5.08 -39.51 39.30
C GLN V 207 -3.59 -39.19 39.48
N THR V 208 -2.86 -40.09 40.11
CA THR V 208 -1.44 -39.90 40.34
C THR V 208 -0.64 -39.88 39.04
N GLU V 209 -1.00 -40.75 38.11
CA GLU V 209 -0.31 -40.81 36.83
C GLU V 209 -0.54 -39.54 36.03
N ALA V 210 -1.79 -39.08 36.01
CA ALA V 210 -2.15 -37.87 35.28
C ALA V 210 -1.43 -36.66 35.85
N ARG V 211 -1.32 -36.62 37.17
CA ARG V 211 -0.65 -35.52 37.85
C ARG V 211 0.83 -35.47 37.51
N GLU V 212 1.50 -36.62 37.54
CA GLU V 212 2.92 -36.70 37.22
C GLU V 212 3.17 -36.35 35.76
N LEU V 213 2.30 -36.81 34.88
CA LEU V 213 2.42 -36.54 33.46
C LEU V 213 2.32 -35.05 33.17
N VAL V 214 1.41 -34.38 33.88
CA VAL V 214 1.20 -32.95 33.73
C VAL V 214 2.43 -32.16 34.19
N GLU V 215 3.06 -32.60 35.26
CA GLU V 215 4.24 -31.93 35.77
C GLU V 215 5.41 -32.07 34.81
N ARG V 216 5.50 -33.21 34.13
CA ARG V 216 6.57 -33.41 33.16
C ARG V 216 6.39 -32.45 31.99
N CYS V 217 5.15 -32.23 31.58
CA CYS V 217 4.84 -31.32 30.50
C CYS V 217 5.14 -29.87 30.87
N MET V 218 4.87 -29.49 32.11
CA MET V 218 5.13 -28.14 32.59
C MET V 218 6.61 -27.80 32.53
N ARG V 219 7.46 -28.77 32.84
CA ARG V 219 8.91 -28.61 32.81
C ARG V 219 9.40 -28.36 31.38
N VAL V 220 8.90 -29.15 30.43
CA VAL V 220 9.27 -29.00 29.03
C VAL V 220 8.86 -27.61 28.52
N LEU V 221 7.67 -27.17 28.91
CA LEU V 221 7.17 -25.86 28.52
C LEU V 221 8.08 -24.75 29.04
N TYR V 222 8.56 -24.92 30.26
CA TYR V 222 9.46 -23.95 30.86
C TYR V 222 10.81 -23.91 30.14
N TYR V 223 11.27 -25.05 29.65
CA TYR V 223 12.53 -25.13 28.93
C TYR V 223 12.45 -24.54 27.53
N ARG V 224 11.33 -24.73 26.86
CA ARG V 224 11.21 -24.31 25.46
C ARG V 224 10.25 -23.19 25.08
N ASP V 225 9.40 -22.74 25.98
CA ASP V 225 8.48 -21.65 25.65
C ASP V 225 8.98 -20.37 26.29
N ALA V 226 9.32 -19.38 25.46
CA ALA V 226 9.83 -18.09 25.93
C ALA V 226 8.85 -17.22 26.72
N ARG V 227 7.56 -17.46 26.56
CA ARG V 227 6.55 -16.69 27.28
C ARG V 227 6.06 -17.44 28.51
N SER V 228 6.79 -18.47 28.91
CA SER V 228 6.39 -19.25 30.07
C SER V 228 7.10 -18.83 31.36
N TYR V 229 6.57 -19.27 32.49
CA TYR V 229 7.14 -18.92 33.77
C TYR V 229 7.12 -20.13 34.69
N ASN V 230 8.15 -20.31 35.51
CA ASN V 230 8.22 -21.46 36.41
C ASN V 230 7.46 -21.31 37.74
N ARG V 231 6.17 -21.04 37.60
CA ARG V 231 5.24 -20.87 38.72
C ARG V 231 3.87 -21.18 38.14
N PHE V 232 3.31 -22.31 38.49
CA PHE V 232 2.02 -22.70 37.94
C PHE V 232 1.01 -23.25 38.94
N GLN V 233 -0.20 -23.44 38.46
CA GLN V 233 -1.29 -23.98 39.27
C GLN V 233 -1.80 -25.26 38.65
N ILE V 234 -2.29 -26.16 39.50
CA ILE V 234 -2.86 -27.41 39.04
C ILE V 234 -4.26 -27.55 39.63
N ALA V 235 -5.26 -27.59 38.76
CA ALA V 235 -6.63 -27.74 39.22
C ALA V 235 -7.16 -29.13 38.92
N THR V 236 -7.84 -29.71 39.89
CA THR V 236 -8.39 -31.05 39.74
C THR V 236 -9.87 -31.09 40.06
N VAL V 237 -10.62 -31.78 39.22
CA VAL V 237 -12.05 -31.95 39.46
C VAL V 237 -12.37 -33.43 39.55
N THR V 238 -13.02 -33.81 40.63
CA THR V 238 -13.42 -35.20 40.83
C THR V 238 -14.84 -35.20 41.35
N GLU V 239 -15.21 -36.26 42.07
CA GLU V 239 -16.56 -36.33 42.64
C GLU V 239 -16.68 -35.42 43.87
N LYS V 240 -15.55 -35.13 44.52
CA LYS V 240 -15.52 -34.25 45.69
C LYS V 240 -15.55 -32.76 45.35
N GLY V 241 -15.49 -32.41 44.07
CA GLY V 241 -15.51 -31.02 43.68
C GLY V 241 -14.26 -30.56 42.96
N VAL V 242 -14.07 -29.25 42.91
CA VAL V 242 -12.92 -28.65 42.24
C VAL V 242 -11.89 -28.15 43.25
N GLU V 243 -10.64 -28.56 43.07
CA GLU V 243 -9.55 -28.16 43.96
C GLU V 243 -8.44 -27.48 43.16
N ILE V 244 -7.88 -26.40 43.68
CA ILE V 244 -6.82 -25.69 42.99
C ILE V 244 -5.54 -25.58 43.79
N GLU V 245 -4.53 -26.35 43.42
CA GLU V 245 -3.25 -26.32 44.10
C GLU V 245 -2.33 -25.31 43.43
N GLY V 246 -1.51 -24.65 44.23
CA GLY V 246 -0.59 -23.66 43.70
C GLY V 246 -0.11 -22.74 44.79
N PRO V 247 0.94 -21.96 44.51
CA PRO V 247 1.81 -22.05 43.33
C PRO V 247 2.76 -23.24 43.39
N LEU V 248 3.08 -23.78 42.24
CA LEU V 248 3.99 -24.91 42.16
C LEU V 248 5.12 -24.57 41.21
N SER V 249 6.19 -25.35 41.29
CA SER V 249 7.35 -25.15 40.45
C SER V 249 7.87 -26.49 40.00
N ALA V 250 8.43 -26.54 38.81
CA ALA V 250 8.98 -27.77 38.28
C ALA V 250 10.48 -27.80 38.56
N GLU V 251 11.01 -29.00 38.77
CA GLU V 251 12.44 -29.17 39.03
C GLU V 251 13.16 -29.09 37.70
N THR V 252 14.13 -28.18 37.59
CA THR V 252 14.86 -28.01 36.33
C THR V 252 16.31 -28.47 36.35
N ASN V 253 16.72 -29.07 35.24
CA ASN V 253 18.08 -29.57 35.09
C ASN V 253 18.83 -28.76 34.05
N TRP V 254 20.03 -28.33 34.39
CA TRP V 254 20.85 -27.55 33.46
C TRP V 254 22.21 -28.18 33.23
N GLU V 255 22.25 -29.51 33.28
CA GLU V 255 23.47 -30.29 33.08
C GLU V 255 24.11 -30.06 31.70
N ILE V 256 23.29 -29.86 30.67
CA ILE V 256 23.75 -29.63 29.31
C ILE V 256 24.62 -28.37 29.11
N ALA V 257 24.45 -27.36 29.95
CA ALA V 257 25.25 -26.14 29.88
C ALA V 257 26.75 -26.43 30.04
N HIS V 258 27.09 -27.36 30.93
CA HIS V 258 28.48 -27.74 31.13
C HIS V 258 29.04 -28.48 29.92
N MET V 259 28.19 -29.23 29.24
CA MET V 259 28.59 -29.98 28.05
C MET V 259 29.02 -29.06 26.91
N ASN W 4 -68.56 -2.16 37.89
CA ASN W 4 -69.18 -1.19 37.00
C ASN W 4 -68.14 -0.29 36.35
N GLN W 5 -67.59 0.63 37.12
CA GLN W 5 -66.55 1.53 36.62
C GLN W 5 -65.16 0.92 36.79
N TYR W 6 -65.10 -0.20 37.51
CA TYR W 6 -63.85 -0.88 37.77
C TYR W 6 -63.63 -2.16 36.98
N ASP W 7 -64.46 -2.43 35.98
CA ASP W 7 -64.28 -3.68 35.25
C ASP W 7 -64.01 -3.57 33.75
N ASN W 8 -63.39 -2.49 33.32
CA ASN W 8 -63.11 -2.34 31.90
C ASN W 8 -61.62 -2.41 31.58
N ASP W 9 -60.80 -1.89 32.47
CA ASP W 9 -59.36 -1.90 32.26
C ASP W 9 -58.62 -2.78 33.24
N VAL W 10 -57.52 -3.36 32.78
CA VAL W 10 -56.69 -4.23 33.61
C VAL W 10 -55.83 -3.45 34.61
N THR W 11 -55.63 -2.16 34.36
CA THR W 11 -54.83 -1.34 35.27
C THR W 11 -55.65 -0.74 36.40
N VAL W 12 -56.95 -0.97 36.41
CA VAL W 12 -57.79 -0.41 37.45
C VAL W 12 -58.09 -1.38 38.61
N TRP W 13 -57.57 -1.05 39.78
CA TRP W 13 -57.81 -1.84 40.99
C TRP W 13 -59.19 -1.47 41.48
N SER W 14 -59.97 -2.45 41.89
CA SER W 14 -61.28 -2.16 42.43
C SER W 14 -61.11 -1.84 43.92
N PRO W 15 -62.15 -1.29 44.56
CA PRO W 15 -62.12 -0.94 45.99
C PRO W 15 -61.96 -2.11 46.96
N GLN W 16 -62.26 -3.34 46.53
CA GLN W 16 -62.10 -4.53 47.35
C GLN W 16 -60.71 -5.17 47.16
N GLY W 17 -59.86 -4.53 46.36
CA GLY W 17 -58.52 -5.02 46.10
C GLY W 17 -58.47 -6.13 45.06
N ARG W 18 -59.27 -6.01 44.02
CA ARG W 18 -59.29 -7.02 42.96
C ARG W 18 -59.19 -6.36 41.59
N ILE W 19 -58.92 -7.16 40.58
CA ILE W 19 -58.83 -6.68 39.20
C ILE W 19 -59.84 -7.47 38.38
N HIS W 20 -61.00 -6.86 38.14
CA HIS W 20 -62.09 -7.51 37.40
C HIS W 20 -61.75 -8.09 36.03
N GLN W 21 -60.89 -7.42 35.27
CA GLN W 21 -60.52 -7.93 33.94
C GLN W 21 -59.82 -9.29 33.99
N ILE W 22 -59.01 -9.50 35.03
CA ILE W 22 -58.32 -10.77 35.20
C ILE W 22 -59.31 -11.85 35.60
N GLU W 23 -60.33 -11.48 36.37
CA GLU W 23 -61.35 -12.43 36.78
C GLU W 23 -62.20 -12.83 35.59
N TYR W 24 -62.44 -11.88 34.69
CA TYR W 24 -63.22 -12.14 33.48
C TYR W 24 -62.45 -13.04 32.53
N ALA W 25 -61.13 -12.93 32.53
CA ALA W 25 -60.27 -13.76 31.70
C ALA W 25 -60.22 -15.20 32.23
N MET W 26 -60.47 -15.39 33.52
CA MET W 26 -60.52 -16.71 34.13
C MET W 26 -61.80 -17.44 33.73
N GLU W 27 -62.82 -16.67 33.38
CA GLU W 27 -64.10 -17.20 32.94
C GLU W 27 -63.94 -17.89 31.61
N ALA W 28 -63.03 -17.40 30.78
CA ALA W 28 -62.77 -17.99 29.48
C ALA W 28 -62.25 -19.42 29.59
N VAL W 29 -61.41 -19.65 30.60
CA VAL W 29 -60.85 -20.97 30.85
C VAL W 29 -61.91 -21.94 31.35
N LYS W 30 -62.80 -21.44 32.20
CA LYS W 30 -63.87 -22.26 32.79
C LYS W 30 -64.93 -22.75 31.81
N GLN W 31 -65.08 -22.07 30.68
CA GLN W 31 -66.08 -22.46 29.69
C GLN W 31 -65.53 -23.41 28.63
N GLY W 32 -64.21 -23.58 28.60
CA GLY W 32 -63.59 -24.48 27.64
C GLY W 32 -63.76 -25.91 28.07
N SER W 33 -63.65 -26.85 27.12
CA SER W 33 -63.80 -28.26 27.46
C SER W 33 -62.73 -28.71 28.43
N ALA W 34 -63.10 -29.59 29.35
CA ALA W 34 -62.20 -30.08 30.38
C ALA W 34 -60.99 -30.85 29.85
N THR W 35 -59.93 -30.81 30.64
CA THR W 35 -58.68 -31.49 30.34
C THR W 35 -58.12 -31.91 31.69
N VAL W 36 -57.54 -33.10 31.74
CA VAL W 36 -57.01 -33.64 32.98
C VAL W 36 -55.53 -33.96 32.84
N GLY W 37 -54.76 -33.66 33.87
CA GLY W 37 -53.33 -33.94 33.87
C GLY W 37 -52.92 -34.59 35.17
N LEU W 38 -52.30 -35.75 35.08
CA LEU W 38 -51.84 -36.46 36.26
C LEU W 38 -50.50 -37.11 36.01
N LYS W 39 -49.82 -37.52 37.07
CA LYS W 39 -48.52 -38.13 36.93
C LYS W 39 -48.21 -39.20 37.98
N SER W 40 -47.27 -40.06 37.65
CA SER W 40 -46.83 -41.11 38.56
C SER W 40 -45.39 -40.81 38.92
N LYS W 41 -44.64 -41.84 39.30
CA LYS W 41 -43.24 -41.65 39.65
C LYS W 41 -42.37 -41.70 38.39
N THR W 42 -42.95 -42.24 37.31
CA THR W 42 -42.22 -42.39 36.06
C THR W 42 -42.85 -41.70 34.86
N HIS W 43 -44.15 -41.42 34.91
CA HIS W 43 -44.82 -40.80 33.77
C HIS W 43 -45.69 -39.58 34.09
N ALA W 44 -45.99 -38.81 33.04
CA ALA W 44 -46.86 -37.65 33.13
C ALA W 44 -47.86 -37.80 32.01
N VAL W 45 -49.15 -37.76 32.34
CA VAL W 45 -50.20 -37.95 31.34
C VAL W 45 -51.14 -36.77 31.18
N LEU W 46 -51.50 -36.50 29.92
CA LEU W 46 -52.42 -35.43 29.59
C LEU W 46 -53.61 -36.03 28.87
N VAL W 47 -54.81 -35.77 29.37
CA VAL W 47 -56.03 -36.30 28.77
C VAL W 47 -57.00 -35.17 28.53
N ALA W 48 -57.37 -34.95 27.27
CA ALA W 48 -58.28 -33.87 26.95
C ALA W 48 -59.54 -34.34 26.24
N LEU W 49 -60.66 -33.72 26.59
CA LEU W 49 -61.94 -34.04 25.98
C LEU W 49 -62.12 -33.16 24.76
N LYS W 50 -61.84 -33.70 23.59
CA LYS W 50 -61.98 -32.95 22.36
C LYS W 50 -63.44 -32.60 22.08
N ARG W 51 -63.71 -31.30 22.01
CA ARG W 51 -65.06 -30.81 21.77
C ARG W 51 -65.32 -30.71 20.27
N ALA W 52 -66.57 -30.89 19.86
CA ALA W 52 -66.94 -30.80 18.45
C ALA W 52 -67.97 -29.71 18.22
N GLN W 53 -67.58 -28.67 17.48
CA GLN W 53 -68.47 -27.56 17.18
C GLN W 53 -69.70 -28.06 16.44
N SER W 54 -69.49 -28.92 15.46
CA SER W 54 -70.58 -29.48 14.67
C SER W 54 -70.48 -31.00 14.63
N GLU W 55 -71.42 -31.63 13.94
CA GLU W 55 -71.43 -33.08 13.81
C GLU W 55 -70.62 -33.50 12.59
N LEU W 56 -70.30 -32.54 11.73
CA LEU W 56 -69.53 -32.82 10.52
C LEU W 56 -68.09 -32.30 10.60
N ALA W 57 -67.80 -31.49 11.60
CA ALA W 57 -66.45 -30.95 11.76
C ALA W 57 -65.58 -31.85 12.63
N ALA W 58 -64.27 -31.68 12.49
CA ALA W 58 -63.32 -32.46 13.28
C ALA W 58 -63.25 -31.90 14.70
N HIS W 59 -62.78 -32.73 15.62
CA HIS W 59 -62.66 -32.33 17.02
C HIS W 59 -61.45 -31.41 17.22
N GLN W 60 -61.72 -30.20 17.72
CA GLN W 60 -60.67 -29.20 17.96
C GLN W 60 -59.52 -29.73 18.82
N LYS W 61 -58.32 -29.68 18.27
CA LYS W 61 -57.12 -30.15 18.97
C LYS W 61 -56.91 -29.48 20.32
N LYS W 62 -56.42 -30.24 21.29
CA LYS W 62 -56.20 -29.71 22.64
C LYS W 62 -54.79 -29.97 23.16
N ILE W 63 -54.18 -31.07 22.72
CA ILE W 63 -52.84 -31.44 23.16
C ILE W 63 -51.79 -31.07 22.14
N LEU W 64 -50.73 -30.39 22.57
CA LEU W 64 -49.67 -29.96 21.67
C LEU W 64 -48.27 -30.33 22.10
N HIS W 65 -47.44 -30.67 21.12
CA HIS W 65 -46.05 -31.00 21.35
C HIS W 65 -45.30 -29.68 21.48
N VAL W 66 -44.43 -29.57 22.46
CA VAL W 66 -43.67 -28.35 22.65
C VAL W 66 -42.20 -28.66 22.45
N ASP W 67 -41.83 -29.84 22.92
CA ASP W 67 -40.48 -30.37 22.83
C ASP W 67 -40.54 -31.86 23.16
N ASN W 68 -39.42 -32.56 23.03
CA ASN W 68 -39.38 -33.99 23.31
C ASN W 68 -39.78 -34.38 24.74
N HIS W 69 -39.47 -33.53 25.71
CA HIS W 69 -39.78 -33.79 27.10
C HIS W 69 -40.96 -32.96 27.65
N ILE W 70 -41.59 -32.14 26.82
CA ILE W 70 -42.69 -31.28 27.27
C ILE W 70 -43.95 -31.27 26.37
N GLY W 71 -45.11 -31.47 26.97
CA GLY W 71 -46.37 -31.44 26.26
C GLY W 71 -47.36 -30.53 26.99
N ILE W 72 -48.34 -29.97 26.27
CA ILE W 72 -49.32 -29.09 26.90
C ILE W 72 -50.76 -29.31 26.44
N SER W 73 -51.69 -28.92 27.30
CA SER W 73 -53.12 -29.01 27.04
C SER W 73 -53.69 -27.61 27.26
N ILE W 74 -54.60 -27.18 26.41
CA ILE W 74 -55.16 -25.83 26.53
C ILE W 74 -56.67 -25.75 26.76
N ALA W 75 -57.08 -24.72 27.48
CA ALA W 75 -58.49 -24.47 27.77
C ALA W 75 -58.74 -22.96 27.76
N GLY W 76 -59.58 -22.50 26.85
CA GLY W 76 -59.89 -21.09 26.76
C GLY W 76 -59.73 -20.59 25.33
N LEU W 77 -59.24 -19.37 25.17
CA LEU W 77 -59.05 -18.79 23.85
C LEU W 77 -57.94 -19.50 23.06
N THR W 78 -58.30 -20.04 21.91
CA THR W 78 -57.35 -20.76 21.06
C THR W 78 -56.25 -19.85 20.53
N ALA W 79 -56.58 -18.62 20.20
CA ALA W 79 -55.60 -17.67 19.71
C ALA W 79 -54.49 -17.48 20.74
N ASP W 80 -54.88 -17.25 21.98
CA ASP W 80 -53.91 -17.07 23.06
C ASP W 80 -53.07 -18.32 23.28
N ALA W 81 -53.70 -19.49 23.18
CA ALA W 81 -52.99 -20.74 23.36
C ALA W 81 -51.86 -20.90 22.34
N ARG W 82 -52.16 -20.60 21.08
CA ARG W 82 -51.16 -20.71 20.03
C ARG W 82 -50.00 -19.74 20.28
N LEU W 83 -50.32 -18.53 20.73
CA LEU W 83 -49.30 -17.55 21.03
C LEU W 83 -48.38 -18.02 22.15
N LEU W 84 -48.94 -18.65 23.17
CA LEU W 84 -48.16 -19.13 24.29
C LEU W 84 -47.36 -20.38 23.90
N CYS W 85 -47.96 -21.24 23.09
CA CYS W 85 -47.30 -22.44 22.63
C CYS W 85 -46.11 -22.06 21.76
N ASN W 86 -46.28 -21.06 20.91
CA ASN W 86 -45.19 -20.62 20.05
C ASN W 86 -44.05 -20.08 20.89
N PHE W 87 -44.38 -19.32 21.93
CA PHE W 87 -43.39 -18.75 22.82
C PHE W 87 -42.62 -19.86 23.55
N MET W 88 -43.35 -20.87 24.01
CA MET W 88 -42.74 -21.99 24.72
C MET W 88 -41.80 -22.76 23.81
N ARG W 89 -42.23 -23.00 22.58
CA ARG W 89 -41.43 -23.72 21.61
C ARG W 89 -40.12 -22.99 21.34
N GLN W 90 -40.20 -21.66 21.21
CA GLN W 90 -39.01 -20.86 20.96
C GLN W 90 -38.05 -20.91 22.14
N GLU W 91 -38.58 -20.82 23.36
CA GLU W 91 -37.75 -20.88 24.56
C GLU W 91 -37.00 -22.22 24.62
N CYS W 92 -37.71 -23.30 24.29
CA CYS W 92 -37.11 -24.63 24.28
C CYS W 92 -36.01 -24.71 23.22
N LEU W 93 -36.29 -24.17 22.04
CA LEU W 93 -35.29 -24.18 20.96
C LEU W 93 -34.04 -23.40 21.38
N ASP W 94 -34.22 -22.26 22.04
CA ASP W 94 -33.10 -21.44 22.48
C ASP W 94 -32.22 -22.22 23.44
N SER W 95 -32.86 -22.93 24.36
CA SER W 95 -32.14 -23.72 25.35
C SER W 95 -31.26 -24.78 24.71
N ARG W 96 -31.76 -25.43 23.66
CA ARG W 96 -30.99 -26.46 22.99
C ARG W 96 -29.87 -25.88 22.14
N PHE W 97 -30.09 -24.68 21.60
CA PHE W 97 -29.11 -24.02 20.78
C PHE W 97 -27.93 -23.48 21.59
N VAL W 98 -28.24 -22.93 22.76
CA VAL W 98 -27.21 -22.35 23.60
C VAL W 98 -26.51 -23.31 24.55
N PHE W 99 -27.26 -24.15 25.24
CA PHE W 99 -26.67 -25.07 26.20
C PHE W 99 -26.60 -26.53 25.79
N ASP W 100 -27.11 -26.85 24.61
CA ASP W 100 -27.14 -28.22 24.10
C ASP W 100 -27.82 -29.21 25.07
N ARG W 101 -28.93 -28.78 25.65
CA ARG W 101 -29.67 -29.63 26.58
C ARG W 101 -31.11 -29.17 26.69
N PRO W 102 -32.00 -30.07 27.15
CA PRO W 102 -33.42 -29.71 27.27
C PRO W 102 -33.64 -28.73 28.41
N LEU W 103 -34.54 -27.78 28.20
CA LEU W 103 -34.86 -26.78 29.20
C LEU W 103 -35.68 -27.43 30.29
N PRO W 104 -35.23 -27.31 31.54
CA PRO W 104 -35.96 -27.88 32.67
C PRO W 104 -37.38 -27.33 32.70
N VAL W 105 -38.37 -28.20 32.87
CA VAL W 105 -39.78 -27.81 32.87
C VAL W 105 -40.14 -26.65 33.80
N SER W 106 -39.67 -26.71 35.04
CA SER W 106 -39.96 -25.66 36.01
C SER W 106 -39.49 -24.27 35.55
N ARG W 107 -38.32 -24.20 34.90
CA ARG W 107 -37.81 -22.94 34.41
C ARG W 107 -38.65 -22.40 33.26
N LEU W 108 -39.22 -23.30 32.47
CA LEU W 108 -40.05 -22.90 31.35
C LEU W 108 -41.37 -22.31 31.85
N VAL W 109 -41.90 -22.89 32.92
CA VAL W 109 -43.15 -22.43 33.53
C VAL W 109 -42.95 -21.04 34.15
N SER W 110 -41.76 -20.80 34.70
CA SER W 110 -41.42 -19.51 35.26
C SER W 110 -41.43 -18.45 34.16
N LEU W 111 -40.91 -18.81 32.99
CA LEU W 111 -40.87 -17.89 31.87
C LEU W 111 -42.28 -17.55 31.38
N ILE W 112 -43.19 -18.50 31.46
CA ILE W 112 -44.56 -18.27 31.04
C ILE W 112 -45.22 -17.31 32.02
N GLY W 113 -44.91 -17.48 33.30
CA GLY W 113 -45.45 -16.64 34.35
C GLY W 113 -45.09 -15.18 34.21
N SER W 114 -43.83 -14.87 33.94
CA SER W 114 -43.41 -13.47 33.80
C SER W 114 -43.96 -12.84 32.53
N LYS W 115 -44.04 -13.62 31.46
CA LYS W 115 -44.54 -13.12 30.18
C LYS W 115 -46.02 -12.79 30.26
N THR W 116 -46.79 -13.63 30.94
CA THR W 116 -48.23 -13.41 31.06
C THR W 116 -48.60 -12.38 32.14
N GLN W 117 -47.64 -11.98 32.95
CA GLN W 117 -47.88 -10.98 34.00
C GLN W 117 -47.80 -9.57 33.45
N ILE W 118 -46.87 -9.34 32.52
CA ILE W 118 -46.66 -8.02 31.92
C ILE W 118 -47.92 -7.30 31.46
N PRO W 119 -48.77 -7.98 30.69
CA PRO W 119 -50.02 -7.39 30.19
C PRO W 119 -51.13 -7.13 31.24
N THR W 120 -50.97 -7.61 32.48
CA THR W 120 -51.97 -7.36 33.51
C THR W 120 -51.70 -6.03 34.22
N GLN W 121 -50.57 -5.40 33.94
CA GLN W 121 -50.22 -4.15 34.58
C GLN W 121 -50.12 -2.96 33.62
N ARG W 122 -50.29 -3.20 32.32
CA ARG W 122 -50.19 -2.13 31.34
C ARG W 122 -51.53 -1.70 30.75
N TYR W 123 -51.75 -0.39 30.70
CA TYR W 123 -52.98 0.17 30.17
C TYR W 123 -53.19 -0.18 28.70
N GLY W 124 -54.39 -0.65 28.37
CA GLY W 124 -54.71 -1.01 27.00
C GLY W 124 -54.37 -2.43 26.63
N ARG W 125 -53.78 -3.16 27.57
CA ARG W 125 -53.44 -4.54 27.33
C ARG W 125 -54.46 -5.41 28.04
N ARG W 126 -54.52 -6.67 27.66
CA ARG W 126 -55.46 -7.59 28.27
C ARG W 126 -54.71 -8.82 28.70
N PRO W 127 -55.27 -9.58 29.65
CA PRO W 127 -54.62 -10.81 30.09
C PRO W 127 -54.82 -11.90 29.07
N TYR W 128 -53.93 -12.89 29.05
CA TYR W 128 -54.08 -14.00 28.15
C TYR W 128 -55.29 -14.75 28.67
N GLY W 129 -56.25 -15.05 27.79
CA GLY W 129 -57.44 -15.76 28.20
C GLY W 129 -57.34 -17.26 28.02
N VAL W 130 -56.27 -17.85 28.53
CA VAL W 130 -56.08 -19.29 28.39
C VAL W 130 -55.42 -19.91 29.62
N GLY W 131 -55.86 -21.13 29.95
CA GLY W 131 -55.31 -21.88 31.05
C GLY W 131 -54.56 -23.03 30.44
N LEU W 132 -53.50 -23.50 31.08
CA LEU W 132 -52.76 -24.62 30.52
C LEU W 132 -52.36 -25.69 31.51
N LEU W 133 -52.17 -26.90 30.99
CA LEU W 133 -51.71 -28.03 31.77
C LEU W 133 -50.44 -28.45 31.07
N ILE W 134 -49.32 -28.35 31.77
CA ILE W 134 -48.03 -28.69 31.19
C ILE W 134 -47.46 -29.99 31.73
N ALA W 135 -47.26 -30.95 30.83
CA ALA W 135 -46.69 -32.24 31.18
C ALA W 135 -45.26 -32.29 30.68
N GLY W 136 -44.35 -32.76 31.52
CA GLY W 136 -42.97 -32.85 31.10
C GLY W 136 -42.14 -33.78 31.96
N TYR W 137 -40.98 -34.13 31.46
CA TYR W 137 -40.07 -35.01 32.17
C TYR W 137 -38.63 -34.53 32.04
N ASP W 138 -37.96 -34.38 33.17
CA ASP W 138 -36.56 -33.95 33.17
C ASP W 138 -35.77 -34.64 34.27
N ASP W 139 -34.67 -34.03 34.69
CA ASP W 139 -33.80 -34.59 35.73
C ASP W 139 -34.45 -34.79 37.10
N MET W 140 -35.45 -33.97 37.42
CA MET W 140 -36.15 -34.10 38.69
C MET W 140 -37.37 -35.01 38.59
N GLY W 141 -37.56 -35.65 37.44
CA GLY W 141 -38.68 -36.55 37.23
C GLY W 141 -39.77 -35.98 36.33
N PRO W 142 -40.97 -36.58 36.37
CA PRO W 142 -42.11 -36.12 35.58
C PRO W 142 -42.82 -34.96 36.30
N HIS W 143 -43.38 -34.03 35.53
CA HIS W 143 -44.07 -32.87 36.13
C HIS W 143 -45.43 -32.57 35.53
N ILE W 144 -46.28 -31.91 36.32
CA ILE W 144 -47.59 -31.48 35.88
C ILE W 144 -47.77 -30.05 36.40
N PHE W 145 -47.75 -29.08 35.49
CA PHE W 145 -47.90 -27.69 35.89
C PHE W 145 -49.22 -27.11 35.39
N GLN W 146 -49.73 -26.11 36.07
CA GLN W 146 -50.97 -25.47 35.67
C GLN W 146 -50.82 -23.97 35.64
N THR W 147 -51.08 -23.34 34.50
CA THR W 147 -50.98 -21.89 34.39
C THR W 147 -52.36 -21.27 34.29
N CYS W 148 -52.46 -20.00 34.64
CA CYS W 148 -53.72 -19.28 34.58
C CYS W 148 -53.55 -17.95 33.89
N PRO W 149 -54.67 -17.25 33.62
CA PRO W 149 -54.76 -15.92 33.01
C PRO W 149 -54.23 -14.80 33.93
N SER W 150 -54.14 -15.06 35.22
CA SER W 150 -53.62 -14.10 36.19
C SER W 150 -52.11 -14.21 36.42
N ALA W 151 -51.43 -14.98 35.56
CA ALA W 151 -49.98 -15.25 35.56
C ALA W 151 -49.44 -16.10 36.71
N ASN W 152 -50.34 -16.71 37.47
CA ASN W 152 -49.95 -17.56 38.57
C ASN W 152 -49.82 -18.99 38.04
N TYR W 153 -48.93 -19.79 38.60
CA TYR W 153 -48.80 -21.16 38.14
C TYR W 153 -48.65 -22.11 39.32
N PHE W 154 -49.07 -23.35 39.15
CA PHE W 154 -49.02 -24.34 40.22
C PHE W 154 -48.37 -25.66 39.82
N ASP W 155 -47.65 -26.26 40.75
CA ASP W 155 -47.03 -27.56 40.53
C ASP W 155 -48.02 -28.53 41.14
N CYS W 156 -48.53 -29.45 40.33
CA CYS W 156 -49.55 -30.38 40.83
C CYS W 156 -49.26 -31.86 40.65
N ARG W 157 -49.90 -32.66 41.49
CA ARG W 157 -49.80 -34.11 41.41
C ARG W 157 -50.78 -34.55 40.33
N ALA W 158 -51.89 -33.83 40.25
CA ALA W 158 -52.95 -34.04 39.28
C ALA W 158 -53.76 -32.75 39.24
N MET W 159 -54.40 -32.47 38.11
CA MET W 159 -55.19 -31.25 37.96
C MET W 159 -56.19 -31.39 36.83
N SER W 160 -57.22 -30.56 36.88
CA SER W 160 -58.24 -30.53 35.86
C SER W 160 -58.71 -29.09 35.68
N ILE W 161 -58.93 -28.69 34.44
CA ILE W 161 -59.40 -27.34 34.15
C ILE W 161 -60.43 -27.43 33.04
N GLY W 162 -61.23 -26.39 32.88
CA GLY W 162 -62.27 -26.38 31.86
C GLY W 162 -63.64 -26.55 32.46
N ALA W 163 -64.65 -26.66 31.60
CA ALA W 163 -66.04 -26.80 32.05
C ALA W 163 -66.30 -28.08 32.85
N ARG W 164 -66.92 -27.90 34.02
CA ARG W 164 -67.25 -28.99 34.94
C ARG W 164 -66.05 -29.84 35.35
N SER W 165 -64.91 -29.19 35.57
CA SER W 165 -63.69 -29.88 35.95
C SER W 165 -63.61 -30.07 37.45
N GLN W 166 -64.53 -29.45 38.16
CA GLN W 166 -64.58 -29.55 39.61
C GLN W 166 -64.86 -30.99 40.03
N SER W 167 -65.69 -31.68 39.25
CA SER W 167 -66.01 -33.06 39.54
C SER W 167 -64.87 -33.98 39.12
N ALA W 168 -64.07 -33.53 38.15
CA ALA W 168 -62.92 -34.29 37.72
C ALA W 168 -61.85 -34.16 38.79
N ARG W 169 -61.79 -32.98 39.40
CA ARG W 169 -60.84 -32.72 40.47
C ARG W 169 -61.26 -33.49 41.72
N THR W 170 -62.56 -33.62 41.91
CA THR W 170 -63.11 -34.36 43.04
C THR W 170 -62.71 -35.82 42.93
N TYR W 171 -62.82 -36.35 41.71
CA TYR W 171 -62.45 -37.73 41.45
C TYR W 171 -60.97 -37.96 41.70
N LEU W 172 -60.14 -37.05 41.18
CA LEU W 172 -58.68 -37.16 41.34
C LEU W 172 -58.24 -37.11 42.80
N GLU W 173 -58.92 -36.29 43.59
CA GLU W 173 -58.60 -36.13 45.00
C GLU W 173 -58.63 -37.45 45.78
N ARG W 174 -59.62 -38.28 45.49
CA ARG W 174 -59.77 -39.55 46.19
C ARG W 174 -58.91 -40.70 45.65
N HIS W 175 -58.47 -40.60 44.40
CA HIS W 175 -57.66 -41.67 43.82
C HIS W 175 -56.19 -41.31 43.66
N MET W 176 -55.81 -40.11 44.07
CA MET W 176 -54.42 -39.66 43.92
C MET W 176 -53.39 -40.43 44.75
N SER W 177 -53.81 -41.04 45.85
CA SER W 177 -52.92 -41.80 46.72
C SER W 177 -52.14 -42.91 46.00
N GLY W 178 -52.77 -43.60 45.06
CA GLY W 178 -52.11 -44.65 44.33
C GLY W 178 -51.70 -44.26 42.92
N PHE W 179 -51.13 -43.07 42.76
CA PHE W 179 -50.70 -42.58 41.45
C PHE W 179 -49.22 -42.85 41.19
N MET W 180 -48.38 -42.64 42.20
CA MET W 180 -46.95 -42.83 42.07
C MET W 180 -46.55 -44.26 41.64
N GLU W 181 -47.06 -45.25 42.38
CA GLU W 181 -46.75 -46.65 42.10
C GLU W 181 -47.39 -47.18 40.82
N CYS W 182 -48.50 -46.55 40.42
CA CYS W 182 -49.23 -46.91 39.23
C CYS W 182 -48.37 -47.01 37.98
N ASN W 183 -48.60 -48.04 37.16
CA ASN W 183 -47.84 -48.17 35.93
C ASN W 183 -48.56 -47.38 34.83
N LEU W 184 -47.87 -47.11 33.73
CA LEU W 184 -48.43 -46.32 32.63
C LEU W 184 -49.86 -46.62 32.21
N ASN W 185 -50.16 -47.89 31.95
CA ASN W 185 -51.48 -48.28 31.51
C ASN W 185 -52.60 -47.91 32.48
N GLU W 186 -52.42 -48.22 33.77
CA GLU W 186 -53.44 -47.90 34.76
C GLU W 186 -53.44 -46.42 35.13
N LEU W 187 -52.33 -45.73 34.90
CA LEU W 187 -52.24 -44.31 35.20
C LEU W 187 -53.10 -43.53 34.22
N VAL W 188 -53.15 -44.00 32.98
CA VAL W 188 -53.95 -43.35 31.95
C VAL W 188 -55.43 -43.59 32.19
N LYS W 189 -55.76 -44.73 32.79
CA LYS W 189 -57.14 -45.07 33.09
C LYS W 189 -57.73 -44.11 34.11
N HIS W 190 -56.95 -43.83 35.14
CA HIS W 190 -57.34 -42.93 36.20
C HIS W 190 -57.61 -41.57 35.57
N GLY W 191 -56.84 -41.25 34.54
CA GLY W 191 -56.98 -40.00 33.83
C GLY W 191 -58.27 -39.96 33.02
N LEU W 192 -58.59 -41.06 32.35
CA LEU W 192 -59.80 -41.12 31.55
C LEU W 192 -61.05 -41.12 32.41
N ARG W 193 -60.97 -41.79 33.56
CA ARG W 193 -62.09 -41.86 34.48
C ARG W 193 -62.44 -40.49 35.05
N ALA W 194 -61.42 -39.70 35.38
CA ALA W 194 -61.65 -38.37 35.92
C ALA W 194 -62.22 -37.46 34.85
N LEU W 195 -61.77 -37.64 33.62
CA LEU W 195 -62.23 -36.84 32.50
C LEU W 195 -63.68 -37.19 32.16
N ARG W 196 -64.04 -38.46 32.34
CA ARG W 196 -65.39 -38.95 32.07
C ARG W 196 -66.43 -38.33 33.00
N GLU W 197 -66.02 -38.02 34.23
CA GLU W 197 -66.91 -37.41 35.22
C GLU W 197 -67.50 -36.06 34.79
N THR W 198 -66.75 -35.27 34.03
CA THR W 198 -67.20 -33.97 33.55
C THR W 198 -68.28 -34.06 32.47
N LEU W 199 -68.35 -35.19 31.78
CA LEU W 199 -69.35 -35.38 30.74
C LEU W 199 -70.72 -35.62 31.33
N PRO W 200 -71.77 -35.17 30.63
CA PRO W 200 -73.14 -35.41 31.10
C PRO W 200 -73.45 -36.91 30.95
N ALA W 201 -74.25 -37.45 31.86
CA ALA W 201 -74.63 -38.87 31.90
C ALA W 201 -74.76 -39.63 30.57
N GLU W 202 -75.47 -39.05 29.60
CA GLU W 202 -75.66 -39.71 28.32
C GLU W 202 -74.35 -39.95 27.56
N GLN W 203 -73.62 -38.87 27.29
CA GLN W 203 -72.37 -38.97 26.54
C GLN W 203 -71.29 -39.85 27.18
N ASP W 204 -70.44 -40.42 26.34
CA ASP W 204 -69.36 -41.29 26.80
C ASP W 204 -68.04 -40.98 26.09
N LEU W 205 -66.98 -41.59 26.58
CA LEU W 205 -65.65 -41.41 25.99
C LEU W 205 -65.47 -42.37 24.83
N THR W 206 -65.23 -41.80 23.65
CA THR W 206 -65.04 -42.62 22.46
C THR W 206 -63.67 -42.36 21.88
N THR W 207 -63.46 -42.78 20.63
CA THR W 207 -62.18 -42.57 19.97
C THR W 207 -62.22 -41.31 19.11
N LYS W 208 -63.33 -40.58 19.18
CA LYS W 208 -63.49 -39.36 18.41
C LYS W 208 -63.36 -38.11 19.26
N ASN W 209 -63.54 -38.24 20.58
CA ASN W 209 -63.47 -37.08 21.46
C ASN W 209 -62.46 -37.18 22.61
N VAL W 210 -61.50 -38.09 22.50
CA VAL W 210 -60.52 -38.24 23.56
C VAL W 210 -59.08 -38.30 23.05
N SER W 211 -58.31 -37.25 23.32
CA SER W 211 -56.92 -37.22 22.91
C SER W 211 -56.02 -37.43 24.11
N ILE W 212 -54.91 -38.13 23.92
CA ILE W 212 -53.98 -38.41 25.00
C ILE W 212 -52.57 -37.91 24.69
N GLY W 213 -51.84 -37.53 25.74
CA GLY W 213 -50.48 -37.07 25.61
C GLY W 213 -49.68 -37.72 26.71
N ILE W 214 -48.57 -38.36 26.36
CA ILE W 214 -47.75 -39.02 27.38
C ILE W 214 -46.26 -38.77 27.24
N VAL W 215 -45.59 -38.60 28.38
CA VAL W 215 -44.15 -38.38 28.41
C VAL W 215 -43.65 -39.10 29.66
N GLY W 216 -42.44 -39.66 29.61
CA GLY W 216 -41.91 -40.36 30.76
C GLY W 216 -40.42 -40.63 30.79
N LYS W 217 -40.01 -41.43 31.78
CA LYS W 217 -38.61 -41.80 31.99
C LYS W 217 -37.84 -42.19 30.72
N ASP W 218 -38.45 -43.05 29.91
CA ASP W 218 -37.82 -43.49 28.67
C ASP W 218 -38.83 -43.41 27.52
N LEU W 219 -39.40 -42.22 27.35
CA LEU W 219 -40.37 -42.00 26.30
C LEU W 219 -40.52 -40.51 25.99
N GLU W 220 -40.44 -40.16 24.72
CA GLU W 220 -40.60 -38.79 24.28
C GLU W 220 -42.07 -38.44 24.32
N PHE W 221 -42.41 -37.17 24.50
CA PHE W 221 -43.80 -36.78 24.54
C PHE W 221 -44.50 -37.23 23.27
N THR W 222 -45.54 -38.04 23.42
CA THR W 222 -46.27 -38.55 22.25
C THR W 222 -47.76 -38.30 22.38
N ILE W 223 -48.38 -37.90 21.28
CA ILE W 223 -49.81 -37.63 21.26
C ILE W 223 -50.59 -38.77 20.59
N TYR W 224 -51.56 -39.32 21.30
CA TYR W 224 -52.39 -40.40 20.77
C TYR W 224 -53.79 -39.91 20.44
N ASP W 225 -54.16 -39.98 19.17
CA ASP W 225 -55.49 -39.55 18.74
C ASP W 225 -56.20 -40.62 17.93
N ASP W 226 -57.52 -40.53 17.87
CA ASP W 226 -58.37 -41.46 17.12
C ASP W 226 -58.16 -42.93 17.44
N ASP W 227 -57.72 -43.69 16.44
CA ASP W 227 -57.50 -45.12 16.58
C ASP W 227 -56.38 -45.54 17.54
N ASP W 228 -55.43 -44.64 17.79
CA ASP W 228 -54.32 -44.95 18.69
C ASP W 228 -54.71 -44.90 20.18
N VAL W 229 -55.85 -44.26 20.47
CA VAL W 229 -56.33 -44.17 21.84
C VAL W 229 -57.20 -45.37 22.19
N SER W 230 -57.55 -46.14 21.16
CA SER W 230 -58.40 -47.33 21.32
C SER W 230 -57.92 -48.24 22.45
N PRO W 231 -56.64 -48.64 22.39
CA PRO W 231 -56.03 -49.52 23.40
C PRO W 231 -56.27 -49.03 24.82
N PHE W 232 -56.07 -47.74 25.06
CA PHE W 232 -56.27 -47.16 26.39
C PHE W 232 -57.74 -47.17 26.83
N LEU W 233 -58.66 -47.10 25.87
CA LEU W 233 -60.09 -47.10 26.18
C LEU W 233 -60.62 -48.51 26.41
N GLU W 234 -60.26 -49.42 25.52
CA GLU W 234 -60.71 -50.81 25.61
C GLU W 234 -60.32 -51.46 26.93
N GLY W 235 -61.33 -51.90 27.68
CA GLY W 235 -61.11 -52.55 28.96
C GLY W 235 -61.45 -51.66 30.14
N LEU W 236 -62.07 -50.53 29.86
CA LEU W 236 -62.45 -49.58 30.90
C LEU W 236 -63.91 -49.79 31.30
N GLU W 237 -64.13 -50.20 32.54
CA GLU W 237 -65.48 -50.44 33.05
C GLU W 237 -66.38 -49.23 32.84
N SER X 2 46.24 -9.40 -22.46
CA SER X 2 45.94 -8.88 -23.80
C SER X 2 47.18 -8.37 -24.51
N TYR X 3 47.37 -8.83 -25.74
CA TYR X 3 48.51 -8.44 -26.57
C TYR X 3 48.36 -7.00 -27.05
N ASP X 4 49.19 -6.11 -26.51
CA ASP X 4 49.11 -4.69 -26.87
C ASP X 4 50.40 -4.14 -27.50
N ARG X 5 51.21 -5.00 -28.10
CA ARG X 5 52.45 -4.56 -28.71
C ARG X 5 52.19 -3.80 -30.02
N ALA X 6 52.91 -2.71 -30.23
CA ALA X 6 52.77 -1.93 -31.45
C ALA X 6 53.42 -2.68 -32.60
N ILE X 7 52.62 -3.13 -33.55
CA ILE X 7 53.13 -3.89 -34.69
C ILE X 7 53.48 -3.01 -35.89
N THR X 8 52.64 -2.02 -36.17
CA THR X 8 52.90 -1.12 -37.29
C THR X 8 53.50 0.19 -36.81
N VAL X 9 54.78 0.38 -37.06
CA VAL X 9 55.47 1.59 -36.64
C VAL X 9 56.20 2.25 -37.81
N PHE X 10 56.60 3.49 -37.61
CA PHE X 10 57.32 4.23 -38.63
C PHE X 10 58.77 3.81 -38.73
N SER X 11 59.25 3.77 -39.96
CA SER X 11 60.64 3.44 -40.24
C SER X 11 61.37 4.77 -40.45
N PRO X 12 62.72 4.77 -40.34
CA PRO X 12 63.55 5.97 -40.53
C PRO X 12 63.26 6.81 -41.78
N ASP X 13 62.90 6.21 -42.91
CA ASP X 13 62.58 6.95 -44.13
C ASP X 13 61.15 7.50 -44.18
N GLY X 14 60.35 7.22 -43.15
CA GLY X 14 58.98 7.69 -43.09
C GLY X 14 57.99 6.68 -43.65
N HIS X 15 58.41 5.43 -43.73
CA HIS X 15 57.55 4.38 -44.25
C HIS X 15 57.03 3.49 -43.14
N LEU X 16 55.91 2.82 -43.41
CA LEU X 16 55.34 1.88 -42.46
C LEU X 16 55.68 0.50 -42.99
N PHE X 17 56.73 -0.08 -42.44
CA PHE X 17 57.23 -1.41 -42.85
C PHE X 17 56.14 -2.47 -43.03
N GLN X 18 55.34 -2.67 -42.00
CA GLN X 18 54.29 -3.68 -42.04
C GLN X 18 53.28 -3.44 -43.16
N VAL X 19 53.03 -2.17 -43.47
CA VAL X 19 52.09 -1.82 -44.53
C VAL X 19 52.69 -2.16 -45.88
N GLU X 20 53.98 -1.94 -46.03
CA GLU X 20 54.68 -2.26 -47.27
C GLU X 20 54.76 -3.77 -47.45
N TYR X 21 54.88 -4.49 -46.33
CA TYR X 21 54.93 -5.95 -46.38
C TYR X 21 53.56 -6.51 -46.73
N ALA X 22 52.52 -5.81 -46.30
CA ALA X 22 51.14 -6.20 -46.62
C ALA X 22 50.90 -6.01 -48.13
N GLN X 23 51.50 -4.95 -48.70
CA GLN X 23 51.40 -4.68 -50.13
C GLN X 23 52.14 -5.74 -50.95
N GLU X 24 53.20 -6.32 -50.39
CA GLU X 24 53.94 -7.38 -51.04
C GLU X 24 53.05 -8.61 -51.19
N ALA X 25 52.25 -8.88 -50.15
CA ALA X 25 51.31 -9.99 -50.15
C ALA X 25 50.24 -9.83 -51.21
N VAL X 26 49.82 -8.59 -51.43
CA VAL X 26 48.81 -8.26 -52.44
C VAL X 26 49.34 -8.55 -53.85
N LYS X 27 50.64 -8.34 -54.06
CA LYS X 27 51.30 -8.58 -55.34
C LYS X 27 51.31 -10.05 -55.74
N LYS X 28 51.32 -10.95 -54.75
CA LYS X 28 51.33 -12.38 -55.00
C LYS X 28 49.92 -12.93 -55.21
N GLY X 29 48.91 -12.11 -54.97
CA GLY X 29 47.52 -12.50 -55.14
C GLY X 29 47.10 -12.62 -56.58
N SER X 30 45.94 -13.25 -56.80
CA SER X 30 45.41 -13.44 -58.15
C SER X 30 44.99 -12.12 -58.79
N THR X 31 45.29 -11.98 -60.07
CA THR X 31 44.96 -10.77 -60.82
C THR X 31 43.46 -10.51 -60.94
N ALA X 32 43.06 -9.29 -60.64
CA ALA X 32 41.67 -8.88 -60.74
C ALA X 32 41.62 -7.61 -61.56
N VAL X 33 40.66 -7.51 -62.46
CA VAL X 33 40.53 -6.34 -63.32
C VAL X 33 39.10 -5.82 -63.38
N GLY X 34 38.95 -4.52 -63.16
CA GLY X 34 37.66 -3.88 -63.20
C GLY X 34 37.64 -2.82 -64.28
N VAL X 35 36.49 -2.62 -64.92
CA VAL X 35 36.35 -1.62 -65.97
C VAL X 35 34.96 -0.99 -65.92
N ARG X 36 34.92 0.33 -65.93
CA ARG X 36 33.65 1.06 -65.89
C ARG X 36 32.92 1.03 -67.23
N GLY X 37 31.60 0.91 -67.18
CA GLY X 37 30.79 0.87 -68.37
C GLY X 37 29.61 1.83 -68.33
N LYS X 38 28.91 1.94 -69.45
CA LYS X 38 27.75 2.82 -69.58
C LYS X 38 26.67 2.54 -68.53
N ASP X 39 26.18 1.31 -68.48
CA ASP X 39 25.17 0.93 -67.50
C ASP X 39 25.37 -0.51 -67.00
N ILE X 40 26.64 -0.86 -66.82
CA ILE X 40 27.05 -2.18 -66.32
C ILE X 40 28.53 -2.10 -65.99
N VAL X 41 28.95 -2.78 -64.94
CA VAL X 41 30.35 -2.79 -64.55
C VAL X 41 30.94 -4.18 -64.76
N VAL X 42 32.16 -4.23 -65.30
CA VAL X 42 32.83 -5.49 -65.59
C VAL X 42 33.98 -5.85 -64.63
N LEU X 43 33.88 -7.02 -64.02
CA LEU X 43 34.91 -7.51 -63.09
C LEU X 43 35.49 -8.84 -63.57
N GLY X 44 36.80 -8.87 -63.80
CA GLY X 44 37.47 -10.07 -64.26
C GLY X 44 38.56 -10.55 -63.33
N VAL X 45 38.42 -11.77 -62.81
CA VAL X 45 39.41 -12.33 -61.90
C VAL X 45 40.02 -13.60 -62.44
N GLU X 46 41.33 -13.74 -62.28
CA GLU X 46 42.02 -14.95 -62.73
C GLU X 46 41.62 -16.11 -61.82
N LYS X 47 40.99 -17.13 -62.40
CA LYS X 47 40.55 -18.30 -61.65
C LYS X 47 41.70 -19.15 -61.14
N LYS X 48 42.80 -19.14 -61.88
CA LYS X 48 44.01 -19.89 -61.52
C LYS X 48 43.70 -21.35 -61.22
N SER X 49 43.54 -21.66 -59.92
CA SER X 49 43.27 -23.02 -59.50
C SER X 49 42.08 -23.65 -60.24
N VAL X 50 42.39 -24.39 -61.31
CA VAL X 50 41.35 -25.05 -62.08
C VAL X 50 41.52 -26.57 -62.01
N ALA X 51 41.57 -27.09 -60.78
CA ALA X 51 41.73 -28.52 -60.56
C ALA X 51 40.45 -29.26 -60.89
N LYS X 52 40.56 -30.51 -61.32
CA LYS X 52 39.41 -31.32 -61.67
C LYS X 52 38.73 -32.02 -60.50
N LEU X 53 39.29 -31.87 -59.29
CA LEU X 53 38.72 -32.48 -58.11
C LEU X 53 38.16 -31.42 -57.17
N GLN X 54 38.10 -30.19 -57.66
CA GLN X 54 37.63 -29.06 -56.89
C GLN X 54 36.16 -28.69 -57.10
N ASP X 55 35.50 -28.29 -56.02
CA ASP X 55 34.12 -27.83 -56.06
C ASP X 55 34.20 -26.32 -56.27
N GLU X 56 34.22 -25.91 -57.53
CA GLU X 56 34.35 -24.49 -57.93
C GLU X 56 33.54 -23.45 -57.15
N ARG X 57 32.28 -23.76 -56.85
CA ARG X 57 31.40 -22.84 -56.12
C ARG X 57 31.86 -22.43 -54.72
N THR X 58 32.61 -23.32 -54.05
CA THR X 58 33.09 -23.06 -52.70
C THR X 58 34.19 -22.01 -52.58
N VAL X 59 34.91 -21.74 -53.67
CA VAL X 59 36.00 -20.76 -53.62
C VAL X 59 35.85 -19.59 -54.59
N ARG X 60 34.79 -18.82 -54.45
CA ARG X 60 34.58 -17.67 -55.33
C ARG X 60 35.28 -16.43 -54.78
N LYS X 61 35.96 -15.70 -55.65
CA LYS X 61 36.66 -14.48 -55.26
C LYS X 61 35.69 -13.30 -55.31
N ILE X 62 34.80 -13.34 -56.30
CA ILE X 62 33.81 -12.29 -56.47
C ILE X 62 32.66 -12.58 -55.51
N CYS X 63 32.28 -11.57 -54.74
CA CYS X 63 31.21 -11.74 -53.77
C CYS X 63 30.22 -10.60 -53.79
N ALA X 64 29.12 -10.80 -53.09
CA ALA X 64 28.09 -9.78 -52.98
C ALA X 64 28.18 -9.19 -51.59
N LEU X 65 28.11 -7.87 -51.49
CA LEU X 65 28.16 -7.21 -50.20
C LEU X 65 26.74 -6.91 -49.74
N ASP X 66 25.87 -6.70 -50.72
CA ASP X 66 24.47 -6.41 -50.49
C ASP X 66 23.73 -6.76 -51.78
N ASP X 67 22.56 -6.18 -51.99
CA ASP X 67 21.81 -6.45 -53.20
C ASP X 67 22.25 -5.53 -54.34
N ASN X 68 23.03 -4.50 -54.01
CA ASN X 68 23.47 -3.54 -55.01
C ASN X 68 24.98 -3.32 -55.11
N VAL X 69 25.78 -4.07 -54.37
CA VAL X 69 27.24 -3.87 -54.41
C VAL X 69 28.06 -5.16 -54.38
N CYS X 70 28.92 -5.31 -55.38
CA CYS X 70 29.80 -6.47 -55.49
C CYS X 70 31.26 -6.05 -55.33
N MET X 71 32.16 -7.01 -55.08
CA MET X 71 33.58 -6.69 -54.92
C MET X 71 34.53 -7.85 -55.18
N ALA X 72 35.72 -7.51 -55.67
CA ALA X 72 36.77 -8.49 -55.94
C ALA X 72 37.98 -8.14 -55.09
N PHE X 73 38.77 -9.14 -54.71
CA PHE X 73 39.94 -8.88 -53.88
C PHE X 73 41.18 -9.61 -54.34
N ALA X 74 42.33 -9.20 -53.83
CA ALA X 74 43.61 -9.82 -54.16
C ALA X 74 44.50 -9.83 -52.92
N GLY X 75 45.22 -10.93 -52.71
CA GLY X 75 46.09 -11.07 -51.57
C GLY X 75 45.71 -12.25 -50.70
N LEU X 76 45.81 -12.11 -49.39
CA LEU X 76 45.45 -13.18 -48.47
C LEU X 76 43.95 -13.46 -48.53
N THR X 77 43.58 -14.63 -49.03
CA THR X 77 42.17 -14.98 -49.15
C THR X 77 41.43 -15.06 -47.81
N ALA X 78 42.12 -15.47 -46.76
CA ALA X 78 41.49 -15.58 -45.45
C ALA X 78 41.21 -14.19 -44.87
N ASP X 79 42.07 -13.22 -45.17
CA ASP X 79 41.89 -11.86 -44.70
C ASP X 79 40.70 -11.23 -45.42
N ALA X 80 40.59 -11.56 -46.70
CA ALA X 80 39.51 -11.07 -47.55
C ALA X 80 38.14 -11.49 -47.04
N ARG X 81 38.02 -12.76 -46.65
CA ARG X 81 36.76 -13.28 -46.15
C ARG X 81 36.29 -12.55 -44.90
N ILE X 82 37.22 -12.12 -44.08
CA ILE X 82 36.91 -11.40 -42.86
C ILE X 82 36.36 -10.01 -43.18
N VAL X 83 37.03 -9.31 -44.08
CA VAL X 83 36.63 -7.97 -44.47
C VAL X 83 35.28 -7.96 -45.18
N ILE X 84 35.06 -8.95 -46.04
CA ILE X 84 33.80 -9.05 -46.76
C ILE X 84 32.63 -9.20 -45.79
N ASN X 85 32.81 -10.01 -44.77
CA ASN X 85 31.75 -10.22 -43.79
C ASN X 85 31.54 -9.00 -42.88
N ARG X 86 32.59 -8.22 -42.65
CA ARG X 86 32.46 -7.01 -41.84
C ARG X 86 31.61 -6.00 -42.61
N ALA X 87 31.85 -5.92 -43.91
CA ALA X 87 31.11 -5.01 -44.78
C ALA X 87 29.64 -5.40 -44.89
N ARG X 88 29.38 -6.71 -44.90
CA ARG X 88 28.00 -7.21 -44.99
C ARG X 88 27.19 -6.74 -43.79
N VAL X 89 27.79 -6.80 -42.62
CA VAL X 89 27.13 -6.35 -41.40
C VAL X 89 26.88 -4.84 -41.46
N GLU X 90 27.83 -4.10 -42.03
CA GLU X 90 27.70 -2.66 -42.17
C GLU X 90 26.53 -2.30 -43.08
N CYS X 91 26.35 -3.04 -44.17
CA CYS X 91 25.26 -2.79 -45.09
C CYS X 91 23.91 -3.04 -44.45
N GLN X 92 23.84 -4.04 -43.60
CA GLN X 92 22.61 -4.39 -42.90
C GLN X 92 22.27 -3.31 -41.89
N SER X 93 23.29 -2.81 -41.20
CA SER X 93 23.14 -1.76 -40.20
C SER X 93 22.66 -0.47 -40.85
N HIS X 94 23.16 -0.18 -42.04
CA HIS X 94 22.81 1.03 -42.75
C HIS X 94 21.38 1.03 -43.27
N ARG X 95 20.82 -0.15 -43.46
CA ARG X 95 19.46 -0.27 -43.96
C ARG X 95 18.45 -0.19 -42.82
N LEU X 96 18.94 -0.31 -41.60
CA LEU X 96 18.09 -0.28 -40.41
C LEU X 96 18.22 1.02 -39.62
N THR X 97 18.96 1.98 -40.15
CA THR X 97 19.16 3.25 -39.46
C THR X 97 19.04 4.44 -40.41
N VAL X 98 18.99 4.16 -41.70
CA VAL X 98 18.89 5.20 -42.71
C VAL X 98 17.76 4.92 -43.68
N GLU X 99 17.20 3.71 -43.58
CA GLU X 99 16.10 3.25 -44.43
C GLU X 99 16.37 3.41 -45.92
N ASP X 100 17.59 3.08 -46.34
CA ASP X 100 18.00 3.20 -47.72
C ASP X 100 19.28 2.41 -47.95
N PRO X 101 19.45 1.87 -49.15
CA PRO X 101 20.67 1.10 -49.44
C PRO X 101 21.89 2.01 -49.50
N VAL X 102 23.05 1.46 -49.18
CA VAL X 102 24.30 2.21 -49.21
C VAL X 102 24.78 2.46 -50.62
N THR X 103 25.49 3.56 -50.84
CA THR X 103 26.03 3.86 -52.16
C THR X 103 27.37 3.14 -52.29
N VAL X 104 27.90 3.05 -53.50
CA VAL X 104 29.18 2.36 -53.69
C VAL X 104 30.30 2.98 -52.87
N GLU X 105 30.40 4.30 -52.87
CA GLU X 105 31.43 4.99 -52.13
C GLU X 105 31.29 4.82 -50.62
N TYR X 106 30.06 4.72 -50.14
CA TYR X 106 29.81 4.54 -48.71
C TYR X 106 30.40 3.25 -48.15
N ILE X 107 30.28 2.16 -48.89
CA ILE X 107 30.81 0.87 -48.43
C ILE X 107 32.33 0.81 -48.64
N THR X 108 32.81 1.51 -49.67
CA THR X 108 34.24 1.56 -49.95
C THR X 108 34.91 2.31 -48.81
N ARG X 109 34.27 3.39 -48.36
CA ARG X 109 34.78 4.20 -47.27
C ARG X 109 34.86 3.39 -45.98
N TYR X 110 33.81 2.63 -45.69
CA TYR X 110 33.79 1.81 -44.49
C TYR X 110 34.90 0.76 -44.51
N ILE X 111 35.08 0.11 -45.65
CA ILE X 111 36.12 -0.90 -45.81
C ILE X 111 37.51 -0.29 -45.69
N ALA X 112 37.72 0.84 -46.34
CA ALA X 112 39.00 1.54 -46.30
C ALA X 112 39.34 2.02 -44.90
N SER X 113 38.31 2.45 -44.18
CA SER X 113 38.48 2.94 -42.81
C SER X 113 38.87 1.82 -41.86
N LEU X 114 38.37 0.63 -42.13
CA LEU X 114 38.69 -0.54 -41.31
C LEU X 114 40.13 -0.96 -41.56
N LYS X 115 40.57 -0.87 -42.82
CA LYS X 115 41.94 -1.23 -43.18
C LYS X 115 42.92 -0.26 -42.53
N GLN X 116 42.58 1.02 -42.53
CA GLN X 116 43.44 2.03 -41.93
C GLN X 116 43.55 1.82 -40.42
N ARG X 117 42.46 1.41 -39.80
CA ARG X 117 42.42 1.15 -38.36
C ARG X 117 43.38 0.03 -37.93
N TYR X 118 43.59 -0.96 -38.80
CA TYR X 118 44.51 -2.06 -38.54
C TYR X 118 45.99 -1.72 -38.80
N THR X 119 46.29 -0.51 -39.22
CA THR X 119 47.66 -0.05 -39.43
C THR X 119 48.08 0.88 -38.29
N GLN X 120 47.16 1.20 -37.41
CA GLN X 120 47.43 2.08 -36.28
C GLN X 120 46.89 1.53 -34.96
N SER X 121 46.74 0.22 -34.88
CA SER X 121 46.21 -0.41 -33.67
C SER X 121 47.20 -1.37 -33.05
N ASN X 122 47.23 -1.41 -31.72
CA ASN X 122 48.13 -2.28 -30.99
C ASN X 122 47.74 -3.75 -31.08
N GLY X 123 48.73 -4.62 -31.19
CA GLY X 123 48.50 -6.05 -31.23
C GLY X 123 48.07 -6.71 -32.54
N ARG X 124 47.93 -5.94 -33.60
CA ARG X 124 47.51 -6.54 -34.86
C ARG X 124 48.25 -6.05 -36.09
N ARG X 125 48.36 -6.92 -37.07
CA ARG X 125 49.01 -6.60 -38.32
C ARG X 125 47.95 -6.10 -39.30
N PRO X 126 48.38 -5.42 -40.35
CA PRO X 126 47.44 -4.90 -41.37
C PRO X 126 46.85 -6.02 -42.21
N PHE X 127 45.70 -5.79 -42.81
CA PHE X 127 45.08 -6.76 -43.69
C PHE X 127 45.97 -6.88 -44.92
N GLY X 128 46.18 -8.09 -45.40
CA GLY X 128 47.02 -8.29 -46.57
C GLY X 128 46.27 -8.37 -47.88
N ILE X 129 45.32 -7.46 -48.10
CA ILE X 129 44.54 -7.49 -49.32
C ILE X 129 44.24 -6.12 -49.93
N SER X 130 43.80 -6.18 -51.18
CA SER X 130 43.43 -5.01 -51.96
C SER X 130 42.10 -5.37 -52.58
N ALA X 131 41.20 -4.41 -52.69
CA ALA X 131 39.88 -4.72 -53.25
C ALA X 131 39.42 -3.77 -54.36
N LEU X 132 38.61 -4.30 -55.26
CA LEU X 132 38.02 -3.53 -56.35
C LEU X 132 36.52 -3.56 -56.09
N ILE X 133 35.93 -2.40 -55.86
CA ILE X 133 34.50 -2.34 -55.58
C ILE X 133 33.73 -1.67 -56.71
N VAL X 134 32.63 -2.30 -57.11
CA VAL X 134 31.80 -1.78 -58.18
C VAL X 134 30.32 -1.79 -57.84
N GLY X 135 29.51 -1.38 -58.80
CA GLY X 135 28.08 -1.35 -58.62
C GLY X 135 27.47 -0.08 -59.19
N PHE X 136 26.24 0.18 -58.76
CA PHE X 136 25.53 1.36 -59.22
C PHE X 136 24.86 2.01 -58.02
N ASP X 137 24.75 3.33 -58.05
CA ASP X 137 24.14 4.09 -56.97
C ASP X 137 22.60 4.07 -57.08
N PHE X 138 21.93 4.73 -56.12
CA PHE X 138 20.46 4.78 -56.11
C PHE X 138 19.85 5.22 -57.43
N ASP X 139 20.41 6.26 -58.04
CA ASP X 139 19.94 6.75 -59.32
C ASP X 139 20.23 5.69 -60.39
N GLY X 140 21.51 5.53 -60.74
CA GLY X 140 21.90 4.55 -61.72
C GLY X 140 23.23 4.80 -62.43
N THR X 141 24.20 5.36 -61.70
CA THR X 141 25.51 5.64 -62.27
C THR X 141 26.51 4.55 -61.85
N PRO X 142 27.42 4.17 -62.77
CA PRO X 142 28.44 3.12 -62.58
C PRO X 142 29.67 3.59 -61.80
N ARG X 143 30.12 2.79 -60.84
CA ARG X 143 31.28 3.14 -60.03
C ARG X 143 32.35 2.06 -59.96
N LEU X 144 33.61 2.50 -59.85
CA LEU X 144 34.74 1.61 -59.72
C LEU X 144 35.76 2.17 -58.75
N TYR X 145 35.81 1.60 -57.54
CA TYR X 145 36.73 2.05 -56.50
C TYR X 145 37.78 0.99 -56.20
N GLN X 146 38.88 1.42 -55.62
CA GLN X 146 39.95 0.51 -55.26
C GLN X 146 40.59 0.88 -53.93
N THR X 147 40.54 -0.03 -52.97
CA THR X 147 41.14 0.20 -51.67
C THR X 147 42.39 -0.66 -51.56
N ASP X 148 43.34 -0.24 -50.75
CA ASP X 148 44.55 -1.02 -50.54
C ASP X 148 44.80 -1.21 -49.04
N PRO X 149 45.84 -1.99 -48.69
CA PRO X 149 46.19 -2.29 -47.29
C PRO X 149 46.36 -1.08 -46.36
N SER X 150 46.86 0.03 -46.87
CA SER X 150 47.07 1.22 -46.05
C SER X 150 45.77 1.92 -45.63
N GLY X 151 44.70 1.70 -46.39
CA GLY X 151 43.42 2.31 -46.07
C GLY X 151 43.04 3.45 -46.99
N THR X 152 43.81 3.65 -48.05
CA THR X 152 43.52 4.70 -49.01
C THR X 152 42.71 4.12 -50.16
N TYR X 153 41.71 4.87 -50.61
CA TYR X 153 40.87 4.42 -51.71
C TYR X 153 40.70 5.48 -52.77
N HIS X 154 40.55 5.06 -54.01
CA HIS X 154 40.38 5.98 -55.14
C HIS X 154 39.37 5.46 -56.15
N ALA X 155 38.72 6.36 -56.87
CA ALA X 155 37.79 5.97 -57.90
C ALA X 155 38.60 5.84 -59.18
N TRP X 156 38.26 4.87 -60.02
CA TRP X 156 38.99 4.66 -61.27
C TRP X 156 38.04 4.42 -62.43
N LYS X 157 38.57 4.51 -63.64
CA LYS X 157 37.78 4.26 -64.84
C LYS X 157 37.97 2.78 -65.09
N ALA X 158 39.22 2.34 -64.98
CA ALA X 158 39.61 0.95 -65.16
C ALA X 158 40.81 0.70 -64.25
N ASN X 159 40.88 -0.48 -63.64
CA ASN X 159 41.99 -0.78 -62.73
C ASN X 159 42.29 -2.27 -62.61
N ALA X 160 43.49 -2.59 -62.17
CA ALA X 160 43.92 -3.96 -61.97
C ALA X 160 44.65 -4.08 -60.64
N ILE X 161 44.60 -5.26 -60.03
CA ILE X 161 45.28 -5.53 -58.76
C ILE X 161 45.82 -6.95 -58.79
N GLY X 162 46.70 -7.27 -57.84
CA GLY X 162 47.26 -8.60 -57.77
C GLY X 162 48.57 -8.76 -58.52
N ARG X 163 48.91 -10.00 -58.86
CA ARG X 163 50.15 -10.28 -59.58
C ARG X 163 50.15 -9.67 -60.98
N GLY X 164 51.26 -9.01 -61.32
CA GLY X 164 51.40 -8.37 -62.61
C GLY X 164 50.36 -7.30 -62.82
N ALA X 165 50.02 -6.59 -61.76
CA ALA X 165 49.02 -5.53 -61.84
C ALA X 165 49.52 -4.38 -62.70
N LYS X 166 50.80 -4.08 -62.62
CA LYS X 166 51.39 -3.00 -63.40
C LYS X 166 51.18 -3.25 -64.89
N SER X 167 51.52 -4.44 -65.34
CA SER X 167 51.38 -4.82 -66.74
C SER X 167 49.96 -4.65 -67.26
N VAL X 168 48.98 -5.04 -66.46
CA VAL X 168 47.59 -4.91 -66.84
C VAL X 168 47.11 -3.46 -66.74
N ARG X 169 47.78 -2.68 -65.89
CA ARG X 169 47.46 -1.27 -65.70
C ARG X 169 48.04 -0.47 -66.84
N GLU X 170 49.27 -0.81 -67.23
CA GLU X 170 49.96 -0.14 -68.33
C GLU X 170 49.23 -0.34 -69.64
N PHE X 171 48.71 -1.54 -69.83
CA PHE X 171 47.97 -1.89 -71.05
C PHE X 171 46.55 -1.32 -71.03
N LEU X 172 46.04 -1.02 -69.85
CA LEU X 172 44.67 -0.51 -69.71
C LEU X 172 44.51 0.95 -70.13
N GLU X 173 45.58 1.74 -70.03
CA GLU X 173 45.49 3.14 -70.41
C GLU X 173 45.24 3.29 -71.89
N LYS X 174 46.00 2.55 -72.69
CA LYS X 174 45.91 2.60 -74.15
C LYS X 174 44.70 1.90 -74.75
N ASN X 175 43.98 1.12 -73.96
CA ASN X 175 42.83 0.40 -74.49
C ASN X 175 41.49 0.79 -73.89
N TYR X 176 41.47 1.79 -73.00
CA TYR X 176 40.22 2.21 -72.39
C TYR X 176 39.65 3.47 -73.05
N THR X 177 38.47 3.33 -73.67
CA THR X 177 37.82 4.44 -74.34
C THR X 177 36.30 4.40 -74.17
N ASP X 178 35.61 5.27 -74.89
CA ASP X 178 34.15 5.34 -74.83
C ASP X 178 33.52 4.34 -75.78
N GLU X 179 34.19 4.09 -76.91
CA GLU X 179 33.69 3.13 -77.89
C GLU X 179 33.85 1.74 -77.33
N ALA X 180 34.94 1.53 -76.59
CA ALA X 180 35.24 0.24 -75.98
C ALA X 180 34.25 -0.14 -74.88
N ILE X 181 33.68 0.86 -74.21
CA ILE X 181 32.71 0.60 -73.15
C ILE X 181 31.32 1.10 -73.56
N GLU X 182 31.09 1.14 -74.87
CA GLU X 182 29.81 1.60 -75.41
C GLU X 182 28.66 0.64 -75.12
N THR X 183 28.78 -0.59 -75.60
CA THR X 183 27.74 -1.59 -75.39
C THR X 183 28.12 -2.57 -74.28
N ASP X 184 27.13 -3.26 -73.73
CA ASP X 184 27.36 -4.21 -72.64
C ASP X 184 28.32 -5.32 -73.04
N ASP X 185 28.19 -5.81 -74.27
CA ASP X 185 29.05 -6.88 -74.75
C ASP X 185 30.43 -6.35 -75.10
N LEU X 186 30.57 -5.03 -75.12
CA LEU X 186 31.85 -4.42 -75.43
C LEU X 186 32.67 -4.18 -74.17
N THR X 187 32.01 -4.23 -73.03
CA THR X 187 32.68 -4.04 -71.74
C THR X 187 33.35 -5.34 -71.33
N ILE X 188 32.88 -6.45 -71.87
CA ILE X 188 33.43 -7.76 -71.59
C ILE X 188 34.66 -8.00 -72.45
N LYS X 189 34.80 -7.24 -73.52
CA LYS X 189 35.93 -7.40 -74.44
C LYS X 189 37.21 -6.77 -73.90
N LEU X 190 37.09 -5.59 -73.29
CA LEU X 190 38.25 -4.88 -72.75
C LEU X 190 38.90 -5.65 -71.62
N VAL X 191 38.07 -6.13 -70.69
CA VAL X 191 38.55 -6.88 -69.55
C VAL X 191 39.40 -8.07 -69.96
N ILE X 192 38.78 -9.04 -70.65
CA ILE X 192 39.44 -10.26 -71.11
C ILE X 192 40.82 -10.04 -71.74
N LYS X 193 40.93 -9.09 -72.64
CA LYS X 193 42.21 -8.81 -73.27
C LYS X 193 43.24 -8.44 -72.21
N ALA X 194 42.85 -7.55 -71.31
CA ALA X 194 43.73 -7.10 -70.23
C ALA X 194 44.19 -8.27 -69.36
N LEU X 195 43.25 -9.17 -69.04
CA LEU X 195 43.57 -10.33 -68.23
C LEU X 195 44.51 -11.26 -68.99
N LEU X 196 44.29 -11.38 -70.28
CA LEU X 196 45.10 -12.23 -71.14
C LEU X 196 46.59 -11.88 -71.17
N GLU X 197 46.95 -10.68 -70.72
CA GLU X 197 48.36 -10.31 -70.75
C GLU X 197 49.17 -10.91 -69.61
N VAL X 198 48.50 -11.58 -68.67
CA VAL X 198 49.21 -12.20 -67.55
C VAL X 198 48.67 -13.59 -67.21
N VAL X 199 47.40 -13.81 -67.49
CA VAL X 199 46.77 -15.09 -67.19
C VAL X 199 47.23 -16.21 -68.12
N GLN X 200 47.88 -17.21 -67.55
CA GLN X 200 48.37 -18.35 -68.31
C GLN X 200 47.21 -19.10 -68.93
N SER X 201 47.33 -19.44 -70.22
CA SER X 201 46.28 -20.15 -70.94
C SER X 201 44.92 -19.50 -70.77
N GLY X 202 44.83 -18.23 -71.11
CA GLY X 202 43.59 -17.49 -70.98
C GLY X 202 42.43 -18.18 -71.65
N GLY X 203 41.39 -18.46 -70.86
CA GLY X 203 40.20 -19.14 -71.35
C GLY X 203 39.38 -19.69 -70.21
N LYS X 204 39.78 -20.85 -69.70
CA LYS X 204 39.07 -21.48 -68.59
C LYS X 204 39.73 -21.14 -67.26
N ASN X 205 40.73 -20.25 -67.31
CA ASN X 205 41.45 -19.82 -66.12
C ASN X 205 41.00 -18.43 -65.71
N ILE X 206 39.89 -17.96 -66.26
CA ILE X 206 39.38 -16.64 -65.92
C ILE X 206 37.90 -16.67 -65.54
N GLU X 207 37.60 -16.10 -64.38
CA GLU X 207 36.23 -16.03 -63.90
C GLU X 207 35.70 -14.67 -64.32
N LEU X 208 34.39 -14.56 -64.46
CA LEU X 208 33.78 -13.31 -64.90
C LEU X 208 32.50 -12.99 -64.14
N ALA X 209 32.14 -11.71 -64.13
CA ALA X 209 30.93 -11.22 -63.46
C ALA X 209 30.59 -9.83 -63.95
N VAL X 210 29.30 -9.58 -64.15
CA VAL X 210 28.85 -8.26 -64.59
C VAL X 210 27.72 -7.79 -63.68
N MET X 211 27.80 -6.54 -63.26
CA MET X 211 26.78 -5.96 -62.39
C MET X 211 25.96 -4.98 -63.23
N ARG X 212 24.69 -5.28 -63.43
CA ARG X 212 23.82 -4.41 -64.21
C ARG X 212 22.93 -3.52 -63.35
N ARG X 213 21.88 -2.98 -63.98
CA ARG X 213 20.94 -2.10 -63.29
C ARG X 213 19.82 -2.90 -62.62
N ASP X 214 19.72 -2.76 -61.30
CA ASP X 214 18.71 -3.45 -60.51
C ASP X 214 18.70 -4.94 -60.81
N GLN X 215 19.89 -5.49 -61.03
CA GLN X 215 20.03 -6.91 -61.33
C GLN X 215 21.09 -7.51 -60.41
N PRO X 216 20.83 -8.72 -59.91
CA PRO X 216 21.71 -9.44 -58.98
C PRO X 216 23.04 -9.91 -59.58
N LEU X 217 23.93 -10.38 -58.71
CA LEU X 217 25.24 -10.88 -59.12
C LEU X 217 25.05 -11.95 -60.18
N LYS X 218 25.22 -11.55 -61.44
CA LYS X 218 25.04 -12.48 -62.55
C LYS X 218 26.37 -12.99 -63.07
N ILE X 219 26.92 -13.99 -62.40
CA ILE X 219 28.17 -14.61 -62.80
C ILE X 219 28.02 -15.23 -64.18
N LEU X 220 29.05 -15.10 -65.01
CA LEU X 220 29.02 -15.69 -66.34
C LEU X 220 29.39 -17.16 -66.23
N ASN X 221 29.08 -17.93 -67.27
CA ASN X 221 29.39 -19.36 -67.26
C ASN X 221 30.47 -19.74 -68.26
N PRO X 222 31.07 -20.92 -68.06
CA PRO X 222 32.13 -21.50 -68.90
C PRO X 222 31.87 -21.29 -70.39
N GLU X 223 30.69 -21.67 -70.86
CA GLU X 223 30.35 -21.50 -72.26
C GLU X 223 30.06 -20.05 -72.60
N GLU X 224 29.44 -19.34 -71.67
CA GLU X 224 29.14 -17.93 -71.87
C GLU X 224 30.43 -17.18 -72.16
N ILE X 225 31.44 -17.42 -71.32
CA ILE X 225 32.75 -16.79 -71.48
C ILE X 225 33.45 -17.35 -72.70
N GLU X 226 33.22 -18.62 -72.99
CA GLU X 226 33.83 -19.28 -74.16
C GLU X 226 33.46 -18.59 -75.47
N LYS X 227 32.23 -18.11 -75.60
CA LYS X 227 31.79 -17.38 -76.79
C LYS X 227 32.78 -16.27 -77.11
N TYR X 228 32.99 -15.36 -76.14
CA TYR X 228 33.91 -14.24 -76.30
C TYR X 228 35.32 -14.72 -76.59
N VAL X 229 35.74 -15.77 -75.88
CA VAL X 229 37.06 -16.34 -76.09
C VAL X 229 37.14 -16.92 -77.51
N ALA X 230 36.07 -17.58 -77.95
CA ALA X 230 36.03 -18.16 -79.28
C ALA X 230 36.30 -17.09 -80.31
N GLU X 231 35.44 -16.07 -80.34
CA GLU X 231 35.61 -15.00 -81.32
C GLU X 231 37.01 -14.37 -81.25
N ILE X 232 37.46 -14.07 -80.04
CA ILE X 232 38.77 -13.47 -79.85
C ILE X 232 39.89 -14.43 -80.27
N GLY Y 4 -65.39 28.53 42.77
CA GLY Y 4 -65.36 27.09 42.92
C GLY Y 4 -65.96 26.35 41.75
N SER Y 5 -66.09 27.04 40.62
CA SER Y 5 -66.65 26.43 39.42
C SER Y 5 -65.75 25.33 38.85
N SER Y 6 -66.37 24.35 38.21
CA SER Y 6 -65.66 23.23 37.60
C SER Y 6 -66.26 22.93 36.24
N ALA Y 7 -65.51 22.23 35.39
CA ALA Y 7 -65.98 21.86 34.06
C ALA Y 7 -65.18 20.70 33.49
N GLY Y 8 -65.87 19.73 32.89
CA GLY Y 8 -65.20 18.58 32.30
C GLY Y 8 -64.34 17.78 33.26
N PHE Y 9 -63.09 17.57 32.88
CA PHE Y 9 -62.14 16.79 33.67
C PHE Y 9 -61.16 17.64 34.46
N ASP Y 10 -61.55 18.85 34.84
CA ASP Y 10 -60.64 19.74 35.58
C ASP Y 10 -60.30 19.34 37.03
N ARG Y 11 -61.03 18.40 37.61
CA ARG Y 11 -60.73 17.94 38.96
C ARG Y 11 -59.98 16.63 38.93
N HIS Y 12 -59.77 16.08 37.73
CA HIS Y 12 -59.08 14.81 37.59
C HIS Y 12 -57.66 14.92 37.03
N ILE Y 13 -57.48 15.80 36.05
CA ILE Y 13 -56.17 16.00 35.45
C ILE Y 13 -55.75 17.45 35.62
N THR Y 14 -54.48 17.75 35.34
CA THR Y 14 -53.97 19.11 35.48
C THR Y 14 -54.30 20.07 34.34
N ILE Y 15 -55.58 20.34 34.15
CA ILE Y 15 -56.04 21.27 33.14
C ILE Y 15 -56.72 22.42 33.87
N PHE Y 16 -56.81 23.56 33.22
CA PHE Y 16 -57.42 24.73 33.83
C PHE Y 16 -58.93 24.58 34.06
N SER Y 17 -59.37 25.07 35.21
CA SER Y 17 -60.80 25.09 35.52
C SER Y 17 -61.35 26.46 35.06
N PRO Y 18 -62.67 26.65 35.12
CA PRO Y 18 -63.24 27.94 34.68
C PRO Y 18 -62.63 29.19 35.36
N GLU Y 19 -62.29 29.12 36.64
CA GLU Y 19 -61.68 30.23 37.38
C GLU Y 19 -60.21 30.45 37.03
N GLY Y 20 -59.59 29.45 36.42
CA GLY Y 20 -58.19 29.52 36.05
C GLY Y 20 -57.33 28.83 37.08
N ARG Y 21 -57.91 27.85 37.75
CA ARG Y 21 -57.21 27.12 38.79
C ARG Y 21 -56.84 25.71 38.38
N LEU Y 22 -55.90 25.12 39.10
CA LEU Y 22 -55.47 23.76 38.86
C LEU Y 22 -55.81 22.97 40.12
N TYR Y 23 -56.96 22.32 40.11
CA TYR Y 23 -57.43 21.54 41.26
C TYR Y 23 -56.51 20.41 41.69
N GLN Y 24 -55.93 19.70 40.72
CA GLN Y 24 -55.02 18.60 41.00
C GLN Y 24 -53.77 19.06 41.76
N VAL Y 25 -53.31 20.27 41.49
CA VAL Y 25 -52.15 20.84 42.16
C VAL Y 25 -52.55 21.19 43.59
N GLU Y 26 -53.79 21.66 43.75
CA GLU Y 26 -54.31 22.02 45.05
C GLU Y 26 -54.52 20.79 45.92
N TYR Y 27 -54.86 19.66 45.29
CA TYR Y 27 -55.06 18.40 46.01
C TYR Y 27 -53.71 17.83 46.44
N ALA Y 28 -52.67 18.14 45.68
CA ALA Y 28 -51.32 17.69 46.00
C ALA Y 28 -50.81 18.37 47.27
N PHE Y 29 -51.23 19.61 47.53
CA PHE Y 29 -50.85 20.34 48.73
C PHE Y 29 -51.48 19.69 49.96
N LYS Y 30 -52.68 19.14 49.80
CA LYS Y 30 -53.40 18.44 50.86
C LYS Y 30 -52.76 17.08 51.16
N ALA Y 31 -52.08 16.51 50.15
CA ALA Y 31 -51.39 15.24 50.30
C ALA Y 31 -50.12 15.35 51.14
N ILE Y 32 -49.58 16.56 51.26
CA ILE Y 32 -48.41 16.82 52.09
C ILE Y 32 -48.79 16.70 53.56
N ASN Y 33 -50.02 17.07 53.89
CA ASN Y 33 -50.53 17.02 55.26
C ASN Y 33 -51.04 15.64 55.67
N GLN Y 34 -51.05 14.69 54.75
CA GLN Y 34 -51.52 13.34 55.06
C GLN Y 34 -50.60 12.61 56.04
N GLY Y 35 -49.31 12.91 55.98
CA GLY Y 35 -48.32 12.29 56.86
C GLY Y 35 -48.45 12.67 58.33
N GLY Y 36 -49.02 13.85 58.59
CA GLY Y 36 -49.23 14.32 59.94
C GLY Y 36 -48.00 14.86 60.65
N LEU Y 37 -47.03 15.37 59.89
CA LEU Y 37 -45.81 15.90 60.47
C LEU Y 37 -45.60 17.37 60.10
N THR Y 38 -44.75 18.05 60.87
CA THR Y 38 -44.45 19.45 60.62
C THR Y 38 -42.95 19.67 60.67
N SER Y 39 -42.43 20.46 59.74
CA SER Y 39 -41.00 20.76 59.68
C SER Y 39 -40.77 22.26 59.76
N VAL Y 40 -39.66 22.65 60.37
CA VAL Y 40 -39.32 24.07 60.52
C VAL Y 40 -37.85 24.32 60.19
N ALA Y 41 -37.59 25.33 59.35
CA ALA Y 41 -36.22 25.69 58.99
C ALA Y 41 -35.97 27.15 59.37
N VAL Y 42 -34.85 27.41 60.03
CA VAL Y 42 -34.50 28.76 60.46
C VAL Y 42 -33.10 29.12 59.99
N ARG Y 43 -32.96 30.34 59.47
CA ARG Y 43 -31.66 30.83 59.02
C ARG Y 43 -31.06 31.72 60.08
N GLY Y 44 -29.82 31.44 60.48
CA GLY Y 44 -29.14 32.25 61.47
C GLY Y 44 -28.23 33.26 60.79
N LYS Y 45 -27.36 33.90 61.57
CA LYS Y 45 -26.45 34.87 61.00
C LYS Y 45 -25.33 34.17 60.23
N ASP Y 46 -24.96 32.98 60.70
CA ASP Y 46 -23.90 32.22 60.08
C ASP Y 46 -24.19 30.72 60.08
N CYS Y 47 -25.48 30.38 60.08
CA CYS Y 47 -25.89 28.98 60.11
C CYS Y 47 -27.33 28.79 59.64
N ALA Y 48 -27.68 27.55 59.30
CA ALA Y 48 -29.03 27.21 58.88
C ALA Y 48 -29.41 25.95 59.63
N VAL Y 49 -30.59 25.93 60.22
CA VAL Y 49 -31.03 24.77 61.00
C VAL Y 49 -32.37 24.22 60.55
N ILE Y 50 -32.45 22.90 60.40
CA ILE Y 50 -33.71 22.26 60.05
C ILE Y 50 -34.12 21.28 61.17
N VAL Y 51 -35.35 21.43 61.64
CA VAL Y 51 -35.88 20.58 62.70
C VAL Y 51 -37.16 19.92 62.19
N THR Y 52 -37.32 18.64 62.50
CA THR Y 52 -38.51 17.93 62.05
C THR Y 52 -39.01 16.95 63.10
N GLN Y 53 -40.32 16.76 63.10
CA GLN Y 53 -40.97 15.85 64.03
C GLN Y 53 -40.54 14.43 63.71
N LYS Y 54 -40.24 13.65 64.74
CA LYS Y 54 -39.85 12.27 64.54
C LYS Y 54 -40.78 11.34 65.30
N LYS Y 55 -41.84 10.88 64.63
CA LYS Y 55 -42.81 9.99 65.25
C LYS Y 55 -42.58 8.54 64.81
N VAL Y 56 -42.27 7.68 65.78
CA VAL Y 56 -42.04 6.26 65.52
C VAL Y 56 -42.73 5.44 66.60
N PRO Y 57 -44.07 5.36 66.55
CA PRO Y 57 -44.87 4.63 67.53
C PRO Y 57 -45.11 3.18 67.17
N ASP Y 58 -44.43 2.68 66.14
CA ASP Y 58 -44.59 1.30 65.73
C ASP Y 58 -43.88 0.34 66.65
N LYS Y 59 -42.77 0.80 67.24
CA LYS Y 59 -41.89 0.05 68.20
C LYS Y 59 -41.00 -1.08 67.65
N LEU Y 60 -41.46 -1.80 66.63
CA LEU Y 60 -40.66 -2.86 66.01
C LEU Y 60 -39.81 -2.27 64.88
N LEU Y 61 -40.05 -1.01 64.54
CA LEU Y 61 -39.31 -0.30 63.50
C LEU Y 61 -37.91 0.00 63.98
N ASP Y 62 -36.97 0.00 63.04
CA ASP Y 62 -35.60 0.35 63.38
C ASP Y 62 -35.57 1.86 63.33
N SER Y 63 -35.54 2.49 64.50
CA SER Y 63 -35.55 3.94 64.64
C SER Y 63 -34.56 4.71 63.75
N SER Y 64 -33.35 4.20 63.61
CA SER Y 64 -32.32 4.85 62.79
C SER Y 64 -32.69 5.00 61.30
N THR Y 65 -33.48 4.07 60.76
CA THR Y 65 -33.87 4.14 59.36
C THR Y 65 -35.11 5.01 59.11
N VAL Y 66 -35.69 5.51 60.19
CA VAL Y 66 -36.86 6.37 60.08
C VAL Y 66 -36.39 7.82 60.19
N THR Y 67 -36.30 8.50 59.05
CA THR Y 67 -35.83 9.88 59.06
C THR Y 67 -36.39 10.69 57.91
N HIS Y 68 -36.40 12.01 58.09
CA HIS Y 68 -36.88 12.91 57.04
C HIS Y 68 -35.81 13.91 56.67
N LEU Y 69 -34.60 13.69 57.18
CA LEU Y 69 -33.47 14.55 56.90
C LEU Y 69 -32.56 13.82 55.94
N PHE Y 70 -32.17 14.49 54.88
CA PHE Y 70 -31.33 13.87 53.87
C PHE Y 70 -30.15 14.73 53.49
N LYS Y 71 -29.08 14.06 53.09
CA LYS Y 71 -27.88 14.73 52.63
C LYS Y 71 -27.94 14.69 51.11
N ILE Y 72 -27.93 15.86 50.47
CA ILE Y 72 -27.99 15.93 49.02
C ILE Y 72 -26.55 15.85 48.51
N THR Y 73 -25.72 16.72 49.04
CA THR Y 73 -24.29 16.74 48.77
C THR Y 73 -23.57 16.92 50.10
N GLU Y 74 -22.25 17.04 50.07
CA GLU Y 74 -21.51 17.24 51.30
C GLU Y 74 -21.95 18.52 52.04
N ASN Y 75 -22.21 19.60 51.30
CA ASN Y 75 -22.61 20.86 51.91
C ASN Y 75 -24.10 21.23 51.80
N ILE Y 76 -24.94 20.30 51.36
CA ILE Y 76 -26.36 20.59 51.25
C ILE Y 76 -27.25 19.55 51.92
N GLY Y 77 -28.07 20.01 52.86
CA GLY Y 77 -28.98 19.14 53.57
C GLY Y 77 -30.40 19.49 53.24
N CYS Y 78 -31.33 18.60 53.53
CA CYS Y 78 -32.73 18.85 53.24
C CYS Y 78 -33.68 18.04 54.11
N VAL Y 79 -34.88 18.57 54.28
CA VAL Y 79 -35.91 17.91 55.05
C VAL Y 79 -37.14 17.75 54.14
N MET Y 80 -37.68 16.55 54.09
CA MET Y 80 -38.85 16.29 53.28
C MET Y 80 -40.11 16.25 54.12
N THR Y 81 -41.22 16.72 53.56
CA THR Y 81 -42.50 16.72 54.25
C THR Y 81 -43.56 16.27 53.24
N GLY Y 82 -44.37 15.29 53.62
CA GLY Y 82 -45.41 14.79 52.75
C GLY Y 82 -45.31 13.30 52.50
N MET Y 83 -45.81 12.85 51.36
CA MET Y 83 -45.78 11.43 51.01
C MET Y 83 -44.35 10.91 51.00
N THR Y 84 -44.10 9.88 51.81
CA THR Y 84 -42.77 9.30 51.96
C THR Y 84 -42.09 8.82 50.68
N ALA Y 85 -42.77 7.99 49.88
CA ALA Y 85 -42.18 7.47 48.65
C ALA Y 85 -41.94 8.60 47.63
N ASP Y 86 -42.83 9.58 47.60
CA ASP Y 86 -42.68 10.72 46.70
C ASP Y 86 -41.44 11.51 47.11
N SER Y 87 -41.24 11.67 48.42
CA SER Y 87 -40.10 12.37 48.97
C SER Y 87 -38.78 11.71 48.61
N ARG Y 88 -38.71 10.38 48.75
CA ARG Y 88 -37.51 9.63 48.45
C ARG Y 88 -37.07 9.81 47.01
N SER Y 89 -38.01 9.74 46.08
CA SER Y 89 -37.70 9.91 44.68
C SER Y 89 -37.23 11.35 44.40
N GLN Y 90 -37.83 12.31 45.08
CA GLN Y 90 -37.43 13.70 44.90
C GLN Y 90 -36.01 13.89 45.45
N VAL Y 91 -35.69 13.22 46.55
CA VAL Y 91 -34.37 13.33 47.14
C VAL Y 91 -33.34 12.66 46.21
N GLN Y 92 -33.73 11.55 45.61
CA GLN Y 92 -32.86 10.84 44.70
C GLN Y 92 -32.58 11.69 43.46
N ARG Y 93 -33.61 12.38 43.00
CA ARG Y 93 -33.47 13.24 41.84
C ARG Y 93 -32.56 14.43 42.14
N ALA Y 94 -32.70 15.01 43.32
CA ALA Y 94 -31.88 16.15 43.72
C ALA Y 94 -30.40 15.77 43.84
N ARG Y 95 -30.13 14.56 44.33
CA ARG Y 95 -28.76 14.08 44.47
C ARG Y 95 -28.13 13.96 43.10
N TYR Y 96 -28.91 13.46 42.15
CA TYR Y 96 -28.43 13.28 40.79
C TYR Y 96 -28.18 14.64 40.12
N GLU Y 97 -29.12 15.56 40.28
CA GLU Y 97 -28.98 16.90 39.71
C GLU Y 97 -27.72 17.59 40.21
N ALA Y 98 -27.46 17.48 41.51
CA ALA Y 98 -26.27 18.08 42.11
C ALA Y 98 -24.99 17.45 41.57
N ALA Y 99 -24.95 16.13 41.51
CA ALA Y 99 -23.77 15.43 41.01
C ALA Y 99 -23.47 15.82 39.57
N ASN Y 100 -24.51 15.89 38.76
CA ASN Y 100 -24.37 16.26 37.36
C ASN Y 100 -23.86 17.69 37.18
N TRP Y 101 -24.37 18.60 37.98
CA TRP Y 101 -23.96 20.01 37.91
C TRP Y 101 -22.45 20.11 38.17
N LYS Y 102 -21.99 19.45 39.21
CA LYS Y 102 -20.58 19.47 39.58
C LYS Y 102 -19.70 18.92 38.45
N TYR Y 103 -20.17 17.83 37.85
CA TYR Y 103 -19.46 17.17 36.77
C TYR Y 103 -19.32 18.02 35.51
N LYS Y 104 -20.40 18.69 35.11
CA LYS Y 104 -20.36 19.50 33.90
C LYS Y 104 -19.90 20.94 34.06
N TYR Y 105 -20.04 21.52 35.25
CA TYR Y 105 -19.65 22.91 35.47
C TYR Y 105 -18.39 23.09 36.31
N GLY Y 106 -17.90 22.01 36.90
CA GLY Y 106 -16.68 22.06 37.68
C GLY Y 106 -16.73 22.65 39.07
N TYR Y 107 -17.92 22.93 39.58
CA TYR Y 107 -18.05 23.48 40.93
C TYR Y 107 -19.38 23.04 41.55
N GLU Y 108 -19.49 23.16 42.87
CA GLU Y 108 -20.69 22.73 43.59
C GLU Y 108 -21.91 23.60 43.30
N ILE Y 109 -23.04 22.95 43.04
CA ILE Y 109 -24.27 23.64 42.74
C ILE Y 109 -24.74 24.52 43.89
N PRO Y 110 -25.07 25.77 43.61
CA PRO Y 110 -25.58 26.68 44.64
C PRO Y 110 -26.95 26.19 45.10
N VAL Y 111 -27.25 26.35 46.39
CA VAL Y 111 -28.53 25.90 46.93
C VAL Y 111 -29.75 26.39 46.15
N ASP Y 112 -29.75 27.66 45.78
CA ASP Y 112 -30.86 28.24 45.03
C ASP Y 112 -30.98 27.66 43.62
N MET Y 113 -29.87 27.26 43.03
CA MET Y 113 -29.90 26.68 41.69
C MET Y 113 -30.50 25.27 41.77
N LEU Y 114 -30.18 24.55 42.84
CA LEU Y 114 -30.70 23.20 43.03
C LEU Y 114 -32.20 23.26 43.27
N CYS Y 115 -32.64 24.18 44.12
CA CYS Y 115 -34.05 24.33 44.41
C CYS Y 115 -34.83 24.68 43.15
N LYS Y 116 -34.27 25.58 42.35
CA LYS Y 116 -34.89 25.99 41.10
C LYS Y 116 -34.99 24.81 40.15
N ARG Y 117 -33.94 24.00 40.08
CA ARG Y 117 -33.93 22.83 39.21
C ARG Y 117 -35.02 21.82 39.62
N ILE Y 118 -35.21 21.64 40.92
CA ILE Y 118 -36.24 20.73 41.41
C ILE Y 118 -37.63 21.30 41.13
N ALA Y 119 -37.77 22.60 41.32
CA ALA Y 119 -39.04 23.27 41.08
C ALA Y 119 -39.46 23.18 39.61
N ASP Y 120 -38.49 23.25 38.70
CA ASP Y 120 -38.74 23.17 37.27
C ASP Y 120 -39.23 21.78 36.86
N ILE Y 121 -38.73 20.75 37.53
CA ILE Y 121 -39.13 19.39 37.24
C ILE Y 121 -40.56 19.16 37.75
N SER Y 122 -40.90 19.83 38.85
CA SER Y 122 -42.22 19.72 39.44
C SER Y 122 -43.24 20.44 38.56
N GLN Y 123 -42.83 21.54 37.93
CA GLN Y 123 -43.70 22.30 37.05
C GLN Y 123 -44.23 21.47 35.90
N VAL Y 124 -43.37 20.61 35.33
CA VAL Y 124 -43.76 19.75 34.23
C VAL Y 124 -44.98 18.88 34.55
N TYR Y 125 -45.08 18.41 35.79
CA TYR Y 125 -46.22 17.57 36.20
C TYR Y 125 -47.54 18.33 36.25
N THR Y 126 -47.47 19.65 36.46
CA THR Y 126 -48.68 20.46 36.51
C THR Y 126 -49.17 20.88 35.12
N GLN Y 127 -48.35 20.63 34.11
CA GLN Y 127 -48.71 20.98 32.74
C GLN Y 127 -49.03 19.74 31.89
N ASN Y 128 -48.47 18.60 32.27
CA ASN Y 128 -48.73 17.35 31.55
C ASN Y 128 -49.84 16.58 32.26
N ALA Y 129 -50.81 16.09 31.50
CA ALA Y 129 -51.95 15.39 32.06
C ALA Y 129 -51.75 13.92 32.47
N GLU Y 130 -50.84 13.22 31.83
CA GLU Y 130 -50.62 11.80 32.11
C GLU Y 130 -50.01 11.44 33.48
N MET Y 131 -49.44 12.41 34.18
CA MET Y 131 -48.85 12.13 35.48
C MET Y 131 -49.25 13.16 36.53
N ARG Y 132 -49.43 12.69 37.76
CA ARG Y 132 -49.80 13.56 38.85
C ARG Y 132 -48.56 14.21 39.45
N PRO Y 133 -48.76 15.29 40.22
CA PRO Y 133 -47.68 15.96 40.94
C PRO Y 133 -47.31 15.14 42.17
N LEU Y 134 -46.09 15.31 42.66
CA LEU Y 134 -45.66 14.61 43.86
C LEU Y 134 -46.32 15.25 45.06
N GLY Y 135 -46.68 14.43 46.05
CA GLY Y 135 -47.33 14.96 47.23
C GLY Y 135 -46.34 15.24 48.35
N CYS Y 136 -45.32 16.03 48.04
CA CYS Y 136 -44.31 16.35 49.04
C CYS Y 136 -43.76 17.75 48.89
N CYS Y 137 -42.98 18.15 49.88
CA CYS Y 137 -42.38 19.47 49.93
C CYS Y 137 -40.92 19.32 50.36
N MET Y 138 -40.02 20.03 49.69
CA MET Y 138 -38.61 19.95 50.01
C MET Y 138 -38.02 21.28 50.50
N ILE Y 139 -37.36 21.24 51.64
CA ILE Y 139 -36.69 22.43 52.19
C ILE Y 139 -35.19 22.20 52.13
N LEU Y 140 -34.46 23.13 51.54
CA LEU Y 140 -33.02 22.99 51.41
C LEU Y 140 -32.23 24.01 52.21
N ILE Y 141 -31.10 23.59 52.77
CA ILE Y 141 -30.22 24.48 53.51
C ILE Y 141 -28.79 24.26 53.09
N GLY Y 142 -27.96 25.29 53.25
CA GLY Y 142 -26.57 25.19 52.89
C GLY Y 142 -25.89 26.54 52.95
N ILE Y 143 -24.58 26.54 52.89
CA ILE Y 143 -23.83 27.78 52.95
C ILE Y 143 -23.31 28.20 51.59
N ASP Y 144 -23.67 29.39 51.16
CA ASP Y 144 -23.20 29.93 49.89
C ASP Y 144 -22.02 30.84 50.18
N GLU Y 145 -20.95 30.70 49.39
CA GLU Y 145 -19.72 31.49 49.56
C GLU Y 145 -19.91 32.99 49.82
N GLU Y 146 -20.79 33.64 49.08
CA GLU Y 146 -20.99 35.08 49.25
C GLU Y 146 -22.23 35.47 50.03
N GLN Y 147 -23.36 34.84 49.76
CA GLN Y 147 -24.61 35.17 50.43
C GLN Y 147 -24.75 34.61 51.83
N GLY Y 148 -23.87 33.69 52.22
CA GLY Y 148 -23.94 33.09 53.54
C GLY Y 148 -24.90 31.91 53.59
N PRO Y 149 -25.59 31.73 54.72
CA PRO Y 149 -26.55 30.64 54.93
C PRO Y 149 -27.81 30.81 54.06
N GLN Y 150 -28.21 29.75 53.38
CA GLN Y 150 -29.39 29.79 52.53
C GLN Y 150 -30.46 28.82 52.99
N VAL Y 151 -31.72 29.22 52.81
CA VAL Y 151 -32.86 28.37 53.14
C VAL Y 151 -33.87 28.46 52.01
N TYR Y 152 -34.03 27.36 51.28
CA TYR Y 152 -34.96 27.34 50.16
C TYR Y 152 -36.03 26.27 50.28
N LYS Y 153 -37.16 26.52 49.66
CA LYS Y 153 -38.26 25.58 49.70
C LYS Y 153 -39.04 25.58 48.39
N CYS Y 154 -39.35 24.40 47.87
CA CYS Y 154 -40.15 24.29 46.66
C CYS Y 154 -41.30 23.32 46.92
N ASP Y 155 -42.44 23.58 46.31
CA ASP Y 155 -43.62 22.75 46.50
C ASP Y 155 -44.09 22.05 45.23
N PRO Y 156 -45.25 21.36 45.31
CA PRO Y 156 -45.85 20.59 44.21
C PRO Y 156 -46.25 21.43 42.99
N ALA Y 157 -46.52 22.71 43.19
CA ALA Y 157 -46.90 23.61 42.10
C ALA Y 157 -45.70 24.02 41.22
N GLY Y 158 -44.50 23.84 41.74
CA GLY Y 158 -43.29 24.21 41.02
C GLY Y 158 -42.83 25.59 41.43
N TYR Y 159 -43.37 26.09 42.53
CA TYR Y 159 -43.01 27.38 43.05
C TYR Y 159 -41.90 27.19 44.07
N TYR Y 160 -40.89 28.05 44.02
CA TYR Y 160 -39.79 27.96 44.97
C TYR Y 160 -39.42 29.35 45.45
N CYS Y 161 -38.83 29.44 46.64
CA CYS Y 161 -38.44 30.71 47.20
C CYS Y 161 -37.37 30.58 48.28
N GLY Y 162 -36.69 31.69 48.55
CA GLY Y 162 -35.68 31.74 49.58
C GLY Y 162 -36.34 32.32 50.81
N PHE Y 163 -35.98 31.83 51.99
CA PHE Y 163 -36.60 32.33 53.21
C PHE Y 163 -35.61 32.66 54.31
N LYS Y 164 -36.09 33.46 55.26
CA LYS Y 164 -35.32 33.79 56.46
C LYS Y 164 -35.61 32.65 57.42
N ALA Y 165 -36.88 32.23 57.44
CA ALA Y 165 -37.38 31.13 58.26
C ALA Y 165 -38.60 30.61 57.52
N THR Y 166 -38.84 29.31 57.58
CA THR Y 166 -39.98 28.74 56.88
C THR Y 166 -40.44 27.45 57.55
N ALA Y 167 -41.58 26.93 57.10
CA ALA Y 167 -42.12 25.70 57.66
C ALA Y 167 -43.01 24.96 56.66
N ALA Y 168 -43.29 23.69 56.94
CA ALA Y 168 -44.13 22.88 56.08
C ALA Y 168 -44.80 21.77 56.85
N GLY Y 169 -45.96 21.35 56.38
CA GLY Y 169 -46.70 20.29 57.03
C GLY Y 169 -48.01 20.71 57.66
N VAL Y 170 -48.50 19.87 58.56
CA VAL Y 170 -49.77 20.09 59.25
C VAL Y 170 -49.87 21.45 59.96
N LYS Y 171 -48.89 21.75 60.81
CA LYS Y 171 -48.88 22.99 61.56
C LYS Y 171 -48.05 24.09 60.90
N GLN Y 172 -48.06 24.11 59.58
CA GLN Y 172 -47.30 25.09 58.82
C GLN Y 172 -47.74 26.53 59.06
N THR Y 173 -49.05 26.77 59.01
CA THR Y 173 -49.60 28.11 59.20
C THR Y 173 -49.26 28.73 60.57
N GLU Y 174 -49.36 27.95 61.63
CA GLU Y 174 -49.05 28.47 62.97
C GLU Y 174 -47.56 28.66 63.17
N SER Y 175 -46.75 27.88 62.47
CA SER Y 175 -45.31 28.01 62.58
C SER Y 175 -44.91 29.32 61.90
N THR Y 176 -45.57 29.62 60.80
CA THR Y 176 -45.31 30.83 60.04
C THR Y 176 -45.61 32.06 60.90
N SER Y 177 -46.71 31.99 61.63
CA SER Y 177 -47.12 33.10 62.51
C SER Y 177 -46.14 33.24 63.67
N PHE Y 178 -45.82 32.12 64.31
CA PHE Y 178 -44.90 32.14 65.43
C PHE Y 178 -43.56 32.74 65.05
N LEU Y 179 -43.01 32.31 63.91
CA LEU Y 179 -41.72 32.80 63.44
C LEU Y 179 -41.79 34.22 62.91
N GLU Y 180 -42.98 34.63 62.46
CA GLU Y 180 -43.18 35.97 61.93
C GLU Y 180 -42.79 37.04 62.95
N LYS Y 181 -43.21 36.86 64.19
CA LYS Y 181 -42.92 37.82 65.24
C LYS Y 181 -41.44 37.77 65.63
N LYS Y 182 -40.92 36.57 65.80
CA LYS Y 182 -39.52 36.40 66.18
C LYS Y 182 -38.57 37.05 65.18
N VAL Y 183 -38.80 36.78 63.90
CA VAL Y 183 -37.95 37.32 62.83
C VAL Y 183 -37.96 38.84 62.77
N LYS Y 184 -39.12 39.43 63.03
CA LYS Y 184 -39.28 40.88 63.02
C LYS Y 184 -39.02 41.49 64.39
N TRP Y 189 -28.73 36.40 65.13
CA TRP Y 189 -28.97 35.13 65.82
C TRP Y 189 -27.74 34.24 65.76
N THR Y 190 -27.33 33.73 66.92
CA THR Y 190 -26.18 32.85 66.99
C THR Y 190 -26.63 31.42 66.70
N PHE Y 191 -25.68 30.50 66.57
CA PHE Y 191 -26.03 29.12 66.29
C PHE Y 191 -26.98 28.54 67.33
N GLU Y 192 -26.68 28.79 68.60
CA GLU Y 192 -27.52 28.29 69.69
C GLU Y 192 -28.90 28.96 69.70
N GLN Y 193 -28.96 30.21 69.28
CA GLN Y 193 -30.22 30.94 69.23
C GLN Y 193 -31.08 30.48 68.07
N THR Y 194 -30.45 30.19 66.94
CA THR Y 194 -31.18 29.73 65.77
C THR Y 194 -31.76 28.34 66.03
N VAL Y 195 -30.97 27.47 66.63
CA VAL Y 195 -31.40 26.12 66.94
C VAL Y 195 -32.54 26.14 67.95
N GLU Y 196 -32.40 26.98 68.97
CA GLU Y 196 -33.40 27.09 70.01
C GLU Y 196 -34.71 27.67 69.48
N THR Y 197 -34.60 28.59 68.52
CA THR Y 197 -35.77 29.21 67.92
C THR Y 197 -36.57 28.18 67.14
N ALA Y 198 -35.87 27.31 66.42
CA ALA Y 198 -36.49 26.27 65.61
C ALA Y 198 -37.21 25.25 66.49
N ILE Y 199 -36.54 24.78 67.53
CA ILE Y 199 -37.13 23.81 68.44
C ILE Y 199 -38.33 24.39 69.16
N THR Y 200 -38.22 25.65 69.57
CA THR Y 200 -39.30 26.33 70.27
C THR Y 200 -40.54 26.49 69.41
N CYS Y 201 -40.35 26.88 68.15
CA CYS Y 201 -41.47 27.05 67.23
C CYS Y 201 -42.23 25.72 67.11
N LEU Y 202 -41.48 24.66 66.84
CA LEU Y 202 -42.08 23.34 66.70
C LEU Y 202 -42.83 22.92 67.96
N SER Y 203 -42.21 23.14 69.11
CA SER Y 203 -42.80 22.77 70.39
C SER Y 203 -44.07 23.57 70.71
N THR Y 204 -44.02 24.87 70.47
CA THR Y 204 -45.16 25.74 70.75
C THR Y 204 -46.39 25.45 69.89
N VAL Y 205 -46.19 25.23 68.59
CA VAL Y 205 -47.29 24.96 67.68
C VAL Y 205 -47.86 23.55 67.83
N LEU Y 206 -47.07 22.65 68.39
CA LEU Y 206 -47.50 21.26 68.58
C LEU Y 206 -47.90 20.97 70.02
N SER Y 207 -47.67 21.94 70.91
CA SER Y 207 -47.97 21.80 72.34
C SER Y 207 -47.37 20.51 72.89
N ILE Y 208 -46.06 20.36 72.75
CA ILE Y 208 -45.36 19.16 73.20
C ILE Y 208 -43.97 19.45 73.76
N ASP Y 209 -43.69 18.95 74.96
CA ASP Y 209 -42.37 19.14 75.56
C ASP Y 209 -41.46 18.04 75.03
N PHE Y 210 -40.83 18.32 73.89
CA PHE Y 210 -39.96 17.38 73.19
C PHE Y 210 -38.88 16.67 74.00
N LYS Y 211 -38.63 15.41 73.62
CA LYS Y 211 -37.58 14.59 74.20
C LYS Y 211 -36.54 14.42 73.10
N PRO Y 212 -35.28 14.17 73.48
CA PRO Y 212 -34.17 14.00 72.53
C PRO Y 212 -34.45 13.11 71.29
N SER Y 213 -35.16 11.99 71.46
CA SER Y 213 -35.46 11.10 70.35
C SER Y 213 -36.78 11.36 69.65
N GLU Y 214 -37.41 12.51 69.93
CA GLU Y 214 -38.68 12.84 69.31
C GLU Y 214 -38.55 13.90 68.21
N ILE Y 215 -37.32 14.37 67.99
CA ILE Y 215 -37.07 15.36 66.96
C ILE Y 215 -35.75 15.08 66.26
N GLU Y 216 -35.61 15.63 65.05
CA GLU Y 216 -34.42 15.48 64.24
C GLU Y 216 -33.86 16.86 63.97
N VAL Y 217 -32.55 17.01 64.03
CA VAL Y 217 -31.92 18.31 63.79
C VAL Y 217 -30.79 18.22 62.77
N GLY Y 218 -30.83 19.11 61.78
CA GLY Y 218 -29.81 19.19 60.75
C GLY Y 218 -29.25 20.60 60.73
N VAL Y 219 -27.93 20.74 60.58
CA VAL Y 219 -27.32 22.07 60.57
C VAL Y 219 -26.17 22.25 59.59
N VAL Y 220 -25.92 23.50 59.24
CA VAL Y 220 -24.82 23.91 58.39
C VAL Y 220 -24.40 25.27 58.93
N THR Y 221 -23.11 25.49 59.10
CA THR Y 221 -22.64 26.78 59.60
C THR Y 221 -21.54 27.33 58.72
N VAL Y 222 -21.17 28.58 58.93
CA VAL Y 222 -20.10 29.18 58.14
C VAL Y 222 -18.76 28.55 58.49
N GLU Y 223 -18.59 28.18 59.75
CA GLU Y 223 -17.35 27.55 60.20
C GLU Y 223 -17.25 26.11 59.71
N ASN Y 224 -18.35 25.37 59.81
CA ASN Y 224 -18.40 23.99 59.35
C ASN Y 224 -19.55 23.83 58.37
N PRO Y 225 -19.30 24.14 57.10
CA PRO Y 225 -20.30 24.09 56.01
C PRO Y 225 -20.93 22.72 55.78
N LYS Y 226 -20.22 21.64 56.07
CA LYS Y 226 -20.76 20.30 55.86
C LYS Y 226 -22.09 20.10 56.58
N PHE Y 227 -23.07 19.55 55.87
CA PHE Y 227 -24.38 19.28 56.45
C PHE Y 227 -24.23 18.24 57.54
N ARG Y 228 -24.73 18.53 58.72
CA ARG Y 228 -24.60 17.63 59.85
C ARG Y 228 -25.89 17.34 60.58
N ILE Y 229 -26.03 16.11 61.03
CA ILE Y 229 -27.20 15.70 61.79
C ILE Y 229 -26.78 15.61 63.24
N LEU Y 230 -27.53 16.27 64.12
CA LEU Y 230 -27.22 16.24 65.55
C LEU Y 230 -27.58 14.89 66.13
N SER Y 231 -26.79 14.43 67.09
CA SER Y 231 -27.05 13.15 67.74
C SER Y 231 -28.04 13.36 68.88
N GLU Y 232 -28.52 12.27 69.44
CA GLU Y 232 -29.47 12.34 70.54
C GLU Y 232 -28.90 13.11 71.73
N ALA Y 233 -27.59 13.00 71.92
CA ALA Y 233 -26.91 13.69 73.01
C ALA Y 233 -26.75 15.18 72.73
N GLU Y 234 -26.52 15.52 71.46
CA GLU Y 234 -26.37 16.92 71.07
C GLU Y 234 -27.69 17.67 71.17
N ILE Y 235 -28.77 17.01 70.78
CA ILE Y 235 -30.10 17.62 70.83
C ILE Y 235 -30.54 17.78 72.27
N ASP Y 236 -30.15 16.84 73.12
CA ASP Y 236 -30.49 16.87 74.53
C ASP Y 236 -29.91 18.11 75.22
N ALA Y 237 -28.69 18.47 74.85
CA ALA Y 237 -28.03 19.64 75.42
C ALA Y 237 -28.83 20.92 75.15
N HIS Y 238 -29.37 21.04 73.94
CA HIS Y 238 -30.18 22.20 73.57
C HIS Y 238 -31.53 22.16 74.28
N LEU Y 239 -32.09 20.97 74.40
CA LEU Y 239 -33.39 20.78 75.04
C LEU Y 239 -33.36 21.13 76.53
N VAL Y 240 -32.22 20.87 77.16
CA VAL Y 240 -32.07 21.16 78.58
C VAL Y 240 -31.84 22.65 78.79
N ALA Y 241 -31.22 23.30 77.81
CA ALA Y 241 -30.95 24.73 77.90
C ALA Y 241 -32.22 25.55 77.64
N LEU Y 242 -33.17 24.94 76.93
CA LEU Y 242 -34.43 25.60 76.64
C LEU Y 242 -35.37 25.43 77.83
N ALA Y 243 -35.11 24.42 78.64
CA ALA Y 243 -35.92 24.14 79.81
C ALA Y 243 -35.31 24.76 81.06
N THR Z 1 -18.72 -20.53 -19.14
CA THR Z 1 -20.19 -20.64 -19.35
C THR Z 1 -20.52 -20.07 -20.74
N THR Z 2 -21.35 -20.75 -21.52
CA THR Z 2 -21.84 -20.11 -22.75
C THR Z 2 -23.36 -20.29 -22.86
N THR Z 3 -24.08 -19.20 -23.00
CA THR Z 3 -25.52 -19.27 -23.22
C THR Z 3 -25.83 -18.42 -24.45
N LEU Z 4 -26.87 -18.76 -25.21
CA LEU Z 4 -27.25 -17.95 -26.35
C LEU Z 4 -28.78 -17.99 -26.55
N ALA Z 5 -29.31 -17.01 -27.26
CA ALA Z 5 -30.71 -17.02 -27.62
C ALA Z 5 -30.89 -16.12 -28.86
N PHE Z 6 -31.82 -16.52 -29.73
CA PHE Z 6 -32.16 -15.69 -30.88
C PHE Z 6 -33.60 -15.89 -31.30
N LYS Z 7 -34.22 -14.81 -31.80
CA LYS Z 7 -35.56 -14.90 -32.34
C LYS Z 7 -35.45 -15.20 -33.81
N PHE Z 8 -36.38 -16.01 -34.32
CA PHE Z 8 -36.40 -16.28 -35.75
C PHE Z 8 -37.87 -16.37 -36.17
N GLN Z 9 -38.16 -16.88 -37.37
CA GLN Z 9 -39.57 -16.87 -37.80
C GLN Z 9 -40.45 -17.81 -36.98
N HIS Z 10 -39.87 -18.87 -36.37
CA HIS Z 10 -40.69 -19.79 -35.59
C HIS Z 10 -40.58 -19.67 -34.07
N GLY Z 11 -40.17 -18.52 -33.55
CA GLY Z 11 -40.11 -18.33 -32.11
C GLY Z 11 -38.72 -17.95 -31.59
N VAL Z 12 -38.35 -18.52 -30.45
CA VAL Z 12 -37.05 -18.25 -29.84
C VAL Z 12 -36.30 -19.56 -29.57
N ILE Z 13 -35.01 -19.57 -29.88
CA ILE Z 13 -34.17 -20.72 -29.54
C ILE Z 13 -33.37 -20.35 -28.30
N VAL Z 14 -33.25 -21.25 -27.32
CA VAL Z 14 -32.37 -20.95 -26.18
C VAL Z 14 -31.49 -22.19 -25.98
N ALA Z 15 -30.17 -21.96 -25.87
CA ALA Z 15 -29.22 -23.05 -25.70
C ALA Z 15 -28.16 -22.67 -24.70
N VAL Z 16 -27.67 -23.63 -23.89
CA VAL Z 16 -26.59 -23.36 -22.94
C VAL Z 16 -25.63 -24.55 -22.83
N ASP Z 17 -24.48 -24.34 -22.24
CA ASP Z 17 -23.58 -25.44 -21.90
C ASP Z 17 -23.88 -25.85 -20.42
N SER Z 18 -23.11 -26.77 -19.83
CA SER Z 18 -23.47 -27.24 -18.50
C SER Z 18 -22.26 -27.33 -17.55
N ARG Z 19 -21.20 -26.57 -17.80
CA ARG Z 19 -20.02 -26.65 -16.96
C ARG Z 19 -20.03 -25.62 -15.84
N ALA Z 20 -19.56 -26.07 -14.66
CA ALA Z 20 -19.34 -25.11 -13.55
C ALA Z 20 -17.91 -25.33 -13.10
N THR Z 21 -17.22 -24.26 -12.73
CA THR Z 21 -15.85 -24.44 -12.31
C THR Z 21 -15.48 -23.60 -11.10
N ALA Z 22 -14.39 -24.00 -10.46
CA ALA Z 22 -13.83 -23.27 -9.34
C ALA Z 22 -12.33 -23.19 -9.61
N GLY Z 23 -11.91 -22.06 -10.14
CA GLY Z 23 -10.53 -21.95 -10.56
C GLY Z 23 -10.34 -22.79 -11.81
N ASN Z 24 -9.44 -23.77 -11.74
CA ASN Z 24 -9.17 -24.62 -12.90
C ASN Z 24 -9.84 -25.97 -12.72
N TYR Z 25 -10.49 -26.16 -11.57
CA TYR Z 25 -11.14 -27.43 -11.27
C TYR Z 25 -12.56 -27.40 -11.82
N ILE Z 26 -12.95 -28.48 -12.48
CA ILE Z 26 -14.30 -28.55 -13.01
C ILE Z 26 -15.14 -29.24 -11.94
N SER Z 27 -15.99 -28.46 -11.31
CA SER Z 27 -16.81 -28.94 -10.21
C SER Z 27 -18.01 -29.72 -10.70
N SER Z 28 -18.49 -29.40 -11.91
CA SER Z 28 -19.61 -30.18 -12.45
C SER Z 28 -19.71 -30.10 -13.98
N SER Z 29 -20.29 -31.10 -14.60
CA SER Z 29 -20.55 -31.03 -16.05
C SER Z 29 -22.04 -31.23 -16.29
N ARG Z 30 -22.87 -31.10 -15.28
CA ARG Z 30 -24.29 -31.37 -15.46
C ARG Z 30 -25.16 -30.26 -14.86
N VAL Z 31 -24.64 -29.04 -14.78
CA VAL Z 31 -25.44 -27.95 -14.24
C VAL Z 31 -26.55 -27.59 -15.23
N ASN Z 32 -27.73 -27.30 -14.69
CA ASN Z 32 -28.86 -26.85 -15.50
C ASN Z 32 -28.83 -25.34 -15.52
N LYS Z 33 -28.54 -24.73 -16.66
CA LYS Z 33 -28.41 -23.27 -16.72
C LYS Z 33 -29.66 -22.59 -17.29
N VAL Z 34 -30.77 -23.34 -17.40
CA VAL Z 34 -32.03 -22.78 -17.82
C VAL Z 34 -33.08 -22.99 -16.75
N ILE Z 35 -33.66 -21.91 -16.24
CA ILE Z 35 -34.75 -22.02 -15.30
C ILE Z 35 -36.08 -21.90 -16.01
N GLU Z 36 -37.03 -22.80 -15.71
CA GLU Z 36 -38.36 -22.69 -16.26
C GLU Z 36 -39.32 -21.95 -15.31
N ILE Z 37 -39.44 -20.64 -15.47
CA ILE Z 37 -40.31 -19.84 -14.62
C ILE Z 37 -41.76 -20.33 -14.72
N ASN Z 38 -42.32 -20.30 -15.91
CA ASN Z 38 -43.63 -20.86 -16.17
C ASN Z 38 -43.58 -21.53 -17.56
N PRO Z 39 -44.71 -22.01 -18.09
CA PRO Z 39 -44.72 -22.67 -19.40
C PRO Z 39 -44.48 -21.79 -20.61
N SER Z 40 -44.46 -20.46 -20.45
CA SER Z 40 -44.17 -19.59 -21.59
C SER Z 40 -42.99 -18.65 -21.27
N LEU Z 41 -42.24 -18.95 -20.19
CA LEU Z 41 -41.16 -18.07 -19.76
C LEU Z 41 -39.91 -18.85 -19.33
N LEU Z 42 -38.75 -18.47 -19.85
CA LEU Z 42 -37.49 -19.13 -19.48
C LEU Z 42 -36.46 -18.07 -19.09
N GLY Z 43 -35.55 -18.46 -18.21
CA GLY Z 43 -34.44 -17.65 -17.76
C GLY Z 43 -33.13 -18.42 -17.94
N THR Z 44 -32.09 -17.79 -18.46
CA THR Z 44 -30.80 -18.45 -18.56
C THR Z 44 -29.87 -17.86 -17.52
N MET Z 45 -28.87 -18.65 -17.14
CA MET Z 45 -27.97 -18.17 -16.10
C MET Z 45 -26.54 -18.15 -16.59
N SER Z 46 -25.80 -17.15 -16.11
CA SER Z 46 -24.39 -17.00 -16.39
C SER Z 46 -23.80 -16.12 -15.27
N GLY Z 47 -22.60 -16.45 -14.85
CA GLY Z 47 -21.93 -15.68 -13.81
C GLY Z 47 -21.86 -16.54 -12.56
N CYS Z 48 -22.17 -15.94 -11.39
CA CYS Z 48 -22.06 -16.72 -10.16
C CYS Z 48 -23.27 -17.65 -10.10
N ALA Z 49 -23.05 -18.94 -9.87
CA ALA Z 49 -24.13 -19.90 -9.81
C ALA Z 49 -25.11 -19.59 -8.67
N ALA Z 50 -24.64 -19.20 -7.47
CA ALA Z 50 -25.58 -18.97 -6.36
C ALA Z 50 -26.39 -17.72 -6.62
N ASP Z 51 -25.77 -16.63 -7.16
CA ASP Z 51 -26.55 -15.44 -7.42
C ASP Z 51 -27.62 -15.72 -8.48
N CYS Z 52 -27.21 -16.33 -9.58
CA CYS Z 52 -28.17 -16.64 -10.64
C CYS Z 52 -29.30 -17.54 -10.16
N GLN Z 53 -28.96 -18.62 -9.46
CA GLN Z 53 -29.96 -19.56 -8.98
C GLN Z 53 -30.93 -18.85 -8.03
N TYR Z 54 -30.40 -18.02 -7.12
CA TYR Z 54 -31.26 -17.40 -6.14
C TYR Z 54 -32.15 -16.29 -6.74
N TRP Z 55 -31.58 -15.32 -7.46
CA TRP Z 55 -32.38 -14.21 -7.99
C TRP Z 55 -33.37 -14.68 -9.07
N GLU Z 56 -33.04 -15.68 -9.86
CA GLU Z 56 -33.97 -16.15 -10.87
C GLU Z 56 -35.11 -16.96 -10.25
N ARG Z 57 -34.85 -17.60 -9.10
CA ARG Z 57 -35.89 -18.32 -8.40
C ARG Z 57 -36.80 -17.30 -7.72
N LEU Z 58 -36.22 -16.19 -7.28
CA LEU Z 58 -37.01 -15.12 -6.67
C LEU Z 58 -37.90 -14.43 -7.72
N LEU Z 59 -37.39 -14.32 -8.95
CA LEU Z 59 -38.23 -13.80 -10.02
C LEU Z 59 -39.39 -14.74 -10.27
N ALA Z 60 -39.11 -16.05 -10.25
CA ALA Z 60 -40.17 -17.01 -10.47
C ALA Z 60 -41.27 -16.90 -9.41
N LYS Z 61 -40.88 -16.65 -8.15
CA LYS Z 61 -41.86 -16.44 -7.10
C LYS Z 61 -42.72 -15.21 -7.40
N GLU Z 62 -42.08 -14.09 -7.78
CA GLU Z 62 -42.78 -12.86 -8.09
C GLU Z 62 -43.71 -13.03 -9.31
N CYS Z 63 -43.26 -13.79 -10.30
CA CYS Z 63 -44.07 -14.02 -11.49
C CYS Z 63 -45.33 -14.80 -11.12
N ARG Z 64 -45.19 -15.77 -10.23
CA ARG Z 64 -46.32 -16.58 -9.79
C ARG Z 64 -47.31 -15.77 -8.96
N LEU Z 65 -46.80 -14.89 -8.11
CA LEU Z 65 -47.65 -14.04 -7.28
C LEU Z 65 -48.44 -13.09 -8.16
N TYR Z 66 -47.77 -12.56 -9.17
CA TYR Z 66 -48.39 -11.66 -10.12
C TYR Z 66 -49.60 -12.33 -10.78
N TYR Z 67 -49.43 -13.56 -11.17
CA TYR Z 67 -50.50 -14.32 -11.78
C TYR Z 67 -51.66 -14.57 -10.82
N LEU Z 68 -51.40 -14.84 -9.54
CA LEU Z 68 -52.50 -15.06 -8.59
C LEU Z 68 -53.24 -13.76 -8.30
N ARG Z 69 -52.55 -12.62 -8.28
CA ARG Z 69 -53.16 -11.33 -7.99
C ARG Z 69 -53.94 -10.77 -9.16
N ASN Z 70 -53.38 -10.88 -10.37
CA ASN Z 70 -53.96 -10.28 -11.56
C ASN Z 70 -54.75 -11.26 -12.42
N GLY Z 71 -54.53 -12.56 -12.26
CA GLY Z 71 -55.24 -13.51 -13.10
C GLY Z 71 -54.96 -13.26 -14.58
N GLU Z 72 -53.69 -13.17 -14.99
CA GLU Z 72 -53.40 -12.77 -16.36
C GLU Z 72 -52.06 -13.22 -16.93
N ARG Z 73 -51.07 -13.59 -16.09
CA ARG Z 73 -49.73 -14.04 -16.57
C ARG Z 73 -48.79 -12.91 -17.04
N ILE Z 74 -47.67 -12.74 -16.33
CA ILE Z 74 -46.81 -11.61 -16.50
C ILE Z 74 -46.20 -11.62 -17.90
N SER Z 75 -45.93 -10.41 -18.42
CA SER Z 75 -45.34 -10.32 -19.75
C SER Z 75 -43.82 -10.39 -19.65
N VAL Z 76 -43.15 -10.76 -20.74
CA VAL Z 76 -41.69 -10.90 -20.75
C VAL Z 76 -41.04 -9.58 -20.37
N SER Z 77 -41.60 -8.47 -20.85
CA SER Z 77 -41.02 -7.17 -20.57
C SER Z 77 -41.13 -6.83 -19.07
N ALA Z 78 -42.27 -7.15 -18.43
CA ALA Z 78 -42.39 -6.83 -17.02
C ALA Z 78 -41.58 -7.77 -16.14
N ALA Z 79 -41.42 -9.03 -16.57
CA ALA Z 79 -40.58 -9.96 -15.82
C ALA Z 79 -39.12 -9.49 -15.81
N SER Z 80 -38.60 -9.05 -16.97
CA SER Z 80 -37.22 -8.61 -17.03
C SER Z 80 -37.00 -7.31 -16.24
N LYS Z 81 -38.01 -6.45 -16.22
CA LYS Z 81 -37.89 -5.22 -15.46
C LYS Z 81 -37.89 -5.52 -13.97
N LEU Z 82 -38.68 -6.51 -13.58
CA LEU Z 82 -38.70 -6.92 -12.17
C LEU Z 82 -37.35 -7.47 -11.74
N LEU Z 83 -36.72 -8.30 -12.57
CA LEU Z 83 -35.40 -8.81 -12.25
C LEU Z 83 -34.36 -7.70 -12.22
N SER Z 84 -34.41 -6.78 -13.20
CA SER Z 84 -33.41 -5.71 -13.22
C SER Z 84 -33.54 -4.76 -12.04
N ASN Z 85 -34.75 -4.55 -11.52
CA ASN Z 85 -34.92 -3.69 -10.35
C ASN Z 85 -34.48 -4.39 -9.07
N MET Z 86 -34.65 -5.73 -9.03
CA MET Z 86 -34.26 -6.52 -7.87
C MET Z 86 -32.75 -6.45 -7.66
N VAL Z 87 -31.97 -6.73 -8.70
CA VAL Z 87 -30.52 -6.78 -8.55
C VAL Z 87 -29.90 -5.39 -8.54
N TYR Z 88 -30.64 -4.36 -8.97
CA TYR Z 88 -30.10 -3.00 -8.94
C TYR Z 88 -29.92 -2.45 -7.52
N GLN Z 89 -30.68 -2.97 -6.55
CA GLN Z 89 -30.54 -2.61 -5.14
C GLN Z 89 -29.23 -3.08 -4.50
N TYR Z 90 -28.59 -4.10 -5.06
CA TYR Z 90 -27.32 -4.58 -4.53
C TYR Z 90 -26.16 -4.20 -5.43
N ARG Z 91 -26.34 -3.17 -6.27
CA ARG Z 91 -25.26 -2.79 -7.17
C ARG Z 91 -24.02 -2.37 -6.38
N GLY Z 92 -22.85 -2.76 -6.88
CA GLY Z 92 -21.61 -2.41 -6.22
C GLY Z 92 -21.20 -3.41 -5.13
N MET Z 93 -22.00 -4.46 -4.93
CA MET Z 93 -21.74 -5.40 -3.86
C MET Z 93 -21.18 -6.72 -4.41
N ASP Z 94 -20.67 -6.68 -5.64
CA ASP Z 94 -20.05 -7.85 -6.26
C ASP Z 94 -20.99 -9.02 -6.58
N LEU Z 95 -22.28 -8.76 -6.82
CA LEU Z 95 -23.12 -9.80 -7.43
C LEU Z 95 -22.65 -10.07 -8.86
N SER Z 96 -22.84 -11.30 -9.29
CA SER Z 96 -22.37 -11.67 -10.61
C SER Z 96 -23.44 -12.48 -11.34
N MET Z 97 -24.20 -11.84 -12.21
CA MET Z 97 -25.30 -12.54 -12.89
C MET Z 97 -25.59 -11.90 -14.25
N GLY Z 98 -25.58 -12.72 -15.28
CA GLY Z 98 -25.86 -12.26 -16.62
C GLY Z 98 -26.97 -13.18 -17.15
N SER Z 99 -28.15 -12.66 -17.25
CA SER Z 99 -29.32 -13.49 -17.57
C SER Z 99 -30.01 -13.10 -18.88
N MET Z 100 -30.64 -14.07 -19.52
CA MET Z 100 -31.53 -13.81 -20.64
C MET Z 100 -32.94 -14.22 -20.25
N ILE Z 101 -33.90 -13.31 -20.36
CA ILE Z 101 -35.29 -13.68 -20.10
C ILE Z 101 -35.97 -13.82 -21.42
N CYS Z 102 -36.58 -14.98 -21.63
CA CYS Z 102 -37.20 -15.23 -22.94
C CYS Z 102 -38.57 -15.89 -22.76
N GLY Z 103 -39.51 -15.47 -23.60
CA GLY Z 103 -40.84 -15.98 -23.51
C GLY Z 103 -41.69 -15.56 -24.70
N TRP Z 104 -42.98 -15.77 -24.58
CA TRP Z 104 -43.94 -15.39 -25.60
C TRP Z 104 -45.16 -14.85 -24.90
N ASP Z 105 -45.43 -13.56 -25.09
CA ASP Z 105 -46.57 -12.94 -24.44
C ASP Z 105 -47.51 -12.39 -25.50
N LYS Z 106 -48.28 -11.35 -25.15
CA LYS Z 106 -49.26 -10.77 -26.07
C LYS Z 106 -48.62 -10.02 -27.23
N LYS Z 107 -47.40 -9.53 -27.04
CA LYS Z 107 -46.70 -8.80 -28.09
C LYS Z 107 -45.81 -9.72 -28.92
N GLY Z 108 -45.94 -11.04 -28.75
CA GLY Z 108 -45.14 -11.99 -29.51
C GLY Z 108 -43.89 -12.42 -28.73
N PRO Z 109 -42.93 -13.08 -29.42
CA PRO Z 109 -41.69 -13.55 -28.80
C PRO Z 109 -40.86 -12.41 -28.22
N GLY Z 110 -40.45 -12.57 -26.97
CA GLY Z 110 -39.66 -11.52 -26.33
C GLY Z 110 -38.33 -12.10 -25.82
N LEU Z 111 -37.27 -11.30 -25.94
CA LEU Z 111 -35.96 -11.69 -25.51
C LEU Z 111 -35.28 -10.50 -24.86
N TYR Z 112 -34.89 -10.66 -23.60
CA TYR Z 112 -34.22 -9.57 -22.93
C TYR Z 112 -32.91 -10.05 -22.26
N TYR Z 113 -31.93 -9.18 -22.25
CA TYR Z 113 -30.71 -9.41 -21.56
C TYR Z 113 -30.72 -8.54 -20.30
N VAL Z 114 -30.46 -9.15 -19.16
CA VAL Z 114 -30.39 -8.43 -17.90
C VAL Z 114 -29.13 -8.84 -17.16
N ASP Z 115 -28.42 -7.88 -16.58
CA ASP Z 115 -27.21 -8.22 -15.83
C ASP Z 115 -27.15 -7.57 -14.46
N GLN Z 116 -26.14 -7.93 -13.67
CA GLN Z 116 -26.00 -7.45 -12.29
C GLN Z 116 -25.86 -5.92 -12.18
N ASN Z 117 -25.35 -5.22 -13.20
CA ASN Z 117 -25.23 -3.76 -13.12
C ASN Z 117 -26.58 -3.03 -13.28
N GLY Z 118 -27.57 -3.71 -13.82
CA GLY Z 118 -28.90 -3.17 -14.02
C GLY Z 118 -29.23 -3.00 -15.50
N THR Z 119 -28.25 -3.24 -16.37
CA THR Z 119 -28.47 -3.26 -17.81
C THR Z 119 -29.68 -4.15 -18.16
N ARG Z 120 -30.61 -3.62 -18.97
CA ARG Z 120 -31.74 -4.39 -19.45
C ARG Z 120 -31.98 -4.03 -20.92
N LEU Z 121 -31.81 -4.98 -21.81
CA LEU Z 121 -31.94 -4.72 -23.25
C LEU Z 121 -32.77 -5.75 -23.95
N SER Z 122 -33.63 -5.24 -24.83
CA SER Z 122 -34.49 -6.10 -25.62
C SER Z 122 -33.73 -6.31 -26.92
N GLY Z 123 -33.77 -7.50 -27.48
CA GLY Z 123 -33.01 -7.70 -28.73
C GLY Z 123 -33.43 -8.94 -29.49
N ASN Z 124 -32.83 -9.09 -30.64
CA ASN Z 124 -33.14 -10.18 -31.55
C ASN Z 124 -32.26 -11.39 -31.24
N MET Z 125 -31.04 -11.16 -30.74
CA MET Z 125 -30.13 -12.24 -30.43
C MET Z 125 -29.13 -11.81 -29.36
N PHE Z 126 -28.77 -12.73 -28.46
CA PHE Z 126 -27.78 -12.38 -27.44
C PHE Z 126 -26.94 -13.62 -27.13
N SER Z 127 -25.78 -13.40 -26.54
CA SER Z 127 -24.91 -14.44 -26.02
C SER Z 127 -24.29 -13.91 -24.73
N THR Z 128 -24.21 -14.75 -23.71
CA THR Z 128 -23.60 -14.34 -22.46
C THR Z 128 -22.66 -15.41 -21.93
N GLY Z 129 -21.69 -15.01 -21.10
CA GLY Z 129 -20.77 -15.96 -20.52
C GLY Z 129 -19.35 -15.78 -21.07
N SER Z 130 -18.38 -16.52 -20.52
CA SER Z 130 -16.99 -16.44 -20.99
C SER Z 130 -16.79 -16.95 -22.42
N GLY Z 131 -17.65 -17.83 -22.91
CA GLY Z 131 -17.54 -18.32 -24.27
C GLY Z 131 -18.45 -17.60 -25.23
N SER Z 132 -19.08 -16.53 -24.77
CA SER Z 132 -20.02 -15.78 -25.61
C SER Z 132 -19.43 -15.13 -26.87
N THR Z 133 -18.15 -14.68 -26.82
CA THR Z 133 -17.63 -14.09 -28.07
C THR Z 133 -17.50 -15.15 -29.19
N TYR Z 134 -17.16 -16.38 -28.84
CA TYR Z 134 -17.04 -17.43 -29.84
C TYR Z 134 -18.41 -17.79 -30.40
N ALA Z 135 -19.42 -17.83 -29.52
CA ALA Z 135 -20.79 -18.13 -29.95
C ALA Z 135 -21.31 -17.07 -30.91
N TYR Z 136 -20.98 -15.80 -30.64
CA TYR Z 136 -21.45 -14.70 -31.48
C TYR Z 136 -20.95 -14.90 -32.91
N GLY Z 137 -19.65 -15.28 -33.04
CA GLY Z 137 -19.05 -15.42 -34.37
C GLY Z 137 -19.80 -16.45 -35.21
N VAL Z 138 -20.09 -17.63 -34.63
CA VAL Z 138 -20.74 -18.68 -35.39
C VAL Z 138 -22.21 -18.33 -35.57
N MET Z 139 -22.85 -17.84 -34.50
CA MET Z 139 -24.27 -17.50 -34.58
C MET Z 139 -24.52 -16.42 -35.63
N ASP Z 140 -23.77 -15.31 -35.61
CA ASP Z 140 -23.97 -14.22 -36.57
C ASP Z 140 -23.65 -14.63 -38.01
N SER Z 141 -22.73 -15.59 -38.21
CA SER Z 141 -22.36 -16.01 -39.57
C SER Z 141 -23.44 -16.86 -40.22
N GLY Z 142 -24.21 -17.64 -39.45
CA GLY Z 142 -25.19 -18.54 -40.04
C GLY Z 142 -26.62 -18.13 -39.72
N TYR Z 143 -26.80 -16.97 -39.10
CA TYR Z 143 -28.16 -16.59 -38.70
C TYR Z 143 -28.92 -15.91 -39.83
N GLN Z 144 -30.14 -16.35 -40.03
CA GLN Z 144 -31.08 -15.75 -40.97
C GLN Z 144 -32.40 -15.74 -40.24
N PRO Z 145 -33.22 -14.69 -40.42
CA PRO Z 145 -34.51 -14.66 -39.71
C PRO Z 145 -35.49 -15.68 -40.27
N SER Z 146 -35.30 -16.15 -41.51
CA SER Z 146 -36.22 -17.08 -42.16
C SER Z 146 -35.77 -18.53 -42.01
N LEU Z 147 -34.94 -18.84 -41.01
CA LEU Z 147 -34.44 -20.20 -40.79
C LEU Z 147 -35.62 -21.14 -40.52
N SER Z 148 -35.53 -22.38 -40.98
CA SER Z 148 -36.51 -23.38 -40.59
C SER Z 148 -36.17 -23.90 -39.19
N PRO Z 149 -37.13 -24.50 -38.47
CA PRO Z 149 -36.86 -25.00 -37.13
C PRO Z 149 -35.65 -25.91 -37.02
N GLU Z 150 -35.45 -26.82 -37.94
CA GLU Z 150 -34.33 -27.73 -37.88
C GLU Z 150 -33.02 -26.98 -38.10
N GLU Z 151 -33.06 -25.98 -38.97
CA GLU Z 151 -31.87 -25.21 -39.27
C GLU Z 151 -31.50 -24.35 -38.06
N ALA Z 152 -32.52 -23.84 -37.34
CA ALA Z 152 -32.26 -23.03 -36.18
C ALA Z 152 -31.65 -23.89 -35.06
N TYR Z 153 -32.12 -25.13 -34.93
CA TYR Z 153 -31.60 -26.03 -33.91
C TYR Z 153 -30.14 -26.35 -34.19
N GLU Z 154 -29.81 -26.54 -35.47
CA GLU Z 154 -28.46 -26.84 -35.87
C GLU Z 154 -27.53 -25.66 -35.63
N LEU Z 155 -27.99 -24.43 -35.90
CA LEU Z 155 -27.16 -23.27 -35.68
C LEU Z 155 -26.88 -23.13 -34.16
N GLY Z 156 -27.90 -23.33 -33.34
CA GLY Z 156 -27.76 -23.21 -31.89
C GLY Z 156 -26.75 -24.24 -31.38
N ARG Z 157 -26.82 -25.46 -31.88
CA ARG Z 157 -25.93 -26.51 -31.46
C ARG Z 157 -24.49 -26.26 -31.91
N ARG Z 158 -24.32 -25.75 -33.14
CA ARG Z 158 -22.98 -25.43 -33.61
C ARG Z 158 -22.37 -24.26 -32.83
N ALA Z 159 -23.13 -23.23 -32.50
CA ALA Z 159 -22.57 -22.08 -31.85
C ALA Z 159 -22.12 -22.46 -30.44
N ILE Z 160 -22.91 -23.27 -29.71
CA ILE Z 160 -22.49 -23.68 -28.38
C ILE Z 160 -21.27 -24.60 -28.51
N THR Z 161 -21.31 -25.58 -29.41
CA THR Z 161 -20.23 -26.53 -29.54
C THR Z 161 -18.88 -25.85 -29.78
N TYR Z 162 -18.79 -24.91 -30.73
CA TYR Z 162 -17.53 -24.27 -31.03
C TYR Z 162 -17.05 -23.36 -29.89
N ALA Z 163 -18.01 -22.78 -29.12
CA ALA Z 163 -17.57 -22.03 -27.97
C ALA Z 163 -16.92 -22.96 -26.93
N THR Z 164 -17.44 -24.17 -26.74
CA THR Z 164 -16.90 -25.05 -25.70
C THR Z 164 -15.55 -25.60 -26.12
N HIS Z 165 -15.30 -25.65 -27.43
CA HIS Z 165 -14.01 -26.09 -27.93
C HIS Z 165 -12.92 -25.08 -27.64
N ARG Z 166 -13.23 -23.77 -27.68
CA ARG Z 166 -12.23 -22.73 -27.50
C ARG Z 166 -12.20 -22.20 -26.07
N ASP Z 167 -13.34 -22.13 -25.36
CA ASP Z 167 -13.35 -21.54 -24.05
C ASP Z 167 -13.16 -22.65 -23.01
N SER Z 168 -12.16 -22.45 -22.13
CA SER Z 168 -11.84 -23.48 -21.11
C SER Z 168 -12.99 -23.61 -20.11
N TYR Z 169 -13.69 -22.51 -19.82
CA TYR Z 169 -14.78 -22.54 -18.86
C TYR Z 169 -16.11 -23.04 -19.41
N SER Z 170 -16.15 -23.54 -20.66
CA SER Z 170 -17.43 -24.05 -21.18
C SER Z 170 -17.26 -25.48 -21.61
N GLY Z 171 -18.35 -26.27 -21.48
CA GLY Z 171 -18.26 -27.65 -21.91
C GLY Z 171 -19.44 -28.46 -21.42
N GLY Z 172 -19.33 -29.77 -21.53
CA GLY Z 172 -20.31 -30.67 -20.96
C GLY Z 172 -21.32 -31.00 -22.05
N ILE Z 173 -22.57 -30.65 -21.79
CA ILE Z 173 -23.60 -30.95 -22.76
C ILE Z 173 -24.35 -29.68 -23.10
N ILE Z 174 -25.04 -29.70 -24.23
CA ILE Z 174 -25.82 -28.56 -24.62
C ILE Z 174 -27.30 -28.83 -24.38
N ASN Z 175 -27.95 -27.94 -23.65
CA ASN Z 175 -29.37 -28.05 -23.41
C ASN Z 175 -30.03 -26.99 -24.29
N MET Z 176 -30.92 -27.43 -25.16
CA MET Z 176 -31.57 -26.48 -26.04
C MET Z 176 -33.09 -26.44 -25.83
N TYR Z 177 -33.67 -25.24 -25.96
CA TYR Z 177 -35.11 -25.10 -25.81
C TYR Z 177 -35.68 -24.32 -27.00
N HIS Z 178 -36.97 -24.51 -27.26
CA HIS Z 178 -37.62 -23.82 -28.34
C HIS Z 178 -38.89 -23.14 -27.78
N MET Z 179 -38.86 -21.81 -27.76
CA MET Z 179 -39.98 -21.02 -27.26
C MET Z 179 -40.98 -20.78 -28.38
N LYS Z 180 -42.23 -21.17 -28.17
CA LYS Z 180 -43.29 -21.02 -29.18
C LYS Z 180 -44.51 -20.35 -28.58
N GLU Z 181 -45.50 -20.03 -29.42
CA GLU Z 181 -46.72 -19.36 -28.94
C GLU Z 181 -47.42 -20.14 -27.83
N ASP Z 182 -47.49 -21.46 -27.96
CA ASP Z 182 -48.14 -22.33 -27.00
C ASP Z 182 -47.23 -22.67 -25.81
N GLY Z 183 -45.96 -22.25 -25.86
CA GLY Z 183 -45.04 -22.44 -24.73
C GLY Z 183 -43.69 -22.98 -25.20
N TRP Z 184 -42.80 -23.22 -24.26
CA TRP Z 184 -41.48 -23.77 -24.64
C TRP Z 184 -41.47 -25.29 -24.68
N VAL Z 185 -40.60 -25.84 -25.50
CA VAL Z 185 -40.36 -27.27 -25.59
C VAL Z 185 -38.86 -27.53 -25.44
N LYS Z 186 -38.50 -28.48 -24.60
CA LYS Z 186 -37.11 -28.92 -24.49
C LYS Z 186 -36.76 -29.73 -25.72
N VAL Z 187 -35.91 -29.17 -26.56
CA VAL Z 187 -35.54 -29.78 -27.83
C VAL Z 187 -34.64 -30.99 -27.61
N GLU Z 188 -33.47 -30.80 -27.01
CA GLU Z 188 -32.54 -31.89 -26.76
C GLU Z 188 -31.49 -31.59 -25.69
N SER Z 189 -30.75 -32.63 -25.35
CA SER Z 189 -29.66 -32.58 -24.38
C SER Z 189 -28.51 -33.41 -24.91
N THR Z 190 -27.64 -32.81 -25.72
CA THR Z 190 -26.56 -33.57 -26.35
C THR Z 190 -25.21 -33.23 -25.74
N ASP Z 191 -24.38 -34.26 -25.60
CA ASP Z 191 -23.04 -34.10 -25.08
C ASP Z 191 -22.21 -33.43 -26.17
N VAL Z 192 -21.47 -32.38 -25.81
CA VAL Z 192 -20.76 -31.60 -26.85
C VAL Z 192 -19.61 -32.40 -27.47
N ASN Z 193 -19.11 -33.42 -26.78
CA ASN Z 193 -18.02 -34.18 -27.34
C ASN Z 193 -18.46 -35.05 -28.51
N GLU Z 194 -19.67 -35.59 -28.42
CA GLU Z 194 -20.22 -36.37 -29.53
C GLU Z 194 -20.43 -35.45 -30.73
N LEU Z 195 -20.91 -34.24 -30.47
CA LEU Z 195 -21.19 -33.25 -31.50
C LEU Z 195 -19.92 -32.83 -32.23
N LEU Z 196 -18.89 -32.46 -31.47
CA LEU Z 196 -17.66 -31.95 -32.07
C LEU Z 196 -16.91 -33.02 -32.86
N HIS Z 197 -17.04 -34.28 -32.46
CA HIS Z 197 -16.36 -35.33 -33.18
C HIS Z 197 -17.06 -35.58 -34.51
N GLN Z 198 -18.37 -35.39 -34.51
CA GLN Z 198 -19.19 -35.57 -35.71
C GLN Z 198 -19.02 -34.37 -36.67
N TYR Z 199 -18.58 -33.22 -36.15
CA TYR Z 199 -18.33 -32.07 -37.00
C TYR Z 199 -16.90 -32.17 -37.51
N GLN Z 200 -16.01 -32.73 -36.66
CA GLN Z 200 -14.60 -32.92 -37.01
C GLN Z 200 -14.45 -33.88 -38.19
N GLU Z 201 -15.31 -34.89 -38.26
CA GLU Z 201 -15.30 -35.85 -39.35
C GLU Z 201 -16.02 -35.26 -40.58
N PHE AA 30 14.23 8.86 3.22
CA PHE AA 30 14.76 10.26 3.41
C PHE AA 30 14.63 11.02 2.09
N SER AA 31 14.26 12.30 2.21
CA SER AA 31 14.11 13.17 1.04
C SER AA 31 15.41 13.92 0.78
N PRO AA 32 15.91 13.87 -0.47
CA PRO AA 32 17.15 14.56 -0.82
C PRO AA 32 16.98 16.06 -1.12
N TYR AA 33 15.74 16.56 -1.04
CA TYR AA 33 15.47 17.95 -1.30
C TYR AA 33 14.92 18.67 -0.07
N ALA AA 34 14.90 20.00 -0.11
CA ALA AA 34 14.25 20.87 0.86
C ALA AA 34 13.87 22.17 0.16
N PHE AA 35 12.71 22.70 0.50
CA PHE AA 35 12.28 23.97 -0.05
C PHE AA 35 12.86 25.09 0.82
N ASN AA 36 13.74 25.90 0.26
CA ASN AA 36 14.41 26.95 1.05
C ASN AA 36 13.90 28.36 0.75
N GLY AA 37 12.85 28.48 -0.10
CA GLY AA 37 12.23 29.75 -0.42
C GLY AA 37 13.11 30.71 -1.23
N GLY AA 38 12.61 31.94 -1.35
CA GLY AA 38 13.35 32.96 -2.07
C GLY AA 38 12.75 33.29 -3.44
N THR AA 39 12.87 34.56 -3.83
CA THR AA 39 12.36 35.02 -5.09
C THR AA 39 13.46 35.75 -5.88
N VAL AA 40 13.48 35.56 -7.18
CA VAL AA 40 14.46 36.18 -8.03
C VAL AA 40 13.69 36.89 -9.17
N LEU AA 41 14.17 38.06 -9.55
CA LEU AA 41 13.57 38.77 -10.67
C LEU AA 41 14.69 39.23 -11.62
N ALA AA 42 14.39 39.28 -12.92
CA ALA AA 42 15.30 39.88 -13.88
C ALA AA 42 14.54 40.71 -14.90
N ILE AA 43 15.12 41.85 -15.28
CA ILE AA 43 14.51 42.73 -16.30
C ILE AA 43 15.59 43.22 -17.25
N ALA AA 44 15.34 43.13 -18.55
CA ALA AA 44 16.31 43.58 -19.56
C ALA AA 44 15.88 44.92 -20.14
N GLY AA 45 16.78 45.88 -20.23
CA GLY AA 45 16.44 47.16 -20.81
C GLY AA 45 17.27 47.36 -22.10
N GLU AA 46 17.30 48.58 -22.64
CA GLU AA 46 17.95 48.79 -23.94
C GLU AA 46 19.45 48.54 -23.79
N ASP AA 47 20.07 49.10 -22.74
CA ASP AA 47 21.49 48.87 -22.55
C ASP AA 47 21.80 48.51 -21.08
N PHE AA 48 20.93 47.73 -20.45
CA PHE AA 48 21.15 47.31 -19.09
C PHE AA 48 20.27 46.08 -18.81
N SER AA 49 20.65 45.39 -17.73
CA SER AA 49 19.81 44.31 -17.21
C SER AA 49 19.87 44.38 -15.71
N ILE AA 50 18.74 44.09 -15.06
CA ILE AA 50 18.69 44.09 -13.61
C ILE AA 50 18.44 42.68 -13.13
N VAL AA 51 19.22 42.19 -12.15
CA VAL AA 51 18.85 40.96 -11.47
C VAL AA 51 18.69 41.26 -10.00
N ALA AA 52 17.54 40.94 -9.43
CA ALA AA 52 17.31 41.23 -8.02
C ALA AA 52 16.79 39.99 -7.28
N SER AA 53 16.99 39.98 -5.96
CA SER AA 53 16.50 38.88 -5.15
C SER AA 53 16.38 39.25 -3.68
N ASP AA 54 15.54 38.53 -2.95
CA ASP AA 54 15.43 38.75 -1.51
C ASP AA 54 16.56 37.95 -0.84
N THR AA 55 16.81 38.21 0.46
CA THR AA 55 17.95 37.56 1.11
C THR AA 55 17.55 36.60 2.21
N ARG AA 56 16.29 36.19 2.27
CA ARG AA 56 15.91 35.27 3.33
C ARG AA 56 16.13 33.81 2.93
N LEU AA 57 16.77 33.04 3.79
CA LEU AA 57 16.92 31.61 3.56
C LEU AA 57 16.05 30.88 4.60
N SER AA 58 15.20 29.99 4.15
CA SER AA 58 14.29 29.31 5.07
C SER AA 58 14.29 27.80 5.00
N GLU AA 59 13.59 27.22 5.98
CA GLU AA 59 13.33 25.78 5.96
C GLU AA 59 12.13 25.51 6.86
N GLY AA 60 11.03 25.03 6.31
CA GLY AA 60 9.85 24.75 7.11
C GLY AA 60 9.15 26.05 7.50
N PHE AA 61 9.13 26.34 8.80
CA PHE AA 61 8.53 27.58 9.26
C PHE AA 61 9.54 28.46 9.99
N SER AA 62 10.81 28.08 9.91
CA SER AA 62 11.86 28.83 10.57
C SER AA 62 12.76 29.50 9.56
N ILE AA 63 13.55 30.46 10.01
CA ILE AA 63 14.45 31.18 9.15
C ILE AA 63 15.88 30.77 9.51
N HIS AA 64 16.65 30.32 8.53
CA HIS AA 64 18.05 29.94 8.76
C HIS AA 64 18.87 31.23 8.85
N THR AA 65 18.69 32.18 7.92
CA THR AA 65 19.43 33.43 7.98
C THR AA 65 18.73 34.50 7.17
N ARG AA 66 18.93 35.76 7.52
CA ARG AA 66 18.27 36.84 6.80
C ARG AA 66 19.25 37.47 5.82
N ASP AA 67 20.45 36.90 5.70
CA ASP AA 67 21.44 37.50 4.81
C ASP AA 67 22.02 36.48 3.82
N SER AA 68 21.16 35.98 2.94
CA SER AA 68 21.57 34.99 1.95
C SER AA 68 21.09 35.45 0.56
N PRO AA 69 21.81 36.34 -0.12
CA PRO AA 69 21.38 36.76 -1.47
C PRO AA 69 21.42 35.57 -2.44
N LYS AA 70 20.53 35.61 -3.40
CA LYS AA 70 20.39 34.55 -4.36
C LYS AA 70 20.89 34.88 -5.76
N CYS AA 71 21.71 35.92 -5.90
CA CYS AA 71 22.22 36.32 -7.20
C CYS AA 71 23.74 36.36 -7.17
N TYR AA 72 24.38 35.68 -8.10
CA TYR AA 72 25.84 35.57 -8.12
C TYR AA 72 26.34 36.18 -9.44
N LYS AA 73 27.50 36.80 -9.40
CA LYS AA 73 28.14 37.31 -10.60
C LYS AA 73 28.87 36.17 -11.30
N LEU AA 74 28.68 36.06 -12.62
CA LEU AA 74 29.42 35.04 -13.37
C LEU AA 74 30.60 35.70 -14.05
N THR AA 75 30.38 36.80 -14.78
CA THR AA 75 31.42 37.53 -15.49
C THR AA 75 31.14 39.00 -15.27
N ASP AA 76 31.75 39.91 -16.01
CA ASP AA 76 31.49 41.33 -15.80
C ASP AA 76 30.20 41.77 -16.49
N LYS AA 77 29.60 40.94 -17.34
CA LYS AA 77 28.32 41.31 -17.89
C LYS AA 77 27.26 40.23 -17.75
N THR AA 78 27.46 39.31 -16.80
CA THR AA 78 26.45 38.28 -16.58
C THR AA 78 26.26 38.03 -15.09
N VAL AA 79 25.00 38.00 -14.66
CA VAL AA 79 24.67 37.63 -13.28
C VAL AA 79 23.63 36.50 -13.35
N ILE AA 80 23.73 35.53 -12.44
CA ILE AA 80 22.70 34.50 -12.37
C ILE AA 80 21.96 34.63 -11.04
N GLY AA 81 20.65 34.45 -11.09
CA GLY AA 81 19.79 34.41 -9.89
C GLY AA 81 19.28 32.99 -9.70
N CYS AA 82 19.43 32.40 -8.56
CA CYS AA 82 18.93 31.04 -8.35
C CYS AA 82 17.99 30.97 -7.14
N SER AA 83 17.11 29.99 -7.18
CA SER AA 83 16.11 29.85 -6.13
C SER AA 83 15.74 28.36 -6.09
N GLY AA 84 15.45 27.87 -4.90
CA GLY AA 84 14.98 26.48 -4.82
C GLY AA 84 15.64 25.78 -3.63
N PHE AA 85 16.21 24.61 -3.89
CA PHE AA 85 16.88 23.87 -2.85
C PHE AA 85 18.28 24.45 -2.73
N HIS AA 86 18.63 25.04 -1.59
CA HIS AA 86 19.91 25.72 -1.42
C HIS AA 86 21.12 24.78 -1.60
N GLY AA 87 20.96 23.49 -1.25
CA GLY AA 87 22.03 22.50 -1.44
C GLY AA 87 22.39 22.46 -2.93
N ASP AA 88 21.36 22.41 -3.81
CA ASP AA 88 21.66 22.37 -5.26
C ASP AA 88 22.10 23.74 -5.76
N CYS AA 89 21.58 24.79 -5.18
CA CYS AA 89 21.97 26.14 -5.60
C CYS AA 89 23.49 26.35 -5.36
N LEU AA 90 24.04 25.93 -4.21
CA LEU AA 90 25.47 26.09 -3.93
C LEU AA 90 26.31 25.23 -4.88
N THR AA 91 25.89 24.00 -5.12
CA THR AA 91 26.68 23.13 -5.98
C THR AA 91 26.64 23.59 -7.45
N LEU AA 92 25.47 23.95 -7.96
CA LEU AA 92 25.37 24.38 -9.35
C LEU AA 92 26.19 25.63 -9.62
N THR AA 93 26.17 26.60 -8.71
CA THR AA 93 26.99 27.79 -8.89
C THR AA 93 28.47 27.48 -8.97
N LYS AA 94 28.92 26.53 -8.13
CA LYS AA 94 30.34 26.14 -8.19
C LYS AA 94 30.66 25.45 -9.50
N ILE AA 95 29.75 24.61 -9.99
CA ILE AA 95 29.97 23.93 -11.25
C ILE AA 95 30.03 24.93 -12.42
N ILE AA 96 29.12 25.91 -12.43
CA ILE AA 96 29.12 26.89 -13.49
C ILE AA 96 30.42 27.68 -13.44
N GLU AA 97 30.85 28.07 -12.23
CA GLU AA 97 32.08 28.86 -12.09
C GLU AA 97 33.28 28.09 -12.64
N ALA AA 98 33.38 26.77 -12.38
CA ALA AA 98 34.46 26.00 -12.96
C ALA AA 98 34.36 25.89 -14.49
N ARG AA 99 33.16 25.68 -15.07
CA ARG AA 99 32.99 25.57 -16.50
C ARG AA 99 33.38 26.87 -17.22
N LEU AA 100 33.11 28.02 -16.63
CA LEU AA 100 33.57 29.28 -17.20
C LEU AA 100 35.10 29.37 -17.26
N LYS AA 101 35.80 28.86 -16.25
CA LYS AA 101 37.25 28.88 -16.28
C LYS AA 101 37.76 27.89 -17.30
N MET AA 102 37.12 26.74 -17.39
CA MET AA 102 37.56 25.72 -18.32
C MET AA 102 37.33 26.22 -19.74
N TYR AA 103 36.21 26.91 -19.98
CA TYR AA 103 35.93 27.41 -21.32
C TYR AA 103 36.95 28.47 -21.73
N LYS AA 104 37.33 29.31 -20.78
CA LYS AA 104 38.29 30.37 -21.07
C LYS AA 104 39.67 29.80 -21.40
N HIS AA 105 40.04 28.71 -20.75
CA HIS AA 105 41.33 28.09 -20.99
C HIS AA 105 41.42 27.43 -22.36
N SER AA 106 40.31 26.87 -22.83
CA SER AA 106 40.32 26.20 -24.13
C SER AA 106 39.78 27.01 -25.31
N ASN AA 107 39.30 28.22 -25.08
CA ASN AA 107 38.75 29.03 -26.17
C ASN AA 107 39.41 30.40 -26.18
N ASN AA 108 40.23 30.67 -25.17
CA ASN AA 108 40.93 31.95 -25.05
C ASN AA 108 40.04 33.17 -25.06
N LYS AA 109 38.87 33.09 -24.43
CA LYS AA 109 38.01 34.27 -24.29
C LYS AA 109 36.95 34.01 -23.21
N THR AA 110 36.26 35.03 -22.75
CA THR AA 110 35.22 34.91 -21.76
C THR AA 110 33.92 34.45 -22.42
N MET AA 111 33.23 33.55 -21.74
CA MET AA 111 31.95 33.06 -22.22
C MET AA 111 30.95 34.21 -22.33
N THR AA 112 30.17 34.30 -23.43
CA THR AA 112 29.13 35.33 -23.51
C THR AA 112 27.86 34.90 -22.74
N THR AA 113 26.94 35.83 -22.54
CA THR AA 113 25.68 35.57 -21.86
C THR AA 113 24.90 34.47 -22.56
N GLY AA 114 24.83 34.50 -23.88
CA GLY AA 114 24.07 33.45 -24.57
C GLY AA 114 24.79 32.12 -24.53
N ALA AA 115 26.12 32.05 -24.55
CA ALA AA 115 26.76 30.73 -24.45
C ALA AA 115 26.61 30.17 -23.04
N ILE AA 116 26.56 31.05 -22.01
CA ILE AA 116 26.35 30.56 -20.66
C ILE AA 116 24.96 29.94 -20.53
N ALA AA 117 23.95 30.57 -21.16
CA ALA AA 117 22.58 30.07 -21.15
C ALA AA 117 22.47 28.72 -21.85
N ALA AA 118 23.11 28.59 -23.03
CA ALA AA 118 23.12 27.32 -23.75
C ALA AA 118 23.82 26.24 -22.94
N MET AA 119 24.93 26.58 -22.31
CA MET AA 119 25.67 25.58 -21.54
C MET AA 119 24.89 25.15 -20.27
N LEU AA 120 24.25 26.09 -19.57
CA LEU AA 120 23.49 25.75 -18.37
C LEU AA 120 22.39 24.76 -18.69
N SER AA 121 21.73 24.95 -19.83
CA SER AA 121 20.68 24.01 -20.27
C SER AA 121 21.18 22.58 -20.32
N THR AA 122 22.35 22.35 -20.91
CA THR AA 122 22.88 20.98 -20.95
C THR AA 122 23.32 20.45 -19.57
N ILE AA 123 23.76 21.34 -18.67
CA ILE AA 123 24.16 20.86 -17.34
C ILE AA 123 22.90 20.44 -16.60
N LEU AA 124 21.82 21.23 -16.70
CA LEU AA 124 20.60 20.84 -15.99
C LEU AA 124 20.01 19.57 -16.62
N TYR AA 125 20.11 19.42 -17.95
CA TYR AA 125 19.52 18.22 -18.54
C TYR AA 125 20.34 16.95 -18.27
N SER AA 126 21.62 17.05 -17.87
CA SER AA 126 22.37 15.86 -17.51
C SER AA 126 21.86 15.19 -16.23
N ARG AA 127 21.15 15.90 -15.36
CA ARG AA 127 20.56 15.31 -14.18
C ARG AA 127 19.06 15.21 -14.39
N ARG AA 128 18.64 14.86 -15.61
CA ARG AA 128 17.23 14.80 -16.00
C ARG AA 128 16.45 13.76 -15.16
N PHE AA 129 17.12 12.71 -14.70
CA PHE AA 129 16.49 11.71 -13.83
C PHE AA 129 16.62 11.91 -12.30
N PHE AA 130 17.45 12.84 -11.86
CA PHE AA 130 17.64 13.21 -10.44
C PHE AA 130 18.00 14.69 -10.46
N PRO AA 131 17.03 15.52 -10.84
CA PRO AA 131 17.22 16.96 -11.14
C PRO AA 131 17.73 17.86 -10.02
N TYR AA 132 18.41 18.91 -10.42
CA TYR AA 132 18.76 20.02 -9.56
C TYR AA 132 17.45 20.74 -9.33
N TYR AA 133 17.04 20.94 -8.09
CA TYR AA 133 15.80 21.64 -7.85
C TYR AA 133 16.11 23.13 -7.71
N VAL AA 134 16.34 23.76 -8.86
CA VAL AA 134 16.74 25.16 -8.89
C VAL AA 134 16.00 25.86 -10.01
N TYR AA 135 15.51 27.06 -9.77
CA TYR AA 135 14.94 27.84 -10.84
C TYR AA 135 15.98 28.91 -11.16
N ASN AA 136 16.51 28.91 -12.35
CA ASN AA 136 17.55 29.88 -12.68
C ASN AA 136 17.00 31.01 -13.58
N ILE AA 137 17.64 32.15 -13.40
CA ILE AA 137 17.36 33.29 -14.27
C ILE AA 137 18.70 33.98 -14.51
N ILE AA 138 19.05 34.16 -15.77
CA ILE AA 138 20.28 34.84 -16.12
C ILE AA 138 19.95 36.24 -16.63
N GLY AA 139 20.73 37.20 -16.17
CA GLY AA 139 20.56 38.56 -16.64
C GLY AA 139 21.91 39.11 -17.06
N GLY AA 140 21.99 39.71 -18.23
CA GLY AA 140 23.24 40.31 -18.65
C GLY AA 140 23.12 41.09 -19.95
N LEU AA 141 24.29 41.31 -20.58
CA LEU AA 141 24.30 41.98 -21.85
C LEU AA 141 24.63 40.99 -22.95
N ASP AA 142 24.07 41.17 -24.13
CA ASP AA 142 24.43 40.31 -25.25
C ASP AA 142 25.62 40.92 -26.01
N GLU AA 143 25.97 40.36 -27.18
CA GLU AA 143 27.14 40.87 -27.88
C GLU AA 143 26.99 42.28 -28.47
N GLU AA 144 25.74 42.71 -28.69
CA GLU AA 144 25.48 44.06 -29.21
C GLU AA 144 25.24 45.06 -28.09
N GLY AA 145 25.50 44.65 -26.83
CA GLY AA 145 25.41 45.50 -25.66
C GLY AA 145 23.97 45.79 -25.23
N LYS AA 146 23.03 44.94 -25.65
CA LYS AA 146 21.66 45.10 -25.18
C LYS AA 146 21.36 44.13 -24.02
N GLY AA 147 20.41 44.52 -23.16
CA GLY AA 147 19.96 43.69 -22.08
C GLY AA 147 19.48 42.31 -22.57
N ALA AA 148 19.82 41.26 -21.83
CA ALA AA 148 19.37 39.93 -22.16
C ALA AA 148 18.95 39.21 -20.88
N VAL AA 149 17.83 38.52 -20.93
CA VAL AA 149 17.34 37.73 -19.83
C VAL AA 149 17.02 36.36 -20.35
N TYR AA 150 17.47 35.33 -19.59
CA TYR AA 150 17.13 33.97 -19.93
C TYR AA 150 16.59 33.27 -18.68
N SER AA 151 15.45 32.59 -18.85
CA SER AA 151 14.82 31.90 -17.73
C SER AA 151 14.87 30.39 -17.96
N PHE AA 152 15.04 29.63 -16.88
CA PHE AA 152 15.20 28.19 -17.03
C PHE AA 152 14.19 27.49 -16.10
N ASP AA 153 13.73 26.31 -16.53
CA ASP AA 153 13.13 25.40 -15.56
C ASP AA 153 14.15 24.41 -15.02
N PRO AA 154 13.86 23.67 -13.93
CA PRO AA 154 14.88 22.78 -13.38
C PRO AA 154 15.54 21.79 -14.33
N VAL AA 155 14.87 21.29 -15.40
CA VAL AA 155 15.53 20.27 -16.23
C VAL AA 155 16.18 20.85 -17.48
N GLY AA 156 16.26 22.19 -17.59
CA GLY AA 156 17.07 22.72 -18.66
C GLY AA 156 16.32 23.50 -19.76
N SER AA 157 15.01 23.38 -19.83
CA SER AA 157 14.31 24.10 -20.90
C SER AA 157 14.49 25.60 -20.67
N TYR AA 158 14.76 26.37 -21.72
CA TYR AA 158 14.93 27.80 -21.48
C TYR AA 158 14.61 28.65 -22.73
N GLN AA 159 14.45 29.94 -22.48
CA GLN AA 159 14.23 30.90 -23.54
C GLN AA 159 14.59 32.30 -23.09
N ARG AA 160 14.79 33.15 -24.09
CA ARG AA 160 15.11 34.54 -23.86
C ARG AA 160 13.83 35.29 -23.60
N ASP AA 161 13.80 36.15 -22.59
CA ASP AA 161 12.59 36.94 -22.33
C ASP AA 161 12.95 38.39 -22.07
N SER AA 162 11.97 39.24 -21.98
CA SER AA 162 12.17 40.66 -21.72
C SER AA 162 12.31 40.85 -20.20
N PHE AA 163 11.58 40.06 -19.42
CA PHE AA 163 11.66 40.13 -17.98
C PHE AA 163 11.19 38.80 -17.44
N LYS AA 164 11.57 38.46 -16.21
CA LYS AA 164 11.12 37.19 -15.66
C LYS AA 164 11.21 37.17 -14.13
N ALA AA 165 10.19 36.58 -13.48
CA ALA AA 165 10.22 36.35 -12.04
C ALA AA 165 10.39 34.86 -11.83
N GLY AA 166 11.11 34.46 -10.80
CA GLY AA 166 11.31 33.03 -10.50
C GLY AA 166 11.26 32.83 -8.98
N GLY AA 167 11.00 31.59 -8.55
CA GLY AA 167 11.00 31.28 -7.12
C GLY AA 167 9.62 31.43 -6.45
N SER AA 168 9.61 31.58 -5.14
CA SER AA 168 8.46 31.45 -4.26
C SER AA 168 7.35 32.46 -4.57
N ALA AA 169 7.69 33.72 -4.83
CA ALA AA 169 6.64 34.71 -5.10
C ALA AA 169 6.49 34.98 -6.61
N SER AA 170 6.95 34.07 -7.46
CA SER AA 170 7.00 34.33 -8.88
C SER AA 170 5.63 34.51 -9.50
N ALA AA 171 4.62 33.79 -9.02
CA ALA AA 171 3.27 33.94 -9.57
C ALA AA 171 2.59 35.22 -9.07
N MET AA 172 3.10 35.86 -8.01
CA MET AA 172 2.55 37.15 -7.58
C MET AA 172 3.15 38.28 -8.42
N LEU AA 173 4.44 38.17 -8.71
CA LEU AA 173 5.15 39.21 -9.45
C LEU AA 173 4.91 39.19 -10.96
N GLN AA 174 4.96 38.03 -11.60
CA GLN AA 174 4.87 37.98 -13.06
C GLN AA 174 3.66 38.71 -13.64
N PRO AA 175 2.42 38.55 -13.14
CA PRO AA 175 1.27 39.27 -13.70
C PRO AA 175 1.45 40.78 -13.62
N LEU AA 176 2.08 41.30 -12.59
CA LEU AA 176 2.24 42.75 -12.46
C LEU AA 176 3.29 43.23 -13.47
N LEU AA 177 4.36 42.44 -13.69
CA LEU AA 177 5.35 42.82 -14.69
C LEU AA 177 4.76 42.74 -16.10
N ASP AA 178 3.87 41.76 -16.38
CA ASP AA 178 3.22 41.70 -17.67
C ASP AA 178 2.44 42.99 -17.98
N ASN AA 179 1.78 43.57 -16.97
CA ASN AA 179 0.95 44.75 -17.15
C ASN AA 179 1.77 46.04 -17.18
N GLN AA 180 2.71 46.20 -16.26
CA GLN AA 180 3.49 47.43 -16.16
C GLN AA 180 4.72 47.49 -17.04
N VAL AA 181 5.24 46.36 -17.52
CA VAL AA 181 6.41 46.44 -18.41
C VAL AA 181 6.00 46.01 -19.83
N GLY AA 182 5.16 44.96 -19.92
CA GLY AA 182 4.72 44.47 -21.21
C GLY AA 182 3.51 45.22 -21.77
N PHE AA 183 2.90 46.05 -20.91
CA PHE AA 183 1.70 46.85 -21.21
C PHE AA 183 0.49 46.00 -21.61
N LYS AA 184 0.38 44.77 -21.10
CA LYS AA 184 -0.74 43.92 -21.47
C LYS AA 184 -2.02 44.43 -20.81
N ASN AA 185 -3.14 44.27 -21.53
CA ASN AA 185 -4.49 44.60 -21.09
C ASN AA 185 -4.73 46.11 -20.96
N MET AA 186 -3.86 46.93 -21.55
CA MET AA 186 -4.04 48.38 -21.55
C MET AA 186 -4.32 48.88 -22.96
N GLN AA 187 -5.28 49.80 -23.08
CA GLN AA 187 -5.54 50.44 -24.36
C GLN AA 187 -5.18 51.92 -24.24
N ASN AA 188 -4.96 52.58 -25.39
CA ASN AA 188 -4.58 53.99 -25.45
C ASN AA 188 -3.39 54.26 -24.54
N VAL AA 189 -2.36 53.42 -24.67
CA VAL AA 189 -1.15 53.56 -23.88
C VAL AA 189 0.05 53.55 -24.82
N GLU AA 190 0.93 54.52 -24.60
CA GLU AA 190 2.16 54.58 -25.39
C GLU AA 190 3.15 53.55 -24.88
N HIS AA 191 3.66 52.72 -25.81
CA HIS AA 191 4.65 51.71 -25.47
C HIS AA 191 6.05 52.31 -25.51
N VAL AA 192 6.37 53.13 -24.51
CA VAL AA 192 7.67 53.77 -24.44
C VAL AA 192 8.72 52.78 -23.95
N PRO AA 193 10.01 52.99 -24.29
CA PRO AA 193 11.07 52.09 -23.83
C PRO AA 193 11.24 52.25 -22.32
N LEU AA 194 11.62 51.15 -21.67
CA LEU AA 194 11.79 51.15 -20.23
C LEU AA 194 13.14 51.75 -19.82
N SER AA 195 13.10 52.80 -19.00
CA SER AA 195 14.35 53.37 -18.53
C SER AA 195 14.84 52.68 -17.25
N LEU AA 196 16.13 52.87 -16.95
CA LEU AA 196 16.71 52.28 -15.76
C LEU AA 196 15.97 52.79 -14.52
N ASP AA 197 15.76 54.09 -14.44
CA ASP AA 197 15.09 54.70 -13.30
C ASP AA 197 13.71 54.09 -13.04
N ARG AA 198 12.87 54.00 -14.06
CA ARG AA 198 11.57 53.41 -13.91
C ARG AA 198 11.69 51.94 -13.51
N ALA AA 199 12.62 51.22 -14.14
CA ALA AA 199 12.82 49.80 -13.88
C ALA AA 199 13.24 49.55 -12.42
N MET AA 200 14.07 50.44 -11.87
CA MET AA 200 14.50 50.32 -10.49
C MET AA 200 13.35 50.50 -9.48
N ARG AA 201 12.50 51.49 -9.71
CA ARG AA 201 11.39 51.75 -8.81
C ARG AA 201 10.40 50.61 -8.90
N LEU AA 202 10.21 50.08 -10.09
CA LEU AA 202 9.26 49.00 -10.25
C LEU AA 202 9.78 47.76 -9.55
N VAL AA 203 11.08 47.51 -9.62
CA VAL AA 203 11.64 46.32 -9.00
C VAL AA 203 11.45 46.40 -7.48
N LYS AA 204 11.73 47.57 -6.90
CA LYS AA 204 11.56 47.77 -5.47
C LYS AA 204 10.09 47.64 -5.04
N ASP AA 205 9.17 48.14 -5.84
CA ASP AA 205 7.75 48.05 -5.53
C ASP AA 205 7.21 46.61 -5.57
N VAL AA 206 7.57 45.80 -6.57
CA VAL AA 206 7.03 44.46 -6.63
C VAL AA 206 7.56 43.62 -5.47
N PHE AA 207 8.80 43.87 -5.03
CA PHE AA 207 9.37 43.05 -3.97
C PHE AA 207 8.73 43.48 -2.64
N ILE AA 208 8.36 44.76 -2.51
CA ILE AA 208 7.68 45.21 -1.32
C ILE AA 208 6.30 44.58 -1.21
N SER AA 209 5.63 44.44 -2.34
CA SER AA 209 4.34 43.79 -2.39
C SER AA 209 4.45 42.29 -2.16
N ALA AA 210 5.55 41.68 -2.62
CA ALA AA 210 5.73 40.26 -2.46
C ALA AA 210 6.08 39.93 -1.01
N ALA AA 211 6.74 40.85 -0.29
CA ALA AA 211 7.12 40.56 1.08
C ALA AA 211 5.87 40.59 1.98
N GLU AA 212 4.85 41.35 1.60
CA GLU AA 212 3.60 41.40 2.34
C GLU AA 212 2.80 40.09 2.25
N ARG AA 213 2.82 39.44 1.09
CA ARG AA 213 2.00 38.25 0.89
C ARG AA 213 2.72 36.91 0.92
N ASP AA 214 3.92 36.84 0.38
CA ASP AA 214 4.66 35.60 0.40
C ASP AA 214 5.43 35.52 1.73
N VAL AA 215 5.23 34.43 2.49
CA VAL AA 215 5.94 34.27 3.78
C VAL AA 215 7.44 33.98 3.61
N TYR AA 216 7.82 33.43 2.45
CA TYR AA 216 9.24 33.10 2.21
C TYR AA 216 10.04 34.30 1.72
N THR AA 217 9.34 35.40 1.34
CA THR AA 217 10.07 36.55 0.81
C THR AA 217 10.14 37.64 1.85
N GLY AA 218 11.35 38.09 2.20
CA GLY AA 218 11.44 39.19 3.17
C GLY AA 218 12.90 39.54 3.47
N ASP AA 219 13.11 40.23 4.61
CA ASP AA 219 14.40 40.69 5.12
C ASP AA 219 15.06 41.82 4.34
N ALA AA 220 15.53 41.54 3.13
CA ALA AA 220 16.21 42.60 2.37
C ALA AA 220 16.17 42.29 0.87
N LEU AA 221 16.29 43.34 0.09
CA LEU AA 221 16.31 43.20 -1.35
C LEU AA 221 17.69 43.57 -1.87
N ARG AA 222 18.26 42.71 -2.69
CA ARG AA 222 19.54 42.98 -3.32
C ARG AA 222 19.33 43.17 -4.82
N ILE AA 223 19.73 44.31 -5.35
CA ILE AA 223 19.57 44.60 -6.76
C ILE AA 223 20.91 44.76 -7.45
N CYS AA 224 21.13 44.00 -8.52
CA CYS AA 224 22.38 44.16 -9.27
C CYS AA 224 22.04 44.78 -10.64
N ILE AA 225 22.71 45.87 -11.00
CA ILE AA 225 22.49 46.48 -12.29
C ILE AA 225 23.68 46.19 -13.19
N VAL AA 226 23.46 45.54 -14.31
CA VAL AA 226 24.53 45.24 -15.26
C VAL AA 226 24.47 46.21 -16.46
N THR AA 227 25.56 46.96 -16.65
CA THR AA 227 25.65 47.86 -17.80
C THR AA 227 27.03 47.71 -18.41
N LYS AA 228 27.37 48.53 -19.41
CA LYS AA 228 28.71 48.39 -20.02
C LYS AA 228 29.83 48.84 -19.07
N GLU AA 229 29.50 49.69 -18.08
CA GLU AA 229 30.46 50.13 -17.09
C GLU AA 229 30.72 49.12 -15.96
N GLY AA 230 29.99 48.02 -15.93
CA GLY AA 230 30.19 46.94 -14.97
C GLY AA 230 28.91 46.61 -14.18
N ILE AA 231 29.03 46.06 -12.97
CA ILE AA 231 27.91 45.66 -12.16
C ILE AA 231 27.88 46.46 -10.87
N ARG AA 232 26.81 47.22 -10.66
CA ARG AA 232 26.68 47.93 -9.40
C ARG AA 232 25.59 47.31 -8.54
N GLU AA 233 25.77 47.34 -7.23
CA GLU AA 233 24.84 46.70 -6.31
C GLU AA 233 24.13 47.75 -5.49
N GLU AA 234 22.93 47.39 -5.04
CA GLU AA 234 22.13 48.26 -4.20
C GLU AA 234 21.32 47.35 -3.27
N THR AA 235 21.20 47.73 -2.01
CA THR AA 235 20.46 46.95 -1.05
C THR AA 235 19.34 47.78 -0.45
N VAL AA 236 18.17 47.17 -0.32
CA VAL AA 236 16.99 47.84 0.25
C VAL AA 236 16.34 46.88 1.24
N PRO AA 237 15.94 47.38 2.42
CA PRO AA 237 15.29 46.58 3.46
C PRO AA 237 13.86 46.16 3.13
N LEU AA 238 13.48 44.97 3.58
CA LEU AA 238 12.11 44.48 3.44
C LEU AA 238 11.61 44.12 4.85
N ARG AA 239 10.29 43.93 4.99
CA ARG AA 239 9.70 43.48 6.25
C ARG AA 239 10.41 42.23 6.81
N LYS AA 240 10.61 42.25 8.11
CA LYS AA 240 11.30 41.15 8.79
C LYS AA 240 10.37 40.05 9.34
N ASP AA 241 9.06 40.24 9.35
CA ASP AA 241 8.20 39.23 9.95
C ASP AA 241 7.90 38.05 8.99
N THR BA 40 8.64 -32.13 7.90
CA THR BA 40 9.89 -32.84 8.07
C THR BA 40 10.22 -32.83 9.56
N THR BA 41 10.67 -33.97 10.07
CA THR BA 41 11.19 -34.01 11.41
C THR BA 41 12.61 -34.62 11.32
N ILE BA 42 13.61 -33.87 11.71
CA ILE BA 42 14.96 -34.42 11.78
C ILE BA 42 15.49 -34.21 13.17
N ALA BA 43 16.32 -35.16 13.66
CA ALA BA 43 16.77 -35.03 15.05
C ALA BA 43 18.13 -35.71 15.20
N GLY BA 44 18.91 -35.29 16.21
CA GLY BA 44 20.19 -35.94 16.47
C GLY BA 44 20.52 -35.85 17.94
N LEU BA 45 21.32 -36.83 18.39
CA LEU BA 45 21.80 -36.78 19.77
C LEU BA 45 23.21 -37.32 19.85
N VAL BA 46 23.98 -36.85 20.82
CA VAL BA 46 25.31 -37.36 21.07
C VAL BA 46 25.17 -38.42 22.14
N PHE BA 47 25.67 -39.63 21.91
CA PHE BA 47 25.59 -40.64 22.97
C PHE BA 47 27.00 -40.98 23.47
N ARG BA 48 27.12 -41.93 24.39
CA ARG BA 48 28.42 -42.27 24.96
C ARG BA 48 29.55 -42.49 23.95
N ASP BA 49 29.29 -43.25 22.87
CA ASP BA 49 30.36 -43.55 21.92
C ASP BA 49 30.22 -42.83 20.58
N GLY BA 50 29.15 -42.06 20.35
CA GLY BA 50 29.07 -41.43 19.03
C GLY BA 50 27.85 -40.52 18.83
N VAL BA 51 27.34 -40.53 17.61
CA VAL BA 51 26.23 -39.69 17.22
C VAL BA 51 25.13 -40.59 16.59
N ILE BA 52 23.86 -40.26 16.89
CA ILE BA 52 22.75 -40.87 16.16
C ILE BA 52 21.95 -39.77 15.45
N LEU BA 53 21.75 -39.91 14.15
CA LEU BA 53 20.92 -38.95 13.42
C LEU BA 53 19.59 -39.63 13.04
N GLY BA 54 18.51 -38.83 12.96
CA GLY BA 54 17.22 -39.41 12.60
C GLY BA 54 16.43 -38.49 11.69
N ALA BA 55 15.53 -39.12 10.88
CA ALA BA 55 14.64 -38.32 10.03
C ALA BA 55 13.37 -39.06 9.67
N ASP BA 56 12.33 -38.31 9.27
CA ASP BA 56 11.15 -38.99 8.69
C ASP BA 56 11.35 -39.06 7.16
N THR BA 57 10.45 -39.71 6.44
CA THR BA 57 10.68 -39.84 5.00
C THR BA 57 9.63 -39.21 4.09
N ARG BA 58 8.82 -38.33 4.63
CA ARG BA 58 7.78 -37.69 3.83
C ARG BA 58 8.21 -36.38 3.18
N ALA BA 59 7.92 -36.25 1.89
CA ALA BA 59 8.20 -35.04 1.15
C ALA BA 59 6.86 -34.54 0.62
N THR BA 60 6.49 -33.33 0.97
CA THR BA 60 5.22 -32.79 0.52
C THR BA 60 5.30 -31.55 -0.35
N ASN BA 61 4.35 -31.44 -1.27
CA ASN BA 61 4.18 -30.26 -2.10
C ASN BA 61 2.96 -29.57 -1.55
N ASP BA 62 3.19 -28.49 -0.79
CA ASP BA 62 2.15 -27.75 -0.09
C ASP BA 62 1.44 -28.65 0.92
N SER BA 63 0.28 -29.19 0.55
CA SER BA 63 -0.48 -30.04 1.46
C SER BA 63 -0.69 -31.45 0.90
N VAL BA 64 0.03 -31.77 -0.18
CA VAL BA 64 -0.07 -33.07 -0.82
C VAL BA 64 1.26 -33.79 -0.71
N VAL BA 65 1.21 -35.08 -0.40
CA VAL BA 65 2.41 -35.90 -0.29
C VAL BA 65 2.94 -36.24 -1.68
N MET BA 66 4.15 -35.78 -1.98
CA MET BA 66 4.79 -36.04 -3.26
C MET BA 66 5.62 -37.31 -3.22
N ASP BA 67 6.45 -37.43 -2.19
CA ASP BA 67 7.32 -38.59 -2.04
C ASP BA 67 7.10 -39.22 -0.67
N LYS BA 68 6.87 -40.52 -0.66
CA LYS BA 68 6.64 -41.22 0.59
C LYS BA 68 7.94 -41.81 1.14
N ASN BA 69 9.04 -41.69 0.39
CA ASN BA 69 10.31 -42.24 0.83
C ASN BA 69 11.50 -41.38 0.42
N CYS BA 70 11.49 -40.12 0.85
CA CYS BA 70 12.58 -39.19 0.57
C CYS BA 70 13.70 -39.48 1.60
N GLU BA 71 14.91 -39.63 1.14
CA GLU BA 71 16.06 -39.83 2.02
C GLU BA 71 16.57 -38.46 2.47
N LYS BA 72 16.51 -38.17 3.75
CA LYS BA 72 16.87 -36.85 4.25
C LYS BA 72 18.22 -36.84 4.98
N ILE BA 73 18.82 -38.01 5.21
CA ILE BA 73 20.11 -38.06 5.87
C ILE BA 73 21.15 -38.24 4.76
N HIS BA 74 22.01 -37.25 4.57
CA HIS BA 74 22.99 -37.30 3.47
C HIS BA 74 24.43 -37.44 3.93
N PHE BA 75 25.21 -38.18 3.14
CA PHE BA 75 26.64 -38.37 3.33
C PHE BA 75 27.41 -37.09 3.00
N ILE BA 76 28.29 -36.69 3.92
CA ILE BA 76 29.16 -35.53 3.69
C ILE BA 76 30.55 -36.14 3.51
N ALA BA 77 30.92 -37.01 4.43
CA ALA BA 77 32.20 -37.70 4.44
C ALA BA 77 31.99 -39.05 5.11
N PRO BA 78 32.98 -39.97 5.10
CA PRO BA 78 32.79 -41.28 5.72
C PRO BA 78 32.31 -41.25 7.15
N LYS BA 79 32.80 -40.31 7.97
CA LYS BA 79 32.34 -40.25 9.35
C LYS BA 79 31.54 -38.97 9.70
N ILE BA 80 30.97 -38.31 8.68
CA ILE BA 80 30.21 -37.09 8.90
C ILE BA 80 28.94 -37.15 8.04
N TYR BA 81 27.78 -37.04 8.68
CA TYR BA 81 26.53 -37.07 7.92
C TYR BA 81 25.74 -35.80 8.21
N CYS BA 82 24.70 -35.60 7.41
CA CYS BA 82 23.89 -34.40 7.56
C CYS BA 82 22.40 -34.71 7.33
N CYS BA 83 21.55 -34.15 8.18
CA CYS BA 83 20.12 -34.26 7.99
C CYS BA 83 19.67 -32.90 7.48
N GLY BA 84 18.80 -32.88 6.48
CA GLY BA 84 18.38 -31.60 5.93
C GLY BA 84 16.90 -31.31 6.10
N ALA BA 85 16.59 -30.07 6.48
CA ALA BA 85 15.21 -29.60 6.51
C ALA BA 85 15.14 -28.29 5.69
N GLY BA 86 13.96 -27.71 5.59
CA GLY BA 86 13.82 -26.50 4.79
C GLY BA 86 13.70 -26.79 3.29
N VAL BA 87 14.05 -25.80 2.47
CA VAL BA 87 13.89 -25.88 1.02
C VAL BA 87 14.67 -27.09 0.48
N ALA BA 88 13.95 -28.04 -0.09
CA ALA BA 88 14.54 -29.31 -0.52
C ALA BA 88 15.62 -29.16 -1.59
N ALA BA 89 15.48 -28.32 -2.62
CA ALA BA 89 16.54 -28.19 -3.61
C ALA BA 89 17.79 -27.51 -3.01
N ASP BA 90 17.63 -26.63 -2.03
CA ASP BA 90 18.75 -25.95 -1.41
C ASP BA 90 19.54 -26.93 -0.54
N ALA BA 91 18.85 -27.75 0.23
CA ALA BA 91 19.51 -28.75 1.06
C ALA BA 91 20.35 -29.65 0.16
N GLU BA 92 19.74 -30.19 -0.89
CA GLU BA 92 20.40 -31.12 -1.79
C GLU BA 92 21.67 -30.50 -2.38
N MET BA 93 21.58 -29.30 -2.93
CA MET BA 93 22.73 -28.68 -3.55
C MET BA 93 23.79 -28.30 -2.52
N THR BA 94 23.36 -27.75 -1.38
CA THR BA 94 24.29 -27.33 -0.35
C THR BA 94 25.11 -28.53 0.16
N THR BA 95 24.46 -29.65 0.47
CA THR BA 95 25.19 -30.79 0.99
C THR BA 95 26.11 -31.42 -0.06
N ARG BA 96 25.69 -31.37 -1.31
CA ARG BA 96 26.53 -31.94 -2.37
C ARG BA 96 27.79 -31.08 -2.56
N MET BA 97 27.63 -29.76 -2.53
CA MET BA 97 28.76 -28.85 -2.66
C MET BA 97 29.73 -29.03 -1.49
N ALA BA 98 29.19 -29.19 -0.29
CA ALA BA 98 29.99 -29.39 0.89
C ALA BA 98 30.73 -30.73 0.86
N ALA BA 99 30.04 -31.80 0.47
CA ALA BA 99 30.67 -33.10 0.43
C ALA BA 99 31.85 -33.06 -0.59
N SER BA 100 31.62 -32.43 -1.73
CA SER BA 100 32.62 -32.29 -2.75
C SER BA 100 33.85 -31.52 -2.22
N ASN BA 101 33.63 -30.38 -1.59
CA ASN BA 101 34.74 -29.58 -1.04
C ASN BA 101 35.44 -30.33 0.08
N MET BA 102 34.69 -31.09 0.87
CA MET BA 102 35.29 -31.82 1.97
C MET BA 102 36.11 -32.98 1.43
N GLU BA 103 35.72 -33.57 0.31
CA GLU BA 103 36.50 -34.64 -0.30
C GLU BA 103 37.83 -34.09 -0.87
N LEU BA 104 37.77 -32.94 -1.51
CA LEU BA 104 39.00 -32.30 -2.00
C LEU BA 104 39.94 -32.08 -0.83
N HIS BA 105 39.41 -31.46 0.22
CA HIS BA 105 40.19 -31.17 1.43
C HIS BA 105 40.90 -32.41 1.97
N SER BA 106 40.21 -33.53 2.05
CA SER BA 106 40.78 -34.73 2.59
C SER BA 106 41.75 -35.44 1.63
N LEU BA 107 41.64 -35.16 0.34
CA LEU BA 107 42.59 -35.71 -0.63
C LEU BA 107 43.92 -34.95 -0.52
N SER BA 108 43.87 -33.63 -0.35
CA SER BA 108 45.07 -32.83 -0.16
C SER BA 108 45.78 -33.03 1.19
N THR BA 109 45.03 -33.06 2.28
CA THR BA 109 45.63 -33.17 3.60
C THR BA 109 46.06 -34.61 3.84
N GLY BA 110 45.35 -35.57 3.25
CA GLY BA 110 45.59 -36.98 3.50
C GLY BA 110 45.05 -37.45 4.86
N ARG BA 111 44.18 -36.68 5.52
CA ARG BA 111 43.68 -37.03 6.84
C ARG BA 111 42.15 -37.08 6.86
N GLU BA 112 41.57 -37.52 7.97
CA GLU BA 112 40.12 -37.59 8.11
C GLU BA 112 39.59 -36.18 8.39
N PRO BA 113 38.50 -35.80 7.72
CA PRO BA 113 37.92 -34.46 7.87
C PRO BA 113 37.31 -34.32 9.26
N ARG BA 114 37.38 -33.11 9.74
CA ARG BA 114 36.85 -32.72 11.03
C ARG BA 114 35.45 -32.20 10.86
N VAL BA 115 34.64 -32.42 11.87
CA VAL BA 115 33.27 -31.95 11.87
C VAL BA 115 33.25 -30.43 11.88
N THR BA 116 34.21 -29.78 12.56
CA THR BA 116 34.28 -28.32 12.65
C THR BA 116 34.48 -27.71 11.26
N THR BA 117 35.24 -28.37 10.37
CA THR BA 117 35.47 -27.86 9.03
C THR BA 117 34.18 -27.84 8.23
N VAL BA 118 33.39 -28.90 8.37
CA VAL BA 118 32.12 -28.99 7.68
C VAL BA 118 31.22 -27.86 8.15
N THR BA 119 31.21 -27.60 9.46
CA THR BA 119 30.38 -26.53 10.00
C THR BA 119 30.85 -25.15 9.54
N ARG BA 120 32.15 -24.96 9.37
CA ARG BA 120 32.68 -23.68 8.93
C ARG BA 120 32.42 -23.43 7.45
N LEU BA 121 32.51 -24.48 6.65
CA LEU BA 121 32.28 -24.36 5.22
C LEU BA 121 30.81 -24.06 4.99
N LEU BA 122 29.93 -24.83 5.64
CA LEU BA 122 28.50 -24.65 5.51
C LEU BA 122 28.02 -23.29 5.97
N ARG BA 123 28.44 -22.88 7.16
CA ARG BA 123 28.00 -21.60 7.70
C ARG BA 123 28.56 -20.38 6.99
N GLN BA 124 29.74 -20.51 6.40
CA GLN BA 124 30.32 -19.38 5.69
C GLN BA 124 29.64 -19.20 4.34
N THR BA 125 29.15 -20.30 3.76
CA THR BA 125 28.44 -20.26 2.50
C THR BA 125 27.05 -19.67 2.73
N LEU BA 126 26.34 -20.16 3.78
CA LEU BA 126 24.99 -19.70 4.08
C LEU BA 126 24.95 -18.23 4.47
N PHE BA 127 25.95 -17.71 5.19
CA PHE BA 127 25.97 -16.32 5.58
C PHE BA 127 26.14 -15.42 4.36
N ARG BA 128 26.92 -15.88 3.40
CA ARG BA 128 27.19 -15.18 2.15
C ARG BA 128 25.89 -14.91 1.38
N TYR BA 129 24.99 -15.88 1.37
CA TYR BA 129 23.72 -15.75 0.65
C TYR BA 129 22.63 -15.09 1.46
N ARG BA 130 22.95 -14.67 2.70
CA ARG BA 130 22.03 -13.92 3.54
C ARG BA 130 20.66 -14.59 3.73
N GLY BA 131 20.63 -15.90 3.98
CA GLY BA 131 19.37 -16.57 4.28
C GLY BA 131 18.56 -17.00 3.04
N HIS BA 132 18.95 -16.54 1.84
CA HIS BA 132 18.22 -16.89 0.63
C HIS BA 132 18.34 -18.38 0.30
N VAL BA 133 19.46 -18.99 0.63
CA VAL BA 133 19.58 -20.43 0.46
C VAL BA 133 18.95 -21.03 1.71
N GLY BA 134 17.73 -21.52 1.59
CA GLY BA 134 17.01 -21.95 2.77
C GLY BA 134 17.35 -23.36 3.23
N ALA BA 135 18.59 -23.54 3.71
CA ALA BA 135 19.03 -24.85 4.19
C ALA BA 135 19.14 -24.86 5.72
N SER BA 136 18.35 -25.73 6.34
CA SER BA 136 18.38 -25.88 7.79
C SER BA 136 18.96 -27.28 7.99
N LEU BA 137 20.09 -27.36 8.68
CA LEU BA 137 20.75 -28.67 8.75
C LEU BA 137 21.14 -29.10 10.17
N LEU BA 138 21.23 -30.42 10.34
CA LEU BA 138 21.80 -30.99 11.51
C LEU BA 138 23.04 -31.77 11.07
N VAL BA 139 24.21 -31.36 11.56
CA VAL BA 139 25.44 -31.97 11.14
C VAL BA 139 26.02 -32.80 12.29
N GLY BA 140 26.31 -34.06 11.98
CA GLY BA 140 26.82 -34.91 13.06
C GLY BA 140 27.98 -35.73 12.50
N GLY BA 141 28.94 -36.00 13.39
CA GLY BA 141 30.04 -36.79 12.93
C GLY BA 141 31.02 -37.11 14.07
N VAL BA 142 31.96 -37.98 13.76
CA VAL BA 142 32.99 -38.34 14.71
C VAL BA 142 34.33 -38.12 14.04
N ASP BA 143 35.19 -37.34 14.69
CA ASP BA 143 36.54 -37.19 14.16
C ASP BA 143 37.53 -37.51 15.27
N PHE BA 144 38.76 -37.03 15.14
CA PHE BA 144 39.80 -37.24 16.14
C PHE BA 144 39.43 -36.75 17.54
N SER BA 145 38.72 -35.61 17.62
CA SER BA 145 38.32 -35.01 18.88
C SER BA 145 37.04 -35.61 19.47
N GLY BA 146 36.46 -36.65 18.83
CA GLY BA 146 35.26 -37.26 19.40
C GLY BA 146 33.99 -36.91 18.60
N PRO BA 147 32.81 -37.27 19.12
CA PRO BA 147 31.52 -37.02 18.45
C PRO BA 147 31.14 -35.55 18.53
N GLN BA 148 30.57 -35.02 17.44
CA GLN BA 148 30.16 -33.62 17.44
C GLN BA 148 28.78 -33.48 16.76
N LEU BA 149 27.90 -32.70 17.36
CA LEU BA 149 26.61 -32.41 16.76
C LEU BA 149 26.42 -30.89 16.64
N TYR BA 150 25.99 -30.45 15.48
CA TYR BA 150 25.73 -29.04 15.24
C TYR BA 150 24.39 -28.86 14.55
N SER BA 151 23.73 -27.75 14.86
CA SER BA 151 22.59 -27.31 14.08
C SER BA 151 23.03 -26.08 13.29
N VAL BA 152 22.70 -26.02 12.02
CA VAL BA 152 23.09 -24.86 11.21
C VAL BA 152 21.81 -24.30 10.57
N HIS BA 153 21.59 -22.98 10.72
CA HIS BA 153 20.37 -22.36 10.23
C HIS BA 153 20.61 -21.56 8.95
N PRO BA 154 19.54 -21.29 8.19
CA PRO BA 154 19.62 -20.66 6.85
C PRO BA 154 20.44 -19.37 6.76
N HIS BA 155 20.40 -18.51 7.78
CA HIS BA 155 21.17 -17.27 7.73
C HIS BA 155 22.66 -17.48 8.05
N GLY BA 156 23.02 -18.66 8.59
CA GLY BA 156 24.44 -18.93 8.78
C GLY BA 156 24.82 -19.06 10.24
N SER BA 157 23.83 -19.02 11.14
CA SER BA 157 24.21 -19.14 12.55
C SER BA 157 24.32 -20.62 12.86
N TYR BA 158 25.07 -20.94 13.89
CA TYR BA 158 25.20 -22.34 14.28
C TYR BA 158 25.29 -22.52 15.79
N SER BA 159 24.99 -23.73 16.25
CA SER BA 159 25.15 -24.07 17.65
C SER BA 159 25.59 -25.49 17.86
N ARG BA 160 26.57 -25.69 18.73
CA ARG BA 160 27.03 -27.03 19.04
C ARG BA 160 26.27 -27.51 20.26
N LEU BA 161 25.57 -28.63 20.13
CA LEU BA 161 24.72 -29.10 21.24
C LEU BA 161 24.74 -30.64 21.37
N PRO BA 162 24.34 -31.17 22.56
CA PRO BA 162 24.28 -32.63 22.75
C PRO BA 162 23.02 -33.27 22.14
N PHE BA 163 21.98 -32.49 21.79
CA PHE BA 163 20.82 -33.01 21.05
C PHE BA 163 20.09 -31.86 20.36
N THR BA 164 19.58 -32.10 19.14
CA THR BA 164 18.86 -31.04 18.43
C THR BA 164 17.74 -31.63 17.57
N ALA BA 165 16.85 -30.76 17.11
CA ALA BA 165 15.76 -31.15 16.24
C ALA BA 165 15.50 -30.01 15.29
N LEU BA 166 15.05 -30.31 14.08
CA LEU BA 166 14.72 -29.24 13.13
C LEU BA 166 13.55 -29.69 12.25
N GLY BA 167 12.98 -28.73 11.50
CA GLY BA 167 11.89 -29.07 10.61
C GLY BA 167 10.57 -28.69 11.24
N SER BA 168 9.46 -28.93 10.55
CA SER BA 168 8.14 -28.51 11.05
C SER BA 168 7.69 -29.36 12.23
N GLY BA 169 8.21 -30.59 12.38
CA GLY BA 169 7.92 -31.44 13.52
C GLY BA 169 8.95 -31.29 14.62
N GLN BA 170 9.79 -30.25 14.58
CA GLN BA 170 10.87 -30.10 15.56
C GLN BA 170 10.42 -29.95 17.01
N ASP BA 171 9.35 -29.21 17.32
CA ASP BA 171 8.91 -29.04 18.69
C ASP BA 171 8.51 -30.38 19.31
N ALA BA 172 7.78 -31.22 18.58
CA ALA BA 172 7.39 -32.54 19.09
C ALA BA 172 8.60 -33.43 19.39
N ALA BA 173 9.60 -33.46 18.48
CA ALA BA 173 10.78 -34.27 18.74
C ALA BA 173 11.55 -33.71 19.95
N LEU BA 174 11.60 -32.38 20.03
CA LEU BA 174 12.36 -31.75 21.10
C LEU BA 174 11.73 -32.03 22.46
N ALA BA 175 10.40 -32.13 22.52
CA ALA BA 175 9.72 -32.44 23.77
C ALA BA 175 10.11 -33.84 24.27
N VAL BA 176 10.31 -34.79 23.37
CA VAL BA 176 10.73 -36.14 23.76
C VAL BA 176 12.15 -36.09 24.30
N LEU BA 177 13.05 -35.37 23.60
CA LEU BA 177 14.42 -35.24 24.07
C LEU BA 177 14.49 -34.52 25.43
N GLU BA 178 13.78 -33.43 25.63
CA GLU BA 178 13.85 -32.71 26.88
C GLU BA 178 13.36 -33.55 28.04
N ASP BA 179 12.33 -34.34 27.80
CA ASP BA 179 11.76 -35.23 28.78
C ASP BA 179 12.63 -36.47 29.09
N ARG BA 180 13.39 -37.03 28.12
CA ARG BA 180 14.06 -38.29 28.41
C ARG BA 180 15.55 -38.38 28.06
N PHE BA 181 16.18 -37.31 27.54
CA PHE BA 181 17.61 -37.38 27.25
C PHE BA 181 18.47 -37.45 28.53
N GLN BA 182 19.51 -38.28 28.50
CA GLN BA 182 20.50 -38.29 29.57
C GLN BA 182 21.84 -38.29 28.87
N PRO BA 183 22.88 -37.71 29.47
CA PRO BA 183 24.22 -37.77 28.85
C PRO BA 183 24.82 -39.16 28.93
N ASN BA 184 25.70 -39.48 27.98
CA ASN BA 184 26.40 -40.76 27.93
C ASN BA 184 25.47 -41.97 27.89
N MET BA 185 24.46 -41.97 27.01
CA MET BA 185 23.58 -43.11 26.91
C MET BA 185 24.32 -44.20 26.13
N THR BA 186 23.84 -45.44 26.23
CA THR BA 186 24.38 -46.51 25.41
C THR BA 186 23.77 -46.46 24.02
N LEU BA 187 24.41 -47.11 23.05
CA LEU BA 187 23.99 -47.10 21.66
C LEU BA 187 22.52 -47.50 21.48
N GLU BA 188 22.04 -48.49 22.20
CA GLU BA 188 20.68 -48.95 22.02
C GLU BA 188 19.66 -48.00 22.66
N ALA BA 189 20.02 -47.41 23.79
CA ALA BA 189 19.14 -46.45 24.45
C ALA BA 189 19.01 -45.18 23.61
N ALA BA 190 20.08 -44.78 22.93
CA ALA BA 190 20.07 -43.57 22.13
C ALA BA 190 19.28 -43.81 20.84
N GLN BA 191 19.34 -45.03 20.34
CA GLN BA 191 18.64 -45.38 19.12
C GLN BA 191 17.14 -45.37 19.40
N GLU BA 192 16.73 -45.86 20.56
CA GLU BA 192 15.33 -45.88 20.93
C GLU BA 192 14.78 -44.48 21.20
N LEU BA 193 15.61 -43.62 21.81
CA LEU BA 193 15.20 -42.27 22.13
C LEU BA 193 15.03 -41.44 20.83
N LEU BA 194 15.97 -41.58 19.90
CA LEU BA 194 15.89 -40.84 18.67
C LEU BA 194 14.70 -41.31 17.83
N VAL BA 195 14.43 -42.61 17.85
CA VAL BA 195 13.26 -43.14 17.15
C VAL BA 195 11.95 -42.61 17.73
N GLU BA 196 11.88 -42.51 19.05
CA GLU BA 196 10.67 -41.99 19.68
C GLU BA 196 10.47 -40.48 19.40
N ALA BA 197 11.57 -39.74 19.28
CA ALA BA 197 11.51 -38.33 18.98
C ALA BA 197 11.04 -38.11 17.53
N ILE BA 198 11.58 -38.87 16.57
CA ILE BA 198 11.14 -38.75 15.18
C ILE BA 198 9.68 -39.19 15.09
N THR BA 199 9.33 -40.26 15.80
CA THR BA 199 7.97 -40.78 15.76
C THR BA 199 6.93 -39.76 16.27
N ALA BA 200 7.28 -38.97 17.29
CA ALA BA 200 6.42 -37.92 17.80
C ALA BA 200 6.11 -36.90 16.71
N GLY BA 201 7.15 -36.54 15.92
CA GLY BA 201 6.96 -35.59 14.83
C GLY BA 201 6.09 -36.24 13.73
N ILE BA 202 6.28 -37.54 13.52
CA ILE BA 202 5.55 -38.23 12.46
C ILE BA 202 4.05 -38.30 12.77
N LEU BA 203 3.69 -38.49 14.01
CA LEU BA 203 2.30 -38.58 14.42
C LEU BA 203 1.63 -37.26 14.79
N GLY BA 204 2.39 -36.19 15.04
CA GLY BA 204 1.87 -34.94 15.58
C GLY BA 204 1.93 -33.82 14.53
N ASP BA 205 2.81 -33.96 13.53
CA ASP BA 205 2.99 -32.87 12.58
C ASP BA 205 2.47 -33.33 11.22
N LEU BA 206 1.62 -32.53 10.56
CA LEU BA 206 1.06 -32.98 9.27
C LEU BA 206 2.12 -32.91 8.15
N GLY BA 207 3.19 -32.11 8.31
CA GLY BA 207 4.31 -32.11 7.36
C GLY BA 207 5.27 -33.31 7.49
N SER BA 208 5.07 -34.22 8.46
CA SER BA 208 5.95 -35.38 8.61
C SER BA 208 5.16 -36.67 8.51
N GLY BA 209 5.83 -37.74 8.08
CA GLY BA 209 5.14 -39.01 8.00
C GLY BA 209 6.06 -40.08 7.47
N GLY BA 210 5.50 -41.25 7.18
CA GLY BA 210 6.29 -42.29 6.50
C GLY BA 210 7.11 -43.05 7.56
N SER BA 211 8.34 -43.41 7.20
CA SER BA 211 9.16 -44.21 8.07
C SER BA 211 10.19 -43.36 8.80
N VAL BA 212 10.86 -44.00 9.75
CA VAL BA 212 11.95 -43.34 10.44
C VAL BA 212 13.22 -43.92 9.84
N ASP BA 213 14.15 -43.06 9.43
CA ASP BA 213 15.49 -43.52 9.02
C ASP BA 213 16.48 -43.11 10.10
N ALA BA 214 17.54 -43.87 10.33
CA ALA BA 214 18.56 -43.48 11.33
C ALA BA 214 19.99 -43.64 10.80
N CYS BA 215 20.89 -42.83 11.32
CA CYS BA 215 22.32 -42.99 11.00
C CYS BA 215 23.14 -43.02 12.30
N VAL BA 216 23.76 -44.17 12.56
CA VAL BA 216 24.59 -44.34 13.75
C VAL BA 216 26.05 -44.17 13.39
N ILE BA 217 26.69 -43.16 13.98
CA ILE BA 217 28.10 -42.91 13.70
C ILE BA 217 28.94 -43.07 14.95
N THR BA 218 29.98 -43.88 14.84
CA THR BA 218 30.91 -44.06 15.95
C THR BA 218 32.32 -43.99 15.43
N GLY BA 219 33.31 -44.17 16.32
CA GLY BA 219 34.74 -44.15 15.93
C GLY BA 219 35.03 -45.30 14.95
N THR BA 220 34.38 -46.45 15.20
CA THR BA 220 34.61 -47.68 14.47
C THR BA 220 33.91 -47.69 13.10
N GLY BA 221 32.60 -47.42 13.07
CA GLY BA 221 31.79 -47.57 11.87
C GLY BA 221 30.72 -46.50 11.67
N ALA BA 222 30.05 -46.57 10.51
CA ALA BA 222 28.82 -45.86 10.25
C ALA BA 222 27.71 -46.86 9.91
N LYS BA 223 26.60 -46.80 10.64
CA LYS BA 223 25.46 -47.64 10.32
C LYS BA 223 24.30 -46.78 9.78
N LEU BA 224 24.09 -46.85 8.47
CA LEU BA 224 22.97 -46.17 7.85
C LEU BA 224 21.77 -47.09 7.84
N LEU BA 225 20.78 -46.82 8.68
CA LEU BA 225 19.61 -47.69 8.77
C LEU BA 225 18.40 -47.09 8.08
N ARG BA 226 18.46 -47.01 6.75
CA ARG BA 226 17.35 -46.49 5.99
C ARG BA 226 16.24 -47.47 6.24
N THR BA 227 15.14 -46.97 6.79
CA THR BA 227 13.98 -47.74 7.23
C THR BA 227 14.39 -48.57 8.44
N LEU BA 228 14.40 -47.89 9.58
CA LEU BA 228 14.75 -48.48 10.87
C LEU BA 228 13.45 -48.88 11.57
N SER BA 229 12.40 -48.11 11.28
CA SER BA 229 11.08 -48.34 11.84
C SER BA 229 10.06 -47.96 10.77
N SER BA 230 9.00 -48.74 10.67
CA SER BA 230 7.95 -48.49 9.69
C SER BA 230 6.59 -48.39 10.40
N PRO BA 231 6.32 -47.28 11.13
CA PRO BA 231 5.13 -47.14 11.95
C PRO BA 231 3.79 -46.98 11.22
N THR BA 232 3.82 -46.80 9.90
CA THR BA 232 2.61 -46.59 9.12
C THR BA 232 2.70 -47.35 7.80
N LYS BA 233 1.54 -47.55 7.16
CA LYS BA 233 1.40 -48.40 5.99
C LYS BA 233 0.01 -48.21 5.37
N PRO BA 234 -0.11 -48.31 4.02
CA PRO BA 234 -1.43 -48.24 3.36
C PRO BA 234 -2.31 -49.40 3.80
N THR BA 235 -3.62 -49.16 3.96
CA THR BA 235 -4.54 -50.23 4.31
C THR BA 235 -4.66 -51.27 3.19
N GLU BA 236 -5.06 -52.49 3.57
CA GLU BA 236 -5.08 -53.68 2.75
C GLU BA 236 -5.92 -53.58 1.46
N ARG BA 237 -7.01 -52.79 1.50
CA ARG BA 237 -7.95 -52.60 0.39
C ARG BA 237 -8.93 -53.76 0.13
N PRO BA 238 -10.23 -53.50 0.40
CA PRO BA 238 -11.34 -54.46 0.21
C PRO BA 238 -11.52 -54.96 -1.22
N SER BA 239 -12.17 -54.15 -2.05
CA SER BA 239 -12.40 -54.50 -3.45
C SER BA 239 -11.27 -53.96 -4.30
N GLN BA 240 -11.44 -53.98 -5.63
CA GLN BA 240 -10.46 -53.43 -6.54
C GLN BA 240 -11.08 -53.05 -7.89
N TYR BA 241 -10.22 -52.54 -8.77
CA TYR BA 241 -10.65 -52.14 -10.10
C TYR BA 241 -9.83 -52.88 -11.14
N TYR BA 242 -10.45 -53.09 -12.31
CA TYR BA 242 -9.78 -53.82 -13.36
C TYR BA 242 -10.14 -53.25 -14.73
N PHE BA 243 -9.10 -53.05 -15.55
CA PHE BA 243 -9.34 -52.60 -16.93
C PHE BA 243 -8.94 -53.75 -17.84
N ALA BA 244 -9.80 -54.08 -18.80
CA ALA BA 244 -9.54 -55.18 -19.70
C ALA BA 244 -8.58 -54.82 -20.84
N PRO BA 245 -8.74 -55.48 -22.01
CA PRO BA 245 -7.93 -55.23 -23.19
C PRO BA 245 -8.10 -53.83 -23.78
N GLY BA 246 -9.20 -53.61 -24.50
CA GLY BA 246 -9.40 -52.36 -25.22
C GLY BA 246 -10.47 -51.54 -24.53
N THR BA 247 -10.33 -51.37 -23.22
CA THR BA 247 -11.13 -50.44 -22.46
C THR BA 247 -10.85 -49.00 -22.93
N THR BA 248 -9.58 -48.70 -23.27
CA THR BA 248 -9.21 -47.38 -23.71
C THR BA 248 -9.32 -47.27 -25.23
N ALA BA 249 -10.11 -46.34 -25.70
CA ALA BA 249 -10.27 -46.11 -27.13
C ALA BA 249 -9.03 -45.40 -27.66
N VAL BA 250 -8.49 -45.90 -28.77
CA VAL BA 250 -7.27 -45.36 -29.34
C VAL BA 250 -7.55 -44.72 -30.70
N GLN BA 251 -6.97 -43.55 -30.93
CA GLN BA 251 -7.12 -42.85 -32.19
C GLN BA 251 -6.04 -43.23 -33.20
N SER BA 252 -4.77 -43.11 -32.83
CA SER BA 252 -3.64 -43.37 -33.71
C SER BA 252 -2.69 -44.29 -32.95
N GLN BA 253 -1.79 -44.95 -33.68
CA GLN BA 253 -0.73 -45.75 -33.11
C GLN BA 253 0.45 -45.87 -34.09
N THR BA 254 1.65 -45.61 -33.57
CA THR BA 254 2.89 -45.89 -34.24
C THR BA 254 3.76 -46.81 -33.38
N VAL BA 255 4.30 -47.87 -33.97
CA VAL BA 255 5.30 -48.68 -33.30
C VAL BA 255 6.67 -48.44 -33.92
N LYS BA 256 7.67 -48.20 -33.08
CA LYS BA 256 9.03 -48.08 -33.58
C LYS BA 256 9.92 -49.12 -32.88
N PRO BA 257 10.50 -50.04 -33.67
CA PRO BA 257 11.37 -51.08 -33.13
C PRO BA 257 12.78 -50.56 -32.92
N LEU BA 258 13.41 -51.08 -31.87
CA LEU BA 258 14.76 -50.63 -31.54
C LEU BA 258 15.77 -51.75 -31.87
#